data_5TRY
#
_entry.id   5TRY
#
_cell.length_a   120.650
_cell.length_b   197.481
_cell.length_c   164.810
_cell.angle_alpha   90.000
_cell.angle_beta   103.050
_cell.angle_gamma   90.000
#
_symmetry.space_group_name_H-M   'P 1 21 1'
#
loop_
_entity.id
_entity.type
_entity.pdbx_description
1 polymer 'Proteasome subunit alpha'
2 polymer 'Proteasome subunit beta'
3 non-polymer (2~{S})-~{N}-[(2~{S})-3-methoxy-1-(naphthalen-1-ylmethylamino)-1-oxidanylidene-propan-2-yl]-4-oxidanylidene-2-(3-phenylpropanoylamino)-4-piperidin-1-yl-butanamide
4 water water
#
loop_
_entity_poly.entity_id
_entity_poly.type
_entity_poly.pdbx_seq_one_letter_code
_entity_poly.pdbx_strand_id
1 'polypeptide(L)'
;MEQAMRERSELARKGIARAKSVVALAYAGGVLFVAENPSRSLQKISELYDRVGFAAAGKFNEFDNLRRGGIQFADTRGYA
YDRRDVTGRQLANVYAQTLGTIFTEQAKPYEVELCVAEVAHYGETKRPELYRITYDGSIADEPHFVVMGGTTEPIANALK
ESYAENASLTDALRIAVAALRAGSADTSGGDQPTLGVASLEVAVLDANRPRRAFRRITGSALQALLVDQESPQSDGESSG
;
A,B,C,D,E,F,G,O,P,Q,R,S,T,U
2 'polypeptide(L)'
;TTIVALKYPGGVVMAGDRRSTQGNMISGRDVRKVYITDDYTATGIAGTAAVAVEFARLYAVELEHYEKLEGVPLTFAGKI
NRLAIMVRGNLAAAMQGLLALPLLAGYDIHASDPQSAGRIVSFDAAGGWNIEEEGYQAVGSGSLFAKSSMKKLYSQVTDG
DSGLRVAVEALYDAADDDSATGGPDLVRGIFPTAVIIDADGAVDVPESRIAELARAIIESRSGADTFGSDGGEKHHHHHH
;
H,I,J,K,L,M,N,V,W,X,Y,Z,a,b
#
# COMPACT_ATOMS: atom_id res chain seq x y z
N MET A 1 -39.94 26.56 53.93
CA MET A 1 -40.15 26.83 52.52
C MET A 1 -41.56 27.36 52.28
N GLU A 2 -42.47 27.03 53.21
CA GLU A 2 -43.84 27.53 53.14
C GLU A 2 -43.86 29.04 52.87
N GLN A 3 -42.94 29.78 53.48
CA GLN A 3 -42.88 31.21 53.27
C GLN A 3 -42.17 31.59 51.97
N ALA A 4 -41.17 30.80 51.56
CA ALA A 4 -40.34 31.19 50.43
C ALA A 4 -41.13 31.24 49.13
N MET A 5 -41.95 30.21 48.88
CA MET A 5 -42.75 30.19 47.67
C MET A 5 -43.81 31.28 47.69
N ARG A 6 -44.32 31.62 48.88
CA ARG A 6 -45.20 32.76 49.02
C ARG A 6 -44.50 34.05 48.62
N GLU A 7 -43.23 34.21 49.04
CA GLU A 7 -42.48 35.41 48.67
C GLU A 7 -42.24 35.47 47.17
N ARG A 8 -41.85 34.35 46.55
CA ARG A 8 -41.67 34.33 45.11
C ARG A 8 -42.96 34.72 44.39
N SER A 9 -44.06 34.07 44.76
CA SER A 9 -45.35 34.40 44.16
C SER A 9 -45.69 35.87 44.32
N GLU A 10 -45.35 36.46 45.48
CA GLU A 10 -45.67 37.86 45.72
C GLU A 10 -44.82 38.78 44.84
N LEU A 11 -43.51 38.53 44.79
CA LEU A 11 -42.65 39.34 43.93
C LEU A 11 -43.10 39.27 42.47
N ALA A 12 -43.34 38.05 41.97
CA ALA A 12 -43.75 37.90 40.58
C ALA A 12 -45.09 38.58 40.32
N ARG A 13 -46.06 38.37 41.20
CA ARG A 13 -47.38 38.96 41.00
C ARG A 13 -47.29 40.48 40.98
N LYS A 14 -46.61 41.07 41.97
CA LYS A 14 -46.48 42.53 41.99
C LYS A 14 -45.73 43.04 40.77
N GLY A 15 -44.66 42.34 40.37
CA GLY A 15 -43.95 42.73 39.16
C GLY A 15 -44.85 42.77 37.94
N ILE A 16 -45.74 41.78 37.80
CA ILE A 16 -46.66 41.75 36.67
C ILE A 16 -47.70 42.86 36.79
N ALA A 17 -48.18 43.11 38.02
CA ALA A 17 -49.20 44.14 38.22
C ALA A 17 -48.70 45.53 37.87
N ARG A 18 -47.41 45.80 38.05
CA ARG A 18 -46.87 47.11 37.71
C ARG A 18 -46.75 47.32 36.20
N ALA A 19 -46.84 46.27 35.39
CA ALA A 19 -46.60 46.38 33.96
C ALA A 19 -47.89 46.66 33.21
N LYS A 20 -47.72 47.08 31.96
CA LYS A 20 -48.85 47.43 31.11
C LYS A 20 -49.67 46.17 30.77
N SER A 21 -50.88 46.38 30.29
CA SER A 21 -51.83 45.30 30.08
C SER A 21 -51.88 44.89 28.60
N VAL A 22 -52.22 43.61 28.39
CA VAL A 22 -52.32 43.01 27.06
C VAL A 22 -53.59 42.19 27.03
N VAL A 23 -54.27 42.21 25.89
CA VAL A 23 -55.52 41.47 25.69
C VAL A 23 -55.42 40.72 24.37
N ALA A 24 -55.92 39.49 24.36
CA ALA A 24 -56.03 38.68 23.16
C ALA A 24 -57.40 38.05 23.10
N LEU A 25 -58.15 38.31 22.04
CA LEU A 25 -59.52 37.82 21.96
C LEU A 25 -59.80 37.27 20.57
N ALA A 26 -60.62 36.23 20.52
CA ALA A 26 -60.94 35.54 19.28
C ALA A 26 -62.02 36.29 18.51
N TYR A 27 -61.82 36.47 17.21
CA TYR A 27 -62.80 37.11 16.34
C TYR A 27 -62.99 36.27 15.08
N ALA A 28 -63.91 36.72 14.23
CA ALA A 28 -64.33 35.91 13.09
C ALA A 28 -63.16 35.50 12.19
N GLY A 29 -62.13 36.34 12.11
CA GLY A 29 -61.00 36.06 11.25
C GLY A 29 -59.82 35.40 11.93
N GLY A 30 -59.94 35.06 13.21
CA GLY A 30 -58.81 34.45 13.90
C GLY A 30 -58.63 34.95 15.32
N VAL A 31 -57.44 35.44 15.65
CA VAL A 31 -57.12 35.91 16.99
C VAL A 31 -56.58 37.33 16.91
N LEU A 32 -56.98 38.16 17.87
CA LEU A 32 -56.57 39.56 17.93
C LEU A 32 -55.73 39.80 19.18
N PHE A 33 -54.57 40.41 18.97
CA PHE A 33 -53.66 40.82 20.04
C PHE A 33 -53.62 42.35 20.06
N VAL A 34 -53.97 42.93 21.20
CA VAL A 34 -53.87 44.38 21.42
C VAL A 34 -53.13 44.59 22.73
N ALA A 35 -52.08 45.40 22.69
CA ALA A 35 -51.28 45.63 23.89
C ALA A 35 -50.96 47.12 24.02
N GLU A 36 -51.11 47.65 25.22
CA GLU A 36 -50.68 49.01 25.51
C GLU A 36 -49.15 49.05 25.48
N ASN A 37 -48.59 49.72 24.49
CA ASN A 37 -47.14 49.73 24.28
C ASN A 37 -46.75 51.05 23.61
N PRO A 38 -46.12 51.98 24.34
CA PRO A 38 -45.71 53.24 23.70
C PRO A 38 -44.52 53.10 22.77
N SER A 39 -43.71 52.06 22.92
CA SER A 39 -42.49 51.92 22.13
C SER A 39 -42.81 51.70 20.65
N ARG A 40 -41.88 52.10 19.79
CA ARG A 40 -42.00 51.89 18.35
C ARG A 40 -41.31 50.64 17.86
N SER A 41 -40.42 50.05 18.66
CA SER A 41 -39.60 48.94 18.19
C SER A 41 -39.44 47.79 19.17
N LEU A 42 -39.87 47.91 20.42
CA LEU A 42 -39.76 46.82 21.39
C LEU A 42 -41.09 46.09 21.46
N GLN A 43 -41.08 44.81 21.12
CA GLN A 43 -42.28 44.05 20.83
C GLN A 43 -42.77 43.30 22.06
N LYS A 44 -44.09 43.24 22.22
CA LYS A 44 -44.72 42.41 23.24
C LYS A 44 -45.56 41.29 22.64
N ILE A 45 -45.87 41.36 21.35
CA ILE A 45 -46.59 40.33 20.62
C ILE A 45 -45.70 39.88 19.48
N SER A 46 -45.65 38.57 19.24
CA SER A 46 -44.72 38.04 18.25
C SER A 46 -45.26 36.75 17.67
N GLU A 47 -44.72 36.40 16.50
CA GLU A 47 -44.99 35.13 15.87
C GLU A 47 -44.16 34.02 16.51
N LEU A 48 -44.81 32.88 16.76
CA LEU A 48 -44.12 31.68 17.22
C LEU A 48 -43.94 30.67 16.10
N TYR A 49 -45.03 30.28 15.45
CA TYR A 49 -44.96 29.35 14.33
C TYR A 49 -46.05 29.73 13.33
N ASP A 50 -46.10 28.97 12.23
CA ASP A 50 -47.02 29.25 11.12
C ASP A 50 -48.38 29.75 11.59
N ARG A 51 -49.02 28.99 12.48
CA ARG A 51 -50.35 29.34 12.99
C ARG A 51 -50.35 29.61 14.49
N VAL A 52 -49.19 29.91 15.07
CA VAL A 52 -49.08 30.07 16.52
C VAL A 52 -48.49 31.43 16.85
N GLY A 53 -49.18 32.20 17.69
CA GLY A 53 -48.73 33.50 18.12
C GLY A 53 -48.54 33.58 19.64
N PHE A 54 -47.85 34.65 20.05
CA PHE A 54 -47.34 34.80 21.41
C PHE A 54 -47.53 36.25 21.85
N ALA A 55 -48.05 36.43 23.06
CA ALA A 55 -48.17 37.76 23.67
C ALA A 55 -47.81 37.65 25.14
N ALA A 56 -47.21 38.71 25.68
CA ALA A 56 -46.67 38.63 27.02
C ALA A 56 -46.82 39.95 27.76
N ALA A 57 -46.83 39.86 29.09
CA ALA A 57 -46.82 41.03 29.97
C ALA A 57 -45.80 40.84 31.07
N GLY A 58 -45.09 41.92 31.42
CA GLY A 58 -44.11 41.85 32.50
C GLY A 58 -42.76 42.44 32.17
N LYS A 59 -41.69 41.85 32.70
CA LYS A 59 -40.34 42.35 32.46
C LYS A 59 -39.91 41.96 31.06
N PHE A 60 -39.43 42.94 30.29
CA PHE A 60 -39.19 42.71 28.87
C PHE A 60 -38.16 41.62 28.65
N ASN A 61 -36.99 41.74 29.29
CA ASN A 61 -35.92 40.78 29.07
C ASN A 61 -36.37 39.35 29.37
N GLU A 62 -37.27 39.18 30.34
CA GLU A 62 -37.66 37.84 30.73
C GLU A 62 -38.65 37.22 29.74
N PHE A 63 -39.74 37.91 29.43
CA PHE A 63 -40.67 37.32 28.47
C PHE A 63 -40.09 37.31 27.06
N ASP A 64 -39.06 38.12 26.80
CA ASP A 64 -38.33 38.02 25.55
C ASP A 64 -37.46 36.77 25.53
N ASN A 65 -36.78 36.49 26.64
CA ASN A 65 -36.10 35.20 26.79
C ASN A 65 -37.05 34.04 26.49
N LEU A 66 -38.23 34.06 27.12
CA LEU A 66 -39.19 32.98 26.90
C LEU A 66 -39.67 32.94 25.45
N ARG A 67 -39.85 34.12 24.84
CA ARG A 67 -40.26 34.17 23.44
C ARG A 67 -39.23 33.50 22.54
N ARG A 68 -37.96 33.85 22.71
CA ARG A 68 -36.90 33.26 21.91
C ARG A 68 -36.79 31.76 22.14
N GLY A 69 -36.88 31.33 23.40
CA GLY A 69 -36.86 29.90 23.68
C GLY A 69 -38.01 29.17 23.02
N GLY A 70 -39.19 29.79 22.99
CA GLY A 70 -40.33 29.18 22.33
C GLY A 70 -40.12 29.06 20.84
N ILE A 71 -39.57 30.11 20.21
CA ILE A 71 -39.27 30.02 18.79
C ILE A 71 -38.28 28.89 18.52
N GLN A 72 -37.25 28.77 19.36
CA GLN A 72 -36.30 27.66 19.21
C GLN A 72 -37.02 26.31 19.31
N PHE A 73 -37.86 26.14 20.33
CA PHE A 73 -38.57 24.88 20.50
C PHE A 73 -39.41 24.55 19.27
N ALA A 74 -40.17 25.54 18.78
CA ALA A 74 -41.06 25.30 17.66
C ALA A 74 -40.27 24.93 16.40
N ASP A 75 -39.25 25.73 16.07
CA ASP A 75 -38.45 25.44 14.88
C ASP A 75 -37.78 24.08 14.98
N THR A 76 -37.25 23.74 16.16
CA THR A 76 -36.59 22.44 16.34
C THR A 76 -37.57 21.29 16.15
N ARG A 77 -38.78 21.39 16.74
CA ARG A 77 -39.76 20.33 16.56
C ARG A 77 -40.18 20.20 15.11
N GLY A 78 -40.57 21.32 14.49
CA GLY A 78 -40.96 21.28 13.09
C GLY A 78 -39.90 20.73 12.19
N TYR A 79 -38.63 20.99 12.50
CA TYR A 79 -37.54 20.42 11.72
C TYR A 79 -37.42 18.92 11.98
N ALA A 80 -37.48 18.51 13.24
CA ALA A 80 -37.31 17.10 13.58
C ALA A 80 -38.43 16.24 13.02
N TYR A 81 -39.64 16.78 12.95
CA TYR A 81 -40.79 16.04 12.43
C TYR A 81 -41.35 16.72 11.20
N ASP A 82 -42.25 17.67 11.40
CA ASP A 82 -42.85 18.43 10.31
C ASP A 82 -43.56 19.62 10.91
N ARG A 83 -43.75 20.64 10.07
CA ARG A 83 -44.34 21.88 10.56
C ARG A 83 -45.76 21.67 11.05
N ARG A 84 -46.44 20.67 10.50
CA ARG A 84 -47.83 20.40 10.84
C ARG A 84 -47.98 19.68 12.18
N ASP A 85 -46.90 19.16 12.75
CA ASP A 85 -46.95 18.56 14.07
C ASP A 85 -46.74 19.55 15.20
N VAL A 86 -46.36 20.79 14.89
CA VAL A 86 -46.20 21.83 15.90
C VAL A 86 -47.58 22.42 16.18
N THR A 87 -47.98 22.37 17.45
CA THR A 87 -49.31 22.81 17.85
C THR A 87 -49.20 23.83 18.98
N GLY A 88 -50.27 24.59 19.16
CA GLY A 88 -50.31 25.56 20.25
C GLY A 88 -50.27 24.91 21.62
N ARG A 89 -51.01 23.81 21.79
CA ARG A 89 -50.97 23.07 23.05
C ARG A 89 -49.54 22.67 23.42
N GLN A 90 -48.74 22.33 22.42
CA GLN A 90 -47.35 21.94 22.67
C GLN A 90 -46.55 23.11 23.24
N LEU A 91 -46.58 24.25 22.55
CA LEU A 91 -45.84 25.43 23.02
C LEU A 91 -46.33 25.88 24.39
N ALA A 92 -47.65 25.90 24.61
CA ALA A 92 -48.18 26.25 25.92
C ALA A 92 -47.66 25.29 27.00
N ASN A 93 -47.64 23.99 26.68
CA ASN A 93 -47.15 23.00 27.64
C ASN A 93 -45.68 23.26 27.98
N VAL A 94 -44.86 23.52 26.96
CA VAL A 94 -43.45 23.78 27.19
C VAL A 94 -43.26 25.05 28.01
N TYR A 95 -44.13 26.05 27.79
CA TYR A 95 -44.06 27.27 28.60
C TYR A 95 -44.44 26.99 30.06
N ALA A 96 -45.42 26.12 30.27
CA ALA A 96 -45.78 25.74 31.63
C ALA A 96 -44.62 25.05 32.33
N GLN A 97 -44.00 24.07 31.67
CA GLN A 97 -42.85 23.39 32.24
C GLN A 97 -41.72 24.38 32.54
N THR A 98 -41.41 25.23 31.57
CA THR A 98 -40.29 26.16 31.70
C THR A 98 -40.50 27.13 32.85
N LEU A 99 -41.67 27.80 32.87
CA LEU A 99 -41.96 28.75 33.93
C LEU A 99 -42.09 28.09 35.29
N GLY A 100 -42.55 26.84 35.33
CA GLY A 100 -42.51 26.09 36.58
C GLY A 100 -41.10 25.94 37.11
N THR A 101 -40.19 25.46 36.25
CA THR A 101 -38.80 25.28 36.67
C THR A 101 -38.17 26.62 37.08
N ILE A 102 -38.39 27.67 36.29
CA ILE A 102 -37.85 28.98 36.65
C ILE A 102 -38.39 29.42 38.01
N PHE A 103 -39.71 29.28 38.21
CA PHE A 103 -40.34 29.73 39.44
C PHE A 103 -39.77 29.00 40.66
N THR A 104 -39.47 27.71 40.51
CA THR A 104 -39.02 26.94 41.67
C THR A 104 -37.52 27.01 41.91
N GLU A 105 -36.70 27.13 40.87
CA GLU A 105 -35.27 26.90 41.02
C GLU A 105 -34.37 28.06 40.60
N GLN A 106 -34.85 29.00 39.79
CA GLN A 106 -33.98 30.09 39.38
C GLN A 106 -33.82 31.10 40.52
N ALA A 107 -32.76 31.91 40.43
CA ALA A 107 -32.46 32.87 41.47
C ALA A 107 -33.64 33.80 41.76
N LYS A 108 -34.31 34.28 40.72
CA LYS A 108 -35.50 35.09 40.87
C LYS A 108 -36.55 34.62 39.87
N PRO A 109 -37.81 34.46 40.31
CA PRO A 109 -38.85 34.03 39.37
C PRO A 109 -39.05 35.06 38.28
N TYR A 110 -39.62 34.60 37.16
CA TYR A 110 -39.86 35.51 36.04
C TYR A 110 -41.15 36.27 36.27
N GLU A 111 -41.06 37.60 36.21
CA GLU A 111 -42.23 38.47 36.38
C GLU A 111 -42.92 38.63 35.02
N VAL A 112 -43.52 37.53 34.56
CA VAL A 112 -44.13 37.48 33.23
C VAL A 112 -45.45 36.74 33.30
N GLU A 113 -46.30 37.03 32.30
CA GLU A 113 -47.55 36.30 32.09
C GLU A 113 -47.67 36.13 30.59
N LEU A 114 -48.00 34.92 30.15
CA LEU A 114 -47.88 34.52 28.76
C LEU A 114 -49.22 34.10 28.18
N CYS A 115 -49.39 34.35 26.88
CA CYS A 115 -50.51 33.87 26.09
C CYS A 115 -50.01 33.28 24.80
N VAL A 116 -50.35 32.03 24.55
CA VAL A 116 -50.06 31.34 23.29
C VAL A 116 -51.39 31.07 22.61
N ALA A 117 -51.53 31.56 21.38
CA ALA A 117 -52.80 31.45 20.65
C ALA A 117 -52.58 30.67 19.37
N GLU A 118 -53.57 29.88 18.97
CA GLU A 118 -53.48 29.10 17.74
C GLU A 118 -54.76 29.22 16.95
N VAL A 119 -54.62 29.48 15.64
CA VAL A 119 -55.73 29.46 14.71
C VAL A 119 -55.58 28.25 13.79
N ALA A 120 -56.65 27.95 13.06
CA ALA A 120 -56.67 26.81 12.17
C ALA A 120 -55.75 27.02 10.97
N HIS A 121 -55.35 25.91 10.36
CA HIS A 121 -54.60 25.98 9.11
C HIS A 121 -55.52 26.37 7.97
N TYR A 122 -54.91 26.91 6.91
CA TYR A 122 -55.67 27.39 5.75
C TYR A 122 -56.56 26.29 5.20
N GLY A 123 -57.86 26.58 5.09
CA GLY A 123 -58.81 25.63 4.55
C GLY A 123 -59.37 24.66 5.56
N GLU A 124 -58.75 24.55 6.74
CA GLU A 124 -59.25 23.69 7.80
C GLU A 124 -60.15 24.48 8.73
N THR A 125 -61.04 23.77 9.41
CA THR A 125 -62.03 24.40 10.27
C THR A 125 -61.73 23.98 11.71
N LYS A 126 -61.12 24.89 12.46
CA LYS A 126 -60.77 24.67 13.86
C LYS A 126 -60.91 26.01 14.56
N ARG A 127 -61.72 26.06 15.61
CA ARG A 127 -61.93 27.32 16.30
C ARG A 127 -60.67 27.66 17.10
N PRO A 128 -60.38 28.96 17.25
CA PRO A 128 -59.12 29.36 17.88
C PRO A 128 -58.95 28.80 19.28
N GLU A 129 -57.68 28.74 19.71
CA GLU A 129 -57.32 28.25 21.03
C GLU A 129 -56.52 29.34 21.73
N LEU A 130 -56.87 29.62 22.98
CA LEU A 130 -56.15 30.60 23.78
C LEU A 130 -55.57 29.88 24.99
N TYR A 131 -54.29 30.09 25.23
CA TYR A 131 -53.63 29.50 26.38
C TYR A 131 -52.97 30.62 27.19
N ARG A 132 -53.12 30.55 28.50
CA ARG A 132 -52.55 31.54 29.41
C ARG A 132 -51.70 30.78 30.41
N ILE A 133 -50.42 31.15 30.49
CA ILE A 133 -49.48 30.55 31.42
C ILE A 133 -49.01 31.65 32.35
N THR A 134 -49.10 31.41 33.65
CA THR A 134 -48.75 32.42 34.64
C THR A 134 -47.36 32.14 35.19
N TYR A 135 -46.88 33.06 36.03
CA TYR A 135 -45.47 33.07 36.42
C TYR A 135 -45.02 31.77 37.08
N ASP A 136 -45.95 30.95 37.57
CA ASP A 136 -45.60 29.73 38.28
C ASP A 136 -45.84 28.47 37.44
N GLY A 137 -46.11 28.62 36.15
CA GLY A 137 -46.34 27.49 35.28
C GLY A 137 -47.77 27.01 35.22
N SER A 138 -48.69 27.69 35.90
CA SER A 138 -50.10 27.33 35.79
C SER A 138 -50.61 27.67 34.40
N ILE A 139 -51.41 26.77 33.83
CA ILE A 139 -51.88 26.89 32.46
C ILE A 139 -53.39 26.77 32.43
N ALA A 140 -54.03 27.63 31.64
CA ALA A 140 -55.47 27.57 31.44
C ALA A 140 -55.75 27.83 29.96
N ASP A 141 -56.81 27.21 29.45
CA ASP A 141 -57.15 27.31 28.03
C ASP A 141 -58.49 28.01 27.87
N GLU A 142 -58.44 29.30 27.46
CA GLU A 142 -59.60 30.15 27.26
C GLU A 142 -60.06 30.12 25.81
N PRO A 143 -61.38 30.19 25.64
CA PRO A 143 -61.98 30.07 24.30
C PRO A 143 -62.28 31.42 23.67
N HIS A 144 -62.40 32.48 24.48
CA HIS A 144 -62.87 33.77 23.98
C HIS A 144 -61.83 34.87 24.15
N PHE A 145 -61.34 35.13 25.36
CA PHE A 145 -60.39 36.22 25.53
C PHE A 145 -59.49 35.95 26.72
N VAL A 146 -58.34 36.64 26.70
CA VAL A 146 -57.31 36.58 27.73
C VAL A 146 -56.86 38.00 28.03
N VAL A 147 -56.73 38.31 29.32
CA VAL A 147 -56.22 39.59 29.78
C VAL A 147 -55.03 39.31 30.70
N MET A 148 -53.93 40.03 30.49
CA MET A 148 -52.71 39.81 31.25
C MET A 148 -52.08 41.14 31.60
N GLY A 149 -51.49 41.22 32.80
CA GLY A 149 -50.70 42.37 33.16
C GLY A 149 -51.49 43.53 33.70
N GLY A 150 -50.89 44.29 34.62
CA GLY A 150 -51.55 45.43 35.21
C GLY A 150 -52.74 45.03 36.06
N THR A 151 -53.70 45.95 36.16
CA THR A 151 -54.94 45.71 36.89
C THR A 151 -55.93 45.12 35.89
N THR A 152 -56.12 43.80 35.97
CA THR A 152 -56.85 43.08 34.93
C THR A 152 -58.36 43.13 35.15
N GLU A 153 -58.81 43.10 36.41
CA GLU A 153 -60.21 42.91 36.73
C GLU A 153 -61.15 43.88 36.02
N PRO A 154 -60.88 45.19 35.98
CA PRO A 154 -61.71 46.07 35.14
C PRO A 154 -61.69 45.67 33.67
N ILE A 155 -60.54 45.22 33.16
CA ILE A 155 -60.47 44.81 31.76
C ILE A 155 -61.26 43.52 31.56
N ALA A 156 -61.09 42.56 32.48
CA ALA A 156 -61.82 41.30 32.40
C ALA A 156 -63.32 41.54 32.42
N ASN A 157 -63.80 42.44 33.28
CA ASN A 157 -65.22 42.77 33.31
C ASN A 157 -65.68 43.46 32.04
N ALA A 158 -64.95 44.50 31.61
CA ALA A 158 -65.28 45.22 30.39
C ALA A 158 -65.45 44.27 29.21
N LEU A 159 -64.53 43.33 29.04
CA LEU A 159 -64.69 42.33 27.98
C LEU A 159 -65.86 41.41 28.29
N LYS A 160 -65.91 40.93 29.54
CA LYS A 160 -66.96 40.02 30.00
C LYS A 160 -68.35 40.55 29.74
N GLU A 161 -68.50 41.85 29.46
CA GLU A 161 -69.80 42.41 29.13
C GLU A 161 -69.90 42.91 27.69
N SER A 162 -68.81 43.35 27.07
CA SER A 162 -68.87 43.92 25.74
C SER A 162 -68.53 42.94 24.63
N TYR A 163 -68.18 41.69 24.96
CA TYR A 163 -67.62 40.76 23.99
C TYR A 163 -68.68 39.82 23.43
N ALA A 164 -68.57 39.53 22.14
CA ALA A 164 -69.40 38.56 21.45
C ALA A 164 -68.53 37.73 20.52
N GLU A 165 -68.93 36.49 20.30
CA GLU A 165 -68.18 35.61 19.40
C GLU A 165 -68.26 36.10 17.96
N ASN A 166 -67.23 35.74 17.18
CA ASN A 166 -67.20 35.99 15.74
C ASN A 166 -67.46 37.46 15.41
N ALA A 167 -66.99 38.36 16.26
CA ALA A 167 -67.07 39.78 15.92
C ALA A 167 -66.15 40.07 14.73
N SER A 168 -66.46 41.14 14.02
CA SER A 168 -65.57 41.58 12.96
C SER A 168 -64.28 42.14 13.56
N LEU A 169 -63.28 42.33 12.70
CA LEU A 169 -62.00 42.88 13.17
C LEU A 169 -62.19 44.25 13.81
N THR A 170 -62.91 45.15 13.14
CA THR A 170 -63.12 46.49 13.68
C THR A 170 -63.86 46.44 15.01
N ASP A 171 -64.92 45.63 15.09
CA ASP A 171 -65.68 45.50 16.33
C ASP A 171 -64.80 44.96 17.44
N ALA A 172 -64.06 43.88 17.17
CA ALA A 172 -63.20 43.27 18.17
C ALA A 172 -62.12 44.24 18.64
N LEU A 173 -61.54 45.00 17.72
CA LEU A 173 -60.53 46.00 18.09
C LEU A 173 -61.14 47.07 18.97
N ARG A 174 -62.32 47.58 18.60
CA ARG A 174 -63.00 48.59 19.41
C ARG A 174 -63.26 48.08 20.82
N ILE A 175 -63.80 46.86 20.93
CA ILE A 175 -64.07 46.25 22.23
C ILE A 175 -62.79 46.09 23.03
N ALA A 176 -61.70 45.71 22.36
CA ALA A 176 -60.43 45.47 23.05
C ALA A 176 -59.86 46.77 23.60
N VAL A 177 -59.80 47.82 22.78
CA VAL A 177 -59.28 49.10 23.26
C VAL A 177 -60.18 49.66 24.35
N ALA A 178 -61.49 49.43 24.27
CA ALA A 178 -62.39 49.86 25.35
C ALA A 178 -62.02 49.18 26.66
N ALA A 179 -61.90 47.85 26.64
CA ALA A 179 -61.57 47.12 27.85
C ALA A 179 -60.19 47.49 28.38
N LEU A 180 -59.25 47.78 27.49
CA LEU A 180 -57.92 48.21 27.94
C LEU A 180 -58.01 49.56 28.63
N ARG A 181 -58.76 50.50 28.03
CA ARG A 181 -58.94 51.81 28.63
C ARG A 181 -59.61 51.70 30.00
N ALA A 182 -60.46 50.69 30.18
CA ALA A 182 -61.23 50.55 31.40
C ALA A 182 -60.35 50.21 32.59
N GLY A 183 -59.05 50.03 32.35
CA GLY A 183 -58.11 49.64 33.39
C GLY A 183 -56.91 50.55 33.50
N SER A 184 -56.98 51.75 32.92
CA SER A 184 -55.87 52.70 32.91
C SER A 184 -54.59 52.10 32.36
N THR A 194 -57.84 58.34 23.52
CA THR A 194 -56.91 58.20 24.63
C THR A 194 -55.79 57.24 24.26
N LEU A 195 -56.16 56.07 23.75
CA LEU A 195 -55.22 55.06 23.29
C LEU A 195 -55.22 55.06 21.76
N GLY A 196 -54.13 55.56 21.17
CA GLY A 196 -54.03 55.72 19.74
C GLY A 196 -53.05 54.75 19.11
N VAL A 197 -52.63 55.09 17.89
CA VAL A 197 -51.66 54.27 17.17
C VAL A 197 -50.32 54.27 17.90
N ALA A 198 -49.91 55.43 18.41
CA ALA A 198 -48.61 55.56 19.07
C ALA A 198 -48.57 54.90 20.45
N SER A 199 -49.72 54.54 21.02
CA SER A 199 -49.76 53.88 22.32
C SER A 199 -50.23 52.43 22.24
N LEU A 200 -50.43 51.90 21.03
CA LEU A 200 -50.91 50.54 20.87
C LEU A 200 -49.96 49.72 20.00
N GLU A 201 -49.89 48.44 20.31
CA GLU A 201 -49.27 47.43 19.46
C GLU A 201 -50.34 46.41 19.13
N VAL A 202 -50.65 46.28 17.84
CA VAL A 202 -51.77 45.44 17.40
C VAL A 202 -51.28 44.45 16.37
N ALA A 203 -51.64 43.18 16.57
CA ALA A 203 -51.36 42.15 15.59
C ALA A 203 -52.49 41.14 15.63
N VAL A 204 -52.53 40.28 14.61
CA VAL A 204 -53.61 39.30 14.49
C VAL A 204 -53.01 37.99 13.97
N LEU A 205 -53.52 36.88 14.49
CA LEU A 205 -53.33 35.59 13.84
C LEU A 205 -54.51 35.44 12.89
N ASP A 206 -54.24 35.66 11.60
CA ASP A 206 -55.28 35.73 10.57
C ASP A 206 -55.42 34.33 9.98
N ALA A 207 -56.45 33.61 10.44
CA ALA A 207 -56.69 32.24 10.00
C ALA A 207 -56.95 32.13 8.50
N ASN A 208 -57.10 33.25 7.81
CA ASN A 208 -57.45 33.23 6.39
C ASN A 208 -56.24 33.30 5.48
N ARG A 209 -54.98 33.41 6.06
CA ARG A 209 -53.78 33.45 5.24
C ARG A 209 -53.21 32.05 5.04
N PRO A 210 -52.51 31.82 3.93
CA PRO A 210 -52.17 30.42 3.58
C PRO A 210 -51.19 29.75 4.53
N ARG A 211 -50.08 30.39 4.88
CA ARG A 211 -49.17 29.69 5.79
C ARG A 211 -49.01 30.46 7.10
N ARG A 212 -48.25 31.54 7.06
CA ARG A 212 -47.94 32.31 8.26
C ARG A 212 -49.11 33.23 8.56
N ALA A 213 -49.84 32.93 9.64
CA ALA A 213 -51.06 33.65 9.98
C ALA A 213 -50.77 34.95 10.72
N PHE A 214 -49.60 35.09 11.34
CA PHE A 214 -49.30 36.27 12.12
C PHE A 214 -49.09 37.47 11.19
N ARG A 215 -49.87 38.52 11.40
CA ARG A 215 -49.83 39.73 10.59
C ARG A 215 -49.98 40.92 11.52
N ARG A 216 -49.05 41.86 11.45
CA ARG A 216 -49.15 43.06 12.28
C ARG A 216 -50.06 44.10 11.62
N ILE A 217 -50.76 44.86 12.46
CA ILE A 217 -51.61 45.95 12.01
C ILE A 217 -51.05 47.22 12.64
N THR A 218 -50.39 48.04 11.83
CA THR A 218 -49.62 49.17 12.33
C THR A 218 -49.91 50.42 11.51
N GLY A 219 -49.69 51.57 12.14
CA GLY A 219 -49.70 52.83 11.43
C GLY A 219 -51.02 53.15 10.76
N SER A 220 -50.95 53.48 9.48
CA SER A 220 -52.12 53.96 8.74
C SER A 220 -53.26 52.95 8.78
N ALA A 221 -52.94 51.65 8.63
CA ALA A 221 -53.97 50.62 8.70
C ALA A 221 -54.65 50.60 10.07
N LEU A 222 -53.86 50.75 11.15
CA LEU A 222 -54.45 50.75 12.48
C LEU A 222 -55.33 51.99 12.70
N GLN A 223 -54.84 53.16 12.28
CA GLN A 223 -55.66 54.37 12.36
C GLN A 223 -56.97 54.18 11.60
N ALA A 224 -56.92 53.55 10.43
CA ALA A 224 -58.13 53.24 9.68
C ALA A 224 -59.06 52.33 10.47
N LEU A 225 -58.50 51.29 11.09
CA LEU A 225 -59.31 50.36 11.88
C LEU A 225 -59.94 51.02 13.10
N LEU A 226 -59.30 52.06 13.65
CA LEU A 226 -59.83 52.69 14.84
C LEU A 226 -60.96 53.68 14.53
N VAL A 227 -60.95 54.30 13.35
CA VAL A 227 -62.00 55.26 13.00
C VAL A 227 -63.29 54.53 12.66
N MET B 1 -34.15 18.77 61.22
CA MET B 1 -34.64 19.04 59.89
C MET B 1 -36.03 18.45 59.67
N GLU B 2 -36.49 17.63 60.63
CA GLU B 2 -37.80 16.99 60.50
C GLU B 2 -38.91 18.02 60.28
N GLN B 3 -38.69 19.26 60.71
CA GLN B 3 -39.67 20.32 60.43
C GLN B 3 -39.66 20.70 58.96
N ALA B 4 -38.49 20.74 58.34
CA ALA B 4 -38.42 21.08 56.91
C ALA B 4 -39.25 20.12 56.08
N MET B 5 -39.13 18.82 56.36
CA MET B 5 -39.93 17.83 55.63
C MET B 5 -41.41 17.98 55.96
N ARG B 6 -41.74 18.48 57.15
CA ARG B 6 -43.13 18.75 57.48
C ARG B 6 -43.68 19.92 56.67
N GLU B 7 -42.87 20.96 56.48
CA GLU B 7 -43.28 22.07 55.62
C GLU B 7 -43.48 21.60 54.18
N ARG B 8 -42.55 20.79 53.66
CA ARG B 8 -42.71 20.25 52.31
C ARG B 8 -44.00 19.43 52.20
N SER B 9 -44.20 18.49 53.12
CA SER B 9 -45.40 17.66 53.11
C SER B 9 -46.67 18.51 53.16
N GLU B 10 -46.64 19.60 53.92
CA GLU B 10 -47.82 20.45 54.01
C GLU B 10 -48.08 21.20 52.71
N LEU B 11 -47.03 21.76 52.10
CA LEU B 11 -47.20 22.42 50.80
C LEU B 11 -47.81 21.46 49.79
N ALA B 12 -47.28 20.24 49.71
CA ALA B 12 -47.80 19.26 48.77
C ALA B 12 -49.25 18.90 49.08
N ARG B 13 -49.56 18.67 50.36
CA ARG B 13 -50.91 18.25 50.74
C ARG B 13 -51.95 19.33 50.40
N LYS B 14 -51.65 20.59 50.73
CA LYS B 14 -52.55 21.69 50.38
C LYS B 14 -52.68 21.84 48.87
N GLY B 15 -51.55 21.75 48.15
CA GLY B 15 -51.59 21.83 46.70
C GLY B 15 -52.52 20.79 46.09
N ILE B 16 -52.48 19.56 46.61
CA ILE B 16 -53.37 18.53 46.11
C ILE B 16 -54.81 18.82 46.53
N ALA B 17 -55.00 19.32 47.75
CA ALA B 17 -56.34 19.60 48.25
C ALA B 17 -57.04 20.69 47.44
N ARG B 18 -56.29 21.63 46.86
CA ARG B 18 -56.94 22.69 46.08
C ARG B 18 -57.36 22.23 44.68
N ALA B 19 -56.86 21.09 44.20
CA ALA B 19 -57.05 20.68 42.83
C ALA B 19 -58.28 19.77 42.68
N LYS B 20 -58.70 19.58 41.43
CA LYS B 20 -59.87 18.76 41.13
C LYS B 20 -59.61 17.30 41.49
N SER B 21 -60.68 16.53 41.58
CA SER B 21 -60.62 15.14 42.03
C SER B 21 -60.71 14.17 40.86
N VAL B 22 -60.12 13.00 41.04
CA VAL B 22 -60.07 11.92 40.05
C VAL B 22 -60.37 10.61 40.76
N VAL B 23 -61.07 9.71 40.06
CA VAL B 23 -61.40 8.39 40.59
C VAL B 23 -61.07 7.34 39.55
N ALA B 24 -60.59 6.19 40.03
CA ALA B 24 -60.32 5.03 39.19
C ALA B 24 -60.90 3.82 39.88
N LEU B 25 -61.78 3.08 39.19
CA LEU B 25 -62.43 1.95 39.82
C LEU B 25 -62.48 0.77 38.85
N ALA B 26 -62.29 -0.43 39.40
CA ALA B 26 -62.26 -1.65 38.59
C ALA B 26 -63.68 -2.13 38.31
N TYR B 27 -63.96 -2.47 37.06
CA TYR B 27 -65.27 -2.99 36.69
C TYR B 27 -65.09 -4.21 35.79
N ALA B 28 -66.23 -4.82 35.42
CA ALA B 28 -66.21 -6.11 34.74
C ALA B 28 -65.39 -6.07 33.44
N GLY B 29 -65.35 -4.92 32.78
CA GLY B 29 -64.63 -4.79 31.53
C GLY B 29 -63.23 -4.23 31.64
N GLY B 30 -62.72 -4.01 32.86
CA GLY B 30 -61.38 -3.49 33.03
C GLY B 30 -61.26 -2.46 34.13
N VAL B 31 -60.74 -1.28 33.81
CA VAL B 31 -60.56 -0.21 34.79
C VAL B 31 -61.16 1.07 34.22
N LEU B 32 -61.83 1.85 35.07
CA LEU B 32 -62.48 3.07 34.65
C LEU B 32 -61.83 4.28 35.31
N PHE B 33 -61.49 5.28 34.50
CA PHE B 33 -60.95 6.55 34.97
C PHE B 33 -61.97 7.65 34.70
N VAL B 34 -62.39 8.35 35.76
CA VAL B 34 -63.28 9.49 35.65
C VAL B 34 -62.67 10.66 36.41
N ALA B 35 -62.53 11.81 35.73
CA ALA B 35 -61.90 12.96 36.34
C ALA B 35 -62.67 14.23 36.01
N GLU B 36 -62.87 15.07 37.02
CA GLU B 36 -63.44 16.41 36.84
C GLU B 36 -62.45 17.28 36.08
N ASN B 37 -62.79 17.66 34.85
CA ASN B 37 -61.85 18.41 34.02
C ASN B 37 -62.57 19.34 33.06
N PRO B 38 -62.56 20.66 33.31
CA PRO B 38 -63.17 21.60 32.37
C PRO B 38 -62.37 21.82 31.10
N SER B 39 -61.07 21.51 31.10
CA SER B 39 -60.21 21.84 29.98
C SER B 39 -60.62 21.09 28.71
N ARG B 40 -60.42 21.75 27.56
CA ARG B 40 -60.71 21.13 26.28
C ARG B 40 -59.55 20.27 25.79
N SER B 41 -58.32 20.61 26.17
CA SER B 41 -57.14 19.99 25.60
C SER B 41 -56.08 19.55 26.61
N LEU B 42 -56.23 19.88 27.89
CA LEU B 42 -55.26 19.49 28.91
C LEU B 42 -55.77 18.24 29.62
N GLN B 43 -54.98 17.17 29.56
CA GLN B 43 -55.38 15.85 30.03
C GLN B 43 -54.93 15.61 31.47
N LYS B 44 -55.72 14.82 32.19
CA LYS B 44 -55.31 14.30 33.49
C LYS B 44 -55.19 12.79 33.53
N ILE B 45 -55.74 12.09 32.51
CA ILE B 45 -55.64 10.64 32.40
C ILE B 45 -54.95 10.31 31.09
N SER B 46 -54.08 9.31 31.10
CA SER B 46 -53.25 9.02 29.94
C SER B 46 -52.88 7.55 29.89
N GLU B 47 -52.54 7.11 28.69
CA GLU B 47 -52.00 5.78 28.46
C GLU B 47 -50.51 5.75 28.80
N LEU B 48 -50.09 4.70 29.50
CA LEU B 48 -48.67 4.46 29.76
C LEU B 48 -48.12 3.37 28.85
N TYR B 49 -48.72 2.19 28.87
CA TYR B 49 -48.29 1.10 28.02
C TYR B 49 -49.51 0.29 27.62
N ASP B 50 -49.27 -0.76 26.83
CA ASP B 50 -50.34 -1.59 26.26
C ASP B 50 -51.51 -1.79 27.21
N ARG B 51 -51.23 -2.27 28.42
CA ARG B 51 -52.27 -2.55 29.40
C ARG B 51 -52.13 -1.69 30.65
N VAL B 52 -51.41 -0.58 30.58
CA VAL B 52 -51.12 0.23 31.75
C VAL B 52 -51.58 1.67 31.49
N GLY B 53 -52.43 2.18 32.40
CA GLY B 53 -52.93 3.53 32.31
C GLY B 53 -52.53 4.36 33.54
N PHE B 54 -52.71 5.67 33.40
CA PHE B 54 -52.15 6.66 34.30
C PHE B 54 -53.19 7.73 34.57
N ALA B 55 -53.37 8.09 35.85
CA ALA B 55 -54.26 9.17 36.23
C ALA B 55 -53.58 9.99 37.33
N ALA B 56 -53.83 11.29 37.34
CA ALA B 56 -53.12 12.15 38.26
C ALA B 56 -54.01 13.30 38.73
N ALA B 57 -53.69 13.83 39.91
CA ALA B 57 -54.35 15.00 40.46
C ALA B 57 -53.30 15.96 41.01
N GLY B 58 -53.52 17.26 40.81
CA GLY B 58 -52.60 18.26 41.32
C GLY B 58 -52.20 19.30 40.30
N LYS B 59 -50.94 19.77 40.39
CA LYS B 59 -50.44 20.78 39.47
C LYS B 59 -50.13 20.16 38.11
N PHE B 60 -50.64 20.79 37.04
CA PHE B 60 -50.61 20.17 35.72
C PHE B 60 -49.19 19.91 35.24
N ASN B 61 -48.37 20.96 35.20
CA ASN B 61 -47.02 20.80 34.65
C ASN B 61 -46.23 19.72 35.40
N GLU B 62 -46.50 19.53 36.68
CA GLU B 62 -45.74 18.56 37.46
C GLU B 62 -46.18 17.12 37.19
N PHE B 63 -47.48 16.83 37.29
CA PHE B 63 -47.90 15.47 36.99
C PHE B 63 -47.80 15.15 35.50
N ASP B 64 -47.73 16.19 34.66
CA ASP B 64 -47.45 15.97 33.24
C ASP B 64 -46.00 15.59 33.01
N ASN B 65 -45.08 16.30 33.68
CA ASN B 65 -43.69 15.86 33.69
C ASN B 65 -43.59 14.40 34.12
N LEU B 66 -44.26 14.04 35.22
CA LEU B 66 -44.22 12.66 35.68
C LEU B 66 -44.82 11.70 34.66
N ARG B 67 -45.89 12.14 33.98
CA ARG B 67 -46.51 11.32 32.95
C ARG B 67 -45.53 11.02 31.82
N ARG B 68 -44.88 12.07 31.30
CA ARG B 68 -43.90 11.88 30.22
C ARG B 68 -42.74 11.00 30.66
N GLY B 69 -42.25 11.20 31.89
CA GLY B 69 -41.19 10.35 32.39
C GLY B 69 -41.61 8.88 32.48
N GLY B 70 -42.87 8.65 32.89
CA GLY B 70 -43.37 7.29 32.94
C GLY B 70 -43.47 6.66 31.56
N ILE B 71 -43.97 7.42 30.58
CA ILE B 71 -44.04 6.92 29.21
C ILE B 71 -42.64 6.58 28.72
N GLN B 72 -41.66 7.45 29.00
CA GLN B 72 -40.28 7.19 28.63
C GLN B 72 -39.78 5.89 29.24
N PHE B 73 -39.98 5.71 30.55
CA PHE B 73 -39.55 4.47 31.19
C PHE B 73 -40.19 3.26 30.55
N ALA B 74 -41.50 3.30 30.33
CA ALA B 74 -42.21 2.14 29.81
C ALA B 74 -41.72 1.78 28.42
N ASP B 75 -41.67 2.76 27.51
CA ASP B 75 -41.22 2.48 26.16
C ASP B 75 -39.78 1.98 26.14
N THR B 76 -38.92 2.58 26.96
CA THR B 76 -37.52 2.15 27.01
C THR B 76 -37.41 0.71 27.49
N ARG B 77 -38.14 0.36 28.55
CA ARG B 77 -38.07 -1.00 29.08
C ARG B 77 -38.64 -2.01 28.08
N GLY B 78 -39.77 -1.68 27.46
CA GLY B 78 -40.31 -2.55 26.43
C GLY B 78 -39.36 -2.75 25.27
N TYR B 79 -38.57 -1.73 24.93
CA TYR B 79 -37.58 -1.88 23.87
C TYR B 79 -36.41 -2.76 24.31
N ALA B 80 -35.88 -2.54 25.52
CA ALA B 80 -34.68 -3.26 25.95
C ALA B 80 -34.95 -4.75 26.14
N TYR B 81 -36.15 -5.11 26.59
CA TYR B 81 -36.47 -6.52 26.85
C TYR B 81 -37.60 -6.99 25.95
N ASP B 82 -38.84 -6.76 26.38
CA ASP B 82 -40.02 -7.13 25.62
C ASP B 82 -41.20 -6.40 26.20
N ARG B 83 -42.24 -6.25 25.37
CA ARG B 83 -43.41 -5.47 25.77
C ARG B 83 -44.11 -6.11 26.96
N ARG B 84 -44.15 -7.44 27.02
CA ARG B 84 -44.85 -8.11 28.10
C ARG B 84 -44.08 -8.10 29.40
N ASP B 85 -42.84 -7.58 29.42
CA ASP B 85 -42.13 -7.39 30.67
C ASP B 85 -42.48 -6.07 31.35
N VAL B 86 -43.20 -5.19 30.67
CA VAL B 86 -43.64 -3.93 31.27
C VAL B 86 -44.92 -4.16 32.06
N THR B 87 -44.90 -3.85 33.35
CA THR B 87 -46.04 -4.10 34.23
C THR B 87 -46.39 -2.82 34.98
N GLY B 88 -47.62 -2.77 35.48
CA GLY B 88 -48.04 -1.65 36.31
C GLY B 88 -47.29 -1.59 37.62
N ARG B 89 -46.99 -2.76 38.20
CA ARG B 89 -46.11 -2.85 39.35
C ARG B 89 -44.82 -2.04 39.14
N GLN B 90 -44.20 -2.24 37.97
CA GLN B 90 -42.93 -1.56 37.68
C GLN B 90 -43.11 -0.05 37.63
N LEU B 91 -44.09 0.43 36.86
CA LEU B 91 -44.32 1.87 36.77
C LEU B 91 -44.62 2.47 38.13
N ALA B 92 -45.41 1.78 38.94
CA ALA B 92 -45.69 2.24 40.30
C ALA B 92 -44.41 2.35 41.13
N ASN B 93 -43.54 1.34 41.03
CA ASN B 93 -42.27 1.38 41.77
C ASN B 93 -41.41 2.57 41.33
N VAL B 94 -41.28 2.77 40.02
CA VAL B 94 -40.45 3.86 39.52
C VAL B 94 -41.05 5.21 39.91
N TYR B 95 -42.37 5.31 39.94
CA TYR B 95 -43.00 6.54 40.39
C TYR B 95 -42.76 6.79 41.87
N ALA B 96 -42.78 5.72 42.69
CA ALA B 96 -42.46 5.88 44.09
C ALA B 96 -41.03 6.39 44.28
N GLN B 97 -40.08 5.78 43.59
CA GLN B 97 -38.69 6.22 43.66
C GLN B 97 -38.56 7.67 43.23
N THR B 98 -39.17 8.02 42.09
CA THR B 98 -39.04 9.36 41.53
C THR B 98 -39.62 10.41 42.46
N LEU B 99 -40.86 10.19 42.93
CA LEU B 99 -41.50 11.16 43.82
C LEU B 99 -40.79 11.25 45.15
N GLY B 100 -40.19 10.14 45.63
CA GLY B 100 -39.34 10.23 46.80
C GLY B 100 -38.17 11.17 46.58
N THR B 101 -37.44 10.98 45.47
CA THR B 101 -36.31 11.85 45.17
C THR B 101 -36.74 13.31 45.04
N ILE B 102 -37.84 13.55 44.32
CA ILE B 102 -38.35 14.91 44.17
C ILE B 102 -38.66 15.52 45.54
N PHE B 103 -39.39 14.76 46.37
CA PHE B 103 -39.84 15.28 47.66
C PHE B 103 -38.65 15.62 48.54
N THR B 104 -37.58 14.84 48.47
CA THR B 104 -36.45 15.08 49.36
C THR B 104 -35.46 16.11 48.82
N GLU B 105 -35.27 16.19 47.50
CA GLU B 105 -34.15 16.93 46.93
C GLU B 105 -34.53 18.07 46.01
N GLN B 106 -35.75 18.11 45.49
CA GLN B 106 -36.12 19.16 44.56
C GLN B 106 -36.35 20.47 45.32
N ALA B 107 -36.25 21.59 44.58
CA ALA B 107 -36.43 22.90 45.21
C ALA B 107 -37.79 22.99 45.91
N LYS B 108 -38.83 22.50 45.25
CA LYS B 108 -40.17 22.42 45.81
C LYS B 108 -40.74 21.06 45.50
N PRO B 109 -41.38 20.39 46.47
CA PRO B 109 -41.97 19.08 46.19
C PRO B 109 -43.07 19.18 45.17
N TYR B 110 -43.37 18.04 44.54
CA TYR B 110 -44.43 18.00 43.54
C TYR B 110 -45.78 17.89 44.22
N GLU B 111 -46.68 18.82 43.88
CA GLU B 111 -48.04 18.83 44.42
C GLU B 111 -48.93 17.93 43.57
N VAL B 112 -48.66 16.63 43.63
CA VAL B 112 -49.35 15.66 42.78
C VAL B 112 -49.66 14.39 43.57
N GLU B 113 -50.64 13.66 43.06
CA GLU B 113 -50.99 12.33 43.52
C GLU B 113 -51.30 11.48 42.30
N LEU B 114 -50.79 10.26 42.28
CA LEU B 114 -50.74 9.43 41.09
C LEU B 114 -51.50 8.12 41.30
N CYS B 115 -52.07 7.62 40.20
CA CYS B 115 -52.69 6.29 40.14
C CYS B 115 -52.19 5.60 38.88
N VAL B 116 -51.62 4.41 39.05
CA VAL B 116 -51.21 3.56 37.94
C VAL B 116 -52.09 2.33 37.96
N ALA B 117 -52.78 2.05 36.87
CA ALA B 117 -53.71 0.93 36.80
C ALA B 117 -53.29 -0.02 35.68
N GLU B 118 -53.49 -1.32 35.91
CA GLU B 118 -53.15 -2.33 34.91
C GLU B 118 -54.27 -3.33 34.78
N VAL B 119 -54.63 -3.66 33.54
CA VAL B 119 -55.59 -4.71 33.25
C VAL B 119 -54.87 -5.89 32.62
N ALA B 120 -55.57 -7.02 32.56
CA ALA B 120 -55.00 -8.25 32.02
C ALA B 120 -54.78 -8.12 30.51
N HIS B 121 -53.89 -8.98 30.00
CA HIS B 121 -53.68 -9.07 28.56
C HIS B 121 -54.87 -9.78 27.90
N TYR B 122 -55.01 -9.55 26.60
CA TYR B 122 -56.14 -10.09 25.84
C TYR B 122 -56.27 -11.59 26.02
N GLY B 123 -57.45 -12.03 26.46
CA GLY B 123 -57.73 -13.43 26.67
C GLY B 123 -57.33 -13.96 28.04
N GLU B 124 -56.34 -13.34 28.66
CA GLU B 124 -55.89 -13.79 29.97
C GLU B 124 -56.87 -13.35 31.05
N THR B 125 -56.83 -14.05 32.19
CA THR B 125 -57.76 -13.83 33.29
C THR B 125 -56.97 -13.39 34.52
N LYS B 126 -56.93 -12.08 34.75
CA LYS B 126 -56.18 -11.51 35.87
C LYS B 126 -56.92 -10.25 36.32
N ARG B 127 -57.30 -10.20 37.60
CA ARG B 127 -58.06 -9.07 38.08
C ARG B 127 -57.21 -7.80 38.03
N PRO B 128 -57.81 -6.65 37.71
CA PRO B 128 -57.02 -5.42 37.55
C PRO B 128 -56.27 -5.04 38.81
N GLU B 129 -55.25 -4.20 38.62
CA GLU B 129 -54.41 -3.71 39.71
C GLU B 129 -54.47 -2.19 39.75
N LEU B 130 -54.67 -1.64 40.95
CA LEU B 130 -54.71 -0.20 41.18
C LEU B 130 -53.62 0.18 42.16
N TYR B 131 -52.80 1.16 41.77
CA TYR B 131 -51.71 1.67 42.61
C TYR B 131 -51.86 3.17 42.82
N ARG B 132 -51.57 3.60 44.05
CA ARG B 132 -51.63 4.99 44.47
C ARG B 132 -50.24 5.37 44.94
N ILE B 133 -49.67 6.40 44.31
CA ILE B 133 -48.37 6.95 44.68
C ILE B 133 -48.60 8.38 45.12
N THR B 134 -48.12 8.73 46.31
CA THR B 134 -48.37 10.04 46.88
C THR B 134 -47.15 10.93 46.74
N TYR B 135 -47.30 12.19 47.14
CA TYR B 135 -46.30 13.21 46.88
C TYR B 135 -44.95 12.88 47.50
N ASP B 136 -44.90 11.99 48.49
CA ASP B 136 -43.67 11.65 49.17
C ASP B 136 -43.11 10.29 48.76
N GLY B 137 -43.66 9.69 47.70
CA GLY B 137 -43.19 8.40 47.25
C GLY B 137 -43.84 7.20 47.91
N SER B 138 -44.78 7.42 48.82
CA SER B 138 -45.51 6.31 49.41
C SER B 138 -46.43 5.66 48.39
N ILE B 139 -46.45 4.35 48.38
CA ILE B 139 -47.18 3.56 47.39
C ILE B 139 -48.06 2.54 48.09
N ALA B 140 -49.31 2.40 47.63
CA ALA B 140 -50.20 1.39 48.13
C ALA B 140 -51.01 0.83 46.97
N ASP B 141 -51.38 -0.45 47.06
CA ASP B 141 -52.08 -1.14 45.98
C ASP B 141 -53.48 -1.52 46.47
N GLU B 142 -54.48 -0.75 46.04
CA GLU B 142 -55.85 -1.00 46.49
C GLU B 142 -56.60 -1.86 45.47
N PRO B 143 -57.56 -2.67 45.93
CA PRO B 143 -58.15 -3.68 45.03
C PRO B 143 -59.37 -3.22 44.26
N HIS B 144 -60.04 -2.17 44.72
CA HIS B 144 -61.31 -1.79 44.12
C HIS B 144 -61.31 -0.40 43.49
N PHE B 145 -60.93 0.63 44.24
CA PHE B 145 -61.01 1.99 43.70
C PHE B 145 -59.96 2.88 44.37
N VAL B 146 -59.65 3.97 43.69
CA VAL B 146 -58.71 4.98 44.14
C VAL B 146 -59.33 6.35 43.91
N VAL B 147 -59.20 7.23 44.92
CA VAL B 147 -59.67 8.60 44.85
C VAL B 147 -58.49 9.52 45.14
N MET B 148 -58.33 10.55 44.32
CA MET B 148 -57.20 11.46 44.41
C MET B 148 -57.62 12.90 44.20
N GLY B 149 -56.98 13.81 44.94
CA GLY B 149 -57.16 15.23 44.70
C GLY B 149 -58.38 15.83 45.38
N GLY B 150 -58.26 17.09 45.80
CA GLY B 150 -59.35 17.78 46.47
C GLY B 150 -59.67 17.18 47.83
N THR B 151 -60.93 17.36 48.24
CA THR B 151 -61.44 16.78 49.49
C THR B 151 -61.95 15.39 49.17
N THR B 152 -61.17 14.38 49.55
CA THR B 152 -61.43 13.01 49.08
C THR B 152 -62.51 12.30 49.89
N GLU B 153 -62.70 12.68 51.16
CA GLU B 153 -63.55 11.91 52.07
C GLU B 153 -64.98 11.67 51.55
N PRO B 154 -65.71 12.67 51.04
CA PRO B 154 -67.06 12.36 50.52
C PRO B 154 -67.04 11.37 49.36
N ILE B 155 -66.03 11.47 48.50
CA ILE B 155 -65.94 10.60 47.33
C ILE B 155 -65.63 9.16 47.75
N ALA B 156 -64.67 9.00 48.65
CA ALA B 156 -64.30 7.67 49.13
C ALA B 156 -65.48 6.99 49.83
N ASN B 157 -66.21 7.74 50.67
CA ASN B 157 -67.37 7.16 51.34
C ASN B 157 -68.48 6.82 50.35
N ALA B 158 -68.81 7.76 49.45
CA ALA B 158 -69.80 7.50 48.42
C ALA B 158 -69.49 6.21 47.66
N LEU B 159 -68.23 6.01 47.28
CA LEU B 159 -67.86 4.78 46.58
C LEU B 159 -67.96 3.57 47.51
N LYS B 160 -67.40 3.68 48.71
CA LYS B 160 -67.41 2.56 49.66
C LYS B 160 -68.81 2.05 49.93
N GLU B 161 -69.80 2.95 49.94
CA GLU B 161 -71.18 2.51 50.14
C GLU B 161 -71.75 1.89 48.88
N SER B 162 -71.56 2.53 47.73
CA SER B 162 -72.22 2.09 46.50
C SER B 162 -71.23 1.58 45.47
N TYR B 163 -70.32 0.70 45.86
CA TYR B 163 -69.43 0.04 44.92
C TYR B 163 -69.78 -1.44 44.84
N ALA B 164 -69.71 -1.99 43.63
CA ALA B 164 -69.96 -3.41 43.42
C ALA B 164 -68.90 -3.97 42.47
N GLU B 165 -68.34 -5.11 42.84
CA GLU B 165 -67.40 -5.78 41.97
C GLU B 165 -68.08 -6.19 40.67
N ASN B 166 -67.35 -6.02 39.56
CA ASN B 166 -67.79 -6.48 38.23
C ASN B 166 -68.99 -5.69 37.72
N ALA B 167 -69.08 -4.41 38.06
CA ALA B 167 -70.16 -3.59 37.53
C ALA B 167 -70.00 -3.39 36.03
N SER B 168 -71.12 -3.07 35.37
CA SER B 168 -71.07 -2.73 33.96
C SER B 168 -70.42 -1.37 33.77
N LEU B 169 -70.08 -1.06 32.52
CA LEU B 169 -69.46 0.23 32.21
C LEU B 169 -70.37 1.38 32.62
N THR B 170 -71.65 1.31 32.22
CA THR B 170 -72.60 2.37 32.54
C THR B 170 -72.79 2.51 34.06
N ASP B 171 -72.95 1.39 34.75
CA ASP B 171 -73.15 1.42 36.19
C ASP B 171 -71.93 2.01 36.90
N ALA B 172 -70.75 1.53 36.54
CA ALA B 172 -69.52 2.05 37.15
C ALA B 172 -69.37 3.54 36.90
N LEU B 173 -69.69 3.99 35.68
CA LEU B 173 -69.61 5.41 35.38
C LEU B 173 -70.59 6.21 36.23
N ARG B 174 -71.84 5.77 36.31
CA ARG B 174 -72.84 6.52 37.09
C ARG B 174 -72.45 6.58 38.56
N ILE B 175 -71.87 5.49 39.09
CA ILE B 175 -71.39 5.50 40.47
C ILE B 175 -70.23 6.48 40.62
N ALA B 176 -69.37 6.54 39.61
CA ALA B 176 -68.21 7.44 39.70
C ALA B 176 -68.66 8.90 39.70
N VAL B 177 -69.53 9.29 38.77
CA VAL B 177 -70.01 10.67 38.75
C VAL B 177 -70.79 10.98 40.02
N ALA B 178 -71.53 10.00 40.54
CA ALA B 178 -72.23 10.18 41.81
C ALA B 178 -71.24 10.52 42.92
N ALA B 179 -70.18 9.72 43.05
CA ALA B 179 -69.19 9.97 44.09
C ALA B 179 -68.47 11.31 43.89
N LEU B 180 -68.25 11.72 42.63
CA LEU B 180 -67.61 13.01 42.38
C LEU B 180 -68.51 14.16 42.82
N ARG B 181 -69.81 14.08 42.55
CA ARG B 181 -70.69 15.16 42.97
C ARG B 181 -70.75 15.28 44.48
N ALA B 182 -70.60 14.16 45.20
CA ALA B 182 -70.66 14.16 46.66
C ALA B 182 -69.57 15.03 47.28
N LEU B 195 -70.33 17.34 36.68
CA LEU B 195 -71.71 17.36 36.22
C LEU B 195 -71.91 16.48 34.99
N GLY B 196 -71.87 17.11 33.81
CA GLY B 196 -72.11 16.43 32.57
C GLY B 196 -70.85 16.27 31.73
N VAL B 197 -71.06 16.08 30.42
CA VAL B 197 -69.96 15.75 29.52
C VAL B 197 -68.94 16.88 29.47
N ALA B 198 -69.41 18.12 29.31
CA ALA B 198 -68.52 19.25 29.10
C ALA B 198 -67.56 19.49 30.26
N SER B 199 -67.81 18.89 31.43
CA SER B 199 -66.94 19.05 32.59
C SER B 199 -66.24 17.76 32.99
N LEU B 200 -66.31 16.72 32.18
CA LEU B 200 -65.73 15.43 32.53
C LEU B 200 -64.67 14.99 31.52
N GLU B 201 -63.68 14.26 32.03
CA GLU B 201 -62.71 13.52 31.24
C GLU B 201 -62.80 12.06 31.63
N VAL B 202 -63.14 11.20 30.68
CA VAL B 202 -63.41 9.79 30.94
C VAL B 202 -62.54 8.93 30.04
N ALA B 203 -61.90 7.92 30.61
CA ALA B 203 -61.15 6.95 29.84
C ALA B 203 -61.27 5.59 30.51
N VAL B 204 -60.90 4.54 29.78
CA VAL B 204 -61.07 3.17 30.26
C VAL B 204 -59.90 2.32 29.79
N LEU B 205 -59.44 1.43 30.66
CA LEU B 205 -58.57 0.31 30.30
C LEU B 205 -59.48 -0.89 30.01
N ASP B 206 -59.67 -1.17 28.73
CA ASP B 206 -60.61 -2.18 28.24
C ASP B 206 -59.86 -3.50 28.05
N ALA B 207 -60.04 -4.42 28.99
CA ALA B 207 -59.35 -5.71 28.92
C ALA B 207 -59.76 -6.54 27.70
N ASN B 208 -60.83 -6.18 26.99
CA ASN B 208 -61.29 -6.93 25.84
C ASN B 208 -60.79 -6.37 24.52
N ARG B 209 -59.71 -5.59 24.56
CA ARG B 209 -59.02 -5.05 23.40
C ARG B 209 -57.68 -5.75 23.22
N PRO B 210 -57.30 -6.12 21.99
CA PRO B 210 -56.18 -7.05 21.82
C PRO B 210 -54.83 -6.55 22.34
N ARG B 211 -54.43 -5.33 22.01
CA ARG B 211 -53.14 -4.83 22.44
C ARG B 211 -53.25 -3.59 23.31
N ARG B 212 -53.54 -2.42 22.73
CA ARG B 212 -53.60 -1.19 23.49
C ARG B 212 -54.99 -1.07 24.11
N ALA B 213 -55.06 -1.18 25.44
CA ALA B 213 -56.34 -1.19 26.14
C ALA B 213 -56.91 0.20 26.38
N PHE B 214 -56.08 1.23 26.35
CA PHE B 214 -56.53 2.58 26.69
C PHE B 214 -57.47 3.14 25.63
N ARG B 215 -58.68 3.49 26.05
CA ARG B 215 -59.71 4.03 25.17
C ARG B 215 -60.34 5.24 25.85
N ARG B 216 -60.31 6.39 25.18
CA ARG B 216 -60.99 7.56 25.70
C ARG B 216 -62.48 7.50 25.36
N ILE B 217 -63.30 8.05 26.24
CA ILE B 217 -64.75 8.09 26.08
C ILE B 217 -65.19 9.55 26.05
N THR B 218 -65.58 10.05 24.88
CA THR B 218 -65.87 11.46 24.68
C THR B 218 -67.19 11.66 23.96
N GLY B 219 -67.78 12.84 24.20
CA GLY B 219 -68.94 13.29 23.44
C GLY B 219 -70.17 12.42 23.58
N SER B 220 -70.80 12.11 22.44
CA SER B 220 -72.09 11.43 22.43
C SER B 220 -72.01 10.05 23.08
N ALA B 221 -70.94 9.30 22.80
CA ALA B 221 -70.79 7.98 23.41
C ALA B 221 -70.77 8.09 24.92
N LEU B 222 -70.07 9.10 25.45
CA LEU B 222 -70.05 9.32 26.88
C LEU B 222 -71.42 9.74 27.41
N GLN B 223 -72.08 10.64 26.69
CA GLN B 223 -73.42 11.09 27.08
C GLN B 223 -74.39 9.92 27.18
N ALA B 224 -74.34 8.99 26.23
CA ALA B 224 -75.16 7.78 26.33
C ALA B 224 -74.80 6.99 27.57
N LEU B 225 -73.50 6.85 27.86
CA LEU B 225 -73.07 6.12 29.04
C LEU B 225 -73.53 6.82 30.32
N LEU B 226 -73.70 8.14 30.27
CA LEU B 226 -74.12 8.90 31.44
C LEU B 226 -75.63 8.82 31.66
N VAL B 227 -76.42 9.07 30.62
CA VAL B 227 -77.89 9.11 30.69
C VAL B 227 -78.38 9.96 31.86
N MET C 1 -24.06 21.01 65.37
CA MET C 1 -24.17 19.84 64.49
C MET C 1 -24.68 18.63 65.27
N GLU C 2 -24.33 18.58 66.56
CA GLU C 2 -24.74 17.50 67.45
C GLU C 2 -26.26 17.29 67.44
N GLN C 3 -26.99 18.25 68.00
CA GLN C 3 -28.44 18.23 67.91
C GLN C 3 -28.91 18.21 66.46
N ALA C 4 -28.13 18.80 65.55
CA ALA C 4 -28.49 18.76 64.13
C ALA C 4 -28.49 17.32 63.63
N MET C 5 -27.49 16.52 64.00
CA MET C 5 -27.50 15.11 63.63
C MET C 5 -28.60 14.36 64.35
N ARG C 6 -28.91 14.73 65.60
CA ARG C 6 -30.04 14.12 66.28
C ARG C 6 -31.37 14.47 65.63
N GLU C 7 -31.42 15.54 64.84
CA GLU C 7 -32.61 15.81 64.04
C GLU C 7 -32.83 14.69 63.04
N ARG C 8 -31.77 14.32 62.32
CA ARG C 8 -31.79 13.22 61.37
C ARG C 8 -32.11 11.90 62.07
N SER C 9 -31.36 11.59 63.14
CA SER C 9 -31.58 10.35 63.88
C SER C 9 -33.02 10.22 64.36
N GLU C 10 -33.60 11.33 64.81
CA GLU C 10 -34.99 11.27 65.28
C GLU C 10 -35.95 11.10 64.13
N LEU C 11 -35.75 11.82 63.02
CA LEU C 11 -36.60 11.61 61.85
C LEU C 11 -36.60 10.14 61.44
N ALA C 12 -35.41 9.54 61.34
CA ALA C 12 -35.31 8.14 60.94
C ALA C 12 -36.00 7.23 61.97
N ARG C 13 -35.69 7.42 63.25
CA ARG C 13 -36.24 6.54 64.29
C ARG C 13 -37.77 6.59 64.29
N LYS C 14 -38.34 7.80 64.27
CA LYS C 14 -39.79 7.94 64.22
C LYS C 14 -40.36 7.32 62.96
N GLY C 15 -39.72 7.56 61.82
CA GLY C 15 -40.18 6.94 60.58
C GLY C 15 -40.24 5.43 60.66
N ILE C 16 -39.23 4.81 61.27
CA ILE C 16 -39.21 3.36 61.39
C ILE C 16 -40.26 2.90 62.39
N ALA C 17 -40.44 3.64 63.49
CA ALA C 17 -41.42 3.24 64.50
C ALA C 17 -42.84 3.27 63.94
N ARG C 18 -43.12 4.19 63.01
CA ARG C 18 -44.42 4.22 62.35
C ARG C 18 -44.67 2.96 61.53
N ALA C 19 -43.60 2.37 60.99
CA ALA C 19 -43.73 1.31 60.01
C ALA C 19 -43.94 -0.05 60.66
N LYS C 20 -44.34 -1.02 59.82
CA LYS C 20 -44.64 -2.38 60.25
C LYS C 20 -43.38 -3.09 60.74
N SER C 21 -43.59 -4.19 61.47
CA SER C 21 -42.50 -4.92 62.09
C SER C 21 -42.16 -6.18 61.29
N VAL C 22 -40.89 -6.59 61.38
CA VAL C 22 -40.35 -7.74 60.66
C VAL C 22 -39.49 -8.54 61.63
N VAL C 23 -39.53 -9.87 61.49
CA VAL C 23 -38.71 -10.76 62.29
C VAL C 23 -38.02 -11.74 61.36
N ALA C 24 -36.74 -12.02 61.65
CA ALA C 24 -35.96 -13.02 60.93
C ALA C 24 -35.21 -13.85 61.96
N LEU C 25 -35.43 -15.16 61.93
CA LEU C 25 -34.83 -16.02 62.94
C LEU C 25 -34.30 -17.30 62.30
N ALA C 26 -33.18 -17.80 62.85
CA ALA C 26 -32.54 -18.98 62.33
C ALA C 26 -33.22 -20.24 62.86
N TYR C 27 -33.48 -21.19 61.97
CA TYR C 27 -34.09 -22.46 62.34
C TYR C 27 -33.29 -23.61 61.71
N ALA C 28 -33.72 -24.84 62.01
CA ALA C 28 -32.93 -26.02 61.66
C ALA C 28 -32.64 -26.09 60.16
N GLY C 29 -33.53 -25.59 59.32
CA GLY C 29 -33.36 -25.64 57.89
C GLY C 29 -32.78 -24.39 57.25
N GLY C 30 -32.39 -23.40 58.04
CA GLY C 30 -31.86 -22.17 57.47
C GLY C 30 -32.32 -20.92 58.19
N VAL C 31 -32.91 -19.97 57.47
CA VAL C 31 -33.38 -18.72 58.08
C VAL C 31 -34.82 -18.47 57.65
N LEU C 32 -35.63 -17.97 58.58
CA LEU C 32 -37.03 -17.69 58.33
C LEU C 32 -37.29 -16.20 58.43
N PHE C 33 -37.95 -15.65 57.41
CA PHE C 33 -38.37 -14.25 57.35
C PHE C 33 -39.89 -14.20 57.44
N VAL C 34 -40.41 -13.50 58.45
CA VAL C 34 -41.84 -13.26 58.59
C VAL C 34 -42.02 -11.76 58.81
N ALA C 35 -42.85 -11.14 57.98
CA ALA C 35 -43.08 -9.71 58.06
C ALA C 35 -44.56 -9.40 57.89
N GLU C 36 -45.07 -8.52 58.74
CA GLU C 36 -46.44 -8.04 58.57
C GLU C 36 -46.50 -7.21 57.30
N ASN C 37 -47.22 -7.73 56.30
CA ASN C 37 -47.29 -7.09 54.98
C ASN C 37 -48.64 -7.39 54.36
N PRO C 38 -49.58 -6.43 54.40
CA PRO C 38 -50.88 -6.65 53.75
C PRO C 38 -50.82 -6.56 52.23
N SER C 39 -49.78 -5.94 51.67
CA SER C 39 -49.75 -5.70 50.24
C SER C 39 -49.72 -7.00 49.45
N ARG C 40 -50.46 -7.01 48.34
CA ARG C 40 -50.54 -8.19 47.49
C ARG C 40 -49.31 -8.35 46.60
N SER C 41 -48.63 -7.24 46.28
CA SER C 41 -47.55 -7.28 45.30
C SER C 41 -46.26 -6.57 45.71
N LEU C 42 -46.26 -5.81 46.80
CA LEU C 42 -45.06 -5.12 47.26
C LEU C 42 -44.41 -5.93 48.38
N GLN C 43 -43.12 -6.21 48.24
CA GLN C 43 -42.44 -7.16 49.09
C GLN C 43 -41.36 -6.49 49.93
N LYS C 44 -41.28 -6.89 51.21
CA LYS C 44 -40.31 -6.35 52.15
C LYS C 44 -39.10 -7.26 52.36
N ILE C 45 -39.19 -8.53 51.97
CA ILE C 45 -38.10 -9.49 52.08
C ILE C 45 -37.78 -10.01 50.69
N SER C 46 -36.50 -10.20 50.41
CA SER C 46 -36.07 -10.49 49.05
C SER C 46 -34.79 -11.30 49.05
N GLU C 47 -34.54 -11.95 47.92
CA GLU C 47 -33.27 -12.63 47.67
C GLU C 47 -32.20 -11.62 47.28
N LEU C 48 -31.01 -11.75 47.86
CA LEU C 48 -29.84 -10.98 47.47
C LEU C 48 -28.90 -11.79 46.59
N TYR C 49 -28.44 -12.93 47.10
CA TYR C 49 -27.55 -13.79 46.35
C TYR C 49 -27.86 -15.24 46.71
N ASP C 50 -27.11 -16.16 46.10
CA ASP C 50 -27.33 -17.60 46.22
C ASP C 50 -27.80 -18.00 47.62
N ARG C 51 -27.00 -17.65 48.63
CA ARG C 51 -27.28 -18.02 50.01
C ARG C 51 -27.52 -16.80 50.89
N VAL C 52 -27.84 -15.65 50.31
CA VAL C 52 -27.97 -14.41 51.06
C VAL C 52 -29.34 -13.80 50.82
N GLY C 53 -30.07 -13.54 51.91
CA GLY C 53 -31.38 -12.94 51.85
C GLY C 53 -31.42 -11.59 52.57
N PHE C 54 -32.51 -10.87 52.33
CA PHE C 54 -32.62 -9.46 52.68
C PHE C 54 -34.00 -9.20 53.27
N ALA C 55 -34.03 -8.48 54.39
CA ALA C 55 -35.29 -8.05 54.98
C ALA C 55 -35.14 -6.62 55.47
N ALA C 56 -36.22 -5.85 55.38
CA ALA C 56 -36.15 -4.44 55.71
C ALA C 56 -37.46 -3.97 56.33
N ALA C 57 -37.37 -2.91 57.12
CA ALA C 57 -38.54 -2.26 57.68
C ALA C 57 -38.39 -0.75 57.52
N GLY C 58 -39.50 -0.08 57.20
CA GLY C 58 -39.49 1.36 57.04
C GLY C 58 -40.16 1.87 55.78
N LYS C 59 -39.61 2.95 55.21
CA LYS C 59 -40.19 3.55 54.01
C LYS C 59 -39.86 2.71 52.79
N PHE C 60 -40.89 2.38 52.00
CA PHE C 60 -40.74 1.38 50.95
C PHE C 60 -39.72 1.79 49.90
N ASN C 61 -39.90 2.97 49.29
CA ASN C 61 -39.01 3.36 48.20
C ASN C 61 -37.55 3.41 48.64
N GLU C 62 -37.29 3.74 49.91
CA GLU C 62 -35.92 3.87 50.37
C GLU C 62 -35.27 2.50 50.59
N PHE C 63 -35.91 1.61 51.37
CA PHE C 63 -35.29 0.31 51.56
C PHE C 63 -35.34 -0.53 50.30
N ASP C 64 -36.21 -0.19 49.35
CA ASP C 64 -36.18 -0.83 48.05
C ASP C 64 -34.99 -0.36 47.23
N ASN C 65 -34.72 0.95 47.25
CA ASN C 65 -33.46 1.45 46.69
C ASN C 65 -32.27 0.67 47.26
N LEU C 66 -32.24 0.51 48.59
CA LEU C 66 -31.13 -0.22 49.20
C LEU C 66 -31.10 -1.68 48.75
N ARG C 67 -32.27 -2.29 48.59
CA ARG C 67 -32.33 -3.67 48.10
C ARG C 67 -31.72 -3.80 46.71
N ARG C 68 -32.14 -2.91 45.80
CA ARG C 68 -31.61 -2.95 44.43
C ARG C 68 -30.11 -2.69 44.42
N GLY C 69 -29.64 -1.72 45.21
CA GLY C 69 -28.22 -1.47 45.29
C GLY C 69 -27.44 -2.68 45.79
N GLY C 70 -28.00 -3.38 46.77
CA GLY C 70 -27.35 -4.59 47.26
C GLY C 70 -27.31 -5.69 46.21
N ILE C 71 -28.40 -5.87 45.49
CA ILE C 71 -28.42 -6.84 44.40
C ILE C 71 -27.36 -6.50 43.36
N GLN C 72 -27.26 -5.21 43.00
CA GLN C 72 -26.23 -4.77 42.06
C GLN C 72 -24.83 -5.12 42.57
N PHE C 73 -24.56 -4.79 43.84
CA PHE C 73 -23.25 -5.08 44.41
C PHE C 73 -22.94 -6.58 44.34
N ALA C 74 -23.91 -7.41 44.73
CA ALA C 74 -23.69 -8.85 44.78
C ALA C 74 -23.43 -9.43 43.40
N ASP C 75 -24.29 -9.11 42.43
CA ASP C 75 -24.08 -9.63 41.08
C ASP C 75 -22.78 -9.13 40.48
N THR C 76 -22.46 -7.85 40.69
CA THR C 76 -21.22 -7.30 40.13
C THR C 76 -19.99 -7.99 40.71
N ARG C 77 -19.97 -8.20 42.03
CA ARG C 77 -18.82 -8.85 42.64
C ARG C 77 -18.74 -10.33 42.26
N GLY C 78 -19.88 -11.00 42.18
CA GLY C 78 -19.88 -12.39 41.73
C GLY C 78 -19.39 -12.53 40.32
N TYR C 79 -19.68 -11.56 39.45
CA TYR C 79 -19.16 -11.59 38.09
C TYR C 79 -17.67 -11.28 38.05
N ALA C 80 -17.23 -10.26 38.79
CA ALA C 80 -15.82 -9.85 38.73
C ALA C 80 -14.91 -10.92 39.30
N TYR C 81 -15.36 -11.63 40.32
CA TYR C 81 -14.54 -12.67 40.93
C TYR C 81 -15.21 -14.02 40.76
N ASP C 82 -16.08 -14.40 41.69
CA ASP C 82 -16.82 -15.65 41.61
C ASP C 82 -17.94 -15.62 42.62
N ARG C 83 -18.94 -16.47 42.38
CA ARG C 83 -20.16 -16.46 43.18
C ARG C 83 -19.89 -16.78 44.64
N ARG C 84 -18.86 -17.55 44.94
CA ARG C 84 -18.56 -17.91 46.31
C ARG C 84 -17.67 -16.89 47.00
N ASP C 85 -17.35 -15.78 46.33
CA ASP C 85 -16.72 -14.65 46.99
C ASP C 85 -17.74 -13.69 47.60
N VAL C 86 -19.01 -13.87 47.29
CA VAL C 86 -20.08 -13.05 47.86
C VAL C 86 -20.48 -13.66 49.20
N THR C 87 -20.37 -12.86 50.25
CA THR C 87 -20.63 -13.32 51.61
C THR C 87 -21.63 -12.39 52.28
N GLY C 88 -22.28 -12.90 53.33
CA GLY C 88 -23.22 -12.07 54.08
C GLY C 88 -22.53 -10.92 54.78
N ARG C 89 -21.35 -11.16 55.34
CA ARG C 89 -20.59 -10.09 55.97
C ARG C 89 -20.28 -8.98 54.97
N GLN C 90 -19.97 -9.33 53.73
CA GLN C 90 -19.66 -8.33 52.72
C GLN C 90 -20.85 -7.42 52.45
N LEU C 91 -22.01 -8.02 52.17
CA LEU C 91 -23.21 -7.21 51.90
C LEU C 91 -23.58 -6.37 53.10
N ALA C 92 -23.50 -6.95 54.30
CA ALA C 92 -23.78 -6.16 55.51
C ALA C 92 -22.83 -4.98 55.63
N ASN C 93 -21.54 -5.20 55.36
CA ASN C 93 -20.55 -4.12 55.43
C ASN C 93 -20.86 -3.01 54.42
N VAL C 94 -21.12 -3.39 53.17
CA VAL C 94 -21.40 -2.37 52.15
C VAL C 94 -22.67 -1.62 52.49
N TYR C 95 -23.64 -2.30 53.11
CA TYR C 95 -24.84 -1.61 53.58
C TYR C 95 -24.52 -0.64 54.71
N ALA C 96 -23.60 -1.02 55.60
CA ALA C 96 -23.19 -0.12 56.66
C ALA C 96 -22.57 1.15 56.08
N GLN C 97 -21.63 0.99 55.15
CA GLN C 97 -21.03 2.14 54.49
C GLN C 97 -22.09 3.00 53.80
N THR C 98 -22.97 2.36 53.04
CA THR C 98 -23.96 3.10 52.25
C THR C 98 -24.90 3.89 53.14
N LEU C 99 -25.47 3.24 54.15
CA LEU C 99 -26.38 3.94 55.06
C LEU C 99 -25.67 5.01 55.87
N GLY C 100 -24.39 4.81 56.19
CA GLY C 100 -23.62 5.88 56.80
C GLY C 100 -23.53 7.11 55.91
N THR C 101 -23.15 6.91 54.65
CA THR C 101 -23.04 8.02 53.71
C THR C 101 -24.39 8.70 53.52
N ILE C 102 -25.47 7.92 53.37
CA ILE C 102 -26.80 8.50 53.25
C ILE C 102 -27.14 9.33 54.48
N PHE C 103 -26.89 8.77 55.66
CA PHE C 103 -27.28 9.45 56.89
C PHE C 103 -26.55 10.77 57.06
N THR C 104 -25.28 10.84 56.63
CA THR C 104 -24.55 12.10 56.82
C THR C 104 -24.74 13.09 55.69
N GLU C 105 -24.93 12.63 54.45
CA GLU C 105 -24.83 13.51 53.29
C GLU C 105 -26.08 13.57 52.40
N GLN C 106 -26.99 12.61 52.50
CA GLN C 106 -28.16 12.68 51.64
C GLN C 106 -29.11 13.77 52.13
N ALA C 107 -29.97 14.24 51.22
CA ALA C 107 -30.88 15.34 51.55
C ALA C 107 -31.72 15.01 52.78
N LYS C 108 -32.26 13.80 52.86
CA LYS C 108 -33.00 13.31 54.00
C LYS C 108 -32.54 11.90 54.32
N PRO C 109 -32.31 11.59 55.59
CA PRO C 109 -31.87 10.24 55.94
C PRO C 109 -32.90 9.18 55.56
N TYR C 110 -32.42 7.95 55.41
CA TYR C 110 -33.30 6.85 55.06
C TYR C 110 -33.97 6.30 56.30
N GLU C 111 -35.31 6.25 56.28
CA GLU C 111 -36.09 5.71 57.38
C GLU C 111 -36.24 4.20 57.23
N VAL C 112 -35.11 3.50 57.39
CA VAL C 112 -35.04 2.07 57.13
C VAL C 112 -34.23 1.35 58.20
N GLU C 113 -34.49 0.04 58.30
CA GLU C 113 -33.71 -0.88 59.12
C GLU C 113 -33.53 -2.16 58.32
N LEU C 114 -32.31 -2.68 58.28
CA LEU C 114 -31.92 -3.71 57.35
C LEU C 114 -31.43 -4.96 58.08
N CYS C 115 -31.70 -6.10 57.46
CA CYS C 115 -31.19 -7.40 57.90
C CYS C 115 -30.65 -8.16 56.68
N VAL C 116 -29.39 -8.57 56.75
CA VAL C 116 -28.77 -9.40 55.73
C VAL C 116 -28.47 -10.74 56.38
N ALA C 117 -29.01 -11.82 55.81
CA ALA C 117 -28.88 -13.14 56.39
C ALA C 117 -28.19 -14.09 55.41
N GLU C 118 -27.36 -14.99 55.95
CA GLU C 118 -26.67 -15.94 55.09
C GLU C 118 -26.72 -17.34 55.72
N VAL C 119 -27.06 -18.33 54.91
CA VAL C 119 -27.00 -19.72 55.32
C VAL C 119 -25.85 -20.39 54.60
N ALA C 120 -25.49 -21.58 55.07
CA ALA C 120 -24.36 -22.29 54.50
C ALA C 120 -24.69 -22.77 53.09
N HIS C 121 -23.64 -23.02 52.31
CA HIS C 121 -23.82 -23.61 51.00
C HIS C 121 -24.20 -25.08 51.15
N TYR C 122 -24.83 -25.62 50.11
CA TYR C 122 -25.31 -26.99 50.14
C TYR C 122 -24.20 -27.96 50.51
N GLY C 123 -24.42 -28.73 51.56
CA GLY C 123 -23.44 -29.71 51.99
C GLY C 123 -22.35 -29.20 52.92
N GLU C 124 -22.48 -27.99 53.45
CA GLU C 124 -21.52 -27.44 54.39
C GLU C 124 -22.16 -27.24 55.75
N THR C 125 -21.38 -27.47 56.80
CA THR C 125 -21.84 -27.33 58.18
C THR C 125 -21.43 -25.96 58.69
N LYS C 126 -22.34 -24.99 58.57
CA LYS C 126 -22.08 -23.63 59.01
C LYS C 126 -23.38 -23.02 59.51
N ARG C 127 -23.36 -22.53 60.74
CA ARG C 127 -24.57 -21.97 61.32
C ARG C 127 -24.89 -20.61 60.68
N PRO C 128 -26.18 -20.28 60.55
CA PRO C 128 -26.57 -19.06 59.83
C PRO C 128 -25.99 -17.80 60.47
N GLU C 129 -25.94 -16.74 59.66
CA GLU C 129 -25.45 -15.44 60.08
C GLU C 129 -26.56 -14.42 59.88
N LEU C 130 -26.80 -13.61 60.91
CA LEU C 130 -27.82 -12.57 60.87
C LEU C 130 -27.14 -11.23 61.13
N TYR C 131 -27.38 -10.28 60.23
CA TYR C 131 -26.82 -8.95 60.34
C TYR C 131 -27.92 -7.90 60.35
N ARG C 132 -27.75 -6.92 61.21
CA ARG C 132 -28.69 -5.82 61.41
C ARG C 132 -27.95 -4.51 61.22
N ILE C 133 -28.40 -3.71 60.25
CA ILE C 133 -27.84 -2.41 59.94
C ILE C 133 -28.92 -1.36 60.15
N THR C 134 -28.59 -0.32 60.92
CA THR C 134 -29.55 0.71 61.28
C THR C 134 -29.36 1.96 60.42
N TYR C 135 -30.27 2.92 60.61
CA TYR C 135 -30.38 4.06 59.71
C TYR C 135 -29.12 4.91 59.65
N ASP C 136 -28.22 4.79 60.63
CA ASP C 136 -27.00 5.60 60.65
C ASP C 136 -25.77 4.81 60.28
N GLY C 137 -25.93 3.58 59.79
CA GLY C 137 -24.81 2.75 59.44
C GLY C 137 -24.24 1.90 60.54
N SER C 138 -24.82 1.92 61.74
CA SER C 138 -24.38 1.02 62.80
C SER C 138 -24.75 -0.41 62.45
N ILE C 139 -23.81 -1.33 62.66
CA ILE C 139 -23.96 -2.71 62.22
C ILE C 139 -23.67 -3.64 63.38
N ALA C 140 -24.52 -4.66 63.53
CA ALA C 140 -24.34 -5.68 64.55
C ALA C 140 -24.73 -7.04 63.98
N ASP C 141 -24.07 -8.09 64.47
CA ASP C 141 -24.28 -9.45 63.98
C ASP C 141 -24.89 -10.27 65.11
N GLU C 142 -26.17 -10.50 65.03
CA GLU C 142 -26.80 -11.24 66.10
C GLU C 142 -26.91 -12.73 65.76
N PRO C 143 -26.86 -13.62 66.76
CA PRO C 143 -26.72 -15.05 66.47
C PRO C 143 -28.02 -15.82 66.33
N HIS C 144 -29.12 -15.31 66.86
CA HIS C 144 -30.35 -16.09 66.92
C HIS C 144 -31.50 -15.45 66.15
N PHE C 145 -31.81 -14.19 66.39
CA PHE C 145 -32.94 -13.56 65.71
C PHE C 145 -32.69 -12.07 65.62
N VAL C 146 -33.38 -11.45 64.67
CA VAL C 146 -33.34 -10.00 64.46
C VAL C 146 -34.77 -9.52 64.27
N VAL C 147 -35.12 -8.43 64.95
CA VAL C 147 -36.43 -7.81 64.83
C VAL C 147 -36.22 -6.35 64.46
N MET C 148 -37.02 -5.87 63.49
CA MET C 148 -36.86 -4.52 62.98
C MET C 148 -38.23 -3.88 62.77
N GLY C 149 -38.32 -2.58 63.03
CA GLY C 149 -39.53 -1.85 62.70
C GLY C 149 -40.65 -1.91 63.72
N GLY C 150 -41.41 -0.82 63.82
CA GLY C 150 -42.52 -0.79 64.77
C GLY C 150 -42.04 -0.83 66.21
N THR C 151 -42.89 -1.38 67.07
CA THR C 151 -42.56 -1.55 68.49
C THR C 151 -41.87 -2.90 68.63
N THR C 152 -40.54 -2.88 68.78
CA THR C 152 -39.77 -4.10 68.67
C THR C 152 -39.77 -4.89 69.98
N GLU C 153 -39.54 -4.23 71.11
CA GLU C 153 -39.28 -4.88 72.38
C GLU C 153 -40.36 -5.89 72.82
N PRO C 154 -41.66 -5.70 72.53
CA PRO C 154 -42.58 -6.81 72.83
C PRO C 154 -42.32 -8.05 71.98
N ILE C 155 -41.96 -7.85 70.71
CA ILE C 155 -41.67 -8.98 69.84
C ILE C 155 -40.35 -9.63 70.24
N ALA C 156 -39.32 -8.83 70.51
CA ALA C 156 -38.04 -9.35 70.94
C ALA C 156 -38.16 -10.12 72.25
N ASN C 157 -38.90 -9.56 73.21
CA ASN C 157 -39.11 -10.26 74.48
C ASN C 157 -39.89 -11.55 74.28
N ALA C 158 -41.00 -11.47 73.54
CA ALA C 158 -41.75 -12.68 73.20
C ALA C 158 -40.85 -13.76 72.59
N LEU C 159 -39.96 -13.35 71.69
CA LEU C 159 -39.03 -14.30 71.08
C LEU C 159 -38.05 -14.84 72.11
N LYS C 160 -37.48 -13.94 72.93
CA LYS C 160 -36.49 -14.34 73.93
C LYS C 160 -37.00 -15.52 74.76
N GLU C 161 -38.23 -15.44 75.25
CA GLU C 161 -38.79 -16.53 76.04
C GLU C 161 -39.12 -17.73 75.18
N SER C 162 -39.61 -17.51 73.97
CA SER C 162 -40.18 -18.57 73.15
C SER C 162 -39.20 -19.18 72.15
N TYR C 163 -38.07 -18.53 71.87
CA TYR C 163 -37.18 -19.01 70.82
C TYR C 163 -36.31 -20.16 71.31
N ALA C 164 -36.12 -21.15 70.43
CA ALA C 164 -35.23 -22.28 70.67
C ALA C 164 -34.45 -22.54 69.39
N GLU C 165 -33.19 -22.91 69.54
CA GLU C 165 -32.35 -23.19 68.38
C GLU C 165 -32.84 -24.43 67.65
N ASN C 166 -32.54 -24.48 66.35
CA ASN C 166 -32.85 -25.65 65.50
C ASN C 166 -34.32 -26.03 65.56
N ALA C 167 -35.19 -25.04 65.70
CA ALA C 167 -36.62 -25.30 65.68
C ALA C 167 -37.05 -25.78 64.29
N SER C 168 -38.17 -26.47 64.25
CA SER C 168 -38.72 -26.88 62.97
C SER C 168 -39.29 -25.68 62.22
N LEU C 169 -39.54 -25.87 60.92
CA LEU C 169 -40.11 -24.80 60.11
C LEU C 169 -41.45 -24.35 60.67
N THR C 170 -42.34 -25.30 60.95
CA THR C 170 -43.63 -24.97 61.55
C THR C 170 -43.43 -24.34 62.94
N ASP C 171 -42.52 -24.91 63.74
CA ASP C 171 -42.25 -24.37 65.06
C ASP C 171 -41.71 -22.95 64.97
N ALA C 172 -40.71 -22.73 64.12
CA ALA C 172 -40.13 -21.40 63.97
C ALA C 172 -41.16 -20.40 63.47
N LEU C 173 -42.01 -20.82 62.53
CA LEU C 173 -43.07 -19.94 62.06
C LEU C 173 -44.04 -19.58 63.18
N ARG C 174 -44.45 -20.58 63.97
CA ARG C 174 -45.36 -20.34 65.07
C ARG C 174 -44.77 -19.36 66.09
N ILE C 175 -43.50 -19.55 66.44
CA ILE C 175 -42.82 -18.61 67.32
C ILE C 175 -42.80 -17.21 66.71
N ALA C 176 -42.58 -17.13 65.39
CA ALA C 176 -42.48 -15.83 64.73
C ALA C 176 -43.81 -15.10 64.72
N VAL C 177 -44.89 -15.75 64.28
CA VAL C 177 -46.20 -15.10 64.25
C VAL C 177 -46.69 -14.81 65.67
N ALA C 178 -46.37 -15.70 66.61
CA ALA C 178 -46.74 -15.45 68.01
C ALA C 178 -46.09 -14.17 68.51
N ALA C 179 -44.77 -14.05 68.32
CA ALA C 179 -44.07 -12.84 68.74
C ALA C 179 -44.55 -11.61 67.98
N LEU C 180 -44.93 -11.79 66.71
CA LEU C 180 -45.44 -10.66 65.92
C LEU C 180 -46.76 -10.15 66.48
N ARG C 181 -47.68 -11.05 66.84
CA ARG C 181 -48.95 -10.62 67.40
C ARG C 181 -48.75 -9.89 68.72
N ALA C 182 -47.75 -10.29 69.50
CA ALA C 182 -47.48 -9.62 70.77
C ALA C 182 -47.13 -8.14 70.55
N GLY C 183 -46.42 -7.84 69.46
CA GLY C 183 -46.08 -6.46 69.14
C GLY C 183 -47.08 -5.82 68.20
N LEU C 195 -51.83 -11.04 61.33
CA LEU C 195 -52.88 -12.04 61.51
C LEU C 195 -52.56 -13.34 60.77
N GLY C 196 -53.05 -13.46 59.55
CA GLY C 196 -52.89 -14.68 58.77
C GLY C 196 -52.28 -14.52 57.38
N VAL C 197 -52.64 -15.43 56.48
CA VAL C 197 -51.99 -15.51 55.17
C VAL C 197 -52.29 -14.29 54.31
N ALA C 198 -53.29 -13.49 54.63
CA ALA C 198 -53.61 -12.31 53.83
C ALA C 198 -52.89 -11.06 54.33
N SER C 199 -52.35 -11.07 55.55
CA SER C 199 -51.60 -9.94 56.09
C SER C 199 -50.13 -10.25 56.33
N LEU C 200 -49.63 -11.39 55.87
CA LEU C 200 -48.26 -11.80 56.14
C LEU C 200 -47.46 -12.00 54.85
N GLU C 201 -46.16 -11.74 54.95
CA GLU C 201 -45.18 -12.07 53.92
C GLU C 201 -44.13 -12.98 54.54
N VAL C 202 -44.00 -14.19 54.00
CA VAL C 202 -43.15 -15.23 54.58
C VAL C 202 -42.20 -15.76 53.51
N ALA C 203 -40.92 -15.88 53.86
CA ALA C 203 -39.94 -16.50 52.99
C ALA C 203 -38.88 -17.21 53.84
N VAL C 204 -38.06 -18.02 53.19
CA VAL C 204 -37.06 -18.83 53.88
C VAL C 204 -35.79 -18.92 53.04
N LEU C 205 -34.64 -18.84 53.70
CA LEU C 205 -33.36 -19.27 53.14
C LEU C 205 -33.16 -20.72 53.53
N ASP C 206 -33.37 -21.61 52.56
CA ASP C 206 -33.37 -23.06 52.77
C ASP C 206 -31.97 -23.59 52.52
N ALA C 207 -31.22 -23.85 53.60
CA ALA C 207 -29.86 -24.35 53.49
C ALA C 207 -29.77 -25.69 52.77
N ASN C 208 -30.90 -26.35 52.54
CA ASN C 208 -30.91 -27.66 51.90
C ASN C 208 -31.11 -27.56 50.39
N ARG C 209 -31.34 -26.36 49.87
CA ARG C 209 -31.40 -26.15 48.44
C ARG C 209 -30.03 -26.36 47.81
N PRO C 210 -29.98 -26.73 46.53
CA PRO C 210 -28.68 -26.92 45.89
C PRO C 210 -27.96 -25.60 45.60
N ARG C 211 -28.65 -24.64 44.98
CA ARG C 211 -28.01 -23.37 44.67
C ARG C 211 -28.71 -22.18 45.32
N ARG C 212 -29.86 -21.78 44.78
CA ARG C 212 -30.58 -20.60 45.28
C ARG C 212 -31.42 -21.00 46.47
N ALA C 213 -31.05 -20.51 47.66
CA ALA C 213 -31.71 -20.91 48.90
C ALA C 213 -33.01 -20.16 49.15
N PHE C 214 -33.19 -18.99 48.54
CA PHE C 214 -34.36 -18.18 48.82
C PHE C 214 -35.62 -18.83 48.25
N ARG C 215 -36.70 -18.82 49.04
CA ARG C 215 -37.95 -19.45 48.64
C ARG C 215 -39.10 -18.75 49.36
N ARG C 216 -40.11 -18.33 48.61
CA ARG C 216 -41.29 -17.74 49.22
C ARG C 216 -42.30 -18.83 49.59
N ILE C 217 -43.05 -18.57 50.64
CA ILE C 217 -44.09 -19.48 51.13
C ILE C 217 -45.41 -18.74 51.02
N THR C 218 -46.25 -19.15 50.08
CA THR C 218 -47.46 -18.40 49.74
C THR C 218 -48.68 -19.31 49.71
N GLY C 219 -49.83 -18.70 49.96
CA GLY C 219 -51.11 -19.36 49.74
C GLY C 219 -51.29 -20.64 50.54
N SER C 220 -51.69 -21.69 49.83
CA SER C 220 -52.04 -22.95 50.46
C SER C 220 -50.88 -23.50 51.28
N ALA C 221 -49.66 -23.38 50.76
CA ALA C 221 -48.49 -23.84 51.50
C ALA C 221 -48.34 -23.08 52.81
N LEU C 222 -48.54 -21.76 52.78
CA LEU C 222 -48.40 -20.98 54.00
C LEU C 222 -49.48 -21.33 55.03
N GLN C 223 -50.73 -21.43 54.58
CA GLN C 223 -51.79 -21.85 55.50
C GLN C 223 -51.51 -23.20 56.13
N ALA C 224 -50.97 -24.14 55.34
CA ALA C 224 -50.62 -25.46 55.88
C ALA C 224 -49.60 -25.33 57.00
N LEU C 225 -48.53 -24.56 56.77
CA LEU C 225 -47.53 -24.36 57.81
C LEU C 225 -48.09 -23.61 59.01
N LEU C 226 -49.13 -22.79 58.82
CA LEU C 226 -49.68 -22.04 59.95
C LEU C 226 -50.58 -22.89 60.83
N VAL C 227 -51.16 -23.96 60.31
CA VAL C 227 -52.12 -24.77 61.06
C VAL C 227 -51.43 -25.40 62.27
N MET D 1 -16.76 30.89 63.35
CA MET D 1 -16.26 29.61 62.86
C MET D 1 -15.79 28.72 64.01
N GLU D 2 -15.13 29.31 65.00
CA GLU D 2 -14.69 28.54 66.17
C GLU D 2 -15.86 27.84 66.85
N GLN D 3 -17.07 28.36 66.70
CA GLN D 3 -18.27 27.65 67.15
C GLN D 3 -18.41 26.31 66.43
N ALA D 4 -18.39 26.36 65.10
CA ALA D 4 -18.54 25.14 64.31
C ALA D 4 -17.43 24.13 64.61
N MET D 5 -16.19 24.61 64.74
CA MET D 5 -15.09 23.70 65.03
C MET D 5 -15.23 23.10 66.43
N ARG D 6 -15.64 23.89 67.41
CA ARG D 6 -15.85 23.35 68.75
C ARG D 6 -16.96 22.31 68.74
N GLU D 7 -18.02 22.54 67.98
CA GLU D 7 -19.11 21.56 67.88
C GLU D 7 -18.62 20.26 67.25
N ARG D 8 -17.88 20.36 66.14
CA ARG D 8 -17.33 19.16 65.52
C ARG D 8 -16.45 18.40 66.50
N SER D 9 -15.51 19.09 67.14
CA SER D 9 -14.62 18.46 68.10
C SER D 9 -15.40 17.76 69.20
N GLU D 10 -16.50 18.35 69.67
CA GLU D 10 -17.27 17.71 70.73
C GLU D 10 -18.02 16.49 70.22
N LEU D 11 -18.67 16.59 69.05
CA LEU D 11 -19.36 15.45 68.47
C LEU D 11 -18.41 14.27 68.32
N ALA D 12 -17.24 14.51 67.72
CA ALA D 12 -16.27 13.44 67.56
C ALA D 12 -15.80 12.92 68.91
N ARG D 13 -15.46 13.84 69.83
CA ARG D 13 -14.92 13.48 71.13
C ARG D 13 -15.85 12.53 71.88
N LYS D 14 -17.09 12.95 72.10
CA LYS D 14 -18.02 12.10 72.83
C LYS D 14 -18.36 10.84 72.03
N GLY D 15 -18.56 10.97 70.72
CA GLY D 15 -18.83 9.79 69.91
C GLY D 15 -17.77 8.72 70.10
N ILE D 16 -16.51 9.12 70.18
CA ILE D 16 -15.44 8.18 70.45
C ILE D 16 -15.53 7.66 71.88
N ALA D 17 -15.90 8.55 72.81
CA ALA D 17 -16.01 8.13 74.21
C ALA D 17 -17.11 7.09 74.42
N ARG D 18 -18.17 7.13 73.61
CA ARG D 18 -19.26 6.16 73.74
C ARG D 18 -18.92 4.79 73.19
N ALA D 19 -17.75 4.63 72.56
CA ALA D 19 -17.39 3.38 71.89
C ALA D 19 -16.47 2.54 72.77
N LYS D 20 -16.33 1.28 72.37
CA LYS D 20 -15.52 0.32 73.11
C LYS D 20 -14.04 0.72 73.07
N SER D 21 -13.26 0.16 73.98
CA SER D 21 -11.86 0.55 74.15
C SER D 21 -10.92 -0.44 73.48
N VAL D 22 -9.76 0.06 73.05
CA VAL D 22 -8.73 -0.71 72.37
C VAL D 22 -7.37 -0.34 72.97
N VAL D 23 -6.50 -1.33 73.09
CA VAL D 23 -5.15 -1.15 73.62
C VAL D 23 -4.17 -1.81 72.68
N ALA D 24 -3.02 -1.15 72.47
CA ALA D 24 -1.92 -1.68 71.67
C ALA D 24 -0.63 -1.45 72.44
N LEU D 25 0.10 -2.53 72.71
CA LEU D 25 1.31 -2.40 73.51
C LEU D 25 2.43 -3.24 72.92
N ALA D 26 3.65 -2.72 73.01
CA ALA D 26 4.82 -3.39 72.47
C ALA D 26 5.32 -4.43 73.47
N TYR D 27 5.62 -5.63 72.98
CA TYR D 27 6.16 -6.69 73.83
C TYR D 27 7.34 -7.33 73.13
N ALA D 28 7.97 -8.30 73.82
CA ALA D 28 9.25 -8.85 73.37
C ALA D 28 9.19 -9.40 71.95
N GLY D 29 8.04 -9.92 71.54
CA GLY D 29 7.89 -10.49 70.22
C GLY D 29 7.31 -9.59 69.15
N GLY D 30 7.07 -8.32 69.47
CA GLY D 30 6.49 -7.41 68.49
C GLY D 30 5.46 -6.48 69.08
N VAL D 31 4.25 -6.46 68.51
CA VAL D 31 3.19 -5.57 69.00
C VAL D 31 1.93 -6.39 69.24
N LEU D 32 1.23 -6.10 70.34
CA LEU D 32 0.03 -6.81 70.73
C LEU D 32 -1.16 -5.87 70.71
N PHE D 33 -2.23 -6.30 70.02
CA PHE D 33 -3.49 -5.57 69.92
C PHE D 33 -4.59 -6.35 70.65
N VAL D 34 -5.25 -5.68 71.61
CA VAL D 34 -6.41 -6.23 72.31
C VAL D 34 -7.54 -5.22 72.26
N ALA D 35 -8.72 -5.66 71.81
CA ALA D 35 -9.86 -4.76 71.71
C ALA D 35 -11.11 -5.46 72.21
N GLU D 36 -11.90 -4.76 73.02
CA GLU D 36 -13.20 -5.26 73.44
C GLU D 36 -14.13 -5.32 72.23
N ASN D 37 -14.50 -6.54 71.82
CA ASN D 37 -15.28 -6.71 70.61
C ASN D 37 -16.20 -7.93 70.72
N PRO D 38 -17.51 -7.73 70.89
CA PRO D 38 -18.42 -8.89 70.93
C PRO D 38 -18.67 -9.51 69.57
N SER D 39 -18.44 -8.78 68.47
CA SER D 39 -18.77 -9.29 67.16
C SER D 39 -17.93 -10.51 66.81
N ARG D 40 -18.53 -11.45 66.08
CA ARG D 40 -17.86 -12.65 65.61
C ARG D 40 -17.13 -12.44 64.30
N SER D 41 -17.51 -11.43 63.51
CA SER D 41 -16.95 -11.23 62.18
C SER D 41 -16.57 -9.79 61.85
N LEU D 42 -16.93 -8.80 62.67
CA LEU D 42 -16.57 -7.42 62.41
C LEU D 42 -15.32 -7.07 63.21
N GLN D 43 -14.34 -6.48 62.54
CA GLN D 43 -12.99 -6.37 63.08
C GLN D 43 -12.64 -4.91 63.37
N LYS D 44 -12.03 -4.70 64.54
CA LYS D 44 -11.44 -3.41 64.90
C LYS D 44 -9.93 -3.39 64.73
N ILE D 45 -9.30 -4.54 64.53
CA ILE D 45 -7.86 -4.65 64.30
C ILE D 45 -7.64 -5.34 62.97
N SER D 46 -6.66 -4.84 62.21
CA SER D 46 -6.45 -5.33 60.86
C SER D 46 -4.99 -5.18 60.44
N GLU D 47 -4.61 -5.95 59.44
CA GLU D 47 -3.32 -5.80 58.78
C GLU D 47 -3.38 -4.68 57.74
N LEU D 48 -2.34 -3.85 57.71
CA LEU D 48 -2.18 -2.84 56.67
C LEU D 48 -1.18 -3.27 55.61
N TYR D 49 0.04 -3.61 56.02
CA TYR D 49 1.05 -4.09 55.10
C TYR D 49 1.91 -5.13 55.83
N ASP D 50 2.90 -5.66 55.12
CA ASP D 50 3.73 -6.76 55.60
C ASP D 50 4.04 -6.68 57.09
N ARG D 51 4.60 -5.56 57.54
CA ARG D 51 4.98 -5.40 58.93
C ARG D 51 4.20 -4.27 59.62
N VAL D 52 3.07 -3.87 59.06
CA VAL D 52 2.32 -2.73 59.59
C VAL D 52 0.89 -3.18 59.87
N GLY D 53 0.44 -2.96 61.12
CA GLY D 53 -0.90 -3.29 61.53
C GLY D 53 -1.67 -2.06 61.98
N PHE D 54 -2.98 -2.24 62.12
CA PHE D 54 -3.94 -1.15 62.26
C PHE D 54 -4.98 -1.51 63.33
N ALA D 55 -5.28 -0.56 64.20
CA ALA D 55 -6.34 -0.72 65.20
C ALA D 55 -7.12 0.57 65.29
N ALA D 56 -8.41 0.46 65.57
CA ALA D 56 -9.28 1.63 65.56
C ALA D 56 -10.36 1.51 66.62
N ALA D 57 -10.86 2.66 67.05
CA ALA D 57 -11.99 2.74 67.98
C ALA D 57 -12.98 3.78 67.49
N GLY D 58 -14.27 3.49 67.63
CA GLY D 58 -15.30 4.42 67.22
C GLY D 58 -16.39 3.83 66.38
N LYS D 59 -16.90 4.61 65.43
CA LYS D 59 -17.97 4.15 64.54
C LYS D 59 -17.40 3.23 63.48
N PHE D 60 -17.99 2.05 63.32
CA PHE D 60 -17.39 0.99 62.52
C PHE D 60 -17.22 1.39 61.06
N ASN D 61 -18.31 1.82 60.41
CA ASN D 61 -18.24 2.12 58.99
C ASN D 61 -17.17 3.18 58.68
N GLU D 62 -16.95 4.11 59.60
CA GLU D 62 -16.00 5.19 59.34
C GLU D 62 -14.55 4.72 59.46
N PHE D 63 -14.19 4.08 60.58
CA PHE D 63 -12.81 3.62 60.69
C PHE D 63 -12.54 2.43 59.78
N ASP D 64 -13.59 1.75 59.31
CA ASP D 64 -13.41 0.72 58.28
C ASP D 64 -13.13 1.36 56.93
N ASN D 65 -13.88 2.42 56.58
CA ASN D 65 -13.51 3.23 55.42
C ASN D 65 -12.05 3.66 55.49
N LEU D 66 -11.64 4.18 56.64
CA LEU D 66 -10.25 4.63 56.79
C LEU D 66 -9.29 3.46 56.66
N ARG D 67 -9.68 2.29 57.18
CA ARG D 67 -8.85 1.10 57.07
C ARG D 67 -8.62 0.74 55.61
N ARG D 68 -9.70 0.68 54.83
CA ARG D 68 -9.59 0.37 53.41
C ARG D 68 -8.74 1.40 52.68
N GLY D 69 -8.92 2.68 52.99
CA GLY D 69 -8.08 3.70 52.38
C GLY D 69 -6.60 3.51 52.70
N GLY D 70 -6.30 3.12 53.94
CA GLY D 70 -4.91 2.85 54.28
C GLY D 70 -4.34 1.66 53.55
N ILE D 71 -5.13 0.58 53.43
CA ILE D 71 -4.70 -0.58 52.66
C ILE D 71 -4.44 -0.20 51.21
N GLN D 72 -5.33 0.58 50.61
CA GLN D 72 -5.13 1.05 49.25
C GLN D 72 -3.83 1.84 49.12
N PHE D 73 -3.59 2.78 50.04
CA PHE D 73 -2.36 3.56 50.01
C PHE D 73 -1.14 2.64 50.09
N ALA D 74 -1.17 1.68 51.02
CA ALA D 74 -0.01 0.81 51.20
C ALA D 74 0.25 -0.04 49.97
N ASP D 75 -0.78 -0.68 49.43
CA ASP D 75 -0.61 -1.52 48.26
C ASP D 75 -0.14 -0.70 47.05
N THR D 76 -0.74 0.47 46.84
CA THR D 76 -0.34 1.31 45.73
C THR D 76 1.11 1.76 45.89
N ARG D 77 1.48 2.17 47.09
CA ARG D 77 2.85 2.61 47.35
C ARG D 77 3.84 1.47 47.09
N GLY D 78 3.52 0.27 47.58
CA GLY D 78 4.39 -0.87 47.34
C GLY D 78 4.51 -1.23 45.88
N TYR D 79 3.44 -1.05 45.10
CA TYR D 79 3.53 -1.30 43.67
C TYR D 79 4.36 -0.25 42.96
N ALA D 80 4.13 1.02 43.26
CA ALA D 80 4.85 2.10 42.58
C ALA D 80 6.33 2.10 42.90
N TYR D 81 6.71 1.72 44.11
CA TYR D 81 8.11 1.69 44.50
C TYR D 81 8.56 0.28 44.88
N ASP D 82 8.38 -0.10 46.14
CA ASP D 82 8.77 -1.42 46.59
C ASP D 82 8.14 -1.67 47.95
N ARG D 83 7.99 -2.95 48.28
CA ARG D 83 7.34 -3.32 49.53
C ARG D 83 8.13 -2.82 50.73
N ARG D 84 9.45 -2.78 50.61
CA ARG D 84 10.31 -2.32 51.68
C ARG D 84 10.28 -0.80 51.87
N ASP D 85 9.69 -0.06 50.94
CA ASP D 85 9.53 1.38 51.11
C ASP D 85 8.26 1.77 51.84
N VAL D 86 7.35 0.82 52.06
CA VAL D 86 6.13 1.10 52.81
C VAL D 86 6.45 1.00 54.30
N THR D 87 6.20 2.08 55.03
CA THR D 87 6.55 2.17 56.44
C THR D 87 5.34 2.57 57.26
N GLY D 88 5.42 2.29 58.57
CA GLY D 88 4.36 2.71 59.47
C GLY D 88 4.25 4.21 59.58
N ARG D 89 5.40 4.90 59.57
CA ARG D 89 5.40 6.37 59.58
C ARG D 89 4.65 6.93 58.38
N GLN D 90 4.79 6.29 57.22
CA GLN D 90 4.07 6.74 56.03
C GLN D 90 2.57 6.67 56.23
N LEU D 91 2.08 5.49 56.64
CA LEU D 91 0.64 5.30 56.84
C LEU D 91 0.11 6.22 57.93
N ALA D 92 0.86 6.39 59.02
CA ALA D 92 0.45 7.33 60.06
C ALA D 92 0.34 8.75 59.51
N ASN D 93 1.31 9.17 58.71
CA ASN D 93 1.27 10.51 58.10
C ASN D 93 0.03 10.66 57.22
N VAL D 94 -0.23 9.67 56.36
CA VAL D 94 -1.37 9.75 55.46
C VAL D 94 -2.67 9.77 56.24
N TYR D 95 -2.73 9.04 57.35
CA TYR D 95 -3.93 9.06 58.19
C TYR D 95 -4.10 10.42 58.84
N ALA D 96 -3.00 11.06 59.25
CA ALA D 96 -3.10 12.41 59.81
C ALA D 96 -3.67 13.38 58.79
N GLN D 97 -3.12 13.34 57.56
CA GLN D 97 -3.63 14.18 56.48
C GLN D 97 -5.11 13.93 56.23
N THR D 98 -5.48 12.65 56.09
CA THR D 98 -6.84 12.30 55.72
C THR D 98 -7.83 12.73 56.80
N LEU D 99 -7.57 12.37 58.05
CA LEU D 99 -8.49 12.74 59.13
C LEU D 99 -8.54 14.24 59.34
N GLY D 100 -7.44 14.96 59.07
CA GLY D 100 -7.51 16.40 59.07
C GLY D 100 -8.51 16.90 58.04
N THR D 101 -8.40 16.42 56.80
CA THR D 101 -9.32 16.84 55.75
C THR D 101 -10.76 16.48 56.08
N ILE D 102 -10.99 15.26 56.59
CA ILE D 102 -12.33 14.84 56.99
C ILE D 102 -12.88 15.77 58.06
N PHE D 103 -12.08 16.05 59.09
CA PHE D 103 -12.52 16.88 60.20
C PHE D 103 -12.88 18.29 59.75
N THR D 104 -12.14 18.84 58.78
CA THR D 104 -12.39 20.21 58.38
C THR D 104 -13.44 20.36 57.29
N GLU D 105 -13.59 19.38 56.40
CA GLU D 105 -14.36 19.60 55.18
C GLU D 105 -15.54 18.65 54.98
N GLN D 106 -15.57 17.49 55.64
CA GLN D 106 -16.69 16.59 55.42
C GLN D 106 -17.93 17.05 56.20
N ALA D 107 -19.09 16.55 55.78
CA ALA D 107 -20.36 16.93 56.39
C ALA D 107 -20.35 16.68 57.89
N LYS D 108 -19.84 15.52 58.31
CA LYS D 108 -19.69 15.20 59.72
C LYS D 108 -18.31 14.62 59.95
N PRO D 109 -17.61 15.04 61.00
CA PRO D 109 -16.30 14.46 61.27
C PRO D 109 -16.41 12.97 61.58
N TYR D 110 -15.29 12.28 61.43
CA TYR D 110 -15.25 10.86 61.72
C TYR D 110 -15.07 10.65 63.22
N GLU D 111 -15.97 9.88 63.83
CA GLU D 111 -15.88 9.57 65.26
C GLU D 111 -14.98 8.34 65.45
N VAL D 112 -13.69 8.55 65.19
CA VAL D 112 -12.72 7.47 65.17
C VAL D 112 -11.41 7.89 65.83
N GLU D 113 -10.66 6.89 66.28
CA GLU D 113 -9.29 7.03 66.75
C GLU D 113 -8.48 5.85 66.23
N LEU D 114 -7.27 6.13 65.75
CA LEU D 114 -6.48 5.16 65.01
C LEU D 114 -5.13 4.92 65.67
N CYS D 115 -4.63 3.69 65.51
CA CYS D 115 -3.29 3.30 65.90
C CYS D 115 -2.66 2.51 64.76
N VAL D 116 -1.48 2.96 64.30
CA VAL D 116 -0.71 2.27 63.29
C VAL D 116 0.58 1.78 63.94
N ALA D 117 0.84 0.47 63.85
CA ALA D 117 2.00 -0.13 64.50
C ALA D 117 2.90 -0.80 63.46
N GLU D 118 4.22 -0.73 63.70
CA GLU D 118 5.18 -1.35 62.81
C GLU D 118 6.25 -2.09 63.62
N VAL D 119 6.55 -3.32 63.21
CA VAL D 119 7.63 -4.09 63.80
C VAL D 119 8.76 -4.20 62.78
N ALA D 120 9.92 -4.65 63.26
CA ALA D 120 11.07 -4.77 62.38
C ALA D 120 10.86 -5.90 61.37
N HIS D 121 11.61 -5.81 60.27
CA HIS D 121 11.60 -6.90 59.30
C HIS D 121 12.36 -8.10 59.86
N TYR D 122 12.07 -9.28 59.29
CA TYR D 122 12.68 -10.51 59.78
C TYR D 122 14.19 -10.39 59.81
N GLY D 123 14.76 -10.67 60.99
CA GLY D 123 16.20 -10.61 61.19
C GLY D 123 16.75 -9.25 61.57
N GLU D 124 16.05 -8.18 61.25
CA GLU D 124 16.53 -6.85 61.63
C GLU D 124 16.18 -6.56 63.09
N THR D 125 16.93 -5.63 63.68
CA THR D 125 16.79 -5.29 65.10
C THR D 125 16.43 -3.82 65.22
N LYS D 126 15.14 -3.53 65.37
CA LYS D 126 14.68 -2.20 65.72
C LYS D 126 13.41 -2.33 66.55
N ARG D 127 13.23 -1.41 67.49
CA ARG D 127 12.10 -1.50 68.40
C ARG D 127 10.81 -1.11 67.69
N PRO D 128 9.67 -1.62 68.16
CA PRO D 128 8.39 -1.33 67.50
C PRO D 128 8.08 0.16 67.48
N GLU D 129 7.18 0.53 66.56
CA GLU D 129 6.72 1.90 66.42
C GLU D 129 5.21 1.91 66.59
N LEU D 130 4.72 2.82 67.44
CA LEU D 130 3.30 2.99 67.68
C LEU D 130 2.90 4.42 67.35
N TYR D 131 1.86 4.56 66.53
CA TYR D 131 1.34 5.85 66.13
C TYR D 131 -0.13 5.95 66.49
N ARG D 132 -0.51 7.14 66.95
CA ARG D 132 -1.86 7.45 67.39
C ARG D 132 -2.34 8.64 66.58
N ILE D 133 -3.48 8.45 65.89
CA ILE D 133 -4.10 9.47 65.05
C ILE D 133 -5.47 9.76 65.64
N THR D 134 -5.75 11.04 65.90
CA THR D 134 -7.02 11.42 66.49
C THR D 134 -7.95 12.00 65.43
N TYR D 135 -9.20 12.25 65.85
CA TYR D 135 -10.27 12.56 64.90
C TYR D 135 -9.99 13.82 64.08
N ASP D 136 -9.10 14.69 64.54
CA ASP D 136 -8.81 15.93 63.84
C ASP D 136 -7.45 15.91 63.13
N GLY D 137 -6.83 14.75 63.02
CA GLY D 137 -5.55 14.62 62.36
C GLY D 137 -4.33 14.83 63.24
N SER D 138 -4.50 15.06 64.53
CA SER D 138 -3.35 15.15 65.42
C SER D 138 -2.70 13.78 65.56
N ILE D 139 -1.38 13.75 65.50
CA ILE D 139 -0.61 12.51 65.47
C ILE D 139 0.46 12.55 66.54
N ALA D 140 0.61 11.44 67.26
CA ALA D 140 1.66 11.29 68.26
C ALA D 140 2.21 9.87 68.17
N ASP D 141 3.49 9.72 68.48
CA ASP D 141 4.16 8.43 68.35
C ASP D 141 4.57 7.96 69.74
N GLU D 142 3.84 6.96 70.26
CA GLU D 142 4.09 6.48 71.61
C GLU D 142 5.12 5.35 71.59
N PRO D 143 5.95 5.25 72.64
CA PRO D 143 7.06 4.29 72.58
C PRO D 143 6.70 2.94 73.16
N HIS D 144 5.68 2.88 74.01
CA HIS D 144 5.35 1.66 74.74
C HIS D 144 3.93 1.18 74.49
N PHE D 145 2.93 2.03 74.67
CA PHE D 145 1.54 1.60 74.54
C PHE D 145 0.66 2.76 74.12
N VAL D 146 -0.51 2.41 73.57
CA VAL D 146 -1.54 3.34 73.12
C VAL D 146 -2.89 2.82 73.59
N VAL D 147 -3.71 3.72 74.10
CA VAL D 147 -5.07 3.42 74.54
C VAL D 147 -6.02 4.34 73.78
N MET D 148 -7.10 3.76 73.24
CA MET D 148 -8.04 4.50 72.41
C MET D 148 -9.47 4.09 72.73
N GLY D 149 -10.38 5.07 72.69
CA GLY D 149 -11.80 4.79 72.80
C GLY D 149 -12.31 4.66 74.23
N GLY D 150 -13.56 5.05 74.46
CA GLY D 150 -14.14 4.95 75.79
C GLY D 150 -13.48 5.89 76.79
N THR D 151 -13.52 5.47 78.06
CA THR D 151 -12.89 6.20 79.16
C THR D 151 -11.44 5.76 79.24
N THR D 152 -10.53 6.62 78.75
CA THR D 152 -9.13 6.22 78.57
C THR D 152 -8.33 6.25 79.85
N GLU D 153 -8.50 7.29 80.65
CA GLU D 153 -7.61 7.52 81.80
C GLU D 153 -7.42 6.30 82.70
N PRO D 154 -8.45 5.52 83.07
CA PRO D 154 -8.17 4.35 83.93
C PRO D 154 -7.34 3.28 83.23
N ILE D 155 -7.59 3.04 81.94
CA ILE D 155 -6.83 2.03 81.20
C ILE D 155 -5.40 2.48 81.04
N ALA D 156 -5.21 3.75 80.65
CA ALA D 156 -3.87 4.30 80.49
C ALA D 156 -3.10 4.24 81.80
N ASN D 157 -3.75 4.56 82.91
CA ASN D 157 -3.09 4.51 84.22
C ASN D 157 -2.68 3.08 84.58
N ALA D 158 -3.62 2.14 84.46
CA ALA D 158 -3.30 0.73 84.70
C ALA D 158 -2.10 0.28 83.89
N LEU D 159 -2.04 0.67 82.62
CA LEU D 159 -0.88 0.29 81.79
C LEU D 159 0.39 0.98 82.27
N LYS D 160 0.31 2.27 82.61
CA LYS D 160 1.47 2.97 83.13
C LYS D 160 2.07 2.24 84.32
N GLU D 161 1.22 1.72 85.21
CA GLU D 161 1.72 1.01 86.37
C GLU D 161 2.27 -0.36 85.98
N SER D 162 1.49 -1.16 85.27
CA SER D 162 1.79 -2.57 85.09
C SER D 162 2.72 -2.88 83.92
N TYR D 163 2.94 -1.94 83.00
CA TYR D 163 3.69 -2.26 81.79
C TYR D 163 5.19 -2.34 82.09
N ALA D 164 5.83 -3.34 81.49
CA ALA D 164 7.28 -3.51 81.57
C ALA D 164 7.77 -3.90 80.18
N GLU D 165 8.88 -3.30 79.76
CA GLU D 165 9.42 -3.59 78.43
C GLU D 165 9.75 -5.08 78.28
N ASN D 166 9.66 -5.55 77.03
CA ASN D 166 10.08 -6.89 76.66
C ASN D 166 9.31 -7.98 77.43
N ALA D 167 8.05 -7.70 77.75
CA ALA D 167 7.22 -8.71 78.40
C ALA D 167 6.94 -9.86 77.45
N SER D 168 6.63 -11.02 78.03
CA SER D 168 6.21 -12.16 77.22
C SER D 168 4.81 -11.91 76.66
N LEU D 169 4.43 -12.74 75.68
CA LEU D 169 3.10 -12.61 75.09
C LEU D 169 2.00 -12.79 76.15
N THR D 170 2.10 -13.84 76.95
CA THR D 170 1.11 -14.08 78.00
C THR D 170 1.08 -12.95 79.01
N ASP D 171 2.26 -12.50 79.45
CA ASP D 171 2.33 -11.41 80.43
C ASP D 171 1.72 -10.13 79.86
N ALA D 172 2.13 -9.76 78.65
CA ALA D 172 1.62 -8.54 78.02
C ALA D 172 0.12 -8.62 77.81
N LEU D 173 -0.39 -9.78 77.41
CA LEU D 173 -1.83 -9.96 77.24
C LEU D 173 -2.55 -9.80 78.56
N ARG D 174 -2.02 -10.39 79.64
CA ARG D 174 -2.61 -10.23 80.96
C ARG D 174 -2.65 -8.76 81.36
N ILE D 175 -1.53 -8.06 81.21
CA ILE D 175 -1.49 -6.62 81.50
C ILE D 175 -2.53 -5.88 80.68
N ALA D 176 -2.72 -6.28 79.42
CA ALA D 176 -3.65 -5.59 78.54
C ALA D 176 -5.09 -5.77 79.00
N VAL D 177 -5.51 -7.02 79.25
CA VAL D 177 -6.88 -7.25 79.71
C VAL D 177 -7.11 -6.62 81.08
N ALA D 178 -6.08 -6.63 81.93
CA ALA D 178 -6.19 -5.97 83.23
C ALA D 178 -6.48 -4.48 83.06
N ALA D 179 -5.69 -3.80 82.23
CA ALA D 179 -5.94 -2.38 82.00
C ALA D 179 -7.29 -2.15 81.33
N LEU D 180 -7.71 -3.05 80.45
CA LEU D 180 -9.00 -2.91 79.81
C LEU D 180 -10.15 -3.06 80.80
N ARG D 181 -9.94 -3.81 81.89
CA ARG D 181 -10.96 -3.92 82.92
C ARG D 181 -11.30 -2.56 83.51
N ALA D 182 -10.28 -1.76 83.83
CA ALA D 182 -10.50 -0.47 84.47
C ALA D 182 -11.32 0.48 83.62
N GLY D 183 -11.38 0.26 82.31
CA GLY D 183 -12.22 1.09 81.46
C GLY D 183 -13.69 0.74 81.54
N SER D 184 -14.01 -0.52 81.82
CA SER D 184 -15.39 -0.96 81.95
C SER D 184 -15.79 -1.06 83.41
N LEU D 195 -13.88 -11.05 81.74
CA LEU D 195 -14.39 -11.80 80.58
C LEU D 195 -13.45 -11.63 79.39
N GLY D 196 -13.32 -12.69 78.59
CA GLY D 196 -12.30 -12.71 77.56
C GLY D 196 -12.73 -13.11 76.16
N VAL D 197 -12.63 -14.41 75.86
CA VAL D 197 -12.63 -14.89 74.48
C VAL D 197 -13.88 -14.44 73.73
N ALA D 198 -15.04 -14.49 74.37
CA ALA D 198 -16.27 -14.16 73.67
C ALA D 198 -16.48 -12.66 73.51
N SER D 199 -15.77 -11.84 74.27
CA SER D 199 -15.89 -10.39 74.18
C SER D 199 -14.62 -9.71 73.68
N LEU D 200 -13.61 -10.45 73.25
CA LEU D 200 -12.34 -9.87 72.84
C LEU D 200 -11.99 -10.21 71.40
N GLU D 201 -11.28 -9.28 70.77
CA GLU D 201 -10.59 -9.48 69.51
C GLU D 201 -9.12 -9.21 69.76
N VAL D 202 -8.28 -10.22 69.51
CA VAL D 202 -6.86 -10.17 69.83
C VAL D 202 -6.07 -10.47 68.56
N ALA D 203 -5.07 -9.64 68.29
CA ALA D 203 -4.18 -9.87 67.16
C ALA D 203 -2.78 -9.42 67.55
N VAL D 204 -1.80 -9.83 66.76
CA VAL D 204 -0.41 -9.56 67.06
C VAL D 204 0.36 -9.29 65.78
N LEU D 205 1.28 -8.32 65.85
CA LEU D 205 2.35 -8.15 64.87
C LEU D 205 3.55 -8.93 65.38
N ASP D 206 3.78 -10.09 64.76
CA ASP D 206 4.79 -11.06 65.19
C ASP D 206 6.08 -10.75 64.43
N ALA D 207 7.00 -10.04 65.10
CA ALA D 207 8.25 -9.65 64.47
C ALA D 207 9.11 -10.83 64.06
N ASN D 208 8.80 -12.04 64.53
CA ASN D 208 9.61 -13.22 64.23
C ASN D 208 9.07 -14.01 63.04
N ARG D 209 8.04 -13.51 62.38
CA ARG D 209 7.59 -14.19 61.18
C ARG D 209 8.36 -13.68 59.95
N PRO D 210 8.50 -14.48 58.90
CA PRO D 210 9.35 -14.09 57.77
C PRO D 210 8.83 -12.90 56.97
N ARG D 211 7.56 -12.93 56.57
CA ARG D 211 7.04 -11.84 55.74
C ARG D 211 5.87 -11.12 56.41
N ARG D 212 4.69 -11.72 56.40
CA ARG D 212 3.50 -11.07 56.93
C ARG D 212 3.46 -11.28 58.45
N ALA D 213 3.66 -10.19 59.20
CA ALA D 213 3.78 -10.28 60.65
C ALA D 213 2.42 -10.36 61.34
N PHE D 214 1.36 -9.89 60.69
CA PHE D 214 0.04 -9.88 61.33
C PHE D 214 -0.50 -11.30 61.46
N ARG D 215 -0.95 -11.66 62.65
CA ARG D 215 -1.67 -12.91 62.85
C ARG D 215 -2.63 -12.75 64.01
N ARG D 216 -3.78 -13.39 63.89
CA ARG D 216 -4.86 -13.27 64.86
C ARG D 216 -4.76 -14.38 65.90
N ILE D 217 -5.23 -14.09 67.11
CA ILE D 217 -5.28 -15.07 68.19
C ILE D 217 -6.74 -15.29 68.53
N THR D 218 -7.27 -16.43 68.12
CA THR D 218 -8.71 -16.69 68.17
C THR D 218 -8.98 -18.07 68.75
N GLY D 219 -10.18 -18.20 69.32
CA GLY D 219 -10.70 -19.51 69.72
C GLY D 219 -9.84 -20.19 70.78
N SER D 220 -9.53 -21.46 70.52
CA SER D 220 -8.82 -22.28 71.50
C SER D 220 -7.47 -21.68 71.86
N ALA D 221 -6.74 -21.15 70.87
CA ALA D 221 -5.45 -20.53 71.15
C ALA D 221 -5.61 -19.35 72.10
N LEU D 222 -6.62 -18.50 71.87
CA LEU D 222 -6.83 -17.35 72.74
C LEU D 222 -7.22 -17.81 74.14
N GLN D 223 -8.11 -18.79 74.24
CA GLN D 223 -8.46 -19.34 75.54
C GLN D 223 -7.22 -19.84 76.29
N ALA D 224 -6.30 -20.49 75.56
CA ALA D 224 -5.06 -20.94 76.16
C ALA D 224 -4.22 -19.78 76.68
N LEU D 225 -4.08 -18.71 75.87
CA LEU D 225 -3.30 -17.56 76.30
C LEU D 225 -3.89 -16.89 77.53
N LEU D 226 -5.19 -17.00 77.74
CA LEU D 226 -5.82 -16.40 78.92
C LEU D 226 -5.59 -17.33 80.11
N VAL D 227 -6.26 -17.05 81.23
CA VAL D 227 -6.11 -17.89 82.41
C VAL D 227 -6.98 -19.14 82.29
N MET E 1 -18.12 39.00 57.45
CA MET E 1 -16.93 39.42 56.71
C MET E 1 -15.79 39.71 57.67
N GLU E 2 -15.76 40.91 58.23
CA GLU E 2 -14.71 41.28 59.18
C GLU E 2 -14.70 40.36 60.39
N GLN E 3 -15.89 39.91 60.84
CA GLN E 3 -15.92 39.01 61.97
C GLN E 3 -15.51 37.60 61.60
N ALA E 4 -15.84 37.16 60.37
CA ALA E 4 -15.32 35.88 59.91
C ALA E 4 -13.79 35.89 59.88
N MET E 5 -13.20 36.97 59.35
CA MET E 5 -11.74 37.06 59.31
C MET E 5 -11.14 37.21 60.71
N ARG E 6 -11.84 37.88 61.62
CA ARG E 6 -11.33 37.98 62.99
C ARG E 6 -11.36 36.62 63.67
N GLU E 7 -12.42 35.84 63.43
CA GLU E 7 -12.51 34.50 63.99
C GLU E 7 -11.44 33.59 63.40
N ARG E 8 -11.22 33.66 62.08
CA ARG E 8 -10.15 32.89 61.47
C ARG E 8 -8.79 33.27 62.05
N SER E 9 -8.49 34.57 62.07
CA SER E 9 -7.20 35.03 62.59
C SER E 9 -7.01 34.57 64.04
N GLU E 10 -8.07 34.60 64.84
CA GLU E 10 -7.93 34.18 66.23
C GLU E 10 -7.74 32.68 66.33
N LEU E 11 -8.51 31.89 65.56
CA LEU E 11 -8.31 30.44 65.55
C LEU E 11 -6.87 30.09 65.22
N ALA E 12 -6.33 30.69 64.17
CA ALA E 12 -4.95 30.41 63.78
C ALA E 12 -3.97 30.82 64.87
N ARG E 13 -4.14 32.02 65.41
CA ARG E 13 -3.22 32.50 66.44
C ARG E 13 -3.23 31.60 67.67
N LYS E 14 -4.41 31.16 68.09
CA LYS E 14 -4.50 30.27 69.25
C LYS E 14 -3.86 28.92 68.96
N GLY E 15 -4.15 28.36 67.78
CA GLY E 15 -3.52 27.10 67.40
C GLY E 15 -2.00 27.16 67.40
N ILE E 16 -1.44 28.25 66.85
CA ILE E 16 0.02 28.37 66.80
C ILE E 16 0.60 28.60 68.18
N ALA E 17 -0.06 29.44 69.00
CA ALA E 17 0.47 29.74 70.32
C ALA E 17 0.48 28.51 71.23
N ARG E 18 -0.30 27.48 70.90
CA ARG E 18 -0.43 26.28 71.71
C ARG E 18 0.63 25.23 71.39
N ALA E 19 1.31 25.33 70.25
CA ALA E 19 2.24 24.33 69.78
C ALA E 19 3.66 24.58 70.31
N LYS E 20 4.51 23.58 70.14
CA LYS E 20 5.90 23.66 70.58
C LYS E 20 6.64 24.72 69.76
N SER E 21 7.79 25.14 70.26
CA SER E 21 8.52 26.26 69.66
C SER E 21 9.67 25.78 68.80
N VAL E 22 10.01 26.59 67.80
CA VAL E 22 11.08 26.34 66.86
C VAL E 22 11.88 27.64 66.70
N VAL E 23 13.19 27.50 66.58
CA VAL E 23 14.09 28.64 66.41
C VAL E 23 15.05 28.33 65.27
N ALA E 24 15.33 29.35 64.45
CA ALA E 24 16.31 29.25 63.37
C ALA E 24 17.19 30.49 63.41
N LEU E 25 18.50 30.30 63.53
CA LEU E 25 19.41 31.44 63.64
C LEU E 25 20.65 31.19 62.82
N ALA E 26 21.18 32.27 62.25
CA ALA E 26 22.35 32.19 61.38
C ALA E 26 23.64 32.15 62.19
N TYR E 27 24.55 31.25 61.80
CA TYR E 27 25.85 31.15 62.44
C TYR E 27 26.93 31.09 61.37
N ALA E 28 28.19 31.05 61.82
CA ALA E 28 29.32 31.19 60.92
C ALA E 28 29.34 30.14 59.81
N GLY E 29 28.81 28.96 60.08
CA GLY E 29 28.79 27.87 59.12
C GLY E 29 27.51 27.73 58.32
N GLY E 30 26.56 28.65 58.48
CA GLY E 30 25.31 28.56 57.74
C GLY E 30 24.11 28.94 58.58
N VAL E 31 23.11 28.06 58.64
CA VAL E 31 21.90 28.33 59.41
C VAL E 31 21.62 27.15 60.32
N LEU E 32 21.16 27.42 61.53
CA LEU E 32 20.87 26.38 62.51
C LEU E 32 19.38 26.35 62.82
N PHE E 33 18.81 25.15 62.76
CA PHE E 33 17.42 24.88 63.12
C PHE E 33 17.40 24.04 64.39
N VAL E 34 16.72 24.56 65.42
CA VAL E 34 16.51 23.83 66.66
C VAL E 34 15.02 23.88 66.97
N ALA E 35 14.41 22.72 67.21
CA ALA E 35 12.98 22.64 67.46
C ALA E 35 12.70 21.69 68.62
N GLU E 36 11.84 22.12 69.53
CA GLU E 36 11.37 21.25 70.60
C GLU E 36 10.49 20.16 70.00
N ASN E 37 10.97 18.92 70.04
CA ASN E 37 10.24 17.84 69.40
C ASN E 37 10.46 16.53 70.14
N PRO E 38 9.48 16.05 70.89
CA PRO E 38 9.63 14.75 71.58
C PRO E 38 9.57 13.56 70.63
N SER E 39 9.01 13.72 69.44
CA SER E 39 8.81 12.58 68.54
C SER E 39 10.15 11.98 68.12
N ARG E 40 10.07 10.75 67.59
CA ARG E 40 11.23 10.03 67.14
C ARG E 40 11.35 9.98 65.62
N SER E 41 10.29 10.29 64.89
CA SER E 41 10.30 10.11 63.45
C SER E 41 9.46 11.15 62.72
N LEU E 42 8.69 11.95 63.48
CA LEU E 42 7.87 13.02 62.93
C LEU E 42 8.64 14.31 63.06
N GLN E 43 8.88 14.99 61.93
CA GLN E 43 9.89 16.04 61.86
C GLN E 43 9.26 17.39 61.55
N LYS E 44 9.66 18.42 62.30
CA LYS E 44 9.25 19.79 62.06
C LYS E 44 10.22 20.56 61.16
N ILE E 45 11.42 20.01 60.93
CA ILE E 45 12.43 20.65 60.09
C ILE E 45 12.76 19.74 58.93
N SER E 46 12.96 20.32 57.75
CA SER E 46 13.14 19.54 56.55
C SER E 46 13.99 20.29 55.54
N GLU E 47 14.56 19.53 54.61
CA GLU E 47 15.24 20.11 53.45
C GLU E 47 14.22 20.50 52.39
N LEU E 48 14.41 21.67 51.80
CA LEU E 48 13.61 22.09 50.65
C LEU E 48 14.39 21.90 49.35
N TYR E 49 15.56 22.51 49.25
CA TYR E 49 16.40 22.37 48.07
C TYR E 49 17.85 22.42 48.51
N ASP E 50 18.76 22.32 47.53
CA ASP E 50 20.20 22.23 47.77
C ASP E 50 20.66 23.11 48.93
N ARG E 51 20.33 24.40 48.88
CA ARG E 51 20.75 25.35 49.89
C ARG E 51 19.57 25.97 50.64
N VAL E 52 18.40 25.34 50.60
CA VAL E 52 17.19 25.92 51.18
C VAL E 52 16.58 24.93 52.17
N GLY E 53 16.35 25.39 53.40
CA GLY E 53 15.73 24.59 54.44
C GLY E 53 14.42 25.20 54.92
N PHE E 54 13.66 24.37 55.65
CA PHE E 54 12.27 24.63 55.99
C PHE E 54 12.04 24.23 57.44
N ALA E 55 11.37 25.12 58.19
CA ALA E 55 11.00 24.81 59.57
C ALA E 55 9.58 25.32 59.80
N ALA E 56 8.84 24.61 60.64
CA ALA E 56 7.43 24.95 60.82
C ALA E 56 7.00 24.69 62.25
N ALA E 57 5.96 25.42 62.67
CA ALA E 57 5.32 25.22 63.97
C ALA E 57 3.82 25.21 63.79
N GLY E 58 3.14 24.33 64.53
CA GLY E 58 1.70 24.26 64.48
C GLY E 58 1.15 22.85 64.31
N LYS E 59 0.05 22.72 63.57
CA LYS E 59 -0.56 21.42 63.33
C LYS E 59 0.26 20.64 62.31
N PHE E 60 0.60 19.39 62.65
CA PHE E 60 1.57 18.65 61.85
C PHE E 60 1.08 18.46 60.42
N ASN E 61 -0.13 17.90 60.26
CA ASN E 61 -0.61 17.59 58.92
C ASN E 61 -0.64 18.81 58.02
N GLU E 62 -0.89 20.00 58.59
CA GLU E 62 -1.00 21.20 57.79
C GLU E 62 0.37 21.71 57.33
N PHE E 63 1.31 21.89 58.27
CA PHE E 63 2.62 22.35 57.84
C PHE E 63 3.40 21.27 57.09
N ASP E 64 3.00 20.01 57.24
CA ASP E 64 3.58 18.94 56.43
C ASP E 64 3.03 18.99 55.01
N ASN E 65 1.72 19.22 54.87
CA ASN E 65 1.16 19.51 53.55
C ASN E 65 1.94 20.63 52.88
N LEU E 66 2.16 21.73 53.62
CA LEU E 66 2.91 22.85 53.06
C LEU E 66 4.35 22.47 52.74
N ARG E 67 4.95 21.63 53.58
CA ARG E 67 6.32 21.17 53.33
C ARG E 67 6.41 20.43 52.02
N ARG E 68 5.53 19.44 51.83
CA ARG E 68 5.52 18.66 50.60
C ARG E 68 5.24 19.53 49.39
N GLY E 69 4.28 20.45 49.50
CA GLY E 69 4.02 21.36 48.40
C GLY E 69 5.22 22.22 48.04
N GLY E 70 5.96 22.66 49.05
CA GLY E 70 7.17 23.43 48.79
C GLY E 70 8.23 22.61 48.09
N ILE E 71 8.41 21.36 48.54
CA ILE E 71 9.35 20.47 47.85
C ILE E 71 8.95 20.28 46.40
N GLN E 72 7.65 20.09 46.15
CA GLN E 72 7.15 19.97 44.78
C GLN E 72 7.51 21.20 43.96
N PHE E 73 7.24 22.39 44.51
CA PHE E 73 7.54 23.63 43.78
C PHE E 73 9.03 23.73 43.46
N ALA E 74 9.88 23.48 44.45
CA ALA E 74 11.32 23.63 44.24
C ALA E 74 11.85 22.65 43.19
N ASP E 75 11.51 21.37 43.35
CA ASP E 75 11.99 20.38 42.39
C ASP E 75 11.47 20.68 40.99
N THR E 76 10.20 21.08 40.88
CA THR E 76 9.63 21.39 39.57
C THR E 76 10.34 22.59 38.93
N ARG E 77 10.58 23.64 39.70
CA ARG E 77 11.26 24.80 39.13
C ARG E 77 12.68 24.44 38.72
N GLY E 78 13.39 23.67 39.55
CA GLY E 78 14.75 23.29 39.21
C GLY E 78 14.82 22.43 37.97
N TYR E 79 13.81 21.57 37.76
CA TYR E 79 13.78 20.77 36.54
C TYR E 79 13.46 21.63 35.33
N ALA E 80 12.46 22.52 35.45
CA ALA E 80 12.05 23.33 34.32
C ALA E 80 13.15 24.30 33.90
N TYR E 81 13.92 24.81 34.85
CA TYR E 81 14.99 25.75 34.56
C TYR E 81 16.36 25.18 34.93
N ASP E 82 16.77 25.34 36.18
CA ASP E 82 18.06 24.82 36.64
C ASP E 82 18.10 24.87 38.15
N ARG E 83 18.96 24.04 38.73
CA ARG E 83 19.03 23.91 40.17
C ARG E 83 19.45 25.23 40.82
N ARG E 84 20.26 26.01 40.11
CA ARG E 84 20.75 27.28 40.63
C ARG E 84 19.70 28.38 40.60
N ASP E 85 18.63 28.21 39.82
CA ASP E 85 17.58 29.23 39.75
C ASP E 85 16.59 29.16 40.90
N VAL E 86 16.64 28.10 41.71
CA VAL E 86 15.77 27.98 42.88
C VAL E 86 16.40 28.75 44.03
N THR E 87 15.66 29.71 44.60
CA THR E 87 16.18 30.58 45.64
C THR E 87 15.26 30.54 46.86
N GLY E 88 15.79 30.99 47.99
CA GLY E 88 14.99 31.05 49.21
C GLY E 88 13.83 32.02 49.11
N ARG E 89 14.12 33.25 48.65
CA ARG E 89 13.05 34.23 48.42
C ARG E 89 11.92 33.63 47.59
N GLN E 90 12.27 32.77 46.64
CA GLN E 90 11.27 32.19 45.74
C GLN E 90 10.28 31.32 46.52
N LEU E 91 10.81 30.36 47.28
CA LEU E 91 9.96 29.49 48.09
C LEU E 91 9.17 30.29 49.12
N ALA E 92 9.80 31.27 49.76
CA ALA E 92 9.08 32.12 50.70
C ALA E 92 7.91 32.83 50.03
N ASN E 93 8.12 33.34 48.82
CA ASN E 93 7.05 34.01 48.08
C ASN E 93 5.89 33.06 47.82
N VAL E 94 6.20 31.84 47.35
CA VAL E 94 5.14 30.89 47.06
C VAL E 94 4.40 30.50 48.34
N TYR E 95 5.11 30.41 49.46
CA TYR E 95 4.45 30.12 50.72
C TYR E 95 3.54 31.25 51.16
N ALA E 96 3.96 32.50 50.93
CA ALA E 96 3.09 33.64 51.24
C ALA E 96 1.80 33.58 50.43
N GLN E 97 1.92 33.34 49.12
CA GLN E 97 0.72 33.20 48.28
C GLN E 97 -0.17 32.06 48.77
N THR E 98 0.42 30.90 48.99
CA THR E 98 -0.35 29.71 49.36
C THR E 98 -1.08 29.91 50.68
N LEU E 99 -0.35 30.38 51.70
CA LEU E 99 -0.97 30.61 53.00
C LEU E 99 -2.01 31.72 52.95
N GLY E 100 -1.84 32.71 52.08
CA GLY E 100 -2.90 33.68 51.87
C GLY E 100 -4.17 33.03 51.37
N THR E 101 -4.05 32.22 50.31
CA THR E 101 -5.24 31.54 49.78
C THR E 101 -5.86 30.61 50.82
N ILE E 102 -5.03 29.85 51.53
CA ILE E 102 -5.55 28.96 52.57
C ILE E 102 -6.32 29.75 53.62
N PHE E 103 -5.74 30.85 54.09
CA PHE E 103 -6.37 31.65 55.13
C PHE E 103 -7.70 32.23 54.67
N THR E 104 -7.79 32.62 53.40
CA THR E 104 -8.99 33.31 52.93
C THR E 104 -10.08 32.37 52.43
N GLU E 105 -9.75 31.22 51.83
CA GLU E 105 -10.73 30.44 51.09
C GLU E 105 -10.97 29.02 51.60
N GLN E 106 -10.05 28.45 52.36
CA GLN E 106 -10.26 27.08 52.82
C GLN E 106 -11.26 27.07 53.98
N ALA E 107 -11.83 25.88 54.22
CA ALA E 107 -12.83 25.72 55.27
C ALA E 107 -12.32 26.22 56.62
N LYS E 108 -11.08 25.86 56.97
CA LYS E 108 -10.45 26.33 58.19
C LYS E 108 -9.03 26.79 57.87
N PRO E 109 -8.61 27.94 58.38
CA PRO E 109 -7.24 28.40 58.13
C PRO E 109 -6.22 27.43 58.72
N TYR E 110 -5.00 27.50 58.18
CA TYR E 110 -3.93 26.65 58.65
C TYR E 110 -3.29 27.22 59.91
N GLU E 111 -3.23 26.42 60.97
CA GLU E 111 -2.57 26.82 62.22
C GLU E 111 -1.08 26.51 62.12
N VAL E 112 -0.39 27.26 61.26
CA VAL E 112 1.01 27.00 60.95
C VAL E 112 1.79 28.31 60.89
N GLU E 113 3.10 28.19 61.11
CA GLU E 113 4.05 29.27 60.90
C GLU E 113 5.31 28.68 60.30
N LEU E 114 5.83 29.32 59.26
CA LEU E 114 6.88 28.75 58.43
C LEU E 114 8.11 29.64 58.42
N CYS E 115 9.28 29.00 58.28
CA CYS E 115 10.55 29.67 58.09
C CYS E 115 11.28 28.99 56.94
N VAL E 116 11.68 29.78 55.95
CA VAL E 116 12.47 29.32 54.82
C VAL E 116 13.83 29.98 54.92
N ALA E 117 14.89 29.18 54.96
CA ALA E 117 16.25 29.66 55.14
C ALA E 117 17.11 29.29 53.94
N GLU E 118 18.01 30.17 53.56
CA GLU E 118 18.91 29.91 52.44
C GLU E 118 20.32 30.31 52.81
N VAL E 119 21.27 29.42 52.53
CA VAL E 119 22.68 29.71 52.70
C VAL E 119 23.32 29.78 51.31
N ALA E 120 24.54 30.31 51.26
CA ALA E 120 25.24 30.49 50.00
C ALA E 120 25.64 29.15 49.39
N HIS E 121 25.89 29.19 48.08
CA HIS E 121 26.44 28.03 47.39
C HIS E 121 27.92 27.87 47.75
N TYR E 122 28.42 26.65 47.56
CA TYR E 122 29.79 26.32 47.93
C TYR E 122 30.80 27.28 47.30
N GLY E 123 31.64 27.87 48.15
CA GLY E 123 32.67 28.77 47.72
C GLY E 123 32.28 30.23 47.62
N GLU E 124 30.99 30.53 47.57
CA GLU E 124 30.55 31.91 47.48
C GLU E 124 30.43 32.52 48.88
N THR E 125 30.19 33.84 48.91
CA THR E 125 30.13 34.58 50.17
C THR E 125 28.93 35.53 50.10
N LYS E 126 27.81 35.10 50.67
CA LYS E 126 26.67 35.96 50.91
C LYS E 126 26.04 35.57 52.24
N ARG E 127 25.58 36.57 53.00
CA ARG E 127 25.06 36.30 54.33
C ARG E 127 23.78 35.47 54.25
N PRO E 128 23.57 34.54 55.19
CA PRO E 128 22.36 33.71 55.15
C PRO E 128 21.08 34.53 55.12
N GLU E 129 19.99 33.92 54.64
CA GLU E 129 18.70 34.59 54.54
C GLU E 129 17.65 33.80 55.31
N LEU E 130 16.86 34.51 56.10
CA LEU E 130 15.76 33.94 56.86
C LEU E 130 14.46 34.62 56.48
N TYR E 131 13.45 33.83 56.14
CA TYR E 131 12.12 34.32 55.81
C TYR E 131 11.11 33.64 56.73
N ARG E 132 10.16 34.41 57.22
CA ARG E 132 9.13 33.89 58.11
C ARG E 132 7.77 34.24 57.54
N ILE E 133 6.95 33.23 57.31
CA ILE E 133 5.61 33.38 56.74
C ILE E 133 4.59 32.92 57.78
N THR E 134 3.59 33.76 58.04
CA THR E 134 2.60 33.50 59.06
C THR E 134 1.30 33.01 58.43
N TYR E 135 0.35 32.64 59.29
CA TYR E 135 -0.83 31.89 58.85
C TYR E 135 -1.68 32.62 57.82
N ASP E 136 -1.54 33.93 57.69
CA ASP E 136 -2.37 34.68 56.76
C ASP E 136 -1.61 35.12 55.51
N GLY E 137 -0.41 34.58 55.29
CA GLY E 137 0.40 34.96 54.15
C GLY E 137 1.33 36.13 54.39
N SER E 138 1.38 36.67 55.60
CA SER E 138 2.33 37.73 55.91
C SER E 138 3.74 37.16 55.88
N ILE E 139 4.66 37.90 55.28
CA ILE E 139 6.03 37.44 55.06
C ILE E 139 7.00 38.47 55.62
N ALA E 140 8.01 38.01 56.34
CA ALA E 140 9.04 38.90 56.85
C ALA E 140 10.42 38.25 56.73
N ASP E 141 11.42 39.09 56.49
CA ASP E 141 12.79 38.62 56.28
C ASP E 141 13.81 39.21 57.25
N GLU E 142 13.70 38.87 58.57
CA GLU E 142 14.75 39.55 59.34
C GLU E 142 15.99 38.66 59.41
N PRO E 143 17.20 39.28 59.52
CA PRO E 143 18.44 38.57 59.14
C PRO E 143 19.14 37.72 60.18
N HIS E 144 18.87 37.88 61.47
CA HIS E 144 19.66 37.18 62.48
C HIS E 144 18.99 35.91 63.00
N PHE E 145 17.72 36.00 63.41
CA PHE E 145 17.05 34.84 63.97
C PHE E 145 15.55 34.93 63.72
N VAL E 146 14.91 33.78 63.80
CA VAL E 146 13.46 33.63 63.63
C VAL E 146 12.96 32.68 64.72
N VAL E 147 11.86 33.06 65.35
CA VAL E 147 11.21 32.26 66.38
C VAL E 147 9.76 32.03 65.97
N MET E 148 9.30 30.79 66.07
CA MET E 148 7.93 30.44 65.67
C MET E 148 7.34 29.46 66.68
N GLY E 149 6.05 29.59 66.93
CA GLY E 149 5.35 28.60 67.73
C GLY E 149 5.46 28.81 69.21
N GLY E 150 4.40 28.45 69.94
CA GLY E 150 4.38 28.62 71.38
C GLY E 150 4.39 30.08 71.79
N THR E 151 4.95 30.32 72.98
CA THR E 151 5.09 31.67 73.52
C THR E 151 6.41 32.23 73.01
N THR E 152 6.34 33.11 72.01
CA THR E 152 7.54 33.54 71.32
C THR E 152 8.29 34.62 72.09
N GLU E 153 7.57 35.56 72.71
CA GLU E 153 8.19 36.69 73.41
C GLU E 153 9.40 36.33 74.27
N PRO E 154 9.33 35.34 75.18
CA PRO E 154 10.53 35.05 75.99
C PRO E 154 11.70 34.54 75.17
N ILE E 155 11.43 33.72 74.14
CA ILE E 155 12.49 33.19 73.31
C ILE E 155 13.12 34.30 72.48
N ALA E 156 12.29 35.17 71.90
CA ALA E 156 12.78 36.30 71.11
C ALA E 156 13.65 37.22 71.95
N ASN E 157 13.22 37.52 73.18
CA ASN E 157 14.04 38.35 74.06
C ASN E 157 15.34 37.64 74.43
N ALA E 158 15.25 36.37 74.84
CA ALA E 158 16.44 35.58 75.16
C ALA E 158 17.44 35.61 74.03
N LEU E 159 16.99 35.47 72.78
CA LEU E 159 17.89 35.54 71.64
C LEU E 159 18.44 36.95 71.47
N LYS E 160 17.58 37.96 71.50
CA LYS E 160 18.01 39.33 71.32
C LYS E 160 19.05 39.75 72.36
N GLU E 161 19.09 39.08 73.51
CA GLU E 161 20.10 39.38 74.51
C GLU E 161 21.37 38.57 74.32
N SER E 162 21.26 37.32 73.87
CA SER E 162 22.39 36.40 73.88
C SER E 162 22.90 36.03 72.49
N TYR E 163 22.43 36.69 71.44
CA TYR E 163 22.81 36.32 70.09
C TYR E 163 24.06 37.07 69.65
N ALA E 164 24.94 36.37 68.94
CA ALA E 164 26.14 36.98 68.38
C ALA E 164 26.33 36.47 66.95
N GLU E 165 26.62 37.39 66.05
CA GLU E 165 26.88 37.02 64.66
C GLU E 165 28.11 36.12 64.57
N ASN E 166 28.07 35.19 63.61
CA ASN E 166 29.20 34.31 63.30
C ASN E 166 29.63 33.47 64.49
N ALA E 167 28.68 33.05 65.31
CA ALA E 167 28.98 32.14 66.41
C ALA E 167 29.38 30.77 65.86
N SER E 168 30.09 30.01 66.69
CA SER E 168 30.39 28.63 66.34
C SER E 168 29.13 27.78 66.41
N LEU E 169 29.21 26.57 65.86
CA LEU E 169 28.08 25.65 65.92
C LEU E 169 27.66 25.40 67.37
N THR E 170 28.64 25.09 68.23
CA THR E 170 28.36 24.84 69.64
C THR E 170 27.73 26.07 70.30
N ASP E 171 28.30 27.25 70.04
CA ASP E 171 27.77 28.47 70.65
C ASP E 171 26.33 28.71 70.23
N ALA E 172 26.07 28.67 68.92
CA ALA E 172 24.73 28.92 68.40
C ALA E 172 23.73 27.89 68.93
N LEU E 173 24.13 26.63 68.99
CA LEU E 173 23.24 25.59 69.51
C LEU E 173 22.92 25.85 70.98
N ARG E 174 23.94 26.14 71.79
CA ARG E 174 23.71 26.42 73.21
C ARG E 174 22.78 27.61 73.40
N ILE E 175 23.02 28.70 72.65
CA ILE E 175 22.16 29.87 72.73
C ILE E 175 20.72 29.51 72.36
N ALA E 176 20.56 28.66 71.34
CA ALA E 176 19.23 28.29 70.88
C ALA E 176 18.47 27.47 71.92
N VAL E 177 19.12 26.44 72.47
CA VAL E 177 18.45 25.64 73.50
C VAL E 177 18.16 26.49 74.74
N ALA E 178 19.05 27.43 75.06
CA ALA E 178 18.77 28.33 76.17
C ALA E 178 17.50 29.14 75.92
N ALA E 179 17.42 29.77 74.74
CA ALA E 179 16.24 30.57 74.43
C ALA E 179 14.96 29.74 74.35
N LEU E 180 15.06 28.49 73.88
CA LEU E 180 13.89 27.62 73.82
C LEU E 180 13.40 27.29 75.23
N ARG E 181 14.32 26.93 76.12
CA ARG E 181 13.97 26.57 77.50
C ARG E 181 13.20 27.66 78.21
N ALA E 182 13.29 28.92 77.76
CA ALA E 182 12.52 29.99 78.36
C ALA E 182 11.10 30.04 77.79
N GLY E 183 10.52 28.88 77.48
CA GLY E 183 9.19 28.85 76.91
C GLY E 183 8.44 27.54 77.10
N THR E 194 15.36 21.76 80.65
CA THR E 194 15.70 20.34 80.68
C THR E 194 15.43 19.69 79.33
N LEU E 195 15.79 20.39 78.25
CA LEU E 195 15.69 19.87 76.90
C LEU E 195 17.00 19.22 76.50
N GLY E 196 16.92 17.99 76.00
CA GLY E 196 18.11 17.27 75.59
C GLY E 196 17.98 16.64 74.22
N VAL E 197 18.89 15.71 73.90
CA VAL E 197 18.85 15.04 72.60
C VAL E 197 17.53 14.30 72.41
N ALA E 198 16.93 13.80 73.49
CA ALA E 198 15.70 13.05 73.37
C ALA E 198 14.47 13.93 73.18
N SER E 199 14.56 15.22 73.49
CA SER E 199 13.44 16.14 73.29
C SER E 199 13.73 17.22 72.26
N LEU E 200 14.83 17.13 71.53
CA LEU E 200 15.21 18.15 70.55
C LEU E 200 15.34 17.54 69.16
N GLU E 201 15.03 18.37 68.16
CA GLU E 201 15.30 18.10 66.75
C GLU E 201 16.21 19.19 66.23
N VAL E 202 17.40 18.82 65.78
CA VAL E 202 18.42 19.78 65.38
C VAL E 202 18.87 19.46 63.97
N ALA E 203 18.95 20.50 63.12
CA ALA E 203 19.46 20.34 61.78
C ALA E 203 20.20 21.62 61.40
N VAL E 204 20.99 21.55 60.34
CA VAL E 204 21.82 22.67 59.94
C VAL E 204 21.88 22.75 58.42
N LEU E 205 21.82 23.97 57.90
CA LEU E 205 22.20 24.28 56.52
C LEU E 205 23.68 24.67 56.55
N ASP E 206 24.52 23.73 56.10
CA ASP E 206 25.97 23.82 56.19
C ASP E 206 26.52 24.46 54.92
N ALA E 207 26.90 25.73 55.00
CA ALA E 207 27.44 26.45 53.84
C ALA E 207 28.71 25.81 53.31
N ASN E 208 29.31 24.87 54.03
CA ASN E 208 30.56 24.26 53.64
C ASN E 208 30.36 22.95 52.88
N ARG E 209 29.15 22.39 52.90
CA ARG E 209 28.88 21.21 52.10
C ARG E 209 28.89 21.57 50.61
N PRO E 210 29.34 20.65 49.75
CA PRO E 210 29.47 20.95 48.32
C PRO E 210 28.14 21.10 47.60
N ARG E 211 27.20 20.19 47.84
CA ARG E 211 25.93 20.19 47.12
C ARG E 211 24.74 20.41 48.04
N ARG E 212 24.33 19.36 48.76
CA ARG E 212 23.16 19.41 49.62
C ARG E 212 23.58 19.95 50.99
N ALA E 213 23.12 21.17 51.32
CA ALA E 213 23.56 21.82 52.54
C ALA E 213 22.85 21.32 53.79
N PHE E 214 21.67 20.72 53.63
CA PHE E 214 20.91 20.25 54.78
C PHE E 214 21.57 19.03 55.38
N ARG E 215 21.69 19.01 56.71
CA ARG E 215 22.20 17.82 57.40
C ARG E 215 21.68 17.83 58.83
N ARG E 216 21.23 16.67 59.31
CA ARG E 216 20.64 16.54 60.63
C ARG E 216 21.70 16.22 61.67
N ILE E 217 21.46 16.65 62.90
CA ILE E 217 22.33 16.39 64.04
C ILE E 217 21.55 15.58 65.04
N THR E 218 21.87 14.29 65.15
CA THR E 218 21.09 13.34 65.94
C THR E 218 22.01 12.51 66.81
N GLY E 219 21.44 12.01 67.91
CA GLY E 219 22.12 11.01 68.74
C GLY E 219 23.45 11.48 69.30
N SER E 220 24.47 10.64 69.12
CA SER E 220 25.77 10.86 69.75
C SER E 220 26.39 12.19 69.33
N ALA E 221 26.29 12.53 68.04
CA ALA E 221 26.84 13.81 67.58
C ALA E 221 26.16 14.98 68.26
N LEU E 222 24.83 14.93 68.38
CA LEU E 222 24.11 16.03 69.03
C LEU E 222 24.48 16.10 70.51
N GLN E 223 24.56 14.95 71.18
CA GLN E 223 25.02 14.92 72.57
C GLN E 223 26.39 15.58 72.71
N ALA E 224 27.30 15.30 71.77
CA ALA E 224 28.61 15.93 71.78
C ALA E 224 28.49 17.45 71.63
N LEU E 225 27.67 17.92 70.68
CA LEU E 225 27.50 19.35 70.48
C LEU E 225 26.88 20.04 71.70
N LEU E 226 26.10 19.32 72.50
CA LEU E 226 25.44 19.97 73.63
C LEU E 226 26.40 20.16 74.81
N VAL E 227 27.07 19.09 75.23
CA VAL E 227 27.97 19.17 76.37
C VAL E 227 29.32 19.73 75.96
N MET F 1 -26.64 43.06 51.53
CA MET F 1 -26.16 43.53 50.24
C MET F 1 -25.36 44.84 50.37
N GLU F 2 -26.07 45.93 50.65
CA GLU F 2 -25.43 47.24 50.70
C GLU F 2 -24.44 47.33 51.87
N GLN F 3 -24.76 46.69 52.99
CA GLN F 3 -23.87 46.75 54.14
C GLN F 3 -22.65 45.84 53.95
N ALA F 4 -22.84 44.67 53.35
CA ALA F 4 -21.73 43.78 53.06
C ALA F 4 -20.63 44.49 52.29
N MET F 5 -21.00 45.30 51.30
CA MET F 5 -20.01 46.04 50.52
C MET F 5 -19.31 47.09 51.38
N ARG F 6 -20.01 47.63 52.39
CA ARG F 6 -19.35 48.57 53.30
C ARG F 6 -18.38 47.86 54.22
N GLU F 7 -18.68 46.62 54.61
CA GLU F 7 -17.74 45.84 55.40
C GLU F 7 -16.50 45.49 54.58
N ARG F 8 -16.70 45.06 53.33
CA ARG F 8 -15.56 44.77 52.46
C ARG F 8 -14.70 46.02 52.25
N SER F 9 -15.33 47.13 51.86
CA SER F 9 -14.61 48.38 51.67
C SER F 9 -13.87 48.79 52.93
N GLU F 10 -14.46 48.54 54.09
CA GLU F 10 -13.84 48.94 55.35
C GLU F 10 -12.62 48.07 55.65
N LEU F 11 -12.75 46.75 55.50
CA LEU F 11 -11.61 45.85 55.69
C LEU F 11 -10.46 46.26 54.77
N ALA F 12 -10.76 46.48 53.49
CA ALA F 12 -9.71 46.85 52.54
C ALA F 12 -9.07 48.19 52.92
N ARG F 13 -9.90 49.19 53.24
CA ARG F 13 -9.39 50.52 53.56
C ARG F 13 -8.46 50.47 54.78
N LYS F 14 -8.91 49.82 55.86
CA LYS F 14 -8.05 49.71 57.04
C LYS F 14 -6.76 48.97 56.72
N GLY F 15 -6.88 47.86 55.97
CA GLY F 15 -5.69 47.12 55.58
C GLY F 15 -4.67 47.97 54.86
N ILE F 16 -5.14 48.82 53.95
CA ILE F 16 -4.21 49.69 53.23
C ILE F 16 -3.63 50.75 54.17
N ALA F 17 -4.47 51.29 55.07
CA ALA F 17 -3.99 52.32 55.99
C ALA F 17 -2.94 51.78 56.96
N ARG F 18 -2.89 50.46 57.18
CA ARG F 18 -1.87 49.92 58.08
C ARG F 18 -0.47 49.93 57.47
N ALA F 19 -0.35 49.74 56.16
CA ALA F 19 0.93 49.50 55.53
C ALA F 19 1.65 50.80 55.19
N LYS F 20 2.94 50.69 54.87
CA LYS F 20 3.76 51.84 54.53
C LYS F 20 3.29 52.47 53.22
N SER F 21 3.71 53.71 53.01
CA SER F 21 3.24 54.53 51.90
C SER F 21 4.25 54.56 50.76
N VAL F 22 3.72 54.83 49.56
CA VAL F 22 4.47 54.88 48.30
C VAL F 22 4.08 56.14 47.56
N VAL F 23 5.05 56.73 46.88
CA VAL F 23 4.84 57.92 46.06
C VAL F 23 5.43 57.69 44.69
N ALA F 24 4.73 58.17 43.67
CA ALA F 24 5.17 58.12 42.28
C ALA F 24 5.01 59.51 41.72
N LEU F 25 6.09 60.07 41.19
CA LEU F 25 6.08 61.47 40.81
C LEU F 25 6.75 61.65 39.46
N ALA F 26 6.17 62.51 38.63
CA ALA F 26 6.73 62.77 37.30
C ALA F 26 7.82 63.81 37.37
N TYR F 27 8.96 63.54 36.74
CA TYR F 27 10.05 64.50 36.72
C TYR F 27 10.61 64.61 35.31
N ALA F 28 11.59 65.50 35.14
CA ALA F 28 12.09 65.84 33.81
C ALA F 28 12.61 64.63 33.06
N GLY F 29 13.14 63.64 33.77
CA GLY F 29 13.68 62.45 33.15
C GLY F 29 12.74 61.27 33.07
N GLY F 30 11.49 61.42 33.48
CA GLY F 30 10.56 60.31 33.43
C GLY F 30 9.66 60.22 34.65
N VAL F 31 9.66 59.06 35.31
CA VAL F 31 8.84 58.86 36.51
C VAL F 31 9.71 58.30 37.62
N LEU F 32 9.47 58.78 38.84
CA LEU F 32 10.22 58.37 40.02
C LEU F 32 9.29 57.63 40.98
N PHE F 33 9.74 56.47 41.44
CA PHE F 33 9.05 55.66 42.43
C PHE F 33 9.87 55.66 43.71
N VAL F 34 9.27 56.11 44.81
CA VAL F 34 9.89 56.06 46.12
C VAL F 34 8.92 55.40 47.09
N ALA F 35 9.37 54.36 47.79
CA ALA F 35 8.50 53.63 48.69
C ALA F 35 9.23 53.30 49.98
N GLU F 36 8.53 53.48 51.10
CA GLU F 36 9.06 53.05 52.40
C GLU F 36 9.15 51.53 52.40
N ASN F 37 10.37 51.01 52.46
CA ASN F 37 10.58 49.56 52.43
C ASN F 37 11.82 49.20 53.21
N PRO F 38 11.67 48.66 54.42
CA PRO F 38 12.84 48.20 55.18
C PRO F 38 13.41 46.88 54.66
N SER F 39 12.62 46.10 53.92
CA SER F 39 13.04 44.77 53.50
C SER F 39 14.22 44.83 52.56
N ARG F 40 14.99 43.74 52.55
CA ARG F 40 16.15 43.61 51.68
C ARG F 40 15.82 42.98 50.35
N SER F 41 14.86 42.05 50.30
CA SER F 41 14.58 41.29 49.09
C SER F 41 13.13 41.30 48.63
N LEU F 42 12.18 41.79 49.44
CA LEU F 42 10.79 41.87 49.04
C LEU F 42 10.47 43.28 48.58
N GLN F 43 10.05 43.42 47.33
CA GLN F 43 9.93 44.73 46.69
C GLN F 43 8.48 45.13 46.48
N LYS F 44 8.28 46.45 46.44
CA LYS F 44 6.98 47.06 46.19
C LYS F 44 6.87 47.71 44.82
N ILE F 45 8.00 47.91 44.15
CA ILE F 45 8.04 48.53 42.83
C ILE F 45 8.70 47.57 41.85
N SER F 46 8.16 47.51 40.63
CA SER F 46 8.61 46.52 39.66
C SER F 46 8.39 47.04 38.24
N GLU F 47 9.10 46.43 37.31
CA GLU F 47 8.90 46.67 35.88
C GLU F 47 7.70 45.87 35.38
N LEU F 48 6.87 46.51 34.56
CA LEU F 48 5.79 45.82 33.86
C LEU F 48 6.13 45.55 32.40
N TYR F 49 6.44 46.60 31.65
CA TYR F 49 6.83 46.44 30.25
C TYR F 49 7.85 47.52 29.93
N ASP F 50 8.32 47.51 28.67
CA ASP F 50 9.40 48.40 28.23
C ASP F 50 9.33 49.77 28.86
N ARG F 51 8.19 50.45 28.71
CA ARG F 51 8.03 51.81 29.22
C ARG F 51 6.96 51.91 30.29
N VAL F 52 6.61 50.79 30.94
CA VAL F 52 5.53 50.75 31.91
C VAL F 52 6.06 50.17 33.22
N GLY F 53 5.87 50.93 34.31
CA GLY F 53 6.28 50.52 35.63
C GLY F 53 5.09 50.42 36.58
N PHE F 54 5.34 49.79 37.72
CA PHE F 54 4.29 49.36 38.65
C PHE F 54 4.74 49.63 40.07
N ALA F 55 3.84 50.20 40.88
CA ALA F 55 4.09 50.41 42.29
C ALA F 55 2.81 50.07 43.07
N ALA F 56 2.98 49.55 44.28
CA ALA F 56 1.84 49.07 45.03
C ALA F 56 2.04 49.33 46.52
N ALA F 57 0.92 49.46 47.23
CA ALA F 57 0.92 49.57 48.69
C ALA F 57 -0.16 48.67 49.25
N GLY F 58 0.15 48.01 50.37
CA GLY F 58 -0.82 47.14 51.02
C GLY F 58 -0.27 45.77 51.38
N LYS F 59 -1.10 44.74 51.28
CA LYS F 59 -0.69 43.39 51.61
C LYS F 59 0.19 42.82 50.51
N PHE F 60 1.37 42.32 50.89
CA PHE F 60 2.39 41.96 49.91
C PHE F 60 1.93 40.86 48.97
N ASN F 61 1.49 39.72 49.52
CA ASN F 61 1.14 38.59 48.66
C ASN F 61 0.07 38.94 47.65
N GLU F 62 -0.85 39.85 48.01
CA GLU F 62 -1.96 40.18 47.12
C GLU F 62 -1.52 41.10 46.00
N PHE F 63 -0.86 42.22 46.32
CA PHE F 63 -0.43 43.09 45.24
C PHE F 63 0.73 42.48 44.45
N ASP F 64 1.40 41.48 45.01
CA ASP F 64 2.39 40.72 44.25
C ASP F 64 1.71 39.79 43.26
N ASN F 65 0.63 39.11 43.70
CA ASN F 65 -0.21 38.40 42.74
C ASN F 65 -0.64 39.33 41.61
N LEU F 66 -1.11 40.53 41.95
CA LEU F 66 -1.54 41.46 40.91
C LEU F 66 -0.38 41.88 40.01
N ARG F 67 0.81 42.05 40.59
CA ARG F 67 1.98 42.40 39.80
C ARG F 67 2.29 41.32 38.78
N ARG F 68 2.35 40.06 39.22
CA ARG F 68 2.63 38.96 38.32
C ARG F 68 1.55 38.84 37.24
N GLY F 69 0.28 38.99 37.64
CA GLY F 69 -0.79 38.97 36.66
C GLY F 69 -0.64 40.05 35.61
N GLY F 70 -0.21 41.24 36.04
CA GLY F 70 0.04 42.32 35.09
C GLY F 70 1.17 42.01 34.14
N ILE F 71 2.28 41.44 34.66
CA ILE F 71 3.39 41.05 33.80
C ILE F 71 2.92 40.01 32.78
N GLN F 72 2.13 39.03 33.22
CA GLN F 72 1.55 38.05 32.30
C GLN F 72 0.73 38.73 31.21
N PHE F 73 -0.16 39.65 31.60
CA PHE F 73 -0.97 40.35 30.61
C PHE F 73 -0.11 41.10 29.61
N ALA F 74 0.88 41.85 30.10
CA ALA F 74 1.69 42.68 29.21
C ALA F 74 2.51 41.82 28.25
N ASP F 75 3.23 40.83 28.78
CA ASP F 75 4.04 39.98 27.91
C ASP F 75 3.19 39.23 26.91
N THR F 76 2.02 38.72 27.35
CA THR F 76 1.13 38.01 26.45
C THR F 76 0.62 38.92 25.34
N ARG F 77 0.21 40.14 25.67
CA ARG F 77 -0.29 41.06 24.65
C ARG F 77 0.82 41.46 23.68
N GLY F 78 1.98 41.84 24.20
CA GLY F 78 3.08 42.21 23.34
C GLY F 78 3.52 41.09 22.41
N TYR F 79 3.43 39.85 22.88
CA TYR F 79 3.73 38.71 22.02
C TYR F 79 2.63 38.51 20.98
N ALA F 80 1.37 38.56 21.41
CA ALA F 80 0.25 38.31 20.51
C ALA F 80 0.14 39.37 19.42
N TYR F 81 0.49 40.62 19.73
CA TYR F 81 0.43 41.69 18.75
C TYR F 81 1.83 42.25 18.50
N ASP F 82 2.25 43.23 19.30
CA ASP F 82 3.58 43.80 19.18
C ASP F 82 3.85 44.64 20.43
N ARG F 83 5.13 44.86 20.69
CA ARG F 83 5.54 45.53 21.91
C ARG F 83 5.02 46.95 21.99
N ARG F 84 4.91 47.64 20.84
CA ARG F 84 4.41 48.99 20.83
C ARG F 84 2.92 49.06 21.18
N ASP F 85 2.19 47.95 21.06
CA ASP F 85 0.76 47.94 21.35
C ASP F 85 0.45 47.82 22.83
N VAL F 86 1.45 47.54 23.67
CA VAL F 86 1.24 47.48 25.11
C VAL F 86 1.33 48.88 25.68
N THR F 87 0.28 49.32 26.36
CA THR F 87 0.19 50.68 26.87
C THR F 87 -0.12 50.68 28.36
N GLY F 88 0.20 51.81 29.00
CA GLY F 88 -0.12 51.96 30.41
C GLY F 88 -1.61 52.01 30.67
N ARG F 89 -2.36 52.70 29.79
CA ARG F 89 -3.81 52.72 29.88
C ARG F 89 -4.38 51.30 29.90
N GLN F 90 -3.83 50.42 29.05
CA GLN F 90 -4.31 49.05 29.00
C GLN F 90 -4.10 48.33 30.32
N LEU F 91 -2.88 48.37 30.86
CA LEU F 91 -2.60 47.69 32.12
C LEU F 91 -3.44 48.25 33.26
N ALA F 92 -3.56 49.59 33.33
CA ALA F 92 -4.42 50.20 34.34
C ALA F 92 -5.86 49.72 34.21
N ASN F 93 -6.36 49.65 32.98
CA ASN F 93 -7.72 49.17 32.74
C ASN F 93 -7.90 47.73 33.23
N VAL F 94 -6.95 46.85 32.90
CA VAL F 94 -7.05 45.46 33.30
C VAL F 94 -6.95 45.33 34.81
N TYR F 95 -6.14 46.17 35.45
CA TYR F 95 -6.09 46.15 36.91
C TYR F 95 -7.41 46.62 37.51
N ALA F 96 -8.05 47.60 36.89
CA ALA F 96 -9.36 48.05 37.34
C ALA F 96 -10.39 46.92 37.26
N GLN F 97 -10.46 46.25 36.11
CA GLN F 97 -11.38 45.12 35.95
C GLN F 97 -11.09 44.03 36.99
N THR F 98 -9.81 43.67 37.13
CA THR F 98 -9.43 42.58 38.01
C THR F 98 -9.79 42.91 39.46
N LEU F 99 -9.40 44.09 39.93
CA LEU F 99 -9.69 44.49 41.30
C LEU F 99 -11.19 44.65 41.53
N GLY F 100 -11.95 45.05 40.52
CA GLY F 100 -13.40 45.02 40.65
C GLY F 100 -13.91 43.62 40.93
N THR F 101 -13.50 42.66 40.09
CA THR F 101 -13.93 41.28 40.28
C THR F 101 -13.50 40.74 41.64
N ILE F 102 -12.26 40.99 42.03
CA ILE F 102 -11.76 40.56 43.33
C ILE F 102 -12.62 41.14 44.45
N PHE F 103 -12.87 42.44 44.39
CA PHE F 103 -13.61 43.12 45.45
C PHE F 103 -15.02 42.58 45.58
N THR F 104 -15.67 42.25 44.46
CA THR F 104 -17.06 41.81 44.55
C THR F 104 -17.22 40.32 44.79
N GLU F 105 -16.30 39.48 44.31
CA GLU F 105 -16.55 38.04 44.24
C GLU F 105 -15.58 37.18 45.04
N GLN F 106 -14.40 37.68 45.39
CA GLN F 106 -13.48 36.86 46.15
C GLN F 106 -13.93 36.79 47.61
N ALA F 107 -13.46 35.75 48.31
CA ALA F 107 -13.83 35.57 49.71
C ALA F 107 -13.47 36.78 50.56
N LYS F 108 -12.29 37.36 50.32
CA LYS F 108 -11.85 38.56 51.01
C LYS F 108 -11.30 39.55 49.99
N PRO F 109 -11.68 40.83 50.08
CA PRO F 109 -11.13 41.82 49.15
C PRO F 109 -9.63 41.99 49.34
N TYR F 110 -8.99 42.52 48.30
CA TYR F 110 -7.55 42.76 48.34
C TYR F 110 -7.26 44.08 49.05
N GLU F 111 -6.40 44.02 50.07
CA GLU F 111 -5.96 45.23 50.77
C GLU F 111 -4.76 45.80 50.01
N VAL F 112 -5.05 46.33 48.81
CA VAL F 112 -4.01 46.80 47.90
C VAL F 112 -4.43 48.10 47.25
N GLU F 113 -3.41 48.86 46.82
CA GLU F 113 -3.59 50.05 46.02
C GLU F 113 -2.45 50.08 45.00
N LEU F 114 -2.79 50.35 43.73
CA LEU F 114 -1.86 50.19 42.64
C LEU F 114 -1.66 51.49 41.88
N CYS F 115 -0.45 51.65 41.33
CA CYS F 115 -0.09 52.73 40.43
C CYS F 115 0.62 52.13 39.22
N VAL F 116 0.11 52.45 38.03
CA VAL F 116 0.73 52.06 36.78
C VAL F 116 1.21 53.32 36.08
N ALA F 117 2.50 53.38 35.75
CA ALA F 117 3.11 54.56 35.17
C ALA F 117 3.69 54.23 33.80
N GLU F 118 3.59 55.19 32.89
CA GLU F 118 4.15 55.01 31.55
C GLU F 118 4.89 56.27 31.13
N VAL F 119 6.10 56.11 30.62
CA VAL F 119 6.86 57.20 30.03
C VAL F 119 6.94 56.99 28.52
N ALA F 120 7.39 58.03 27.83
CA ALA F 120 7.47 57.99 26.37
C ALA F 120 8.54 57.01 25.92
N HIS F 121 8.39 56.54 24.68
CA HIS F 121 9.41 55.72 24.07
C HIS F 121 10.61 56.60 23.70
N TYR F 122 11.77 55.97 23.56
CA TYR F 122 12.99 56.71 23.25
C TYR F 122 12.81 57.53 21.98
N GLY F 123 13.08 58.83 22.09
CA GLY F 123 12.98 59.73 20.95
C GLY F 123 11.61 60.29 20.70
N GLU F 124 10.69 60.20 21.65
CA GLU F 124 9.35 60.75 21.52
C GLU F 124 9.06 61.72 22.67
N THR F 125 7.96 62.45 22.53
CA THR F 125 7.61 63.53 23.44
C THR F 125 6.14 63.42 23.82
N LYS F 126 5.84 62.62 24.83
CA LYS F 126 4.52 62.58 25.43
C LYS F 126 4.68 62.67 26.94
N ARG F 127 3.74 63.36 27.58
CA ARG F 127 3.81 63.51 29.02
C ARG F 127 3.72 62.14 29.69
N PRO F 128 4.45 61.91 30.78
CA PRO F 128 4.26 60.68 31.54
C PRO F 128 2.82 60.52 31.98
N GLU F 129 2.43 59.28 32.22
CA GLU F 129 1.09 58.96 32.67
C GLU F 129 1.15 58.20 33.98
N LEU F 130 0.33 58.63 34.94
CA LEU F 130 0.21 58.00 36.24
C LEU F 130 -1.22 57.54 36.41
N TYR F 131 -1.40 56.27 36.75
CA TYR F 131 -2.72 55.69 36.98
C TYR F 131 -2.78 55.10 38.38
N ARG F 132 -3.93 55.31 39.01
CA ARG F 132 -4.21 54.89 40.37
C ARG F 132 -5.43 53.98 40.35
N ILE F 133 -5.25 52.75 40.81
CA ILE F 133 -6.34 51.78 40.90
C ILE F 133 -6.49 51.40 42.37
N THR F 134 -7.72 51.51 42.87
CA THR F 134 -7.99 51.27 44.28
C THR F 134 -8.64 49.90 44.46
N TYR F 135 -8.84 49.54 45.73
CA TYR F 135 -9.22 48.17 46.09
C TYR F 135 -10.53 47.72 45.46
N ASP F 136 -11.38 48.65 45.01
CA ASP F 136 -12.68 48.31 44.44
C ASP F 136 -12.73 48.45 42.93
N GLY F 137 -11.58 48.63 42.27
CA GLY F 137 -11.53 48.77 40.84
C GLY F 137 -11.70 50.17 40.31
N SER F 138 -11.83 51.17 41.17
CA SER F 138 -11.89 52.55 40.71
C SER F 138 -10.53 52.98 40.18
N ILE F 139 -10.53 53.68 39.05
CA ILE F 139 -9.31 54.05 38.34
C ILE F 139 -9.33 55.55 38.08
N ALA F 140 -8.19 56.20 38.32
CA ALA F 140 -8.05 57.63 38.05
C ALA F 140 -6.65 57.88 37.48
N ASP F 141 -6.54 58.88 36.62
CA ASP F 141 -5.29 59.20 35.94
C ASP F 141 -4.80 60.57 36.38
N GLU F 142 -3.74 60.58 37.20
CA GLU F 142 -3.15 61.79 37.77
C GLU F 142 -2.08 62.35 36.84
N PRO F 143 -1.94 63.68 36.81
CA PRO F 143 -1.02 64.29 35.84
C PRO F 143 0.36 64.53 36.43
N HIS F 144 0.45 64.61 37.75
CA HIS F 144 1.69 64.99 38.42
C HIS F 144 2.21 63.95 39.40
N PHE F 145 1.39 63.50 40.35
CA PHE F 145 1.89 62.59 41.37
C PHE F 145 0.76 61.71 41.89
N VAL F 146 1.16 60.58 42.48
CA VAL F 146 0.24 59.63 43.10
C VAL F 146 0.84 59.21 44.44
N VAL F 147 -0.02 59.17 45.46
CA VAL F 147 0.35 58.75 46.80
C VAL F 147 -0.55 57.59 47.19
N MET F 148 0.03 56.54 47.75
CA MET F 148 -0.71 55.33 48.07
C MET F 148 -0.28 54.79 49.43
N GLY F 149 -1.23 54.24 50.17
CA GLY F 149 -0.88 53.52 51.39
C GLY F 149 -0.67 54.40 52.60
N GLY F 150 -1.00 53.87 53.78
CA GLY F 150 -0.83 54.63 55.00
C GLY F 150 -1.73 55.84 55.06
N THR F 151 -1.26 56.85 55.80
CA THR F 151 -1.97 58.13 55.94
C THR F 151 -1.52 59.03 54.80
N THR F 152 -2.38 59.16 53.77
CA THR F 152 -1.97 59.80 52.53
C THR F 152 -2.08 61.32 52.61
N GLU F 153 -3.10 61.84 53.29
CA GLU F 153 -3.39 63.28 53.26
C GLU F 153 -2.18 64.17 53.55
N PRO F 154 -1.39 63.93 54.61
CA PRO F 154 -0.22 64.80 54.83
C PRO F 154 0.79 64.75 53.69
N ILE F 155 0.98 63.58 53.09
CA ILE F 155 1.92 63.45 51.98
C ILE F 155 1.40 64.17 50.74
N ALA F 156 0.11 63.97 50.42
CA ALA F 156 -0.48 64.62 49.26
C ALA F 156 -0.43 66.13 49.39
N ASN F 157 -0.76 66.66 50.57
CA ASN F 157 -0.67 68.10 50.79
C ASN F 157 0.78 68.57 50.70
N ALA F 158 1.68 67.86 51.38
CA ALA F 158 3.11 68.17 51.32
C ALA F 158 3.61 68.31 49.90
N LEU F 159 3.16 67.43 49.00
CA LEU F 159 3.61 67.51 47.60
C LEU F 159 3.09 68.77 46.93
N LYS F 160 1.86 69.18 47.22
CA LYS F 160 1.40 70.47 46.71
C LYS F 160 2.17 71.60 47.36
N GLU F 161 2.30 72.71 46.62
CA GLU F 161 3.07 73.89 47.02
C GLU F 161 4.54 73.59 47.30
N SER F 162 5.00 72.37 47.02
CA SER F 162 6.41 72.04 47.05
C SER F 162 6.89 71.36 45.77
N TYR F 163 5.99 71.06 44.84
CA TYR F 163 6.31 70.35 43.61
C TYR F 163 6.07 71.21 42.38
N ALA F 164 7.00 71.11 41.43
CA ALA F 164 6.89 71.70 40.11
C ALA F 164 7.42 70.66 39.13
N GLU F 165 6.75 70.50 37.99
CA GLU F 165 7.20 69.48 37.06
C GLU F 165 8.52 69.88 36.42
N ASN F 166 9.21 68.87 35.88
CA ASN F 166 10.52 68.97 35.24
C ASN F 166 11.62 69.19 36.27
N ALA F 167 11.43 68.67 37.48
CA ALA F 167 12.48 68.71 38.47
C ALA F 167 13.61 67.77 38.07
N SER F 168 14.80 68.04 38.60
CA SER F 168 15.90 67.11 38.38
C SER F 168 15.64 65.83 39.18
N LEU F 169 16.39 64.78 38.86
CA LEU F 169 16.24 63.52 39.60
C LEU F 169 16.51 63.74 41.08
N THR F 170 17.60 64.44 41.40
CA THR F 170 17.94 64.71 42.79
C THR F 170 16.84 65.50 43.49
N ASP F 171 16.33 66.54 42.82
CA ASP F 171 15.27 67.37 43.41
C ASP F 171 14.01 66.54 43.64
N ALA F 172 13.56 65.81 42.62
CA ALA F 172 12.35 65.00 42.76
C ALA F 172 12.50 63.97 43.87
N LEU F 173 13.68 63.37 43.99
CA LEU F 173 13.93 62.44 45.07
C LEU F 173 13.82 63.16 46.42
N ARG F 174 14.47 64.32 46.52
CA ARG F 174 14.45 65.11 47.76
C ARG F 174 13.02 65.38 48.21
N ILE F 175 12.20 65.96 47.32
CA ILE F 175 10.82 66.30 47.69
C ILE F 175 10.03 65.03 48.01
N ALA F 176 10.29 63.94 47.27
CA ALA F 176 9.53 62.72 47.50
C ALA F 176 9.79 62.16 48.90
N VAL F 177 11.08 62.03 49.27
CA VAL F 177 11.40 61.55 50.62
C VAL F 177 10.90 62.54 51.67
N ALA F 178 10.91 63.84 51.35
CA ALA F 178 10.36 64.82 52.28
C ALA F 178 8.89 64.56 52.55
N ALA F 179 8.08 64.46 51.49
CA ALA F 179 6.65 64.22 51.65
C ALA F 179 6.37 62.89 52.31
N LEU F 180 7.19 61.86 52.06
CA LEU F 180 7.01 60.60 52.74
C LEU F 180 7.30 60.75 54.23
N ARG F 181 8.43 61.34 54.57
CA ARG F 181 8.81 61.53 55.97
C ARG F 181 7.86 62.49 56.67
N ALA F 182 7.57 63.63 56.03
CA ALA F 182 6.65 64.60 56.61
C ALA F 182 5.23 64.07 56.52
N GLY F 183 4.66 63.68 57.66
CA GLY F 183 3.37 63.05 57.69
C GLY F 183 3.40 61.53 57.74
N SER F 184 4.57 60.94 57.55
CA SER F 184 4.78 59.49 57.60
C SER F 184 3.68 58.67 56.91
N LEU F 195 14.52 56.04 57.33
CA LEU F 195 14.51 57.44 56.93
C LEU F 195 15.17 57.63 55.57
N GLY F 196 16.33 57.00 55.39
CA GLY F 196 17.03 57.06 54.11
C GLY F 196 17.24 55.70 53.49
N VAL F 197 18.46 55.44 53.01
CA VAL F 197 18.77 54.13 52.45
C VAL F 197 18.63 53.06 53.54
N ALA F 198 18.40 51.82 53.09
CA ALA F 198 18.02 50.64 53.88
C ALA F 198 16.57 50.72 54.33
N SER F 199 15.98 51.91 54.27
CA SER F 199 14.56 52.08 54.56
C SER F 199 13.76 52.53 53.35
N LEU F 200 14.39 52.67 52.19
CA LEU F 200 13.74 53.13 50.97
C LEU F 200 13.96 52.14 49.83
N GLU F 201 12.97 52.05 48.95
CA GLU F 201 13.11 51.40 47.66
C GLU F 201 12.78 52.43 46.59
N VAL F 202 13.74 52.70 45.72
CA VAL F 202 13.66 53.77 44.73
C VAL F 202 13.92 53.20 43.35
N ALA F 203 13.09 53.56 42.38
CA ALA F 203 13.30 53.18 40.98
C ALA F 203 12.77 54.29 40.09
N VAL F 204 13.11 54.22 38.81
CA VAL F 204 12.74 55.26 37.85
C VAL F 204 12.38 54.61 36.52
N LEU F 205 11.38 55.18 35.86
CA LEU F 205 11.16 54.98 34.44
C LEU F 205 11.92 56.10 33.75
N ASP F 206 13.07 55.74 33.17
CA ASP F 206 14.05 56.68 32.61
C ASP F 206 13.71 56.84 31.13
N ALA F 207 13.04 57.96 30.79
CA ALA F 207 12.57 58.15 29.43
C ALA F 207 13.68 58.20 28.38
N ASN F 208 14.94 58.40 28.76
CA ASN F 208 16.01 58.46 27.76
C ASN F 208 16.76 57.14 27.62
N ARG F 209 16.22 56.05 28.18
CA ARG F 209 16.73 54.72 27.91
C ARG F 209 16.21 54.23 26.56
N PRO F 210 17.01 53.48 25.82
CA PRO F 210 16.57 53.05 24.48
C PRO F 210 15.37 52.11 24.49
N ARG F 211 15.41 51.06 25.31
CA ARG F 211 14.30 50.11 25.31
C ARG F 211 13.62 50.00 26.67
N ARG F 212 14.25 49.30 27.61
CA ARG F 212 13.65 49.07 28.92
C ARG F 212 13.88 50.28 29.81
N ALA F 213 12.81 51.00 30.13
CA ALA F 213 12.92 52.26 30.86
C ALA F 213 13.08 52.07 32.36
N PHE F 214 12.70 50.92 32.90
CA PHE F 214 12.77 50.71 34.35
C PHE F 214 14.22 50.59 34.79
N ARG F 215 14.52 51.13 35.96
CA ARG F 215 15.90 51.22 36.43
C ARG F 215 15.89 51.52 37.93
N ARG F 216 16.43 50.61 38.73
CA ARG F 216 16.51 50.86 40.17
C ARG F 216 17.74 51.69 40.53
N ILE F 217 17.60 52.49 41.59
CA ILE F 217 18.66 53.30 42.14
C ILE F 217 18.88 52.84 43.57
N THR F 218 19.98 52.11 43.80
CA THR F 218 20.21 51.45 45.08
C THR F 218 21.64 51.70 45.54
N GLY F 219 21.83 51.60 46.85
CA GLY F 219 23.17 51.62 47.43
C GLY F 219 23.93 52.91 47.16
N SER F 220 25.16 52.76 46.67
CA SER F 220 26.06 53.90 46.51
C SER F 220 25.46 54.97 45.62
N ALA F 221 24.80 54.56 44.52
CA ALA F 221 24.15 55.53 43.64
C ALA F 221 23.04 56.28 44.38
N LEU F 222 22.25 55.57 45.18
CA LEU F 222 21.15 56.19 45.91
C LEU F 222 21.66 57.15 46.97
N GLN F 223 22.67 56.74 47.75
CA GLN F 223 23.22 57.61 48.79
C GLN F 223 23.70 58.95 48.24
N ALA F 224 24.38 58.93 47.10
CA ALA F 224 24.80 60.19 46.48
C ALA F 224 23.59 61.03 46.10
N LEU F 225 22.60 60.41 45.44
CA LEU F 225 21.40 61.12 45.04
C LEU F 225 20.58 61.59 46.24
N LEU F 226 20.63 60.84 47.34
CA LEU F 226 19.83 61.18 48.52
C LEU F 226 20.50 62.23 49.40
N VAL F 227 21.81 62.13 49.58
CA VAL F 227 22.50 62.98 50.55
C VAL F 227 22.40 64.46 50.19
N ASP F 228 22.19 64.76 48.91
CA ASP F 228 22.07 66.14 48.47
C ASP F 228 20.77 66.36 47.70
N MET G 1 -36.99 37.10 49.88
CA MET G 1 -36.43 37.62 48.64
C MET G 1 -37.11 38.94 48.30
N GLU G 2 -38.22 39.19 48.99
CA GLU G 2 -38.90 40.48 48.88
C GLU G 2 -37.93 41.63 49.13
N GLN G 3 -36.96 41.43 50.02
CA GLN G 3 -36.02 42.46 50.43
C GLN G 3 -34.71 42.42 49.65
N ALA G 4 -34.18 41.21 49.40
CA ALA G 4 -32.90 41.08 48.69
C ALA G 4 -32.91 41.86 47.37
N MET G 5 -34.00 41.73 46.62
CA MET G 5 -34.11 42.45 45.35
C MET G 5 -34.22 43.95 45.59
N ARG G 6 -34.93 44.36 46.64
CA ARG G 6 -34.97 45.77 46.99
C ARG G 6 -33.59 46.29 47.39
N GLU G 7 -32.84 45.49 48.15
CA GLU G 7 -31.50 45.91 48.55
C GLU G 7 -30.59 46.08 47.33
N ARG G 8 -30.64 45.12 46.41
CA ARG G 8 -29.86 45.26 45.18
C ARG G 8 -30.26 46.49 44.40
N SER G 9 -31.58 46.67 44.18
CA SER G 9 -32.07 47.82 43.44
C SER G 9 -31.63 49.14 44.08
N GLU G 10 -31.63 49.21 45.41
CA GLU G 10 -31.22 50.45 46.08
C GLU G 10 -29.72 50.67 45.95
N LEU G 11 -28.92 49.61 46.13
CA LEU G 11 -27.48 49.73 45.94
C LEU G 11 -27.15 50.24 44.54
N ALA G 12 -27.76 49.64 43.52
CA ALA G 12 -27.50 50.08 42.14
C ALA G 12 -27.97 51.51 41.92
N ARG G 13 -29.20 51.82 42.37
CA ARG G 13 -29.75 53.17 42.20
C ARG G 13 -28.82 54.22 42.78
N LYS G 14 -28.52 54.09 44.07
CA LYS G 14 -27.65 55.06 44.74
C LYS G 14 -26.28 55.11 44.09
N GLY G 15 -25.73 53.94 43.71
CA GLY G 15 -24.46 53.92 43.03
C GLY G 15 -24.44 54.75 41.76
N ILE G 16 -25.51 54.66 40.97
CA ILE G 16 -25.58 55.47 39.75
C ILE G 16 -25.78 56.94 40.09
N ALA G 17 -26.57 57.24 41.12
CA ALA G 17 -26.84 58.63 41.47
C ALA G 17 -25.57 59.37 41.90
N ARG G 18 -24.59 58.65 42.44
CA ARG G 18 -23.33 59.25 42.87
C ARG G 18 -22.39 59.55 41.70
N ALA G 19 -22.74 59.13 40.48
CA ALA G 19 -21.83 59.19 39.35
C ALA G 19 -22.12 60.40 38.47
N LYS G 20 -21.19 60.68 37.57
CA LYS G 20 -21.30 61.80 36.64
C LYS G 20 -22.43 61.53 35.64
N SER G 21 -22.89 62.60 34.99
CA SER G 21 -24.05 62.52 34.11
C SER G 21 -23.67 62.47 32.63
N VAL G 22 -24.54 61.86 31.84
CA VAL G 22 -24.36 61.67 30.40
C VAL G 22 -25.67 62.02 29.71
N VAL G 23 -25.58 62.64 28.54
CA VAL G 23 -26.72 63.04 27.73
C VAL G 23 -26.51 62.57 26.30
N ALA G 24 -27.56 62.05 25.68
CA ALA G 24 -27.53 61.67 24.27
C ALA G 24 -28.81 62.18 23.62
N LEU G 25 -28.69 63.00 22.58
CA LEU G 25 -29.88 63.57 21.96
C LEU G 25 -29.76 63.55 20.44
N ALA G 26 -30.89 63.34 19.79
CA ALA G 26 -30.95 63.27 18.34
C ALA G 26 -30.98 64.67 17.75
N TYR G 27 -30.17 64.91 16.73
CA TYR G 27 -30.15 66.20 16.05
C TYR G 27 -30.16 65.97 14.54
N ALA G 28 -30.19 67.08 13.79
CA ALA G 28 -30.40 67.02 12.34
C ALA G 28 -29.35 66.16 11.65
N GLY G 29 -28.13 66.11 12.20
CA GLY G 29 -27.03 65.35 11.62
C GLY G 29 -26.81 63.98 12.22
N GLY G 30 -27.67 63.52 13.13
CA GLY G 30 -27.47 62.21 13.72
C GLY G 30 -27.74 62.16 15.21
N VAL G 31 -26.76 61.68 15.99
CA VAL G 31 -26.91 61.58 17.43
C VAL G 31 -25.71 62.23 18.11
N LEU G 32 -25.96 62.94 19.21
CA LEU G 32 -24.92 63.64 19.95
C LEU G 32 -24.79 63.05 21.36
N PHE G 33 -23.56 62.76 21.74
CA PHE G 33 -23.19 62.28 23.07
C PHE G 33 -22.37 63.34 23.76
N VAL G 34 -22.82 63.80 24.92
CA VAL G 34 -22.09 64.73 25.78
C VAL G 34 -22.06 64.15 27.18
N ALA G 35 -20.86 64.03 27.76
CA ALA G 35 -20.74 63.44 29.09
C ALA G 35 -19.75 64.23 29.93
N GLU G 36 -20.10 64.47 31.19
CA GLU G 36 -19.16 65.05 32.15
C GLU G 36 -18.05 64.05 32.42
N ASN G 37 -16.84 64.35 31.97
CA ASN G 37 -15.71 63.42 32.08
C ASN G 37 -14.42 64.22 32.19
N PRO G 38 -13.83 64.33 33.39
CA PRO G 38 -12.54 65.01 33.52
C PRO G 38 -11.35 64.21 33.02
N SER G 39 -11.47 62.88 32.92
CA SER G 39 -10.32 62.04 32.57
C SER G 39 -9.85 62.34 31.16
N ARG G 40 -8.54 62.24 30.93
CA ARG G 40 -7.99 62.47 29.60
C ARG G 40 -8.08 61.23 28.72
N SER G 41 -7.93 60.04 29.30
CA SER G 41 -7.82 58.81 28.52
C SER G 41 -8.90 57.78 28.81
N LEU G 42 -9.72 57.96 29.85
CA LEU G 42 -10.80 57.03 30.17
C LEU G 42 -12.11 57.59 29.63
N GLN G 43 -12.86 56.76 28.93
CA GLN G 43 -13.98 57.22 28.11
C GLN G 43 -15.30 56.61 28.54
N LYS G 44 -16.36 57.40 28.46
CA LYS G 44 -17.71 56.97 28.74
C LYS G 44 -18.57 56.82 27.49
N ILE G 45 -18.09 57.31 26.34
CA ILE G 45 -18.79 57.18 25.06
C ILE G 45 -17.89 56.43 24.10
N SER G 46 -18.50 55.54 23.32
CA SER G 46 -17.70 54.65 22.49
C SER G 46 -18.49 54.22 21.26
N GLU G 47 -17.76 53.79 20.25
CA GLU G 47 -18.33 53.16 19.07
C GLU G 47 -18.63 51.70 19.35
N LEU G 48 -19.81 51.24 18.94
CA LEU G 48 -20.17 49.82 18.98
C LEU G 48 -20.07 49.17 17.61
N TYR G 49 -20.75 49.72 16.62
CA TYR G 49 -20.69 49.20 15.27
C TYR G 49 -20.81 50.37 14.30
N ASP G 50 -20.79 50.05 13.00
CA ASP G 50 -20.76 51.04 11.92
C ASP G 50 -21.62 52.26 12.23
N ARG G 51 -22.90 52.05 12.52
CA ARG G 51 -23.83 53.14 12.78
C ARG G 51 -24.39 53.10 14.19
N VAL G 52 -23.74 52.39 15.11
CA VAL G 52 -24.27 52.21 16.45
C VAL G 52 -23.23 52.67 17.46
N GLY G 53 -23.64 53.58 18.36
CA GLY G 53 -22.78 54.10 19.39
C GLY G 53 -23.31 53.78 20.78
N PHE G 54 -22.44 53.99 21.76
CA PHE G 54 -22.65 53.51 23.12
C PHE G 54 -22.23 54.58 24.11
N ALA G 55 -23.06 54.81 25.13
CA ALA G 55 -22.74 55.74 26.20
C ALA G 55 -23.17 55.12 27.52
N ALA G 56 -22.42 55.43 28.57
CA ALA G 56 -22.66 54.78 29.84
C ALA G 56 -22.41 55.73 31.00
N ALA G 57 -23.09 55.48 32.12
CA ALA G 57 -22.86 56.21 33.36
C ALA G 57 -22.80 55.22 34.51
N GLY G 58 -21.90 55.46 35.46
CA GLY G 58 -21.79 54.59 36.61
C GLY G 58 -20.38 54.15 36.94
N LYS G 59 -20.22 52.92 37.41
CA LYS G 59 -18.91 52.38 37.76
C LYS G 59 -18.16 52.02 36.48
N PHE G 60 -16.92 52.53 36.37
CA PHE G 60 -16.20 52.45 35.10
C PHE G 60 -15.95 51.01 34.67
N ASN G 61 -15.34 50.18 35.53
CA ASN G 61 -14.99 48.83 35.11
C ASN G 61 -16.22 48.04 34.68
N GLU G 62 -17.38 48.34 35.26
CA GLU G 62 -18.58 47.57 34.95
C GLU G 62 -19.16 47.96 33.59
N PHE G 63 -19.39 49.25 33.35
CA PHE G 63 -19.91 49.62 32.04
C PHE G 63 -18.87 49.49 30.93
N ASP G 64 -17.59 49.44 31.29
CA ASP G 64 -16.56 49.12 30.30
C ASP G 64 -16.60 47.64 29.96
N ASN G 65 -16.76 46.78 30.96
CA ASN G 65 -17.05 45.37 30.69
C ASN G 65 -18.22 45.23 29.73
N LEU G 66 -19.31 45.96 30.00
CA LEU G 66 -20.47 45.90 29.13
C LEU G 66 -20.15 46.44 27.74
N ARG G 67 -19.32 47.48 27.65
CA ARG G 67 -18.92 48.02 26.36
C ARG G 67 -18.17 46.97 25.54
N ARG G 68 -17.17 46.34 26.15
CA ARG G 68 -16.40 45.30 25.46
C ARG G 68 -17.28 44.13 25.07
N GLY G 69 -18.17 43.70 25.95
CA GLY G 69 -19.10 42.65 25.60
C GLY G 69 -20.00 43.02 24.43
N GLY G 70 -20.44 44.28 24.39
CA GLY G 70 -21.25 44.73 23.27
C GLY G 70 -20.50 44.74 21.96
N ILE G 71 -19.24 45.20 21.98
CA ILE G 71 -18.41 45.11 20.78
C ILE G 71 -18.23 43.65 20.37
N GLN G 72 -18.02 42.76 21.34
CA GLN G 72 -17.92 41.33 21.04
C GLN G 72 -19.16 40.84 20.31
N PHE G 73 -20.34 41.15 20.86
CA PHE G 73 -21.59 40.73 20.23
C PHE G 73 -21.71 41.30 18.82
N ALA G 74 -21.44 42.59 18.67
CA ALA G 74 -21.63 43.25 17.38
C ALA G 74 -20.70 42.66 16.32
N ASP G 75 -19.39 42.56 16.63
CA ASP G 75 -18.44 42.03 15.67
C ASP G 75 -18.74 40.57 15.32
N THR G 76 -19.07 39.76 16.33
CA THR G 76 -19.38 38.36 16.07
C THR G 76 -20.61 38.23 15.18
N ARG G 77 -21.66 39.01 15.46
CA ARG G 77 -22.89 38.94 14.67
C ARG G 77 -22.65 39.42 13.24
N GLY G 78 -21.94 40.53 13.08
CA GLY G 78 -21.61 41.02 11.75
C GLY G 78 -20.79 40.02 10.96
N TYR G 79 -19.92 39.28 11.62
CA TYR G 79 -19.16 38.23 10.94
C TYR G 79 -20.07 37.06 10.56
N ALA G 80 -20.92 36.62 11.49
CA ALA G 80 -21.76 35.45 11.24
C ALA G 80 -22.76 35.71 10.12
N TYR G 81 -23.28 36.93 10.02
CA TYR G 81 -24.25 37.26 8.99
C TYR G 81 -23.73 38.36 8.06
N ASP G 82 -23.93 39.61 8.43
CA ASP G 82 -23.46 40.73 7.63
C ASP G 82 -23.54 41.99 8.48
N ARG G 83 -22.75 42.98 8.10
CA ARG G 83 -22.65 44.21 8.88
C ARG G 83 -23.98 44.94 8.94
N ARG G 84 -24.82 44.78 7.91
CA ARG G 84 -26.12 45.44 7.88
C ARG G 84 -27.12 44.79 8.83
N ASP G 85 -26.95 43.51 9.15
CA ASP G 85 -27.86 42.83 10.05
C ASP G 85 -27.68 43.25 11.51
N VAL G 86 -26.61 43.98 11.83
CA VAL G 86 -26.38 44.48 13.18
C VAL G 86 -27.16 45.77 13.36
N THR G 87 -28.04 45.80 14.36
CA THR G 87 -28.92 46.94 14.58
C THR G 87 -28.79 47.42 16.02
N GLY G 88 -29.19 48.68 16.24
CA GLY G 88 -29.19 49.23 17.59
C GLY G 88 -30.18 48.54 18.51
N ARG G 89 -31.36 48.22 17.98
CA ARG G 89 -32.34 47.46 18.75
C ARG G 89 -31.74 46.16 19.27
N GLN G 90 -30.86 45.54 18.47
CA GLN G 90 -30.23 44.29 18.87
C GLN G 90 -29.31 44.50 20.07
N LEU G 91 -28.40 45.47 19.98
CA LEU G 91 -27.49 45.72 21.08
C LEU G 91 -28.25 46.12 22.35
N ALA G 92 -29.26 46.98 22.22
CA ALA G 92 -30.07 47.35 23.38
C ALA G 92 -30.75 46.13 23.99
N ASN G 93 -31.31 45.26 23.15
CA ASN G 93 -31.95 44.04 23.63
C ASN G 93 -30.97 43.17 24.39
N VAL G 94 -29.79 42.96 23.81
CA VAL G 94 -28.79 42.09 24.44
C VAL G 94 -28.33 42.68 25.76
N TYR G 95 -28.24 44.01 25.83
CA TYR G 95 -27.89 44.65 27.08
C TYR G 95 -28.99 44.46 28.12
N ALA G 96 -30.26 44.47 27.69
CA ALA G 96 -31.34 44.19 28.63
C ALA G 96 -31.22 42.78 29.19
N GLN G 97 -31.02 41.79 28.31
CA GLN G 97 -30.84 40.42 28.77
C GLN G 97 -29.66 40.31 29.73
N THR G 98 -28.52 40.89 29.35
CA THR G 98 -27.31 40.77 30.14
C THR G 98 -27.47 41.41 31.51
N LEU G 99 -27.95 42.65 31.56
CA LEU G 99 -28.12 43.33 32.83
C LEU G 99 -29.18 42.67 33.69
N GLY G 100 -30.19 42.06 33.07
CA GLY G 100 -31.11 41.24 33.85
C GLY G 100 -30.39 40.11 34.56
N THR G 101 -29.57 39.37 33.81
CA THR G 101 -28.80 38.28 34.40
C THR G 101 -27.86 38.78 35.51
N ILE G 102 -27.14 39.87 35.24
CA ILE G 102 -26.24 40.43 36.24
C ILE G 102 -27.00 40.81 37.50
N PHE G 103 -28.11 41.53 37.33
CA PHE G 103 -28.88 42.00 38.47
C PHE G 103 -29.41 40.84 39.29
N THR G 104 -29.76 39.73 38.64
CA THR G 104 -30.36 38.62 39.36
C THR G 104 -29.33 37.68 39.99
N GLU G 105 -28.18 37.44 39.35
CA GLU G 105 -27.31 36.35 39.77
C GLU G 105 -25.88 36.73 40.14
N GLN G 106 -25.38 37.89 39.75
CA GLN G 106 -24.01 38.21 40.14
C GLN G 106 -23.94 38.61 41.61
N ALA G 107 -22.73 38.53 42.16
CA ALA G 107 -22.52 38.83 43.58
C ALA G 107 -23.03 40.22 43.95
N LYS G 108 -22.73 41.22 43.11
CA LYS G 108 -23.22 42.57 43.29
C LYS G 108 -23.75 43.06 41.95
N PRO G 109 -24.91 43.71 41.93
CA PRO G 109 -25.43 44.21 40.65
C PRO G 109 -24.51 45.27 40.06
N TYR G 110 -24.65 45.46 38.75
CA TYR G 110 -23.85 46.48 38.08
C TYR G 110 -24.50 47.83 38.28
N GLU G 111 -23.74 48.77 38.83
CA GLU G 111 -24.21 50.13 39.03
C GLU G 111 -23.91 50.95 37.78
N VAL G 112 -24.64 50.62 36.71
CA VAL G 112 -24.43 51.22 35.39
C VAL G 112 -25.78 51.55 34.77
N GLU G 113 -25.74 52.49 33.83
CA GLU G 113 -26.88 52.84 33.02
C GLU G 113 -26.39 53.07 31.60
N LEU G 114 -27.07 52.49 30.62
CA LEU G 114 -26.58 52.39 29.26
C LEU G 114 -27.50 53.10 28.28
N CYS G 115 -26.89 53.63 27.23
CA CYS G 115 -27.61 54.19 26.09
C CYS G 115 -26.97 53.63 24.81
N VAL G 116 -27.79 53.00 23.98
CA VAL G 116 -27.37 52.50 22.68
C VAL G 116 -28.11 53.33 21.65
N ALA G 117 -27.35 53.97 20.76
CA ALA G 117 -27.91 54.88 19.76
C ALA G 117 -27.58 54.41 18.36
N GLU G 118 -28.52 54.61 17.44
CA GLU G 118 -28.32 54.21 16.05
C GLU G 118 -28.79 55.30 15.11
N VAL G 119 -27.96 55.63 14.12
CA VAL G 119 -28.34 56.53 13.05
C VAL G 119 -28.49 55.73 11.76
N ALA G 120 -29.08 56.36 10.75
CA ALA G 120 -29.32 55.70 9.48
C ALA G 120 -28.00 55.46 8.76
N HIS G 121 -28.02 54.52 7.82
CA HIS G 121 -26.86 54.28 6.97
C HIS G 121 -26.71 55.40 5.94
N TYR G 122 -25.47 55.56 5.45
CA TYR G 122 -25.18 56.62 4.49
C TYR G 122 -26.08 56.54 3.28
N GLY G 123 -26.75 57.65 2.98
CA GLY G 123 -27.64 57.70 1.84
C GLY G 123 -29.04 57.21 2.12
N GLU G 124 -29.29 56.69 3.31
CA GLU G 124 -30.60 56.23 3.72
C GLU G 124 -31.28 57.32 4.56
N THR G 125 -32.60 57.19 4.69
CA THR G 125 -33.41 58.13 5.46
C THR G 125 -34.16 57.35 6.54
N LYS G 126 -33.76 57.56 7.80
CA LYS G 126 -34.39 56.88 8.92
C LYS G 126 -34.14 57.70 10.17
N ARG G 127 -35.18 57.89 10.97
CA ARG G 127 -35.05 58.68 12.18
C ARG G 127 -34.09 57.99 13.14
N PRO G 128 -33.25 58.74 13.85
CA PRO G 128 -32.34 58.11 14.82
C PRO G 128 -33.11 57.38 15.90
N GLU G 129 -32.45 56.41 16.52
CA GLU G 129 -33.04 55.62 17.58
C GLU G 129 -32.17 55.72 18.83
N LEU G 130 -32.81 55.98 19.96
CA LEU G 130 -32.14 56.07 21.24
C LEU G 130 -32.75 55.04 22.19
N TYR G 131 -31.89 54.22 22.79
CA TYR G 131 -32.29 53.19 23.73
C TYR G 131 -31.59 53.40 25.07
N ARG G 132 -32.32 53.20 26.15
CA ARG G 132 -31.81 53.34 27.50
C ARG G 132 -32.08 52.04 28.25
N ILE G 133 -31.03 51.42 28.78
CA ILE G 133 -31.12 50.19 29.55
C ILE G 133 -30.64 50.49 30.96
N THR G 134 -31.44 50.10 31.96
CA THR G 134 -31.16 50.39 33.35
C THR G 134 -30.59 49.15 34.04
N TYR G 135 -30.19 49.35 35.30
CA TYR G 135 -29.37 48.35 36.00
C TYR G 135 -30.06 46.99 36.16
N ASP G 136 -31.38 46.92 36.03
CA ASP G 136 -32.09 45.66 36.23
C ASP G 136 -32.56 45.05 34.92
N GLY G 137 -32.10 45.57 33.78
CA GLY G 137 -32.51 45.07 32.49
C GLY G 137 -33.73 45.72 31.90
N SER G 138 -34.31 46.73 32.57
CA SER G 138 -35.42 47.46 32.00
C SER G 138 -34.93 48.30 30.82
N ILE G 139 -35.69 48.28 29.73
CA ILE G 139 -35.28 48.90 28.48
C ILE G 139 -36.40 49.80 27.97
N ALA G 140 -36.04 51.01 27.52
CA ALA G 140 -36.99 51.92 26.91
C ALA G 140 -36.32 52.67 25.77
N ASP G 141 -37.09 53.02 24.73
CA ASP G 141 -36.55 53.68 23.55
C ASP G 141 -37.15 55.08 23.44
N GLU G 142 -36.37 56.07 23.78
CA GLU G 142 -36.94 57.41 23.70
C GLU G 142 -36.58 58.10 22.39
N PRO G 143 -37.44 59.00 21.88
CA PRO G 143 -37.26 59.50 20.51
C PRO G 143 -36.38 60.73 20.40
N HIS G 144 -36.18 61.47 21.48
CA HIS G 144 -35.49 62.75 21.41
C HIS G 144 -34.21 62.80 22.22
N PHE G 145 -34.25 62.46 23.51
CA PHE G 145 -33.05 62.54 24.32
C PHE G 145 -33.09 61.53 25.45
N VAL G 146 -31.90 61.23 25.97
CA VAL G 146 -31.67 60.30 27.07
C VAL G 146 -30.70 60.94 28.04
N VAL G 147 -31.01 60.84 29.33
CA VAL G 147 -30.15 61.35 30.40
C VAL G 147 -29.87 60.19 31.35
N MET G 148 -28.61 60.03 31.73
CA MET G 148 -28.21 58.92 32.61
C MET G 148 -27.21 59.40 33.65
N GLY G 149 -27.31 58.85 34.85
CA GLY G 149 -26.32 59.08 35.88
C GLY G 149 -26.54 60.34 36.68
N GLY G 150 -26.17 60.30 37.97
CA GLY G 150 -26.35 61.46 38.81
C GLY G 150 -27.81 61.78 39.03
N THR G 151 -28.09 63.07 39.24
CA THR G 151 -29.45 63.57 39.42
C THR G 151 -30.01 63.93 38.05
N THR G 152 -30.88 63.06 37.52
CA THR G 152 -31.33 63.22 36.14
C THR G 152 -32.47 64.22 36.00
N GLU G 153 -33.34 64.32 37.01
CA GLU G 153 -34.55 65.15 36.89
C GLU G 153 -34.28 66.58 36.42
N PRO G 154 -33.35 67.33 37.00
CA PRO G 154 -33.13 68.71 36.49
C PRO G 154 -32.65 68.74 35.04
N ILE G 155 -31.80 67.79 34.65
CA ILE G 155 -31.28 67.75 33.29
C ILE G 155 -32.39 67.40 32.31
N ALA G 156 -33.17 66.38 32.64
CA ALA G 156 -34.29 65.96 31.79
C ALA G 156 -35.31 67.09 31.65
N ASN G 157 -35.61 67.80 32.74
CA ASN G 157 -36.53 68.93 32.64
C ASN G 157 -35.95 70.04 31.76
N ALA G 158 -34.69 70.42 32.01
CA ALA G 158 -34.03 71.42 31.19
C ALA G 158 -34.11 71.09 29.71
N LEU G 159 -33.83 69.83 29.34
CA LEU G 159 -33.93 69.44 27.93
C LEU G 159 -35.38 69.47 27.46
N LYS G 160 -36.30 68.99 28.30
CA LYS G 160 -37.71 69.01 27.94
C LYS G 160 -38.20 70.43 27.66
N GLU G 161 -37.54 71.43 28.26
CA GLU G 161 -37.84 72.82 27.96
C GLU G 161 -37.13 73.30 26.70
N SER G 162 -35.88 72.91 26.50
CA SER G 162 -35.03 73.53 25.49
C SER G 162 -34.92 72.76 24.19
N TYR G 163 -35.29 71.48 24.16
CA TYR G 163 -34.96 70.63 23.01
C TYR G 163 -35.93 70.84 21.86
N ALA G 164 -35.39 70.84 20.64
CA ALA G 164 -36.17 70.91 19.41
C ALA G 164 -35.60 69.92 18.41
N GLU G 165 -36.49 69.36 17.58
CA GLU G 165 -36.05 68.44 16.54
C GLU G 165 -35.17 69.15 15.51
N ASN G 166 -34.37 68.37 14.80
CA ASN G 166 -33.54 68.84 13.68
C ASN G 166 -32.68 70.04 14.08
N ALA G 167 -32.26 70.08 15.33
CA ALA G 167 -31.38 71.16 15.78
C ALA G 167 -30.03 71.07 15.07
N SER G 168 -29.35 72.21 15.01
CA SER G 168 -27.99 72.20 14.49
C SER G 168 -27.07 71.53 15.49
N LEU G 169 -25.88 71.13 15.01
CA LEU G 169 -24.91 70.50 15.88
C LEU G 169 -24.51 71.45 17.01
N THR G 170 -24.18 72.70 16.67
CA THR G 170 -23.81 73.68 17.69
C THR G 170 -24.96 73.92 18.66
N ASP G 171 -26.19 74.07 18.14
CA ASP G 171 -27.34 74.29 19.01
C ASP G 171 -27.56 73.09 19.93
N ALA G 172 -27.53 71.88 19.36
CA ALA G 172 -27.72 70.67 20.16
C ALA G 172 -26.64 70.54 21.22
N LEU G 173 -25.41 70.87 20.87
CA LEU G 173 -24.31 70.83 21.83
C LEU G 173 -24.54 71.81 22.97
N ARG G 174 -24.87 73.06 22.65
CA ARG G 174 -24.97 74.06 23.71
C ARG G 174 -26.21 73.85 24.58
N ILE G 175 -27.32 73.37 24.02
CA ILE G 175 -28.45 73.00 24.87
C ILE G 175 -28.10 71.80 25.72
N ALA G 176 -27.31 70.86 25.18
CA ALA G 176 -26.93 69.67 25.95
C ALA G 176 -26.05 70.05 27.13
N VAL G 177 -25.01 70.85 26.89
CA VAL G 177 -24.14 71.30 27.98
C VAL G 177 -24.92 72.17 28.96
N ALA G 178 -25.87 72.96 28.46
CA ALA G 178 -26.72 73.75 29.34
C ALA G 178 -27.51 72.86 30.29
N ALA G 179 -28.18 71.84 29.75
CA ALA G 179 -28.93 70.92 30.60
C ALA G 179 -28.01 70.17 31.55
N LEU G 180 -26.80 69.84 31.12
CA LEU G 180 -25.84 69.20 32.02
C LEU G 180 -25.41 70.16 33.13
N ARG G 181 -25.46 71.46 32.87
CA ARG G 181 -25.08 72.45 33.87
C ARG G 181 -26.08 72.51 35.01
N ALA G 182 -27.37 72.38 34.70
CA ALA G 182 -28.40 72.39 35.73
C ALA G 182 -28.25 71.21 36.68
N GLY G 183 -27.79 70.07 36.18
CA GLY G 183 -27.73 68.87 37.01
C GLY G 183 -26.46 68.74 37.83
N SER G 184 -25.38 69.37 37.40
CA SER G 184 -24.11 69.25 38.10
C SER G 184 -24.17 69.87 39.50
N GLY G 196 -16.57 73.16 31.41
CA GLY G 196 -15.53 73.58 30.48
C GLY G 196 -15.16 72.52 29.46
N VAL G 197 -14.09 72.77 28.72
CA VAL G 197 -13.65 71.83 27.68
C VAL G 197 -12.94 70.62 28.31
N ALA G 198 -12.05 70.89 29.26
CA ALA G 198 -11.28 69.83 29.92
C ALA G 198 -12.14 68.92 30.79
N SER G 199 -13.42 69.26 31.02
CA SER G 199 -14.31 68.45 31.84
C SER G 199 -15.40 67.77 31.02
N LEU G 200 -15.33 67.81 29.69
CA LEU G 200 -16.35 67.20 28.85
C LEU G 200 -15.73 66.17 27.92
N GLU G 201 -16.52 65.14 27.62
CA GLU G 201 -16.23 64.18 26.56
C GLU G 201 -17.41 64.22 25.60
N VAL G 202 -17.14 64.59 24.35
CA VAL G 202 -18.18 64.82 23.34
C VAL G 202 -17.87 63.97 22.12
N ALA G 203 -18.89 63.27 21.62
CA ALA G 203 -18.76 62.49 20.40
C ALA G 203 -20.09 62.52 19.67
N VAL G 204 -20.08 62.09 18.40
CA VAL G 204 -21.26 62.14 17.56
C VAL G 204 -21.33 60.89 16.69
N LEU G 205 -22.55 60.40 16.52
CA LEU G 205 -22.88 59.46 15.44
C LEU G 205 -23.34 60.32 14.27
N ASP G 206 -22.44 60.47 13.28
CA ASP G 206 -22.64 61.37 12.14
C ASP G 206 -23.26 60.57 11.01
N ALA G 207 -24.57 60.75 10.82
CA ALA G 207 -25.29 60.02 9.78
C ALA G 207 -24.77 60.33 8.39
N ASN G 208 -23.91 61.32 8.23
CA ASN G 208 -23.39 61.74 6.94
C ASN G 208 -22.04 61.09 6.62
N ARG G 209 -21.52 60.24 7.50
CA ARG G 209 -20.27 59.53 7.26
C ARG G 209 -20.51 58.30 6.38
N PRO G 210 -19.54 57.93 5.54
CA PRO G 210 -19.77 56.82 4.59
C PRO G 210 -19.95 55.47 5.26
N ARG G 211 -19.06 55.07 6.17
CA ARG G 211 -19.22 53.79 6.87
C ARG G 211 -19.32 53.99 8.38
N ARG G 212 -18.20 54.27 9.05
CA ARG G 212 -18.21 54.39 10.51
C ARG G 212 -18.69 55.78 10.89
N ALA G 213 -19.87 55.85 11.50
CA ALA G 213 -20.49 57.14 11.80
C ALA G 213 -19.94 57.79 13.06
N PHE G 214 -19.34 57.00 13.95
CA PHE G 214 -18.84 57.53 15.21
C PHE G 214 -17.61 58.40 14.96
N ARG G 215 -17.55 59.53 15.65
CA ARG G 215 -16.32 60.32 15.67
C ARG G 215 -16.38 61.32 16.82
N ARG G 216 -15.20 61.65 17.33
CA ARG G 216 -15.04 62.47 18.52
C ARG G 216 -14.76 63.92 18.14
N ILE G 217 -15.18 64.83 19.01
CA ILE G 217 -14.95 66.27 18.86
C ILE G 217 -14.10 66.71 20.05
N THR G 218 -12.83 67.03 19.80
CA THR G 218 -11.86 67.26 20.87
C THR G 218 -11.10 68.55 20.62
N GLY G 219 -10.63 69.15 21.72
CA GLY G 219 -9.68 70.24 21.64
C GLY G 219 -10.21 71.45 20.89
N SER G 220 -9.41 71.92 19.93
CA SER G 220 -9.70 73.16 19.23
C SER G 220 -11.06 73.10 18.54
N ALA G 221 -11.40 71.97 17.94
CA ALA G 221 -12.70 71.83 17.29
C ALA G 221 -13.83 72.01 18.29
N LEU G 222 -13.72 71.39 19.47
CA LEU G 222 -14.76 71.53 20.48
C LEU G 222 -14.85 72.97 20.95
N GLN G 223 -13.69 73.61 21.20
CA GLN G 223 -13.68 75.02 21.57
C GLN G 223 -14.41 75.88 20.55
N ALA G 224 -14.17 75.63 19.25
CA ALA G 224 -14.88 76.37 18.21
C ALA G 224 -16.39 76.12 18.27
N LEU G 225 -16.80 74.86 18.39
CA LEU G 225 -18.21 74.51 18.44
C LEU G 225 -18.91 75.07 19.68
N LEU G 226 -18.18 75.33 20.77
CA LEU G 226 -18.84 75.81 21.98
C LEU G 226 -19.16 77.30 21.91
N VAL G 227 -18.17 78.13 21.61
CA VAL G 227 -18.35 79.58 21.60
C VAL G 227 -19.40 80.01 20.58
N THR H 1 -28.67 15.93 -13.23
CA THR H 1 -29.32 17.10 -12.64
C THR H 1 -28.86 18.37 -13.33
N THR H 2 -29.79 19.28 -13.55
CA THR H 2 -29.45 20.62 -14.04
C THR H 2 -30.42 21.61 -13.43
N ILE H 3 -29.86 22.64 -12.79
CA ILE H 3 -30.63 23.77 -12.26
C ILE H 3 -30.14 25.03 -12.97
N VAL H 4 -31.08 25.84 -13.45
CA VAL H 4 -30.78 27.10 -14.13
C VAL H 4 -31.41 28.24 -13.35
N ALA H 5 -30.78 29.41 -13.46
CA ALA H 5 -31.33 30.64 -12.91
C ALA H 5 -30.87 31.78 -13.81
N LEU H 6 -31.80 32.68 -14.14
CA LEU H 6 -31.45 33.83 -14.95
C LEU H 6 -32.23 35.04 -14.47
N LYS H 7 -31.63 36.22 -14.67
CA LYS H 7 -32.26 37.48 -14.33
C LYS H 7 -33.04 38.01 -15.52
N TYR H 8 -34.22 38.54 -15.25
CA TYR H 8 -34.98 39.26 -16.25
C TYR H 8 -35.31 40.65 -15.71
N PRO H 9 -35.71 41.59 -16.58
CA PRO H 9 -36.00 42.95 -16.09
C PRO H 9 -37.03 42.96 -14.97
N GLY H 10 -36.57 43.27 -13.76
CA GLY H 10 -37.43 43.33 -12.60
C GLY H 10 -37.65 42.02 -11.87
N GLY H 11 -36.89 40.98 -12.17
CA GLY H 11 -37.10 39.72 -11.47
C GLY H 11 -36.01 38.71 -11.79
N VAL H 12 -36.21 37.51 -11.25
CA VAL H 12 -35.30 36.38 -11.44
C VAL H 12 -36.15 35.12 -11.58
N VAL H 13 -35.62 34.13 -12.32
CA VAL H 13 -36.30 32.86 -12.53
C VAL H 13 -35.32 31.71 -12.32
N MET H 14 -35.82 30.60 -11.77
CA MET H 14 -35.02 29.39 -11.53
C MET H 14 -35.84 28.16 -11.92
N ALA H 15 -35.21 27.23 -12.63
CA ALA H 15 -35.89 26.03 -13.07
C ALA H 15 -34.99 24.81 -12.87
N GLY H 16 -35.61 23.66 -12.72
CA GLY H 16 -34.87 22.42 -12.50
C GLY H 16 -35.60 21.22 -13.07
N ASP H 17 -34.82 20.20 -13.45
CA ASP H 17 -35.36 18.97 -14.00
C ASP H 17 -35.92 18.09 -12.88
N ARG H 18 -36.43 16.92 -13.25
CA ARG H 18 -37.18 16.07 -12.32
C ARG H 18 -36.57 14.68 -12.14
N ARG H 19 -35.35 14.44 -12.64
CA ARG H 19 -34.81 13.10 -12.72
C ARG H 19 -33.92 12.74 -11.54
N SER H 20 -34.11 11.53 -11.02
CA SER H 20 -33.25 10.95 -10.00
C SER H 20 -32.65 9.67 -10.54
N THR H 21 -31.32 9.53 -10.43
CA THR H 21 -30.62 8.36 -10.91
C THR H 21 -29.79 7.74 -9.80
N GLN H 22 -29.53 6.44 -9.92
CA GLN H 22 -28.48 5.75 -9.20
C GLN H 22 -27.58 5.12 -10.25
N GLY H 23 -26.37 5.66 -10.39
CA GLY H 23 -25.55 5.36 -11.54
C GLY H 23 -26.29 5.60 -12.84
N ASN H 24 -26.45 4.57 -13.67
CA ASN H 24 -27.17 4.69 -14.91
C ASN H 24 -28.68 4.46 -14.78
N MET H 25 -29.12 3.82 -13.70
CA MET H 25 -30.53 3.50 -13.54
C MET H 25 -31.31 4.71 -13.09
N ILE H 26 -32.47 4.91 -13.71
CA ILE H 26 -33.38 6.00 -13.33
C ILE H 26 -34.19 5.57 -12.12
N SER H 27 -34.03 6.30 -11.02
CA SER H 27 -34.70 5.99 -9.77
C SER H 27 -35.78 7.00 -9.40
N GLY H 28 -36.05 7.98 -10.25
CA GLY H 28 -37.08 8.95 -9.98
C GLY H 28 -37.41 9.78 -11.19
N ARG H 29 -38.70 10.08 -11.40
CA ARG H 29 -39.13 10.87 -12.54
C ARG H 29 -39.83 12.18 -12.18
N ASP H 30 -40.34 12.34 -10.96
CA ASP H 30 -41.09 13.53 -10.56
C ASP H 30 -40.38 14.33 -9.49
N VAL H 31 -39.09 14.06 -9.26
CA VAL H 31 -38.34 14.69 -8.18
C VAL H 31 -38.37 16.22 -8.29
N ARG H 32 -38.44 16.91 -7.15
CA ARG H 32 -38.38 18.36 -7.09
C ARG H 32 -37.04 18.79 -6.50
N LYS H 33 -36.34 19.66 -7.23
CA LYS H 33 -35.00 20.10 -6.83
C LYS H 33 -34.91 21.59 -6.58
N VAL H 34 -35.96 22.36 -6.84
CA VAL H 34 -35.97 23.79 -6.61
C VAL H 34 -37.03 24.08 -5.55
N TYR H 35 -36.64 24.81 -4.51
CA TYR H 35 -37.51 25.07 -3.37
C TYR H 35 -37.56 26.55 -3.05
N ILE H 36 -38.71 27.00 -2.58
CA ILE H 36 -38.86 28.38 -2.12
C ILE H 36 -38.45 28.41 -0.66
N THR H 37 -37.24 28.91 -0.41
CA THR H 37 -36.67 28.98 0.94
C THR H 37 -37.13 30.23 1.68
N ASP H 38 -37.48 31.28 0.96
CA ASP H 38 -37.85 32.55 1.56
C ASP H 38 -38.85 33.25 0.66
N ASP H 39 -39.57 34.21 1.26
CA ASP H 39 -40.59 34.95 0.52
C ASP H 39 -40.00 35.56 -0.74
N TYR H 40 -38.70 35.85 -0.72
CA TYR H 40 -38.00 36.42 -1.86
C TYR H 40 -36.80 35.60 -2.30
N THR H 41 -36.65 34.36 -1.85
CA THR H 41 -35.53 33.56 -2.34
C THR H 41 -35.96 32.12 -2.60
N ALA H 42 -35.32 31.53 -3.61
CA ALA H 42 -35.50 30.14 -3.99
C ALA H 42 -34.11 29.52 -4.15
N THR H 43 -34.01 28.25 -3.80
CA THR H 43 -32.75 27.51 -3.83
C THR H 43 -32.93 26.24 -4.63
N GLY H 44 -32.02 25.99 -5.57
CA GLY H 44 -31.99 24.74 -6.33
C GLY H 44 -30.72 23.96 -5.97
N ILE H 45 -30.85 22.66 -5.79
CA ILE H 45 -29.73 21.88 -5.27
C ILE H 45 -29.44 20.72 -6.23
N ALA H 46 -28.16 20.45 -6.45
CA ALA H 46 -27.71 19.31 -7.24
C ALA H 46 -26.80 18.43 -6.39
N GLY H 47 -26.83 17.12 -6.64
CA GLY H 47 -25.96 16.20 -5.93
C GLY H 47 -26.75 15.12 -5.20
N THR H 48 -26.19 14.66 -4.08
CA THR H 48 -26.81 13.62 -3.28
C THR H 48 -28.18 14.08 -2.79
N ALA H 49 -29.20 13.27 -3.08
CA ALA H 49 -30.58 13.66 -2.81
C ALA H 49 -30.79 13.98 -1.34
N ALA H 50 -30.37 13.07 -0.45
CA ALA H 50 -30.52 13.29 0.99
C ALA H 50 -29.93 14.63 1.41
N VAL H 51 -28.66 14.86 1.05
CA VAL H 51 -27.98 16.08 1.45
C VAL H 51 -28.66 17.30 0.82
N ALA H 52 -29.14 17.15 -0.41
CA ALA H 52 -29.79 18.27 -1.10
C ALA H 52 -31.05 18.70 -0.37
N VAL H 53 -31.93 17.75 -0.07
CA VAL H 53 -33.18 18.06 0.61
C VAL H 53 -32.91 18.62 2.00
N GLU H 54 -31.98 18.00 2.75
CA GLU H 54 -31.67 18.53 4.07
C GLU H 54 -31.12 19.95 3.97
N PHE H 55 -30.32 20.24 2.94
CA PHE H 55 -29.85 21.60 2.73
C PHE H 55 -31.00 22.57 2.57
N ALA H 56 -31.90 22.31 1.63
CA ALA H 56 -33.02 23.23 1.39
C ALA H 56 -33.86 23.42 2.65
N ARG H 57 -34.25 22.32 3.29
CA ARG H 57 -35.10 22.37 4.47
C ARG H 57 -34.42 23.14 5.59
N LEU H 58 -33.21 22.73 5.97
CA LEU H 58 -32.47 23.37 7.05
C LEU H 58 -32.25 24.84 6.77
N TYR H 59 -31.99 25.19 5.51
CA TYR H 59 -31.74 26.58 5.15
C TYR H 59 -32.98 27.44 5.34
N ALA H 60 -34.12 26.97 4.82
CA ALA H 60 -35.38 27.70 5.04
C ALA H 60 -35.64 27.88 6.54
N VAL H 61 -35.43 26.81 7.32
CA VAL H 61 -35.64 26.90 8.76
C VAL H 61 -34.72 27.95 9.37
N GLU H 62 -33.47 28.03 8.92
CA GLU H 62 -32.54 29.00 9.48
C GLU H 62 -32.98 30.42 9.17
N LEU H 63 -33.34 30.69 7.92
CA LEU H 63 -33.76 32.03 7.52
C LEU H 63 -34.98 32.48 8.33
N GLU H 64 -36.04 31.66 8.35
CA GLU H 64 -37.22 32.06 9.10
C GLU H 64 -36.94 32.14 10.60
N HIS H 65 -36.02 31.30 11.09
CA HIS H 65 -35.60 31.37 12.49
C HIS H 65 -35.07 32.76 12.81
N TYR H 66 -34.11 33.25 12.02
CA TYR H 66 -33.61 34.60 12.23
C TYR H 66 -34.73 35.62 12.13
N GLU H 67 -35.64 35.44 11.16
CA GLU H 67 -36.71 36.39 10.95
C GLU H 67 -37.60 36.52 12.18
N LYS H 68 -37.98 35.40 12.78
CA LYS H 68 -38.84 35.44 13.96
C LYS H 68 -38.09 35.90 15.19
N LEU H 69 -36.81 35.55 15.33
CA LEU H 69 -36.07 35.95 16.52
C LEU H 69 -35.83 37.45 16.54
N GLU H 70 -35.39 38.02 15.42
CA GLU H 70 -35.00 39.43 15.40
C GLU H 70 -36.05 40.35 14.79
N GLY H 71 -37.19 39.81 14.37
CA GLY H 71 -38.29 40.64 13.87
C GLY H 71 -38.09 41.26 12.52
N VAL H 72 -36.98 40.96 11.83
CA VAL H 72 -36.71 41.50 10.51
C VAL H 72 -35.93 40.41 9.78
N PRO H 73 -36.15 40.20 8.48
CA PRO H 73 -35.39 39.18 7.77
C PRO H 73 -33.93 39.57 7.57
N LEU H 74 -33.12 38.56 7.29
CA LEU H 74 -31.72 38.78 7.02
C LEU H 74 -31.53 39.58 5.75
N THR H 75 -30.46 40.38 5.73
CA THR H 75 -30.01 40.96 4.48
C THR H 75 -29.60 39.85 3.51
N PHE H 76 -29.65 40.16 2.21
CA PHE H 76 -29.32 39.14 1.22
C PHE H 76 -27.88 38.66 1.40
N ALA H 77 -26.96 39.58 1.71
CA ALA H 77 -25.59 39.18 2.00
C ALA H 77 -25.55 38.18 3.15
N GLY H 78 -26.36 38.40 4.17
CA GLY H 78 -26.42 37.46 5.28
C GLY H 78 -26.89 36.08 4.84
N LYS H 79 -27.94 36.04 4.01
CA LYS H 79 -28.43 34.76 3.49
C LYS H 79 -27.32 34.03 2.72
N ILE H 80 -26.63 34.74 1.83
CA ILE H 80 -25.50 34.16 1.10
C ILE H 80 -24.49 33.58 2.08
N ASN H 81 -24.12 34.36 3.09
CA ASN H 81 -23.14 33.90 4.07
C ASN H 81 -23.58 32.63 4.77
N ARG H 82 -24.86 32.55 5.16
CA ARG H 82 -25.33 31.36 5.86
C ARG H 82 -25.31 30.13 4.97
N LEU H 83 -25.75 30.28 3.72
CA LEU H 83 -25.67 29.14 2.80
C LEU H 83 -24.23 28.68 2.62
N ALA H 84 -23.30 29.62 2.44
CA ALA H 84 -21.90 29.28 2.28
C ALA H 84 -21.37 28.52 3.50
N ILE H 85 -21.68 29.03 4.70
CA ILE H 85 -21.24 28.36 5.93
C ILE H 85 -21.81 26.95 5.99
N MET H 86 -23.04 26.76 5.50
CA MET H 86 -23.61 25.41 5.48
C MET H 86 -22.81 24.48 4.58
N VAL H 87 -22.52 24.93 3.35
CA VAL H 87 -21.76 24.09 2.42
C VAL H 87 -20.39 23.74 2.99
N ARG H 88 -19.64 24.76 3.43
CA ARG H 88 -18.33 24.52 4.03
C ARG H 88 -18.45 23.55 5.20
N GLY H 89 -19.53 23.65 5.96
CA GLY H 89 -19.76 22.69 7.02
C GLY H 89 -19.94 21.28 6.51
N ASN H 90 -20.53 21.12 5.32
CA ASN H 90 -20.70 19.78 4.77
C ASN H 90 -19.45 19.28 4.05
N LEU H 91 -18.42 20.11 3.91
CA LEU H 91 -17.23 19.72 3.14
C LEU H 91 -16.74 18.32 3.51
N ALA H 92 -16.68 18.00 4.81
CA ALA H 92 -16.15 16.71 5.24
C ALA H 92 -16.90 15.54 4.60
N ALA H 93 -18.22 15.51 4.78
CA ALA H 93 -19.02 14.45 4.16
C ALA H 93 -18.99 14.53 2.64
N ALA H 94 -18.88 15.73 2.07
CA ALA H 94 -18.78 15.85 0.62
C ALA H 94 -17.56 15.11 0.09
N MET H 95 -16.42 15.23 0.81
CA MET H 95 -15.24 14.46 0.43
C MET H 95 -15.49 12.96 0.52
N GLN H 96 -16.49 12.53 1.28
CA GLN H 96 -16.81 11.12 1.45
C GLN H 96 -17.95 10.66 0.57
N GLY H 97 -18.41 11.49 -0.37
CA GLY H 97 -19.43 11.11 -1.32
C GLY H 97 -20.80 11.70 -1.07
N LEU H 98 -20.98 12.49 -0.02
CA LEU H 98 -22.26 13.13 0.27
C LEU H 98 -22.21 14.59 -0.17
N LEU H 99 -21.94 14.78 -1.46
CA LEU H 99 -21.75 16.10 -2.04
C LEU H 99 -23.08 16.70 -2.46
N ALA H 100 -23.23 18.01 -2.23
CA ALA H 100 -24.42 18.74 -2.64
C ALA H 100 -24.05 20.20 -2.88
N LEU H 101 -24.30 20.68 -4.10
CA LEU H 101 -24.02 22.05 -4.48
C LEU H 101 -25.31 22.84 -4.64
N PRO H 102 -25.40 24.01 -4.02
CA PRO H 102 -26.60 24.84 -4.20
C PRO H 102 -26.43 25.94 -5.22
N LEU H 103 -27.56 26.44 -5.70
CA LEU H 103 -27.66 27.62 -6.56
C LEU H 103 -28.75 28.50 -5.97
N LEU H 104 -28.41 29.75 -5.71
CA LEU H 104 -29.29 30.67 -4.98
C LEU H 104 -29.83 31.72 -5.93
N ALA H 105 -31.16 31.90 -5.91
CA ALA H 105 -31.80 32.94 -6.71
C ALA H 105 -32.69 33.75 -5.78
N GLY H 106 -32.57 35.07 -5.82
CA GLY H 106 -33.35 35.89 -4.92
C GLY H 106 -33.68 37.25 -5.50
N TYR H 107 -34.54 37.96 -4.78
CA TYR H 107 -34.91 39.34 -5.11
C TYR H 107 -34.63 40.19 -3.89
N ASP H 108 -33.66 41.10 -4.00
CA ASP H 108 -33.25 41.92 -2.86
C ASP H 108 -34.18 43.11 -2.73
N ILE H 109 -35.04 43.08 -1.72
CA ILE H 109 -35.98 44.18 -1.52
C ILE H 109 -35.27 45.46 -1.11
N HIS H 110 -34.05 45.36 -0.57
CA HIS H 110 -33.27 46.52 -0.17
C HIS H 110 -32.39 47.07 -1.28
N ALA H 111 -32.52 46.56 -2.50
CA ALA H 111 -31.68 47.03 -3.58
C ALA H 111 -32.09 48.43 -4.02
N SER H 112 -31.13 49.16 -4.59
CA SER H 112 -31.36 50.55 -4.98
C SER H 112 -32.29 50.64 -6.19
N ASP H 113 -32.19 49.69 -7.12
CA ASP H 113 -32.91 49.75 -8.39
C ASP H 113 -33.92 48.62 -8.44
N PRO H 114 -35.22 48.93 -8.53
CA PRO H 114 -36.26 47.88 -8.46
C PRO H 114 -36.23 46.88 -9.60
N GLN H 115 -35.46 47.11 -10.67
CA GLN H 115 -35.41 46.15 -11.76
C GLN H 115 -34.05 45.49 -11.94
N SER H 116 -33.03 45.90 -11.18
CA SER H 116 -31.78 45.16 -11.09
C SER H 116 -31.60 44.55 -9.70
N ALA H 117 -32.72 44.27 -9.02
CA ALA H 117 -32.73 43.63 -7.71
C ALA H 117 -32.64 42.12 -7.80
N GLY H 118 -32.61 41.54 -9.00
CA GLY H 118 -32.41 40.12 -9.12
C GLY H 118 -31.02 39.70 -8.69
N ARG H 119 -30.94 38.51 -8.10
CA ARG H 119 -29.68 38.01 -7.56
C ARG H 119 -29.51 36.54 -7.89
N ILE H 120 -28.32 36.18 -8.35
CA ILE H 120 -27.94 34.80 -8.65
C ILE H 120 -26.58 34.56 -8.03
N VAL H 121 -26.50 33.58 -7.12
CA VAL H 121 -25.28 33.28 -6.39
C VAL H 121 -24.96 31.82 -6.59
N SER H 122 -23.72 31.53 -7.02
CA SER H 122 -23.25 30.17 -7.17
C SER H 122 -22.23 29.84 -6.08
N PHE H 123 -22.10 28.54 -5.81
CA PHE H 123 -21.23 28.06 -4.74
C PHE H 123 -20.37 26.90 -5.24
N ASP H 124 -19.26 26.69 -4.54
CA ASP H 124 -18.42 25.51 -4.73
C ASP H 124 -18.43 24.66 -3.46
N ALA H 125 -17.74 23.52 -3.52
CA ALA H 125 -17.82 22.54 -2.44
C ALA H 125 -17.21 23.04 -1.13
N ALA H 126 -16.36 24.05 -1.17
CA ALA H 126 -15.79 24.63 0.04
C ALA H 126 -16.59 25.82 0.56
N GLY H 127 -17.73 26.10 -0.04
CA GLY H 127 -18.53 27.24 0.34
C GLY H 127 -18.04 28.57 -0.19
N GLY H 128 -17.18 28.56 -1.21
CA GLY H 128 -16.94 29.76 -1.98
C GLY H 128 -18.21 30.15 -2.73
N TRP H 129 -18.43 31.46 -2.86
CA TRP H 129 -19.64 31.93 -3.54
C TRP H 129 -19.29 33.08 -4.48
N ASN H 130 -20.15 33.26 -5.48
CA ASN H 130 -20.00 34.33 -6.46
C ASN H 130 -21.39 34.88 -6.76
N ILE H 131 -21.54 36.19 -6.64
CA ILE H 131 -22.74 36.89 -7.08
C ILE H 131 -22.62 37.19 -8.56
N GLU H 132 -23.50 36.60 -9.36
CA GLU H 132 -23.38 36.66 -10.81
C GLU H 132 -23.86 38.01 -11.34
N GLU H 133 -23.07 38.58 -12.24
CA GLU H 133 -23.43 39.81 -12.95
C GLU H 133 -23.62 39.58 -14.44
N GLU H 134 -23.42 38.36 -14.93
CA GLU H 134 -23.56 38.07 -16.35
C GLU H 134 -24.97 37.69 -16.76
N GLY H 135 -25.86 37.42 -15.79
CA GLY H 135 -27.29 37.28 -16.06
C GLY H 135 -27.85 35.90 -15.79
N TYR H 136 -27.03 34.86 -15.92
CA TYR H 136 -27.50 33.49 -15.77
C TYR H 136 -26.43 32.63 -15.13
N GLN H 137 -26.85 31.45 -14.66
CA GLN H 137 -25.95 30.48 -14.04
C GLN H 137 -26.69 29.16 -13.92
N ALA H 138 -25.92 28.07 -13.84
CA ALA H 138 -26.49 26.73 -13.74
C ALA H 138 -25.59 25.87 -12.87
N VAL H 139 -26.15 24.79 -12.35
CA VAL H 139 -25.43 23.84 -11.52
C VAL H 139 -25.93 22.44 -11.84
N GLY H 140 -25.05 21.45 -11.68
CA GLY H 140 -25.42 20.06 -11.91
C GLY H 140 -24.65 19.45 -13.06
N SER H 141 -24.99 18.19 -13.34
CA SER H 141 -24.27 17.41 -14.34
C SER H 141 -24.42 17.97 -15.75
N GLY H 142 -25.48 18.73 -16.01
CA GLY H 142 -25.68 19.35 -17.31
C GLY H 142 -25.48 20.86 -17.33
N SER H 143 -24.83 21.39 -16.29
CA SER H 143 -24.77 22.84 -16.14
C SER H 143 -23.98 23.50 -17.26
N LEU H 144 -22.99 22.81 -17.82
CA LEU H 144 -22.22 23.39 -18.91
C LEU H 144 -23.07 23.54 -20.17
N PHE H 145 -23.80 22.48 -20.53
CA PHE H 145 -24.67 22.55 -21.70
C PHE H 145 -25.71 23.65 -21.54
N ALA H 146 -26.32 23.75 -20.36
CA ALA H 146 -27.33 24.77 -20.13
C ALA H 146 -26.74 26.17 -20.17
N LYS H 147 -25.56 26.36 -19.56
CA LYS H 147 -24.93 27.68 -19.58
C LYS H 147 -24.57 28.09 -20.99
N SER H 148 -24.07 27.15 -21.80
CA SER H 148 -23.73 27.47 -23.18
C SER H 148 -24.98 27.74 -24.01
N SER H 149 -26.10 27.09 -23.67
CA SER H 149 -27.35 27.39 -24.35
C SER H 149 -27.85 28.79 -24.01
N MET H 150 -27.89 29.13 -22.72
CA MET H 150 -28.32 30.46 -22.31
C MET H 150 -27.38 31.53 -22.84
N LYS H 151 -26.11 31.19 -23.06
CA LYS H 151 -25.19 32.15 -23.65
C LYS H 151 -25.67 32.64 -25.01
N LYS H 152 -26.33 31.76 -25.77
CA LYS H 152 -26.88 32.14 -27.07
C LYS H 152 -28.31 32.67 -26.97
N LEU H 153 -29.10 32.16 -26.03
CA LEU H 153 -30.51 32.49 -25.95
C LEU H 153 -30.82 33.69 -25.07
N TYR H 154 -29.84 34.24 -24.37
CA TYR H 154 -30.13 35.24 -23.34
C TYR H 154 -30.59 36.56 -23.92
N SER H 155 -30.11 36.93 -25.12
CA SER H 155 -30.52 38.20 -25.74
C SER H 155 -32.03 38.28 -25.94
N GLN H 156 -32.73 37.15 -25.95
CA GLN H 156 -34.17 37.13 -26.13
C GLN H 156 -34.93 37.45 -24.85
N VAL H 157 -34.25 37.56 -23.70
CA VAL H 157 -34.93 37.75 -22.43
C VAL H 157 -35.26 39.24 -22.29
N THR H 158 -36.56 39.56 -22.34
CA THR H 158 -37.04 40.92 -22.22
C THR H 158 -38.05 41.10 -21.09
N ASP H 159 -38.67 40.03 -20.61
CA ASP H 159 -39.62 40.09 -19.50
C ASP H 159 -39.54 38.77 -18.76
N GLY H 160 -40.50 38.54 -17.85
CA GLY H 160 -40.49 37.31 -17.09
C GLY H 160 -40.76 36.09 -17.94
N ASP H 161 -41.66 36.21 -18.92
CA ASP H 161 -42.09 35.03 -19.68
C ASP H 161 -41.00 34.56 -20.64
N SER H 162 -40.39 35.49 -21.38
CA SER H 162 -39.28 35.12 -22.25
C SER H 162 -38.15 34.51 -21.43
N GLY H 163 -37.91 35.03 -20.22
CA GLY H 163 -36.92 34.42 -19.35
C GLY H 163 -37.27 33.00 -18.96
N LEU H 164 -38.54 32.76 -18.62
CA LEU H 164 -38.97 31.40 -18.32
C LEU H 164 -38.74 30.49 -19.52
N ARG H 165 -39.04 30.98 -20.74
CA ARG H 165 -38.80 30.18 -21.93
C ARG H 165 -37.33 29.85 -22.10
N VAL H 166 -36.45 30.85 -21.98
CA VAL H 166 -35.02 30.60 -22.15
C VAL H 166 -34.53 29.61 -21.09
N ALA H 167 -35.06 29.71 -19.88
CA ALA H 167 -34.68 28.76 -18.83
C ALA H 167 -35.09 27.33 -19.22
N VAL H 168 -36.35 27.15 -19.59
CA VAL H 168 -36.84 25.81 -19.94
C VAL H 168 -36.07 25.25 -21.14
N GLU H 169 -35.71 26.11 -22.09
CA GLU H 169 -34.95 25.63 -23.24
C GLU H 169 -33.53 25.22 -22.83
N ALA H 170 -32.91 25.99 -21.92
CA ALA H 170 -31.61 25.59 -21.40
C ALA H 170 -31.68 24.23 -20.73
N LEU H 171 -32.72 23.99 -19.92
CA LEU H 171 -32.92 22.65 -19.37
C LEU H 171 -33.12 21.62 -20.46
N TYR H 172 -33.77 22.01 -21.56
CA TYR H 172 -33.99 21.08 -22.67
C TYR H 172 -32.67 20.66 -23.30
N ASP H 173 -31.76 21.61 -23.54
CA ASP H 173 -30.44 21.27 -24.07
C ASP H 173 -29.65 20.43 -23.08
N ALA H 174 -29.70 20.80 -21.79
CA ALA H 174 -29.02 20.03 -20.76
C ALA H 174 -29.44 18.57 -20.80
N ALA H 175 -30.75 18.32 -20.78
CA ALA H 175 -31.22 16.94 -20.90
C ALA H 175 -30.86 16.33 -22.24
N ASP H 176 -30.73 17.17 -23.28
CA ASP H 176 -30.40 16.66 -24.61
C ASP H 176 -28.99 16.07 -24.65
N ASP H 177 -28.04 16.64 -23.90
CA ASP H 177 -26.67 16.15 -23.95
C ASP H 177 -26.23 15.40 -22.70
N ASP H 178 -27.05 15.34 -21.65
CA ASP H 178 -26.69 14.69 -20.40
C ASP H 178 -27.77 13.71 -20.01
N SER H 179 -27.41 12.43 -19.87
CA SER H 179 -28.39 11.41 -19.52
C SER H 179 -28.83 11.52 -18.06
N ALA H 180 -28.07 12.22 -17.22
CA ALA H 180 -28.47 12.40 -15.83
C ALA H 180 -29.52 13.50 -15.66
N THR H 181 -29.77 14.31 -16.69
CA THR H 181 -30.82 15.31 -16.66
C THR H 181 -32.00 14.83 -17.50
N GLY H 182 -33.20 14.93 -16.94
CA GLY H 182 -34.39 14.47 -17.62
C GLY H 182 -35.09 15.60 -18.36
N GLY H 183 -35.53 15.31 -19.59
CA GLY H 183 -36.27 16.26 -20.37
C GLY H 183 -37.76 16.15 -20.13
N PRO H 184 -38.55 16.91 -20.86
CA PRO H 184 -40.01 16.85 -20.69
C PRO H 184 -40.56 15.50 -21.10
N ASP H 185 -41.35 14.88 -20.22
CA ASP H 185 -41.99 13.59 -20.47
C ASP H 185 -43.41 13.88 -20.92
N LEU H 186 -43.61 13.95 -22.23
CA LEU H 186 -44.93 14.24 -22.77
C LEU H 186 -45.89 13.08 -22.56
N VAL H 187 -45.39 11.86 -22.41
CA VAL H 187 -46.25 10.70 -22.16
C VAL H 187 -46.79 10.74 -20.73
N ARG H 188 -45.94 11.01 -19.76
CA ARG H 188 -46.36 11.07 -18.36
C ARG H 188 -46.78 12.47 -17.93
N GLY H 189 -46.53 13.49 -18.74
CA GLY H 189 -46.85 14.85 -18.35
C GLY H 189 -46.03 15.36 -17.19
N ILE H 190 -44.72 15.08 -17.20
CA ILE H 190 -43.81 15.55 -16.16
C ILE H 190 -42.85 16.54 -16.80
N PHE H 191 -42.81 17.74 -16.26
CA PHE H 191 -42.04 18.84 -16.83
C PHE H 191 -41.17 19.45 -15.74
N PRO H 192 -40.17 20.25 -16.12
CA PRO H 192 -39.33 20.90 -15.10
C PRO H 192 -40.17 21.77 -14.18
N THR H 193 -39.69 21.94 -12.96
CA THR H 193 -40.34 22.86 -12.03
C THR H 193 -39.62 24.20 -12.09
N ALA H 194 -40.39 25.26 -11.90
CA ALA H 194 -39.84 26.61 -11.98
C ALA H 194 -40.42 27.48 -10.89
N VAL H 195 -39.61 28.42 -10.44
CA VAL H 195 -40.00 29.44 -9.46
C VAL H 195 -39.58 30.79 -10.02
N ILE H 196 -40.46 31.77 -9.93
CA ILE H 196 -40.16 33.12 -10.39
C ILE H 196 -40.31 34.07 -9.22
N ILE H 197 -39.40 35.03 -9.10
CA ILE H 197 -39.32 35.93 -7.97
C ILE H 197 -39.23 37.35 -8.50
N ASP H 198 -40.14 38.21 -8.07
CA ASP H 198 -40.12 39.62 -8.44
C ASP H 198 -40.38 40.45 -7.18
N ALA H 199 -40.74 41.73 -7.37
CA ALA H 199 -41.01 42.59 -6.24
C ALA H 199 -42.18 42.08 -5.41
N ASP H 200 -43.09 41.32 -6.02
CA ASP H 200 -44.22 40.73 -5.31
C ASP H 200 -43.88 39.44 -4.58
N GLY H 201 -42.64 38.96 -4.67
CA GLY H 201 -42.25 37.75 -3.96
C GLY H 201 -41.92 36.61 -4.89
N ALA H 202 -41.86 35.41 -4.31
CA ALA H 202 -41.52 34.19 -5.01
C ALA H 202 -42.76 33.32 -5.16
N VAL H 203 -43.04 32.89 -6.39
CA VAL H 203 -44.18 32.03 -6.67
C VAL H 203 -43.74 30.86 -7.53
N ASP H 204 -44.43 29.72 -7.34
CA ASP H 204 -44.21 28.54 -8.18
C ASP H 204 -44.88 28.76 -9.53
N VAL H 205 -44.14 28.51 -10.60
CA VAL H 205 -44.74 28.59 -11.94
C VAL H 205 -45.68 27.40 -12.14
N PRO H 206 -46.92 27.62 -12.57
CA PRO H 206 -47.85 26.49 -12.76
C PRO H 206 -47.35 25.56 -13.86
N GLU H 207 -47.62 24.26 -13.66
CA GLU H 207 -47.10 23.25 -14.58
C GLU H 207 -47.62 23.44 -16.00
N SER H 208 -48.83 23.99 -16.15
CA SER H 208 -49.41 24.15 -17.47
C SER H 208 -48.56 25.09 -18.33
N ARG H 209 -48.07 26.19 -17.75
CA ARG H 209 -47.26 27.12 -18.51
C ARG H 209 -45.97 26.46 -19.00
N ILE H 210 -45.32 25.69 -18.14
CA ILE H 210 -44.09 25.02 -18.51
C ILE H 210 -44.37 23.96 -19.57
N ALA H 211 -45.50 23.27 -19.48
CA ALA H 211 -45.87 22.31 -20.51
C ALA H 211 -46.05 22.99 -21.86
N GLU H 212 -46.73 24.14 -21.86
CA GLU H 212 -46.94 24.89 -23.10
C GLU H 212 -45.62 25.31 -23.72
N LEU H 213 -44.76 25.96 -22.94
CA LEU H 213 -43.45 26.37 -23.45
C LEU H 213 -42.64 25.16 -23.92
N ALA H 214 -42.73 24.04 -23.19
CA ALA H 214 -42.02 22.84 -23.58
C ALA H 214 -42.44 22.38 -24.97
N ARG H 215 -43.75 22.15 -25.16
CA ARG H 215 -44.23 21.71 -26.46
C ARG H 215 -43.93 22.72 -27.56
N ALA H 216 -43.87 24.01 -27.21
CA ALA H 216 -43.44 25.01 -28.19
C ALA H 216 -42.00 24.78 -28.62
N ILE H 217 -41.12 24.49 -27.65
CA ILE H 217 -39.71 24.21 -27.96
C ILE H 217 -39.60 22.96 -28.84
N ILE H 218 -40.27 21.89 -28.42
CA ILE H 218 -40.22 20.64 -29.17
C ILE H 218 -40.69 20.85 -30.61
N GLU H 219 -41.81 21.55 -30.77
CA GLU H 219 -42.31 21.84 -32.12
C GLU H 219 -41.31 22.68 -32.90
N SER H 220 -40.66 23.64 -32.25
CA SER H 220 -39.66 24.44 -32.94
C SER H 220 -38.50 23.58 -33.42
N ARG H 221 -38.16 22.52 -32.68
CA ARG H 221 -37.05 21.66 -33.07
C ARG H 221 -37.43 20.60 -34.08
N SER H 222 -38.71 20.35 -34.32
CA SER H 222 -39.11 19.33 -35.29
C SER H 222 -39.32 19.92 -36.67
N THR I 1 -34.05 -11.25 -1.35
CA THR I 1 -35.15 -10.52 -0.73
C THR I 1 -35.90 -9.68 -1.76
N THR I 2 -37.23 -9.66 -1.65
CA THR I 2 -38.04 -8.75 -2.45
C THR I 2 -39.22 -8.28 -1.62
N ILE I 3 -39.39 -6.97 -1.52
CA ILE I 3 -40.55 -6.34 -0.91
C ILE I 3 -41.24 -5.50 -1.96
N VAL I 4 -42.56 -5.67 -2.08
CA VAL I 4 -43.37 -4.92 -3.03
C VAL I 4 -44.40 -4.12 -2.26
N ALA I 5 -44.80 -2.99 -2.82
CA ALA I 5 -45.89 -2.19 -2.29
C ALA I 5 -46.56 -1.50 -3.47
N LEU I 6 -47.89 -1.52 -3.48
CA LEU I 6 -48.62 -0.84 -4.54
C LEU I 6 -49.90 -0.24 -3.97
N LYS I 7 -50.33 0.86 -4.60
CA LYS I 7 -51.55 1.55 -4.23
C LYS I 7 -52.73 0.99 -5.02
N TYR I 8 -53.85 0.82 -4.35
CA TYR I 8 -55.11 0.51 -5.00
C TYR I 8 -56.14 1.54 -4.57
N PRO I 9 -57.27 1.67 -5.30
CA PRO I 9 -58.26 2.70 -4.94
C PRO I 9 -58.72 2.62 -3.49
N GLY I 10 -58.32 3.61 -2.71
CA GLY I 10 -58.71 3.70 -1.31
C GLY I 10 -57.82 2.94 -0.34
N GLY I 11 -56.67 2.44 -0.78
CA GLY I 11 -55.81 1.70 0.13
C GLY I 11 -54.45 1.41 -0.48
N VAL I 12 -53.65 0.67 0.28
CA VAL I 12 -52.31 0.29 -0.13
C VAL I 12 -52.06 -1.15 0.32
N VAL I 13 -51.18 -1.85 -0.41
CA VAL I 13 -50.81 -3.22 -0.07
C VAL I 13 -49.29 -3.36 -0.12
N MET I 14 -48.76 -4.19 0.77
CA MET I 14 -47.33 -4.48 0.83
C MET I 14 -47.12 -5.97 1.07
N ALA I 15 -46.21 -6.57 0.32
CA ALA I 15 -45.94 -8.00 0.45
C ALA I 15 -44.45 -8.27 0.42
N GLY I 16 -44.05 -9.36 1.04
CA GLY I 16 -42.64 -9.71 1.11
C GLY I 16 -42.46 -11.21 1.14
N ASP I 17 -41.31 -11.66 0.63
CA ASP I 17 -40.96 -13.07 0.60
C ASP I 17 -40.48 -13.52 1.98
N ARG I 18 -40.15 -14.81 2.09
CA ARG I 18 -39.87 -15.42 3.40
C ARG I 18 -38.46 -16.00 3.52
N ARG I 19 -37.58 -15.73 2.56
CA ARG I 19 -36.30 -16.42 2.48
C ARG I 19 -35.20 -15.59 3.15
N SER I 20 -34.39 -16.26 3.97
CA SER I 20 -33.19 -15.66 4.56
C SER I 20 -31.98 -16.44 4.08
N THR I 21 -30.97 -15.73 3.58
CA THR I 21 -29.78 -16.36 3.05
C THR I 21 -28.53 -15.84 3.74
N GLN I 22 -27.50 -16.67 3.76
CA GLN I 22 -26.14 -16.25 4.06
C GLN I 22 -25.29 -16.70 2.88
N GLY I 23 -24.84 -15.74 2.07
CA GLY I 23 -24.31 -16.05 0.77
C GLY I 23 -25.24 -16.92 -0.06
N ASN I 24 -24.77 -18.10 -0.47
CA ASN I 24 -25.62 -19.01 -1.23
C ASN I 24 -26.48 -19.91 -0.35
N MET I 25 -26.11 -20.10 0.92
CA MET I 25 -26.84 -21.01 1.78
C MET I 25 -28.14 -20.37 2.26
N ILE I 26 -29.20 -21.16 2.24
CA ILE I 26 -30.50 -20.72 2.76
C ILE I 26 -30.49 -20.91 4.27
N SER I 27 -30.62 -19.81 5.00
CA SER I 27 -30.61 -19.83 6.45
C SER I 27 -31.97 -19.55 7.06
N GLY I 28 -33.00 -19.43 6.22
CA GLY I 28 -34.35 -19.20 6.71
C GLY I 28 -35.40 -19.39 5.63
N ARG I 29 -36.51 -20.01 6.01
CA ARG I 29 -37.61 -20.27 5.10
C ARG I 29 -38.91 -19.59 5.49
N ASP I 30 -39.07 -19.21 6.75
CA ASP I 30 -40.31 -18.63 7.27
C ASP I 30 -40.14 -17.19 7.71
N VAL I 31 -39.02 -16.56 7.35
CA VAL I 31 -38.72 -15.21 7.80
C VAL I 31 -39.83 -14.22 7.44
N ARG I 32 -40.03 -13.23 8.30
CA ARG I 32 -41.03 -12.18 8.10
C ARG I 32 -40.31 -10.85 7.90
N LYS I 33 -40.55 -10.23 6.75
CA LYS I 33 -39.87 -9.00 6.37
C LYS I 33 -40.78 -7.78 6.27
N VAL I 34 -42.09 -7.95 6.42
CA VAL I 34 -43.04 -6.85 6.36
C VAL I 34 -43.72 -6.75 7.73
N TYR I 35 -43.69 -5.56 8.32
CA TYR I 35 -44.23 -5.35 9.66
C TYR I 35 -45.18 -4.15 9.68
N ILE I 36 -46.18 -4.25 10.53
CA ILE I 36 -47.13 -3.17 10.76
C ILE I 36 -46.55 -2.26 11.83
N THR I 37 -46.10 -1.06 11.43
CA THR I 37 -45.46 -0.17 12.38
C THR I 37 -46.47 0.64 13.20
N ASP I 38 -47.62 0.97 12.65
CA ASP I 38 -48.67 1.61 13.43
C ASP I 38 -50.01 1.38 12.76
N ASP I 39 -51.07 1.85 13.43
CA ASP I 39 -52.44 1.60 12.99
C ASP I 39 -52.66 1.91 11.50
N TYR I 40 -51.89 2.84 10.93
CA TYR I 40 -52.05 3.18 9.53
C TYR I 40 -50.77 3.08 8.70
N THR I 41 -49.71 2.45 9.21
CA THR I 41 -48.51 2.30 8.40
C THR I 41 -47.86 0.94 8.63
N ALA I 42 -47.25 0.42 7.57
CA ALA I 42 -46.48 -0.82 7.57
C ALA I 42 -45.16 -0.58 6.87
N THR I 43 -44.11 -1.26 7.34
CA THR I 43 -42.76 -1.12 6.81
C THR I 43 -42.22 -2.49 6.42
N GLY I 44 -41.69 -2.59 5.20
CA GLY I 44 -40.98 -3.78 4.75
C GLY I 44 -39.53 -3.40 4.51
N ILE I 45 -38.60 -4.23 4.99
CA ILE I 45 -37.19 -3.87 4.98
C ILE I 45 -36.39 -4.98 4.32
N ALA I 46 -35.39 -4.58 3.54
CA ALA I 46 -34.47 -5.51 2.88
C ALA I 46 -33.05 -5.20 3.33
N GLY I 47 -32.21 -6.24 3.37
CA GLY I 47 -30.82 -6.08 3.74
C GLY I 47 -30.45 -6.95 4.94
N THR I 48 -29.48 -6.46 5.72
CA THR I 48 -29.00 -7.21 6.87
C THR I 48 -30.15 -7.46 7.84
N ALA I 49 -30.38 -8.74 8.15
CA ALA I 49 -31.54 -9.15 8.94
C ALA I 49 -31.58 -8.46 10.30
N ALA I 50 -30.47 -8.51 11.02
CA ALA I 50 -30.40 -7.86 12.34
C ALA I 50 -30.81 -6.40 12.25
N VAL I 51 -30.18 -5.66 11.33
CA VAL I 51 -30.47 -4.24 11.19
C VAL I 51 -31.91 -4.02 10.76
N ALA I 52 -32.43 -4.89 9.89
CA ALA I 52 -33.80 -4.73 9.43
C ALA I 52 -34.79 -4.84 10.58
N VAL I 53 -34.67 -5.91 11.38
CA VAL I 53 -35.58 -6.10 12.50
C VAL I 53 -35.44 -4.97 13.51
N GLU I 54 -34.20 -4.58 13.82
CA GLU I 54 -34.01 -3.48 14.76
C GLU I 54 -34.67 -2.21 14.25
N PHE I 55 -34.56 -1.94 12.94
CA PHE I 55 -35.23 -0.78 12.35
C PHE I 55 -36.73 -0.85 12.54
N ALA I 56 -37.36 -1.96 12.17
CA ALA I 56 -38.81 -2.07 12.30
C ALA I 56 -39.26 -1.84 13.74
N ARG I 57 -38.63 -2.54 14.68
CA ARG I 57 -39.00 -2.45 16.09
C ARG I 57 -38.85 -1.02 16.61
N LEU I 58 -37.64 -0.47 16.46
CA LEU I 58 -37.35 0.87 16.96
C LEU I 58 -38.26 1.92 16.32
N TYR I 59 -38.57 1.77 15.03
CA TYR I 59 -39.42 2.73 14.35
C TYR I 59 -40.84 2.72 14.91
N ALA I 60 -41.43 1.52 15.03
CA ALA I 60 -42.75 1.43 15.66
C ALA I 60 -42.75 2.04 17.06
N VAL I 61 -41.71 1.73 17.85
CA VAL I 61 -41.62 2.28 19.19
C VAL I 61 -41.56 3.81 19.15
N GLU I 62 -40.84 4.37 18.18
CA GLU I 62 -40.73 5.82 18.10
C GLU I 62 -42.09 6.45 17.79
N LEU I 63 -42.81 5.89 16.82
CA LEU I 63 -44.12 6.42 16.47
C LEU I 63 -45.08 6.38 17.66
N GLU I 64 -45.22 5.22 18.30
CA GLU I 64 -46.15 5.15 19.42
C GLU I 64 -45.69 6.01 20.59
N HIS I 65 -44.38 6.15 20.77
CA HIS I 65 -43.84 7.04 21.79
C HIS I 65 -44.34 8.47 21.59
N TYR I 66 -44.14 9.02 20.38
CA TYR I 66 -44.66 10.37 20.12
C TYR I 66 -46.16 10.41 20.33
N GLU I 67 -46.88 9.37 19.91
CA GLU I 67 -48.33 9.37 20.02
C GLU I 67 -48.78 9.49 21.48
N LYS I 68 -48.16 8.71 22.37
CA LYS I 68 -48.56 8.77 23.78
C LYS I 68 -48.10 10.05 24.45
N LEU I 69 -46.92 10.57 24.08
CA LEU I 69 -46.44 11.79 24.72
C LEU I 69 -47.29 12.99 24.33
N GLU I 70 -47.58 13.15 23.04
CA GLU I 70 -48.27 14.34 22.56
C GLU I 70 -49.75 14.13 22.32
N GLY I 71 -50.28 12.93 22.60
CA GLY I 71 -51.70 12.70 22.52
C GLY I 71 -52.29 12.66 21.12
N VAL I 72 -51.46 12.76 20.10
CA VAL I 72 -51.91 12.73 18.71
C VAL I 72 -50.81 12.07 17.89
N PRO I 73 -51.14 11.27 16.88
CA PRO I 73 -50.08 10.66 16.06
C PRO I 73 -49.40 11.70 15.18
N LEU I 74 -48.20 11.33 14.72
CA LEU I 74 -47.46 12.18 13.81
C LEU I 74 -48.17 12.29 12.47
N THR I 75 -48.00 13.45 11.82
CA THR I 75 -48.38 13.57 10.43
C THR I 75 -47.54 12.62 9.59
N PHE I 76 -48.05 12.25 8.42
CA PHE I 76 -47.33 11.30 7.59
C PHE I 76 -45.96 11.84 7.20
N ALA I 77 -45.88 13.14 6.90
CA ALA I 77 -44.59 13.75 6.63
C ALA I 77 -43.63 13.56 7.80
N GLY I 78 -44.14 13.68 9.03
CA GLY I 78 -43.29 13.44 10.19
C GLY I 78 -42.78 12.01 10.25
N LYS I 79 -43.65 11.04 9.97
CA LYS I 79 -43.24 9.64 9.95
C LYS I 79 -42.14 9.41 8.92
N ILE I 80 -42.33 9.93 7.70
CA ILE I 80 -41.30 9.84 6.67
C ILE I 80 -39.99 10.41 7.18
N ASN I 81 -40.05 11.61 7.76
CA ASN I 81 -38.84 12.27 8.22
C ASN I 81 -38.12 11.43 9.27
N ARG I 82 -38.86 10.83 10.20
CA ARG I 82 -38.21 10.04 11.25
C ARG I 82 -37.55 8.79 10.68
N LEU I 83 -38.24 8.08 9.78
CA LEU I 83 -37.60 6.92 9.17
C LEU I 83 -36.34 7.33 8.43
N ALA I 84 -36.39 8.43 7.68
CA ALA I 84 -35.23 8.93 6.97
C ALA I 84 -34.07 9.22 7.91
N ILE I 85 -34.37 9.90 9.03
CA ILE I 85 -33.33 10.21 10.02
C ILE I 85 -32.71 8.93 10.55
N MET I 86 -33.53 7.88 10.72
CA MET I 86 -33.00 6.60 11.19
C MET I 86 -32.02 6.01 10.17
N VAL I 87 -32.41 5.98 8.89
CA VAL I 87 -31.54 5.43 7.85
C VAL I 87 -30.22 6.20 7.79
N ARG I 88 -30.31 7.54 7.70
CA ARG I 88 -29.10 8.35 7.68
C ARG I 88 -28.24 8.07 8.90
N GLY I 89 -28.87 7.83 10.05
CA GLY I 89 -28.12 7.46 11.23
C GLY I 89 -27.37 6.15 11.07
N ASN I 90 -27.94 5.20 10.32
CA ASN I 90 -27.25 3.94 10.10
C ASN I 90 -26.23 3.98 8.97
N LEU I 91 -26.17 5.08 8.18
CA LEU I 91 -25.29 5.11 7.01
C LEU I 91 -23.87 4.61 7.33
N ALA I 92 -23.29 5.07 8.44
CA ALA I 92 -21.91 4.72 8.77
C ALA I 92 -21.73 3.20 8.89
N ALA I 93 -22.55 2.56 9.73
CA ALA I 93 -22.47 1.11 9.87
C ALA I 93 -22.82 0.40 8.59
N ALA I 94 -23.72 0.96 7.79
CA ALA I 94 -24.05 0.38 6.48
C ALA I 94 -22.82 0.32 5.59
N MET I 95 -21.98 1.36 5.64
CA MET I 95 -20.74 1.34 4.86
C MET I 95 -19.82 0.19 5.23
N GLN I 96 -19.95 -0.38 6.43
CA GLN I 96 -19.14 -1.52 6.84
C GLN I 96 -19.89 -2.84 6.70
N GLY I 97 -21.03 -2.85 6.00
CA GLY I 97 -21.74 -4.07 5.70
C GLY I 97 -23.04 -4.29 6.43
N LEU I 98 -23.45 -3.37 7.31
CA LEU I 98 -24.73 -3.50 8.02
C LEU I 98 -25.80 -2.62 7.37
N LEU I 99 -26.03 -2.86 6.08
CA LEU I 99 -26.95 -2.06 5.29
C LEU I 99 -28.37 -2.60 5.41
N ALA I 100 -29.34 -1.69 5.49
CA ALA I 100 -30.75 -2.06 5.51
C ALA I 100 -31.55 -0.92 4.91
N LEU I 101 -32.31 -1.23 3.86
CA LEU I 101 -33.15 -0.25 3.20
C LEU I 101 -34.61 -0.52 3.51
N PRO I 102 -35.35 0.49 3.98
CA PRO I 102 -36.78 0.29 4.23
C PRO I 102 -37.65 0.80 3.09
N LEU I 103 -38.88 0.27 3.04
CA LEU I 103 -39.93 0.72 2.16
C LEU I 103 -41.19 0.90 3.00
N LEU I 104 -41.78 2.08 2.91
CA LEU I 104 -42.87 2.51 3.77
C LEU I 104 -44.18 2.55 2.99
N ALA I 105 -45.22 1.95 3.56
CA ALA I 105 -46.56 2.00 2.97
C ALA I 105 -47.54 2.47 4.05
N GLY I 106 -48.37 3.46 3.73
CA GLY I 106 -49.26 4.01 4.72
C GLY I 106 -50.56 4.51 4.14
N TYR I 107 -51.48 4.86 5.05
CA TYR I 107 -52.76 5.47 4.70
C TYR I 107 -52.88 6.78 5.47
N ASP I 108 -52.88 7.90 4.74
CA ASP I 108 -52.91 9.23 5.34
C ASP I 108 -54.34 9.62 5.66
N ILE I 109 -54.70 9.60 6.94
CA ILE I 109 -56.05 9.97 7.34
C ILE I 109 -56.31 11.45 7.09
N HIS I 110 -55.27 12.26 7.00
CA HIS I 110 -55.38 13.69 6.75
C HIS I 110 -55.37 14.02 5.27
N ALA I 111 -55.41 13.02 4.41
CA ALA I 111 -55.38 13.25 2.97
C ALA I 111 -56.71 13.85 2.50
N SER I 112 -56.64 14.57 1.38
CA SER I 112 -57.82 15.27 0.87
C SER I 112 -58.87 14.31 0.36
N ASP I 113 -58.45 13.26 -0.33
CA ASP I 113 -59.36 12.33 -1.00
C ASP I 113 -59.20 10.93 -0.45
N PRO I 114 -60.24 10.33 0.13
CA PRO I 114 -60.09 8.97 0.71
C PRO I 114 -59.78 7.89 -0.31
N GLN I 115 -59.78 8.22 -1.60
CA GLN I 115 -59.40 7.28 -2.64
C GLN I 115 -57.91 7.30 -2.95
N SER I 116 -57.27 8.46 -2.82
CA SER I 116 -55.85 8.63 -3.09
C SER I 116 -55.06 8.88 -1.81
N ALA I 117 -55.56 8.38 -0.68
CA ALA I 117 -54.87 8.53 0.60
C ALA I 117 -53.77 7.50 0.79
N GLY I 118 -53.59 6.58 -0.14
CA GLY I 118 -52.48 5.64 -0.05
C GLY I 118 -51.15 6.34 -0.28
N ARG I 119 -50.13 5.85 0.43
CA ARG I 119 -48.80 6.46 0.37
C ARG I 119 -47.74 5.37 0.29
N ILE I 120 -46.77 5.55 -0.59
CA ILE I 120 -45.63 4.65 -0.73
C ILE I 120 -44.37 5.50 -0.80
N VAL I 121 -43.45 5.28 0.15
CA VAL I 121 -42.24 6.07 0.25
C VAL I 121 -41.05 5.12 0.25
N SER I 122 -40.10 5.36 -0.65
CA SER I 122 -38.88 4.58 -0.70
C SER I 122 -37.70 5.42 -0.22
N PHE I 123 -36.64 4.74 0.21
CA PHE I 123 -35.48 5.37 0.78
C PHE I 123 -34.21 4.79 0.17
N ASP I 124 -33.12 5.54 0.27
CA ASP I 124 -31.79 5.08 -0.07
C ASP I 124 -30.93 5.05 1.19
N ALA I 125 -29.70 4.56 1.02
CA ALA I 125 -28.82 4.32 2.17
C ALA I 125 -28.43 5.62 2.88
N ALA I 126 -28.56 6.76 2.22
CA ALA I 126 -28.23 8.05 2.82
C ALA I 126 -29.43 8.69 3.51
N GLY I 127 -30.55 7.97 3.61
CA GLY I 127 -31.77 8.50 4.17
C GLY I 127 -32.61 9.36 3.26
N GLY I 128 -32.12 9.70 2.07
CA GLY I 128 -32.96 10.22 1.00
C GLY I 128 -34.28 9.48 0.88
N TRP I 129 -35.37 10.19 0.58
CA TRP I 129 -36.67 9.55 0.46
C TRP I 129 -37.43 10.14 -0.73
N ASN I 130 -38.36 9.34 -1.25
CA ASN I 130 -39.21 9.76 -2.36
C ASN I 130 -40.59 9.16 -2.12
N ILE I 131 -41.62 9.99 -2.17
CA ILE I 131 -43.00 9.54 -2.12
C ILE I 131 -43.42 9.14 -3.53
N GLU I 132 -43.74 7.85 -3.71
CA GLU I 132 -43.96 7.30 -5.04
C GLU I 132 -45.35 7.69 -5.54
N GLU I 133 -45.39 8.57 -6.53
CA GLU I 133 -46.63 9.00 -7.16
C GLU I 133 -46.82 8.34 -8.52
N GLU I 134 -46.46 7.05 -8.64
CA GLU I 134 -46.74 6.31 -9.86
C GLU I 134 -47.33 4.93 -9.60
N GLY I 135 -47.51 4.52 -8.34
CA GLY I 135 -48.44 3.49 -7.97
C GLY I 135 -47.82 2.29 -7.28
N TYR I 136 -46.58 1.95 -7.61
CA TYR I 136 -45.94 0.76 -7.05
C TYR I 136 -44.46 1.04 -6.83
N GLN I 137 -43.83 0.16 -6.05
CA GLN I 137 -42.42 0.26 -5.72
C GLN I 137 -41.98 -1.05 -5.11
N ALA I 138 -40.67 -1.32 -5.21
CA ALA I 138 -40.10 -2.54 -4.65
C ALA I 138 -38.70 -2.25 -4.14
N VAL I 139 -38.23 -3.11 -3.25
CA VAL I 139 -36.90 -2.99 -2.67
C VAL I 139 -36.34 -4.40 -2.46
N GLY I 140 -35.03 -4.54 -2.57
CA GLY I 140 -34.35 -5.79 -2.35
C GLY I 140 -33.66 -6.30 -3.61
N SER I 141 -33.02 -7.45 -3.45
CA SER I 141 -32.21 -8.02 -4.53
C SER I 141 -33.05 -8.44 -5.74
N GLY I 142 -34.34 -8.70 -5.54
CA GLY I 142 -35.22 -9.02 -6.65
C GLY I 142 -36.17 -7.90 -7.02
N SER I 143 -35.93 -6.68 -6.56
CA SER I 143 -36.89 -5.60 -6.76
C SER I 143 -36.99 -5.18 -8.21
N LEU I 144 -35.95 -5.40 -9.02
CA LEU I 144 -36.02 -4.98 -10.42
C LEU I 144 -37.02 -5.83 -11.18
N PHE I 145 -36.95 -7.15 -11.00
CA PHE I 145 -37.91 -8.04 -11.65
C PHE I 145 -39.34 -7.76 -11.20
N ALA I 146 -39.52 -7.54 -9.89
CA ALA I 146 -40.86 -7.27 -9.37
C ALA I 146 -41.40 -5.95 -9.89
N LYS I 147 -40.57 -4.91 -9.94
CA LYS I 147 -41.02 -3.62 -10.45
C LYS I 147 -41.37 -3.71 -11.94
N SER I 148 -40.57 -4.43 -12.71
CA SER I 148 -40.87 -4.57 -14.13
C SER I 148 -42.13 -5.41 -14.35
N SER I 149 -42.40 -6.37 -13.46
CA SER I 149 -43.65 -7.12 -13.54
C SER I 149 -44.84 -6.23 -13.24
N MET I 150 -44.77 -5.46 -12.16
CA MET I 150 -45.86 -4.55 -11.82
C MET I 150 -46.04 -3.49 -12.91
N LYS I 151 -44.98 -3.15 -13.63
CA LYS I 151 -45.11 -2.20 -14.74
C LYS I 151 -46.10 -2.71 -15.79
N LYS I 152 -46.16 -4.02 -15.99
CA LYS I 152 -47.11 -4.59 -16.94
C LYS I 152 -48.45 -4.92 -16.29
N LEU I 153 -48.46 -5.32 -15.02
CA LEU I 153 -49.68 -5.81 -14.39
C LEU I 153 -50.47 -4.74 -13.65
N TYR I 154 -49.96 -3.52 -13.51
CA TYR I 154 -50.59 -2.56 -12.61
C TYR I 154 -51.93 -2.06 -13.15
N SER I 155 -52.09 -1.96 -14.46
CA SER I 155 -53.35 -1.49 -15.04
C SER I 155 -54.53 -2.36 -14.64
N GLN I 156 -54.28 -3.60 -14.22
CA GLN I 156 -55.34 -4.51 -13.80
C GLN I 156 -55.80 -4.27 -12.38
N VAL I 157 -55.14 -3.39 -11.63
CA VAL I 157 -55.45 -3.16 -10.22
C VAL I 157 -56.62 -2.19 -10.13
N THR I 158 -57.76 -2.68 -9.65
CA THR I 158 -58.94 -1.86 -9.43
C THR I 158 -59.49 -1.91 -8.01
N ASP I 159 -59.12 -2.91 -7.21
CA ASP I 159 -59.58 -3.02 -5.84
C ASP I 159 -58.50 -3.73 -5.01
N GLY I 160 -58.85 -4.10 -3.78
CA GLY I 160 -57.90 -4.75 -2.92
C GLY I 160 -57.47 -6.12 -3.42
N ASP I 161 -58.44 -6.92 -3.89
CA ASP I 161 -58.12 -8.27 -4.36
C ASP I 161 -57.12 -8.23 -5.50
N SER I 162 -57.43 -7.49 -6.57
CA SER I 162 -56.55 -7.46 -7.73
C SER I 162 -55.17 -6.90 -7.37
N GLY I 163 -55.13 -5.90 -6.48
CA GLY I 163 -53.85 -5.39 -6.02
C GLY I 163 -53.03 -6.44 -5.29
N LEU I 164 -53.67 -7.20 -4.41
CA LEU I 164 -52.99 -8.31 -3.74
C LEU I 164 -52.47 -9.32 -4.75
N ARG I 165 -53.24 -9.59 -5.81
CA ARG I 165 -52.79 -10.57 -6.80
C ARG I 165 -51.60 -10.05 -7.59
N VAL I 166 -51.61 -8.78 -7.96
CA VAL I 166 -50.47 -8.21 -8.67
C VAL I 166 -49.24 -8.23 -7.78
N ALA I 167 -49.41 -7.97 -6.48
CA ALA I 167 -48.29 -8.04 -5.56
C ALA I 167 -47.72 -9.45 -5.50
N VAL I 168 -48.58 -10.45 -5.26
CA VAL I 168 -48.11 -11.83 -5.14
C VAL I 168 -47.46 -12.30 -6.44
N GLU I 169 -48.01 -11.88 -7.59
CA GLU I 169 -47.43 -12.28 -8.86
C GLU I 169 -46.08 -11.62 -9.08
N ALA I 170 -45.95 -10.34 -8.73
CA ALA I 170 -44.65 -9.66 -8.82
C ALA I 170 -43.61 -10.35 -7.95
N LEU I 171 -43.98 -10.73 -6.73
CA LEU I 171 -43.08 -11.51 -5.89
C LEU I 171 -42.72 -12.83 -6.56
N TYR I 172 -43.69 -13.43 -7.26
CA TYR I 172 -43.42 -14.69 -7.95
C TYR I 172 -42.39 -14.51 -9.06
N ASP I 173 -42.49 -13.44 -9.85
CA ASP I 173 -41.49 -13.18 -10.87
C ASP I 173 -40.13 -12.89 -10.25
N ALA I 174 -40.10 -12.09 -9.18
CA ALA I 174 -38.86 -11.82 -8.47
C ALA I 174 -38.17 -13.11 -8.03
N ALA I 175 -38.91 -13.99 -7.35
CA ALA I 175 -38.33 -15.26 -6.94
C ALA I 175 -37.97 -16.13 -8.14
N ASP I 176 -38.69 -15.94 -9.25
CA ASP I 176 -38.40 -16.71 -10.46
C ASP I 176 -37.05 -16.35 -11.05
N ASP I 177 -36.63 -15.08 -10.91
CA ASP I 177 -35.38 -14.64 -11.50
C ASP I 177 -34.27 -14.37 -10.48
N ASP I 178 -34.57 -14.42 -9.19
CA ASP I 178 -33.59 -14.10 -8.14
C ASP I 178 -33.55 -15.24 -7.13
N SER I 179 -32.36 -15.84 -6.96
CA SER I 179 -32.23 -16.96 -6.04
C SER I 179 -32.27 -16.51 -4.58
N ALA I 180 -32.02 -15.23 -4.31
CA ALA I 180 -32.11 -14.72 -2.94
C ALA I 180 -33.54 -14.45 -2.51
N THR I 181 -34.49 -14.45 -3.44
CA THR I 181 -35.91 -14.29 -3.13
C THR I 181 -36.59 -15.65 -3.22
N GLY I 182 -37.39 -15.97 -2.21
CA GLY I 182 -38.07 -17.26 -2.15
C GLY I 182 -39.48 -17.20 -2.71
N GLY I 183 -39.82 -18.21 -3.51
CA GLY I 183 -41.15 -18.34 -4.06
C GLY I 183 -42.07 -19.14 -3.16
N PRO I 184 -43.29 -19.39 -3.62
CA PRO I 184 -44.24 -20.16 -2.79
C PRO I 184 -43.76 -21.58 -2.60
N ASP I 185 -43.70 -22.02 -1.35
CA ASP I 185 -43.28 -23.38 -1.01
C ASP I 185 -44.55 -24.19 -0.80
N LEU I 186 -45.00 -24.85 -1.88
CA LEU I 186 -46.23 -25.64 -1.80
C LEU I 186 -46.05 -26.91 -0.97
N VAL I 187 -44.81 -27.40 -0.85
CA VAL I 187 -44.57 -28.59 -0.05
C VAL I 187 -44.71 -28.27 1.43
N ARG I 188 -44.11 -27.17 1.88
CA ARG I 188 -44.14 -26.77 3.27
C ARG I 188 -45.30 -25.85 3.60
N GLY I 189 -46.02 -25.34 2.61
CA GLY I 189 -47.07 -24.38 2.86
C GLY I 189 -46.59 -23.05 3.37
N ILE I 190 -45.52 -22.50 2.79
CA ILE I 190 -44.98 -21.21 3.15
C ILE I 190 -45.17 -20.27 1.97
N PHE I 191 -45.84 -19.16 2.21
CA PHE I 191 -46.20 -18.18 1.19
C PHE I 191 -45.76 -16.80 1.64
N PRO I 192 -45.70 -15.84 0.72
CA PRO I 192 -45.33 -14.47 1.12
C PRO I 192 -46.28 -13.91 2.16
N THR I 193 -45.78 -12.97 2.96
CA THR I 193 -46.63 -12.26 3.89
C THR I 193 -47.06 -10.93 3.29
N ALA I 194 -48.28 -10.51 3.63
CA ALA I 194 -48.80 -9.27 3.10
C ALA I 194 -49.55 -8.52 4.18
N VAL I 195 -49.55 -7.20 4.06
CA VAL I 195 -50.29 -6.28 4.91
C VAL I 195 -51.07 -5.36 3.99
N ILE I 196 -52.35 -5.16 4.28
CA ILE I 196 -53.19 -4.29 3.50
C ILE I 196 -53.74 -3.20 4.42
N ILE I 197 -53.78 -1.97 3.93
CA ILE I 197 -54.12 -0.81 4.74
C ILE I 197 -55.18 0.01 4.00
N ASP I 198 -56.29 0.29 4.65
CA ASP I 198 -57.32 1.16 4.11
C ASP I 198 -57.75 2.12 5.22
N ALA I 199 -58.91 2.75 5.04
CA ALA I 199 -59.41 3.69 6.03
C ALA I 199 -59.64 3.03 7.37
N ASP I 200 -59.87 1.72 7.39
CA ASP I 200 -60.07 0.99 8.63
C ASP I 200 -58.76 0.59 9.31
N GLY I 201 -57.62 0.92 8.73
CA GLY I 201 -56.34 0.64 9.34
C GLY I 201 -55.54 -0.38 8.54
N ALA I 202 -54.50 -0.91 9.20
CA ALA I 202 -53.59 -1.89 8.62
C ALA I 202 -53.86 -3.26 9.22
N VAL I 203 -54.07 -4.24 8.36
CA VAL I 203 -54.37 -5.60 8.79
C VAL I 203 -53.48 -6.57 8.03
N ASP I 204 -53.13 -7.68 8.69
CA ASP I 204 -52.37 -8.74 8.05
C ASP I 204 -53.28 -9.54 7.11
N VAL I 205 -52.83 -9.74 5.89
CA VAL I 205 -53.59 -10.58 4.95
C VAL I 205 -53.49 -12.02 5.41
N PRO I 206 -54.60 -12.75 5.56
CA PRO I 206 -54.52 -14.14 6.02
C PRO I 206 -53.77 -15.01 5.02
N GLU I 207 -53.02 -15.98 5.56
CA GLU I 207 -52.22 -16.86 4.71
C GLU I 207 -53.07 -17.60 3.69
N SER I 208 -54.35 -17.84 3.99
CA SER I 208 -55.21 -18.59 3.08
C SER I 208 -55.37 -17.88 1.75
N ARG I 209 -55.56 -16.57 1.78
CA ARG I 209 -55.81 -15.83 0.54
C ARG I 209 -54.54 -15.73 -0.31
N ILE I 210 -53.39 -15.50 0.34
CA ILE I 210 -52.13 -15.45 -0.39
C ILE I 210 -51.79 -16.82 -0.96
N ALA I 211 -52.08 -17.88 -0.21
CA ALA I 211 -51.86 -19.22 -0.70
C ALA I 211 -52.71 -19.50 -1.93
N GLU I 212 -54.01 -19.21 -1.85
CA GLU I 212 -54.90 -19.41 -2.99
C GLU I 212 -54.42 -18.62 -4.20
N LEU I 213 -54.04 -17.35 -3.99
CA LEU I 213 -53.50 -16.57 -5.10
C LEU I 213 -52.26 -17.22 -5.70
N ALA I 214 -51.38 -17.76 -4.85
CA ALA I 214 -50.18 -18.43 -5.34
C ALA I 214 -50.55 -19.63 -6.22
N ARG I 215 -51.50 -20.45 -5.76
CA ARG I 215 -51.93 -21.59 -6.57
C ARG I 215 -52.52 -21.15 -7.89
N ALA I 216 -53.31 -20.07 -7.88
CA ALA I 216 -53.87 -19.55 -9.12
C ALA I 216 -52.77 -19.12 -10.08
N ILE I 217 -51.74 -18.44 -9.57
CA ILE I 217 -50.64 -18.01 -10.42
C ILE I 217 -49.92 -19.22 -11.02
N ILE I 218 -49.55 -20.18 -10.16
CA ILE I 218 -48.84 -21.37 -10.64
C ILE I 218 -49.65 -22.10 -11.71
N GLU I 219 -50.89 -22.45 -11.40
CA GLU I 219 -51.73 -23.15 -12.36
C GLU I 219 -51.96 -22.34 -13.62
N SER I 220 -51.86 -21.01 -13.54
CA SER I 220 -51.92 -20.20 -14.75
C SER I 220 -50.63 -20.31 -15.57
N ARG I 221 -49.49 -20.50 -14.92
CA ARG I 221 -48.23 -20.59 -15.64
C ARG I 221 -47.95 -21.98 -16.21
N SER I 222 -48.71 -22.99 -15.85
CA SER I 222 -48.50 -24.34 -16.38
C SER I 222 -49.35 -24.58 -17.62
N THR J 1 -16.12 -27.14 16.54
CA THR J 1 -17.23 -27.03 17.47
C THR J 1 -18.55 -27.32 16.79
N THR J 2 -19.44 -28.03 17.49
CA THR J 2 -20.81 -28.22 17.03
C THR J 2 -21.72 -28.22 18.24
N ILE J 3 -22.74 -27.37 18.22
CA ILE J 3 -23.79 -27.34 19.21
C ILE J 3 -25.09 -27.69 18.50
N VAL J 4 -25.83 -28.64 19.08
CA VAL J 4 -27.07 -29.10 18.50
C VAL J 4 -28.22 -28.86 19.48
N ALA J 5 -29.41 -28.63 18.94
CA ALA J 5 -30.60 -28.49 19.75
C ALA J 5 -31.80 -28.96 18.95
N LEU J 6 -32.67 -29.74 19.58
CA LEU J 6 -33.88 -30.23 18.91
C LEU J 6 -35.04 -30.28 19.90
N LYS J 7 -36.25 -30.14 19.38
CA LYS J 7 -37.47 -30.26 20.16
C LYS J 7 -37.96 -31.69 20.17
N TYR J 8 -38.43 -32.14 21.32
CA TYR J 8 -39.13 -33.41 21.44
C TYR J 8 -40.49 -33.14 22.08
N PRO J 9 -41.44 -34.09 21.99
CA PRO J 9 -42.77 -33.83 22.56
C PRO J 9 -42.71 -33.44 24.03
N GLY J 10 -42.99 -32.17 24.30
CA GLY J 10 -42.99 -31.65 25.65
C GLY J 10 -41.66 -31.15 26.18
N GLY J 11 -40.65 -31.00 25.33
CA GLY J 11 -39.37 -30.53 25.84
C GLY J 11 -38.42 -30.19 24.73
N VAL J 12 -37.19 -29.83 25.13
CA VAL J 12 -36.12 -29.47 24.22
C VAL J 12 -34.83 -30.07 24.75
N VAL J 13 -33.90 -30.37 23.86
CA VAL J 13 -32.60 -30.91 24.24
C VAL J 13 -31.50 -30.18 23.47
N MET J 14 -30.36 -30.00 24.14
CA MET J 14 -29.19 -29.36 23.52
C MET J 14 -27.94 -30.11 23.95
N ALA J 15 -27.05 -30.38 22.99
CA ALA J 15 -25.82 -31.10 23.29
C ALA J 15 -24.65 -30.46 22.55
N GLY J 16 -23.45 -30.64 23.08
CA GLY J 16 -22.26 -30.05 22.50
C GLY J 16 -21.04 -30.92 22.74
N ASP J 17 -20.09 -30.82 21.80
CA ASP J 17 -18.84 -31.56 21.86
C ASP J 17 -17.88 -30.92 22.86
N ARG J 18 -16.69 -31.53 23.01
CA ARG J 18 -15.77 -31.17 24.08
C ARG J 18 -14.42 -30.68 23.58
N ARG J 19 -14.25 -30.39 22.30
CA ARG J 19 -12.93 -30.14 21.72
C ARG J 19 -12.60 -28.66 21.65
N SER J 20 -11.38 -28.31 22.04
CA SER J 20 -10.82 -26.97 21.91
C SER J 20 -9.57 -27.04 21.03
N THR J 21 -9.50 -26.17 20.03
CA THR J 21 -8.38 -26.16 19.10
C THR J 21 -7.74 -24.79 19.02
N GLN J 22 -6.46 -24.78 18.65
CA GLN J 22 -5.75 -23.60 18.15
C GLN J 22 -5.21 -23.95 16.77
N GLY J 23 -5.82 -23.40 15.73
CA GLY J 23 -5.56 -23.90 14.39
C GLY J 23 -5.71 -25.40 14.31
N ASN J 24 -4.61 -26.09 13.97
CA ASN J 24 -4.64 -27.54 13.88
C ASN J 24 -4.38 -28.23 15.22
N MET J 25 -3.78 -27.55 16.19
CA MET J 25 -3.43 -28.18 17.45
C MET J 25 -4.65 -28.33 18.36
N ILE J 26 -4.76 -29.49 18.99
CA ILE J 26 -5.80 -29.73 19.98
C ILE J 26 -5.31 -29.20 21.31
N SER J 27 -6.03 -28.21 21.86
CA SER J 27 -5.67 -27.59 23.12
C SER J 27 -6.65 -27.89 24.24
N GLY J 28 -7.63 -28.76 24.01
CA GLY J 28 -8.58 -29.13 25.04
C GLY J 28 -9.41 -30.32 24.65
N ARG J 29 -9.66 -31.22 25.60
CA ARG J 29 -10.43 -32.43 25.36
C ARG J 29 -11.69 -32.54 26.19
N ASP J 30 -11.78 -31.82 27.30
CA ASP J 30 -12.90 -31.90 28.23
C ASP J 30 -13.72 -30.62 28.27
N VAL J 31 -13.53 -29.74 27.29
CA VAL J 31 -14.21 -28.44 27.29
C VAL J 31 -15.72 -28.62 27.34
N ARG J 32 -16.39 -27.74 28.08
CA ARG J 32 -17.84 -27.70 28.16
C ARG J 32 -18.34 -26.45 27.44
N LYS J 33 -19.27 -26.63 26.51
CA LYS J 33 -19.76 -25.53 25.68
C LYS J 33 -21.25 -25.27 25.84
N VAL J 34 -21.97 -26.09 26.58
CA VAL J 34 -23.40 -25.92 26.80
C VAL J 34 -23.62 -25.67 28.29
N TYR J 35 -24.35 -24.60 28.60
CA TYR J 35 -24.54 -24.15 29.97
C TYR J 35 -26.02 -23.97 30.26
N ILE J 36 -26.39 -24.21 31.51
CA ILE J 36 -27.75 -23.94 31.98
C ILE J 36 -27.77 -22.47 32.40
N THR J 37 -28.41 -21.64 31.58
CA THR J 37 -28.43 -20.21 31.86
C THR J 37 -29.49 -19.84 32.89
N ASP J 38 -30.62 -20.54 32.91
CA ASP J 38 -31.62 -20.34 33.96
C ASP J 38 -32.45 -21.61 34.04
N ASP J 39 -33.36 -21.64 35.02
CA ASP J 39 -34.15 -22.83 35.31
C ASP J 39 -34.80 -23.42 34.05
N TYR J 40 -35.12 -22.57 33.07
CA TYR J 40 -35.77 -23.03 31.85
C TYR J 40 -35.02 -22.65 30.57
N THR J 41 -33.76 -22.23 30.65
CA THR J 41 -33.04 -21.93 29.42
C THR J 41 -31.59 -22.40 29.54
N ALA J 42 -31.05 -22.87 28.40
CA ALA J 42 -29.67 -23.30 28.25
C ALA J 42 -29.09 -22.69 26.97
N THR J 43 -27.81 -22.34 27.01
CA THR J 43 -27.14 -21.70 25.88
C THR J 43 -25.86 -22.46 25.55
N GLY J 44 -25.68 -22.77 24.26
CA GLY J 44 -24.43 -23.34 23.77
C GLY J 44 -23.79 -22.36 22.79
N ILE J 45 -22.48 -22.18 22.92
CA ILE J 45 -21.79 -21.12 22.18
C ILE J 45 -20.60 -21.72 21.43
N ALA J 46 -20.37 -21.20 20.22
CA ALA J 46 -19.25 -21.59 19.37
C ALA J 46 -18.40 -20.36 19.06
N GLY J 47 -17.10 -20.58 18.86
CA GLY J 47 -16.19 -19.51 18.49
C GLY J 47 -15.04 -19.37 19.48
N THR J 48 -14.54 -18.14 19.60
CA THR J 48 -13.43 -17.86 20.50
C THR J 48 -13.81 -18.22 21.93
N ALA J 49 -12.98 -19.06 22.56
CA ALA J 49 -13.31 -19.62 23.87
C ALA J 49 -13.59 -18.52 24.89
N ALA J 50 -12.68 -17.53 24.99
CA ALA J 50 -12.85 -16.43 25.94
C ALA J 50 -14.21 -15.76 25.76
N VAL J 51 -14.52 -15.34 24.53
CA VAL J 51 -15.77 -14.62 24.28
C VAL J 51 -16.97 -15.51 24.56
N ALA J 52 -16.87 -16.81 24.21
CA ALA J 52 -17.98 -17.72 24.43
C ALA J 52 -18.31 -17.87 25.92
N VAL J 53 -17.29 -18.18 26.72
CA VAL J 53 -17.50 -18.36 28.15
C VAL J 53 -17.99 -17.06 28.78
N GLU J 54 -17.39 -15.93 28.39
CA GLU J 54 -17.86 -14.65 28.90
C GLU J 54 -19.33 -14.40 28.54
N PHE J 55 -19.73 -14.80 27.34
CA PHE J 55 -21.13 -14.69 26.95
C PHE J 55 -22.03 -15.48 27.87
N ALA J 56 -21.72 -16.77 28.07
CA ALA J 56 -22.55 -17.61 28.92
C ALA J 56 -22.65 -17.04 30.33
N ARG J 57 -21.51 -16.70 30.92
CA ARG J 57 -21.47 -16.20 32.29
C ARG J 57 -22.27 -14.90 32.43
N LEU J 58 -21.93 -13.90 31.62
CA LEU J 58 -22.60 -12.61 31.70
C LEU J 58 -24.09 -12.74 31.43
N TYR J 59 -24.47 -13.62 30.50
CA TYR J 59 -25.88 -13.79 30.16
C TYR J 59 -26.67 -14.38 31.32
N ALA J 60 -26.14 -15.46 31.93
CA ALA J 60 -26.79 -16.02 33.12
C ALA J 60 -26.90 -14.97 34.22
N VAL J 61 -25.83 -14.21 34.45
CA VAL J 61 -25.84 -13.17 35.47
C VAL J 61 -26.90 -12.13 35.15
N GLU J 62 -27.05 -11.78 33.87
CA GLU J 62 -28.04 -10.77 33.49
C GLU J 62 -29.46 -11.25 33.77
N LEU J 63 -29.77 -12.48 33.36
CA LEU J 63 -31.10 -13.04 33.60
C LEU J 63 -31.44 -13.07 35.09
N GLU J 64 -30.53 -13.62 35.89
CA GLU J 64 -30.80 -13.67 37.33
C GLU J 64 -30.88 -12.28 37.93
N HIS J 65 -30.08 -11.35 37.42
CA HIS J 65 -30.14 -9.96 37.88
C HIS J 65 -31.53 -9.38 37.68
N TYR J 66 -32.06 -9.46 36.47
CA TYR J 66 -33.42 -8.97 36.24
C TYR J 66 -34.42 -9.68 37.13
N GLU J 67 -34.26 -11.00 37.29
CA GLU J 67 -35.22 -11.76 38.08
C GLU J 67 -35.26 -11.26 39.52
N LYS J 68 -34.08 -11.02 40.12
CA LYS J 68 -34.04 -10.57 41.51
C LYS J 68 -34.47 -9.11 41.64
N LEU J 69 -34.19 -8.26 40.64
CA LEU J 69 -34.59 -6.87 40.74
C LEU J 69 -36.10 -6.72 40.65
N GLU J 70 -36.74 -7.36 39.68
CA GLU J 70 -38.15 -7.16 39.42
C GLU J 70 -39.04 -8.27 39.99
N GLY J 71 -38.46 -9.26 40.66
CA GLY J 71 -39.24 -10.29 41.31
C GLY J 71 -39.89 -11.29 40.39
N VAL J 72 -39.66 -11.21 39.08
CA VAL J 72 -40.23 -12.15 38.12
C VAL J 72 -39.21 -12.30 36.99
N PRO J 73 -39.05 -13.48 36.41
CA PRO J 73 -38.10 -13.64 35.29
C PRO J 73 -38.60 -12.94 34.04
N LEU J 74 -37.68 -12.71 33.12
CA LEU J 74 -37.99 -12.11 31.84
C LEU J 74 -38.89 -13.03 31.02
N THR J 75 -39.75 -12.41 30.20
CA THR J 75 -40.40 -13.16 29.15
C THR J 75 -39.35 -13.71 28.19
N PHE J 76 -39.70 -14.81 27.51
CA PHE J 76 -38.73 -15.45 26.63
C PHE J 76 -38.27 -14.51 25.52
N ALA J 77 -39.18 -13.70 24.98
CA ALA J 77 -38.78 -12.68 24.01
C ALA J 77 -37.74 -11.74 24.61
N GLY J 78 -37.90 -11.39 25.89
CA GLY J 78 -36.91 -10.55 26.54
C GLY J 78 -35.54 -11.20 26.61
N LYS J 79 -35.49 -12.48 26.96
CA LYS J 79 -34.22 -13.21 26.99
C LYS J 79 -33.57 -13.23 25.62
N ILE J 80 -34.35 -13.57 24.59
CA ILE J 80 -33.83 -13.56 23.22
C ILE J 80 -33.23 -12.20 22.90
N ASN J 81 -33.99 -11.14 23.21
CA ASN J 81 -33.54 -9.78 22.89
C ASN J 81 -32.24 -9.45 23.60
N ARG J 82 -32.09 -9.85 24.87
CA ARG J 82 -30.86 -9.51 25.58
C ARG J 82 -29.66 -10.25 24.98
N LEU J 83 -29.82 -11.53 24.67
CA LEU J 83 -28.71 -12.25 24.04
C LEU J 83 -28.34 -11.62 22.71
N ALA J 84 -29.35 -11.25 21.91
CA ALA J 84 -29.10 -10.58 20.63
C ALA J 84 -28.32 -9.28 20.83
N ILE J 85 -28.73 -8.47 21.82
CA ILE J 85 -28.01 -7.23 22.11
C ILE J 85 -26.57 -7.53 22.49
N MET J 86 -26.34 -8.64 23.21
CA MET J 86 -24.98 -9.02 23.57
C MET J 86 -24.13 -9.31 22.34
N VAL J 87 -24.66 -10.13 21.43
CA VAL J 87 -23.90 -10.46 20.21
C VAL J 87 -23.59 -9.19 19.41
N ARG J 88 -24.62 -8.38 19.15
CA ARG J 88 -24.44 -7.14 18.42
C ARG J 88 -23.40 -6.26 19.10
N GLY J 89 -23.38 -6.26 20.44
CA GLY J 89 -22.37 -5.52 21.16
C GLY J 89 -20.96 -6.04 20.93
N ASN J 90 -20.82 -7.36 20.77
CA ASN J 90 -19.48 -7.91 20.52
C ASN J 90 -19.08 -7.86 19.05
N LEU J 91 -19.98 -7.42 18.16
CA LEU J 91 -19.71 -7.45 16.72
C LEU J 91 -18.34 -6.89 16.36
N ALA J 92 -17.94 -5.77 16.94
CA ALA J 92 -16.66 -5.17 16.56
C ALA J 92 -15.50 -6.13 16.80
N ALA J 93 -15.40 -6.65 18.02
CA ALA J 93 -14.36 -7.62 18.32
C ALA J 93 -14.50 -8.86 17.46
N ALA J 94 -15.73 -9.25 17.09
CA ALA J 94 -15.90 -10.36 16.17
C ALA J 94 -15.23 -10.06 14.84
N MET J 95 -15.41 -8.83 14.33
CA MET J 95 -14.73 -8.41 13.11
C MET J 95 -13.23 -8.40 13.29
N GLN J 96 -12.73 -8.30 14.52
CA GLN J 96 -11.30 -8.37 14.76
C GLN J 96 -10.84 -9.76 15.14
N GLY J 97 -11.71 -10.77 15.03
CA GLY J 97 -11.33 -12.16 15.24
C GLY J 97 -11.84 -12.79 16.51
N LEU J 98 -12.58 -12.07 17.35
CA LEU J 98 -13.12 -12.60 18.60
C LEU J 98 -14.59 -12.97 18.46
N LEU J 99 -14.87 -13.89 17.54
CA LEU J 99 -16.25 -14.24 17.20
C LEU J 99 -16.83 -15.28 18.15
N ALA J 100 -18.11 -15.12 18.46
CA ALA J 100 -18.85 -16.09 19.28
C ALA J 100 -20.32 -16.05 18.88
N LEU J 101 -20.85 -17.18 18.44
CA LEU J 101 -22.24 -17.35 18.05
C LEU J 101 -22.96 -18.22 19.07
N PRO J 102 -24.10 -17.77 19.60
CA PRO J 102 -24.85 -18.63 20.52
C PRO J 102 -26.00 -19.36 19.85
N LEU J 103 -26.44 -20.44 20.49
CA LEU J 103 -27.63 -21.17 20.15
C LEU J 103 -28.38 -21.34 21.45
N LEU J 104 -29.63 -20.88 21.48
CA LEU J 104 -30.40 -20.77 22.71
C LEU J 104 -31.54 -21.79 22.66
N ALA J 105 -31.67 -22.58 23.73
CA ALA J 105 -32.76 -23.55 23.82
C ALA J 105 -33.47 -23.36 25.16
N GLY J 106 -34.79 -23.26 25.13
CA GLY J 106 -35.52 -22.98 26.34
C GLY J 106 -36.91 -23.60 26.36
N TYR J 107 -37.55 -23.49 27.51
CA TYR J 107 -38.93 -23.92 27.72
C TYR J 107 -39.73 -22.73 28.24
N ASP J 108 -40.69 -22.28 27.44
CA ASP J 108 -41.46 -21.08 27.77
C ASP J 108 -42.59 -21.48 28.72
N ILE J 109 -42.47 -21.11 30.00
CA ILE J 109 -43.49 -21.45 30.97
C ILE J 109 -44.81 -20.75 30.68
N HIS J 110 -44.76 -19.63 29.98
CA HIS J 110 -45.96 -18.88 29.58
C HIS J 110 -46.51 -19.31 28.23
N ALA J 111 -45.99 -20.39 27.66
CA ALA J 111 -46.44 -20.82 26.34
C ALA J 111 -47.85 -21.39 26.39
N SER J 112 -48.54 -21.29 25.25
CA SER J 112 -49.94 -21.71 25.17
C SER J 112 -50.09 -23.23 25.22
N ASP J 113 -49.19 -23.98 24.59
CA ASP J 113 -49.32 -25.43 24.45
C ASP J 113 -48.17 -26.09 25.17
N PRO J 114 -48.43 -26.90 26.20
CA PRO J 114 -47.32 -27.46 27.01
C PRO J 114 -46.38 -28.37 26.24
N GLN J 115 -46.90 -29.19 25.33
CA GLN J 115 -46.01 -30.04 24.55
C GLN J 115 -45.24 -29.26 23.49
N SER J 116 -45.72 -28.08 23.11
CA SER J 116 -45.03 -27.24 22.14
C SER J 116 -44.43 -26.00 22.80
N ALA J 117 -44.10 -26.10 24.09
CA ALA J 117 -43.45 -25.01 24.80
C ALA J 117 -41.94 -24.98 24.59
N GLY J 118 -41.39 -25.95 23.85
CA GLY J 118 -39.98 -25.90 23.53
C GLY J 118 -39.66 -24.80 22.54
N ARG J 119 -38.49 -24.21 22.73
CA ARG J 119 -38.04 -23.07 21.92
C ARG J 119 -36.57 -23.26 21.55
N ILE J 120 -36.26 -23.00 20.29
CA ILE J 120 -34.90 -23.04 19.78
C ILE J 120 -34.67 -21.78 18.96
N VAL J 121 -33.68 -20.98 19.34
CA VAL J 121 -33.39 -19.70 18.71
C VAL J 121 -31.94 -19.70 18.28
N SER J 122 -31.71 -19.38 17.01
CA SER J 122 -30.36 -19.26 16.46
C SER J 122 -30.03 -17.79 16.20
N PHE J 123 -28.73 -17.51 16.13
CA PHE J 123 -28.25 -16.14 15.98
C PHE J 123 -27.18 -16.06 14.90
N ASP J 124 -26.98 -14.84 14.39
CA ASP J 124 -25.86 -14.52 13.50
C ASP J 124 -24.93 -13.52 14.19
N ALA J 125 -23.82 -13.21 13.51
CA ALA J 125 -22.76 -12.43 14.12
C ALA J 125 -23.19 -11.00 14.43
N ALA J 126 -24.23 -10.49 13.78
CA ALA J 126 -24.77 -9.17 14.07
C ALA J 126 -25.90 -9.21 15.09
N GLY J 127 -26.16 -10.38 15.67
CA GLY J 127 -27.23 -10.61 16.61
C GLY J 127 -28.61 -10.74 16.01
N GLY J 128 -28.71 -10.91 14.69
CA GLY J 128 -29.90 -11.46 14.07
C GLY J 128 -30.36 -12.70 14.81
N TRP J 129 -31.66 -12.94 14.92
CA TRP J 129 -32.11 -14.14 15.60
C TRP J 129 -33.26 -14.75 14.81
N ASN J 130 -33.46 -16.05 15.01
CA ASN J 130 -34.55 -16.78 14.37
C ASN J 130 -35.08 -17.81 15.36
N ILE J 131 -36.39 -17.78 15.59
CA ILE J 131 -37.06 -18.80 16.38
C ILE J 131 -37.44 -19.96 15.45
N GLU J 132 -36.86 -21.12 15.71
CA GLU J 132 -36.95 -22.25 14.80
C GLU J 132 -38.28 -22.98 14.93
N GLU J 133 -38.97 -23.14 13.80
CA GLU J 133 -40.10 -24.05 13.70
C GLU J 133 -39.71 -25.39 13.08
N GLU J 134 -38.49 -25.50 12.57
CA GLU J 134 -38.02 -26.74 11.94
C GLU J 134 -38.04 -27.91 12.91
N GLY J 135 -37.84 -27.65 14.20
CA GLY J 135 -37.68 -28.68 15.19
C GLY J 135 -36.26 -28.83 15.70
N TYR J 136 -35.28 -28.47 14.87
CA TYR J 136 -33.87 -28.64 15.21
C TYR J 136 -33.06 -27.48 14.65
N GLN J 137 -31.85 -27.33 15.17
CA GLN J 137 -30.92 -26.28 14.74
C GLN J 137 -29.55 -26.60 15.31
N ALA J 138 -28.51 -26.07 14.68
CA ALA J 138 -27.14 -26.30 15.10
C ALA J 138 -26.31 -25.05 14.81
N VAL J 139 -25.16 -24.96 15.49
CA VAL J 139 -24.23 -23.85 15.29
C VAL J 139 -22.82 -24.39 15.43
N GLY J 140 -21.89 -23.79 14.70
CA GLY J 140 -20.48 -24.15 14.80
C GLY J 140 -19.94 -24.70 13.48
N SER J 141 -18.65 -25.06 13.53
CA SER J 141 -17.94 -25.49 12.33
C SER J 141 -18.48 -26.79 11.76
N GLY J 142 -19.11 -27.62 12.58
CA GLY J 142 -19.73 -28.84 12.11
C GLY J 142 -21.25 -28.79 12.06
N SER J 143 -21.85 -27.60 12.16
CA SER J 143 -23.30 -27.48 12.25
C SER J 143 -23.99 -27.89 10.96
N LEU J 144 -23.31 -27.79 9.83
CA LEU J 144 -23.92 -28.17 8.56
C LEU J 144 -24.14 -29.67 8.49
N PHE J 145 -23.10 -30.44 8.83
CA PHE J 145 -23.21 -31.90 8.84
C PHE J 145 -24.26 -32.36 9.85
N ALA J 146 -24.28 -31.73 11.03
CA ALA J 146 -25.25 -32.11 12.05
C ALA J 146 -26.67 -31.78 11.62
N LYS J 147 -26.88 -30.60 11.01
CA LYS J 147 -28.21 -30.25 10.55
C LYS J 147 -28.68 -31.18 9.45
N SER J 148 -27.79 -31.54 8.53
CA SER J 148 -28.17 -32.46 7.47
C SER J 148 -28.43 -33.87 8.00
N SER J 149 -27.75 -34.26 9.08
CA SER J 149 -28.04 -35.53 9.72
C SER J 149 -29.43 -35.50 10.38
N MET J 150 -29.71 -34.45 11.15
CA MET J 150 -31.01 -34.35 11.79
C MET J 150 -32.15 -34.24 10.79
N LYS J 151 -31.89 -33.68 9.62
CA LYS J 151 -32.94 -33.63 8.60
C LYS J 151 -33.46 -35.03 8.28
N LYS J 152 -32.59 -36.03 8.33
CA LYS J 152 -33.00 -37.41 8.09
C LYS J 152 -33.44 -38.13 9.35
N LEU J 153 -32.84 -37.81 10.50
CA LEU J 153 -33.09 -38.57 11.72
C LEU J 153 -34.21 -38.01 12.58
N TYR J 154 -34.81 -36.88 12.21
CA TYR J 154 -35.74 -36.21 13.11
C TYR J 154 -37.03 -36.99 13.31
N SER J 155 -37.47 -37.74 12.29
CA SER J 155 -38.70 -38.51 12.38
C SER J 155 -38.69 -39.52 13.53
N GLN J 156 -37.51 -39.89 14.04
CA GLN J 156 -37.43 -40.85 15.14
C GLN J 156 -37.69 -40.23 16.51
N VAL J 157 -37.81 -38.90 16.60
CA VAL J 157 -37.93 -38.25 17.90
C VAL J 157 -39.38 -38.33 18.35
N THR J 158 -39.64 -39.11 19.40
CA THR J 158 -40.96 -39.27 19.98
C THR J 158 -41.02 -38.95 21.47
N ASP J 159 -39.89 -38.92 22.16
CA ASP J 159 -39.85 -38.57 23.58
C ASP J 159 -38.50 -37.91 23.85
N GLY J 160 -38.18 -37.72 25.14
CA GLY J 160 -36.92 -37.10 25.49
C GLY J 160 -35.72 -37.97 25.13
N ASP J 161 -35.83 -39.28 25.35
CA ASP J 161 -34.68 -40.16 25.14
C ASP J 161 -34.33 -40.27 23.66
N SER J 162 -35.33 -40.50 22.81
CA SER J 162 -35.05 -40.58 21.37
C SER J 162 -34.48 -39.26 20.85
N GLY J 163 -34.97 -38.13 21.38
CA GLY J 163 -34.42 -36.85 21.00
C GLY J 163 -32.96 -36.71 21.39
N LEU J 164 -32.63 -37.11 22.63
CA LEU J 164 -31.22 -37.10 23.05
C LEU J 164 -30.37 -37.99 22.15
N ARG J 165 -30.87 -39.16 21.77
CA ARG J 165 -30.11 -40.04 20.90
C ARG J 165 -29.86 -39.41 19.54
N VAL J 166 -30.88 -38.75 18.97
CA VAL J 166 -30.71 -38.08 17.69
C VAL J 166 -29.69 -36.95 17.81
N ALA J 167 -29.72 -36.24 18.94
CA ALA J 167 -28.73 -35.18 19.16
C ALA J 167 -27.31 -35.74 19.18
N VAL J 168 -27.08 -36.77 20.00
CA VAL J 168 -25.74 -37.35 20.11
C VAL J 168 -25.29 -37.90 18.76
N GLU J 169 -26.22 -38.47 17.99
CA GLU J 169 -25.85 -39.01 16.68
C GLU J 169 -25.46 -37.90 15.71
N ALA J 170 -26.22 -36.80 15.70
CA ALA J 170 -25.86 -35.66 14.88
C ALA J 170 -24.48 -35.12 15.25
N LEU J 171 -24.18 -35.03 16.54
CA LEU J 171 -22.84 -34.65 16.96
C LEU J 171 -21.80 -35.65 16.45
N TYR J 172 -22.16 -36.93 16.41
CA TYR J 172 -21.24 -37.94 15.91
C TYR J 172 -20.91 -37.71 14.44
N ASP J 173 -21.93 -37.39 13.63
CA ASP J 173 -21.68 -37.08 12.23
C ASP J 173 -20.85 -35.81 12.08
N ALA J 174 -21.14 -34.78 12.88
CA ALA J 174 -20.35 -33.56 12.86
C ALA J 174 -18.88 -33.86 13.09
N ALA J 175 -18.57 -34.58 14.17
CA ALA J 175 -17.17 -34.96 14.42
C ALA J 175 -16.63 -35.87 13.32
N ASP J 176 -17.53 -36.63 12.67
CA ASP J 176 -17.10 -37.54 11.61
C ASP J 176 -16.59 -36.77 10.41
N ASP J 177 -17.18 -35.61 10.11
CA ASP J 177 -16.76 -34.85 8.93
C ASP J 177 -16.03 -33.55 9.25
N ASP J 178 -15.94 -33.16 10.51
CA ASP J 178 -15.29 -31.91 10.90
C ASP J 178 -14.24 -32.22 11.95
N SER J 179 -12.97 -31.95 11.62
CA SER J 179 -11.88 -32.24 12.54
C SER J 179 -11.84 -31.28 13.73
N ALA J 180 -12.50 -30.13 13.61
CA ALA J 180 -12.58 -29.21 14.74
C ALA J 180 -13.64 -29.62 15.75
N THR J 181 -14.48 -30.59 15.42
CA THR J 181 -15.47 -31.14 16.33
C THR J 181 -14.98 -32.49 16.83
N GLY J 182 -15.05 -32.68 18.15
CA GLY J 182 -14.57 -33.90 18.78
C GLY J 182 -15.69 -34.91 18.97
N GLY J 183 -15.39 -36.16 18.65
CA GLY J 183 -16.30 -37.26 18.87
C GLY J 183 -16.08 -37.91 20.22
N PRO J 184 -16.80 -39.00 20.48
CA PRO J 184 -16.63 -39.69 21.77
C PRO J 184 -15.23 -40.27 21.90
N ASP J 185 -14.58 -39.97 23.03
CA ASP J 185 -13.23 -40.44 23.34
C ASP J 185 -13.38 -41.64 24.27
N LEU J 186 -13.45 -42.84 23.68
CA LEU J 186 -13.61 -44.04 24.49
C LEU J 186 -12.36 -44.38 25.28
N VAL J 187 -11.18 -43.91 24.84
CA VAL J 187 -9.96 -44.17 25.60
C VAL J 187 -9.97 -43.38 26.90
N ARG J 188 -10.33 -42.10 26.84
CA ARG J 188 -10.40 -41.25 28.01
C ARG J 188 -11.77 -41.22 28.67
N GLY J 189 -12.79 -41.74 28.00
CA GLY J 189 -14.15 -41.67 28.53
C GLY J 189 -14.71 -40.26 28.57
N ILE J 190 -14.50 -39.49 27.51
CA ILE J 190 -15.00 -38.12 27.41
C ILE J 190 -16.05 -38.08 26.32
N PHE J 191 -17.25 -37.64 26.67
CA PHE J 191 -18.41 -37.64 25.78
C PHE J 191 -19.02 -36.26 25.74
N PRO J 192 -19.86 -35.97 24.73
CA PRO J 192 -20.51 -34.66 24.68
C PRO J 192 -21.33 -34.39 25.92
N THR J 193 -21.50 -33.11 26.23
CA THR J 193 -22.38 -32.72 27.32
C THR J 193 -23.75 -32.36 26.77
N ALA J 194 -24.79 -32.65 27.56
CA ALA J 194 -26.15 -32.41 27.12
C ALA J 194 -26.97 -31.87 28.27
N VAL J 195 -27.94 -31.03 27.92
CA VAL J 195 -28.92 -30.49 28.85
C VAL J 195 -30.30 -30.71 28.23
N ILE J 196 -31.24 -31.20 29.03
CA ILE J 196 -32.60 -31.44 28.58
C ILE J 196 -33.52 -30.60 29.46
N ILE J 197 -34.53 -29.99 28.84
CA ILE J 197 -35.40 -29.02 29.49
C ILE J 197 -36.84 -29.39 29.18
N ASP J 198 -37.65 -29.54 30.22
CA ASP J 198 -39.09 -29.75 30.07
C ASP J 198 -39.80 -28.85 31.07
N ALA J 199 -41.08 -29.13 31.34
CA ALA J 199 -41.85 -28.32 32.25
C ALA J 199 -41.27 -28.31 33.66
N ASP J 200 -40.54 -29.36 34.03
CA ASP J 200 -39.91 -29.45 35.33
C ASP J 200 -38.57 -28.70 35.41
N GLY J 201 -38.15 -28.08 34.32
CA GLY J 201 -36.92 -27.29 34.32
C GLY J 201 -35.84 -27.86 33.41
N ALA J 202 -34.64 -27.34 33.59
CA ALA J 202 -33.46 -27.71 32.82
C ALA J 202 -32.50 -28.52 33.69
N VAL J 203 -32.10 -29.70 33.20
CA VAL J 203 -31.17 -30.55 33.93
C VAL J 203 -30.06 -31.01 33.00
N ASP J 204 -28.87 -31.22 33.58
CA ASP J 204 -27.75 -31.79 32.85
C ASP J 204 -27.94 -33.30 32.70
N VAL J 205 -27.81 -33.79 31.48
CA VAL J 205 -27.87 -35.24 31.28
C VAL J 205 -26.59 -35.87 31.85
N PRO J 206 -26.69 -36.90 32.68
CA PRO J 206 -25.48 -37.50 33.24
C PRO J 206 -24.59 -38.08 32.16
N GLU J 207 -23.28 -38.08 32.44
CA GLU J 207 -22.30 -38.57 31.47
C GLU J 207 -22.57 -40.03 31.09
N SER J 208 -23.15 -40.80 32.02
CA SER J 208 -23.38 -42.22 31.79
C SER J 208 -24.34 -42.45 30.62
N ARG J 209 -25.50 -41.79 30.65
CA ARG J 209 -26.50 -42.01 29.61
C ARG J 209 -25.96 -41.62 28.24
N ILE J 210 -25.21 -40.52 28.17
CA ILE J 210 -24.64 -40.10 26.89
C ILE J 210 -23.59 -41.10 26.43
N ALA J 211 -22.79 -41.63 27.35
CA ALA J 211 -21.80 -42.64 27.00
C ALA J 211 -22.49 -43.88 26.44
N GLU J 212 -23.64 -44.25 27.03
CA GLU J 212 -24.40 -45.40 26.56
C GLU J 212 -24.94 -45.17 25.15
N LEU J 213 -25.51 -43.98 24.91
CA LEU J 213 -26.04 -43.68 23.59
C LEU J 213 -24.93 -43.63 22.54
N ALA J 214 -23.80 -43.01 22.88
CA ALA J 214 -22.67 -42.96 21.97
C ALA J 214 -22.18 -44.36 21.64
N ARG J 215 -22.01 -45.20 22.66
CA ARG J 215 -21.65 -46.59 22.47
C ARG J 215 -22.59 -47.26 21.48
N ALA J 216 -23.90 -47.09 21.68
CA ALA J 216 -24.89 -47.67 20.78
C ALA J 216 -24.68 -47.19 19.35
N ILE J 217 -24.41 -45.90 19.16
CA ILE J 217 -24.20 -45.37 17.82
C ILE J 217 -22.96 -45.99 17.19
N ILE J 218 -21.85 -46.02 17.93
CA ILE J 218 -20.60 -46.55 17.42
C ILE J 218 -20.77 -48.00 16.97
N GLU J 219 -21.32 -48.85 17.84
CA GLU J 219 -21.50 -50.24 17.46
C GLU J 219 -22.54 -50.39 16.36
N SER J 220 -23.50 -49.47 16.28
CA SER J 220 -24.48 -49.49 15.19
C SER J 220 -23.81 -49.22 13.85
N ARG J 221 -22.76 -48.40 13.83
CA ARG J 221 -22.06 -48.08 12.59
C ARG J 221 -21.07 -49.16 12.17
N SER J 222 -20.79 -50.13 13.04
CA SER J 222 -19.86 -51.19 12.70
C SER J 222 -20.59 -52.39 12.10
N THR K 1 11.58 -19.54 26.03
CA THR K 1 11.04 -19.62 27.38
C THR K 1 10.19 -20.87 27.53
N THR K 2 10.27 -21.51 28.69
CA THR K 2 9.38 -22.61 29.02
C THR K 2 9.06 -22.58 30.50
N ILE K 3 7.77 -22.57 30.81
CA ILE K 3 7.26 -22.69 32.18
C ILE K 3 6.48 -23.99 32.25
N VAL K 4 6.78 -24.80 33.26
CA VAL K 4 6.14 -26.10 33.45
C VAL K 4 5.40 -26.11 34.78
N ALA K 5 4.29 -26.85 34.81
CA ALA K 5 3.55 -27.05 36.05
C ALA K 5 2.88 -28.41 36.00
N LEU K 6 2.94 -29.15 37.10
CA LEU K 6 2.27 -30.44 37.18
C LEU K 6 1.71 -30.65 38.57
N LYS K 7 0.64 -31.45 38.65
CA LYS K 7 0.02 -31.83 39.90
C LYS K 7 0.70 -33.08 40.41
N TYR K 8 0.98 -33.13 41.70
CA TYR K 8 1.44 -34.34 42.34
C TYR K 8 0.52 -34.62 43.53
N PRO K 9 0.54 -35.85 44.06
CA PRO K 9 -0.36 -36.17 45.18
C PRO K 9 -0.19 -35.23 46.36
N GLY K 10 -1.20 -34.39 46.57
CA GLY K 10 -1.21 -33.44 47.67
C GLY K 10 -0.55 -32.11 47.40
N GLY K 11 -0.20 -31.81 46.16
CA GLY K 11 0.44 -30.54 45.89
C GLY K 11 0.58 -30.27 44.41
N VAL K 12 1.25 -29.17 44.10
CA VAL K 12 1.51 -28.75 42.72
C VAL K 12 2.94 -28.23 42.66
N VAL K 13 3.57 -28.36 41.49
CA VAL K 13 4.93 -27.88 41.28
C VAL K 13 4.99 -27.08 39.99
N MET K 14 5.81 -26.03 40.00
CA MET K 14 6.03 -25.19 38.83
C MET K 14 7.51 -24.84 38.73
N ALA K 15 8.05 -24.92 37.51
CA ALA K 15 9.46 -24.64 37.29
C ALA K 15 9.62 -23.83 36.01
N GLY K 16 10.70 -23.06 35.94
CA GLY K 16 10.94 -22.24 34.77
C GLY K 16 12.42 -22.09 34.52
N ASP K 17 12.77 -21.92 33.24
CA ASP K 17 14.15 -21.75 32.81
C ASP K 17 14.60 -20.31 33.09
N ARG K 18 15.85 -20.02 32.76
CA ARG K 18 16.48 -18.77 33.17
C ARG K 18 16.96 -17.92 31.99
N ARG K 19 16.58 -18.27 30.76
CA ARG K 19 17.19 -17.67 29.58
C ARG K 19 16.34 -16.50 29.06
N SER K 20 17.01 -15.39 28.75
CA SER K 20 16.40 -14.24 28.09
C SER K 20 17.11 -14.00 26.76
N THR K 21 16.32 -13.91 25.70
CA THR K 21 16.87 -13.70 24.37
C THR K 21 16.28 -12.47 23.70
N GLN K 22 17.07 -11.86 22.83
CA GLN K 22 16.60 -10.88 21.85
C GLN K 22 17.05 -11.39 20.48
N GLY K 23 16.09 -11.84 19.67
CA GLY K 23 16.39 -12.62 18.48
C GLY K 23 17.25 -13.84 18.78
N ASN K 24 18.42 -13.94 18.14
CA ASN K 24 19.32 -15.07 18.39
C ASN K 24 20.25 -14.84 19.58
N MET K 25 20.46 -13.58 19.97
CA MET K 25 21.43 -13.27 21.01
C MET K 25 20.85 -13.58 22.38
N ILE K 26 21.66 -14.18 23.24
CA ILE K 26 21.29 -14.43 24.62
C ILE K 26 21.55 -13.17 25.41
N SER K 27 20.50 -12.57 25.96
CA SER K 27 20.60 -11.34 26.72
C SER K 27 20.42 -11.57 28.20
N GLY K 28 20.29 -12.82 28.64
CA GLY K 28 20.17 -13.13 30.04
C GLY K 28 20.32 -14.60 30.35
N ARG K 29 21.03 -14.93 31.43
CA ARG K 29 21.21 -16.29 31.88
C ARG K 29 20.64 -16.58 33.26
N ASP K 30 20.37 -15.56 34.06
CA ASP K 30 19.87 -15.73 35.41
C ASP K 30 18.43 -15.23 35.57
N VAL K 31 17.73 -14.98 34.47
CA VAL K 31 16.38 -14.44 34.52
C VAL K 31 15.46 -15.35 35.32
N ARG K 32 14.56 -14.74 36.10
CA ARG K 32 13.59 -15.48 36.91
C ARG K 32 12.19 -15.23 36.37
N LYS K 33 11.48 -16.31 36.05
CA LYS K 33 10.19 -16.24 35.39
C LYS K 33 9.05 -16.79 36.22
N VAL K 34 9.33 -17.34 37.39
CA VAL K 34 8.30 -17.92 38.27
C VAL K 34 8.25 -17.11 39.55
N TYR K 35 7.05 -16.68 39.93
CA TYR K 35 6.85 -15.84 41.10
C TYR K 35 5.73 -16.43 41.96
N ILE K 36 5.88 -16.26 43.27
CA ILE K 36 4.86 -16.67 44.23
C ILE K 36 3.88 -15.51 44.36
N THR K 37 2.69 -15.67 43.77
CA THR K 37 1.73 -14.56 43.77
C THR K 37 0.95 -14.46 45.07
N ASP K 38 0.73 -15.57 45.77
CA ASP K 38 0.12 -15.50 47.09
C ASP K 38 0.49 -16.76 47.85
N ASP K 39 0.10 -16.80 49.13
CA ASP K 39 0.51 -17.87 50.04
C ASP K 39 0.30 -19.26 49.43
N TYR K 40 -0.67 -19.42 48.54
CA TYR K 40 -0.92 -20.73 47.95
C TYR K 40 -0.91 -20.75 46.42
N THR K 41 -0.44 -19.69 45.76
CA THR K 41 -0.38 -19.72 44.30
C THR K 41 0.90 -19.07 43.79
N ALA K 42 1.39 -19.61 42.68
CA ALA K 42 2.55 -19.12 41.96
C ALA K 42 2.20 -19.03 40.48
N THR K 43 2.77 -18.02 39.81
CA THR K 43 2.51 -17.77 38.40
C THR K 43 3.84 -17.70 37.66
N GLY K 44 3.92 -18.38 36.52
CA GLY K 44 5.06 -18.29 35.62
C GLY K 44 4.62 -17.68 34.31
N ILE K 45 5.41 -16.76 33.76
CA ILE K 45 4.97 -15.98 32.62
C ILE K 45 6.00 -16.09 31.50
N ALA K 46 5.50 -16.20 30.27
CA ALA K 46 6.34 -16.25 29.07
C ALA K 46 5.96 -15.10 28.15
N GLY K 47 6.95 -14.60 27.41
CA GLY K 47 6.73 -13.53 26.45
C GLY K 47 7.60 -12.32 26.74
N THR K 48 7.09 -11.15 26.36
CA THR K 48 7.82 -9.91 26.56
C THR K 48 8.11 -9.68 28.04
N ALA K 49 9.40 -9.47 28.35
CA ALA K 49 9.84 -9.38 29.74
C ALA K 49 9.09 -8.31 30.50
N ALA K 50 9.01 -7.10 29.94
CA ALA K 50 8.31 -6.00 30.59
C ALA K 50 6.88 -6.38 30.96
N VAL K 51 6.12 -6.89 29.98
CA VAL K 51 4.73 -7.24 30.21
C VAL K 51 4.64 -8.35 31.24
N ALA K 52 5.58 -9.30 31.21
CA ALA K 52 5.58 -10.41 32.16
C ALA K 52 5.75 -9.91 33.59
N VAL K 53 6.76 -9.06 33.81
CA VAL K 53 7.01 -8.53 35.15
C VAL K 53 5.81 -7.72 35.63
N GLU K 54 5.24 -6.88 34.75
CA GLU K 54 4.07 -6.10 35.13
C GLU K 54 2.91 -7.01 35.54
N PHE K 55 2.73 -8.11 34.79
CA PHE K 55 1.70 -9.09 35.14
C PHE K 55 1.93 -9.68 36.52
N ALA K 56 3.12 -10.20 36.78
CA ALA K 56 3.40 -10.85 38.05
C ALA K 56 3.20 -9.90 39.22
N ARG K 57 3.83 -8.72 39.16
CA ARG K 57 3.74 -7.78 40.27
C ARG K 57 2.30 -7.34 40.50
N LEU K 58 1.66 -6.83 39.44
CA LEU K 58 0.30 -6.33 39.57
C LEU K 58 -0.65 -7.41 40.07
N TYR K 59 -0.47 -8.66 39.61
CA TYR K 59 -1.34 -9.75 40.01
C TYR K 59 -1.18 -10.07 41.50
N ALA K 60 0.06 -10.22 41.96
CA ALA K 60 0.29 -10.45 43.38
C ALA K 60 -0.32 -9.34 44.23
N VAL K 61 -0.11 -8.09 43.81
CA VAL K 61 -0.67 -6.96 44.55
C VAL K 61 -2.20 -7.04 44.58
N GLU K 62 -2.81 -7.45 43.46
CA GLU K 62 -4.27 -7.53 43.41
C GLU K 62 -4.79 -8.58 44.38
N LEU K 63 -4.20 -9.77 44.37
CA LEU K 63 -4.66 -10.84 45.25
C LEU K 63 -4.55 -10.44 46.71
N GLU K 64 -3.37 -9.99 47.13
CA GLU K 64 -3.21 -9.63 48.54
C GLU K 64 -4.06 -8.41 48.89
N HIS K 65 -4.27 -7.51 47.94
CA HIS K 65 -5.16 -6.37 48.15
C HIS K 65 -6.56 -6.82 48.54
N TYR K 66 -7.17 -7.69 47.73
CA TYR K 66 -8.49 -8.20 48.09
C TYR K 66 -8.45 -8.92 49.44
N GLU K 67 -7.40 -9.70 49.69
CA GLU K 67 -7.33 -10.46 50.94
C GLU K 67 -7.33 -9.53 52.15
N LYS K 68 -6.52 -8.46 52.10
CA LYS K 68 -6.45 -7.53 53.22
C LYS K 68 -7.71 -6.69 53.34
N LEU K 69 -8.36 -6.38 52.21
CA LEU K 69 -9.58 -5.58 52.27
C LEU K 69 -10.71 -6.36 52.92
N GLU K 70 -10.93 -7.61 52.50
CA GLU K 70 -12.09 -8.37 52.92
C GLU K 70 -11.79 -9.38 54.03
N GLY K 71 -10.56 -9.46 54.50
CA GLY K 71 -10.24 -10.35 55.60
C GLY K 71 -10.20 -11.81 55.27
N VAL K 72 -10.39 -12.17 54.00
CA VAL K 72 -10.36 -13.56 53.53
C VAL K 72 -9.80 -13.54 52.12
N PRO K 73 -8.98 -14.52 51.73
CA PRO K 73 -8.49 -14.56 50.35
C PRO K 73 -9.59 -14.92 49.37
N LEU K 74 -9.32 -14.62 48.10
CA LEU K 74 -10.24 -14.96 47.03
C LEU K 74 -10.34 -16.48 46.88
N THR K 75 -11.51 -16.94 46.46
CA THR K 75 -11.61 -18.32 46.00
C THR K 75 -10.70 -18.50 44.78
N PHE K 76 -10.30 -19.74 44.54
CA PHE K 76 -9.38 -19.99 43.43
C PHE K 76 -9.99 -19.57 42.10
N ALA K 77 -11.29 -19.83 41.92
CA ALA K 77 -11.97 -19.37 40.71
C ALA K 77 -11.86 -17.86 40.56
N GLY K 78 -11.96 -17.12 41.67
CA GLY K 78 -11.79 -15.68 41.59
C GLY K 78 -10.41 -15.27 41.12
N LYS K 79 -9.37 -15.92 41.66
CA LYS K 79 -8.01 -15.64 41.22
C LYS K 79 -7.86 -15.90 39.72
N ILE K 80 -8.36 -17.05 39.27
CA ILE K 80 -8.36 -17.38 37.84
C ILE K 80 -9.01 -16.25 37.04
N ASN K 81 -10.20 -15.83 37.49
CA ASN K 81 -10.95 -14.81 36.76
C ASN K 81 -10.15 -13.51 36.68
N ARG K 82 -9.50 -13.12 37.76
CA ARG K 82 -8.75 -11.86 37.74
C ARG K 82 -7.56 -11.95 36.79
N LEU K 83 -6.82 -13.07 36.84
CA LEU K 83 -5.71 -13.24 35.90
C LEU K 83 -6.21 -13.20 34.45
N ALA K 84 -7.33 -13.88 34.17
CA ALA K 84 -7.89 -13.88 32.82
C ALA K 84 -8.24 -12.48 32.38
N ILE K 85 -8.93 -11.71 33.24
CA ILE K 85 -9.29 -10.35 32.91
C ILE K 85 -8.04 -9.51 32.64
N MET K 86 -6.96 -9.79 33.38
CA MET K 86 -5.70 -9.07 33.13
C MET K 86 -5.17 -9.36 31.74
N VAL K 87 -5.13 -10.63 31.36
CA VAL K 87 -4.63 -11.00 30.02
C VAL K 87 -5.47 -10.34 28.94
N ARG K 88 -6.80 -10.51 29.02
CA ARG K 88 -7.69 -9.88 28.05
C ARG K 88 -7.44 -8.37 28.00
N GLY K 89 -7.17 -7.76 29.15
CA GLY K 89 -6.82 -6.36 29.17
C GLY K 89 -5.56 -6.05 28.40
N ASN K 90 -4.59 -6.97 28.41
CA ASN K 90 -3.37 -6.73 27.65
C ASN K 90 -3.49 -7.11 26.18
N LEU K 91 -4.61 -7.71 25.75
CA LEU K 91 -4.74 -8.17 24.37
C LEU K 91 -4.32 -7.09 23.36
N ALA K 92 -4.72 -5.84 23.58
CA ALA K 92 -4.44 -4.77 22.63
C ALA K 92 -2.93 -4.62 22.41
N ALA K 93 -2.17 -4.44 23.50
CA ALA K 93 -0.73 -4.33 23.37
C ALA K 93 -0.10 -5.61 22.85
N ALA K 94 -0.70 -6.77 23.19
CA ALA K 94 -0.19 -8.04 22.69
C ALA K 94 -0.23 -8.09 21.16
N MET K 95 -1.32 -7.59 20.55
CA MET K 95 -1.40 -7.56 19.10
C MET K 95 -0.32 -6.71 18.45
N GLN K 96 0.30 -5.80 19.18
CA GLN K 96 1.38 -4.98 18.64
C GLN K 96 2.76 -5.51 19.02
N GLY K 97 2.84 -6.71 19.59
CA GLY K 97 4.11 -7.34 19.90
C GLY K 97 4.47 -7.41 21.36
N LEU K 98 3.64 -6.89 22.25
CA LEU K 98 3.90 -6.97 23.69
C LEU K 98 3.07 -8.08 24.33
N LEU K 99 3.26 -9.30 23.80
CA LEU K 99 2.48 -10.46 24.20
C LEU K 99 3.09 -11.14 25.42
N ALA K 100 2.23 -11.59 26.33
CA ALA K 100 2.70 -12.33 27.51
C ALA K 100 1.60 -13.25 27.99
N LEU K 101 1.90 -14.56 28.05
CA LEU K 101 0.97 -15.56 28.53
C LEU K 101 1.42 -16.12 29.87
N PRO K 102 0.53 -16.16 30.85
CA PRO K 102 0.87 -16.77 32.14
C PRO K 102 0.40 -18.22 32.27
N LEU K 103 0.97 -18.92 33.24
CA LEU K 103 0.57 -20.25 33.66
C LEU K 103 0.44 -20.20 35.17
N LEU K 104 -0.72 -20.63 35.68
CA LEU K 104 -1.08 -20.49 37.09
C LEU K 104 -1.06 -21.85 37.77
N ALA K 105 -0.39 -21.92 38.92
CA ALA K 105 -0.37 -23.13 39.73
C ALA K 105 -0.76 -22.77 41.16
N GLY K 106 -1.71 -23.51 41.73
CA GLY K 106 -2.19 -23.17 43.05
C GLY K 106 -2.62 -24.40 43.84
N TYR K 107 -2.89 -24.15 45.11
CA TYR K 107 -3.42 -25.16 46.03
C TYR K 107 -4.71 -24.61 46.60
N ASP K 108 -5.83 -25.26 46.29
CA ASP K 108 -7.15 -24.79 46.70
C ASP K 108 -7.42 -25.27 48.12
N ILE K 109 -7.37 -24.34 49.08
CA ILE K 109 -7.63 -24.70 50.48
C ILE K 109 -9.08 -25.11 50.70
N HIS K 110 -9.99 -24.71 49.81
CA HIS K 110 -11.40 -25.06 49.90
C HIS K 110 -11.76 -26.35 49.19
N ALA K 111 -10.78 -27.09 48.67
CA ALA K 111 -11.10 -28.32 47.97
C ALA K 111 -11.50 -29.39 48.97
N SER K 112 -12.30 -30.35 48.50
CA SER K 112 -12.83 -31.37 49.42
C SER K 112 -11.73 -32.32 49.88
N ASP K 113 -10.83 -32.70 48.97
CA ASP K 113 -9.80 -33.70 49.25
C ASP K 113 -8.43 -33.08 49.05
N PRO K 114 -7.58 -33.00 50.09
CA PRO K 114 -6.28 -32.35 49.95
C PRO K 114 -5.34 -33.05 48.97
N GLN K 115 -5.78 -34.18 48.41
CA GLN K 115 -4.98 -34.91 47.44
C GLN K 115 -5.04 -34.23 46.07
N SER K 116 -6.24 -34.12 45.50
CA SER K 116 -6.45 -33.45 44.22
C SER K 116 -6.75 -31.97 44.37
N ALA K 117 -6.26 -31.33 45.42
CA ALA K 117 -6.48 -29.90 45.62
C ALA K 117 -5.51 -29.06 44.80
N GLY K 118 -4.56 -29.67 44.12
CA GLY K 118 -3.70 -28.94 43.22
C GLY K 118 -4.47 -28.46 42.00
N ARG K 119 -4.10 -27.29 41.52
CA ARG K 119 -4.80 -26.66 40.42
C ARG K 119 -3.78 -26.09 39.44
N ILE K 120 -4.01 -26.33 38.15
CA ILE K 120 -3.15 -25.83 37.08
C ILE K 120 -4.05 -25.21 36.01
N VAL K 121 -3.82 -23.94 35.72
CA VAL K 121 -4.64 -23.20 34.77
C VAL K 121 -3.73 -22.59 33.73
N SER K 122 -4.05 -22.83 32.46
CA SER K 122 -3.34 -22.20 31.35
C SER K 122 -4.25 -21.17 30.69
N PHE K 123 -3.63 -20.22 29.99
CA PHE K 123 -4.35 -19.11 29.39
C PHE K 123 -3.91 -18.91 27.94
N ASP K 124 -4.77 -18.24 27.17
CA ASP K 124 -4.41 -17.76 25.84
C ASP K 124 -4.44 -16.23 25.82
N ALA K 125 -4.08 -15.66 24.67
CA ALA K 125 -3.91 -14.21 24.55
C ALA K 125 -5.21 -13.44 24.73
N ALA K 126 -6.37 -14.08 24.56
CA ALA K 126 -7.65 -13.43 24.77
C ALA K 126 -8.17 -13.61 26.18
N GLY K 127 -7.36 -14.20 27.06
CA GLY K 127 -7.72 -14.48 28.43
C GLY K 127 -8.64 -15.67 28.62
N GLY K 128 -8.85 -16.48 27.58
CA GLY K 128 -9.33 -17.84 27.73
C GLY K 128 -8.57 -18.55 28.82
N TRP K 129 -9.23 -19.43 29.59
CA TRP K 129 -8.53 -20.16 30.63
C TRP K 129 -8.96 -21.61 30.60
N ASN K 130 -8.08 -22.48 31.11
CA ASN K 130 -8.35 -23.91 31.19
C ASN K 130 -7.78 -24.40 32.50
N ILE K 131 -8.63 -25.00 33.32
CA ILE K 131 -8.20 -25.72 34.52
C ILE K 131 -7.87 -27.13 34.08
N GLU K 132 -6.60 -27.51 34.17
CA GLU K 132 -6.14 -28.78 33.61
C GLU K 132 -6.50 -29.92 34.55
N GLU K 133 -7.22 -30.91 34.04
CA GLU K 133 -7.52 -32.12 34.77
C GLU K 133 -6.58 -33.26 34.41
N GLU K 134 -5.65 -33.03 33.49
CA GLU K 134 -4.74 -34.07 33.02
C GLU K 134 -3.38 -33.99 33.69
N GLY K 135 -3.25 -33.24 34.78
CA GLY K 135 -2.11 -33.34 35.66
C GLY K 135 -0.97 -32.39 35.37
N TYR K 136 -0.76 -31.99 34.12
CA TYR K 136 0.37 -31.14 33.78
C TYR K 136 -0.02 -30.16 32.69
N GLN K 137 0.82 -29.14 32.53
CA GLN K 137 0.62 -28.10 31.52
C GLN K 137 1.91 -27.29 31.42
N ALA K 138 2.10 -26.64 30.28
CA ALA K 138 3.29 -25.84 30.03
C ALA K 138 2.94 -24.64 29.15
N VAL K 139 3.81 -23.64 29.18
CA VAL K 139 3.65 -22.43 28.39
C VAL K 139 5.03 -21.96 27.93
N GLY K 140 5.07 -21.33 26.77
CA GLY K 140 6.30 -20.78 26.22
C GLY K 140 6.68 -21.44 24.92
N SER K 141 7.81 -20.98 24.36
CA SER K 141 8.24 -21.46 23.06
C SER K 141 8.62 -22.94 23.07
N GLY K 142 8.97 -23.48 24.23
CA GLY K 142 9.29 -24.89 24.36
C GLY K 142 8.19 -25.68 25.05
N SER K 143 6.99 -25.10 25.13
CA SER K 143 5.92 -25.71 25.91
C SER K 143 5.44 -27.02 25.29
N LEU K 144 5.51 -27.15 23.97
CA LEU K 144 5.04 -28.37 23.34
C LEU K 144 6.02 -29.52 23.52
N PHE K 145 7.32 -29.23 23.44
CA PHE K 145 8.33 -30.22 23.78
C PHE K 145 8.18 -30.68 25.23
N ALA K 146 7.98 -29.71 26.15
CA ALA K 146 7.86 -30.04 27.56
C ALA K 146 6.59 -30.85 27.84
N LYS K 147 5.48 -30.48 27.20
CA LYS K 147 4.23 -31.21 27.40
C LYS K 147 4.32 -32.63 26.83
N SER K 148 4.93 -32.79 25.67
CA SER K 148 5.08 -34.14 25.12
C SER K 148 6.04 -34.97 25.94
N SER K 149 7.03 -34.35 26.57
CA SER K 149 7.92 -35.07 27.48
C SER K 149 7.16 -35.52 28.73
N MET K 150 6.39 -34.61 29.34
CA MET K 150 5.61 -34.97 30.51
C MET K 150 4.55 -36.01 30.18
N LYS K 151 4.08 -36.06 28.94
CA LYS K 151 3.14 -37.10 28.55
C LYS K 151 3.71 -38.49 28.80
N LYS K 152 5.01 -38.65 28.62
CA LYS K 152 5.66 -39.94 28.87
C LYS K 152 6.14 -40.08 30.31
N LEU K 153 6.59 -39.00 30.93
CA LEU K 153 7.22 -39.10 32.24
C LEU K 153 6.24 -38.92 33.40
N TYR K 154 4.97 -38.60 33.14
CA TYR K 154 4.07 -38.21 34.23
C TYR K 154 3.72 -39.37 35.14
N SER K 155 3.63 -40.60 34.61
CA SER K 155 3.33 -41.75 35.46
C SER K 155 4.36 -41.93 36.57
N GLN K 156 5.54 -41.34 36.41
CA GLN K 156 6.63 -41.40 37.36
C GLN K 156 6.45 -40.45 38.56
N VAL K 157 5.42 -39.60 38.54
CA VAL K 157 5.20 -38.62 39.58
C VAL K 157 4.48 -39.30 40.75
N THR K 158 5.16 -39.39 41.90
CA THR K 158 4.58 -40.00 43.09
C THR K 158 4.56 -39.09 44.30
N ASP K 159 5.39 -38.05 44.35
CA ASP K 159 5.37 -37.09 45.44
C ASP K 159 5.85 -35.76 44.89
N GLY K 160 6.07 -34.80 45.79
CA GLY K 160 6.59 -33.50 45.36
C GLY K 160 8.00 -33.60 44.82
N ASP K 161 8.78 -34.58 45.30
CA ASP K 161 10.16 -34.72 44.87
C ASP K 161 10.24 -35.30 43.47
N SER K 162 9.58 -36.44 43.23
CA SER K 162 9.57 -37.01 41.88
C SER K 162 8.89 -36.05 40.90
N GLY K 163 7.85 -35.35 41.35
CA GLY K 163 7.23 -34.34 40.51
C GLY K 163 8.19 -33.23 40.13
N LEU K 164 8.98 -32.77 41.11
CA LEU K 164 10.03 -31.80 40.80
C LEU K 164 11.01 -32.36 39.79
N ARG K 165 11.37 -33.63 39.91
CA ARG K 165 12.29 -34.23 38.95
C ARG K 165 11.71 -34.21 37.54
N VAL K 166 10.46 -34.64 37.40
CA VAL K 166 9.82 -34.65 36.09
C VAL K 166 9.72 -33.24 35.53
N ALA K 167 9.46 -32.25 36.39
CA ALA K 167 9.41 -30.87 35.94
C ALA K 167 10.76 -30.43 35.38
N VAL K 168 11.83 -30.60 36.16
CA VAL K 168 13.15 -30.17 35.70
C VAL K 168 13.56 -30.91 34.44
N GLU K 169 13.19 -32.19 34.33
CA GLU K 169 13.52 -32.96 33.13
C GLU K 169 12.76 -32.45 31.92
N ALA K 170 11.47 -32.13 32.10
CA ALA K 170 10.69 -31.56 31.01
C ALA K 170 11.32 -30.25 30.53
N LEU K 171 11.75 -29.41 31.48
CA LEU K 171 12.50 -28.21 31.11
C LEU K 171 13.77 -28.57 30.35
N TYR K 172 14.41 -29.67 30.72
CA TYR K 172 15.62 -30.12 30.04
C TYR K 172 15.33 -30.47 28.59
N ASP K 173 14.23 -31.19 28.34
CA ASP K 173 13.88 -31.53 26.96
C ASP K 173 13.51 -30.28 26.17
N ALA K 174 12.76 -29.36 26.79
CA ALA K 174 12.44 -28.10 26.13
C ALA K 174 13.71 -27.39 25.68
N ALA K 175 14.68 -27.25 26.58
CA ALA K 175 15.96 -26.64 26.19
C ALA K 175 16.69 -27.48 25.15
N ASP K 176 16.47 -28.79 25.16
CA ASP K 176 17.14 -29.66 24.18
C ASP K 176 16.63 -29.39 22.77
N ASP K 177 15.34 -29.06 22.61
CA ASP K 177 14.77 -28.85 21.29
C ASP K 177 14.45 -27.39 20.96
N ASP K 178 14.56 -26.48 21.92
CA ASP K 178 14.24 -25.07 21.72
C ASP K 178 15.39 -24.22 22.19
N SER K 179 15.96 -23.42 21.27
CA SER K 179 17.09 -22.58 21.62
C SER K 179 16.70 -21.38 22.48
N ALA K 180 15.42 -21.01 22.51
CA ALA K 180 14.98 -19.91 23.34
C ALA K 180 14.82 -20.31 24.80
N THR K 181 14.87 -21.60 25.12
CA THR K 181 14.83 -22.08 26.49
C THR K 181 16.23 -22.51 26.90
N GLY K 182 16.67 -22.07 28.08
CA GLY K 182 18.00 -22.37 28.57
C GLY K 182 17.99 -23.58 29.48
N GLY K 183 18.97 -24.48 29.28
CA GLY K 183 19.13 -25.64 30.11
C GLY K 183 20.05 -25.36 31.29
N PRO K 184 20.29 -26.39 32.11
CA PRO K 184 21.16 -26.20 33.27
C PRO K 184 22.60 -25.90 32.86
N ASP K 185 23.14 -24.83 33.42
CA ASP K 185 24.52 -24.40 33.15
C ASP K 185 25.37 -24.89 34.32
N LEU K 186 25.94 -26.09 34.17
CA LEU K 186 26.78 -26.64 35.23
C LEU K 186 28.11 -25.89 35.35
N VAL K 187 28.53 -25.19 34.30
CA VAL K 187 29.77 -24.43 34.39
C VAL K 187 29.58 -23.22 35.30
N ARG K 188 28.47 -22.51 35.14
CA ARG K 188 28.16 -21.35 35.96
C ARG K 188 27.34 -21.68 37.21
N GLY K 189 26.80 -22.89 37.29
CA GLY K 189 25.93 -23.26 38.41
C GLY K 189 24.61 -22.53 38.41
N ILE K 190 23.97 -22.38 37.25
CA ILE K 190 22.68 -21.74 37.11
C ILE K 190 21.68 -22.79 36.65
N PHE K 191 20.60 -22.95 37.41
CA PHE K 191 19.59 -23.97 37.17
C PHE K 191 18.21 -23.34 37.14
N PRO K 192 17.21 -24.05 36.62
CA PRO K 192 15.84 -23.52 36.64
C PRO K 192 15.37 -23.23 38.06
N THR K 193 14.43 -22.30 38.17
CA THR K 193 13.81 -22.00 39.45
C THR K 193 12.51 -22.77 39.57
N ALA K 194 12.18 -23.16 40.81
CA ALA K 194 10.99 -23.95 41.04
C ALA K 194 10.29 -23.48 42.31
N VAL K 195 8.97 -23.64 42.30
CA VAL K 195 8.09 -23.37 43.43
C VAL K 195 7.21 -24.59 43.62
N ILE K 196 7.06 -25.02 44.87
CA ILE K 196 6.22 -26.16 45.23
C ILE K 196 5.18 -25.68 46.22
N ILE K 197 3.94 -26.15 46.06
CA ILE K 197 2.80 -25.66 46.84
C ILE K 197 2.03 -26.85 47.38
N ASP K 198 1.85 -26.90 48.69
CA ASP K 198 1.00 -27.91 49.32
C ASP K 198 0.17 -27.23 50.40
N ALA K 199 -0.37 -28.02 51.33
CA ALA K 199 -1.21 -27.47 52.39
C ALA K 199 -0.44 -26.49 53.27
N ASP K 200 0.88 -26.62 53.34
CA ASP K 200 1.69 -25.69 54.12
C ASP K 200 2.01 -24.40 53.38
N GLY K 201 1.55 -24.25 52.15
CA GLY K 201 1.74 -23.03 51.39
C GLY K 201 2.65 -23.26 50.19
N ALA K 202 3.10 -22.13 49.63
CA ALA K 202 3.98 -22.13 48.47
C ALA K 202 5.37 -21.69 48.90
N VAL K 203 6.38 -22.50 48.56
CA VAL K 203 7.76 -22.18 48.89
C VAL K 203 8.61 -22.40 47.65
N ASP K 204 9.66 -21.60 47.53
CA ASP K 204 10.63 -21.75 46.47
C ASP K 204 11.55 -22.94 46.75
N VAL K 205 11.74 -23.80 45.75
CA VAL K 205 12.64 -24.94 45.88
C VAL K 205 14.08 -24.46 45.94
N PRO K 206 14.87 -24.91 46.91
CA PRO K 206 16.27 -24.45 46.98
C PRO K 206 17.07 -24.88 45.75
N GLU K 207 18.03 -24.02 45.38
CA GLU K 207 18.88 -24.30 44.22
C GLU K 207 19.59 -25.63 44.35
N SER K 208 19.86 -26.08 45.58
CA SER K 208 20.61 -27.31 45.79
C SER K 208 19.88 -28.51 45.17
N ARG K 209 18.65 -28.77 45.60
CA ARG K 209 17.93 -29.95 45.14
C ARG K 209 17.73 -29.93 43.63
N ILE K 210 17.53 -28.74 43.04
CA ILE K 210 17.41 -28.64 41.60
C ILE K 210 18.74 -28.99 40.93
N ALA K 211 19.85 -28.54 41.52
CA ALA K 211 21.16 -28.88 40.96
C ALA K 211 21.40 -30.39 41.00
N GLU K 212 21.14 -31.01 42.16
CA GLU K 212 21.23 -32.46 42.28
C GLU K 212 20.41 -33.15 41.19
N LEU K 213 19.14 -32.76 41.06
CA LEU K 213 18.26 -33.40 40.10
C LEU K 213 18.76 -33.21 38.66
N ALA K 214 19.23 -32.01 38.33
CA ALA K 214 19.77 -31.76 37.00
C ALA K 214 20.97 -32.65 36.71
N ARG K 215 21.89 -32.76 37.67
CA ARG K 215 23.02 -33.66 37.49
C ARG K 215 22.56 -35.09 37.29
N ALA K 216 21.55 -35.52 38.05
CA ALA K 216 21.00 -36.87 37.87
C ALA K 216 20.44 -37.07 36.46
N ILE K 217 19.71 -36.07 35.95
CA ILE K 217 19.15 -36.17 34.60
C ILE K 217 20.26 -36.29 33.57
N ILE K 218 21.24 -35.38 33.66
CA ILE K 218 22.34 -35.36 32.70
C ILE K 218 23.10 -36.68 32.69
N GLU K 219 23.52 -37.13 33.88
CA GLU K 219 24.28 -38.37 33.95
C GLU K 219 23.42 -39.58 33.55
N SER K 220 22.11 -39.49 33.73
CA SER K 220 21.24 -40.55 33.23
C SER K 220 21.21 -40.57 31.71
N ARG K 221 21.30 -39.40 31.06
CA ARG K 221 21.26 -39.38 29.60
C ARG K 221 22.60 -39.68 28.96
N SER K 222 23.71 -39.57 29.69
CA SER K 222 25.02 -39.84 29.15
C SER K 222 25.53 -41.24 29.46
N GLY K 223 24.88 -41.95 30.38
CA GLY K 223 25.34 -43.28 30.77
C GLY K 223 26.67 -43.26 31.50
N THR L 1 28.24 4.68 21.00
CA THR L 1 28.23 4.64 22.46
C THR L 1 28.49 3.25 23.00
N THR L 2 29.26 3.19 24.09
CA THR L 2 29.46 1.98 24.86
C THR L 2 29.53 2.39 26.32
N ILE L 3 28.69 1.79 27.13
CA ILE L 3 28.72 1.95 28.58
C ILE L 3 29.04 0.60 29.19
N VAL L 4 30.01 0.57 30.09
CA VAL L 4 30.43 -0.64 30.77
C VAL L 4 30.19 -0.45 32.26
N ALA L 5 29.92 -1.56 32.93
CA ALA L 5 29.81 -1.57 34.38
C ALA L 5 30.26 -2.94 34.86
N LEU L 6 31.06 -2.96 35.92
CA LEU L 6 31.50 -4.21 36.49
C LEU L 6 31.56 -4.09 38.00
N LYS L 7 31.37 -5.22 38.67
CA LYS L 7 31.46 -5.30 40.12
C LYS L 7 32.88 -5.66 40.53
N TYR L 8 33.38 -5.00 41.57
CA TYR L 8 34.63 -5.39 42.19
C TYR L 8 34.38 -5.60 43.68
N PRO L 9 35.28 -6.31 44.38
CA PRO L 9 35.06 -6.55 45.82
C PRO L 9 34.85 -5.26 46.60
N GLY L 10 33.63 -5.05 47.06
CA GLY L 10 33.27 -3.89 47.85
C GLY L 10 32.85 -2.66 47.06
N GLY L 11 32.64 -2.78 45.76
CA GLY L 11 32.23 -1.62 44.99
C GLY L 11 31.82 -2.00 43.58
N VAL L 12 31.50 -0.97 42.81
CA VAL L 12 31.09 -1.11 41.42
C VAL L 12 31.71 0.03 40.63
N VAL L 13 31.96 -0.21 39.34
CA VAL L 13 32.54 0.81 38.48
C VAL L 13 31.74 0.86 37.18
N MET L 14 31.60 2.06 36.64
CA MET L 14 30.90 2.30 35.38
C MET L 14 31.68 3.31 34.55
N ALA L 15 31.85 3.03 33.27
CA ALA L 15 32.59 3.92 32.39
C ALA L 15 31.89 4.05 31.05
N GLY L 16 32.11 5.18 30.40
CA GLY L 16 31.50 5.43 29.11
C GLY L 16 32.39 6.31 28.25
N ASP L 17 32.27 6.11 26.93
CA ASP L 17 33.04 6.88 25.97
C ASP L 17 32.45 8.28 25.80
N ARG L 18 33.06 9.08 24.93
CA ARG L 18 32.77 10.51 24.84
C ARG L 18 32.26 10.93 23.46
N ARG L 19 31.91 9.99 22.59
CA ARG L 19 31.64 10.31 21.19
C ARG L 19 30.15 10.48 20.92
N SER L 20 29.82 11.53 20.18
CA SER L 20 28.47 11.77 19.68
C SER L 20 28.50 11.78 18.17
N THR L 21 27.62 11.02 17.55
CA THR L 21 27.56 10.93 16.10
C THR L 21 26.16 11.29 15.59
N GLN L 22 26.12 11.76 14.34
CA GLN L 22 24.91 11.83 13.55
C GLN L 22 25.18 11.05 12.26
N GLY L 23 24.56 9.88 12.13
CA GLY L 23 24.97 8.94 11.11
C GLY L 23 26.46 8.64 11.17
N ASN L 24 27.17 8.93 10.09
CA ASN L 24 28.61 8.72 10.04
C ASN L 24 29.40 9.88 10.60
N MET L 25 28.81 11.07 10.68
CA MET L 25 29.52 12.27 11.10
C MET L 25 29.68 12.31 12.61
N ILE L 26 30.87 12.70 13.06
CA ILE L 26 31.12 12.89 14.48
C ILE L 26 30.64 14.29 14.88
N SER L 27 29.67 14.35 15.78
CA SER L 27 29.10 15.61 16.23
C SER L 27 29.47 15.94 17.68
N GLY L 28 30.32 15.12 18.30
CA GLY L 28 30.76 15.40 19.65
C GLY L 28 31.96 14.59 20.09
N ARG L 29 32.89 15.22 20.81
CA ARG L 29 34.09 14.56 21.29
C ARG L 29 34.24 14.54 22.80
N ASP L 30 33.57 15.43 23.53
CA ASP L 30 33.72 15.54 24.98
C ASP L 30 32.44 15.14 25.71
N VAL L 31 31.51 14.50 25.00
CA VAL L 31 30.21 14.15 25.56
C VAL L 31 30.35 13.28 26.81
N ARG L 32 29.41 13.46 27.76
CA ARG L 32 29.36 12.68 28.99
C ARG L 32 28.10 11.81 28.98
N LYS L 33 28.29 10.50 29.16
CA LYS L 33 27.21 9.53 29.08
C LYS L 33 26.98 8.77 30.38
N VAL L 34 27.81 8.98 31.40
CA VAL L 34 27.67 8.34 32.70
C VAL L 34 27.40 9.43 33.72
N TYR L 35 26.36 9.27 34.51
CA TYR L 35 25.94 10.30 35.43
C TYR L 35 25.75 9.72 36.82
N ILE L 36 26.05 10.53 37.83
CA ILE L 36 25.78 10.16 39.22
C ILE L 36 24.34 10.59 39.51
N THR L 37 23.44 9.62 39.50
CA THR L 37 22.01 9.86 39.72
C THR L 37 21.64 9.88 41.20
N ASP L 38 22.45 9.24 42.05
CA ASP L 38 22.20 9.17 43.47
C ASP L 38 23.52 9.10 44.21
N ASP L 39 23.44 9.29 45.52
CA ASP L 39 24.66 9.23 46.33
C ASP L 39 25.34 7.88 46.17
N TYR L 40 24.57 6.82 45.90
CA TYR L 40 25.09 5.48 45.75
C TYR L 40 24.71 4.82 44.43
N THR L 41 24.21 5.55 43.44
CA THR L 41 23.91 4.95 42.15
C THR L 41 24.34 5.88 41.04
N ALA L 42 24.77 5.29 39.93
CA ALA L 42 25.15 5.97 38.72
C ALA L 42 24.45 5.31 37.54
N THR L 43 24.08 6.11 36.55
CA THR L 43 23.34 5.64 35.40
C THR L 43 24.08 6.04 34.13
N GLY L 44 24.26 5.09 33.22
CA GLY L 44 24.80 5.36 31.90
C GLY L 44 23.73 5.10 30.86
N ILE L 45 23.62 5.99 29.87
CA ILE L 45 22.52 5.93 28.92
C ILE L 45 23.08 5.87 27.52
N ALA L 46 22.45 5.06 26.67
CA ALA L 46 22.80 4.96 25.26
C ALA L 46 21.56 5.30 24.42
N GLY L 47 21.79 5.90 23.25
CA GLY L 47 20.70 6.22 22.34
C GLY L 47 20.67 7.71 22.03
N THR L 48 19.47 8.19 21.73
CA THR L 48 19.29 9.60 21.40
C THR L 48 19.76 10.49 22.55
N ALA L 49 20.66 11.42 22.23
CA ALA L 49 21.30 12.24 23.26
C ALA L 49 20.28 12.99 24.11
N ALA L 50 19.35 13.70 23.47
CA ALA L 50 18.32 14.46 24.18
C ALA L 50 17.56 13.58 25.17
N VAL L 51 17.03 12.46 24.68
CA VAL L 51 16.25 11.57 25.53
C VAL L 51 17.12 10.98 26.64
N ALA L 52 18.39 10.68 26.32
CA ALA L 52 19.28 10.09 27.31
C ALA L 52 19.52 11.05 28.46
N VAL L 53 19.90 12.29 28.14
CA VAL L 53 20.17 13.29 29.17
C VAL L 53 18.90 13.57 29.97
N GLU L 54 17.77 13.68 29.29
CA GLU L 54 16.51 13.91 30.01
C GLU L 54 16.21 12.76 30.96
N PHE L 55 16.52 11.52 30.55
CA PHE L 55 16.37 10.38 31.46
C PHE L 55 17.23 10.55 32.70
N ALA L 56 18.53 10.83 32.52
CA ALA L 56 19.40 10.96 33.69
C ALA L 56 18.91 12.05 34.64
N ARG L 57 18.63 13.24 34.08
CA ARG L 57 18.20 14.38 34.89
C ARG L 57 16.91 14.08 35.64
N LEU L 58 15.86 13.68 34.89
CA LEU L 58 14.58 13.39 35.50
C LEU L 58 14.68 12.30 36.57
N TYR L 59 15.52 11.29 36.31
CA TYR L 59 15.66 10.18 37.25
C TYR L 59 16.29 10.65 38.56
N ALA L 60 17.40 11.40 38.47
CA ALA L 60 18.00 11.97 39.67
C ALA L 60 16.99 12.81 40.45
N VAL L 61 16.24 13.65 39.73
CA VAL L 61 15.24 14.49 40.39
C VAL L 61 14.19 13.64 41.09
N GLU L 62 13.79 12.54 40.47
CA GLU L 62 12.77 11.69 41.09
C GLU L 62 13.29 11.06 42.38
N LEU L 63 14.50 10.50 42.34
CA LEU L 63 15.06 9.88 43.53
C LEU L 63 15.19 10.88 44.67
N GLU L 64 15.81 12.03 44.41
CA GLU L 64 15.95 13.01 45.48
C GLU L 64 14.60 13.55 45.94
N HIS L 65 13.64 13.64 45.03
CA HIS L 65 12.29 14.03 45.38
C HIS L 65 11.70 13.10 46.43
N TYR L 66 11.73 11.78 46.16
CA TYR L 66 11.25 10.83 47.15
C TYR L 66 12.02 10.95 48.46
N GLU L 67 13.35 11.13 48.36
CA GLU L 67 14.16 11.17 49.57
C GLU L 67 13.76 12.33 50.47
N LYS L 68 13.54 13.52 49.88
CA LYS L 68 13.16 14.67 50.68
C LYS L 68 11.71 14.58 51.15
N LEU L 69 10.81 14.01 50.35
CA LEU L 69 9.42 13.93 50.76
C LEU L 69 9.24 12.97 51.92
N GLU L 70 9.83 11.78 51.82
CA GLU L 70 9.63 10.73 52.81
C GLU L 70 10.77 10.62 53.81
N GLY L 71 11.78 11.47 53.72
CA GLY L 71 12.85 11.51 54.70
C GLY L 71 13.82 10.35 54.65
N VAL L 72 13.70 9.45 53.68
CA VAL L 72 14.59 8.31 53.54
C VAL L 72 14.74 8.01 52.05
N PRO L 73 15.91 7.59 51.58
CA PRO L 73 16.04 7.24 50.17
C PRO L 73 15.30 5.95 49.86
N LEU L 74 15.02 5.77 48.58
CA LEU L 74 14.36 4.55 48.13
C LEU L 74 15.27 3.34 48.32
N THR L 75 14.65 2.20 48.58
CA THR L 75 15.38 0.95 48.47
C THR L 75 15.83 0.75 47.03
N PHE L 76 16.87 -0.06 46.84
CA PHE L 76 17.40 -0.26 45.50
C PHE L 76 16.35 -0.83 44.56
N ALA L 77 15.55 -1.79 45.04
CA ALA L 77 14.47 -2.34 44.22
C ALA L 77 13.53 -1.24 43.75
N GLY L 78 13.20 -0.29 44.63
CA GLY L 78 12.35 0.81 44.25
C GLY L 78 12.96 1.66 43.14
N LYS L 79 14.25 1.96 43.26
CA LYS L 79 14.96 2.71 42.23
C LYS L 79 14.88 1.98 40.89
N ILE L 80 15.14 0.66 40.91
CA ILE L 80 15.00 -0.15 39.70
C ILE L 80 13.62 0.03 39.10
N ASN L 81 12.58 -0.07 39.94
CA ASN L 81 11.22 0.05 39.46
C ASN L 81 10.97 1.41 38.82
N ARG L 82 11.52 2.47 39.40
CA ARG L 82 11.32 3.81 38.85
C ARG L 82 11.97 3.95 37.48
N LEU L 83 13.21 3.49 37.34
CA LEU L 83 13.85 3.55 36.04
C LEU L 83 13.07 2.74 35.00
N ALA L 84 12.65 1.54 35.38
CA ALA L 84 11.88 0.70 34.45
C ALA L 84 10.59 1.37 34.02
N ILE L 85 9.85 1.94 34.97
CA ILE L 85 8.60 2.63 34.65
C ILE L 85 8.85 3.82 33.75
N MET L 86 9.96 4.53 33.96
CA MET L 86 10.30 5.65 33.08
C MET L 86 10.53 5.17 31.65
N VAL L 87 11.33 4.12 31.48
CA VAL L 87 11.61 3.59 30.15
C VAL L 87 10.32 3.15 29.46
N ARG L 88 9.53 2.31 30.14
CA ARG L 88 8.26 1.90 29.57
C ARG L 88 7.40 3.09 29.20
N GLY L 89 7.44 4.15 30.02
CA GLY L 89 6.73 5.36 29.67
C GLY L 89 7.22 5.97 28.38
N ASN L 90 8.51 5.86 28.09
CA ASN L 90 9.03 6.41 26.85
C ASN L 90 8.85 5.48 25.65
N LEU L 91 8.36 4.25 25.85
CA LEU L 91 8.24 3.29 24.75
C LEU L 91 7.67 3.87 23.45
N ALA L 92 6.60 4.65 23.56
CA ALA L 92 5.95 5.18 22.36
C ALA L 92 6.91 6.01 21.52
N ALA L 93 7.54 7.02 22.14
CA ALA L 93 8.51 7.83 21.41
C ALA L 93 9.72 7.01 20.98
N ALA L 94 10.09 5.99 21.76
CA ALA L 94 11.20 5.12 21.36
C ALA L 94 10.91 4.43 20.03
N MET L 95 9.65 3.99 19.83
CA MET L 95 9.26 3.37 18.58
C MET L 95 9.46 4.28 17.38
N GLN L 96 9.46 5.60 17.58
CA GLN L 96 9.63 6.57 16.51
C GLN L 96 11.04 7.15 16.42
N GLY L 97 12.00 6.58 17.14
CA GLY L 97 13.40 6.99 17.03
C GLY L 97 13.97 7.74 18.21
N LEU L 98 13.19 8.00 19.26
CA LEU L 98 13.71 8.66 20.46
C LEU L 98 14.03 7.62 21.53
N LEU L 99 14.90 6.68 21.14
CA LEU L 99 15.25 5.53 21.96
C LEU L 99 16.37 5.87 22.93
N ALA L 100 16.26 5.35 24.15
CA ALA L 100 17.29 5.50 25.15
C ALA L 100 17.25 4.29 26.07
N LEU L 101 18.37 3.57 26.14
CA LEU L 101 18.51 2.40 27.00
C LEU L 101 19.45 2.73 28.14
N PRO L 102 19.02 2.50 29.38
CA PRO L 102 19.91 2.76 30.51
C PRO L 102 20.60 1.52 31.05
N LEU L 103 21.69 1.76 31.77
CA LEU L 103 22.40 0.76 32.54
C LEU L 103 22.63 1.35 33.93
N LEU L 104 22.18 0.63 34.95
CA LEU L 104 22.17 1.14 36.31
C LEU L 104 23.23 0.40 37.12
N ALA L 105 24.06 1.16 37.83
CA ALA L 105 25.06 0.59 38.72
C ALA L 105 24.92 1.24 40.08
N GLY L 106 24.87 0.44 41.13
CA GLY L 106 24.65 1.02 42.45
C GLY L 106 25.34 0.22 43.54
N TYR L 107 25.32 0.79 44.73
CA TYR L 107 25.83 0.15 45.94
C TYR L 107 24.71 0.12 46.96
N ASP L 108 24.24 -1.08 47.29
CA ASP L 108 23.10 -1.25 48.18
C ASP L 108 23.59 -1.22 49.62
N ILE L 109 23.33 -0.12 50.32
CA ILE L 109 23.74 0.00 51.72
C ILE L 109 22.97 -0.95 52.61
N HIS L 110 21.81 -1.42 52.17
CA HIS L 110 20.97 -2.33 52.95
C HIS L 110 21.35 -3.79 52.73
N ALA L 111 22.42 -4.06 52.00
CA ALA L 111 22.81 -5.43 51.76
C ALA L 111 23.44 -6.03 53.01
N SER L 112 23.33 -7.34 53.14
CA SER L 112 23.85 -8.03 54.31
C SER L 112 25.38 -8.02 54.31
N ASP L 113 25.98 -8.12 53.12
CA ASP L 113 27.41 -8.29 52.98
C ASP L 113 28.02 -7.08 52.28
N PRO L 114 28.87 -6.30 52.97
CA PRO L 114 29.43 -5.07 52.39
C PRO L 114 30.36 -5.28 51.20
N GLN L 115 30.69 -6.52 50.82
CA GLN L 115 31.58 -6.75 49.70
C GLN L 115 30.87 -7.27 48.46
N SER L 116 29.64 -7.76 48.60
CA SER L 116 28.80 -8.12 47.46
C SER L 116 27.58 -7.19 47.36
N ALA L 117 27.72 -5.96 47.86
CA ALA L 117 26.66 -4.98 47.80
C ALA L 117 26.60 -4.25 46.46
N GLY L 118 27.53 -4.54 45.55
CA GLY L 118 27.45 -3.95 44.22
C GLY L 118 26.29 -4.50 43.42
N ARG L 119 25.71 -3.64 42.60
CA ARG L 119 24.52 -3.97 41.83
C ARG L 119 24.65 -3.44 40.41
N ILE L 120 24.26 -4.27 39.45
CA ILE L 120 24.22 -3.90 38.04
C ILE L 120 22.90 -4.37 37.47
N VAL L 121 22.12 -3.44 36.94
CA VAL L 121 20.78 -3.71 36.41
C VAL L 121 20.73 -3.23 34.96
N SER L 122 20.28 -4.10 34.06
CA SER L 122 20.10 -3.75 32.66
C SER L 122 18.62 -3.66 32.32
N PHE L 123 18.33 -2.89 31.26
CA PHE L 123 16.97 -2.62 30.83
C PHE L 123 16.85 -2.79 29.32
N ASP L 124 15.62 -3.00 28.86
CA ASP L 124 15.28 -2.95 27.44
C ASP L 124 14.33 -1.79 27.18
N ALA L 125 13.98 -1.58 25.90
CA ALA L 125 13.20 -0.40 25.52
C ALA L 125 11.79 -0.42 26.08
N ALA L 126 11.27 -1.59 26.46
CA ALA L 126 9.95 -1.67 27.08
C ALA L 126 10.02 -1.62 28.60
N GLY L 127 11.21 -1.40 29.15
CA GLY L 127 11.48 -1.38 30.57
C GLY L 127 11.56 -2.71 31.25
N GLY L 128 11.66 -3.81 30.51
CA GLY L 128 12.16 -5.07 31.05
C GLY L 128 13.46 -4.82 31.79
N TRP L 129 13.71 -5.49 32.91
CA TRP L 129 14.95 -5.28 33.62
C TRP L 129 15.47 -6.61 34.15
N ASN L 130 16.79 -6.66 34.38
CA ASN L 130 17.44 -7.83 34.93
C ASN L 130 18.56 -7.36 35.85
N ILE L 131 18.59 -7.89 37.06
CA ILE L 131 19.72 -7.65 37.96
C ILE L 131 20.81 -8.66 37.63
N GLU L 132 21.95 -8.14 37.16
CA GLU L 132 23.01 -8.98 36.63
C GLU L 132 23.79 -9.62 37.79
N GLU L 133 23.93 -10.94 37.74
CA GLU L 133 24.63 -11.67 38.79
C GLU L 133 25.96 -12.23 38.32
N GLU L 134 26.47 -11.77 37.17
CA GLU L 134 27.71 -12.30 36.60
C GLU L 134 28.87 -11.31 36.65
N GLY L 135 28.69 -10.13 37.24
CA GLY L 135 29.79 -9.25 37.55
C GLY L 135 29.95 -8.06 36.63
N TYR L 136 29.56 -8.18 35.36
CA TYR L 136 29.75 -7.09 34.42
C TYR L 136 28.58 -7.06 33.44
N GLN L 137 28.46 -5.95 32.72
CA GLN L 137 27.44 -5.72 31.72
C GLN L 137 27.80 -4.47 30.93
N ALA L 138 27.26 -4.38 29.72
CA ALA L 138 27.51 -3.23 28.84
C ALA L 138 26.25 -2.95 28.02
N VAL L 139 26.16 -1.71 27.52
CA VAL L 139 25.05 -1.30 26.68
C VAL L 139 25.59 -0.36 25.61
N GLY L 140 24.97 -0.39 24.44
CA GLY L 140 25.35 0.45 23.32
C GLY L 140 25.85 -0.35 22.13
N SER L 141 26.21 0.38 21.07
CA SER L 141 26.61 -0.24 19.82
C SER L 141 27.91 -1.04 19.94
N GLY L 142 28.74 -0.75 20.94
CA GLY L 142 29.94 -1.52 21.19
C GLY L 142 29.84 -2.44 22.38
N SER L 143 28.63 -2.70 22.89
CA SER L 143 28.48 -3.46 24.12
C SER L 143 28.86 -4.92 23.95
N LEU L 144 28.69 -5.47 22.75
CA LEU L 144 29.07 -6.86 22.51
C LEU L 144 30.58 -7.04 22.65
N PHE L 145 31.36 -6.18 21.98
CA PHE L 145 32.81 -6.27 22.06
C PHE L 145 33.29 -6.05 23.49
N ALA L 146 32.71 -5.07 24.18
CA ALA L 146 33.13 -4.80 25.55
C ALA L 146 32.80 -5.97 26.46
N LYS L 147 31.64 -6.60 26.25
CA LYS L 147 31.25 -7.74 27.05
C LYS L 147 32.17 -8.94 26.81
N SER L 148 32.58 -9.18 25.56
CA SER L 148 33.51 -10.29 25.33
C SER L 148 34.89 -10.00 25.89
N SER L 149 35.29 -8.72 25.83
CA SER L 149 36.58 -8.34 26.40
C SER L 149 36.58 -8.55 27.91
N MET L 150 35.52 -8.09 28.58
CA MET L 150 35.41 -8.32 30.02
C MET L 150 35.28 -9.81 30.32
N LYS L 151 34.68 -10.57 29.41
CA LYS L 151 34.62 -12.02 29.60
C LYS L 151 36.01 -12.62 29.69
N LYS L 152 36.97 -12.07 28.94
CA LYS L 152 38.33 -12.59 29.03
C LYS L 152 39.15 -11.95 30.14
N LEU L 153 38.93 -10.67 30.44
CA LEU L 153 39.77 -9.93 31.38
C LEU L 153 39.24 -9.92 32.81
N TYR L 154 38.05 -10.47 33.07
CA TYR L 154 37.40 -10.24 34.36
C TYR L 154 38.13 -10.93 35.51
N SER L 155 38.79 -12.06 35.24
CA SER L 155 39.51 -12.76 36.30
C SER L 155 40.56 -11.87 36.97
N GLN L 156 41.00 -10.80 36.30
CA GLN L 156 42.01 -9.90 36.85
C GLN L 156 41.45 -8.90 37.85
N VAL L 157 40.14 -8.85 38.05
CA VAL L 157 39.55 -7.83 38.91
C VAL L 157 39.70 -8.29 40.36
N THR L 158 40.54 -7.58 41.12
CA THR L 158 40.77 -7.88 42.53
C THR L 158 40.51 -6.69 43.45
N ASP L 159 40.52 -5.46 42.95
CA ASP L 159 40.26 -4.28 43.75
C ASP L 159 39.64 -3.21 42.85
N GLY L 160 39.53 -2.00 43.37
CA GLY L 160 38.95 -0.92 42.58
C GLY L 160 39.78 -0.55 41.38
N ASP L 161 41.11 -0.57 41.52
CA ASP L 161 41.99 -0.16 40.42
C ASP L 161 41.97 -1.15 39.28
N SER L 162 42.04 -2.45 39.58
CA SER L 162 41.98 -3.45 38.53
C SER L 162 40.61 -3.46 37.86
N GLY L 163 39.54 -3.24 38.63
CA GLY L 163 38.22 -3.14 38.03
C GLY L 163 38.12 -1.96 37.09
N LEU L 164 38.62 -0.79 37.51
CA LEU L 164 38.65 0.38 36.64
C LEU L 164 39.46 0.09 35.38
N ARG L 165 40.55 -0.67 35.50
CA ARG L 165 41.38 -0.96 34.35
C ARG L 165 40.69 -1.90 33.36
N VAL L 166 40.02 -2.94 33.87
CA VAL L 166 39.25 -3.81 32.98
C VAL L 166 38.13 -3.02 32.31
N ALA L 167 37.52 -2.08 33.04
CA ALA L 167 36.48 -1.25 32.44
C ALA L 167 37.02 -0.41 31.28
N VAL L 168 38.09 0.34 31.54
CA VAL L 168 38.66 1.20 30.49
C VAL L 168 39.13 0.37 29.31
N GLU L 169 39.68 -0.83 29.58
CA GLU L 169 40.15 -1.67 28.48
C GLU L 169 38.99 -2.21 27.66
N ALA L 170 37.89 -2.60 28.31
CA ALA L 170 36.71 -3.02 27.57
C ALA L 170 36.20 -1.89 26.68
N LEU L 171 36.17 -0.66 27.19
CA LEU L 171 35.83 0.47 26.33
C LEU L 171 36.82 0.60 25.18
N TYR L 172 38.09 0.28 25.42
CA TYR L 172 39.11 0.38 24.37
C TYR L 172 38.83 -0.60 23.24
N ASP L 173 38.50 -1.85 23.58
CA ASP L 173 38.15 -2.82 22.56
C ASP L 173 36.87 -2.43 21.83
N ALA L 174 35.86 -1.96 22.58
CA ALA L 174 34.62 -1.49 21.97
C ALA L 174 34.89 -0.43 20.91
N ALA L 175 35.64 0.62 21.29
CA ALA L 175 35.98 1.65 20.32
C ALA L 175 36.85 1.10 19.20
N ASP L 176 37.61 0.04 19.48
CA ASP L 176 38.47 -0.56 18.46
C ASP L 176 37.65 -1.21 17.36
N ASP L 177 36.48 -1.78 17.69
CA ASP L 177 35.67 -2.47 16.70
C ASP L 177 34.39 -1.74 16.33
N ASP L 178 34.06 -0.63 16.97
CA ASP L 178 32.83 0.11 16.71
C ASP L 178 33.17 1.56 16.43
N SER L 179 32.80 2.05 15.24
CA SER L 179 33.10 3.43 14.87
C SER L 179 32.22 4.43 15.60
N ALA L 180 31.08 3.98 16.13
CA ALA L 180 30.23 4.85 16.94
C ALA L 180 30.73 5.01 18.36
N THR L 181 31.71 4.21 18.77
CA THR L 181 32.34 4.33 20.07
C THR L 181 33.71 4.97 19.91
N GLY L 182 33.98 5.99 20.74
CA GLY L 182 35.23 6.72 20.65
C GLY L 182 36.29 6.18 21.60
N GLY L 183 37.50 6.05 21.09
CA GLY L 183 38.62 5.63 21.90
C GLY L 183 39.31 6.83 22.51
N PRO L 184 40.42 6.59 23.21
CA PRO L 184 41.15 7.71 23.82
C PRO L 184 41.74 8.63 22.77
N ASP L 185 41.48 9.93 22.92
CA ASP L 185 42.01 10.95 22.02
C ASP L 185 43.23 11.54 22.72
N LEU L 186 44.40 10.95 22.43
CA LEU L 186 45.62 11.38 23.08
C LEU L 186 46.06 12.77 22.65
N VAL L 187 45.64 13.20 21.46
CA VAL L 187 46.02 14.54 20.99
C VAL L 187 45.26 15.61 21.77
N ARG L 188 43.95 15.40 21.95
CA ARG L 188 43.11 16.35 22.68
C ARG L 188 43.04 16.07 24.16
N GLY L 189 43.54 14.92 24.61
CA GLY L 189 43.43 14.55 26.02
C GLY L 189 42.00 14.29 26.45
N ILE L 190 41.22 13.59 25.63
CA ILE L 190 39.84 13.26 25.95
C ILE L 190 39.75 11.76 26.15
N PHE L 191 39.29 11.35 27.32
CA PHE L 191 39.23 9.96 27.73
C PHE L 191 37.84 9.63 28.24
N PRO L 192 37.49 8.35 28.34
CA PRO L 192 36.18 7.98 28.88
C PRO L 192 35.99 8.52 30.29
N THR L 193 34.73 8.73 30.66
CA THR L 193 34.39 9.10 32.01
C THR L 193 34.01 7.86 32.82
N ALA L 194 34.33 7.90 34.11
CA ALA L 194 34.06 6.76 34.96
C ALA L 194 33.54 7.24 36.31
N VAL L 195 32.72 6.40 36.92
CA VAL L 195 32.20 6.60 38.26
C VAL L 195 32.45 5.32 39.03
N ILE L 196 32.98 5.45 40.26
CA ILE L 196 33.23 4.30 41.11
C ILE L 196 32.45 4.51 42.40
N ILE L 197 31.83 3.44 42.89
CA ILE L 197 30.92 3.51 44.02
C ILE L 197 31.28 2.44 45.04
N ASP L 198 31.48 2.85 46.28
CA ASP L 198 31.70 1.91 47.37
C ASP L 198 30.85 2.36 48.56
N ALA L 199 31.16 1.81 49.74
CA ALA L 199 30.39 2.17 50.94
C ALA L 199 30.51 3.66 51.26
N ASP L 200 31.60 4.29 50.82
CA ASP L 200 31.81 5.72 51.04
C ASP L 200 31.07 6.57 50.02
N GLY L 201 30.35 5.97 49.07
CA GLY L 201 29.57 6.71 48.10
C GLY L 201 30.09 6.57 46.69
N ALA L 202 29.57 7.43 45.82
CA ALA L 202 29.89 7.45 44.40
C ALA L 202 30.74 8.66 44.09
N VAL L 203 31.88 8.44 43.43
CA VAL L 203 32.76 9.54 43.08
C VAL L 203 33.16 9.41 41.61
N ASP L 204 33.37 10.57 40.98
CA ASP L 204 33.88 10.63 39.61
C ASP L 204 35.37 10.34 39.60
N VAL L 205 35.78 9.41 38.75
CA VAL L 205 37.21 9.14 38.58
C VAL L 205 37.84 10.30 37.81
N PRO L 206 38.95 10.87 38.29
CA PRO L 206 39.56 11.98 37.55
C PRO L 206 40.02 11.52 36.18
N GLU L 207 39.98 12.44 35.22
CA GLU L 207 40.36 12.07 33.86
C GLU L 207 41.84 11.76 33.74
N SER L 208 42.66 12.26 34.68
CA SER L 208 44.09 11.94 34.65
C SER L 208 44.32 10.46 34.93
N ARG L 209 43.59 9.90 35.91
CA ARG L 209 43.71 8.48 36.22
C ARG L 209 43.37 7.63 35.01
N ILE L 210 42.23 7.91 34.37
CA ILE L 210 41.84 7.18 33.18
C ILE L 210 42.87 7.38 32.07
N ALA L 211 43.46 8.57 31.99
CA ALA L 211 44.52 8.79 31.01
C ALA L 211 45.71 7.86 31.26
N GLU L 212 46.09 7.71 32.53
CA GLU L 212 47.16 6.77 32.88
C GLU L 212 46.81 5.35 32.45
N LEU L 213 45.61 4.89 32.79
CA LEU L 213 45.23 3.52 32.41
C LEU L 213 45.18 3.35 30.89
N ALA L 214 44.67 4.35 30.18
CA ALA L 214 44.61 4.29 28.72
C ALA L 214 46.00 4.16 28.12
N ARG L 215 46.91 5.08 28.48
CA ARG L 215 48.28 4.99 27.99
C ARG L 215 48.92 3.65 28.36
N ALA L 216 48.56 3.10 29.52
CA ALA L 216 49.08 1.79 29.90
C ALA L 216 48.58 0.69 28.95
N ILE L 217 47.29 0.72 28.61
CA ILE L 217 46.74 -0.26 27.69
C ILE L 217 47.41 -0.14 26.32
N ILE L 218 47.52 1.10 25.82
CA ILE L 218 48.14 1.32 24.51
C ILE L 218 49.57 0.79 24.50
N GLU L 219 50.35 1.11 25.54
CA GLU L 219 51.69 0.54 25.64
C GLU L 219 51.67 -0.98 25.69
N SER L 220 50.64 -1.57 26.30
CA SER L 220 50.55 -3.02 26.34
C SER L 220 50.27 -3.60 24.96
N ARG L 221 49.52 -2.89 24.13
CA ARG L 221 49.19 -3.37 22.79
C ARG L 221 50.27 -3.04 21.77
N SER L 222 51.21 -2.16 22.12
CA SER L 222 52.30 -1.80 21.21
C SER L 222 53.54 -2.67 21.42
N GLY L 223 53.88 -2.97 22.67
CA GLY L 223 55.05 -3.77 22.96
C GLY L 223 55.62 -3.50 24.34
N THR M 1 21.53 28.49 4.61
CA THR M 1 21.75 29.18 5.86
C THR M 1 23.08 28.75 6.48
N THR M 2 23.81 29.70 7.07
CA THR M 2 24.98 29.36 7.87
C THR M 2 25.09 30.36 9.01
N ILE M 3 25.15 29.85 10.23
CA ILE M 3 25.40 30.64 11.43
C ILE M 3 26.70 30.17 12.04
N VAL M 4 27.57 31.12 12.39
CA VAL M 4 28.86 30.83 13.01
C VAL M 4 28.90 31.49 14.38
N ALA M 5 29.64 30.88 15.29
CA ALA M 5 29.91 31.46 16.60
C ALA M 5 31.27 31.01 17.06
N LEU M 6 32.07 31.95 17.57
CA LEU M 6 33.39 31.60 18.08
C LEU M 6 33.74 32.44 19.29
N LYS M 7 34.58 31.88 20.15
CA LYS M 7 35.06 32.56 21.34
C LYS M 7 36.35 33.32 21.06
N TYR M 8 36.46 34.52 21.60
CA TYR M 8 37.72 35.25 21.62
C TYR M 8 38.01 35.60 23.07
N PRO M 9 39.27 35.98 23.40
CA PRO M 9 39.58 36.29 24.80
C PRO M 9 38.66 37.35 25.39
N GLY M 10 37.79 36.92 26.30
CA GLY M 10 36.87 37.80 26.96
C GLY M 10 35.55 38.05 26.27
N GLY M 11 35.22 37.28 25.23
CA GLY M 11 33.95 37.51 24.55
C GLY M 11 33.65 36.42 23.55
N VAL M 12 32.53 36.62 22.85
CA VAL M 12 32.06 35.70 21.80
C VAL M 12 31.52 36.53 20.65
N VAL M 13 31.55 35.94 19.46
CA VAL M 13 31.02 36.58 18.27
C VAL M 13 30.13 35.56 17.54
N MET M 14 29.05 36.05 16.96
CA MET M 14 28.13 35.23 16.18
C MET M 14 27.75 35.97 14.92
N ALA M 15 27.78 35.30 13.77
CA ALA M 15 27.48 35.94 12.51
C ALA M 15 26.61 35.02 11.67
N GLY M 16 25.82 35.61 10.80
CA GLY M 16 24.92 34.85 9.94
C GLY M 16 24.72 35.54 8.62
N ASP M 17 24.46 34.74 7.60
CA ASP M 17 24.23 35.24 6.25
C ASP M 17 22.82 35.81 6.14
N ARG M 18 22.49 36.30 4.93
CA ARG M 18 21.28 37.09 4.73
C ARG M 18 20.33 36.47 3.71
N ARG M 19 20.56 35.24 3.28
CA ARG M 19 19.84 34.67 2.14
C ARG M 19 18.65 33.85 2.62
N SER M 20 17.51 34.06 1.97
CA SER M 20 16.32 33.25 2.17
C SER M 20 15.96 32.59 0.84
N THR M 21 15.77 31.28 0.87
CA THR M 21 15.43 30.54 -0.33
C THR M 21 14.15 29.74 -0.12
N GLN M 22 13.46 29.46 -1.21
CA GLN M 22 12.40 28.47 -1.28
C GLN M 22 12.78 27.48 -2.37
N GLY M 23 13.15 26.27 -1.99
CA GLY M 23 13.79 25.36 -2.91
C GLY M 23 15.00 25.98 -3.59
N ASN M 24 14.96 26.07 -4.92
CA ASN M 24 16.04 26.70 -5.67
C ASN M 24 15.91 28.21 -5.77
N MET M 25 14.70 28.74 -5.59
CA MET M 25 14.46 30.16 -5.77
C MET M 25 14.94 30.97 -4.57
N ILE M 26 15.56 32.11 -4.87
CA ILE M 26 15.96 33.05 -3.81
C ILE M 26 14.75 33.91 -3.47
N SER M 27 14.32 33.85 -2.21
CA SER M 27 13.16 34.59 -1.74
C SER M 27 13.52 35.70 -0.77
N GLY M 28 14.81 35.94 -0.52
CA GLY M 28 15.23 37.00 0.38
C GLY M 28 16.71 37.27 0.30
N ARG M 29 17.12 38.54 0.38
CA ARG M 29 18.53 38.90 0.28
C ARG M 29 19.09 39.61 1.50
N ASP M 30 18.25 40.20 2.35
CA ASP M 30 18.70 40.97 3.52
C ASP M 30 18.25 40.36 4.83
N VAL M 31 17.80 39.10 4.84
CA VAL M 31 17.22 38.47 6.01
C VAL M 31 18.16 38.53 7.21
N ARG M 32 17.57 38.75 8.40
CA ARG M 32 18.28 38.66 9.67
C ARG M 32 18.04 37.29 10.29
N LYS M 33 19.13 36.58 10.60
CA LYS M 33 19.05 35.28 11.24
C LYS M 33 19.74 35.23 12.59
N VAL M 34 20.39 36.31 13.01
CA VAL M 34 21.07 36.39 14.30
C VAL M 34 20.37 37.47 15.12
N TYR M 35 19.98 37.11 16.34
CA TYR M 35 19.20 38.01 17.20
C TYR M 35 19.82 38.10 18.58
N ILE M 36 19.71 39.28 19.17
CA ILE M 36 20.13 39.51 20.55
C ILE M 36 18.95 39.16 21.43
N THR M 37 19.02 38.02 22.11
CA THR M 37 17.89 37.58 22.92
C THR M 37 17.86 38.25 24.29
N ASP M 38 19.03 38.58 24.85
CA ASP M 38 19.06 39.34 26.09
C ASP M 38 20.42 40.03 26.18
N ASP M 39 20.58 40.87 27.22
CA ASP M 39 21.77 41.70 27.35
C ASP M 39 23.07 40.92 27.18
N TYR M 40 23.08 39.64 27.54
CA TYR M 40 24.30 38.85 27.43
C TYR M 40 24.14 37.58 26.61
N THR M 41 23.06 37.43 25.85
CA THR M 41 22.91 36.25 24.99
C THR M 41 22.33 36.63 23.64
N ALA M 42 22.80 35.93 22.62
CA ALA M 42 22.34 36.06 21.24
C ALA M 42 22.05 34.69 20.66
N THR M 43 21.03 34.63 19.81
CA THR M 43 20.60 33.38 19.19
C THR M 43 20.55 33.54 17.68
N GLY M 44 21.15 32.60 16.96
CA GLY M 44 21.01 32.53 15.52
C GLY M 44 20.33 31.22 15.17
N ILE M 45 19.38 31.26 14.25
CA ILE M 45 18.54 30.09 13.98
C ILE M 45 18.56 29.77 12.49
N ALA M 46 18.57 28.47 12.17
CA ALA M 46 18.54 27.97 10.81
C ALA M 46 17.30 27.09 10.62
N GLY M 47 16.78 27.06 9.39
CA GLY M 47 15.67 26.22 9.06
C GLY M 47 14.49 27.02 8.51
N THR M 48 13.29 26.50 8.75
CA THR M 48 12.07 27.16 8.27
C THR M 48 11.97 28.55 8.88
N ALA M 49 11.84 29.56 8.01
CA ALA M 49 11.90 30.95 8.44
C ALA M 49 10.86 31.26 9.53
N ALA M 50 9.60 30.89 9.28
CA ALA M 50 8.55 31.15 10.26
C ALA M 50 8.92 30.58 11.63
N VAL M 51 9.30 29.30 11.67
CA VAL M 51 9.62 28.67 12.94
C VAL M 51 10.86 29.31 13.57
N ALA M 52 11.84 29.69 12.75
CA ALA M 52 13.05 30.28 13.29
C ALA M 52 12.75 31.61 13.98
N VAL M 53 12.05 32.50 13.27
CA VAL M 53 11.73 33.81 13.85
C VAL M 53 10.85 33.64 15.08
N GLU M 54 9.86 32.75 15.00
CA GLU M 54 9.01 32.50 16.17
C GLU M 54 9.83 32.02 17.35
N PHE M 55 10.83 31.18 17.11
CA PHE M 55 11.74 30.76 18.17
C PHE M 55 12.45 31.95 18.80
N ALA M 56 13.08 32.79 17.97
CA ALA M 56 13.82 33.93 18.52
C ALA M 56 12.93 34.82 19.36
N ARG M 57 11.77 35.20 18.82
CA ARG M 57 10.85 36.09 19.51
C ARG M 57 10.37 35.48 20.83
N LEU M 58 9.80 34.27 20.76
CA LEU M 58 9.27 33.62 21.95
C LEU M 58 10.35 33.42 22.99
N TYR M 59 11.58 33.11 22.57
CA TYR M 59 12.66 32.86 23.51
C TYR M 59 13.03 34.13 24.26
N ALA M 60 13.24 35.23 23.53
CA ALA M 60 13.51 36.50 24.20
C ALA M 60 12.40 36.86 25.16
N VAL M 61 11.14 36.71 24.73
CA VAL M 61 10.01 37.01 25.61
C VAL M 61 10.05 36.15 26.87
N GLU M 62 10.40 34.88 26.72
CA GLU M 62 10.44 33.99 27.88
C GLU M 62 11.51 34.43 28.87
N LEU M 63 12.72 34.73 28.37
CA LEU M 63 13.80 35.15 29.25
C LEU M 63 13.42 36.41 30.01
N GLU M 64 12.95 37.43 29.30
CA GLU M 64 12.58 38.67 29.99
C GLU M 64 11.39 38.46 30.92
N HIS M 65 10.49 37.56 30.57
CA HIS M 65 9.37 37.20 31.43
C HIS M 65 9.86 36.68 32.77
N TYR M 66 10.76 35.69 32.74
CA TYR M 66 11.34 35.21 34.00
C TYR M 66 12.04 36.34 34.75
N GLU M 67 12.76 37.21 34.03
CA GLU M 67 13.49 38.29 34.70
C GLU M 67 12.54 39.22 35.45
N LYS M 68 11.45 39.62 34.81
CA LYS M 68 10.52 40.54 35.46
C LYS M 68 9.72 39.87 36.57
N LEU M 69 9.37 38.58 36.40
CA LEU M 69 8.61 37.89 37.43
C LEU M 69 9.45 37.66 38.68
N GLU M 70 10.68 37.17 38.51
CA GLU M 70 11.49 36.75 39.64
C GLU M 70 12.56 37.76 40.04
N GLY M 71 12.65 38.90 39.37
CA GLY M 71 13.58 39.93 39.78
C GLY M 71 15.04 39.64 39.52
N VAL M 72 15.34 38.53 38.84
CA VAL M 72 16.71 38.16 38.50
C VAL M 72 16.67 37.41 37.18
N PRO M 73 17.67 37.56 36.30
CA PRO M 73 17.67 36.77 35.06
C PRO M 73 17.99 35.31 35.35
N LEU M 74 17.66 34.47 34.37
CA LEU M 74 17.97 33.05 34.47
C LEU M 74 19.48 32.83 34.47
N THR M 75 19.90 31.78 35.18
CA THR M 75 21.25 31.28 34.99
C THR M 75 21.41 30.78 33.55
N PHE M 76 22.66 30.76 33.07
CA PHE M 76 22.90 30.34 31.70
C PHE M 76 22.40 28.92 31.46
N ALA M 77 22.61 28.02 32.43
CA ALA M 77 22.07 26.67 32.33
C ALA M 77 20.55 26.70 32.14
N GLY M 78 19.85 27.57 32.87
CA GLY M 78 18.41 27.69 32.70
C GLY M 78 18.03 28.13 31.30
N LYS M 79 18.76 29.10 30.75
CA LYS M 79 18.51 29.55 29.39
C LYS M 79 18.67 28.40 28.40
N ILE M 80 19.77 27.64 28.53
CA ILE M 80 19.96 26.46 27.70
C ILE M 80 18.76 25.52 27.82
N ASN M 81 18.33 25.27 29.06
CA ASN M 81 17.22 24.35 29.27
C ASN M 81 15.95 24.81 28.58
N ARG M 82 15.63 26.11 28.68
CA ARG M 82 14.40 26.57 28.05
C ARG M 82 14.47 26.49 26.54
N LEU M 83 15.60 26.90 25.94
CA LEU M 83 15.73 26.78 24.50
C LEU M 83 15.60 25.33 24.04
N ALA M 84 16.28 24.42 24.76
CA ALA M 84 16.19 23.00 24.42
C ALA M 84 14.76 22.49 24.51
N ILE M 85 14.05 22.84 25.58
CA ILE M 85 12.66 22.43 25.74
C ILE M 85 11.80 22.98 24.60
N MET M 86 12.12 24.18 24.12
CA MET M 86 11.39 24.75 23.00
C MET M 86 11.58 23.90 21.75
N VAL M 87 12.83 23.54 21.45
CA VAL M 87 13.11 22.71 20.27
C VAL M 87 12.37 21.37 20.38
N ARG M 88 12.52 20.70 21.52
CA ARG M 88 11.83 19.43 21.72
C ARG M 88 10.33 19.58 21.53
N GLY M 89 9.78 20.71 21.98
CA GLY M 89 8.36 20.96 21.77
C GLY M 89 8.01 21.07 20.29
N ASN M 90 8.92 21.62 19.49
CA ASN M 90 8.63 21.73 18.07
C ASN M 90 8.92 20.44 17.30
N LEU M 91 9.50 19.42 17.94
CA LEU M 91 9.92 18.22 17.23
C LEU M 91 8.83 17.66 16.30
N ALA M 92 7.58 17.58 16.79
CA ALA M 92 6.51 16.97 15.99
C ALA M 92 6.32 17.69 14.67
N ALA M 93 6.14 19.02 14.71
CA ALA M 93 6.01 19.79 13.48
C ALA M 93 7.28 19.74 12.66
N ALA M 94 8.45 19.63 13.31
CA ALA M 94 9.71 19.51 12.59
C ALA M 94 9.73 18.28 11.69
N MET M 95 9.18 17.16 12.18
CA MET M 95 9.12 15.95 11.35
C MET M 95 8.34 16.14 10.05
N GLN M 96 7.44 17.11 9.98
CA GLN M 96 6.69 17.36 8.75
C GLN M 96 7.25 18.52 7.95
N GLY M 97 8.46 19.00 8.27
CA GLY M 97 9.12 20.02 7.48
C GLY M 97 9.27 21.38 8.12
N LEU M 98 8.81 21.57 9.35
CA LEU M 98 8.97 22.86 10.03
C LEU M 98 10.13 22.81 11.02
N LEU M 99 11.31 22.48 10.49
CA LEU M 99 12.50 22.29 11.31
C LEU M 99 13.21 23.62 11.54
N ALA M 100 13.72 23.80 12.77
CA ALA M 100 14.49 24.99 13.13
C ALA M 100 15.49 24.61 14.21
N LEU M 101 16.77 24.81 13.92
CA LEU M 101 17.86 24.55 14.84
C LEU M 101 18.47 25.86 15.30
N PRO M 102 18.61 26.07 16.60
CA PRO M 102 19.28 27.29 17.06
C PRO M 102 20.75 27.07 17.41
N LEU M 103 21.49 28.18 17.46
CA LEU M 103 22.85 28.24 17.97
C LEU M 103 22.90 29.40 18.94
N LEU M 104 23.36 29.13 20.16
CA LEU M 104 23.32 30.08 21.26
C LEU M 104 24.72 30.55 21.60
N ALA M 105 24.91 31.87 21.73
CA ALA M 105 26.18 32.44 22.14
C ALA M 105 25.93 33.40 23.29
N GLY M 106 26.72 33.27 24.36
CA GLY M 106 26.48 34.11 25.53
C GLY M 106 27.75 34.43 26.28
N TYR M 107 27.59 35.33 27.25
CA TYR M 107 28.65 35.72 28.18
C TYR M 107 28.12 35.49 29.59
N ASP M 108 28.73 34.56 30.30
CA ASP M 108 28.26 34.18 31.64
C ASP M 108 28.87 35.14 32.65
N ILE M 109 28.06 36.07 33.17
CA ILE M 109 28.55 37.00 34.17
C ILE M 109 28.82 36.31 35.50
N HIS M 110 28.21 35.15 35.72
CA HIS M 110 28.42 34.35 36.92
C HIS M 110 29.58 33.35 36.76
N ALA M 111 30.33 33.46 35.66
CA ALA M 111 31.43 32.55 35.38
C ALA M 111 32.60 32.82 36.33
N SER M 112 33.45 31.80 36.48
CA SER M 112 34.53 31.88 37.47
C SER M 112 35.60 32.89 37.07
N ASP M 113 36.00 32.91 35.80
CA ASP M 113 37.07 33.80 35.35
C ASP M 113 36.56 34.70 34.23
N PRO M 114 36.59 36.02 34.38
CA PRO M 114 35.99 36.91 33.36
C PRO M 114 36.62 36.83 31.98
N GLN M 115 37.49 35.86 31.72
CA GLN M 115 38.08 35.71 30.39
C GLN M 115 37.64 34.45 29.65
N SER M 116 37.23 33.40 30.36
CA SER M 116 36.69 32.20 29.75
C SER M 116 35.18 32.09 29.95
N ALA M 117 34.51 33.24 30.07
CA ALA M 117 33.07 33.30 30.24
C ALA M 117 32.29 33.20 28.94
N GLY M 118 32.97 33.08 27.80
CA GLY M 118 32.25 32.90 26.55
C GLY M 118 31.59 31.53 26.50
N ARG M 119 30.41 31.49 25.86
CA ARG M 119 29.61 30.28 25.81
C ARG M 119 29.04 30.10 24.41
N ILE M 120 29.14 28.87 23.89
CA ILE M 120 28.57 28.49 22.60
C ILE M 120 27.87 27.15 22.79
N VAL M 121 26.57 27.12 22.48
CA VAL M 121 25.75 25.93 22.66
C VAL M 121 25.08 25.61 21.33
N SER M 122 25.22 24.36 20.89
CA SER M 122 24.53 23.88 19.69
C SER M 122 23.43 22.92 20.09
N PHE M 123 22.44 22.78 19.21
CA PHE M 123 21.28 21.96 19.49
C PHE M 123 20.98 21.06 18.29
N ASP M 124 20.25 19.98 18.55
CA ASP M 124 19.70 19.12 17.51
C ASP M 124 18.17 19.19 17.53
N ALA M 125 17.55 18.51 16.57
CA ALA M 125 16.11 18.62 16.38
C ALA M 125 15.30 18.05 17.54
N ALA M 126 15.89 17.22 18.38
CA ALA M 126 15.22 16.70 19.56
C ALA M 126 15.45 17.55 20.79
N GLY M 127 16.12 18.68 20.63
CA GLY M 127 16.48 19.58 21.71
C GLY M 127 17.65 19.12 22.54
N GLY M 128 18.39 18.11 22.08
CA GLY M 128 19.75 17.86 22.53
C GLY M 128 20.58 19.13 22.53
N TRP M 129 21.49 19.30 23.47
CA TRP M 129 22.34 20.49 23.47
C TRP M 129 23.76 20.08 23.80
N ASN M 130 24.72 20.89 23.35
CA ASN M 130 26.12 20.65 23.63
C ASN M 130 26.79 22.00 23.83
N ILE M 131 27.47 22.16 24.96
CA ILE M 131 28.30 23.32 25.21
C ILE M 131 29.68 23.07 24.62
N GLU M 132 30.04 23.87 23.62
CA GLU M 132 31.27 23.63 22.84
C GLU M 132 32.46 24.14 23.63
N GLU M 133 33.34 23.22 24.04
CA GLU M 133 34.57 23.57 24.71
C GLU M 133 35.75 23.70 23.76
N GLU M 134 35.51 23.71 22.45
CA GLU M 134 36.58 23.74 21.46
C GLU M 134 36.61 25.04 20.66
N GLY M 135 35.83 26.05 21.05
CA GLY M 135 36.06 27.42 20.64
C GLY M 135 35.15 27.96 19.55
N TYR M 136 34.65 27.10 18.66
CA TYR M 136 33.83 27.58 17.55
C TYR M 136 32.74 26.54 17.27
N GLN M 137 31.74 26.96 16.51
CA GLN M 137 30.62 26.10 16.14
C GLN M 137 29.82 26.78 15.05
N ALA M 138 29.08 25.98 14.28
CA ALA M 138 28.26 26.50 13.19
C ALA M 138 27.01 25.64 13.06
N VAL M 139 25.99 26.21 12.41
CA VAL M 139 24.73 25.51 12.16
C VAL M 139 24.19 25.94 10.82
N GLY M 140 23.48 25.04 10.15
CA GLY M 140 22.86 25.33 8.87
C GLY M 140 23.43 24.47 7.74
N SER M 141 22.89 24.72 6.54
CA SER M 141 23.24 23.90 5.38
C SER M 141 24.70 24.08 4.97
N GLY M 142 25.34 25.18 5.35
CA GLY M 142 26.74 25.38 5.09
C GLY M 142 27.63 25.27 6.30
N SER M 143 27.14 24.71 7.41
CA SER M 143 27.90 24.70 8.67
C SER M 143 29.13 23.81 8.59
N LEU M 144 29.15 22.80 7.71
CA LEU M 144 30.34 21.96 7.59
C LEU M 144 31.49 22.72 6.96
N PHE M 145 31.21 23.50 5.92
CA PHE M 145 32.24 24.33 5.30
C PHE M 145 32.77 25.37 6.28
N ALA M 146 31.86 26.00 7.04
CA ALA M 146 32.29 27.02 7.99
C ALA M 146 33.10 26.43 9.14
N LYS M 147 32.67 25.27 9.66
CA LYS M 147 33.41 24.63 10.73
C LYS M 147 34.78 24.16 10.25
N SER M 148 34.84 23.61 9.04
CA SER M 148 36.13 23.16 8.52
C SER M 148 37.05 24.33 8.21
N SER M 149 36.48 25.48 7.83
CA SER M 149 37.29 26.68 7.64
C SER M 149 37.84 27.19 8.97
N MET M 150 36.97 27.29 9.98
CA MET M 150 37.42 27.75 11.30
C MET M 150 38.41 26.78 11.92
N LYS M 151 38.34 25.50 11.56
CA LYS M 151 39.34 24.55 12.06
C LYS M 151 40.75 24.98 11.68
N LYS M 152 40.91 25.59 10.50
CA LYS M 152 42.21 26.08 10.06
C LYS M 152 42.47 27.51 10.49
N LEU M 153 41.44 28.34 10.55
CA LEU M 153 41.60 29.77 10.78
C LEU M 153 41.53 30.18 12.24
N TYR M 154 41.21 29.26 13.16
CA TYR M 154 40.94 29.69 14.53
C TYR M 154 42.20 30.15 15.24
N SER M 155 43.35 29.58 14.89
CA SER M 155 44.61 29.98 15.52
C SER M 155 44.90 31.45 15.34
N GLN M 156 44.29 32.10 14.35
CA GLN M 156 44.50 33.53 14.12
C GLN M 156 43.69 34.41 15.06
N VAL M 157 42.79 33.85 15.86
CA VAL M 157 41.92 34.64 16.72
C VAL M 157 42.68 34.98 18.00
N THR M 158 42.98 36.26 18.20
CA THR M 158 43.65 36.74 19.40
C THR M 158 42.88 37.82 20.13
N ASP M 159 41.94 38.50 19.47
CA ASP M 159 41.13 39.54 20.09
C ASP M 159 39.77 39.57 19.40
N GLY M 160 38.99 40.62 19.69
CA GLY M 160 37.66 40.71 19.10
C GLY M 160 37.68 40.87 17.60
N ASP M 161 38.52 41.77 17.09
CA ASP M 161 38.52 42.06 15.66
C ASP M 161 38.93 40.84 14.84
N SER M 162 40.00 40.17 15.26
CA SER M 162 40.46 38.99 14.53
C SER M 162 39.41 37.88 14.57
N GLY M 163 38.71 37.75 15.70
CA GLY M 163 37.63 36.79 15.79
C GLY M 163 36.49 37.10 14.82
N LEU M 164 36.10 38.38 14.75
CA LEU M 164 35.10 38.80 13.78
C LEU M 164 35.55 38.50 12.35
N ARG M 165 36.84 38.71 12.06
CA ARG M 165 37.35 38.43 10.72
C ARG M 165 37.25 36.93 10.41
N VAL M 166 37.67 36.08 11.35
CA VAL M 166 37.59 34.65 11.12
C VAL M 166 36.15 34.21 10.92
N ALA M 167 35.22 34.82 11.67
CA ALA M 167 33.80 34.51 11.49
C ALA M 167 33.32 34.85 10.08
N VAL M 168 33.59 36.09 9.65
CA VAL M 168 33.15 36.52 8.33
C VAL M 168 33.79 35.66 7.24
N GLU M 169 35.05 35.26 7.44
CA GLU M 169 35.73 34.43 6.46
C GLU M 169 35.13 33.02 6.38
N ALA M 170 34.80 32.44 7.54
CA ALA M 170 34.13 31.15 7.55
C ALA M 170 32.79 31.22 6.83
N LEU M 171 32.02 32.29 7.10
CA LEU M 171 30.78 32.49 6.34
C LEU M 171 31.07 32.62 4.85
N TYR M 172 32.19 33.25 4.49
CA TYR M 172 32.53 33.38 3.09
C TYR M 172 32.78 32.03 2.44
N ASP M 173 33.50 31.14 3.13
CA ASP M 173 33.72 29.81 2.60
C ASP M 173 32.42 29.02 2.50
N ALA M 174 31.57 29.13 3.54
CA ALA M 174 30.27 28.49 3.51
C ALA M 174 29.48 28.90 2.28
N ALA M 175 29.36 30.21 2.05
CA ALA M 175 28.67 30.69 0.85
C ALA M 175 29.39 30.27 -0.42
N ASP M 176 30.71 30.07 -0.35
CA ASP M 176 31.48 29.66 -1.51
C ASP M 176 31.12 28.25 -1.94
N ASP M 177 30.78 27.37 -0.98
CA ASP M 177 30.47 25.99 -1.32
C ASP M 177 29.00 25.63 -1.18
N ASP M 178 28.16 26.51 -0.65
CA ASP M 178 26.75 26.22 -0.42
C ASP M 178 25.90 27.30 -1.06
N SER M 179 25.03 26.90 -2.00
CA SER M 179 24.18 27.87 -2.68
C SER M 179 23.05 28.39 -1.80
N ALA M 180 22.73 27.68 -0.71
CA ALA M 180 21.71 28.14 0.22
C ALA M 180 22.24 29.20 1.19
N THR M 181 23.54 29.42 1.23
CA THR M 181 24.15 30.46 2.04
C THR M 181 24.56 31.62 1.13
N GLY M 182 24.24 32.83 1.55
CA GLY M 182 24.54 34.01 0.75
C GLY M 182 25.86 34.65 1.13
N GLY M 183 26.63 35.03 0.10
CA GLY M 183 27.88 35.72 0.30
C GLY M 183 27.72 37.22 0.27
N PRO M 184 28.83 37.96 0.36
CA PRO M 184 28.75 39.43 0.33
C PRO M 184 28.26 39.93 -1.01
N ASP M 185 27.23 40.78 -0.98
CA ASP M 185 26.66 41.38 -2.19
C ASP M 185 27.21 42.79 -2.32
N LEU M 186 28.32 42.94 -3.04
CA LEU M 186 28.90 44.27 -3.22
C LEU M 186 28.07 45.16 -4.14
N VAL M 187 27.23 44.57 -5.00
CA VAL M 187 26.38 45.40 -5.86
C VAL M 187 25.29 46.07 -5.03
N ARG M 188 24.63 45.31 -4.14
CA ARG M 188 23.57 45.84 -3.30
C ARG M 188 24.07 46.35 -1.96
N GLY M 189 25.33 46.08 -1.60
CA GLY M 189 25.84 46.47 -0.30
C GLY M 189 25.20 45.74 0.87
N ILE M 190 24.99 44.44 0.73
CA ILE M 190 24.41 43.60 1.77
C ILE M 190 25.45 42.62 2.25
N PHE M 191 25.70 42.62 3.55
CA PHE M 191 26.75 41.82 4.16
C PHE M 191 26.15 41.01 5.30
N PRO M 192 26.84 39.97 5.78
CA PRO M 192 26.33 39.20 6.90
C PRO M 192 26.13 40.08 8.13
N THR M 193 25.20 39.68 8.98
CA THR M 193 24.99 40.37 10.25
C THR M 193 25.73 39.65 11.36
N ALA M 194 26.23 40.43 12.33
CA ALA M 194 26.99 39.87 13.43
C ALA M 194 26.63 40.57 14.72
N VAL M 195 26.74 39.82 15.82
CA VAL M 195 26.54 40.30 17.17
C VAL M 195 27.75 39.86 17.98
N ILE M 196 28.30 40.77 18.79
CA ILE M 196 29.45 40.46 19.63
C ILE M 196 29.08 40.73 21.08
N ILE M 197 29.53 39.85 21.98
CA ILE M 197 29.15 39.87 23.38
C ILE M 197 30.40 39.80 24.24
N ASP M 198 30.55 40.76 25.14
CA ASP M 198 31.64 40.74 26.11
C ASP M 198 31.07 41.11 27.47
N ALA M 199 31.95 41.50 28.40
CA ALA M 199 31.50 41.86 29.75
C ALA M 199 30.54 43.04 29.74
N ASP M 200 30.61 43.89 28.72
CA ASP M 200 29.71 45.03 28.60
C ASP M 200 28.37 44.66 27.97
N GLY M 201 28.17 43.41 27.59
CA GLY M 201 26.92 42.98 27.03
C GLY M 201 27.01 42.57 25.57
N ALA M 202 25.85 42.48 24.93
CA ALA M 202 25.73 42.07 23.55
C ALA M 202 25.38 43.30 22.71
N VAL M 203 26.15 43.53 21.64
CA VAL M 203 25.95 44.66 20.77
C VAL M 203 25.94 44.20 19.31
N ASP M 204 25.16 44.92 18.49
CA ASP M 204 25.13 44.69 17.05
C ASP M 204 26.39 45.27 16.41
N VAL M 205 27.06 44.46 15.61
CA VAL M 205 28.23 44.95 14.87
C VAL M 205 27.76 45.86 13.73
N PRO M 206 28.32 47.06 13.60
CA PRO M 206 27.91 47.94 12.50
C PRO M 206 28.29 47.34 11.15
N GLU M 207 27.42 47.56 10.16
CA GLU M 207 27.62 46.94 8.85
C GLU M 207 28.88 47.44 8.14
N SER M 208 29.38 48.63 8.51
CA SER M 208 30.59 49.14 7.87
C SER M 208 31.78 48.24 8.18
N ARG M 209 31.89 47.76 9.42
CA ARG M 209 33.04 46.94 9.80
C ARG M 209 33.02 45.59 9.09
N ILE M 210 31.85 44.94 9.08
CA ILE M 210 31.73 43.66 8.38
C ILE M 210 31.96 43.85 6.89
N ALA M 211 31.48 44.96 6.34
CA ALA M 211 31.70 45.25 4.92
C ALA M 211 33.19 45.36 4.61
N GLU M 212 33.92 46.15 5.41
CA GLU M 212 35.35 46.30 5.19
C GLU M 212 36.08 44.97 5.33
N LEU M 213 35.73 44.17 6.35
CA LEU M 213 36.36 42.86 6.50
C LEU M 213 36.07 41.98 5.28
N ALA M 214 34.84 42.00 4.79
CA ALA M 214 34.48 41.21 3.61
C ALA M 214 35.30 41.63 2.40
N ARG M 215 35.41 42.94 2.15
CA ARG M 215 36.23 43.41 1.04
C ARG M 215 37.68 42.97 1.19
N ALA M 216 38.22 43.04 2.42
CA ALA M 216 39.59 42.59 2.65
C ALA M 216 39.76 41.12 2.31
N ILE M 217 38.81 40.28 2.71
CA ILE M 217 38.88 38.86 2.38
C ILE M 217 38.80 38.66 0.87
N ILE M 218 37.85 39.33 0.22
CA ILE M 218 37.65 39.19 -1.23
C ILE M 218 38.93 39.52 -1.98
N GLU M 219 39.47 40.72 -1.75
CA GLU M 219 40.71 41.10 -2.42
C GLU M 219 41.88 40.23 -1.99
N SER M 220 41.81 39.66 -0.78
CA SER M 220 42.83 38.71 -0.36
C SER M 220 42.78 37.44 -1.19
N ARG M 221 41.60 37.03 -1.65
CA ARG M 221 41.46 35.81 -2.44
C ARG M 221 41.80 36.00 -3.91
N SER M 222 41.94 37.24 -4.37
CA SER M 222 42.29 37.50 -5.76
C SER M 222 43.80 37.64 -5.91
N THR N 1 -3.84 33.23 -10.72
CA THR N 1 -3.96 34.39 -9.86
C THR N 1 -2.64 35.13 -9.75
N THR N 2 -2.70 36.46 -9.75
CA THR N 2 -1.54 37.28 -9.44
C THR N 2 -2.01 38.52 -8.70
N ILE N 3 -1.42 38.76 -7.54
CA ILE N 3 -1.63 39.97 -6.77
C ILE N 3 -0.29 40.69 -6.70
N VAL N 4 -0.29 41.98 -7.01
CA VAL N 4 0.93 42.77 -7.04
C VAL N 4 0.81 43.92 -6.06
N ALA N 5 1.95 44.34 -5.53
CA ALA N 5 2.01 45.52 -4.67
C ALA N 5 3.38 46.16 -4.84
N LEU N 6 3.41 47.49 -4.96
CA LEU N 6 4.66 48.20 -5.07
C LEU N 6 4.58 49.52 -4.33
N LYS N 7 5.73 49.97 -3.83
CA LYS N 7 5.84 51.24 -3.14
C LYS N 7 6.16 52.36 -4.12
N TYR N 8 5.52 53.50 -3.95
CA TYR N 8 5.86 54.71 -4.67
C TYR N 8 6.11 55.81 -3.65
N PRO N 9 6.76 56.92 -4.06
CA PRO N 9 7.07 57.98 -3.09
C PRO N 9 5.87 58.50 -2.33
N GLY N 10 5.81 58.16 -1.04
CA GLY N 10 4.73 58.59 -0.18
C GLY N 10 3.51 57.69 -0.17
N GLY N 11 3.58 56.50 -0.75
CA GLY N 11 2.41 55.63 -0.74
C GLY N 11 2.75 54.24 -1.24
N VAL N 12 1.71 53.41 -1.33
CA VAL N 12 1.81 52.04 -1.78
C VAL N 12 0.59 51.73 -2.66
N VAL N 13 0.76 50.79 -3.58
CA VAL N 13 -0.30 50.38 -4.48
C VAL N 13 -0.40 48.86 -4.55
N MET N 14 -1.63 48.35 -4.69
CA MET N 14 -1.88 46.92 -4.81
C MET N 14 -2.94 46.67 -5.87
N ALA N 15 -2.71 45.69 -6.74
CA ALA N 15 -3.65 45.36 -7.80
C ALA N 15 -3.76 43.84 -7.92
N GLY N 16 -4.90 43.39 -8.43
CA GLY N 16 -5.13 41.96 -8.57
C GLY N 16 -6.02 41.67 -9.76
N ASP N 17 -5.83 40.48 -10.34
CA ASP N 17 -6.62 40.05 -11.49
C ASP N 17 -8.02 39.60 -11.05
N ARG N 18 -8.84 39.22 -12.03
CA ARG N 18 -10.26 38.98 -11.81
C ARG N 18 -10.71 37.57 -12.15
N ARG N 19 -9.79 36.65 -12.42
CA ARG N 19 -10.13 35.35 -12.96
C ARG N 19 -10.26 34.31 -11.85
N SER N 20 -11.32 33.50 -11.93
CA SER N 20 -11.50 32.35 -11.06
C SER N 20 -11.59 31.10 -11.91
N THR N 21 -10.78 30.09 -11.57
CA THR N 21 -10.73 28.84 -12.34
C THR N 21 -10.96 27.63 -11.45
N GLN N 22 -11.45 26.56 -12.07
CA GLN N 22 -11.42 25.21 -11.53
C GLN N 22 -10.71 24.32 -12.55
N GLY N 23 -9.51 23.88 -12.21
CA GLY N 23 -8.63 23.26 -13.21
C GLY N 23 -8.43 24.13 -14.43
N ASN N 24 -8.82 23.64 -15.61
CA ASN N 24 -8.70 24.42 -16.83
C ASN N 24 -9.88 25.35 -17.07
N MET N 25 -11.04 25.06 -16.48
CA MET N 25 -12.24 25.85 -16.76
C MET N 25 -12.25 27.16 -16.00
N ILE N 26 -12.65 28.22 -16.70
CA ILE N 26 -12.84 29.53 -16.09
C ILE N 26 -14.21 29.55 -15.43
N SER N 27 -14.24 29.76 -14.12
CA SER N 27 -15.48 29.81 -13.36
C SER N 27 -15.81 31.21 -12.85
N GLY N 28 -15.02 32.22 -13.22
CA GLY N 28 -15.29 33.57 -12.79
C GLY N 28 -14.50 34.59 -13.58
N ARG N 29 -15.15 35.71 -13.92
CA ARG N 29 -14.50 36.75 -14.72
C ARG N 29 -14.40 38.10 -14.02
N ASP N 30 -15.23 38.36 -13.01
CA ASP N 30 -15.25 39.65 -12.32
C ASP N 30 -14.82 39.53 -10.87
N VAL N 31 -14.24 38.40 -10.49
CA VAL N 31 -13.87 38.12 -9.11
C VAL N 31 -12.95 39.21 -8.56
N ARG N 32 -13.11 39.52 -7.27
CA ARG N 32 -12.30 40.52 -6.57
C ARG N 32 -11.37 39.82 -5.59
N LYS N 33 -10.08 40.12 -5.68
CA LYS N 33 -9.09 39.48 -4.83
C LYS N 33 -8.29 40.45 -3.95
N VAL N 34 -8.48 41.76 -4.12
CA VAL N 34 -7.79 42.76 -3.32
C VAL N 34 -8.84 43.53 -2.51
N TYR N 35 -8.61 43.63 -1.21
CA TYR N 35 -9.57 44.23 -0.29
C TYR N 35 -8.89 45.28 0.58
N ILE N 36 -9.65 46.31 0.94
CA ILE N 36 -9.20 47.29 1.92
C ILE N 36 -9.55 46.75 3.29
N THR N 37 -8.53 46.28 4.02
CA THR N 37 -8.81 45.68 5.32
C THR N 37 -8.98 46.73 6.41
N ASP N 38 -8.30 47.87 6.29
CA ASP N 38 -8.57 48.99 7.19
C ASP N 38 -8.13 50.26 6.49
N ASP N 39 -8.42 51.39 7.13
CA ASP N 39 -8.20 52.70 6.52
C ASP N 39 -6.81 52.86 5.94
N TYR N 40 -5.81 52.16 6.48
CA TYR N 40 -4.45 52.28 5.98
C TYR N 40 -3.82 50.96 5.55
N THR N 41 -4.60 49.89 5.41
CA THR N 41 -4.03 48.64 4.91
C THR N 41 -5.01 47.96 3.95
N ALA N 42 -4.43 47.31 2.94
CA ALA N 42 -5.16 46.54 1.95
C ALA N 42 -4.50 45.17 1.83
N THR N 43 -5.32 44.15 1.61
CA THR N 43 -4.85 42.76 1.55
C THR N 43 -5.33 42.10 0.27
N GLY N 44 -4.41 41.43 -0.42
CA GLY N 44 -4.75 40.60 -1.57
C GLY N 44 -4.44 39.16 -1.27
N ILE N 45 -5.33 38.25 -1.68
CA ILE N 45 -5.21 36.86 -1.31
C ILE N 45 -5.22 36.00 -2.56
N ALA N 46 -4.41 34.94 -2.56
CA ALA N 46 -4.34 33.96 -3.62
C ALA N 46 -4.65 32.58 -3.07
N GLY N 47 -5.25 31.72 -3.89
CA GLY N 47 -5.52 30.36 -3.49
C GLY N 47 -7.00 30.01 -3.56
N THR N 48 -7.41 29.09 -2.68
CA THR N 48 -8.79 28.65 -2.61
C THR N 48 -9.70 29.82 -2.31
N ALA N 49 -10.72 30.02 -3.16
CA ALA N 49 -11.57 31.20 -3.07
C ALA N 49 -12.22 31.33 -1.70
N ALA N 50 -12.83 30.24 -1.22
CA ALA N 50 -13.48 30.27 0.09
C ALA N 50 -12.52 30.73 1.18
N VAL N 51 -11.35 30.08 1.26
CA VAL N 51 -10.39 30.41 2.30
C VAL N 51 -9.88 31.85 2.13
N ALA N 52 -9.73 32.28 0.87
CA ALA N 52 -9.23 33.63 0.62
C ALA N 52 -10.19 34.69 1.14
N VAL N 53 -11.46 34.59 0.76
CA VAL N 53 -12.44 35.58 1.20
C VAL N 53 -12.62 35.52 2.71
N GLU N 54 -12.71 34.31 3.27
CA GLU N 54 -12.86 34.19 4.72
C GLU N 54 -11.67 34.83 5.44
N PHE N 55 -10.46 34.65 4.90
CA PHE N 55 -9.29 35.31 5.45
C PHE N 55 -9.44 36.82 5.46
N ALA N 56 -9.75 37.40 4.30
CA ALA N 56 -9.84 38.85 4.20
C ALA N 56 -10.87 39.41 5.18
N ARG N 57 -12.08 38.84 5.16
CA ARG N 57 -13.15 39.35 6.01
C ARG N 57 -12.79 39.21 7.48
N LEU N 58 -12.42 38.00 7.91
CA LEU N 58 -12.07 37.79 9.32
C LEU N 58 -10.95 38.71 9.75
N TYR N 59 -9.97 38.96 8.87
CA TYR N 59 -8.83 39.81 9.21
C TYR N 59 -9.28 41.26 9.44
N ALA N 60 -10.06 41.81 8.50
CA ALA N 60 -10.59 43.15 8.71
C ALA N 60 -11.38 43.24 10.01
N VAL N 61 -12.24 42.25 10.28
CA VAL N 61 -13.02 42.24 11.52
C VAL N 61 -12.09 42.24 12.73
N GLU N 62 -10.99 41.49 12.66
CA GLU N 62 -10.06 41.42 13.78
C GLU N 62 -9.41 42.77 14.04
N LEU N 63 -8.91 43.42 12.98
CA LEU N 63 -8.27 44.71 13.14
C LEU N 63 -9.23 45.74 13.74
N GLU N 64 -10.41 45.88 13.14
CA GLU N 64 -11.36 46.87 13.66
C GLU N 64 -11.83 46.50 15.06
N HIS N 65 -11.94 45.21 15.35
CA HIS N 65 -12.27 44.75 16.69
C HIS N 65 -11.27 45.29 17.72
N TYR N 66 -9.97 45.09 17.46
CA TYR N 66 -8.97 45.65 18.36
C TYR N 66 -9.12 47.16 18.46
N GLU N 67 -9.38 47.83 17.34
CA GLU N 67 -9.47 49.29 17.34
C GLU N 67 -10.61 49.76 18.26
N LYS N 68 -11.78 49.12 18.17
CA LYS N 68 -12.90 49.56 19.00
C LYS N 68 -12.70 49.16 20.47
N LEU N 69 -12.07 48.02 20.73
CA LEU N 69 -11.88 47.61 22.12
C LEU N 69 -10.88 48.50 22.84
N GLU N 70 -9.72 48.76 22.23
CA GLU N 70 -8.64 49.45 22.93
C GLU N 70 -8.52 50.93 22.57
N GLY N 71 -9.39 51.45 21.72
CA GLY N 71 -9.40 52.87 21.41
C GLY N 71 -8.27 53.37 20.54
N VAL N 72 -7.42 52.48 20.03
CA VAL N 72 -6.33 52.87 19.15
C VAL N 72 -6.11 51.72 18.17
N PRO N 73 -5.79 51.99 16.91
CA PRO N 73 -5.52 50.88 15.98
C PRO N 73 -4.21 50.20 16.31
N LEU N 74 -4.06 48.97 15.81
CA LEU N 74 -2.85 48.21 16.00
C LEU N 74 -1.66 48.88 15.31
N THR N 75 -0.48 48.69 15.88
CA THR N 75 0.74 48.99 15.17
C THR N 75 0.84 48.11 13.93
N PHE N 76 1.59 48.59 12.93
CA PHE N 76 1.70 47.82 11.69
C PHE N 76 2.33 46.46 11.97
N ALA N 77 3.34 46.41 12.83
CA ALA N 77 3.93 45.14 13.24
C ALA N 77 2.87 44.22 13.82
N GLY N 78 1.95 44.76 14.62
CA GLY N 78 0.87 43.95 15.15
C GLY N 78 -0.01 43.37 14.06
N LYS N 79 -0.36 44.17 13.06
CA LYS N 79 -1.15 43.68 11.95
C LYS N 79 -0.44 42.55 11.22
N ILE N 80 0.86 42.74 10.94
CA ILE N 80 1.66 41.69 10.32
C ILE N 80 1.58 40.41 11.16
N ASN N 81 1.78 40.54 12.46
CA ASN N 81 1.78 39.37 13.33
C ASN N 81 0.42 38.65 13.30
N ARG N 82 -0.67 39.41 13.28
CA ARG N 82 -1.99 38.77 13.26
C ARG N 82 -2.24 38.04 11.95
N LEU N 83 -1.91 38.67 10.81
CA LEU N 83 -2.07 37.97 9.54
C LEU N 83 -1.23 36.70 9.50
N ALA N 84 0.02 36.79 9.96
CA ALA N 84 0.89 35.62 10.01
C ALA N 84 0.30 34.52 10.88
N ILE N 85 -0.19 34.88 12.07
CA ILE N 85 -0.81 33.88 12.94
C ILE N 85 -2.01 33.23 12.27
N MET N 86 -2.78 34.01 11.50
CA MET N 86 -3.92 33.45 10.79
C MET N 86 -3.47 32.41 9.76
N VAL N 87 -2.48 32.75 8.94
CA VAL N 87 -1.99 31.82 7.93
C VAL N 87 -1.46 30.55 8.59
N ARG N 88 -0.58 30.71 9.58
CA ARG N 88 -0.04 29.57 10.30
C ARG N 88 -1.15 28.71 10.87
N GLY N 89 -2.23 29.35 11.33
CA GLY N 89 -3.38 28.61 11.79
C GLY N 89 -4.03 27.81 10.67
N ASN N 90 -4.00 28.32 9.45
CA ASN N 90 -4.60 27.57 8.35
C ASN N 90 -3.67 26.49 7.78
N LEU N 91 -2.40 26.45 8.19
CA LEU N 91 -1.43 25.53 7.58
C LEU N 91 -1.98 24.11 7.43
N ALA N 92 -2.61 23.59 8.48
CA ALA N 92 -3.11 22.21 8.44
C ALA N 92 -4.09 21.99 7.29
N ALA N 93 -5.14 22.81 7.22
CA ALA N 93 -6.10 22.70 6.14
C ALA N 93 -5.48 23.01 4.78
N ALA N 94 -4.49 23.91 4.74
CA ALA N 94 -3.78 24.19 3.49
C ALA N 94 -3.11 22.93 2.96
N MET N 95 -2.53 22.12 3.84
CA MET N 95 -1.93 20.86 3.42
C MET N 95 -2.93 19.93 2.75
N GLN N 96 -4.22 20.12 2.99
CA GLN N 96 -5.25 19.28 2.39
C GLN N 96 -5.89 19.93 1.18
N GLY N 97 -5.35 21.06 0.70
CA GLY N 97 -5.83 21.70 -0.50
C GLY N 97 -6.59 22.99 -0.27
N LEU N 98 -6.77 23.42 0.97
CA LEU N 98 -7.46 24.68 1.27
C LEU N 98 -6.45 25.78 1.57
N LEU N 99 -5.58 26.03 0.60
CA LEU N 99 -4.47 26.96 0.73
C LEU N 99 -4.88 28.39 0.38
N ALA N 100 -4.33 29.35 1.12
CA ALA N 100 -4.54 30.77 0.83
C ALA N 100 -3.33 31.54 1.32
N LEU N 101 -2.66 32.26 0.40
CA LEU N 101 -1.49 33.08 0.68
C LEU N 101 -1.85 34.54 0.60
N PRO N 102 -1.52 35.33 1.63
CA PRO N 102 -1.80 36.77 1.57
C PRO N 102 -0.62 37.63 1.16
N LEU N 103 -0.95 38.84 0.72
CA LEU N 103 -0.02 39.92 0.46
C LEU N 103 -0.60 41.18 1.11
N LEU N 104 0.19 41.82 1.96
CA LEU N 104 -0.26 42.95 2.76
C LEU N 104 0.43 44.21 2.28
N ALA N 105 -0.35 45.27 2.05
CA ALA N 105 0.19 46.57 1.68
C ALA N 105 -0.38 47.61 2.63
N GLY N 106 0.48 48.45 3.20
CA GLY N 106 -0.01 49.40 4.17
C GLY N 106 0.78 50.69 4.20
N TYR N 107 0.25 51.65 4.94
CA TYR N 107 0.89 52.95 5.18
C TYR N 107 0.98 53.14 6.69
N ASP N 108 2.21 53.16 7.22
CA ASP N 108 2.45 53.22 8.65
C ASP N 108 2.40 54.67 9.12
N ILE N 109 1.35 55.03 9.86
CA ILE N 109 1.22 56.40 10.34
C ILE N 109 2.29 56.73 11.37
N HIS N 110 2.84 55.72 12.05
CA HIS N 110 3.87 55.94 13.05
C HIS N 110 5.28 55.89 12.48
N ALA N 111 5.42 55.80 11.16
CA ALA N 111 6.74 55.76 10.56
C ALA N 111 7.38 57.14 10.65
N SER N 112 8.72 57.17 10.64
CA SER N 112 9.40 58.44 10.85
C SER N 112 9.24 59.38 9.67
N ASP N 113 9.35 58.87 8.44
CA ASP N 113 9.30 59.71 7.24
C ASP N 113 8.14 59.27 6.37
N PRO N 114 7.15 60.12 6.12
CA PRO N 114 5.99 59.69 5.31
C PRO N 114 6.34 59.33 3.87
N GLN N 115 7.46 59.84 3.34
CA GLN N 115 7.86 59.48 1.99
C GLN N 115 8.25 58.02 1.88
N SER N 116 8.75 57.42 2.96
CA SER N 116 9.14 56.01 2.97
C SER N 116 8.34 55.22 4.01
N ALA N 117 7.12 55.68 4.30
CA ALA N 117 6.22 55.00 5.22
C ALA N 117 5.43 53.88 4.56
N GLY N 118 5.61 53.66 3.26
CA GLY N 118 4.96 52.55 2.61
C GLY N 118 5.50 51.22 3.08
N ARG N 119 4.61 50.22 3.09
CA ARG N 119 4.94 48.89 3.60
C ARG N 119 4.37 47.82 2.68
N ILE N 120 5.20 46.80 2.39
CA ILE N 120 4.79 45.64 1.61
C ILE N 120 5.29 44.40 2.34
N VAL N 121 4.37 43.52 2.72
CA VAL N 121 4.68 42.32 3.48
C VAL N 121 4.15 41.12 2.72
N SER N 122 5.02 40.16 2.43
CA SER N 122 4.66 38.91 1.79
C SER N 122 4.76 37.76 2.79
N PHE N 123 4.04 36.69 2.49
CA PHE N 123 3.96 35.57 3.42
C PHE N 123 4.16 34.25 2.70
N ASP N 124 4.52 33.23 3.47
CA ASP N 124 4.55 31.85 3.01
C ASP N 124 3.50 31.04 3.76
N ALA N 125 3.35 29.77 3.38
CA ALA N 125 2.26 28.95 3.90
C ALA N 125 2.40 28.66 5.39
N ALA N 126 3.60 28.81 5.96
CA ALA N 126 3.82 28.62 7.38
C ALA N 126 3.67 29.91 8.18
N GLY N 127 3.22 30.98 7.52
CA GLY N 127 3.08 32.29 8.11
C GLY N 127 4.37 33.05 8.30
N GLY N 128 5.45 32.59 7.68
CA GLY N 128 6.63 33.42 7.43
C GLY N 128 6.22 34.75 6.84
N TRP N 129 6.90 35.84 7.19
CA TRP N 129 6.57 37.13 6.61
C TRP N 129 7.84 37.86 6.23
N ASN N 130 7.69 38.81 5.30
CA ASN N 130 8.79 39.63 4.81
C ASN N 130 8.27 41.04 4.63
N ILE N 131 8.91 42.00 5.29
CA ILE N 131 8.69 43.41 5.03
C ILE N 131 9.65 43.76 3.91
N GLU N 132 9.12 44.11 2.74
CA GLU N 132 9.96 44.24 1.55
C GLU N 132 10.71 45.57 1.57
N GLU N 133 12.03 45.49 1.57
CA GLU N 133 12.90 46.65 1.54
C GLU N 133 13.31 47.04 0.12
N GLU N 134 12.76 46.37 -0.91
CA GLU N 134 13.20 46.59 -2.28
C GLU N 134 12.13 47.16 -3.20
N GLY N 135 10.89 47.30 -2.75
CA GLY N 135 9.91 48.17 -3.40
C GLY N 135 8.67 47.47 -3.93
N TYR N 136 8.78 46.20 -4.30
CA TYR N 136 7.64 45.51 -4.91
C TYR N 136 7.60 44.06 -4.46
N GLN N 137 6.45 43.42 -4.70
CA GLN N 137 6.24 42.02 -4.35
C GLN N 137 4.95 41.55 -5.02
N ALA N 138 4.85 40.23 -5.21
CA ALA N 138 3.68 39.62 -5.83
C ALA N 138 3.43 38.25 -5.22
N VAL N 139 2.21 37.76 -5.39
CA VAL N 139 1.82 36.44 -4.89
C VAL N 139 0.85 35.82 -5.90
N GLY N 140 0.87 34.49 -5.98
CA GLY N 140 -0.02 33.75 -6.84
C GLY N 140 0.74 32.99 -7.92
N SER N 141 -0.05 32.29 -8.76
CA SER N 141 0.52 31.44 -9.79
C SER N 141 1.30 32.23 -10.84
N GLY N 142 1.04 33.53 -10.97
CA GLY N 142 1.79 34.35 -11.90
C GLY N 142 2.77 35.30 -11.23
N SER N 143 3.09 35.03 -9.95
CA SER N 143 3.87 35.98 -9.17
C SER N 143 5.29 36.15 -9.71
N LEU N 144 5.88 35.08 -10.25
CA LEU N 144 7.26 35.20 -10.73
C LEU N 144 7.34 36.06 -11.98
N PHE N 145 6.33 35.96 -12.86
CA PHE N 145 6.31 36.81 -14.04
C PHE N 145 6.14 38.27 -13.66
N ALA N 146 5.25 38.56 -12.71
CA ALA N 146 5.03 39.93 -12.29
C ALA N 146 6.26 40.51 -11.60
N LYS N 147 6.91 39.71 -10.74
CA LYS N 147 8.12 40.19 -10.07
C LYS N 147 9.25 40.43 -11.05
N SER N 148 9.40 39.53 -12.03
CA SER N 148 10.46 39.72 -13.02
C SER N 148 10.16 40.91 -13.94
N SER N 149 8.89 41.18 -14.20
CA SER N 149 8.52 42.37 -14.97
C SER N 149 8.84 43.64 -14.18
N MET N 150 8.44 43.69 -12.91
CA MET N 150 8.75 44.84 -12.08
C MET N 150 10.24 45.02 -11.87
N LYS N 151 11.01 43.94 -11.95
CA LYS N 151 12.45 44.06 -11.82
C LYS N 151 13.02 45.03 -12.86
N LYS N 152 12.44 45.02 -14.06
CA LYS N 152 12.87 45.94 -15.12
C LYS N 152 12.09 47.24 -15.13
N LEU N 153 10.80 47.22 -14.77
CA LEU N 153 9.97 48.41 -14.91
C LEU N 153 9.94 49.29 -13.67
N TYR N 154 10.55 48.87 -12.56
CA TYR N 154 10.38 49.59 -11.30
C TYR N 154 11.08 50.94 -11.32
N SER N 155 12.20 51.05 -12.06
CA SER N 155 12.93 52.32 -12.13
C SER N 155 12.07 53.46 -12.66
N GLN N 156 10.97 53.15 -13.35
CA GLN N 156 10.07 54.17 -13.88
C GLN N 156 9.09 54.71 -12.84
N VAL N 157 9.05 54.14 -11.64
CA VAL N 157 8.06 54.54 -10.64
C VAL N 157 8.57 55.80 -9.94
N THR N 158 7.91 56.92 -10.17
CA THR N 158 8.28 58.18 -9.55
C THR N 158 7.14 58.84 -8.77
N ASP N 159 5.89 58.49 -9.02
CA ASP N 159 4.75 59.02 -8.29
C ASP N 159 3.63 57.99 -8.29
N GLY N 160 2.43 58.40 -7.89
CA GLY N 160 1.33 57.46 -7.78
C GLY N 160 0.91 56.85 -9.11
N ASP N 161 0.73 57.68 -10.13
CA ASP N 161 0.19 57.17 -11.39
C ASP N 161 1.19 56.24 -12.09
N SER N 162 2.48 56.59 -12.06
CA SER N 162 3.48 55.67 -12.63
C SER N 162 3.48 54.34 -11.89
N GLY N 163 3.27 54.38 -10.57
CA GLY N 163 3.16 53.16 -9.80
C GLY N 163 1.97 52.31 -10.23
N LEU N 164 0.81 52.95 -10.42
CA LEU N 164 -0.35 52.22 -10.93
C LEU N 164 -0.05 51.57 -12.27
N ARG N 165 0.58 52.33 -13.18
CA ARG N 165 0.89 51.79 -14.50
C ARG N 165 1.80 50.57 -14.40
N VAL N 166 2.83 50.65 -13.56
CA VAL N 166 3.76 49.53 -13.44
C VAL N 166 3.06 48.31 -12.83
N ALA N 167 2.17 48.53 -11.86
CA ALA N 167 1.43 47.42 -11.28
C ALA N 167 0.54 46.74 -12.31
N VAL N 168 -0.29 47.52 -13.01
CA VAL N 168 -1.20 46.95 -14.01
C VAL N 168 -0.40 46.24 -15.11
N GLU N 169 0.76 46.79 -15.47
CA GLU N 169 1.56 46.15 -16.52
C GLU N 169 2.14 44.82 -16.03
N ALA N 170 2.61 44.77 -14.78
CA ALA N 170 3.09 43.51 -14.24
C ALA N 170 1.99 42.46 -14.23
N LEU N 171 0.77 42.86 -13.83
CA LEU N 171 -0.36 41.94 -13.94
C LEU N 171 -0.58 41.51 -15.39
N TYR N 172 -0.34 42.42 -16.33
CA TYR N 172 -0.52 42.08 -17.74
C TYR N 172 0.47 41.01 -18.19
N ASP N 173 1.74 41.14 -17.78
CA ASP N 173 2.74 40.12 -18.12
C ASP N 173 2.40 38.79 -17.46
N ALA N 174 2.00 38.84 -16.19
CA ALA N 174 1.58 37.62 -15.50
C ALA N 174 0.48 36.91 -16.27
N ALA N 175 -0.58 37.65 -16.64
CA ALA N 175 -1.66 37.03 -17.41
C ALA N 175 -1.17 36.57 -18.78
N ASP N 176 -0.15 37.23 -19.32
CA ASP N 176 0.40 36.82 -20.61
C ASP N 176 1.06 35.46 -20.53
N ASP N 177 1.68 35.14 -19.39
CA ASP N 177 2.39 33.86 -19.24
C ASP N 177 1.70 32.87 -18.32
N ASP N 178 0.61 33.26 -17.66
CA ASP N 178 -0.09 32.38 -16.72
C ASP N 178 -1.56 32.35 -17.09
N SER N 179 -2.06 31.15 -17.44
CA SER N 179 -3.47 31.03 -17.84
C SER N 179 -4.40 31.14 -16.65
N ALA N 180 -3.88 30.97 -15.43
CA ALA N 180 -4.69 31.15 -14.23
C ALA N 180 -4.88 32.61 -13.86
N THR N 181 -4.15 33.52 -14.50
CA THR N 181 -4.32 34.95 -14.29
C THR N 181 -5.07 35.55 -15.47
N GLY N 182 -6.09 36.35 -15.19
CA GLY N 182 -6.90 36.95 -16.24
C GLY N 182 -6.40 38.33 -16.58
N GLY N 183 -6.29 38.61 -17.88
CA GLY N 183 -5.89 39.91 -18.35
C GLY N 183 -7.07 40.82 -18.55
N PRO N 184 -6.83 42.02 -19.07
CA PRO N 184 -7.94 42.96 -19.29
C PRO N 184 -8.89 42.42 -20.35
N ASP N 185 -10.18 42.39 -20.00
CA ASP N 185 -11.24 41.90 -20.88
C ASP N 185 -11.89 43.13 -21.49
N LEU N 186 -11.40 43.54 -22.67
CA LEU N 186 -11.91 44.73 -23.32
C LEU N 186 -13.32 44.55 -23.90
N VAL N 187 -13.73 43.32 -24.21
CA VAL N 187 -15.08 43.11 -24.72
C VAL N 187 -16.11 43.32 -23.61
N ARG N 188 -15.85 42.77 -22.43
CA ARG N 188 -16.74 42.91 -21.29
C ARG N 188 -16.41 44.11 -20.40
N GLY N 189 -15.25 44.74 -20.61
CA GLY N 189 -14.84 45.83 -19.75
C GLY N 189 -14.52 45.40 -18.32
N ILE N 190 -13.80 44.29 -18.16
CA ILE N 190 -13.40 43.81 -16.86
C ILE N 190 -11.89 43.93 -16.76
N PHE N 191 -11.42 44.64 -15.75
CA PHE N 191 -10.01 44.96 -15.59
C PHE N 191 -9.57 44.62 -14.16
N PRO N 192 -8.25 44.53 -13.92
CA PRO N 192 -7.80 44.28 -12.55
C PRO N 192 -8.28 45.36 -11.59
N THR N 193 -8.41 44.99 -10.32
CA THR N 193 -8.78 45.94 -9.28
C THR N 193 -7.53 46.46 -8.57
N ALA N 194 -7.59 47.70 -8.14
CA ALA N 194 -6.44 48.31 -7.48
C ALA N 194 -6.91 49.16 -6.31
N VAL N 195 -6.04 49.20 -5.29
CA VAL N 195 -6.21 50.05 -4.11
C VAL N 195 -4.90 50.80 -3.93
N ILE N 196 -4.99 52.09 -3.67
CA ILE N 196 -3.80 52.93 -3.46
C ILE N 196 -3.93 53.57 -2.09
N ILE N 197 -2.81 53.65 -1.37
CA ILE N 197 -2.78 54.09 0.01
C ILE N 197 -1.68 55.13 0.17
N ASP N 198 -2.06 56.30 0.69
CA ASP N 198 -1.08 57.33 1.04
C ASP N 198 -1.48 57.88 2.42
N ALA N 199 -0.96 59.06 2.76
CA ALA N 199 -1.26 59.67 4.05
C ALA N 199 -2.75 59.93 4.23
N ASP N 200 -3.48 60.10 3.13
CA ASP N 200 -4.92 60.34 3.21
C ASP N 200 -5.72 59.05 3.38
N GLY N 201 -5.06 57.90 3.43
CA GLY N 201 -5.73 56.64 3.63
C GLY N 201 -5.67 55.74 2.41
N ALA N 202 -6.51 54.71 2.43
CA ALA N 202 -6.59 53.72 1.37
C ALA N 202 -7.88 53.91 0.60
N VAL N 203 -7.78 54.01 -0.73
CA VAL N 203 -8.94 54.20 -1.57
C VAL N 203 -8.90 53.22 -2.74
N ASP N 204 -10.09 52.83 -3.20
CA ASP N 204 -10.21 52.00 -4.39
C ASP N 204 -9.95 52.83 -5.62
N VAL N 205 -9.07 52.34 -6.50
CA VAL N 205 -8.87 53.04 -7.77
C VAL N 205 -10.10 52.83 -8.63
N PRO N 206 -10.69 53.88 -9.21
CA PRO N 206 -11.89 53.68 -10.03
C PRO N 206 -11.60 52.84 -11.27
N GLU N 207 -12.64 52.14 -11.74
CA GLU N 207 -12.49 51.22 -12.87
C GLU N 207 -11.94 51.93 -14.10
N SER N 208 -12.29 53.21 -14.28
CA SER N 208 -11.94 53.90 -15.52
C SER N 208 -10.44 54.13 -15.65
N ARG N 209 -9.77 54.53 -14.56
CA ARG N 209 -8.33 54.76 -14.62
C ARG N 209 -7.59 53.46 -14.94
N ILE N 210 -8.01 52.35 -14.32
CA ILE N 210 -7.39 51.05 -14.60
C ILE N 210 -7.63 50.66 -16.06
N ALA N 211 -8.83 50.93 -16.58
CA ALA N 211 -9.11 50.63 -17.98
C ALA N 211 -8.20 51.45 -18.90
N GLU N 212 -8.05 52.74 -18.62
CA GLU N 212 -7.16 53.59 -19.39
C GLU N 212 -5.75 53.02 -19.42
N LEU N 213 -5.23 52.63 -18.25
CA LEU N 213 -3.88 52.06 -18.18
C LEU N 213 -3.80 50.75 -18.94
N ALA N 214 -4.83 49.91 -18.83
CA ALA N 214 -4.83 48.62 -19.52
C ALA N 214 -4.76 48.81 -21.03
N ARG N 215 -5.70 49.56 -21.60
CA ARG N 215 -5.69 49.78 -23.04
C ARG N 215 -4.43 50.52 -23.48
N ALA N 216 -3.85 51.33 -22.59
CA ALA N 216 -2.57 51.97 -22.90
C ALA N 216 -1.46 50.92 -23.05
N ILE N 217 -1.41 49.94 -22.15
CA ILE N 217 -0.41 48.89 -22.24
C ILE N 217 -0.64 48.08 -23.51
N ILE N 218 -1.89 47.69 -23.75
CA ILE N 218 -2.23 46.87 -24.91
C ILE N 218 -1.82 47.55 -26.20
N GLU N 219 -2.22 48.81 -26.37
CA GLU N 219 -1.84 49.54 -27.59
C GLU N 219 -0.34 49.80 -27.63
N SER N 220 0.32 49.86 -26.48
CA SER N 220 1.78 49.96 -26.48
C SER N 220 2.42 48.71 -27.04
N ARG N 221 1.82 47.55 -26.81
CA ARG N 221 2.36 46.30 -27.32
C ARG N 221 1.94 46.00 -28.76
N SER N 222 0.95 46.71 -29.29
CA SER N 222 0.46 46.47 -30.64
C SER N 222 1.22 47.37 -31.62
N GLY N 223 2.02 46.75 -32.47
CA GLY N 223 2.84 47.49 -33.41
C GLY N 223 4.17 47.91 -32.81
N MET O 1 27.92 -42.63 -50.56
CA MET O 1 27.68 -43.01 -49.17
C MET O 1 28.73 -44.02 -48.70
N GLU O 2 29.00 -45.03 -49.54
CA GLU O 2 30.00 -46.03 -49.19
C GLU O 2 31.40 -45.48 -49.33
N GLN O 3 31.70 -44.83 -50.46
CA GLN O 3 33.04 -44.29 -50.67
C GLN O 3 33.35 -43.15 -49.71
N ALA O 4 32.32 -42.41 -49.27
CA ALA O 4 32.57 -41.38 -48.28
C ALA O 4 33.01 -41.98 -46.95
N MET O 5 32.32 -43.02 -46.50
CA MET O 5 32.69 -43.67 -45.25
C MET O 5 34.04 -44.38 -45.36
N ARG O 6 34.37 -44.91 -46.54
CA ARG O 6 35.66 -45.59 -46.68
C ARG O 6 36.81 -44.60 -46.77
N GLU O 7 36.59 -43.43 -47.42
CA GLU O 7 37.62 -42.40 -47.43
C GLU O 7 37.84 -41.83 -46.03
N ARG O 8 36.75 -41.56 -45.30
CA ARG O 8 36.89 -41.09 -43.92
C ARG O 8 37.64 -42.11 -43.07
N SER O 9 37.18 -43.37 -43.11
CA SER O 9 37.82 -44.44 -42.34
C SER O 9 39.30 -44.55 -42.70
N GLU O 10 39.65 -44.34 -43.97
CA GLU O 10 41.04 -44.45 -44.38
C GLU O 10 41.86 -43.29 -43.81
N LEU O 11 41.34 -42.07 -43.92
CA LEU O 11 42.02 -40.91 -43.34
C LEU O 11 42.30 -41.11 -41.85
N ALA O 12 41.28 -41.52 -41.10
CA ALA O 12 41.46 -41.73 -39.66
C ALA O 12 42.48 -42.83 -39.40
N ARG O 13 42.35 -43.95 -40.12
CA ARG O 13 43.28 -45.07 -39.96
C ARG O 13 44.73 -44.62 -40.13
N LYS O 14 45.02 -43.94 -41.25
CA LYS O 14 46.37 -43.50 -41.52
C LYS O 14 46.86 -42.49 -40.49
N GLY O 15 46.01 -41.53 -40.12
CA GLY O 15 46.38 -40.57 -39.09
C GLY O 15 46.79 -41.24 -37.79
N ILE O 16 46.05 -42.26 -37.37
CA ILE O 16 46.42 -42.97 -36.16
C ILE O 16 47.71 -43.77 -36.36
N ALA O 17 47.86 -44.38 -37.54
CA ALA O 17 49.04 -45.20 -37.81
C ALA O 17 50.32 -44.38 -37.82
N ARG O 18 50.24 -43.09 -38.14
CA ARG O 18 51.45 -42.27 -38.20
C ARG O 18 51.79 -41.57 -36.89
N ALA O 19 50.97 -41.71 -35.85
CA ALA O 19 51.26 -41.11 -34.57
C ALA O 19 51.97 -42.09 -33.65
N LYS O 20 52.53 -41.56 -32.56
CA LYS O 20 53.26 -42.36 -31.60
C LYS O 20 52.34 -43.36 -30.89
N SER O 21 52.96 -44.35 -30.24
CA SER O 21 52.24 -45.47 -29.66
C SER O 21 52.04 -45.30 -28.16
N VAL O 22 50.96 -45.92 -27.66
CA VAL O 22 50.58 -45.86 -26.25
C VAL O 22 50.19 -47.27 -25.81
N VAL O 23 50.54 -47.61 -24.57
CA VAL O 23 50.18 -48.89 -23.97
C VAL O 23 49.59 -48.63 -22.60
N ALA O 24 48.55 -49.37 -22.26
CA ALA O 24 47.96 -49.33 -20.93
C ALA O 24 47.69 -50.77 -20.50
N LEU O 25 48.25 -51.18 -19.38
CA LEU O 25 48.10 -52.56 -18.95
C LEU O 25 47.83 -52.63 -17.46
N ALA O 26 47.03 -53.63 -17.07
CA ALA O 26 46.65 -53.80 -15.68
C ALA O 26 47.77 -54.49 -14.92
N TYR O 27 48.08 -53.97 -13.73
CA TYR O 27 49.11 -54.56 -12.89
C TYR O 27 48.57 -54.70 -11.47
N ALA O 28 49.40 -55.27 -10.59
CA ALA O 28 48.93 -55.65 -9.26
C ALA O 28 48.33 -54.48 -8.49
N GLY O 29 48.83 -53.27 -8.73
CA GLY O 29 48.38 -52.09 -8.05
C GLY O 29 47.35 -51.25 -8.78
N GLY O 30 46.87 -51.69 -9.94
CA GLY O 30 45.91 -50.90 -10.68
C GLY O 30 46.15 -50.92 -12.18
N VAL O 31 46.30 -49.74 -12.79
CA VAL O 31 46.50 -49.66 -14.24
C VAL O 31 47.73 -48.79 -14.50
N LEU O 32 48.52 -49.18 -15.50
CA LEU O 32 49.72 -48.47 -15.87
C LEU O 32 49.58 -47.94 -17.30
N PHE O 33 49.86 -46.64 -17.46
CA PHE O 33 49.86 -45.95 -18.74
C PHE O 33 51.30 -45.59 -19.09
N VAL O 34 51.77 -46.08 -20.23
CA VAL O 34 53.10 -45.74 -20.74
C VAL O 34 52.93 -45.30 -22.19
N ALA O 35 53.43 -44.11 -22.51
CA ALA O 35 53.30 -43.61 -23.88
C ALA O 35 54.60 -42.95 -24.29
N GLU O 36 55.08 -43.28 -25.49
CA GLU O 36 56.23 -42.57 -26.05
C GLU O 36 55.81 -41.14 -26.39
N ASN O 37 56.36 -40.18 -25.66
CA ASN O 37 55.96 -38.77 -25.78
C ASN O 37 57.19 -37.93 -25.46
N PRO O 38 57.83 -37.33 -26.48
CA PRO O 38 58.98 -36.47 -26.21
C PRO O 38 58.60 -35.12 -25.63
N SER O 39 57.36 -34.67 -25.80
CA SER O 39 56.97 -33.35 -25.35
C SER O 39 57.01 -33.25 -23.84
N ARG O 40 57.45 -32.09 -23.35
CA ARG O 40 57.58 -31.87 -21.92
C ARG O 40 56.29 -31.36 -21.28
N SER O 41 55.43 -30.68 -22.04
CA SER O 41 54.22 -30.09 -21.47
C SER O 41 52.93 -30.58 -22.12
N LEU O 42 53.00 -31.27 -23.25
CA LEU O 42 51.80 -31.79 -23.91
C LEU O 42 51.63 -33.26 -23.55
N GLN O 43 50.50 -33.60 -22.95
CA GLN O 43 50.27 -34.89 -22.32
C GLN O 43 49.32 -35.74 -23.18
N LYS O 44 49.61 -37.04 -23.23
CA LYS O 44 48.72 -38.00 -23.89
C LYS O 44 47.92 -38.84 -22.92
N ILE O 45 48.26 -38.81 -21.63
CA ILE O 45 47.54 -39.54 -20.60
C ILE O 45 47.03 -38.53 -19.59
N SER O 46 45.81 -38.76 -19.10
CA SER O 46 45.16 -37.77 -18.27
C SER O 46 44.20 -38.44 -17.30
N GLU O 47 43.90 -37.72 -16.22
CA GLU O 47 42.86 -38.11 -15.29
C GLU O 47 41.49 -37.70 -15.83
N LEU O 48 40.52 -38.61 -15.74
CA LEU O 48 39.13 -38.29 -16.05
C LEU O 48 38.31 -38.08 -14.80
N TYR O 49 38.30 -39.08 -13.91
CA TYR O 49 37.58 -38.94 -12.65
C TYR O 49 38.35 -39.72 -11.57
N ASP O 50 37.80 -39.69 -10.35
CA ASP O 50 38.45 -40.26 -9.17
C ASP O 50 39.20 -41.55 -9.46
N ARG O 51 38.52 -42.53 -10.05
CA ARG O 51 39.13 -43.83 -10.34
C ARG O 51 39.18 -44.12 -11.83
N VAL O 52 39.06 -43.11 -12.69
CA VAL O 52 38.97 -43.31 -14.12
C VAL O 52 40.05 -42.49 -14.81
N GLY O 53 40.85 -43.16 -15.64
CA GLY O 53 41.91 -42.53 -16.39
C GLY O 53 41.70 -42.67 -17.89
N PHE O 54 42.49 -41.90 -18.64
CA PHE O 54 42.29 -41.67 -20.06
C PHE O 54 43.65 -41.68 -20.76
N ALA O 55 43.73 -42.40 -21.88
CA ALA O 55 44.92 -42.41 -22.70
C ALA O 55 44.51 -42.35 -24.17
N ALA O 56 45.30 -41.68 -24.99
CA ALA O 56 44.89 -41.43 -26.37
C ALA O 56 46.10 -41.45 -27.30
N ALA O 57 45.82 -41.76 -28.57
CA ALA O 57 46.83 -41.70 -29.62
C ALA O 57 46.25 -40.99 -30.85
N GLY O 58 47.08 -40.19 -31.50
CA GLY O 58 46.65 -39.51 -32.71
C GLY O 58 46.95 -38.02 -32.73
N LYS O 59 46.03 -37.24 -33.32
CA LYS O 59 46.19 -35.80 -33.40
C LYS O 59 45.92 -35.18 -32.04
N PHE O 60 46.85 -34.34 -31.56
CA PHE O 60 46.76 -33.86 -30.18
C PHE O 60 45.49 -33.05 -29.95
N ASN O 61 45.26 -32.02 -30.77
CA ASN O 61 44.10 -31.14 -30.54
C ASN O 61 42.79 -31.91 -30.52
N GLU O 62 42.69 -33.00 -31.28
CA GLU O 62 41.43 -33.74 -31.36
C GLU O 62 41.21 -34.61 -30.13
N PHE O 63 42.19 -35.44 -29.75
CA PHE O 63 41.98 -36.24 -28.55
C PHE O 63 42.03 -35.37 -27.29
N ASP O 64 42.56 -34.15 -27.40
CA ASP O 64 42.45 -33.20 -26.30
C ASP O 64 41.04 -32.65 -26.19
N ASN O 65 40.42 -32.31 -27.34
CA ASN O 65 39.00 -32.01 -27.34
C ASN O 65 38.21 -33.13 -26.67
N LEU O 66 38.48 -34.38 -27.05
CA LEU O 66 37.75 -35.51 -26.46
C LEU O 66 38.04 -35.64 -24.98
N ARG O 67 39.29 -35.37 -24.57
CA ARG O 67 39.64 -35.42 -23.16
C ARG O 67 38.83 -34.42 -22.36
N ARG O 68 38.78 -33.17 -22.84
CA ARG O 68 38.01 -32.13 -22.17
C ARG O 68 36.52 -32.47 -22.14
N GLY O 69 35.99 -32.98 -23.25
CA GLY O 69 34.58 -33.38 -23.27
C GLY O 69 34.28 -34.47 -22.26
N GLY O 70 35.19 -35.44 -22.12
CA GLY O 70 34.99 -36.48 -21.13
C GLY O 70 35.04 -35.94 -19.71
N ILE O 71 35.99 -35.03 -19.44
CA ILE O 71 36.05 -34.41 -18.12
C ILE O 71 34.77 -33.65 -17.83
N GLN O 72 34.26 -32.89 -18.81
CA GLN O 72 32.99 -32.18 -18.62
C GLN O 72 31.87 -33.15 -18.28
N PHE O 73 31.76 -34.24 -19.05
CA PHE O 73 30.71 -35.22 -18.76
C PHE O 73 30.85 -35.78 -17.35
N ALA O 74 32.07 -36.16 -16.96
CA ALA O 74 32.27 -36.79 -15.66
C ALA O 74 31.93 -35.83 -14.52
N ASP O 75 32.46 -34.61 -14.56
CA ASP O 75 32.18 -33.65 -13.51
C ASP O 75 30.69 -33.31 -13.46
N THR O 76 30.07 -33.13 -14.62
CA THR O 76 28.64 -32.81 -14.64
C THR O 76 27.81 -33.93 -14.04
N ARG O 77 28.13 -35.18 -14.39
CA ARG O 77 27.39 -36.32 -13.86
C ARG O 77 27.61 -36.48 -12.37
N GLY O 78 28.86 -36.35 -11.91
CA GLY O 78 29.13 -36.44 -10.49
C GLY O 78 28.43 -35.35 -9.69
N TYR O 79 28.29 -34.16 -10.29
CA TYR O 79 27.54 -33.09 -9.63
C TYR O 79 26.04 -33.39 -9.61
N ALA O 80 25.50 -33.84 -10.74
CA ALA O 80 24.06 -34.06 -10.83
C ALA O 80 23.61 -35.18 -9.89
N TYR O 81 24.44 -36.19 -9.68
CA TYR O 81 24.10 -37.32 -8.83
C TYR O 81 25.07 -37.43 -7.66
N ASP O 82 26.18 -38.13 -7.88
CA ASP O 82 27.22 -38.32 -6.88
C ASP O 82 28.44 -38.88 -7.59
N ARG O 83 29.61 -38.71 -6.97
CA ARG O 83 30.86 -39.09 -7.60
C ARG O 83 30.89 -40.59 -7.87
N ARG O 84 30.40 -41.39 -6.92
CA ARG O 84 30.38 -42.84 -7.06
C ARG O 84 29.51 -43.33 -8.19
N ASP O 85 28.69 -42.47 -8.79
CA ASP O 85 27.89 -42.88 -9.94
C ASP O 85 28.65 -42.74 -11.26
N VAL O 86 29.80 -42.08 -11.26
CA VAL O 86 30.61 -41.95 -12.46
C VAL O 86 31.47 -43.21 -12.59
N THR O 87 31.32 -43.92 -13.70
CA THR O 87 31.98 -45.20 -13.92
C THR O 87 32.73 -45.19 -15.24
N GLY O 88 33.67 -46.12 -15.37
CA GLY O 88 34.40 -46.24 -16.62
C GLY O 88 33.52 -46.66 -17.78
N ARG O 89 32.58 -47.57 -17.52
CA ARG O 89 31.63 -47.97 -18.57
C ARG O 89 30.87 -46.77 -19.12
N GLN O 90 30.47 -45.85 -18.23
CA GLN O 90 29.75 -44.66 -18.68
C GLN O 90 30.60 -43.82 -19.62
N LEU O 91 31.82 -43.49 -19.20
CA LEU O 91 32.70 -42.66 -20.03
C LEU O 91 33.02 -43.34 -21.36
N ALA O 92 33.28 -44.65 -21.33
CA ALA O 92 33.50 -45.38 -22.57
C ALA O 92 32.28 -45.27 -23.49
N ASN O 93 31.08 -45.42 -22.92
CA ASN O 93 29.85 -45.31 -23.71
C ASN O 93 29.73 -43.91 -24.34
N VAL O 94 30.01 -42.87 -23.54
CA VAL O 94 29.91 -41.50 -24.04
C VAL O 94 30.92 -41.27 -25.15
N TYR O 95 32.10 -41.86 -25.03
CA TYR O 95 33.11 -41.73 -26.09
C TYR O 95 32.69 -42.47 -27.35
N ALA O 96 32.04 -43.62 -27.20
CA ALA O 96 31.53 -44.34 -28.37
C ALA O 96 30.49 -43.51 -29.10
N GLN O 97 29.52 -42.97 -28.37
CA GLN O 97 28.51 -42.11 -28.97
C GLN O 97 29.16 -40.90 -29.64
N THR O 98 30.08 -40.25 -28.93
CA THR O 98 30.70 -39.03 -29.43
C THR O 98 31.48 -39.29 -30.70
N LEU O 99 32.37 -40.30 -30.68
CA LEU O 99 33.19 -40.60 -31.85
C LEU O 99 32.36 -41.11 -33.01
N GLY O 100 31.25 -41.81 -32.74
CA GLY O 100 30.32 -42.13 -33.81
C GLY O 100 29.78 -40.88 -34.48
N THR O 101 29.29 -39.93 -33.68
CA THR O 101 28.76 -38.69 -34.24
C THR O 101 29.82 -37.92 -35.01
N ILE O 102 31.02 -37.81 -34.44
CA ILE O 102 32.12 -37.11 -35.13
C ILE O 102 32.44 -37.79 -36.46
N PHE O 103 32.57 -39.12 -36.43
CA PHE O 103 32.94 -39.85 -37.64
C PHE O 103 31.91 -39.67 -38.73
N THR O 104 30.63 -39.59 -38.35
CA THR O 104 29.57 -39.51 -39.34
C THR O 104 29.26 -38.08 -39.80
N GLU O 105 29.47 -37.07 -38.96
CA GLU O 105 28.92 -35.74 -39.22
C GLU O 105 29.94 -34.61 -39.30
N GLN O 106 31.14 -34.78 -38.75
CA GLN O 106 32.10 -33.68 -38.79
C GLN O 106 32.68 -33.53 -40.20
N ALA O 107 33.20 -32.33 -40.48
CA ALA O 107 33.81 -32.08 -41.78
C ALA O 107 34.91 -33.09 -42.06
N LYS O 108 35.73 -33.39 -41.06
CA LYS O 108 36.76 -34.41 -41.14
C LYS O 108 36.71 -35.28 -39.89
N PRO O 109 36.80 -36.60 -40.04
CA PRO O 109 36.80 -37.47 -38.87
C PRO O 109 38.01 -37.22 -37.98
N TYR O 110 37.89 -37.64 -36.72
CA TYR O 110 38.98 -37.46 -35.77
C TYR O 110 40.00 -38.58 -35.90
N GLU O 111 41.26 -38.19 -36.07
CA GLU O 111 42.37 -39.14 -36.15
C GLU O 111 42.86 -39.46 -34.74
N VAL O 112 42.01 -40.18 -34.00
CA VAL O 112 42.26 -40.48 -32.60
C VAL O 112 41.88 -41.92 -32.29
N GLU O 113 42.48 -42.46 -31.24
CA GLU O 113 42.11 -43.74 -30.68
C GLU O 113 42.21 -43.62 -29.16
N LEU O 114 41.20 -44.11 -28.46
CA LEU O 114 40.99 -43.81 -27.05
C LEU O 114 41.01 -45.07 -26.19
N CYS O 115 41.48 -44.89 -24.96
CA CYS O 115 41.43 -45.91 -23.91
C CYS O 115 40.92 -45.27 -22.63
N VAL O 116 39.83 -45.82 -22.09
CA VAL O 116 39.29 -45.39 -20.81
C VAL O 116 39.45 -46.55 -19.83
N ALA O 117 40.13 -46.30 -18.72
CA ALA O 117 40.44 -47.33 -17.75
C ALA O 117 39.83 -46.98 -16.41
N GLU O 118 39.38 -47.99 -15.68
CA GLU O 118 38.78 -47.78 -14.36
C GLU O 118 39.39 -48.78 -13.40
N VAL O 119 39.83 -48.28 -12.25
CA VAL O 119 40.33 -49.11 -11.17
C VAL O 119 39.32 -49.07 -10.03
N ALA O 120 39.47 -49.99 -9.09
CA ALA O 120 38.52 -50.08 -8.00
C ALA O 120 38.65 -48.88 -7.07
N HIS O 121 37.58 -48.63 -6.32
CA HIS O 121 37.62 -47.61 -5.28
C HIS O 121 38.43 -48.13 -4.09
N TYR O 122 38.93 -47.20 -3.28
CA TYR O 122 39.75 -47.58 -2.14
C TYR O 122 39.00 -48.58 -1.27
N GLY O 123 39.63 -49.73 -1.03
CA GLY O 123 39.03 -50.78 -0.25
C GLY O 123 38.16 -51.74 -1.03
N GLU O 124 37.68 -51.34 -2.21
CA GLU O 124 36.93 -52.25 -3.07
C GLU O 124 37.83 -53.39 -3.54
N THR O 125 37.20 -54.53 -3.81
CA THR O 125 37.88 -55.69 -4.39
C THR O 125 37.22 -55.97 -5.74
N LYS O 126 37.84 -55.47 -6.81
CA LYS O 126 37.37 -55.77 -8.16
C LYS O 126 38.51 -55.56 -9.13
N ARG O 127 38.43 -56.24 -10.28
CA ARG O 127 39.49 -56.18 -11.27
C ARG O 127 39.34 -54.94 -12.15
N PRO O 128 40.44 -54.35 -12.60
CA PRO O 128 40.38 -53.14 -13.43
C PRO O 128 39.70 -53.40 -14.76
N GLU O 129 39.24 -52.32 -15.38
CA GLU O 129 38.56 -52.36 -16.67
C GLU O 129 39.32 -51.49 -17.68
N LEU O 130 39.52 -52.03 -18.88
CA LEU O 130 40.15 -51.32 -19.98
C LEU O 130 39.17 -51.25 -21.15
N TYR O 131 38.99 -50.05 -21.68
CA TYR O 131 38.11 -49.81 -22.82
C TYR O 131 38.87 -49.14 -23.96
N ARG O 132 38.56 -49.59 -25.16
CA ARG O 132 39.16 -49.12 -26.40
C ARG O 132 38.05 -48.60 -27.30
N ILE O 133 38.13 -47.33 -27.65
CA ILE O 133 37.18 -46.70 -28.57
C ILE O 133 37.95 -46.20 -29.77
N THR O 134 37.53 -46.59 -30.96
CA THR O 134 38.25 -46.27 -32.19
C THR O 134 37.58 -45.11 -32.91
N TYR O 135 38.21 -44.68 -34.00
CA TYR O 135 37.84 -43.43 -34.67
C TYR O 135 36.39 -43.39 -35.13
N ASP O 136 35.72 -44.54 -35.26
CA ASP O 136 34.35 -44.58 -35.74
C ASP O 136 33.34 -44.86 -34.64
N GLY O 137 33.75 -44.81 -33.38
CA GLY O 137 32.84 -45.08 -32.28
C GLY O 137 32.72 -46.53 -31.88
N SER O 138 33.49 -47.42 -32.50
CA SER O 138 33.50 -48.81 -32.08
C SER O 138 34.16 -48.93 -30.71
N ILE O 139 33.56 -49.74 -29.84
CA ILE O 139 34.01 -49.86 -28.45
C ILE O 139 34.21 -51.33 -28.13
N ALA O 140 35.33 -51.65 -27.47
CA ALA O 140 35.61 -53.00 -27.02
C ALA O 140 36.29 -52.92 -25.66
N ASP O 141 36.06 -53.94 -24.82
CA ASP O 141 36.56 -53.94 -23.46
C ASP O 141 37.57 -55.08 -23.30
N GLU O 142 38.88 -54.71 -23.17
CA GLU O 142 40.01 -55.61 -23.07
C GLU O 142 40.27 -55.96 -21.61
N PRO O 143 40.71 -57.19 -21.31
CA PRO O 143 40.82 -57.61 -19.91
C PRO O 143 42.20 -57.38 -19.31
N HIS O 144 43.22 -57.30 -20.16
CA HIS O 144 44.60 -57.26 -19.67
C HIS O 144 45.37 -56.03 -20.13
N PHE O 145 45.40 -55.74 -21.42
CA PHE O 145 46.18 -54.59 -21.90
C PHE O 145 45.56 -54.07 -23.20
N VAL O 146 45.91 -52.81 -23.50
CA VAL O 146 45.48 -52.13 -24.72
C VAL O 146 46.68 -51.40 -25.31
N VAL O 147 46.81 -51.49 -26.63
CA VAL O 147 47.84 -50.79 -27.38
C VAL O 147 47.16 -49.95 -28.46
N MET O 148 47.60 -48.69 -28.61
CA MET O 148 46.97 -47.78 -29.55
C MET O 148 48.04 -46.96 -30.27
N GLY O 149 47.78 -46.67 -31.55
CA GLY O 149 48.61 -45.75 -32.31
C GLY O 149 49.83 -46.38 -32.93
N GLY O 150 50.23 -45.86 -34.10
CA GLY O 150 51.40 -46.40 -34.77
C GLY O 150 51.18 -47.82 -35.26
N THR O 151 52.28 -48.57 -35.34
CA THR O 151 52.23 -49.98 -35.72
C THR O 151 52.02 -50.79 -34.45
N THR O 152 50.78 -51.24 -34.23
CA THR O 152 50.41 -51.82 -32.95
C THR O 152 50.79 -53.29 -32.83
N GLU O 153 50.79 -54.03 -33.95
CA GLU O 153 50.90 -55.49 -33.87
C GLU O 153 52.18 -55.96 -33.19
N PRO O 154 53.38 -55.45 -33.52
CA PRO O 154 54.57 -55.89 -32.76
C PRO O 154 54.46 -55.61 -31.27
N ILE O 155 53.90 -54.46 -30.90
CA ILE O 155 53.76 -54.12 -29.48
C ILE O 155 52.70 -55.00 -28.82
N ALA O 156 51.55 -55.16 -29.49
CA ALA O 156 50.46 -55.97 -28.93
C ALA O 156 50.88 -57.42 -28.72
N ASN O 157 51.50 -58.04 -29.74
CA ASN O 157 51.98 -59.41 -29.57
C ASN O 157 53.11 -59.48 -28.56
N ALA O 158 54.06 -58.55 -28.64
CA ALA O 158 55.14 -58.49 -27.65
C ALA O 158 54.58 -58.54 -26.23
N LEU O 159 53.50 -57.79 -25.95
CA LEU O 159 52.86 -57.89 -24.65
C LEU O 159 52.19 -59.25 -24.47
N LYS O 160 51.57 -59.76 -25.54
CA LYS O 160 50.97 -61.10 -25.50
C LYS O 160 52.01 -62.18 -25.18
N GLU O 161 53.29 -61.91 -25.44
CA GLU O 161 54.34 -62.87 -25.12
C GLU O 161 54.75 -62.78 -23.66
N SER O 162 54.78 -61.57 -23.09
CA SER O 162 55.42 -61.35 -21.81
C SER O 162 54.54 -60.73 -20.73
N TYR O 163 53.26 -60.46 -21.01
CA TYR O 163 52.42 -59.88 -19.97
C TYR O 163 52.21 -60.90 -18.85
N ALA O 164 52.23 -60.42 -17.62
CA ALA O 164 51.99 -61.27 -16.47
C ALA O 164 51.03 -60.56 -15.52
N GLU O 165 49.99 -61.28 -15.10
CA GLU O 165 49.05 -60.73 -14.14
C GLU O 165 49.77 -60.38 -12.83
N ASN O 166 49.40 -59.24 -12.26
CA ASN O 166 49.85 -58.80 -10.94
C ASN O 166 51.35 -58.52 -10.91
N ALA O 167 51.93 -58.05 -12.01
CA ALA O 167 53.33 -57.68 -11.96
C ALA O 167 53.50 -56.47 -11.05
N SER O 168 54.70 -56.29 -10.52
CA SER O 168 54.95 -55.09 -9.76
C SER O 168 55.00 -53.90 -10.71
N LEU O 169 54.95 -52.69 -10.15
CA LEU O 169 55.01 -51.49 -10.98
C LEU O 169 56.28 -51.50 -11.82
N THR O 170 57.42 -51.83 -11.20
CA THR O 170 58.67 -51.90 -11.94
C THR O 170 58.63 -52.96 -13.03
N ASP O 171 58.11 -54.14 -12.71
CA ASP O 171 58.03 -55.21 -13.71
C ASP O 171 57.09 -54.82 -14.85
N ALA O 172 55.89 -54.33 -14.52
CA ALA O 172 54.94 -53.96 -15.56
C ALA O 172 55.47 -52.85 -16.44
N LEU O 173 56.13 -51.85 -15.86
CA LEU O 173 56.72 -50.78 -16.67
C LEU O 173 57.84 -51.32 -17.55
N ARG O 174 58.68 -52.22 -17.01
CA ARG O 174 59.69 -52.88 -17.82
C ARG O 174 59.06 -53.55 -19.04
N ILE O 175 58.04 -54.38 -18.80
CA ILE O 175 57.35 -55.07 -19.87
C ILE O 175 56.79 -54.07 -20.88
N ALA O 176 56.27 -52.95 -20.38
CA ALA O 176 55.66 -51.95 -21.26
C ALA O 176 56.70 -51.31 -22.17
N VAL O 177 57.82 -50.84 -21.61
CA VAL O 177 58.85 -50.22 -22.45
C VAL O 177 59.47 -51.25 -23.40
N ALA O 178 59.61 -52.50 -22.95
CA ALA O 178 60.13 -53.55 -23.83
C ALA O 178 59.22 -53.76 -25.03
N ALA O 179 57.93 -53.98 -24.79
CA ALA O 179 56.99 -54.18 -25.90
C ALA O 179 56.87 -52.92 -26.76
N LEU O 180 57.00 -51.75 -26.14
CA LEU O 180 56.93 -50.50 -26.89
C LEU O 180 58.10 -50.36 -27.85
N ARG O 181 59.29 -50.84 -27.43
CA ARG O 181 60.45 -50.77 -28.31
C ARG O 181 60.32 -51.65 -29.54
N ALA O 182 59.37 -52.58 -29.54
CA ALA O 182 59.20 -53.45 -30.71
C ALA O 182 58.89 -52.66 -31.96
N GLY O 183 58.03 -51.65 -31.86
CA GLY O 183 57.71 -50.79 -32.97
C GLY O 183 58.81 -49.79 -33.26
N SER O 184 59.47 -49.92 -34.41
CA SER O 184 60.55 -49.03 -34.78
C SER O 184 60.24 -48.27 -36.06
N GLY O 196 62.62 -45.63 -25.55
CA GLY O 196 63.54 -44.65 -24.98
C GLY O 196 63.55 -44.66 -23.46
N VAL O 197 63.77 -43.47 -22.87
CA VAL O 197 63.76 -43.30 -21.42
C VAL O 197 63.02 -42.01 -21.09
N ALA O 198 63.71 -40.88 -21.23
CA ALA O 198 63.09 -39.57 -20.99
C ALA O 198 62.04 -39.22 -22.03
N SER O 199 61.99 -39.95 -23.14
CA SER O 199 61.00 -39.78 -24.20
C SER O 199 59.66 -40.41 -23.85
N LEU O 200 59.45 -40.80 -22.61
CA LEU O 200 58.23 -41.49 -22.20
C LEU O 200 57.47 -40.65 -21.19
N GLU O 201 56.15 -40.79 -21.22
CA GLU O 201 55.24 -40.23 -20.23
C GLU O 201 54.50 -41.39 -19.59
N VAL O 202 54.65 -41.52 -18.27
CA VAL O 202 54.16 -42.67 -17.51
C VAL O 202 53.26 -42.17 -16.39
N ALA O 203 52.10 -42.81 -16.24
CA ALA O 203 51.18 -42.49 -15.16
C ALA O 203 50.51 -43.79 -14.70
N VAL O 204 49.86 -43.74 -13.55
CA VAL O 204 49.28 -44.93 -12.92
C VAL O 204 47.93 -44.58 -12.30
N LEU O 205 46.98 -45.51 -12.46
CA LEU O 205 45.77 -45.56 -11.64
C LEU O 205 46.09 -46.46 -10.46
N ASP O 206 46.33 -45.84 -9.31
CA ASP O 206 46.78 -46.52 -8.10
C ASP O 206 45.56 -46.85 -7.24
N ALA O 207 45.14 -48.12 -7.28
CA ALA O 207 43.99 -48.56 -6.51
C ALA O 207 44.17 -48.37 -5.01
N ASN O 208 45.38 -48.04 -4.57
CA ASN O 208 45.66 -47.91 -3.15
C ASN O 208 45.49 -46.48 -2.65
N ARG O 209 45.47 -45.51 -3.57
CA ARG O 209 45.15 -44.15 -3.18
C ARG O 209 43.70 -44.06 -2.71
N PRO O 210 43.44 -43.30 -1.64
CA PRO O 210 42.09 -43.27 -1.07
C PRO O 210 41.03 -42.66 -1.98
N ARG O 211 41.34 -41.53 -2.61
CA ARG O 211 40.33 -40.87 -3.44
C ARG O 211 40.78 -40.79 -4.90
N ARG O 212 41.68 -39.86 -5.22
CA ARG O 212 42.11 -39.66 -6.60
C ARG O 212 43.23 -40.64 -6.93
N ALA O 213 42.94 -41.61 -7.81
CA ALA O 213 43.88 -42.68 -8.11
C ALA O 213 44.95 -42.30 -9.11
N PHE O 214 44.72 -41.30 -9.95
CA PHE O 214 45.68 -40.96 -11.00
C PHE O 214 46.92 -40.32 -10.38
N ARG O 215 48.10 -40.77 -10.84
CA ARG O 215 49.37 -40.36 -10.26
C ARG O 215 50.45 -40.46 -11.33
N ARG O 216 51.16 -39.36 -11.58
CA ARG O 216 52.20 -39.34 -12.60
C ARG O 216 53.52 -39.84 -12.02
N ILE O 217 54.31 -40.47 -12.89
CA ILE O 217 55.66 -40.92 -12.53
C ILE O 217 56.61 -40.22 -13.48
N THR O 218 57.33 -39.22 -12.98
CA THR O 218 58.14 -38.34 -13.82
C THR O 218 59.53 -38.15 -13.24
N GLY O 219 60.48 -37.87 -14.12
CA GLY O 219 61.80 -37.42 -13.72
C GLY O 219 62.53 -38.42 -12.84
N SER O 220 63.06 -37.91 -11.72
CA SER O 220 63.91 -38.71 -10.85
C SER O 220 63.18 -39.94 -10.35
N ALA O 221 61.90 -39.79 -10.01
CA ALA O 221 61.11 -40.95 -9.58
C ALA O 221 61.00 -41.98 -10.70
N LEU O 222 60.79 -41.52 -11.94
CA LEU O 222 60.62 -42.44 -13.06
C LEU O 222 61.90 -43.21 -13.37
N GLN O 223 63.02 -42.51 -13.52
CA GLN O 223 64.28 -43.23 -13.74
C GLN O 223 64.66 -44.10 -12.55
N ALA O 224 64.41 -43.61 -11.33
CA ALA O 224 64.81 -44.35 -10.12
C ALA O 224 64.22 -45.76 -10.08
N LEU O 225 62.92 -45.90 -10.37
CA LEU O 225 62.34 -47.25 -10.38
C LEU O 225 62.94 -48.10 -11.48
N LEU O 226 63.44 -47.50 -12.54
CA LEU O 226 64.04 -48.21 -13.67
C LEU O 226 65.47 -48.63 -13.36
N VAL O 227 65.68 -49.34 -12.26
CA VAL O 227 67.01 -49.77 -11.87
C VAL O 227 67.31 -51.16 -12.43
N MET P 1 19.28 -39.40 -55.40
CA MET P 1 18.09 -39.84 -54.69
C MET P 1 18.03 -41.35 -54.56
N GLU P 2 17.66 -42.02 -55.66
CA GLU P 2 17.56 -43.48 -55.63
C GLU P 2 18.91 -44.11 -55.33
N GLN P 3 19.96 -43.59 -55.96
CA GLN P 3 21.31 -44.08 -55.70
C GLN P 3 21.66 -43.98 -54.22
N ALA P 4 21.39 -42.81 -53.62
CA ALA P 4 21.73 -42.59 -52.22
C ALA P 4 21.01 -43.57 -51.31
N MET P 5 19.71 -43.80 -51.55
CA MET P 5 18.95 -44.71 -50.70
C MET P 5 19.44 -46.15 -50.87
N ARG P 6 19.79 -46.54 -52.10
CA ARG P 6 20.35 -47.88 -52.31
C ARG P 6 21.66 -48.04 -51.54
N GLU P 7 22.56 -47.06 -51.66
CA GLU P 7 23.82 -47.12 -50.91
C GLU P 7 23.58 -47.21 -49.42
N ARG P 8 22.64 -46.42 -48.89
CA ARG P 8 22.32 -46.48 -47.47
C ARG P 8 21.85 -47.87 -47.06
N SER P 9 20.87 -48.42 -47.78
CA SER P 9 20.37 -49.75 -47.46
C SER P 9 21.49 -50.78 -47.50
N GLU P 10 22.42 -50.64 -48.43
CA GLU P 10 23.52 -51.60 -48.51
C GLU P 10 24.47 -51.45 -47.33
N LEU P 11 24.83 -50.21 -46.99
CA LEU P 11 25.69 -49.99 -45.82
C LEU P 11 25.09 -50.62 -44.57
N ALA P 12 23.80 -50.35 -44.32
CA ALA P 12 23.16 -50.90 -43.13
C ALA P 12 23.10 -52.43 -43.20
N ARG P 13 22.76 -52.98 -44.37
CA ARG P 13 22.63 -54.42 -44.50
C ARG P 13 23.96 -55.13 -44.25
N LYS P 14 25.04 -54.64 -44.87
CA LYS P 14 26.36 -55.19 -44.63
C LYS P 14 26.73 -55.09 -43.16
N GLY P 15 26.46 -53.93 -42.54
CA GLY P 15 26.73 -53.78 -41.12
C GLY P 15 26.03 -54.82 -40.25
N ILE P 16 24.75 -55.08 -40.55
CA ILE P 16 24.01 -56.06 -39.76
C ILE P 16 24.53 -57.46 -40.01
N ALA P 17 24.88 -57.77 -41.26
CA ALA P 17 25.38 -59.10 -41.59
C ALA P 17 26.70 -59.41 -40.89
N ARG P 18 27.54 -58.41 -40.70
CA ARG P 18 28.85 -58.61 -40.07
C ARG P 18 28.78 -58.72 -38.55
N ALA P 19 27.60 -58.58 -37.95
CA ALA P 19 27.46 -58.50 -36.51
C ALA P 19 26.99 -59.83 -35.93
N LYS P 20 27.10 -59.93 -34.60
CA LYS P 20 26.73 -61.13 -33.87
C LYS P 20 25.21 -61.35 -33.96
N SER P 21 24.80 -62.57 -33.65
CA SER P 21 23.40 -62.95 -33.79
C SER P 21 22.69 -62.93 -32.45
N VAL P 22 21.38 -62.66 -32.49
CA VAL P 22 20.53 -62.58 -31.31
C VAL P 22 19.23 -63.31 -31.64
N VAL P 23 18.67 -64.00 -30.66
CA VAL P 23 17.42 -64.72 -30.80
C VAL P 23 16.51 -64.36 -29.64
N ALA P 24 15.21 -64.20 -29.94
CA ALA P 24 14.20 -63.98 -28.93
C ALA P 24 13.02 -64.88 -29.24
N LEU P 25 12.64 -65.74 -28.29
CA LEU P 25 11.58 -66.69 -28.56
C LEU P 25 10.66 -66.83 -27.35
N ALA P 26 9.38 -67.05 -27.63
CA ALA P 26 8.38 -67.19 -26.59
C ALA P 26 8.38 -68.61 -26.03
N TYR P 27 8.36 -68.72 -24.71
CA TYR P 27 8.30 -70.01 -24.03
C TYR P 27 7.25 -69.95 -22.93
N ALA P 28 7.04 -71.09 -22.26
CA ALA P 28 5.94 -71.22 -21.32
C ALA P 28 5.98 -70.16 -20.21
N GLY P 29 7.17 -69.72 -19.82
CA GLY P 29 7.32 -68.74 -18.78
C GLY P 29 7.47 -67.30 -19.23
N GLY P 30 7.37 -67.03 -20.54
CA GLY P 30 7.52 -65.67 -21.02
C GLY P 30 8.30 -65.56 -22.31
N VAL P 31 9.34 -64.74 -22.33
CA VAL P 31 10.16 -64.54 -23.53
C VAL P 31 11.63 -64.70 -23.16
N LEU P 32 12.39 -65.36 -24.04
CA LEU P 32 13.81 -65.61 -23.81
C LEU P 32 14.66 -64.88 -24.85
N PHE P 33 15.68 -64.16 -24.35
CA PHE P 33 16.67 -63.45 -25.14
C PHE P 33 18.03 -64.13 -24.98
N VAL P 34 18.62 -64.55 -26.09
CA VAL P 34 19.97 -65.14 -26.12
C VAL P 34 20.79 -64.42 -27.17
N ALA P 35 21.97 -63.93 -26.78
CA ALA P 35 22.81 -63.18 -27.71
C ALA P 35 24.28 -63.56 -27.56
N GLU P 36 24.96 -63.73 -28.69
CA GLU P 36 26.42 -63.89 -28.71
C GLU P 36 27.06 -62.58 -28.27
N ASN P 37 27.73 -62.59 -27.12
CA ASN P 37 28.31 -61.36 -26.57
C ASN P 37 29.58 -61.70 -25.82
N PRO P 38 30.74 -61.41 -26.39
CA PRO P 38 32.00 -61.67 -25.67
C PRO P 38 32.28 -60.68 -24.55
N SER P 39 31.66 -59.50 -24.57
CA SER P 39 31.95 -58.47 -23.59
C SER P 39 31.52 -58.91 -22.19
N ARG P 40 31.98 -58.15 -21.20
CA ARG P 40 31.56 -58.33 -19.81
C ARG P 40 30.62 -57.24 -19.33
N SER P 41 30.57 -56.10 -20.01
CA SER P 41 29.77 -54.96 -19.57
C SER P 41 28.98 -54.26 -20.66
N LEU P 42 29.19 -54.59 -21.94
CA LEU P 42 28.44 -53.97 -23.03
C LEU P 42 27.27 -54.88 -23.39
N GLN P 43 26.06 -54.37 -23.23
CA GLN P 43 24.84 -55.18 -23.22
C GLN P 43 24.06 -54.96 -24.52
N LYS P 44 23.61 -56.04 -25.12
CA LYS P 44 22.77 -55.98 -26.31
C LYS P 44 21.29 -56.22 -26.01
N ILE P 45 20.96 -56.72 -24.82
CA ILE P 45 19.59 -56.95 -24.39
C ILE P 45 19.34 -56.14 -23.13
N SER P 46 18.17 -55.52 -23.05
CA SER P 46 17.89 -54.60 -21.96
C SER P 46 16.40 -54.52 -21.69
N GLU P 47 16.08 -54.03 -20.50
CA GLU P 47 14.71 -53.74 -20.10
C GLU P 47 14.25 -52.41 -20.68
N LEU P 48 13.02 -52.39 -21.21
CA LEU P 48 12.37 -51.16 -21.64
C LEU P 48 11.34 -50.68 -20.62
N TYR P 49 10.35 -51.52 -20.32
CA TYR P 49 9.33 -51.18 -19.34
C TYR P 49 8.91 -52.45 -18.62
N ASP P 50 7.97 -52.29 -17.69
CA ASP P 50 7.53 -53.36 -16.80
C ASP P 50 7.52 -54.74 -17.46
N ARG P 51 6.79 -54.86 -18.58
CA ARG P 51 6.67 -56.13 -19.27
C ARG P 51 7.25 -56.08 -20.69
N VAL P 52 8.11 -55.10 -20.98
CA VAL P 52 8.62 -54.91 -22.34
C VAL P 52 10.13 -54.94 -22.31
N GLY P 53 10.72 -55.82 -23.13
CA GLY P 53 12.14 -55.97 -23.25
C GLY P 53 12.62 -55.66 -24.66
N PHE P 54 13.94 -55.51 -24.77
CA PHE P 54 14.58 -54.94 -25.95
C PHE P 54 15.81 -55.76 -26.29
N ALA P 55 15.97 -56.11 -27.56
CA ALA P 55 17.17 -56.80 -28.03
C ALA P 55 17.58 -56.20 -29.37
N ALA P 56 18.89 -56.17 -29.61
CA ALA P 56 19.39 -55.49 -30.80
C ALA P 56 20.63 -56.20 -31.33
N ALA P 57 20.87 -56.05 -32.63
CA ALA P 57 22.07 -56.55 -33.27
C ALA P 57 22.65 -55.47 -34.19
N GLY P 58 23.97 -55.36 -34.20
CA GLY P 58 24.61 -54.37 -35.07
C GLY P 58 25.64 -53.52 -34.38
N LYS P 59 25.73 -52.24 -34.78
CA LYS P 59 26.69 -51.32 -34.21
C LYS P 59 26.22 -50.86 -32.83
N PHE P 60 27.10 -50.99 -31.83
CA PHE P 60 26.68 -50.84 -30.44
C PHE P 60 26.16 -49.44 -30.13
N ASN P 61 26.95 -48.42 -30.42
CA ASN P 61 26.55 -47.06 -30.04
C ASN P 61 25.19 -46.68 -30.64
N GLU P 62 24.87 -47.22 -31.81
CA GLU P 62 23.64 -46.87 -32.50
C GLU P 62 22.41 -47.55 -31.87
N PHE P 63 22.45 -48.87 -31.72
CA PHE P 63 21.30 -49.52 -31.10
C PHE P 63 21.22 -49.20 -29.61
N ASP P 64 22.32 -48.73 -29.03
CA ASP P 64 22.27 -48.23 -27.65
C ASP P 64 21.57 -46.89 -27.60
N ASN P 65 21.87 -45.99 -28.56
CA ASN P 65 21.07 -44.78 -28.71
C ASN P 65 19.58 -45.11 -28.79
N LEU P 66 19.21 -46.06 -29.67
CA LEU P 66 17.79 -46.42 -29.78
C LEU P 66 17.26 -47.02 -28.48
N ARG P 67 18.07 -47.80 -27.79
CA ARG P 67 17.63 -48.37 -26.52
C ARG P 67 17.28 -47.26 -25.53
N ARG P 68 18.18 -46.28 -25.39
CA ARG P 68 17.93 -45.15 -24.49
C ARG P 68 16.71 -44.35 -24.92
N GLY P 69 16.57 -44.08 -26.21
CA GLY P 69 15.40 -43.38 -26.70
C GLY P 69 14.10 -44.11 -26.40
N GLY P 70 14.12 -45.44 -26.53
CA GLY P 70 12.95 -46.22 -26.20
C GLY P 70 12.63 -46.17 -24.71
N ILE P 71 13.66 -46.23 -23.87
CA ILE P 71 13.43 -46.09 -22.43
C ILE P 71 12.80 -44.75 -22.12
N GLN P 72 13.34 -43.68 -22.72
CA GLN P 72 12.78 -42.34 -22.50
C GLN P 72 11.32 -42.27 -22.94
N PHE P 73 11.03 -42.78 -24.14
CA PHE P 73 9.64 -42.77 -24.62
C PHE P 73 8.73 -43.52 -23.66
N ALA P 74 9.14 -44.73 -23.25
CA ALA P 74 8.29 -45.56 -22.40
C ALA P 74 8.04 -44.88 -21.05
N ASP P 75 9.09 -44.42 -20.40
CA ASP P 75 8.93 -43.76 -19.11
C ASP P 75 8.06 -42.51 -19.22
N THR P 76 8.25 -41.73 -20.30
CA THR P 76 7.45 -40.52 -20.49
C THR P 76 5.97 -40.86 -20.65
N ARG P 77 5.66 -41.87 -21.48
CA ARG P 77 4.27 -42.30 -21.61
C ARG P 77 3.70 -42.75 -20.28
N GLY P 78 4.43 -43.61 -19.56
CA GLY P 78 3.93 -44.11 -18.30
C GLY P 78 3.66 -43.01 -17.29
N TYR P 79 4.48 -41.95 -17.31
CA TYR P 79 4.24 -40.81 -16.43
C TYR P 79 3.04 -40.00 -16.90
N ALA P 80 2.98 -39.68 -18.19
CA ALA P 80 1.92 -38.82 -18.70
C ALA P 80 0.56 -39.49 -18.59
N TYR P 81 0.50 -40.81 -18.74
CA TYR P 81 -0.76 -41.53 -18.63
C TYR P 81 -0.73 -42.51 -17.46
N ASP P 82 -0.24 -43.72 -17.70
CA ASP P 82 -0.17 -44.72 -16.65
C ASP P 82 0.71 -45.86 -17.15
N ARG P 83 1.27 -46.61 -16.20
CA ARG P 83 2.22 -47.67 -16.54
C ARG P 83 1.56 -48.76 -17.39
N ARG P 84 0.25 -48.93 -17.23
CA ARG P 84 -0.49 -49.94 -17.97
C ARG P 84 -0.79 -49.52 -19.40
N ASP P 85 -0.56 -48.26 -19.76
CA ASP P 85 -0.77 -47.80 -21.13
C ASP P 85 0.45 -47.99 -22.01
N VAL P 86 1.59 -48.34 -21.44
CA VAL P 86 2.79 -48.60 -22.23
C VAL P 86 2.73 -50.04 -22.71
N THR P 87 2.79 -50.22 -24.03
CA THR P 87 2.63 -51.53 -24.65
C THR P 87 3.79 -51.80 -25.60
N GLY P 88 3.99 -53.07 -25.91
CA GLY P 88 5.02 -53.45 -26.87
C GLY P 88 4.70 -52.93 -28.27
N ARG P 89 3.42 -52.95 -28.65
CA ARG P 89 3.05 -52.39 -29.95
C ARG P 89 3.47 -50.94 -30.08
N GLN P 90 3.32 -50.16 -29.01
CA GLN P 90 3.73 -48.76 -29.04
C GLN P 90 5.22 -48.62 -29.26
N LEU P 91 6.02 -49.29 -28.43
CA LEU P 91 7.47 -49.18 -28.56
C LEU P 91 7.94 -49.62 -29.94
N ALA P 92 7.38 -50.72 -30.45
CA ALA P 92 7.72 -51.15 -31.80
C ALA P 92 7.37 -50.09 -32.84
N ASN P 93 6.17 -49.50 -32.71
CA ASN P 93 5.73 -48.49 -33.66
C ASN P 93 6.64 -47.28 -33.66
N VAL P 94 6.98 -46.78 -32.47
CA VAL P 94 7.85 -45.62 -32.35
C VAL P 94 9.24 -45.95 -32.86
N TYR P 95 9.71 -47.18 -32.64
CA TYR P 95 11.00 -47.58 -33.20
C TYR P 95 10.97 -47.61 -34.72
N ALA P 96 9.86 -48.06 -35.31
CA ALA P 96 9.71 -48.02 -36.75
C ALA P 96 9.77 -46.58 -37.27
N GLN P 97 9.02 -45.67 -36.64
CA GLN P 97 9.06 -44.26 -37.02
C GLN P 97 10.47 -43.71 -36.92
N THR P 98 11.13 -43.95 -35.79
CA THR P 98 12.45 -43.39 -35.53
C THR P 98 13.46 -43.90 -36.55
N LEU P 99 13.50 -45.22 -36.76
CA LEU P 99 14.45 -45.76 -37.72
C LEU P 99 14.14 -45.33 -39.14
N GLY P 100 12.86 -45.09 -39.46
CA GLY P 100 12.56 -44.49 -40.75
C GLY P 100 13.21 -43.13 -40.91
N THR P 101 13.03 -42.27 -39.90
CA THR P 101 13.63 -40.94 -39.95
C THR P 101 15.16 -41.02 -40.02
N ILE P 102 15.77 -41.88 -39.19
CA ILE P 102 17.22 -42.05 -39.21
C ILE P 102 17.68 -42.54 -40.58
N PHE P 103 17.00 -43.55 -41.11
CA PHE P 103 17.39 -44.14 -42.38
C PHE P 103 17.35 -43.13 -43.51
N THR P 104 16.35 -42.24 -43.49
CA THR P 104 16.23 -41.29 -44.60
C THR P 104 17.04 -40.02 -44.40
N GLU P 105 17.25 -39.59 -43.16
CA GLU P 105 17.69 -38.24 -42.87
C GLU P 105 19.01 -38.14 -42.10
N GLN P 106 19.44 -39.21 -41.42
CA GLN P 106 20.68 -39.11 -40.65
C GLN P 106 21.88 -39.15 -41.60
N ALA P 107 23.02 -38.65 -41.11
CA ALA P 107 24.22 -38.59 -41.92
C ALA P 107 24.58 -39.97 -42.46
N LYS P 108 24.51 -40.99 -41.62
CA LYS P 108 24.74 -42.37 -42.01
C LYS P 108 23.61 -43.19 -41.39
N PRO P 109 22.98 -44.09 -42.13
CA PRO P 109 21.93 -44.91 -41.55
C PRO P 109 22.47 -45.78 -40.42
N TYR P 110 21.56 -46.21 -39.55
CA TYR P 110 21.96 -47.02 -38.41
C TYR P 110 22.05 -48.48 -38.82
N GLU P 111 23.21 -49.09 -38.56
CA GLU P 111 23.44 -50.50 -38.86
C GLU P 111 22.96 -51.35 -37.68
N VAL P 112 21.64 -51.39 -37.52
CA VAL P 112 21.01 -52.05 -36.37
C VAL P 112 19.78 -52.83 -36.81
N GLU P 113 19.41 -53.81 -35.97
CA GLU P 113 18.16 -54.54 -36.10
C GLU P 113 17.61 -54.78 -34.70
N LEU P 114 16.31 -54.54 -34.54
CA LEU P 114 15.68 -54.45 -33.22
C LEU P 114 14.57 -55.47 -33.04
N CYS P 115 14.41 -55.91 -31.80
CA CYS P 115 13.32 -56.77 -31.37
C CYS P 115 12.73 -56.20 -30.08
N VAL P 116 11.42 -55.97 -30.09
CA VAL P 116 10.68 -55.52 -28.92
C VAL P 116 9.74 -56.64 -28.52
N ALA P 117 9.86 -57.10 -27.28
CA ALA P 117 9.07 -58.23 -26.81
C ALA P 117 8.23 -57.82 -25.61
N GLU P 118 7.02 -58.34 -25.53
CA GLU P 118 6.13 -58.03 -24.41
C GLU P 118 5.47 -59.31 -23.90
N VAL P 119 5.47 -59.48 -22.58
CA VAL P 119 4.73 -60.56 -21.94
C VAL P 119 3.54 -59.97 -21.18
N ALA P 120 2.62 -60.83 -20.77
CA ALA P 120 1.43 -60.39 -20.07
C ALA P 120 1.78 -59.87 -18.68
N HIS P 121 0.88 -59.04 -18.14
CA HIS P 121 1.03 -58.59 -16.77
C HIS P 121 0.70 -59.73 -15.80
N TYR P 122 1.21 -59.60 -14.57
CA TYR P 122 1.05 -60.66 -13.58
C TYR P 122 -0.43 -61.03 -13.40
N GLY P 123 -0.70 -62.31 -13.53
CA GLY P 123 -2.05 -62.83 -13.37
C GLY P 123 -2.91 -62.78 -14.61
N GLU P 124 -2.33 -62.55 -15.78
CA GLU P 124 -3.09 -62.43 -17.01
C GLU P 124 -2.61 -63.46 -18.02
N THR P 125 -3.54 -63.89 -18.87
CA THR P 125 -3.28 -64.90 -19.89
C THR P 125 -3.32 -64.22 -21.25
N LYS P 126 -2.17 -63.68 -21.67
CA LYS P 126 -2.01 -63.04 -22.97
C LYS P 126 -0.72 -63.59 -23.59
N ARG P 127 -0.84 -64.15 -24.78
CA ARG P 127 0.33 -64.74 -25.44
C ARG P 127 1.38 -63.67 -25.67
N PRO P 128 2.67 -63.99 -25.51
CA PRO P 128 3.72 -62.98 -25.75
C PRO P 128 3.64 -62.35 -27.14
N GLU P 129 4.21 -61.17 -27.28
CA GLU P 129 4.26 -60.45 -28.55
C GLU P 129 5.70 -60.18 -28.92
N LEU P 130 6.05 -60.46 -30.18
CA LEU P 130 7.39 -60.24 -30.71
C LEU P 130 7.29 -59.30 -31.90
N TYR P 131 8.09 -58.25 -31.87
CA TYR P 131 8.16 -57.26 -32.94
C TYR P 131 9.58 -57.14 -33.44
N ARG P 132 9.72 -57.01 -34.76
CA ARG P 132 10.99 -56.91 -35.45
C ARG P 132 11.03 -55.61 -36.23
N ILE P 133 12.00 -54.75 -35.93
CA ILE P 133 12.16 -53.47 -36.62
C ILE P 133 13.52 -53.46 -37.28
N THR P 134 13.55 -53.19 -38.59
CA THR P 134 14.79 -53.21 -39.34
C THR P 134 15.27 -51.78 -39.62
N TYR P 135 16.47 -51.70 -40.21
CA TYR P 135 17.21 -50.44 -40.28
C TYR P 135 16.47 -49.34 -41.04
N ASP P 136 15.47 -49.67 -41.86
CA ASP P 136 14.77 -48.67 -42.64
C ASP P 136 13.39 -48.36 -42.10
N GLY P 137 13.06 -48.82 -40.89
CA GLY P 137 11.77 -48.57 -40.31
C GLY P 137 10.72 -49.61 -40.63
N SER P 138 11.08 -50.67 -41.36
CA SER P 138 10.13 -51.75 -41.59
C SER P 138 9.89 -52.51 -40.30
N ILE P 139 8.63 -52.82 -40.03
CA ILE P 139 8.21 -53.44 -38.79
C ILE P 139 7.39 -54.68 -39.13
N ALA P 140 7.63 -55.76 -38.39
CA ALA P 140 6.93 -57.02 -38.61
C ALA P 140 6.56 -57.61 -37.25
N ASP P 141 5.48 -58.38 -37.27
CA ASP P 141 4.85 -58.94 -36.08
C ASP P 141 5.08 -60.44 -36.14
N GLU P 142 6.07 -60.93 -35.36
CA GLU P 142 6.39 -62.34 -35.44
C GLU P 142 5.63 -63.12 -34.37
N PRO P 143 5.24 -64.36 -34.64
CA PRO P 143 4.37 -65.07 -33.69
C PRO P 143 5.13 -65.94 -32.69
N HIS P 144 6.32 -66.39 -33.06
CA HIS P 144 7.03 -67.34 -32.22
C HIS P 144 8.44 -66.89 -31.84
N PHE P 145 9.23 -66.51 -32.83
CA PHE P 145 10.64 -66.19 -32.58
C PHE P 145 11.14 -65.16 -33.57
N VAL P 146 12.22 -64.48 -33.20
CA VAL P 146 12.90 -63.50 -34.03
C VAL P 146 14.40 -63.74 -33.95
N VAL P 147 15.05 -63.69 -35.10
CA VAL P 147 16.50 -63.85 -35.22
C VAL P 147 17.06 -62.61 -35.91
N MET P 148 18.14 -62.05 -35.38
CA MET P 148 18.71 -60.82 -35.90
C MET P 148 20.23 -60.91 -35.95
N GLY P 149 20.83 -60.30 -36.96
CA GLY P 149 22.27 -60.16 -37.03
C GLY P 149 22.95 -61.37 -37.64
N GLY P 150 24.03 -61.09 -38.36
CA GLY P 150 24.78 -62.14 -39.02
C GLY P 150 23.98 -62.78 -40.15
N THR P 151 24.30 -64.04 -40.43
CA THR P 151 23.57 -64.82 -41.43
C THR P 151 22.42 -65.51 -40.70
N THR P 152 21.21 -65.01 -40.87
CA THR P 152 20.10 -65.45 -40.03
C THR P 152 19.48 -66.75 -40.50
N GLU P 153 19.44 -66.98 -41.83
CA GLU P 153 18.74 -68.11 -42.44
C GLU P 153 18.91 -69.44 -41.69
N PRO P 154 20.12 -69.91 -41.36
CA PRO P 154 20.21 -71.21 -40.68
C PRO P 154 19.56 -71.22 -39.32
N ILE P 155 19.68 -70.13 -38.57
CA ILE P 155 19.08 -70.04 -37.24
C ILE P 155 17.57 -69.99 -37.34
N ALA P 156 17.05 -69.18 -38.27
CA ALA P 156 15.60 -69.10 -38.44
C ALA P 156 15.02 -70.46 -38.84
N ASN P 157 15.68 -71.16 -39.75
CA ASN P 157 15.21 -72.50 -40.13
C ASN P 157 15.31 -73.47 -38.96
N ALA P 158 16.46 -73.50 -38.29
CA ALA P 158 16.64 -74.36 -37.12
C ALA P 158 15.53 -74.16 -36.09
N LEU P 159 15.20 -72.90 -35.79
CA LEU P 159 14.10 -72.65 -34.86
C LEU P 159 12.76 -73.06 -35.47
N LYS P 160 12.61 -72.92 -36.79
CA LYS P 160 11.38 -73.34 -37.44
C LYS P 160 11.14 -74.83 -37.27
N GLU P 161 12.21 -75.62 -37.23
CA GLU P 161 12.08 -77.07 -37.10
C GLU P 161 12.06 -77.52 -35.64
N SER P 162 12.61 -76.73 -34.72
CA SER P 162 12.80 -77.16 -33.35
C SER P 162 11.95 -76.41 -32.34
N TYR P 163 11.20 -75.39 -32.77
CA TYR P 163 10.48 -74.55 -31.82
C TYR P 163 9.32 -75.32 -31.19
N ALA P 164 9.06 -75.04 -29.92
CA ALA P 164 7.94 -75.62 -29.18
C ALA P 164 7.25 -74.49 -28.43
N GLU P 165 5.96 -74.30 -28.71
CA GLU P 165 5.25 -73.10 -28.29
C GLU P 165 5.28 -72.93 -26.78
N ASN P 166 5.33 -74.02 -26.02
CA ASN P 166 5.21 -73.99 -24.56
C ASN P 166 6.39 -74.68 -23.89
N ALA P 167 7.57 -74.58 -24.49
CA ALA P 167 8.75 -75.21 -23.91
C ALA P 167 9.12 -74.60 -22.57
N SER P 168 9.84 -75.40 -21.78
CA SER P 168 10.39 -74.96 -20.51
C SER P 168 11.57 -74.00 -20.74
N LEU P 169 11.96 -73.31 -19.67
CA LEU P 169 13.10 -72.39 -19.77
C LEU P 169 14.36 -73.11 -20.21
N THR P 170 14.69 -74.22 -19.56
CA THR P 170 15.88 -74.98 -19.94
C THR P 170 15.76 -75.49 -21.38
N ASP P 171 14.58 -76.01 -21.74
CA ASP P 171 14.38 -76.51 -23.10
C ASP P 171 14.54 -75.40 -24.12
N ALA P 172 13.86 -74.26 -23.91
CA ALA P 172 13.93 -73.15 -24.84
C ALA P 172 15.34 -72.60 -24.96
N LEU P 173 16.07 -72.52 -23.84
CA LEU P 173 17.44 -72.04 -23.89
C LEU P 173 18.30 -72.99 -24.73
N ARG P 174 18.19 -74.29 -24.48
CA ARG P 174 18.94 -75.27 -25.26
C ARG P 174 18.64 -75.13 -26.75
N ILE P 175 17.37 -74.94 -27.10
CA ILE P 175 17.00 -74.78 -28.50
C ILE P 175 17.62 -73.51 -29.08
N ALA P 176 17.63 -72.43 -28.29
CA ALA P 176 18.15 -71.16 -28.78
C ALA P 176 19.65 -71.24 -29.04
N VAL P 177 20.42 -71.77 -28.07
CA VAL P 177 21.85 -71.91 -28.25
C VAL P 177 22.17 -72.90 -29.38
N ALA P 178 21.35 -73.94 -29.52
CA ALA P 178 21.54 -74.88 -30.63
C ALA P 178 21.40 -74.17 -31.97
N ALA P 179 20.31 -73.42 -32.15
CA ALA P 179 20.09 -72.69 -33.39
C ALA P 179 21.16 -71.62 -33.61
N LEU P 180 21.70 -71.04 -32.53
CA LEU P 180 22.73 -70.02 -32.67
C LEU P 180 24.00 -70.57 -33.31
N ARG P 181 24.37 -71.81 -32.99
CA ARG P 181 25.57 -72.40 -33.59
C ARG P 181 25.37 -72.67 -35.08
N ALA P 182 24.28 -73.35 -35.44
CA ALA P 182 24.03 -73.75 -36.82
C ALA P 182 24.08 -72.57 -37.79
N PRO P 193 33.44 -69.51 -30.11
CA PRO P 193 33.84 -70.74 -30.80
C PRO P 193 32.86 -71.88 -30.51
N THR P 194 32.98 -72.46 -29.32
CA THR P 194 31.95 -73.33 -28.76
C THR P 194 31.32 -72.50 -27.63
N LEU P 195 30.28 -71.77 -27.98
CA LEU P 195 29.75 -70.73 -27.10
C LEU P 195 29.22 -71.31 -25.80
N GLY P 196 29.37 -70.54 -24.74
CA GLY P 196 28.97 -70.96 -23.40
C GLY P 196 28.70 -69.76 -22.52
N VAL P 197 28.85 -69.97 -21.22
CA VAL P 197 28.47 -68.97 -20.21
C VAL P 197 29.54 -67.88 -20.12
N ALA P 198 30.44 -67.82 -21.11
CA ALA P 198 31.38 -66.72 -21.23
C ALA P 198 31.23 -65.94 -22.54
N SER P 199 30.53 -66.48 -23.53
CA SER P 199 30.26 -65.80 -24.78
C SER P 199 28.79 -65.49 -24.98
N LEU P 200 27.97 -65.68 -23.95
CA LEU P 200 26.54 -65.48 -24.06
C LEU P 200 26.06 -64.41 -23.10
N GLU P 201 25.05 -63.67 -23.56
CA GLU P 201 24.26 -62.77 -22.72
C GLU P 201 22.81 -63.22 -22.83
N VAL P 202 22.23 -63.61 -21.71
CA VAL P 202 20.91 -64.22 -21.66
C VAL P 202 20.04 -63.41 -20.70
N ALA P 203 18.81 -63.14 -21.12
CA ALA P 203 17.84 -62.49 -20.25
C ALA P 203 16.47 -63.05 -20.55
N VAL P 204 15.53 -62.77 -19.67
CA VAL P 204 14.18 -63.32 -19.80
C VAL P 204 13.17 -62.27 -19.34
N LEU P 205 12.07 -62.19 -20.10
CA LEU P 205 10.86 -61.51 -19.65
C LEU P 205 10.00 -62.58 -18.99
N ASP P 206 10.03 -62.59 -17.66
CA ASP P 206 9.41 -63.63 -16.84
C ASP P 206 8.01 -63.18 -16.49
N ALA P 207 7.01 -63.73 -17.19
CA ALA P 207 5.61 -63.35 -16.98
C ALA P 207 5.14 -63.60 -15.55
N ASN P 208 5.93 -64.29 -14.73
CA ASN P 208 5.54 -64.59 -13.36
C ASN P 208 6.14 -63.59 -12.37
N ARG P 209 6.79 -62.53 -12.86
CA ARG P 209 7.20 -61.52 -11.89
C ARG P 209 6.06 -60.55 -11.63
N PRO P 210 5.94 -60.04 -10.39
CA PRO P 210 4.80 -59.15 -10.08
C PRO P 210 4.81 -57.86 -10.87
N ARG P 211 5.93 -57.16 -10.93
CA ARG P 211 5.96 -55.90 -11.66
C ARG P 211 6.99 -55.93 -12.79
N ARG P 212 8.28 -55.82 -12.46
CA ARG P 212 9.32 -55.76 -13.47
C ARG P 212 9.67 -57.18 -13.92
N ALA P 213 9.31 -57.50 -15.17
CA ALA P 213 9.47 -58.86 -15.69
C ALA P 213 10.88 -59.15 -16.18
N PHE P 214 11.66 -58.13 -16.53
CA PHE P 214 12.99 -58.34 -17.06
C PHE P 214 13.93 -58.82 -15.97
N ARG P 215 14.57 -59.96 -16.19
CA ARG P 215 15.64 -60.39 -15.30
C ARG P 215 16.70 -61.13 -16.11
N ARG P 216 17.96 -60.93 -15.73
CA ARG P 216 19.09 -61.54 -16.42
C ARG P 216 19.41 -62.90 -15.83
N ILE P 217 19.92 -63.79 -16.68
CA ILE P 217 20.36 -65.12 -16.27
C ILE P 217 21.85 -65.17 -16.54
N THR P 218 22.64 -65.10 -15.48
CA THR P 218 24.08 -64.92 -15.59
C THR P 218 24.82 -65.90 -14.70
N GLY P 219 26.06 -66.18 -15.08
CA GLY P 219 26.98 -66.91 -14.20
C GLY P 219 26.50 -68.29 -13.83
N SER P 220 26.54 -68.57 -12.52
CA SER P 220 26.28 -69.92 -12.02
C SER P 220 24.90 -70.42 -12.42
N ALA P 221 23.87 -69.57 -12.32
CA ALA P 221 22.53 -69.98 -12.69
C ALA P 221 22.45 -70.37 -14.16
N LEU P 222 23.09 -69.58 -15.03
CA LEU P 222 23.07 -69.88 -16.46
C LEU P 222 23.81 -71.18 -16.75
N GLN P 223 24.99 -71.34 -16.13
CA GLN P 223 25.73 -72.60 -16.26
C GLN P 223 24.87 -73.78 -15.85
N ALA P 224 24.08 -73.62 -14.78
CA ALA P 224 23.12 -74.64 -14.39
C ALA P 224 22.12 -74.89 -15.51
N LEU P 225 21.62 -73.82 -16.15
CA LEU P 225 20.64 -73.97 -17.21
C LEU P 225 21.19 -74.72 -18.43
N LEU P 226 22.50 -74.62 -18.72
CA LEU P 226 23.01 -75.35 -19.88
C LEU P 226 23.28 -76.82 -19.60
N VAL P 227 23.43 -77.22 -18.33
CA VAL P 227 23.81 -78.59 -18.02
C VAL P 227 22.64 -79.41 -17.46
N MET Q 1 16.82 -30.50 -62.33
CA MET Q 1 15.48 -30.48 -61.76
C MET Q 1 14.68 -31.71 -62.16
N GLU Q 2 14.55 -31.93 -63.47
CA GLU Q 2 13.70 -33.01 -63.96
C GLU Q 2 14.22 -34.38 -63.54
N GLN Q 3 15.53 -34.51 -63.35
CA GLN Q 3 16.09 -35.82 -63.01
C GLN Q 3 15.79 -36.18 -61.56
N ALA Q 4 15.90 -35.20 -60.65
CA ALA Q 4 15.58 -35.45 -59.25
C ALA Q 4 14.11 -35.83 -59.10
N MET Q 5 13.22 -35.12 -59.80
CA MET Q 5 11.80 -35.42 -59.72
C MET Q 5 11.49 -36.79 -60.35
N ARG Q 6 12.14 -37.10 -61.48
CA ARG Q 6 11.98 -38.43 -62.05
C ARG Q 6 12.36 -39.51 -61.05
N GLU Q 7 13.48 -39.31 -60.34
CA GLU Q 7 13.94 -40.31 -59.39
C GLU Q 7 13.00 -40.43 -58.19
N ARG Q 8 12.53 -39.29 -57.65
CA ARG Q 8 11.58 -39.34 -56.54
C ARG Q 8 10.31 -40.08 -56.93
N SER Q 9 9.69 -39.66 -58.04
CA SER Q 9 8.48 -40.32 -58.52
C SER Q 9 8.71 -41.81 -58.76
N GLU Q 10 9.90 -42.16 -59.26
CA GLU Q 10 10.20 -43.54 -59.57
C GLU Q 10 10.34 -44.36 -58.29
N LEU Q 11 11.09 -43.83 -57.31
CA LEU Q 11 11.24 -44.49 -56.02
C LEU Q 11 9.89 -44.75 -55.38
N ALA Q 12 9.04 -43.72 -55.33
CA ALA Q 12 7.73 -43.88 -54.71
C ALA Q 12 6.89 -44.90 -55.45
N ARG Q 13 6.88 -44.84 -56.80
CA ARG Q 13 6.04 -45.76 -57.56
C ARG Q 13 6.49 -47.21 -57.37
N LYS Q 14 7.80 -47.46 -57.35
CA LYS Q 14 8.29 -48.82 -57.13
C LYS Q 14 7.95 -49.30 -55.72
N GLY Q 15 8.20 -48.45 -54.72
CA GLY Q 15 7.89 -48.81 -53.35
C GLY Q 15 6.42 -49.18 -53.15
N ILE Q 16 5.53 -48.40 -53.76
CA ILE Q 16 4.10 -48.71 -53.66
C ILE Q 16 3.78 -49.98 -54.44
N ALA Q 17 4.43 -50.17 -55.59
CA ALA Q 17 4.17 -51.35 -56.40
C ALA Q 17 4.58 -52.64 -55.68
N ARG Q 18 5.53 -52.57 -54.75
CA ARG Q 18 5.94 -53.77 -54.04
C ARG Q 18 5.03 -54.13 -52.87
N ALA Q 19 4.16 -53.23 -52.41
CA ALA Q 19 3.39 -53.49 -51.20
C ALA Q 19 2.05 -54.16 -51.52
N LYS Q 20 1.43 -54.72 -50.49
CA LYS Q 20 0.15 -55.39 -50.63
C LYS Q 20 -0.96 -54.39 -51.00
N SER Q 21 -2.08 -54.93 -51.47
CA SER Q 21 -3.16 -54.13 -52.03
C SER Q 21 -4.30 -53.92 -51.03
N VAL Q 22 -5.03 -52.83 -51.24
CA VAL Q 22 -6.17 -52.42 -50.42
C VAL Q 22 -7.29 -52.00 -51.35
N VAL Q 23 -8.53 -52.30 -50.98
CA VAL Q 23 -9.71 -51.94 -51.74
C VAL Q 23 -10.72 -51.29 -50.80
N ALA Q 24 -11.38 -50.25 -51.29
CA ALA Q 24 -12.45 -49.57 -50.56
C ALA Q 24 -13.60 -49.37 -51.53
N LEU Q 25 -14.78 -49.88 -51.19
CA LEU Q 25 -15.91 -49.80 -52.10
C LEU Q 25 -17.18 -49.45 -51.35
N ALA Q 26 -18.03 -48.66 -51.99
CA ALA Q 26 -19.27 -48.22 -51.37
C ALA Q 26 -20.33 -49.30 -51.53
N TYR Q 27 -21.05 -49.59 -50.45
CA TYR Q 27 -22.13 -50.57 -50.47
C TYR Q 27 -23.34 -49.98 -49.74
N ALA Q 28 -24.43 -50.76 -49.72
CA ALA Q 28 -25.71 -50.25 -49.23
C ALA Q 28 -25.62 -49.74 -47.79
N GLY Q 29 -24.75 -50.33 -46.98
CA GLY Q 29 -24.62 -49.93 -45.59
C GLY Q 29 -23.52 -48.95 -45.30
N GLY Q 30 -22.83 -48.44 -46.32
CA GLY Q 30 -21.75 -47.50 -46.09
C GLY Q 30 -20.55 -47.73 -46.98
N VAL Q 31 -19.37 -47.89 -46.39
CA VAL Q 31 -18.15 -48.13 -47.16
C VAL Q 31 -17.41 -49.32 -46.55
N LEU Q 32 -16.84 -50.16 -47.41
CA LEU Q 32 -16.11 -51.34 -46.95
C LEU Q 32 -14.64 -51.20 -47.32
N PHE Q 33 -13.78 -51.45 -46.33
CA PHE Q 33 -12.34 -51.48 -46.47
C PHE Q 33 -11.85 -52.91 -46.30
N VAL Q 34 -11.17 -53.43 -47.30
CA VAL Q 34 -10.55 -54.76 -47.24
C VAL Q 34 -9.10 -54.62 -47.67
N ALA Q 35 -8.18 -55.12 -46.84
CA ALA Q 35 -6.76 -55.01 -47.14
C ALA Q 35 -6.05 -56.31 -46.82
N GLU Q 36 -5.13 -56.73 -47.71
CA GLU Q 36 -4.27 -57.86 -47.42
C GLU Q 36 -3.33 -57.50 -46.28
N ASN Q 37 -3.51 -58.15 -45.13
CA ASN Q 37 -2.71 -57.83 -43.94
C ASN Q 37 -2.58 -59.11 -43.12
N PRO Q 38 -1.42 -59.77 -43.17
CA PRO Q 38 -1.22 -60.97 -42.34
C PRO Q 38 -0.99 -60.66 -40.87
N SER Q 39 -0.57 -59.43 -40.54
CA SER Q 39 -0.24 -59.10 -39.15
C SER Q 39 -1.51 -59.16 -38.30
N ARG Q 40 -1.30 -59.18 -36.98
CA ARG Q 40 -2.40 -59.26 -36.03
C ARG Q 40 -2.52 -58.03 -35.14
N SER Q 41 -1.67 -57.01 -35.32
CA SER Q 41 -1.74 -55.84 -34.47
C SER Q 41 -1.30 -54.57 -35.20
N LEU Q 42 -0.73 -54.72 -36.40
CA LEU Q 42 -0.31 -53.58 -37.20
C LEU Q 42 -1.38 -53.27 -38.24
N GLN Q 43 -1.75 -52.00 -38.36
CA GLN Q 43 -2.98 -51.58 -39.00
C GLN Q 43 -2.71 -50.87 -40.32
N LYS Q 44 -3.56 -51.15 -41.31
CA LYS Q 44 -3.59 -50.39 -42.55
C LYS Q 44 -4.88 -49.59 -42.72
N ILE Q 45 -5.92 -49.90 -41.95
CA ILE Q 45 -7.18 -49.19 -41.96
C ILE Q 45 -7.45 -48.66 -40.57
N SER Q 46 -7.97 -47.44 -40.48
CA SER Q 46 -8.14 -46.79 -39.19
C SER Q 46 -9.29 -45.80 -39.27
N GLU Q 47 -9.83 -45.47 -38.11
CA GLU Q 47 -10.82 -44.41 -38.01
C GLU Q 47 -10.13 -43.06 -38.00
N LEU Q 48 -10.68 -42.10 -38.76
CA LEU Q 48 -10.24 -40.72 -38.72
C LEU Q 48 -11.19 -39.86 -37.89
N TYR Q 49 -12.47 -39.85 -38.25
CA TYR Q 49 -13.45 -39.09 -37.50
C TYR Q 49 -14.77 -39.83 -37.54
N ASP Q 50 -15.78 -39.26 -36.89
CA ASP Q 50 -17.09 -39.88 -36.71
C ASP Q 50 -17.54 -40.67 -37.94
N ARG Q 51 -17.58 -40.01 -39.10
CA ARG Q 51 -18.05 -40.63 -40.33
C ARG Q 51 -16.95 -40.70 -41.38
N VAL Q 52 -15.68 -40.60 -40.97
CA VAL Q 52 -14.57 -40.55 -41.92
C VAL Q 52 -13.58 -41.64 -41.57
N GLY Q 53 -13.25 -42.48 -42.56
CA GLY Q 53 -12.29 -43.55 -42.41
C GLY Q 53 -11.11 -43.38 -43.34
N PHE Q 54 -10.07 -44.17 -43.04
CA PHE Q 54 -8.74 -44.00 -43.63
C PHE Q 54 -8.18 -45.37 -43.99
N ALA Q 55 -7.64 -45.48 -45.20
CA ALA Q 55 -6.96 -46.71 -45.62
C ALA Q 55 -5.70 -46.33 -46.37
N ALA Q 56 -4.66 -47.15 -46.24
CA ALA Q 56 -3.38 -46.79 -46.82
C ALA Q 56 -2.64 -48.04 -47.28
N ALA Q 57 -1.79 -47.86 -48.29
CA ALA Q 57 -0.92 -48.93 -48.77
C ALA Q 57 0.49 -48.39 -48.97
N GLY Q 58 1.49 -49.20 -48.61
CA GLY Q 58 2.87 -48.80 -48.80
C GLY Q 58 3.75 -49.03 -47.58
N LYS Q 59 4.70 -48.14 -47.34
CA LYS Q 59 5.61 -48.29 -46.21
C LYS Q 59 4.89 -47.90 -44.93
N PHE Q 60 4.94 -48.79 -43.93
CA PHE Q 60 4.08 -48.64 -42.75
C PHE Q 60 4.36 -47.35 -41.98
N ASN Q 61 5.61 -47.13 -41.60
CA ASN Q 61 5.92 -45.97 -40.77
C ASN Q 61 5.46 -44.67 -41.44
N GLU Q 62 5.47 -44.63 -42.77
CA GLU Q 62 5.11 -43.42 -43.49
C GLU Q 62 3.61 -43.18 -43.51
N PHE Q 63 2.82 -44.17 -43.94
CA PHE Q 63 1.38 -43.96 -43.94
C PHE Q 63 0.80 -43.98 -42.54
N ASP Q 64 1.53 -44.51 -41.57
CA ASP Q 64 1.13 -44.38 -40.17
C ASP Q 64 1.37 -42.97 -39.67
N ASN Q 65 2.52 -42.39 -40.01
CA ASN Q 65 2.72 -40.95 -39.79
C ASN Q 65 1.57 -40.14 -40.37
N LEU Q 66 1.21 -40.42 -41.62
CA LEU Q 66 0.11 -39.68 -42.24
C LEU Q 66 -1.21 -39.94 -41.52
N ARG Q 67 -1.42 -41.18 -41.07
CA ARG Q 67 -2.62 -41.52 -40.32
C ARG Q 67 -2.74 -40.68 -39.06
N ARG Q 68 -1.67 -40.64 -38.27
CA ARG Q 68 -1.67 -39.85 -37.04
C ARG Q 68 -1.85 -38.37 -37.34
N GLY Q 69 -1.18 -37.87 -38.38
CA GLY Q 69 -1.35 -36.47 -38.76
C GLY Q 69 -2.78 -36.14 -39.14
N GLY Q 70 -3.44 -37.06 -39.84
CA GLY Q 70 -4.84 -36.85 -40.17
C GLY Q 70 -5.73 -36.84 -38.95
N ILE Q 71 -5.50 -37.78 -38.03
CA ILE Q 71 -6.27 -37.79 -36.79
C ILE Q 71 -6.08 -36.48 -36.04
N GLN Q 72 -4.83 -36.00 -35.95
CA GLN Q 72 -4.56 -34.71 -35.32
C GLN Q 72 -5.33 -33.59 -35.99
N PHE Q 73 -5.29 -33.53 -37.33
CA PHE Q 73 -5.99 -32.47 -38.04
C PHE Q 73 -7.48 -32.52 -37.74
N ALA Q 74 -8.08 -33.71 -37.82
CA ALA Q 74 -9.52 -33.85 -37.64
C ALA Q 74 -9.94 -33.46 -36.22
N ASP Q 75 -9.24 -34.00 -35.22
CA ASP Q 75 -9.59 -33.69 -33.84
C ASP Q 75 -9.40 -32.20 -33.53
N THR Q 76 -8.30 -31.61 -34.02
CA THR Q 76 -8.05 -30.19 -33.78
C THR Q 76 -9.13 -29.32 -34.42
N ARG Q 77 -9.51 -29.63 -35.66
CA ARG Q 77 -10.55 -28.86 -36.34
C ARG Q 77 -11.89 -29.03 -35.65
N GLY Q 78 -12.28 -30.27 -35.34
CA GLY Q 78 -13.53 -30.49 -34.64
C GLY Q 78 -13.60 -29.76 -33.32
N TYR Q 79 -12.46 -29.64 -32.63
CA TYR Q 79 -12.43 -28.87 -31.39
C TYR Q 79 -12.56 -27.38 -31.67
N ALA Q 80 -11.82 -26.87 -32.66
CA ALA Q 80 -11.81 -25.44 -32.93
C ALA Q 80 -13.18 -24.95 -33.41
N TYR Q 81 -13.89 -25.78 -34.18
CA TYR Q 81 -15.20 -25.40 -34.69
C TYR Q 81 -16.28 -26.32 -34.13
N ASP Q 82 -16.53 -27.45 -34.80
CA ASP Q 82 -17.52 -28.40 -34.33
C ASP Q 82 -17.35 -29.70 -35.09
N ARG Q 83 -17.84 -30.78 -34.50
CA ARG Q 83 -17.65 -32.10 -35.08
C ARG Q 83 -18.31 -32.22 -36.45
N ARG Q 84 -19.37 -31.45 -36.68
CA ARG Q 84 -20.06 -31.48 -37.96
C ARG Q 84 -19.33 -30.68 -39.04
N ASP Q 85 -18.33 -29.89 -38.67
CA ASP Q 85 -17.55 -29.15 -39.67
C ASP Q 85 -16.40 -29.97 -40.24
N VAL Q 86 -16.07 -31.12 -39.64
CA VAL Q 86 -15.02 -31.99 -40.15
C VAL Q 86 -15.62 -32.89 -41.23
N THR Q 87 -15.05 -32.84 -42.43
CA THR Q 87 -15.58 -33.58 -43.56
C THR Q 87 -14.48 -34.42 -44.22
N GLY Q 88 -14.92 -35.40 -45.00
CA GLY Q 88 -13.97 -36.22 -45.74
C GLY Q 88 -13.25 -35.42 -46.82
N ARG Q 89 -13.96 -34.47 -47.45
CA ARG Q 89 -13.31 -33.61 -48.44
C ARG Q 89 -12.16 -32.82 -47.82
N GLN Q 90 -12.36 -32.30 -46.61
CA GLN Q 90 -11.30 -31.56 -45.93
C GLN Q 90 -10.06 -32.43 -45.72
N LEU Q 91 -10.26 -33.62 -45.13
CA LEU Q 91 -9.14 -34.51 -44.86
C LEU Q 91 -8.42 -34.91 -46.14
N ALA Q 92 -9.17 -35.22 -47.20
CA ALA Q 92 -8.55 -35.53 -48.48
C ALA Q 92 -7.72 -34.36 -49.00
N ASN Q 93 -8.27 -33.15 -48.90
CA ASN Q 93 -7.54 -31.96 -49.35
C ASN Q 93 -6.24 -31.77 -48.59
N VAL Q 94 -6.29 -31.88 -47.26
CA VAL Q 94 -5.10 -31.69 -46.44
C VAL Q 94 -4.08 -32.80 -46.71
N TYR Q 95 -4.56 -34.02 -46.96
CA TYR Q 95 -3.62 -35.09 -47.31
C TYR Q 95 -2.94 -34.81 -48.64
N ALA Q 96 -3.68 -34.24 -49.60
CA ALA Q 96 -3.06 -33.86 -50.87
C ALA Q 96 -1.97 -32.82 -50.66
N GLN Q 97 -2.28 -31.77 -49.88
CA GLN Q 97 -1.29 -30.74 -49.59
C GLN Q 97 -0.05 -31.33 -48.92
N THR Q 98 -0.27 -32.14 -47.88
CA THR Q 98 0.83 -32.69 -47.11
C THR Q 98 1.71 -33.58 -47.96
N LEU Q 99 1.10 -34.53 -48.68
CA LEU Q 99 1.89 -35.43 -49.53
C LEU Q 99 2.60 -34.68 -50.65
N GLY Q 100 2.00 -33.59 -51.13
CA GLY Q 100 2.75 -32.74 -52.06
C GLY Q 100 4.01 -32.21 -51.42
N THR Q 101 3.90 -31.66 -50.21
CA THR Q 101 5.08 -31.13 -49.52
C THR Q 101 6.11 -32.22 -49.26
N ILE Q 102 5.68 -33.40 -48.80
CA ILE Q 102 6.60 -34.51 -48.57
C ILE Q 102 7.32 -34.90 -49.86
N PHE Q 103 6.55 -35.08 -50.93
CA PHE Q 103 7.12 -35.50 -52.21
C PHE Q 103 8.14 -34.50 -52.72
N THR Q 104 7.90 -33.22 -52.46
CA THR Q 104 8.76 -32.18 -53.01
C THR Q 104 9.98 -31.87 -52.13
N GLU Q 105 9.85 -31.96 -50.80
CA GLU Q 105 10.86 -31.39 -49.90
C GLU Q 105 11.51 -32.35 -48.92
N GLN Q 106 10.89 -33.49 -48.60
CA GLN Q 106 11.51 -34.35 -47.61
C GLN Q 106 12.68 -35.11 -48.22
N ALA Q 107 13.55 -35.62 -47.34
CA ALA Q 107 14.76 -36.32 -47.77
C ALA Q 107 14.43 -37.45 -48.74
N LYS Q 108 13.39 -38.22 -48.45
CA LYS Q 108 12.91 -39.27 -49.35
C LYS Q 108 11.40 -39.17 -49.47
N PRO Q 109 10.85 -39.27 -50.68
CA PRO Q 109 9.39 -39.21 -50.83
C PRO Q 109 8.73 -40.38 -50.11
N TYR Q 110 7.45 -40.20 -49.79
CA TYR Q 110 6.69 -41.22 -49.10
C TYR Q 110 6.18 -42.24 -50.10
N GLU Q 111 6.51 -43.52 -49.87
CA GLU Q 111 6.04 -44.62 -50.70
C GLU Q 111 4.69 -45.10 -50.15
N VAL Q 112 3.67 -44.24 -50.31
CA VAL Q 112 2.35 -44.48 -49.75
C VAL Q 112 1.28 -44.07 -50.74
N GLU Q 113 0.09 -44.66 -50.54
CA GLU Q 113 -1.11 -44.28 -51.27
C GLU Q 113 -2.28 -44.32 -50.29
N LEU Q 114 -3.12 -43.29 -50.35
CA LEU Q 114 -4.11 -43.02 -49.32
C LEU Q 114 -5.53 -43.04 -49.89
N CYS Q 115 -6.47 -43.45 -49.03
CA CYS Q 115 -7.90 -43.39 -49.32
C CYS Q 115 -8.62 -42.81 -48.11
N VAL Q 116 -9.39 -41.75 -48.34
CA VAL Q 116 -10.24 -41.14 -47.31
C VAL Q 116 -11.69 -41.35 -47.73
N ALA Q 117 -12.48 -41.99 -46.88
CA ALA Q 117 -13.86 -42.30 -47.21
C ALA Q 117 -14.80 -41.66 -46.20
N GLU Q 118 -15.97 -41.22 -46.68
CA GLU Q 118 -16.97 -40.59 -45.82
C GLU Q 118 -18.35 -41.14 -46.14
N VAL Q 119 -19.08 -41.51 -45.09
CA VAL Q 119 -20.48 -41.89 -45.21
C VAL Q 119 -21.35 -40.81 -44.58
N ALA Q 120 -22.65 -40.90 -44.83
CA ALA Q 120 -23.59 -39.91 -44.33
C ALA Q 120 -23.71 -40.02 -42.81
N HIS Q 121 -24.17 -38.93 -42.21
CA HIS Q 121 -24.48 -38.93 -40.79
C HIS Q 121 -25.76 -39.72 -40.54
N TYR Q 122 -25.92 -40.19 -39.30
CA TYR Q 122 -27.07 -41.01 -38.94
C TYR Q 122 -28.39 -40.32 -39.30
N GLY Q 123 -29.21 -41.01 -40.07
CA GLY Q 123 -30.50 -40.49 -40.48
C GLY Q 123 -30.50 -39.64 -41.74
N GLU Q 124 -29.32 -39.25 -42.23
CA GLU Q 124 -29.22 -38.48 -43.46
C GLU Q 124 -28.98 -39.42 -44.65
N THR Q 125 -29.53 -39.04 -45.80
CA THR Q 125 -29.37 -39.79 -47.05
C THR Q 125 -28.37 -39.05 -47.94
N LYS Q 126 -27.10 -39.46 -47.84
CA LYS Q 126 -26.02 -38.87 -48.62
C LYS Q 126 -25.16 -39.98 -49.21
N ARG Q 127 -24.81 -39.84 -50.48
CA ARG Q 127 -24.01 -40.85 -51.15
C ARG Q 127 -22.60 -40.88 -50.54
N PRO Q 128 -22.00 -42.05 -50.39
CA PRO Q 128 -20.64 -42.12 -49.85
C PRO Q 128 -19.65 -41.42 -50.76
N GLU Q 129 -18.51 -41.02 -50.17
CA GLU Q 129 -17.45 -40.35 -50.90
C GLU Q 129 -16.15 -41.13 -50.71
N LEU Q 130 -15.46 -41.35 -51.82
CA LEU Q 130 -14.17 -42.03 -51.83
C LEU Q 130 -13.13 -41.08 -52.41
N TYR Q 131 -12.03 -40.91 -51.69
CA TYR Q 131 -10.93 -40.06 -52.12
C TYR Q 131 -9.63 -40.86 -52.15
N ARG Q 132 -8.85 -40.60 -53.20
CA ARG Q 132 -7.58 -41.27 -53.44
C ARG Q 132 -6.50 -40.20 -53.55
N ILE Q 133 -5.50 -40.30 -52.68
CA ILE Q 133 -4.37 -39.38 -52.65
C ILE Q 133 -3.11 -40.17 -52.92
N THR Q 134 -2.31 -39.74 -53.89
CA THR Q 134 -1.15 -40.48 -54.33
C THR Q 134 0.14 -39.88 -53.76
N TYR Q 135 1.26 -40.57 -54.01
CA TYR Q 135 2.51 -40.26 -53.35
C TYR Q 135 2.98 -38.82 -53.60
N ASP Q 136 2.47 -38.18 -54.66
CA ASP Q 136 2.89 -36.84 -55.02
C ASP Q 136 1.84 -35.80 -54.69
N GLY Q 137 0.79 -36.17 -53.95
CA GLY Q 137 -0.27 -35.24 -53.61
C GLY Q 137 -1.39 -35.13 -54.62
N SER Q 138 -1.37 -35.92 -55.69
CA SER Q 138 -2.48 -35.92 -56.63
C SER Q 138 -3.70 -36.57 -55.99
N ILE Q 139 -4.86 -35.97 -56.19
CA ILE Q 139 -6.09 -36.36 -55.53
C ILE Q 139 -7.20 -36.56 -56.56
N ALA Q 140 -7.97 -37.63 -56.40
CA ALA Q 140 -9.13 -37.90 -57.23
C ALA Q 140 -10.23 -38.47 -56.36
N ASP Q 141 -11.48 -38.21 -56.73
CA ASP Q 141 -12.64 -38.63 -55.94
C ASP Q 141 -13.44 -39.64 -56.75
N GLU Q 142 -13.36 -40.90 -56.36
CA GLU Q 142 -14.03 -41.99 -57.07
C GLU Q 142 -15.42 -42.25 -56.47
N PRO Q 143 -16.37 -42.68 -57.30
CA PRO Q 143 -17.75 -42.81 -56.82
C PRO Q 143 -18.07 -44.21 -56.33
N HIS Q 144 -17.29 -45.21 -56.76
CA HIS Q 144 -17.61 -46.60 -56.49
C HIS Q 144 -16.56 -47.32 -55.68
N PHE Q 145 -15.30 -47.32 -56.12
CA PHE Q 145 -14.27 -48.05 -55.41
C PHE Q 145 -12.90 -47.43 -55.69
N VAL Q 146 -11.95 -47.75 -54.81
CA VAL Q 146 -10.56 -47.35 -54.91
C VAL Q 146 -9.69 -48.57 -54.62
N VAL Q 147 -8.66 -48.76 -55.43
CA VAL Q 147 -7.70 -49.84 -55.25
C VAL Q 147 -6.31 -49.22 -55.15
N MET Q 148 -5.52 -49.66 -54.17
CA MET Q 148 -4.21 -49.07 -53.93
C MET Q 148 -3.18 -50.16 -53.63
N GLY Q 149 -1.95 -49.94 -54.10
CA GLY Q 149 -0.84 -50.79 -53.74
C GLY Q 149 -0.68 -52.03 -54.59
N GLY Q 150 0.55 -52.47 -54.80
CA GLY Q 150 0.78 -53.66 -55.61
C GLY Q 150 0.41 -53.44 -57.06
N THR Q 151 0.02 -54.53 -57.71
CA THR Q 151 -0.44 -54.48 -59.09
C THR Q 151 -1.94 -54.20 -59.07
N THR Q 152 -2.31 -52.94 -59.34
CA THR Q 152 -3.68 -52.52 -59.13
C THR Q 152 -4.60 -52.90 -60.30
N GLU Q 153 -4.08 -52.87 -61.52
CA GLU Q 153 -4.90 -53.04 -62.72
C GLU Q 153 -5.79 -54.28 -62.69
N PRO Q 154 -5.29 -55.49 -62.38
CA PRO Q 154 -6.19 -56.65 -62.37
C PRO Q 154 -7.30 -56.52 -61.35
N ILE Q 155 -7.01 -55.93 -60.18
CA ILE Q 155 -8.03 -55.74 -59.15
C ILE Q 155 -9.06 -54.70 -59.61
N ALA Q 156 -8.58 -53.60 -60.19
CA ALA Q 156 -9.49 -52.57 -60.68
C ALA Q 156 -10.42 -53.12 -61.75
N ASN Q 157 -9.90 -53.92 -62.68
CA ASN Q 157 -10.76 -54.54 -63.68
C ASN Q 157 -11.73 -55.53 -63.05
N ALA Q 158 -11.22 -56.42 -62.19
CA ALA Q 158 -12.08 -57.38 -61.50
C ALA Q 158 -13.26 -56.68 -60.83
N LEU Q 159 -13.01 -55.57 -60.14
CA LEU Q 159 -14.10 -54.82 -59.53
C LEU Q 159 -14.98 -54.17 -60.60
N LYS Q 160 -14.36 -53.65 -61.67
CA LYS Q 160 -15.11 -52.98 -62.72
C LYS Q 160 -16.18 -53.89 -63.31
N GLU Q 161 -15.87 -55.18 -63.45
CA GLU Q 161 -16.84 -56.12 -64.00
C GLU Q 161 -17.81 -56.63 -62.94
N SER Q 162 -17.37 -56.77 -61.69
CA SER Q 162 -18.14 -57.48 -60.68
C SER Q 162 -18.79 -56.56 -59.64
N TYR Q 163 -18.66 -55.25 -59.76
CA TYR Q 163 -19.18 -54.35 -58.75
C TYR Q 163 -20.62 -53.97 -59.06
N ALA Q 164 -21.44 -53.91 -58.01
CA ALA Q 164 -22.82 -53.49 -58.12
C ALA Q 164 -23.16 -52.52 -57.00
N GLU Q 165 -23.89 -51.46 -57.33
CA GLU Q 165 -24.24 -50.45 -56.34
C GLU Q 165 -25.24 -51.01 -55.33
N ASN Q 166 -25.13 -50.52 -54.10
CA ASN Q 166 -26.05 -50.88 -53.01
C ASN Q 166 -26.05 -52.38 -52.73
N ALA Q 167 -24.90 -53.02 -52.92
CA ALA Q 167 -24.76 -54.43 -52.60
C ALA Q 167 -24.85 -54.67 -51.09
N SER Q 168 -25.16 -55.90 -50.72
CA SER Q 168 -25.14 -56.27 -49.31
C SER Q 168 -23.71 -56.29 -48.79
N LEU Q 169 -23.57 -56.30 -47.47
CA LEU Q 169 -22.25 -56.36 -46.87
C LEU Q 169 -21.51 -57.62 -47.31
N THR Q 170 -22.17 -58.77 -47.22
CA THR Q 170 -21.55 -60.02 -47.63
C THR Q 170 -21.21 -60.00 -49.11
N ASP Q 171 -22.12 -59.47 -49.94
CA ASP Q 171 -21.89 -59.41 -51.38
C ASP Q 171 -20.65 -58.57 -51.69
N ALA Q 172 -20.59 -57.38 -51.11
CA ALA Q 172 -19.46 -56.48 -51.33
C ALA Q 172 -18.17 -57.11 -50.84
N LEU Q 173 -18.23 -57.81 -49.71
CA LEU Q 173 -17.03 -58.47 -49.18
C LEU Q 173 -16.54 -59.54 -50.15
N ARG Q 174 -17.43 -60.44 -50.58
CA ARG Q 174 -17.04 -61.49 -51.51
C ARG Q 174 -16.43 -60.90 -52.78
N ILE Q 175 -17.08 -59.87 -53.33
CA ILE Q 175 -16.57 -59.24 -54.55
C ILE Q 175 -15.19 -58.63 -54.31
N ALA Q 176 -15.00 -58.00 -53.15
CA ALA Q 176 -13.73 -57.35 -52.84
C ALA Q 176 -12.60 -58.38 -52.69
N VAL Q 177 -12.82 -59.43 -51.90
CA VAL Q 177 -11.80 -60.46 -51.73
C VAL Q 177 -11.51 -61.15 -53.05
N ALA Q 178 -12.53 -61.34 -53.88
CA ALA Q 178 -12.33 -61.91 -55.20
C ALA Q 178 -11.40 -61.03 -56.04
N ALA Q 179 -11.69 -59.73 -56.10
CA ALA Q 179 -10.85 -58.83 -56.88
C ALA Q 179 -9.43 -58.77 -56.31
N LEU Q 180 -9.27 -58.89 -54.99
CA LEU Q 180 -7.95 -58.90 -54.40
C LEU Q 180 -7.17 -60.14 -54.81
N ARG Q 181 -7.84 -61.29 -54.88
CA ARG Q 181 -7.16 -62.53 -55.25
C ARG Q 181 -6.46 -62.41 -56.59
N ALA Q 182 -7.11 -61.80 -57.59
CA ALA Q 182 -6.53 -61.64 -58.92
C ALA Q 182 -5.47 -60.53 -58.91
N GLY Q 183 -4.39 -60.79 -58.18
CA GLY Q 183 -3.30 -59.83 -58.10
C GLY Q 183 -2.34 -60.11 -56.97
N THR Q 194 -5.29 -67.92 -50.59
CA THR Q 194 -6.71 -67.70 -50.85
C THR Q 194 -7.33 -66.80 -49.79
N LEU Q 195 -6.46 -66.04 -49.12
CA LEU Q 195 -6.84 -65.03 -48.14
C LEU Q 195 -7.52 -65.63 -46.92
N GLY Q 196 -8.69 -65.12 -46.58
CA GLY Q 196 -9.40 -65.53 -45.37
C GLY Q 196 -9.05 -64.67 -44.18
N VAL Q 197 -9.53 -65.08 -43.01
CA VAL Q 197 -9.42 -64.22 -41.84
C VAL Q 197 -7.97 -64.00 -41.43
N ALA Q 198 -7.09 -64.98 -41.67
CA ALA Q 198 -5.71 -64.86 -41.22
C ALA Q 198 -4.87 -63.97 -42.11
N SER Q 199 -5.34 -63.65 -43.33
CA SER Q 199 -4.62 -62.78 -44.24
C SER Q 199 -5.33 -61.47 -44.53
N LEU Q 200 -6.43 -61.17 -43.84
CA LEU Q 200 -7.23 -59.98 -44.14
C LEU Q 200 -7.37 -59.06 -42.95
N GLU Q 201 -7.42 -57.76 -43.25
CA GLU Q 201 -7.86 -56.74 -42.30
C GLU Q 201 -9.05 -56.04 -42.95
N VAL Q 202 -10.21 -56.13 -42.29
CA VAL Q 202 -11.47 -55.64 -42.84
C VAL Q 202 -12.12 -54.70 -41.85
N ALA Q 203 -12.60 -53.56 -42.34
CA ALA Q 203 -13.34 -52.62 -41.52
C ALA Q 203 -14.41 -51.98 -42.39
N VAL Q 204 -15.35 -51.30 -41.76
CA VAL Q 204 -16.48 -50.71 -42.48
C VAL Q 204 -16.85 -49.38 -41.84
N LEU Q 205 -17.19 -48.41 -42.68
CA LEU Q 205 -17.90 -47.19 -42.28
C LEU Q 205 -19.39 -47.50 -42.37
N ASP Q 206 -19.99 -47.72 -41.21
CA ASP Q 206 -21.37 -48.18 -41.07
C ASP Q 206 -22.28 -46.96 -40.92
N ALA Q 207 -22.95 -46.58 -42.01
CA ALA Q 207 -23.82 -45.41 -42.00
C ALA Q 207 -25.00 -45.53 -41.04
N ASN Q 208 -25.25 -46.72 -40.49
CA ASN Q 208 -26.39 -46.94 -39.61
C ASN Q 208 -26.00 -46.84 -38.13
N ARG Q 209 -24.83 -46.30 -37.83
CA ARG Q 209 -24.47 -46.14 -36.43
C ARG Q 209 -24.61 -44.69 -36.01
N PRO Q 210 -25.13 -44.43 -34.81
CA PRO Q 210 -25.52 -43.05 -34.46
C PRO Q 210 -24.40 -42.03 -34.54
N ARG Q 211 -23.23 -42.34 -33.98
CA ARG Q 211 -22.13 -41.38 -34.00
C ARG Q 211 -20.92 -41.91 -34.74
N ARG Q 212 -20.16 -42.81 -34.13
CA ARG Q 212 -18.92 -43.32 -34.73
C ARG Q 212 -19.26 -44.44 -35.71
N ALA Q 213 -19.04 -44.18 -37.00
CA ALA Q 213 -19.43 -45.13 -38.04
C ALA Q 213 -18.40 -46.24 -38.25
N PHE Q 214 -17.15 -46.02 -37.87
CA PHE Q 214 -16.10 -47.01 -38.11
C PHE Q 214 -16.27 -48.21 -37.19
N ARG Q 215 -16.16 -49.41 -37.76
CA ARG Q 215 -16.16 -50.64 -36.96
C ARG Q 215 -15.38 -51.72 -37.69
N ARG Q 216 -14.63 -52.50 -36.92
CA ARG Q 216 -13.83 -53.58 -37.49
C ARG Q 216 -14.63 -54.88 -37.51
N ILE Q 217 -14.35 -55.70 -38.51
CA ILE Q 217 -14.96 -57.02 -38.65
C ILE Q 217 -13.82 -58.03 -38.62
N THR Q 218 -13.70 -58.75 -37.50
CA THR Q 218 -12.56 -59.60 -37.25
C THR Q 218 -13.00 -60.96 -36.76
N GLY Q 219 -12.13 -61.95 -36.97
CA GLY Q 219 -12.30 -63.26 -36.36
C GLY Q 219 -13.59 -63.95 -36.78
N SER Q 220 -14.34 -64.43 -35.78
CA SER Q 220 -15.50 -65.27 -36.04
C SER Q 220 -16.54 -64.57 -36.92
N ALA Q 221 -16.78 -63.28 -36.66
CA ALA Q 221 -17.74 -62.53 -37.49
C ALA Q 221 -17.27 -62.49 -38.95
N LEU Q 222 -15.98 -62.23 -39.17
CA LEU Q 222 -15.47 -62.17 -40.54
C LEU Q 222 -15.56 -63.53 -41.21
N GLN Q 223 -15.19 -64.59 -40.49
CA GLN Q 223 -15.35 -65.95 -41.02
C GLN Q 223 -16.80 -66.22 -41.41
N ALA Q 224 -17.75 -65.76 -40.59
CA ALA Q 224 -19.16 -65.92 -40.94
C ALA Q 224 -19.49 -65.21 -42.25
N LEU Q 225 -19.06 -63.96 -42.41
CA LEU Q 225 -19.32 -63.24 -43.65
C LEU Q 225 -18.61 -63.86 -44.84
N LEU Q 226 -17.49 -64.55 -44.62
CA LEU Q 226 -16.75 -65.13 -45.75
C LEU Q 226 -17.38 -66.41 -46.25
N VAL Q 227 -17.98 -67.21 -45.35
CA VAL Q 227 -18.65 -68.43 -45.76
C VAL Q 227 -19.82 -68.11 -46.69
N ASP Q 228 -20.67 -67.17 -46.27
CA ASP Q 228 -21.77 -66.67 -47.08
C ASP Q 228 -22.72 -67.81 -47.49
N MET R 1 23.15 -22.30 -63.44
CA MET R 1 22.16 -21.24 -63.41
C MET R 1 21.22 -21.31 -64.62
N GLU R 2 21.80 -21.23 -65.82
CA GLU R 2 20.98 -21.25 -67.04
C GLU R 2 20.20 -22.55 -67.16
N GLN R 3 20.83 -23.68 -66.87
CA GLN R 3 20.16 -24.95 -67.03
C GLN R 3 19.19 -25.24 -65.89
N ALA R 4 19.46 -24.73 -64.69
CA ALA R 4 18.50 -24.91 -63.60
C ALA R 4 17.19 -24.21 -63.91
N MET R 5 17.26 -22.96 -64.37
CA MET R 5 16.06 -22.21 -64.73
C MET R 5 15.39 -22.80 -65.96
N ARG R 6 16.18 -23.24 -66.93
CA ARG R 6 15.64 -23.94 -68.09
C ARG R 6 14.83 -25.16 -67.66
N GLU R 7 15.39 -25.96 -66.75
CA GLU R 7 14.74 -27.19 -66.31
C GLU R 7 13.48 -26.91 -65.52
N ARG R 8 13.55 -25.92 -64.61
CA ARG R 8 12.36 -25.53 -63.84
C ARG R 8 11.24 -25.08 -64.77
N SER R 9 11.56 -24.16 -65.69
CA SER R 9 10.57 -23.66 -66.64
C SER R 9 9.97 -24.80 -67.46
N GLU R 10 10.79 -25.77 -67.87
CA GLU R 10 10.27 -26.87 -68.68
C GLU R 10 9.37 -27.79 -67.88
N LEU R 11 9.79 -28.13 -66.65
CA LEU R 11 8.93 -28.93 -65.78
C LEU R 11 7.57 -28.28 -65.61
N ALA R 12 7.56 -26.97 -65.32
CA ALA R 12 6.30 -26.27 -65.13
C ALA R 12 5.44 -26.28 -66.40
N ARG R 13 6.06 -25.95 -67.55
CA ARG R 13 5.29 -25.87 -68.78
C ARG R 13 4.69 -27.22 -69.17
N LYS R 14 5.47 -28.29 -69.04
CA LYS R 14 4.93 -29.63 -69.30
C LYS R 14 3.82 -29.96 -68.32
N GLY R 15 4.01 -29.64 -67.04
CA GLY R 15 2.96 -29.89 -66.06
C GLY R 15 1.65 -29.21 -66.39
N ILE R 16 1.71 -27.96 -66.83
CA ILE R 16 0.48 -27.23 -67.18
C ILE R 16 -0.12 -27.79 -68.47
N ALA R 17 0.72 -28.12 -69.45
CA ALA R 17 0.23 -28.64 -70.71
C ALA R 17 -0.46 -30.00 -70.56
N ARG R 18 -0.22 -30.70 -69.45
CA ARG R 18 -0.78 -32.02 -69.22
C ARG R 18 -2.11 -31.98 -68.47
N ALA R 19 -2.55 -30.81 -68.03
CA ALA R 19 -3.73 -30.69 -67.19
C ALA R 19 -4.92 -30.18 -68.00
N LYS R 20 -6.11 -30.31 -67.40
CA LYS R 20 -7.35 -29.91 -68.06
C LYS R 20 -7.36 -28.39 -68.26
N SER R 21 -8.24 -27.93 -69.16
CA SER R 21 -8.26 -26.55 -69.57
C SER R 21 -9.37 -25.77 -68.88
N VAL R 22 -9.14 -24.47 -68.71
CA VAL R 22 -10.08 -23.55 -68.09
C VAL R 22 -10.15 -22.30 -68.96
N VAL R 23 -11.34 -21.73 -69.09
CA VAL R 23 -11.56 -20.52 -69.85
C VAL R 23 -12.41 -19.57 -69.01
N ALA R 24 -12.08 -18.29 -69.05
CA ALA R 24 -12.84 -17.24 -68.38
C ALA R 24 -13.01 -16.08 -69.35
N LEU R 25 -14.25 -15.69 -69.61
CA LEU R 25 -14.48 -14.62 -70.58
C LEU R 25 -15.54 -13.66 -70.05
N ALA R 26 -15.35 -12.39 -70.37
CA ALA R 26 -16.24 -11.34 -69.91
C ALA R 26 -17.49 -11.27 -70.78
N TYR R 27 -18.65 -11.19 -70.14
CA TYR R 27 -19.92 -11.08 -70.84
C TYR R 27 -20.75 -9.98 -70.19
N ALA R 28 -21.94 -9.74 -70.77
CA ALA R 28 -22.75 -8.59 -70.39
C ALA R 28 -23.07 -8.56 -68.90
N GLY R 29 -23.18 -9.72 -68.27
CA GLY R 29 -23.52 -9.80 -66.86
C GLY R 29 -22.35 -9.92 -65.91
N GLY R 30 -21.12 -9.86 -66.40
CA GLY R 30 -19.96 -9.98 -65.54
C GLY R 30 -18.88 -10.83 -66.17
N VAL R 31 -18.42 -11.86 -65.45
CA VAL R 31 -17.37 -12.74 -65.96
C VAL R 31 -17.83 -14.18 -65.81
N LEU R 32 -17.54 -15.00 -66.83
CA LEU R 32 -17.94 -16.40 -66.85
C LEU R 32 -16.72 -17.30 -66.78
N PHE R 33 -16.75 -18.25 -65.86
CA PHE R 33 -15.73 -19.26 -65.68
C PHE R 33 -16.30 -20.62 -66.08
N VAL R 34 -15.64 -21.26 -67.04
CA VAL R 34 -16.00 -22.61 -67.47
C VAL R 34 -14.73 -23.44 -67.46
N ALA R 35 -14.77 -24.59 -66.78
CA ALA R 35 -13.60 -25.44 -66.65
C ALA R 35 -13.97 -26.90 -66.82
N GLU R 36 -13.15 -27.64 -67.57
CA GLU R 36 -13.29 -29.08 -67.61
C GLU R 36 -12.97 -29.63 -66.22
N ASN R 37 -13.97 -30.18 -65.54
CA ASN R 37 -13.80 -30.65 -64.17
C ASN R 37 -14.74 -31.83 -63.96
N PRO R 38 -14.21 -33.06 -63.97
CA PRO R 38 -15.07 -34.22 -63.73
C PRO R 38 -15.46 -34.39 -62.27
N SER R 39 -14.71 -33.78 -61.35
CA SER R 39 -14.93 -34.00 -59.92
C SER R 39 -16.28 -33.46 -59.46
N ARG R 40 -16.87 -34.16 -58.49
CA ARG R 40 -18.03 -33.64 -57.80
C ARG R 40 -17.65 -32.53 -56.82
N SER R 41 -16.53 -32.71 -56.10
CA SER R 41 -16.22 -31.91 -54.93
C SER R 41 -14.92 -31.10 -55.03
N LEU R 42 -14.10 -31.32 -56.05
CA LEU R 42 -12.87 -30.56 -56.22
C LEU R 42 -13.09 -29.41 -57.18
N GLN R 43 -12.59 -28.24 -56.83
CA GLN R 43 -12.91 -27.00 -57.55
C GLN R 43 -11.66 -26.34 -58.10
N LYS R 44 -11.77 -25.89 -59.36
CA LYS R 44 -10.72 -25.12 -60.01
C LYS R 44 -11.06 -23.63 -60.07
N ILE R 45 -12.31 -23.27 -59.80
CA ILE R 45 -12.77 -21.90 -59.77
C ILE R 45 -13.33 -21.60 -58.39
N SER R 46 -13.03 -20.40 -57.87
CA SER R 46 -13.39 -20.07 -56.50
C SER R 46 -13.58 -18.58 -56.36
N GLU R 47 -14.28 -18.21 -55.29
CA GLU R 47 -14.41 -16.81 -54.90
C GLU R 47 -13.17 -16.37 -54.14
N LEU R 48 -12.68 -15.17 -54.47
CA LEU R 48 -11.60 -14.54 -53.71
C LEU R 48 -12.13 -13.47 -52.77
N TYR R 49 -12.85 -12.49 -53.30
CA TYR R 49 -13.43 -11.44 -52.48
C TYR R 49 -14.75 -11.03 -53.12
N ASP R 50 -15.42 -10.06 -52.48
CA ASP R 50 -16.76 -9.63 -52.88
C ASP R 50 -16.97 -9.60 -54.39
N ARG R 51 -16.10 -8.90 -55.11
CA ARG R 51 -16.22 -8.78 -56.56
C ARG R 51 -15.03 -9.39 -57.31
N VAL R 52 -14.28 -10.28 -56.67
CA VAL R 52 -13.07 -10.84 -57.26
C VAL R 52 -13.15 -12.36 -57.24
N GLY R 53 -12.98 -12.98 -58.41
CA GLY R 53 -13.01 -14.42 -58.56
C GLY R 53 -11.69 -14.96 -59.08
N PHE R 54 -11.56 -16.29 -58.99
CA PHE R 54 -10.30 -16.99 -59.17
C PHE R 54 -10.51 -18.27 -59.98
N ALA R 55 -9.64 -18.51 -60.95
CA ALA R 55 -9.65 -19.74 -61.72
C ALA R 55 -8.23 -20.23 -61.92
N ALA R 56 -8.05 -21.55 -61.96
CA ALA R 56 -6.70 -22.09 -62.01
C ALA R 56 -6.65 -23.36 -62.84
N ALA R 57 -5.47 -23.64 -63.40
CA ALA R 57 -5.21 -24.87 -64.14
C ALA R 57 -3.87 -25.45 -63.70
N GLY R 58 -3.81 -26.77 -63.59
CA GLY R 58 -2.57 -27.43 -63.23
C GLY R 58 -2.71 -28.46 -62.13
N LYS R 59 -1.68 -28.58 -61.29
CA LYS R 59 -1.72 -29.53 -60.18
C LYS R 59 -2.59 -28.99 -59.06
N PHE R 60 -3.54 -29.81 -58.59
CA PHE R 60 -4.58 -29.31 -57.71
C PHE R 60 -4.02 -28.76 -56.40
N ASN R 61 -3.23 -29.55 -55.68
CA ASN R 61 -2.77 -29.12 -54.36
C ASN R 61 -2.01 -27.80 -54.44
N GLU R 62 -1.31 -27.56 -55.54
CA GLU R 62 -0.50 -26.35 -55.66
C GLU R 62 -1.35 -25.12 -55.93
N PHE R 63 -2.22 -25.16 -56.95
CA PHE R 63 -3.04 -23.99 -57.20
C PHE R 63 -4.10 -23.80 -56.12
N ASP R 64 -4.40 -24.84 -55.35
CA ASP R 64 -5.25 -24.68 -54.18
C ASP R 64 -4.50 -23.97 -53.06
N ASN R 65 -3.23 -24.33 -52.84
CA ASN R 65 -2.38 -23.54 -51.96
C ASN R 65 -2.40 -22.07 -52.37
N LEU R 66 -2.23 -21.80 -53.66
CA LEU R 66 -2.24 -20.41 -54.12
C LEU R 66 -3.61 -19.77 -53.89
N ARG R 67 -4.68 -20.54 -54.08
CA ARG R 67 -6.03 -20.03 -53.84
C ARG R 67 -6.21 -19.60 -52.38
N ARG R 68 -5.84 -20.48 -51.45
CA ARG R 68 -5.95 -20.15 -50.03
C ARG R 68 -5.09 -18.96 -49.68
N GLY R 69 -3.88 -18.88 -50.23
CA GLY R 69 -3.05 -17.72 -50.00
C GLY R 69 -3.71 -16.44 -50.49
N GLY R 70 -4.39 -16.51 -51.64
CA GLY R 70 -5.09 -15.35 -52.14
C GLY R 70 -6.26 -14.94 -51.28
N ILE R 71 -7.05 -15.91 -50.81
CA ILE R 71 -8.16 -15.60 -49.91
C ILE R 71 -7.64 -14.99 -48.62
N GLN R 72 -6.57 -15.55 -48.07
CA GLN R 72 -5.96 -15.02 -46.86
C GLN R 72 -5.50 -13.58 -47.06
N PHE R 73 -4.79 -13.33 -48.16
CA PHE R 73 -4.34 -11.98 -48.46
C PHE R 73 -5.51 -11.02 -48.57
N ALA R 74 -6.55 -11.41 -49.33
CA ALA R 74 -7.67 -10.51 -49.56
C ALA R 74 -8.40 -10.20 -48.25
N ASP R 75 -8.72 -11.23 -47.47
CA ASP R 75 -9.43 -11.01 -46.21
C ASP R 75 -8.62 -10.14 -45.26
N THR R 76 -7.31 -10.39 -45.18
CA THR R 76 -6.45 -9.57 -44.32
C THR R 76 -6.44 -8.12 -44.76
N ARG R 77 -6.36 -7.89 -46.08
CA ARG R 77 -6.33 -6.52 -46.59
C ARG R 77 -7.66 -5.81 -46.34
N GLY R 78 -8.77 -6.52 -46.53
CA GLY R 78 -10.07 -5.94 -46.23
C GLY R 78 -10.24 -5.62 -44.76
N TYR R 79 -9.66 -6.43 -43.88
CA TYR R 79 -9.72 -6.12 -42.45
C TYR R 79 -8.86 -4.92 -42.10
N ALA R 80 -7.62 -4.89 -42.61
CA ALA R 80 -6.69 -3.82 -42.25
C ALA R 80 -7.15 -2.47 -42.78
N TYR R 81 -7.79 -2.45 -43.95
CA TYR R 81 -8.26 -1.20 -44.54
C TYR R 81 -9.78 -1.19 -44.70
N ASP R 82 -10.27 -1.70 -45.81
CA ASP R 82 -11.71 -1.78 -46.06
C ASP R 82 -11.95 -2.68 -47.24
N ARG R 83 -13.18 -3.19 -47.32
CA ARG R 83 -13.53 -4.15 -48.36
C ARG R 83 -13.41 -3.54 -49.74
N ARG R 84 -13.55 -2.21 -49.85
CA ARG R 84 -13.48 -1.54 -51.14
C ARG R 84 -12.06 -1.34 -51.62
N ASP R 85 -11.06 -1.45 -50.74
CA ASP R 85 -9.68 -1.32 -51.18
C ASP R 85 -9.12 -2.60 -51.78
N VAL R 86 -9.83 -3.72 -51.66
CA VAL R 86 -9.39 -4.98 -52.24
C VAL R 86 -9.79 -4.99 -53.72
N THR R 87 -8.80 -5.13 -54.60
CA THR R 87 -9.03 -5.06 -56.04
C THR R 87 -8.43 -6.28 -56.71
N GLY R 88 -8.91 -6.55 -57.93
CA GLY R 88 -8.35 -7.65 -58.70
C GLY R 88 -6.91 -7.42 -59.09
N ARG R 89 -6.56 -6.15 -59.38
CA ARG R 89 -5.16 -5.81 -59.65
C ARG R 89 -4.26 -6.22 -58.50
N GLN R 90 -4.72 -6.04 -57.26
CA GLN R 90 -3.91 -6.40 -56.10
C GLN R 90 -3.66 -7.91 -56.05
N LEU R 91 -4.73 -8.70 -56.13
CA LEU R 91 -4.58 -10.15 -56.06
C LEU R 91 -3.70 -10.66 -57.21
N ALA R 92 -3.91 -10.14 -58.42
CA ALA R 92 -3.05 -10.52 -59.54
C ALA R 92 -1.59 -10.16 -59.27
N ASN R 93 -1.35 -8.97 -58.73
CA ASN R 93 0.02 -8.54 -58.43
C ASN R 93 0.68 -9.46 -57.41
N VAL R 94 -0.02 -9.76 -56.33
CA VAL R 94 0.54 -10.63 -55.29
C VAL R 94 0.74 -12.04 -55.83
N TYR R 95 -0.14 -12.50 -56.71
CA TYR R 95 0.07 -13.81 -57.32
C TYR R 95 1.32 -13.81 -58.20
N ALA R 96 1.56 -12.71 -58.91
CA ALA R 96 2.79 -12.60 -59.70
C ALA R 96 4.03 -12.65 -58.81
N GLN R 97 4.04 -11.87 -57.74
CA GLN R 97 5.16 -11.87 -56.80
C GLN R 97 5.38 -13.26 -56.22
N THR R 98 4.30 -13.88 -55.73
CA THR R 98 4.40 -15.18 -55.08
C THR R 98 4.90 -16.24 -56.06
N LEU R 99 4.28 -16.33 -57.24
CA LEU R 99 4.70 -17.34 -58.20
C LEU R 99 6.12 -17.10 -58.69
N GLY R 100 6.56 -15.85 -58.76
CA GLY R 100 7.96 -15.59 -59.04
C GLY R 100 8.86 -16.19 -57.97
N THR R 101 8.58 -15.90 -56.70
CA THR R 101 9.40 -16.44 -55.62
C THR R 101 9.37 -17.97 -55.60
N ILE R 102 8.18 -18.56 -55.75
CA ILE R 102 8.06 -20.02 -55.78
C ILE R 102 8.90 -20.59 -56.92
N PHE R 103 8.75 -20.02 -58.11
CA PHE R 103 9.45 -20.53 -59.28
C PHE R 103 10.97 -20.45 -59.09
N THR R 104 11.44 -19.41 -58.42
CA THR R 104 12.87 -19.18 -58.28
C THR R 104 13.49 -19.94 -57.10
N GLU R 105 12.76 -20.13 -56.00
CA GLU R 105 13.34 -20.58 -54.75
C GLU R 105 12.75 -21.85 -54.18
N GLN R 106 11.57 -22.28 -54.61
CA GLN R 106 10.97 -23.48 -54.05
C GLN R 106 11.68 -24.72 -54.55
N ALA R 107 11.54 -25.82 -53.81
CA ALA R 107 12.20 -27.06 -54.20
C ALA R 107 11.78 -27.50 -55.60
N LYS R 108 10.48 -27.40 -55.90
CA LYS R 108 9.97 -27.69 -57.23
C LYS R 108 9.02 -26.55 -57.60
N PRO R 109 9.11 -26.01 -58.81
CA PRO R 109 8.20 -24.93 -59.20
C PRO R 109 6.76 -25.42 -59.24
N TYR R 110 5.84 -24.47 -59.16
CA TYR R 110 4.41 -24.78 -59.20
C TYR R 110 3.94 -24.94 -60.63
N GLU R 111 3.32 -26.08 -60.92
CA GLU R 111 2.76 -26.36 -62.24
C GLU R 111 1.32 -25.83 -62.31
N VAL R 112 1.22 -24.50 -62.32
CA VAL R 112 -0.08 -23.83 -62.23
C VAL R 112 -0.14 -22.65 -63.18
N GLU R 113 -1.38 -22.27 -63.53
CA GLU R 113 -1.68 -21.06 -64.28
C GLU R 113 -2.94 -20.46 -63.67
N LEU R 114 -2.93 -19.15 -63.41
CA LEU R 114 -3.97 -18.51 -62.63
C LEU R 114 -4.65 -17.40 -63.43
N CYS R 115 -5.93 -17.19 -63.12
CA CYS R 115 -6.71 -16.07 -63.65
C CYS R 115 -7.46 -15.42 -62.49
N VAL R 116 -7.28 -14.13 -62.32
CA VAL R 116 -8.00 -13.33 -61.34
C VAL R 116 -8.90 -12.37 -62.08
N ALA R 117 -10.20 -12.42 -61.80
CA ALA R 117 -11.18 -11.60 -62.51
C ALA R 117 -11.90 -10.70 -61.54
N GLU R 118 -12.25 -9.49 -62.00
CA GLU R 118 -12.99 -8.55 -61.18
C GLU R 118 -14.10 -7.91 -61.99
N VAL R 119 -15.29 -7.87 -61.41
CA VAL R 119 -16.43 -7.17 -61.99
C VAL R 119 -16.71 -5.92 -61.16
N ALA R 120 -17.53 -5.04 -61.70
CA ALA R 120 -17.83 -3.79 -61.01
C ALA R 120 -18.66 -4.05 -59.75
N HIS R 121 -18.63 -3.08 -58.85
CA HIS R 121 -19.48 -3.13 -57.68
C HIS R 121 -20.92 -2.85 -58.09
N TYR R 122 -21.87 -3.29 -57.25
CA TYR R 122 -23.27 -3.10 -57.57
C TYR R 122 -23.59 -1.64 -57.83
N GLY R 123 -24.16 -1.37 -59.00
CA GLY R 123 -24.50 -0.02 -59.41
C GLY R 123 -23.37 0.71 -60.10
N GLU R 124 -22.13 0.46 -59.68
CA GLU R 124 -20.98 1.03 -60.36
C GLU R 124 -20.89 0.50 -61.79
N THR R 125 -20.35 1.34 -62.68
CA THR R 125 -20.24 1.01 -64.10
C THR R 125 -18.75 0.91 -64.45
N LYS R 126 -18.26 -0.33 -64.59
CA LYS R 126 -16.83 -0.55 -64.79
C LYS R 126 -16.64 -1.82 -65.62
N ARG R 127 -15.85 -1.70 -66.68
CA ARG R 127 -15.57 -2.84 -67.54
C ARG R 127 -14.83 -3.92 -66.74
N PRO R 128 -15.17 -5.20 -66.92
CA PRO R 128 -14.51 -6.26 -66.17
C PRO R 128 -13.00 -6.29 -66.42
N GLU R 129 -12.29 -6.90 -65.48
CA GLU R 129 -10.84 -7.07 -65.57
C GLU R 129 -10.49 -8.54 -65.50
N LEU R 130 -9.65 -9.00 -66.41
CA LEU R 130 -9.16 -10.37 -66.45
C LEU R 130 -7.64 -10.36 -66.36
N TYR R 131 -7.09 -11.14 -65.44
CA TYR R 131 -5.66 -11.26 -65.24
C TYR R 131 -5.21 -12.72 -65.34
N ARG R 132 -4.07 -12.92 -65.99
CA ARG R 132 -3.47 -14.22 -66.19
C ARG R 132 -2.05 -14.19 -65.64
N ILE R 133 -1.75 -15.08 -64.69
CA ILE R 133 -0.43 -15.19 -64.08
C ILE R 133 0.10 -16.59 -64.36
N THR R 134 1.33 -16.68 -64.87
CA THR R 134 1.92 -17.95 -65.24
C THR R 134 2.94 -18.42 -64.18
N TYR R 135 3.45 -19.63 -64.39
CA TYR R 135 4.21 -20.35 -63.37
C TYR R 135 5.47 -19.61 -62.92
N ASP R 136 5.97 -18.66 -63.70
CA ASP R 136 7.21 -17.97 -63.37
C ASP R 136 6.98 -16.56 -62.87
N GLY R 137 5.74 -16.21 -62.55
CA GLY R 137 5.42 -14.88 -62.08
C GLY R 137 5.10 -13.89 -63.18
N SER R 138 5.10 -14.31 -64.44
CA SER R 138 4.69 -13.42 -65.51
C SER R 138 3.20 -13.13 -65.42
N ILE R 139 2.85 -11.86 -65.61
CA ILE R 139 1.48 -11.40 -65.43
C ILE R 139 1.06 -10.67 -66.69
N ALA R 140 -0.17 -10.93 -67.14
CA ALA R 140 -0.72 -10.28 -68.31
C ALA R 140 -2.17 -9.92 -68.04
N ASP R 141 -2.60 -8.84 -68.67
CA ASP R 141 -3.90 -8.22 -68.44
C ASP R 141 -4.70 -8.38 -69.73
N GLU R 142 -5.68 -9.36 -69.73
CA GLU R 142 -6.44 -9.65 -70.93
C GLU R 142 -7.74 -8.86 -70.95
N PRO R 143 -8.20 -8.45 -72.15
CA PRO R 143 -9.36 -7.57 -72.22
C PRO R 143 -10.67 -8.32 -72.44
N HIS R 144 -10.61 -9.51 -73.03
CA HIS R 144 -11.80 -10.25 -73.44
C HIS R 144 -11.89 -11.63 -72.82
N PHE R 145 -10.85 -12.45 -72.92
CA PHE R 145 -10.92 -13.82 -72.44
C PHE R 145 -9.54 -14.30 -72.01
N VAL R 146 -9.54 -15.35 -71.19
CA VAL R 146 -8.33 -16.00 -70.69
C VAL R 146 -8.51 -17.50 -70.84
N VAL R 147 -7.47 -18.16 -71.35
CA VAL R 147 -7.43 -19.61 -71.49
C VAL R 147 -6.19 -20.13 -70.78
N MET R 148 -6.35 -21.18 -69.99
CA MET R 148 -5.25 -21.74 -69.21
C MET R 148 -5.31 -23.26 -69.24
N GLY R 149 -4.13 -23.89 -69.26
CA GLY R 149 -4.05 -25.33 -69.11
C GLY R 149 -4.27 -26.11 -70.39
N GLY R 150 -3.59 -27.25 -70.50
CA GLY R 150 -3.72 -28.09 -71.67
C GLY R 150 -3.18 -27.40 -72.92
N THR R 151 -3.72 -27.81 -74.06
CA THR R 151 -3.35 -27.22 -75.35
C THR R 151 -4.26 -26.03 -75.61
N THR R 152 -3.73 -24.83 -75.42
CA THR R 152 -4.57 -23.64 -75.44
C THR R 152 -4.85 -23.15 -76.85
N GLU R 153 -3.83 -23.16 -77.73
CA GLU R 153 -3.93 -22.58 -79.07
C GLU R 153 -5.25 -22.84 -79.78
N PRO R 154 -5.78 -24.07 -79.86
CA PRO R 154 -7.08 -24.23 -80.53
C PRO R 154 -8.21 -23.54 -79.80
N ILE R 155 -8.21 -23.54 -78.46
CA ILE R 155 -9.27 -22.89 -77.69
C ILE R 155 -9.19 -21.37 -77.86
N ALA R 156 -7.98 -20.82 -77.75
CA ALA R 156 -7.80 -19.39 -77.94
C ALA R 156 -8.24 -18.97 -79.34
N ASN R 157 -7.89 -19.77 -80.35
CA ASN R 157 -8.32 -19.47 -81.72
C ASN R 157 -9.83 -19.52 -81.83
N ALA R 158 -10.44 -20.59 -81.32
CA ALA R 158 -11.90 -20.70 -81.31
C ALA R 158 -12.57 -19.47 -80.71
N LEU R 159 -12.04 -18.98 -79.59
CA LEU R 159 -12.62 -17.77 -78.98
C LEU R 159 -12.37 -16.54 -79.84
N LYS R 160 -11.18 -16.45 -80.46
CA LYS R 160 -10.83 -15.25 -81.22
C LYS R 160 -11.79 -14.98 -82.36
N GLU R 161 -12.36 -16.03 -82.95
CA GLU R 161 -13.23 -15.90 -84.11
C GLU R 161 -14.69 -16.21 -83.80
N SER R 162 -15.06 -16.22 -82.52
CA SER R 162 -16.43 -16.49 -82.13
C SER R 162 -16.89 -15.68 -80.93
N TYR R 163 -16.03 -14.87 -80.33
CA TYR R 163 -16.39 -14.08 -79.16
C TYR R 163 -16.88 -12.70 -79.56
N ALA R 164 -17.89 -12.21 -78.85
CA ALA R 164 -18.41 -10.87 -79.04
C ALA R 164 -18.64 -10.25 -77.67
N GLU R 165 -18.42 -8.95 -77.59
CA GLU R 165 -18.61 -8.26 -76.31
C GLU R 165 -20.09 -8.23 -75.94
N ASN R 166 -20.36 -8.34 -74.64
CA ASN R 166 -21.69 -8.17 -74.07
C ASN R 166 -22.67 -9.26 -74.51
N ALA R 167 -22.17 -10.48 -74.71
CA ALA R 167 -23.02 -11.60 -75.05
C ALA R 167 -23.95 -11.96 -73.88
N SER R 168 -25.03 -12.66 -74.21
CA SER R 168 -25.90 -13.17 -73.17
C SER R 168 -25.21 -14.29 -72.41
N LEU R 169 -25.77 -14.64 -71.25
CA LEU R 169 -25.19 -15.73 -70.45
C LEU R 169 -25.19 -17.03 -71.24
N THR R 170 -26.33 -17.39 -71.84
CA THR R 170 -26.40 -18.61 -72.63
C THR R 170 -25.44 -18.56 -73.81
N ASP R 171 -25.39 -17.42 -74.51
CA ASP R 171 -24.48 -17.29 -75.65
C ASP R 171 -23.04 -17.45 -75.22
N ALA R 172 -22.65 -16.73 -74.16
CA ALA R 172 -21.27 -16.82 -73.68
C ALA R 172 -20.92 -18.23 -73.24
N LEU R 173 -21.84 -18.91 -72.56
CA LEU R 173 -21.59 -20.29 -72.14
C LEU R 173 -21.41 -21.20 -73.34
N ARG R 174 -22.34 -21.13 -74.31
CA ARG R 174 -22.22 -21.97 -75.49
C ARG R 174 -20.92 -21.73 -76.24
N ILE R 175 -20.52 -20.47 -76.36
CA ILE R 175 -19.24 -20.14 -76.98
C ILE R 175 -18.08 -20.75 -76.18
N ALA R 176 -18.19 -20.72 -74.85
CA ALA R 176 -17.12 -21.23 -74.01
C ALA R 176 -16.97 -22.74 -74.16
N VAL R 177 -18.07 -23.48 -74.07
CA VAL R 177 -18.01 -24.93 -74.22
C VAL R 177 -17.57 -25.30 -75.64
N ALA R 178 -17.99 -24.51 -76.63
CA ALA R 178 -17.54 -24.73 -78.00
C ALA R 178 -16.03 -24.60 -78.10
N ALA R 179 -15.48 -23.51 -77.56
CA ALA R 179 -14.03 -23.32 -77.61
C ALA R 179 -13.31 -24.42 -76.83
N LEU R 180 -13.90 -24.91 -75.74
CA LEU R 180 -13.28 -26.00 -75.00
C LEU R 180 -13.23 -27.28 -75.83
N ARG R 181 -14.28 -27.55 -76.63
CA ARG R 181 -14.28 -28.75 -77.46
C ARG R 181 -13.07 -28.81 -78.38
N ALA R 182 -12.67 -27.67 -78.94
CA ALA R 182 -11.49 -27.62 -79.80
C ALA R 182 -10.23 -27.87 -78.99
N GLY R 183 -10.02 -29.11 -78.55
CA GLY R 183 -8.86 -29.45 -77.75
C GLY R 183 -9.17 -30.46 -76.66
N THR R 194 -17.34 -34.75 -74.43
CA THR R 194 -18.77 -34.51 -74.58
C THR R 194 -19.14 -33.13 -74.08
N LEU R 195 -18.57 -32.76 -72.93
CA LEU R 195 -18.70 -31.42 -72.36
C LEU R 195 -20.14 -31.10 -71.98
N GLY R 196 -20.74 -32.01 -71.20
CA GLY R 196 -22.02 -31.78 -70.57
C GLY R 196 -21.86 -31.33 -69.13
N VAL R 197 -22.99 -31.32 -68.41
CA VAL R 197 -22.97 -30.83 -67.03
C VAL R 197 -22.12 -31.74 -66.14
N ALA R 198 -21.99 -33.02 -66.49
CA ALA R 198 -21.25 -33.94 -65.65
C ALA R 198 -19.74 -33.77 -65.78
N SER R 199 -19.27 -33.11 -66.82
CA SER R 199 -17.84 -32.87 -67.02
C SER R 199 -17.47 -31.39 -66.93
N LEU R 200 -18.38 -30.53 -66.49
CA LEU R 200 -18.14 -29.09 -66.45
C LEU R 200 -18.26 -28.55 -65.03
N GLU R 201 -17.45 -27.53 -64.75
CA GLU R 201 -17.61 -26.70 -63.56
C GLU R 201 -17.76 -25.27 -64.04
N VAL R 202 -18.89 -24.66 -63.72
CA VAL R 202 -19.25 -23.33 -64.22
C VAL R 202 -19.54 -22.43 -63.04
N ALA R 203 -18.98 -21.21 -63.08
CA ALA R 203 -19.29 -20.21 -62.07
C ALA R 203 -19.26 -18.86 -62.75
N VAL R 204 -19.82 -17.86 -62.08
CA VAL R 204 -19.96 -16.53 -62.67
C VAL R 204 -19.75 -15.48 -61.60
N LEU R 205 -19.05 -14.40 -61.97
CA LEU R 205 -19.05 -13.16 -61.21
C LEU R 205 -20.15 -12.27 -61.78
N ASP R 206 -21.25 -12.17 -61.04
CA ASP R 206 -22.48 -11.52 -61.46
C ASP R 206 -22.48 -10.07 -61.00
N ALA R 207 -22.22 -9.14 -61.91
CA ALA R 207 -22.19 -7.71 -61.58
C ALA R 207 -23.52 -7.18 -61.07
N ASN R 208 -24.59 -7.98 -61.15
CA ASN R 208 -25.93 -7.54 -60.77
C ASN R 208 -26.27 -7.87 -59.32
N ARG R 209 -25.35 -8.56 -58.58
CA ARG R 209 -25.61 -8.91 -57.20
C ARG R 209 -25.17 -7.78 -56.27
N PRO R 210 -25.87 -7.61 -55.13
CA PRO R 210 -25.55 -6.45 -54.26
C PRO R 210 -24.17 -6.53 -53.62
N ARG R 211 -23.79 -7.67 -53.03
CA ARG R 211 -22.47 -7.73 -52.40
C ARG R 211 -21.58 -8.80 -53.03
N ARG R 212 -21.82 -10.07 -52.71
CA ARG R 212 -20.97 -11.16 -53.18
C ARG R 212 -21.39 -11.59 -54.57
N ALA R 213 -20.55 -11.31 -55.57
CA ALA R 213 -20.87 -11.55 -56.97
C ALA R 213 -20.64 -13.00 -57.40
N PHE R 214 -19.82 -13.75 -56.66
CA PHE R 214 -19.53 -15.13 -57.08
C PHE R 214 -20.75 -16.02 -56.89
N ARG R 215 -21.07 -16.79 -57.92
CA ARG R 215 -22.27 -17.63 -57.91
C ARG R 215 -22.04 -18.81 -58.83
N ARG R 216 -22.32 -20.02 -58.35
CA ARG R 216 -22.11 -21.23 -59.12
C ARG R 216 -23.38 -21.61 -59.87
N ILE R 217 -23.19 -22.23 -61.03
CA ILE R 217 -24.29 -22.72 -61.86
C ILE R 217 -24.10 -24.23 -61.97
N THR R 218 -24.94 -24.98 -61.26
CA THR R 218 -24.74 -26.41 -61.09
C THR R 218 -26.03 -27.18 -61.34
N GLY R 219 -25.86 -28.44 -61.71
CA GLY R 219 -26.97 -29.39 -61.78
C GLY R 219 -28.04 -28.98 -62.77
N SER R 220 -29.30 -29.01 -62.31
CA SER R 220 -30.44 -28.79 -63.19
C SER R 220 -30.36 -27.43 -63.87
N ALA R 221 -29.94 -26.39 -63.13
CA ALA R 221 -29.83 -25.06 -63.71
C ALA R 221 -28.82 -25.04 -64.86
N LEU R 222 -27.65 -25.65 -64.66
CA LEU R 222 -26.65 -25.66 -65.70
C LEU R 222 -27.12 -26.47 -66.90
N GLN R 223 -27.71 -27.64 -66.66
CA GLN R 223 -28.30 -28.43 -67.73
C GLN R 223 -29.31 -27.62 -68.54
N ALA R 224 -30.14 -26.82 -67.84
CA ALA R 224 -31.07 -25.95 -68.53
C ALA R 224 -30.34 -24.92 -69.40
N LEU R 225 -29.30 -24.29 -68.85
CA LEU R 225 -28.53 -23.31 -69.63
C LEU R 225 -27.83 -23.93 -70.83
N LEU R 226 -27.50 -25.22 -70.79
CA LEU R 226 -26.77 -25.80 -71.92
C LEU R 226 -27.68 -26.09 -73.11
N VAL R 227 -28.91 -26.55 -72.86
CA VAL R 227 -29.84 -26.81 -73.95
C VAL R 227 -30.77 -25.63 -74.15
N MET S 1 33.00 -20.17 -60.35
CA MET S 1 32.59 -18.78 -60.24
C MET S 1 32.87 -18.00 -61.52
N GLU S 2 33.95 -18.37 -62.23
CA GLU S 2 34.24 -17.74 -63.50
C GLU S 2 33.08 -17.86 -64.48
N GLN S 3 32.29 -18.94 -64.36
CA GLN S 3 31.17 -19.20 -65.26
C GLN S 3 29.82 -19.00 -64.60
N ALA S 4 29.73 -19.13 -63.28
CA ALA S 4 28.45 -18.89 -62.61
C ALA S 4 28.04 -17.43 -62.75
N MET S 5 28.99 -16.50 -62.52
CA MET S 5 28.69 -15.09 -62.67
C MET S 5 28.45 -14.71 -64.13
N ARG S 6 29.16 -15.37 -65.05
CA ARG S 6 28.91 -15.15 -66.47
C ARG S 6 27.49 -15.58 -66.84
N GLU S 7 27.07 -16.76 -66.35
CA GLU S 7 25.71 -17.24 -66.61
C GLU S 7 24.68 -16.29 -66.02
N ARG S 8 24.89 -15.83 -64.80
CA ARG S 8 23.95 -14.88 -64.18
C ARG S 8 23.84 -13.61 -65.01
N SER S 9 24.99 -12.99 -65.32
CA SER S 9 24.97 -11.77 -66.12
C SER S 9 24.27 -11.99 -67.45
N GLU S 10 24.46 -13.16 -68.05
CA GLU S 10 23.82 -13.44 -69.33
C GLU S 10 22.33 -13.61 -69.18
N LEU S 11 21.89 -14.35 -68.16
CA LEU S 11 20.46 -14.53 -67.90
C LEU S 11 19.77 -13.18 -67.73
N ALA S 12 20.36 -12.31 -66.91
CA ALA S 12 19.76 -10.98 -66.70
C ALA S 12 19.74 -10.18 -68.00
N ARG S 13 20.88 -10.10 -68.68
CA ARG S 13 20.97 -9.28 -69.89
C ARG S 13 19.96 -9.75 -70.95
N LYS S 14 19.92 -11.06 -71.20
CA LYS S 14 18.96 -11.62 -72.14
C LYS S 14 17.53 -11.34 -71.69
N GLY S 15 17.25 -11.48 -70.41
CA GLY S 15 15.91 -11.18 -69.90
C GLY S 15 15.49 -9.75 -70.20
N ILE S 16 16.41 -8.79 -70.03
CA ILE S 16 16.08 -7.41 -70.30
C ILE S 16 15.90 -7.18 -71.80
N ALA S 17 16.76 -7.79 -72.62
CA ALA S 17 16.69 -7.59 -74.06
C ALA S 17 15.39 -8.11 -74.66
N ARG S 18 14.84 -9.18 -74.11
CA ARG S 18 13.62 -9.76 -74.66
C ARG S 18 12.37 -8.99 -74.29
N ALA S 19 12.48 -7.90 -73.54
CA ALA S 19 11.33 -7.16 -73.05
C ALA S 19 11.19 -5.83 -73.78
N LYS S 20 10.01 -5.23 -73.64
CA LYS S 20 9.70 -3.97 -74.30
C LYS S 20 10.56 -2.84 -73.74
N SER S 21 10.59 -1.74 -74.48
CA SER S 21 11.52 -0.64 -74.20
C SER S 21 10.85 0.50 -73.44
N VAL S 22 11.67 1.24 -72.70
CA VAL S 22 11.26 2.39 -71.91
C VAL S 22 12.26 3.51 -72.14
N VAL S 23 11.77 4.74 -72.19
CA VAL S 23 12.59 5.94 -72.40
C VAL S 23 12.23 6.97 -71.35
N ALA S 24 13.24 7.66 -70.83
CA ALA S 24 13.05 8.78 -69.92
C ALA S 24 13.97 9.90 -70.35
N LEU S 25 13.42 11.07 -70.65
CA LEU S 25 14.25 12.16 -71.15
C LEU S 25 13.84 13.47 -70.49
N ALA S 26 14.84 14.33 -70.27
CA ALA S 26 14.61 15.62 -69.63
C ALA S 26 14.11 16.62 -70.67
N TYR S 27 13.06 17.36 -70.31
CA TYR S 27 12.50 18.38 -71.19
C TYR S 27 12.29 19.65 -70.39
N ALA S 28 11.82 20.70 -71.08
CA ALA S 28 11.76 22.04 -70.49
C ALA S 28 10.96 22.08 -69.19
N GLY S 29 9.95 21.23 -69.06
CA GLY S 29 9.11 21.21 -67.88
C GLY S 29 9.48 20.18 -66.84
N GLY S 30 10.57 19.44 -67.02
CA GLY S 30 10.94 18.42 -66.06
C GLY S 30 11.46 17.15 -66.71
N VAL S 31 10.86 16.01 -66.39
CA VAL S 31 11.29 14.72 -66.95
C VAL S 31 10.08 13.99 -67.51
N LEU S 32 10.28 13.34 -68.66
CA LEU S 32 9.22 12.61 -69.35
C LEU S 32 9.55 11.13 -69.38
N PHE S 33 8.57 10.32 -68.98
CA PHE S 33 8.65 8.86 -69.01
C PHE S 33 7.67 8.36 -70.06
N VAL S 34 8.18 7.61 -71.04
CA VAL S 34 7.36 6.95 -72.04
C VAL S 34 7.78 5.49 -72.12
N ALA S 35 6.82 4.58 -71.98
CA ALA S 35 7.13 3.16 -71.98
C ALA S 35 6.11 2.42 -72.82
N GLU S 36 6.57 1.51 -73.68
CA GLU S 36 5.65 0.65 -74.41
C GLU S 36 4.99 -0.29 -73.41
N ASN S 37 3.69 -0.15 -73.24
CA ASN S 37 2.96 -0.90 -72.23
C ASN S 37 1.53 -1.17 -72.72
N PRO S 38 1.22 -2.40 -73.10
CA PRO S 38 -0.15 -2.71 -73.53
C PRO S 38 -1.14 -2.78 -72.38
N SER S 39 -0.68 -2.98 -71.15
CA SER S 39 -1.59 -3.15 -70.02
C SER S 39 -2.38 -1.89 -69.74
N ARG S 40 -3.60 -2.07 -69.24
CA ARG S 40 -4.44 -0.96 -68.81
C ARG S 40 -4.13 -0.51 -67.39
N SER S 41 -3.52 -1.38 -66.59
CA SER S 41 -3.39 -1.15 -65.15
C SER S 41 -2.07 -1.61 -64.55
N LEU S 42 -1.21 -2.30 -65.29
CA LEU S 42 0.07 -2.75 -64.78
C LEU S 42 1.13 -1.74 -65.19
N GLN S 43 1.76 -1.12 -64.20
CA GLN S 43 2.58 0.07 -64.40
C GLN S 43 4.07 -0.27 -64.42
N LYS S 44 4.79 0.39 -65.32
CA LYS S 44 6.25 0.35 -65.35
C LYS S 44 6.88 1.64 -64.88
N ILE S 45 6.11 2.71 -64.74
CA ILE S 45 6.58 4.00 -64.26
C ILE S 45 5.80 4.36 -63.00
N SER S 46 6.49 4.93 -62.04
CA SER S 46 5.90 5.16 -60.73
C SER S 46 6.51 6.38 -60.06
N GLU S 47 5.76 6.91 -59.10
CA GLU S 47 6.27 7.94 -58.21
C GLU S 47 7.09 7.27 -57.10
N LEU S 48 8.24 7.85 -56.78
CA LEU S 48 9.02 7.42 -55.62
C LEU S 48 8.85 8.38 -54.45
N TYR S 49 9.15 9.66 -54.66
CA TYR S 49 8.99 10.66 -53.63
C TYR S 49 8.60 11.96 -54.30
N ASP S 50 8.43 13.01 -53.48
CA ASP S 50 7.94 14.31 -53.94
C ASP S 50 8.45 14.70 -55.31
N ARG S 51 9.78 14.69 -55.49
CA ARG S 51 10.40 15.10 -56.75
C ARG S 51 11.16 13.97 -57.41
N VAL S 52 10.91 12.71 -57.05
CA VAL S 52 11.68 11.57 -57.53
C VAL S 52 10.74 10.55 -58.15
N GLY S 53 11.02 10.17 -59.41
CA GLY S 53 10.25 9.18 -60.12
C GLY S 53 11.10 7.98 -60.53
N PHE S 54 10.41 6.92 -60.95
CA PHE S 54 11.00 5.60 -61.12
C PHE S 54 10.48 5.00 -62.43
N ALA S 55 11.38 4.44 -63.22
CA ALA S 55 11.01 3.74 -64.44
C ALA S 55 11.81 2.45 -64.52
N ALA S 56 11.22 1.41 -65.09
CA ALA S 56 11.85 0.10 -65.09
C ALA S 56 11.55 -0.65 -66.37
N ALA S 57 12.44 -1.56 -66.72
CA ALA S 57 12.26 -2.47 -67.84
C ALA S 57 12.66 -3.86 -67.41
N GLY S 58 11.92 -4.86 -67.86
CA GLY S 58 12.26 -6.23 -67.54
C GLY S 58 11.10 -7.07 -67.03
N LYS S 59 11.39 -7.97 -66.09
CA LYS S 59 10.37 -8.83 -65.52
C LYS S 59 9.55 -8.07 -64.49
N PHE S 60 8.21 -8.13 -64.64
CA PHE S 60 7.34 -7.22 -63.88
C PHE S 60 7.48 -7.41 -62.38
N ASN S 61 7.27 -8.63 -61.88
CA ASN S 61 7.27 -8.86 -60.44
C ASN S 61 8.58 -8.42 -59.80
N GLU S 62 9.69 -8.51 -60.53
CA GLU S 62 10.98 -8.17 -59.95
C GLU S 62 11.17 -6.66 -59.84
N PHE S 63 10.96 -5.92 -60.93
CA PHE S 63 11.11 -4.48 -60.83
C PHE S 63 9.97 -3.85 -60.03
N ASP S 64 8.86 -4.56 -59.86
CA ASP S 64 7.82 -4.11 -58.95
C ASP S 64 8.24 -4.29 -57.50
N ASN S 65 8.84 -5.44 -57.19
CA ASN S 65 9.49 -5.61 -55.90
C ASN S 65 10.46 -4.46 -55.62
N LEU S 66 11.32 -4.16 -56.59
CA LEU S 66 12.27 -3.08 -56.41
C LEU S 66 11.57 -1.73 -56.24
N ARG S 67 10.49 -1.53 -56.99
CA ARG S 67 9.73 -0.29 -56.87
C ARG S 67 9.18 -0.12 -55.46
N ARG S 68 8.53 -1.16 -54.94
CA ARG S 68 7.97 -1.12 -53.59
C ARG S 68 9.06 -0.91 -52.56
N GLY S 69 10.20 -1.59 -52.72
CA GLY S 69 11.30 -1.38 -51.79
C GLY S 69 11.82 0.04 -51.83
N GLY S 70 11.88 0.64 -53.02
CA GLY S 70 12.30 2.02 -53.12
C GLY S 70 11.34 2.99 -52.46
N ILE S 71 10.04 2.79 -52.65
CA ILE S 71 9.05 3.61 -51.97
C ILE S 71 9.19 3.48 -50.46
N GLN S 72 9.38 2.24 -49.99
CA GLN S 72 9.60 2.00 -48.57
C GLN S 72 10.81 2.79 -48.06
N PHE S 73 11.94 2.67 -48.77
CA PHE S 73 13.14 3.40 -48.37
C PHE S 73 12.90 4.90 -48.31
N ALA S 74 12.28 5.45 -49.36
CA ALA S 74 12.09 6.89 -49.43
C ALA S 74 11.19 7.39 -48.30
N ASP S 75 10.04 6.75 -48.12
CA ASP S 75 9.12 7.18 -47.06
C ASP S 75 9.77 7.06 -45.69
N THR S 76 10.51 5.97 -45.47
CA THR S 76 11.20 5.78 -44.18
C THR S 76 12.23 6.88 -43.94
N ARG S 77 13.03 7.22 -44.95
CA ARG S 77 14.04 8.25 -44.76
C ARG S 77 13.39 9.61 -44.55
N GLY S 78 12.30 9.89 -45.24
CA GLY S 78 11.60 11.15 -45.03
C GLY S 78 10.99 11.25 -43.65
N TYR S 79 10.51 10.13 -43.11
CA TYR S 79 9.97 10.12 -41.76
C TYR S 79 11.06 10.29 -40.72
N ALA S 80 12.17 9.54 -40.87
CA ALA S 80 13.24 9.57 -39.88
C ALA S 80 13.93 10.92 -39.82
N TYR S 81 14.07 11.59 -40.95
CA TYR S 81 14.75 12.88 -41.00
C TYR S 81 13.79 13.99 -41.46
N ASP S 82 13.66 14.16 -42.77
CA ASP S 82 12.77 15.16 -43.33
C ASP S 82 12.61 14.88 -44.81
N ARG S 83 11.49 15.36 -45.37
CA ARG S 83 11.19 15.09 -46.77
C ARG S 83 12.24 15.71 -47.69
N ARG S 84 12.82 16.84 -47.28
CA ARG S 84 13.82 17.53 -48.08
C ARG S 84 15.17 16.82 -48.11
N ASP S 85 15.37 15.80 -47.26
CA ASP S 85 16.61 15.05 -47.27
C ASP S 85 16.59 13.87 -48.23
N VAL S 86 15.43 13.54 -48.78
CA VAL S 86 15.33 12.44 -49.75
C VAL S 86 15.70 12.99 -51.13
N THR S 87 16.71 12.38 -51.74
CA THR S 87 17.23 12.84 -53.02
C THR S 87 17.28 11.67 -54.00
N GLY S 88 17.35 12.00 -55.29
CA GLY S 88 17.49 10.96 -56.30
C GLY S 88 18.80 10.22 -56.20
N ARG S 89 19.89 10.92 -55.84
CA ARG S 89 21.17 10.26 -55.65
C ARG S 89 21.06 9.16 -54.60
N GLN S 90 20.29 9.41 -53.54
CA GLN S 90 20.11 8.41 -52.49
C GLN S 90 19.41 7.17 -53.03
N LEU S 91 18.27 7.35 -53.69
CA LEU S 91 17.53 6.21 -54.23
C LEU S 91 18.37 5.44 -55.23
N ALA S 92 19.10 6.15 -56.09
CA ALA S 92 20.00 5.47 -57.02
C ALA S 92 21.04 4.65 -56.28
N ASN S 93 21.61 5.21 -55.21
CA ASN S 93 22.63 4.49 -54.44
C ASN S 93 22.05 3.22 -53.81
N VAL S 94 20.90 3.33 -53.15
CA VAL S 94 20.34 2.15 -52.51
C VAL S 94 19.94 1.12 -53.56
N TYR S 95 19.50 1.58 -54.74
CA TYR S 95 19.19 0.63 -55.81
C TYR S 95 20.45 -0.07 -56.31
N ALA S 96 21.58 0.64 -56.38
CA ALA S 96 22.83 0.01 -56.78
C ALA S 96 23.24 -1.07 -55.76
N GLN S 97 23.20 -0.72 -54.48
CA GLN S 97 23.52 -1.69 -53.43
C GLN S 97 22.60 -2.91 -53.51
N THR S 98 21.30 -2.66 -53.60
CA THR S 98 20.31 -3.73 -53.58
C THR S 98 20.48 -4.66 -54.76
N LEU S 99 20.57 -4.09 -55.97
CA LEU S 99 20.73 -4.93 -57.15
C LEU S 99 22.07 -5.66 -57.16
N GLY S 100 23.11 -5.07 -56.57
CA GLY S 100 24.36 -5.81 -56.40
C GLY S 100 24.17 -7.04 -55.54
N THR S 101 23.56 -6.87 -54.35
CA THR S 101 23.35 -8.00 -53.46
C THR S 101 22.47 -9.06 -54.12
N ILE S 102 21.39 -8.64 -54.78
CA ILE S 102 20.52 -9.58 -55.49
C ILE S 102 21.32 -10.36 -56.54
N PHE S 103 22.10 -9.63 -57.34
CA PHE S 103 22.83 -10.25 -58.44
C PHE S 103 23.83 -11.28 -57.93
N THR S 104 24.47 -11.02 -56.78
CA THR S 104 25.47 -11.97 -56.30
C THR S 104 24.89 -13.10 -55.46
N GLU S 105 23.81 -12.86 -54.72
CA GLU S 105 23.38 -13.78 -53.67
C GLU S 105 21.97 -14.34 -53.84
N GLN S 106 21.12 -13.73 -54.66
CA GLN S 106 19.79 -14.27 -54.79
C GLN S 106 19.83 -15.54 -55.63
N ALA S 107 18.79 -16.38 -55.46
CA ALA S 107 18.73 -17.64 -56.19
C ALA S 107 18.84 -17.43 -57.68
N LYS S 108 18.17 -16.41 -58.20
CA LYS S 108 18.21 -16.00 -59.58
C LYS S 108 18.38 -14.49 -59.66
N PRO S 109 19.27 -14.00 -60.52
CA PRO S 109 19.44 -12.55 -60.66
C PRO S 109 18.17 -11.89 -61.20
N TYR S 110 18.04 -10.60 -60.94
CA TYR S 110 16.88 -9.84 -61.38
C TYR S 110 17.05 -9.37 -62.82
N GLU S 111 16.09 -9.70 -63.66
CA GLU S 111 16.08 -9.25 -65.06
C GLU S 111 15.39 -7.89 -65.15
N VAL S 112 16.07 -6.87 -64.62
CA VAL S 112 15.51 -5.53 -64.53
C VAL S 112 16.57 -4.50 -64.89
N GLU S 113 16.09 -3.33 -65.30
CA GLU S 113 16.92 -2.15 -65.49
C GLU S 113 16.11 -0.96 -65.00
N LEU S 114 16.76 -0.09 -64.23
CA LEU S 114 16.08 0.95 -63.47
C LEU S 114 16.57 2.33 -63.88
N CYS S 115 15.66 3.29 -63.80
CA CYS S 115 15.96 4.71 -63.99
C CYS S 115 15.29 5.47 -62.84
N VAL S 116 16.10 6.25 -62.12
CA VAL S 116 15.62 7.13 -61.06
C VAL S 116 15.83 8.56 -61.53
N ALA S 117 14.74 9.34 -61.55
CA ALA S 117 14.79 10.70 -62.08
C ALA S 117 14.39 11.69 -60.99
N GLU S 118 15.04 12.85 -60.99
CA GLU S 118 14.71 13.89 -60.01
C GLU S 118 14.67 15.24 -60.69
N VAL S 119 13.62 16.00 -60.42
CA VAL S 119 13.52 17.38 -60.88
C VAL S 119 13.68 18.30 -59.67
N ALA S 120 13.88 19.58 -59.95
CA ALA S 120 14.09 20.55 -58.89
C ALA S 120 12.81 20.77 -58.10
N HIS S 121 12.97 21.24 -56.86
CA HIS S 121 11.83 21.62 -56.05
C HIS S 121 11.22 22.91 -56.60
N TYR S 122 9.95 23.12 -56.25
CA TYR S 122 9.20 24.28 -56.75
C TYR S 122 9.94 25.58 -56.46
N GLY S 123 10.19 26.35 -57.52
CA GLY S 123 10.85 27.63 -57.39
C GLY S 123 12.37 27.59 -57.40
N GLU S 124 12.97 26.42 -57.53
CA GLU S 124 14.42 26.29 -57.51
C GLU S 124 14.94 26.01 -58.91
N THR S 125 16.02 26.70 -59.28
CA THR S 125 16.65 26.55 -60.58
C THR S 125 17.73 25.47 -60.47
N LYS S 126 17.48 24.33 -61.14
CA LYS S 126 18.38 23.19 -61.05
C LYS S 126 18.02 22.16 -62.12
N ARG S 127 19.02 21.71 -62.88
CA ARG S 127 18.76 20.84 -64.02
C ARG S 127 18.36 19.44 -63.54
N PRO S 128 17.45 18.76 -64.25
CA PRO S 128 17.03 17.41 -63.83
C PRO S 128 18.20 16.45 -63.75
N GLU S 129 18.01 15.39 -62.98
CA GLU S 129 19.02 14.35 -62.78
C GLU S 129 18.45 13.01 -63.18
N LEU S 130 19.21 12.26 -63.98
CA LEU S 130 18.82 10.93 -64.42
C LEU S 130 19.87 9.92 -63.99
N TYR S 131 19.43 8.84 -63.35
CA TYR S 131 20.29 7.77 -62.90
C TYR S 131 19.85 6.45 -63.51
N ARG S 132 20.82 5.64 -63.90
CA ARG S 132 20.60 4.36 -64.57
C ARG S 132 21.26 3.27 -63.74
N ILE S 133 20.47 2.29 -63.30
CA ILE S 133 20.96 1.17 -62.50
C ILE S 133 20.69 -0.12 -63.27
N THR S 134 21.72 -0.94 -63.44
CA THR S 134 21.60 -2.17 -64.20
C THR S 134 21.51 -3.39 -63.28
N TYR S 135 21.29 -4.54 -63.90
CA TYR S 135 20.95 -5.77 -63.17
C TYR S 135 22.03 -6.18 -62.17
N ASP S 136 23.26 -5.69 -62.31
CA ASP S 136 24.37 -6.08 -61.46
C ASP S 136 24.73 -5.00 -60.45
N GLY S 137 23.91 -3.96 -60.31
CA GLY S 137 24.20 -2.88 -59.40
C GLY S 137 25.05 -1.77 -59.97
N SER S 138 25.40 -1.84 -61.25
CA SER S 138 26.15 -0.75 -61.88
C SER S 138 25.26 0.48 -61.98
N ILE S 139 25.82 1.62 -61.65
CA ILE S 139 25.08 2.88 -61.58
C ILE S 139 25.81 3.89 -62.44
N ALA S 140 25.04 4.64 -63.23
CA ALA S 140 25.59 5.67 -64.09
C ALA S 140 24.69 6.89 -64.03
N ASP S 141 25.28 8.06 -64.27
CA ASP S 141 24.62 9.34 -64.14
C ASP S 141 24.51 9.91 -65.55
N GLU S 142 23.25 9.80 -66.15
CA GLU S 142 23.05 10.23 -67.53
C GLU S 142 22.59 11.69 -67.59
N PRO S 143 23.01 12.44 -68.60
CA PRO S 143 22.75 13.89 -68.60
C PRO S 143 21.49 14.31 -69.36
N HIS S 144 21.08 13.53 -70.34
CA HIS S 144 20.00 13.93 -71.24
C HIS S 144 18.85 12.94 -71.28
N PHE S 145 19.14 11.66 -71.51
CA PHE S 145 18.09 10.66 -71.64
C PHE S 145 18.63 9.31 -71.19
N VAL S 146 17.69 8.41 -70.89
CA VAL S 146 17.98 7.04 -70.51
C VAL S 146 17.03 6.14 -71.29
N VAL S 147 17.58 5.08 -71.88
CA VAL S 147 16.80 4.09 -72.62
C VAL S 147 17.08 2.73 -71.99
N MET S 148 16.02 1.95 -71.76
CA MET S 148 16.18 0.67 -71.09
C MET S 148 15.29 -0.37 -71.76
N GLY S 149 15.79 -1.59 -71.83
CA GLY S 149 14.98 -2.70 -72.31
C GLY S 149 14.99 -2.82 -73.82
N GLY S 150 14.91 -4.06 -74.29
CA GLY S 150 14.92 -4.32 -75.71
C GLY S 150 16.26 -3.99 -76.34
N THR S 151 16.20 -3.65 -77.63
CA THR S 151 17.38 -3.24 -78.39
C THR S 151 17.53 -1.73 -78.25
N THR S 152 18.47 -1.31 -77.40
CA THR S 152 18.56 0.10 -77.02
C THR S 152 19.29 0.94 -78.06
N GLU S 153 20.17 0.32 -78.86
CA GLU S 153 20.99 1.09 -79.79
C GLU S 153 20.19 1.98 -80.74
N PRO S 154 19.14 1.50 -81.42
CA PRO S 154 18.39 2.39 -82.32
C PRO S 154 17.72 3.55 -81.59
N ILE S 155 17.21 3.30 -80.39
CA ILE S 155 16.54 4.35 -79.62
C ILE S 155 17.55 5.39 -79.16
N ALA S 156 18.69 4.94 -78.63
CA ALA S 156 19.74 5.86 -78.20
C ALA S 156 20.24 6.70 -79.36
N ASN S 157 20.44 6.08 -80.54
CA ASN S 157 20.88 6.85 -81.69
C ASN S 157 19.82 7.87 -82.12
N ALA S 158 18.57 7.41 -82.24
CA ALA S 158 17.47 8.30 -82.58
C ALA S 158 17.40 9.51 -81.64
N LEU S 159 17.56 9.29 -80.34
CA LEU S 159 17.53 10.40 -79.40
C LEU S 159 18.78 11.28 -79.53
N LYS S 160 19.95 10.67 -79.77
CA LYS S 160 21.21 11.40 -79.64
C LYS S 160 21.30 12.56 -80.63
N GLU S 161 20.84 12.35 -81.86
CA GLU S 161 20.66 13.44 -82.81
C GLU S 161 19.18 13.79 -82.85
N SER S 162 18.89 15.09 -83.00
CA SER S 162 17.54 15.65 -82.93
C SER S 162 16.98 15.47 -81.52
N TYR S 163 17.62 16.10 -80.54
CA TYR S 163 17.17 16.13 -79.16
C TYR S 163 17.20 17.57 -78.67
N ALA S 164 16.23 17.94 -77.84
CA ALA S 164 16.17 19.28 -77.27
C ALA S 164 15.88 19.16 -75.78
N GLU S 165 16.87 19.55 -74.97
CA GLU S 165 16.68 19.59 -73.52
C GLU S 165 15.66 20.64 -73.10
N ASN S 166 15.32 21.58 -73.98
CA ASN S 166 14.29 22.58 -73.73
C ASN S 166 13.10 22.41 -74.66
N ALA S 167 12.80 21.18 -75.05
CA ALA S 167 11.63 20.89 -75.86
C ALA S 167 10.34 21.07 -75.05
N SER S 168 9.25 21.29 -75.77
CA SER S 168 7.93 21.32 -75.15
C SER S 168 7.52 19.90 -74.76
N LEU S 169 6.47 19.81 -73.93
CA LEU S 169 5.97 18.50 -73.54
C LEU S 169 5.55 17.69 -74.76
N THR S 170 4.74 18.30 -75.64
CA THR S 170 4.32 17.61 -76.85
C THR S 170 5.51 17.26 -77.73
N ASP S 171 6.42 18.22 -77.92
CA ASP S 171 7.59 17.98 -78.76
C ASP S 171 8.46 16.84 -78.20
N ALA S 172 8.78 16.92 -76.91
CA ALA S 172 9.59 15.89 -76.29
C ALA S 172 8.90 14.53 -76.35
N LEU S 173 7.58 14.52 -76.16
CA LEU S 173 6.85 13.27 -76.26
C LEU S 173 6.96 12.68 -77.65
N ARG S 174 6.71 13.49 -78.68
CA ARG S 174 6.71 12.95 -80.04
C ARG S 174 8.11 12.50 -80.46
N ILE S 175 9.15 13.20 -80.00
CA ILE S 175 10.51 12.71 -80.21
C ILE S 175 10.72 11.37 -79.52
N ALA S 176 10.17 11.23 -78.30
CA ALA S 176 10.34 10.01 -77.53
C ALA S 176 9.65 8.83 -78.21
N VAL S 177 8.39 9.01 -78.61
CA VAL S 177 7.66 7.96 -79.32
C VAL S 177 8.33 7.65 -80.65
N ALA S 178 8.91 8.66 -81.30
CA ALA S 178 9.67 8.41 -82.52
C ALA S 178 10.84 7.47 -82.25
N ALA S 179 11.63 7.79 -81.21
CA ALA S 179 12.77 6.94 -80.86
C ALA S 179 12.32 5.54 -80.45
N LEU S 180 11.17 5.43 -79.80
CA LEU S 180 10.63 4.11 -79.46
C LEU S 180 10.24 3.35 -80.73
N ARG S 181 9.72 4.07 -81.72
CA ARG S 181 9.37 3.48 -83.00
C ARG S 181 10.60 3.03 -83.78
N ALA S 182 11.74 3.70 -83.59
CA ALA S 182 12.97 3.28 -84.24
C ALA S 182 13.50 1.95 -83.69
N GLY S 183 12.91 1.43 -82.62
CA GLY S 183 13.31 0.14 -82.09
C GLY S 183 12.18 -0.88 -82.18
N SER S 184 11.33 -0.73 -83.19
CA SER S 184 10.20 -1.60 -83.42
C SER S 184 10.53 -2.61 -84.52
N ALA S 185 9.50 -3.20 -85.13
CA ALA S 185 9.64 -4.18 -86.19
C ALA S 185 10.55 -5.35 -85.77
N LEU S 195 2.31 3.52 -82.33
CA LEU S 195 2.02 3.24 -80.93
C LEU S 195 0.62 3.72 -80.55
N GLY S 196 0.53 4.93 -79.99
CA GLY S 196 -0.74 5.49 -79.58
C GLY S 196 -1.01 5.33 -78.10
N VAL S 197 -2.23 5.72 -77.71
CA VAL S 197 -2.62 5.68 -76.31
C VAL S 197 -2.69 4.25 -75.78
N ALA S 198 -3.11 3.30 -76.61
CA ALA S 198 -3.30 1.93 -76.15
C ALA S 198 -2.00 1.16 -76.01
N SER S 199 -0.89 1.66 -76.57
CA SER S 199 0.40 0.98 -76.47
C SER S 199 1.41 1.77 -75.64
N LEU S 200 1.01 2.86 -75.01
CA LEU S 200 1.94 3.69 -74.26
C LEU S 200 1.49 3.88 -72.82
N GLU S 201 2.48 4.00 -71.95
CA GLU S 201 2.31 4.50 -70.58
C GLU S 201 3.22 5.72 -70.46
N VAL S 202 2.61 6.87 -70.20
CA VAL S 202 3.33 8.14 -70.19
C VAL S 202 3.10 8.80 -68.85
N ALA S 203 4.17 9.29 -68.24
CA ALA S 203 4.08 10.04 -67.00
C ALA S 203 5.16 11.11 -67.02
N VAL S 204 5.05 12.05 -66.09
CA VAL S 204 5.96 13.19 -66.09
C VAL S 204 6.29 13.57 -64.65
N LEU S 205 7.55 13.93 -64.43
CA LEU S 205 7.98 14.68 -63.25
C LEU S 205 7.91 16.15 -63.63
N ASP S 206 6.86 16.82 -63.17
CA ASP S 206 6.51 18.18 -63.55
C ASP S 206 7.14 19.15 -62.55
N ALA S 207 8.26 19.77 -62.94
CA ALA S 207 8.97 20.68 -62.07
C ALA S 207 8.15 21.89 -61.66
N ASN S 208 7.01 22.12 -62.28
CA ASN S 208 6.20 23.30 -62.00
C ASN S 208 5.08 23.02 -60.99
N ARG S 209 4.92 21.76 -60.56
CA ARG S 209 3.93 21.41 -59.55
C ARG S 209 4.46 21.73 -58.15
N PRO S 210 3.57 22.09 -57.21
CA PRO S 210 4.02 22.59 -55.91
C PRO S 210 4.74 21.56 -55.03
N ARG S 211 4.16 20.36 -54.82
CA ARG S 211 4.81 19.36 -53.98
C ARG S 211 5.09 18.10 -54.78
N ARG S 212 4.07 17.29 -55.08
CA ARG S 212 4.27 16.02 -55.77
C ARG S 212 4.35 16.29 -57.28
N ALA S 213 5.54 16.11 -57.85
CA ALA S 213 5.77 16.45 -59.24
C ALA S 213 5.29 15.38 -60.20
N PHE S 214 5.13 14.14 -59.74
CA PHE S 214 4.71 13.04 -60.60
C PHE S 214 3.25 13.19 -60.98
N ARG S 215 2.95 13.04 -62.26
CA ARG S 215 1.57 12.92 -62.70
C ARG S 215 1.52 12.14 -64.01
N ARG S 216 0.40 11.43 -64.21
CA ARG S 216 0.21 10.60 -65.38
C ARG S 216 -0.53 11.36 -66.47
N ILE S 217 -0.25 11.00 -67.71
CA ILE S 217 -0.89 11.57 -68.88
C ILE S 217 -1.63 10.43 -69.57
N THR S 218 -2.95 10.43 -69.46
CA THR S 218 -3.75 9.27 -69.85
C THR S 218 -4.92 9.67 -70.74
N GLY S 219 -5.36 8.70 -71.54
CA GLY S 219 -6.61 8.82 -72.27
C GLY S 219 -6.65 9.98 -73.24
N SER S 220 -7.74 10.74 -73.18
CA SER S 220 -7.98 11.81 -74.14
C SER S 220 -6.87 12.85 -74.13
N ALA S 221 -6.36 13.20 -72.94
CA ALA S 221 -5.28 14.18 -72.87
C ALA S 221 -4.04 13.69 -73.59
N LEU S 222 -3.68 12.42 -73.40
CA LEU S 222 -2.51 11.88 -74.08
C LEU S 222 -2.76 11.84 -75.59
N GLN S 223 -3.97 11.43 -75.99
CA GLN S 223 -4.34 11.49 -77.41
C GLN S 223 -4.17 12.89 -77.96
N ALA S 224 -4.52 13.91 -77.17
CA ALA S 224 -4.30 15.30 -77.58
C ALA S 224 -2.82 15.56 -77.83
N LEU S 225 -1.96 15.13 -76.90
CA LEU S 225 -0.53 15.31 -77.10
C LEU S 225 0.00 14.55 -78.31
N LEU S 226 -0.64 13.43 -78.66
CA LEU S 226 -0.16 12.58 -79.76
C LEU S 226 -0.61 13.09 -81.13
N VAL S 227 -1.90 13.35 -81.32
CA VAL S 227 -2.45 13.47 -82.67
C VAL S 227 -2.29 14.89 -83.22
N ASP S 228 -2.36 15.90 -82.35
CA ASP S 228 -2.42 17.31 -82.75
C ASP S 228 -3.68 17.59 -83.56
N MET T 1 39.68 -26.79 -54.53
CA MET T 1 39.29 -25.54 -53.90
C MET T 1 40.40 -24.49 -54.03
N GLU T 2 41.57 -24.91 -54.49
CA GLU T 2 42.65 -23.98 -54.75
C GLU T 2 42.40 -23.18 -56.03
N GLN T 3 41.97 -23.86 -57.10
CA GLN T 3 41.59 -23.15 -58.30
C GLN T 3 40.35 -22.31 -58.09
N ALA T 4 39.51 -22.64 -57.11
CA ALA T 4 38.42 -21.73 -56.74
C ALA T 4 38.97 -20.39 -56.27
N MET T 5 40.01 -20.42 -55.44
CA MET T 5 40.63 -19.17 -54.99
C MET T 5 41.35 -18.47 -56.13
N ARG T 6 41.95 -19.23 -57.04
CA ARG T 6 42.57 -18.62 -58.21
C ARG T 6 41.54 -17.92 -59.09
N GLU T 7 40.34 -18.51 -59.21
CA GLU T 7 39.27 -17.89 -59.98
C GLU T 7 38.73 -16.64 -59.28
N ARG T 8 38.52 -16.71 -57.96
CA ARG T 8 38.07 -15.52 -57.24
C ARG T 8 39.06 -14.37 -57.42
N SER T 9 40.33 -14.65 -57.17
CA SER T 9 41.38 -13.65 -57.36
C SER T 9 41.38 -13.13 -58.79
N GLU T 10 41.11 -13.99 -59.76
CA GLU T 10 41.12 -13.55 -61.15
C GLU T 10 39.93 -12.64 -61.46
N LEU T 11 38.73 -13.01 -61.00
CA LEU T 11 37.56 -12.15 -61.17
C LEU T 11 37.81 -10.77 -60.58
N ALA T 12 38.31 -10.72 -59.34
CA ALA T 12 38.59 -9.44 -58.72
C ALA T 12 39.67 -8.68 -59.49
N ARG T 13 40.73 -9.38 -59.89
CA ARG T 13 41.81 -8.77 -60.67
C ARG T 13 41.28 -8.11 -61.93
N LYS T 14 40.53 -8.85 -62.74
CA LYS T 14 40.01 -8.31 -63.99
C LYS T 14 39.04 -7.16 -63.72
N GLY T 15 38.17 -7.31 -62.72
CA GLY T 15 37.26 -6.21 -62.38
C GLY T 15 37.98 -4.92 -62.03
N ILE T 16 39.06 -5.02 -61.24
CA ILE T 16 39.80 -3.81 -60.86
C ILE T 16 40.57 -3.25 -62.06
N ALA T 17 41.19 -4.13 -62.84
CA ALA T 17 41.96 -3.69 -64.00
C ALA T 17 41.08 -3.06 -65.07
N ARG T 18 39.78 -3.34 -65.06
CA ARG T 18 38.84 -2.83 -66.06
C ARG T 18 38.10 -1.60 -65.57
N ALA T 19 38.73 -0.82 -64.70
CA ALA T 19 38.10 0.35 -64.09
C ALA T 19 39.06 1.53 -64.12
N LYS T 20 38.52 2.71 -63.87
CA LYS T 20 39.34 3.93 -63.89
C LYS T 20 40.36 3.91 -62.76
N SER T 21 41.38 4.75 -62.90
CA SER T 21 42.52 4.77 -62.00
C SER T 21 42.43 5.91 -61.00
N VAL T 22 43.06 5.70 -59.84
CA VAL T 22 43.10 6.67 -58.75
C VAL T 22 44.53 6.72 -58.25
N VAL T 23 44.99 7.91 -57.88
CA VAL T 23 46.32 8.11 -57.32
C VAL T 23 46.18 8.97 -56.07
N ALA T 24 46.94 8.62 -55.04
CA ALA T 24 47.03 9.40 -53.80
C ALA T 24 48.48 9.52 -53.42
N LEU T 25 48.98 10.74 -53.29
CA LEU T 25 50.40 10.95 -53.04
C LEU T 25 50.59 12.03 -51.99
N ALA T 26 51.62 11.86 -51.17
CA ALA T 26 51.91 12.78 -50.08
C ALA T 26 52.62 14.01 -50.61
N TYR T 27 52.17 15.19 -50.18
CA TYR T 27 52.80 16.44 -50.57
C TYR T 27 52.98 17.31 -49.32
N ALA T 28 53.61 18.47 -49.52
CA ALA T 28 54.02 19.31 -48.40
C ALA T 28 52.85 19.70 -47.51
N GLY T 29 51.66 19.84 -48.06
CA GLY T 29 50.49 20.24 -47.32
C GLY T 29 49.61 19.11 -46.83
N GLY T 30 50.02 17.86 -47.02
CA GLY T 30 49.23 16.74 -46.57
C GLY T 30 49.20 15.58 -47.56
N VAL T 31 48.02 15.15 -47.95
CA VAL T 31 47.86 14.05 -48.90
C VAL T 31 46.92 14.49 -50.01
N LEU T 32 47.23 14.11 -51.25
CA LEU T 32 46.43 14.49 -52.41
C LEU T 32 45.79 13.26 -53.03
N PHE T 33 44.49 13.34 -53.27
CA PHE T 33 43.70 12.33 -53.95
C PHE T 33 43.26 12.89 -55.30
N VAL T 34 43.64 12.19 -56.38
CA VAL T 34 43.22 12.54 -57.74
C VAL T 34 42.65 11.28 -58.38
N ALA T 35 41.42 11.38 -58.91
CA ALA T 35 40.77 10.22 -59.50
C ALA T 35 40.05 10.59 -60.78
N GLU T 36 40.18 9.75 -61.80
CA GLU T 36 39.38 9.87 -63.02
C GLU T 36 37.92 9.57 -62.69
N ASN T 37 37.05 10.56 -62.78
CA ASN T 37 35.64 10.38 -62.44
C ASN T 37 34.82 11.29 -63.33
N PRO T 38 34.16 10.74 -64.36
CA PRO T 38 33.30 11.59 -65.21
C PRO T 38 31.99 11.98 -64.55
N SER T 39 31.55 11.25 -63.53
CA SER T 39 30.24 11.50 -62.94
C SER T 39 30.21 12.87 -62.26
N ARG T 40 29.00 13.37 -62.06
CA ARG T 40 28.77 14.68 -61.46
C ARG T 40 28.39 14.60 -59.99
N SER T 41 28.10 13.41 -59.46
CA SER T 41 27.57 13.31 -58.11
C SER T 41 27.98 12.02 -57.40
N LEU T 42 28.59 11.09 -58.12
CA LEU T 42 29.05 9.83 -57.55
C LEU T 42 30.54 9.92 -57.25
N GLN T 43 30.93 9.55 -56.02
CA GLN T 43 32.26 9.84 -55.50
C GLN T 43 33.09 8.57 -55.34
N LYS T 44 34.39 8.71 -55.59
CA LYS T 44 35.37 7.67 -55.33
C LYS T 44 36.32 8.02 -54.19
N ILE T 45 36.35 9.26 -53.77
CA ILE T 45 37.18 9.73 -52.66
C ILE T 45 36.26 10.32 -51.61
N SER T 46 36.56 10.05 -50.34
CA SER T 46 35.63 10.43 -49.28
C SER T 46 36.39 10.68 -47.99
N GLU T 47 35.75 11.42 -47.10
CA GLU T 47 36.24 11.59 -45.75
C GLU T 47 35.87 10.37 -44.92
N LEU T 48 36.82 9.88 -44.12
CA LEU T 48 36.53 8.83 -43.15
C LEU T 48 36.41 9.39 -41.74
N TYR T 49 37.44 10.09 -41.28
CA TYR T 49 37.42 10.70 -39.96
C TYR T 49 38.23 11.98 -40.03
N ASP T 50 38.32 12.67 -38.88
CA ASP T 50 38.94 13.98 -38.79
C ASP T 50 40.18 14.12 -39.68
N ARG T 51 41.14 13.19 -39.54
CA ARG T 51 42.38 13.25 -40.29
C ARG T 51 42.56 12.04 -41.21
N VAL T 52 41.48 11.31 -41.53
CA VAL T 52 41.60 10.07 -42.28
C VAL T 52 40.69 10.14 -43.51
N GLY T 53 41.28 9.91 -44.68
CA GLY T 53 40.55 9.90 -45.94
C GLY T 53 40.62 8.55 -46.63
N PHE T 54 39.75 8.40 -47.64
CA PHE T 54 39.45 7.12 -48.26
C PHE T 54 39.36 7.31 -49.77
N ALA T 55 40.01 6.42 -50.52
CA ALA T 55 39.91 6.41 -51.98
C ALA T 55 39.78 4.98 -52.44
N ALA T 56 39.05 4.76 -53.54
CA ALA T 56 38.76 3.39 -53.94
C ALA T 56 38.69 3.29 -55.46
N ALA T 57 38.90 2.06 -55.94
CA ALA T 57 38.76 1.73 -57.36
C ALA T 57 37.98 0.43 -57.50
N GLY T 58 37.11 0.38 -58.50
CA GLY T 58 36.34 -0.84 -58.75
C GLY T 58 34.86 -0.64 -58.93
N LYS T 59 34.06 -1.62 -58.46
CA LYS T 59 32.62 -1.53 -58.57
C LYS T 59 32.07 -0.57 -57.54
N PHE T 60 31.24 0.38 -57.99
CA PHE T 60 30.84 1.50 -57.13
C PHE T 60 30.11 1.01 -55.89
N ASN T 61 29.04 0.22 -56.07
CA ASN T 61 28.26 -0.20 -54.92
C ASN T 61 29.11 -0.93 -53.89
N GLU T 62 30.16 -1.63 -54.33
CA GLU T 62 30.98 -2.39 -53.42
C GLU T 62 31.94 -1.50 -52.62
N PHE T 63 32.73 -0.67 -53.29
CA PHE T 63 33.63 0.20 -52.54
C PHE T 63 32.87 1.29 -51.78
N ASP T 64 31.62 1.55 -52.19
CA ASP T 64 30.77 2.43 -51.40
C ASP T 64 30.27 1.73 -50.14
N ASN T 65 29.87 0.46 -50.26
CA ASN T 65 29.61 -0.35 -49.08
C ASN T 65 30.78 -0.29 -48.11
N LEU T 66 32.00 -0.51 -48.62
CA LEU T 66 33.17 -0.49 -47.76
C LEU T 66 33.39 0.91 -47.17
N ARG T 67 33.12 1.95 -47.96
CA ARG T 67 33.25 3.32 -47.45
C ARG T 67 32.32 3.55 -46.27
N ARG T 68 31.03 3.20 -46.44
CA ARG T 68 30.06 3.39 -45.37
C ARG T 68 30.41 2.56 -44.15
N GLY T 69 30.83 1.32 -44.35
CA GLY T 69 31.23 0.49 -43.21
C GLY T 69 32.42 1.09 -42.47
N GLY T 70 33.37 1.64 -43.21
CA GLY T 70 34.51 2.29 -42.56
C GLY T 70 34.11 3.53 -41.78
N ILE T 71 33.23 4.34 -42.35
CA ILE T 71 32.74 5.52 -41.64
C ILE T 71 32.02 5.09 -40.36
N GLN T 72 31.20 4.04 -40.45
CA GLN T 72 30.52 3.50 -39.29
C GLN T 72 31.50 3.08 -38.22
N PHE T 73 32.53 2.31 -38.62
CA PHE T 73 33.56 1.87 -37.67
C PHE T 73 34.24 3.05 -37.00
N ALA T 74 34.63 4.06 -37.78
CA ALA T 74 35.36 5.21 -37.24
C ALA T 74 34.49 5.99 -36.26
N ASP T 75 33.26 6.33 -36.66
CA ASP T 75 32.38 7.09 -35.78
C ASP T 75 32.08 6.32 -34.50
N THR T 76 31.85 5.00 -34.62
CA THR T 76 31.57 4.19 -33.45
C THR T 76 32.74 4.17 -32.48
N ARG T 77 33.96 3.96 -33.00
CA ARG T 77 35.13 3.96 -32.13
C ARG T 77 35.33 5.32 -31.48
N GLY T 78 35.28 6.38 -32.29
CA GLY T 78 35.47 7.72 -31.74
C GLY T 78 34.48 8.05 -30.64
N TYR T 79 33.24 7.56 -30.76
CA TYR T 79 32.27 7.76 -29.69
C TYR T 79 32.61 6.91 -28.46
N ALA T 80 32.94 5.63 -28.68
CA ALA T 80 33.18 4.72 -27.55
C ALA T 80 34.39 5.13 -26.73
N TYR T 81 35.41 5.70 -27.37
CA TYR T 81 36.61 6.12 -26.65
C TYR T 81 36.76 7.63 -26.78
N ASP T 82 37.42 8.08 -27.85
CA ASP T 82 37.60 9.50 -28.11
C ASP T 82 38.11 9.65 -29.53
N ARG T 83 37.90 10.84 -30.09
CA ARG T 83 38.20 11.08 -31.49
C ARG T 83 39.69 10.91 -31.80
N ARG T 84 40.56 11.23 -30.85
CA ARG T 84 41.99 11.10 -31.12
C ARG T 84 42.50 9.69 -30.94
N ASP T 85 41.62 8.71 -30.71
CA ASP T 85 41.99 7.31 -30.70
C ASP T 85 41.73 6.63 -32.04
N VAL T 86 41.04 7.30 -32.96
CA VAL T 86 40.81 6.78 -34.30
C VAL T 86 42.03 7.10 -35.14
N THR T 87 42.63 6.06 -35.74
CA THR T 87 43.86 6.22 -36.50
C THR T 87 43.69 5.61 -37.88
N GLY T 88 44.56 6.03 -38.80
CA GLY T 88 44.53 5.47 -40.14
C GLY T 88 44.90 4.00 -40.17
N ARG T 89 45.86 3.59 -39.35
CA ARG T 89 46.25 2.19 -39.30
C ARG T 89 45.09 1.32 -38.84
N GLN T 90 44.27 1.83 -37.92
CA GLN T 90 43.11 1.08 -37.43
C GLN T 90 42.13 0.81 -38.57
N LEU T 91 41.75 1.86 -39.29
CA LEU T 91 40.82 1.71 -40.40
C LEU T 91 41.40 0.81 -41.50
N ALA T 92 42.69 0.98 -41.81
CA ALA T 92 43.32 0.10 -42.78
C ALA T 92 43.25 -1.35 -42.34
N ASN T 93 43.52 -1.61 -41.05
CA ASN T 93 43.45 -2.97 -40.53
C ASN T 93 42.04 -3.54 -40.64
N VAL T 94 41.03 -2.76 -40.26
CA VAL T 94 39.66 -3.26 -40.33
C VAL T 94 39.26 -3.51 -41.78
N TYR T 95 39.76 -2.69 -42.72
CA TYR T 95 39.51 -2.95 -44.14
C TYR T 95 40.20 -4.21 -44.60
N ALA T 96 41.41 -4.47 -44.10
CA ALA T 96 42.10 -5.72 -44.43
C ALA T 96 41.30 -6.93 -43.96
N GLN T 97 40.86 -6.90 -42.70
CA GLN T 97 40.05 -7.99 -42.17
C GLN T 97 38.76 -8.16 -42.98
N THR T 98 38.05 -7.05 -43.22
CA THR T 98 36.77 -7.11 -43.90
C THR T 98 36.91 -7.65 -45.32
N LEU T 99 37.85 -7.08 -46.09
CA LEU T 99 38.06 -7.55 -47.45
C LEU T 99 38.57 -8.98 -47.48
N GLY T 100 39.32 -9.39 -46.46
CA GLY T 100 39.67 -10.80 -46.34
C GLY T 100 38.45 -11.68 -46.24
N THR T 101 37.55 -11.36 -45.29
CA THR T 101 36.34 -12.16 -45.11
C THR T 101 35.49 -12.17 -46.37
N ILE T 102 35.31 -11.01 -46.99
CA ILE T 102 34.53 -10.93 -48.24
C ILE T 102 35.16 -11.82 -49.30
N PHE T 103 36.47 -11.73 -49.46
CA PHE T 103 37.15 -12.51 -50.49
C PHE T 103 37.01 -14.01 -50.25
N THR T 104 37.03 -14.45 -48.99
CA THR T 104 37.02 -15.89 -48.75
C THR T 104 35.62 -16.49 -48.68
N GLU T 105 34.60 -15.75 -48.21
CA GLU T 105 33.34 -16.37 -47.86
C GLU T 105 32.11 -15.84 -48.61
N GLN T 106 32.18 -14.66 -49.20
CA GLN T 106 31.02 -14.12 -49.89
C GLN T 106 30.82 -14.81 -51.24
N ALA T 107 29.60 -14.71 -51.76
CA ALA T 107 29.27 -15.36 -53.03
C ALA T 107 30.22 -14.94 -54.14
N LYS T 108 30.54 -13.65 -54.21
CA LYS T 108 31.52 -13.12 -55.15
C LYS T 108 32.44 -12.15 -54.42
N PRO T 109 33.74 -12.22 -54.66
CA PRO T 109 34.66 -11.26 -54.04
C PRO T 109 34.37 -9.85 -54.51
N TYR T 110 34.81 -8.88 -53.72
CA TYR T 110 34.63 -7.48 -54.06
C TYR T 110 35.70 -7.05 -55.05
N GLU T 111 35.27 -6.49 -56.17
CA GLU T 111 36.20 -5.98 -57.18
C GLU T 111 36.59 -4.55 -56.82
N VAL T 112 37.35 -4.41 -55.74
CA VAL T 112 37.72 -3.11 -55.20
C VAL T 112 39.18 -3.11 -54.78
N GLU T 113 39.74 -1.90 -54.74
CA GLU T 113 41.06 -1.63 -54.20
C GLU T 113 40.96 -0.34 -53.40
N LEU T 114 41.53 -0.34 -52.20
CA LEU T 114 41.29 0.71 -51.23
C LEU T 114 42.59 1.41 -50.86
N CYS T 115 42.47 2.70 -50.55
CA CYS T 115 43.56 3.49 -50.01
C CYS T 115 43.03 4.27 -48.82
N VAL T 116 43.68 4.10 -47.67
CA VAL T 116 43.36 4.84 -46.45
C VAL T 116 44.55 5.73 -46.13
N ALA T 117 44.30 7.03 -46.03
CA ALA T 117 45.36 8.00 -45.82
C ALA T 117 45.12 8.77 -44.54
N GLU T 118 46.20 9.12 -43.85
CA GLU T 118 46.09 9.92 -42.63
C GLU T 118 47.16 11.00 -42.63
N VAL T 119 46.74 12.22 -42.30
CA VAL T 119 47.67 13.32 -42.09
C VAL T 119 47.72 13.64 -40.60
N ALA T 120 48.72 14.43 -40.22
CA ALA T 120 48.92 14.75 -38.82
C ALA T 120 47.81 15.64 -38.29
N HIS T 121 47.65 15.62 -36.97
CA HIS T 121 46.74 16.54 -36.32
C HIS T 121 47.33 17.95 -36.34
N TYR T 122 46.47 18.95 -36.20
CA TYR T 122 46.91 20.34 -36.27
C TYR T 122 48.03 20.60 -35.27
N GLY T 123 49.14 21.13 -35.78
CA GLY T 123 50.30 21.46 -34.96
C GLY T 123 51.27 20.32 -34.77
N GLU T 124 50.88 19.08 -35.05
CA GLU T 124 51.80 17.96 -34.91
C GLU T 124 52.73 17.88 -36.13
N THR T 125 53.88 17.23 -35.92
CA THR T 125 54.86 17.00 -36.97
C THR T 125 54.90 15.49 -37.22
N LYS T 126 54.10 15.03 -38.18
CA LYS T 126 53.97 13.62 -38.49
C LYS T 126 53.92 13.45 -39.99
N ARG T 127 54.76 12.55 -40.51
CA ARG T 127 54.74 12.27 -41.94
C ARG T 127 53.41 11.63 -42.33
N PRO T 128 52.84 12.01 -43.47
CA PRO T 128 51.58 11.39 -43.90
C PRO T 128 51.71 9.88 -44.03
N GLU T 129 50.57 9.20 -43.93
CA GLU T 129 50.53 7.74 -44.01
C GLU T 129 49.58 7.31 -45.12
N LEU T 130 50.06 6.42 -45.97
CA LEU T 130 49.27 5.87 -47.08
C LEU T 130 49.19 4.36 -46.94
N TYR T 131 47.97 3.83 -47.00
CA TYR T 131 47.74 2.39 -46.92
C TYR T 131 46.95 1.94 -48.14
N ARG T 132 47.33 0.78 -48.66
CA ARG T 132 46.72 0.16 -49.83
C ARG T 132 46.23 -1.22 -49.42
N ILE T 133 44.93 -1.45 -49.56
CA ILE T 133 44.31 -2.72 -49.22
C ILE T 133 43.69 -3.28 -50.50
N THR T 134 44.02 -4.53 -50.81
CA THR T 134 43.58 -5.13 -52.05
C THR T 134 42.39 -6.08 -51.82
N TYR T 135 41.86 -6.61 -52.92
CA TYR T 135 40.60 -7.33 -52.90
C TYR T 135 40.63 -8.56 -51.99
N ASP T 136 41.81 -9.08 -51.65
CA ASP T 136 41.92 -10.30 -50.86
C ASP T 136 42.33 -10.03 -49.42
N GLY T 137 42.32 -8.77 -48.99
CA GLY T 137 42.72 -8.43 -47.65
C GLY T 137 44.20 -8.19 -47.47
N SER T 138 44.99 -8.25 -48.54
CA SER T 138 46.40 -7.91 -48.43
C SER T 138 46.55 -6.41 -48.18
N ILE T 139 47.42 -6.06 -47.25
CA ILE T 139 47.57 -4.69 -46.80
C ILE T 139 49.03 -4.30 -46.89
N ALA T 140 49.30 -3.13 -47.47
CA ALA T 140 50.66 -2.61 -47.57
C ALA T 140 50.63 -1.11 -47.31
N ASP T 141 51.70 -0.59 -46.71
CA ASP T 141 51.78 0.81 -46.33
C ASP T 141 52.89 1.50 -47.10
N GLU T 142 52.49 2.38 -48.09
CA GLU T 142 53.39 3.10 -48.98
C GLU T 142 53.79 4.44 -48.37
N PRO T 143 55.02 4.89 -48.62
CA PRO T 143 55.52 6.10 -47.95
C PRO T 143 55.31 7.36 -48.79
N HIS T 144 55.17 7.19 -50.10
CA HIS T 144 55.16 8.32 -51.02
C HIS T 144 53.88 8.41 -51.84
N PHE T 145 53.49 7.36 -52.53
CA PHE T 145 52.30 7.42 -53.38
C PHE T 145 51.69 6.03 -53.50
N VAL T 146 50.41 6.02 -53.88
CA VAL T 146 49.63 4.81 -54.13
C VAL T 146 48.82 5.00 -55.41
N VAL T 147 48.82 3.98 -56.25
CA VAL T 147 48.04 3.96 -57.48
C VAL T 147 47.15 2.72 -57.46
N MET T 148 45.88 2.90 -57.82
CA MET T 148 44.91 1.81 -57.77
C MET T 148 44.03 1.84 -59.01
N GLY T 149 43.68 0.66 -59.51
CA GLY T 149 42.71 0.55 -60.57
C GLY T 149 43.29 0.74 -61.96
N GLY T 150 42.71 0.06 -62.95
CA GLY T 150 43.18 0.17 -64.32
C GLY T 150 44.57 -0.41 -64.49
N THR T 151 45.29 0.13 -65.48
CA THR T 151 46.66 -0.28 -65.75
C THR T 151 47.56 0.57 -64.86
N THR T 152 48.01 -0.02 -63.75
CA THR T 152 48.71 0.74 -62.71
C THR T 152 50.19 0.92 -62.97
N GLU T 153 50.79 0.11 -63.85
CA GLU T 153 52.24 0.13 -63.98
C GLU T 153 52.75 1.38 -64.70
N PRO T 154 52.19 1.82 -65.84
CA PRO T 154 52.68 3.07 -66.43
C PRO T 154 52.51 4.27 -65.53
N ILE T 155 51.41 4.32 -64.77
CA ILE T 155 51.17 5.43 -63.85
C ILE T 155 52.17 5.40 -62.71
N ALA T 156 52.39 4.22 -62.14
CA ALA T 156 53.36 4.07 -61.05
C ALA T 156 54.76 4.45 -61.50
N ASN T 157 55.16 4.03 -62.70
CA ASN T 157 56.47 4.40 -63.22
C ASN T 157 56.59 5.90 -63.44
N ALA T 158 55.60 6.50 -64.11
CA ALA T 158 55.59 7.95 -64.29
C ALA T 158 55.78 8.66 -62.96
N LEU T 159 55.10 8.20 -61.92
CA LEU T 159 55.27 8.79 -60.59
C LEU T 159 56.68 8.56 -60.07
N LYS T 160 57.19 7.33 -60.21
CA LYS T 160 58.53 7.02 -59.73
C LYS T 160 59.58 7.92 -60.35
N GLU T 161 59.37 8.37 -61.59
CA GLU T 161 60.36 9.24 -62.21
C GLU T 161 60.10 10.72 -61.94
N SER T 162 58.85 11.12 -61.69
CA SER T 162 58.55 12.54 -61.54
C SER T 162 58.24 12.98 -60.11
N TYR T 163 58.18 12.07 -59.15
CA TYR T 163 57.72 12.41 -57.81
C TYR T 163 58.85 12.89 -56.90
N ALA T 164 58.55 13.92 -56.10
CA ALA T 164 59.45 14.44 -55.08
C ALA T 164 58.62 14.70 -53.83
N GLU T 165 59.29 14.71 -52.69
CA GLU T 165 58.60 14.69 -51.40
C GLU T 165 57.73 15.93 -51.16
N ASN T 166 58.37 17.07 -50.90
CA ASN T 166 57.69 18.28 -50.45
C ASN T 166 57.04 19.07 -51.58
N ALA T 167 56.44 18.40 -52.57
CA ALA T 167 55.82 19.16 -53.65
C ALA T 167 54.66 19.99 -53.14
N SER T 168 54.42 21.12 -53.81
CA SER T 168 53.29 22.00 -53.57
C SER T 168 52.01 21.37 -54.13
N LEU T 169 50.88 21.99 -53.79
CA LEU T 169 49.59 21.49 -54.27
C LEU T 169 49.50 21.46 -55.79
N THR T 170 49.83 22.58 -56.45
CA THR T 170 49.68 22.64 -57.91
C THR T 170 50.59 21.67 -58.66
N ASP T 171 51.89 21.68 -58.35
CA ASP T 171 52.82 20.80 -59.05
C ASP T 171 52.53 19.32 -58.76
N ALA T 172 52.32 18.96 -57.48
CA ALA T 172 51.99 17.58 -57.17
C ALA T 172 50.73 17.15 -57.89
N LEU T 173 49.74 18.05 -57.98
CA LEU T 173 48.55 17.75 -58.74
C LEU T 173 48.90 17.51 -60.21
N ARG T 174 49.82 18.31 -60.75
CA ARG T 174 50.24 18.14 -62.14
C ARG T 174 50.91 16.79 -62.35
N ILE T 175 51.75 16.36 -61.40
CA ILE T 175 52.36 15.04 -61.48
C ILE T 175 51.29 13.96 -61.47
N ALA T 176 50.25 14.15 -60.66
CA ALA T 176 49.17 13.16 -60.58
C ALA T 176 48.41 13.08 -61.90
N VAL T 177 48.02 14.23 -62.46
CA VAL T 177 47.30 14.24 -63.73
C VAL T 177 48.17 13.70 -64.86
N ALA T 178 49.47 13.99 -64.84
CA ALA T 178 50.37 13.45 -65.85
C ALA T 178 50.44 11.92 -65.78
N ALA T 179 50.72 11.39 -64.59
CA ALA T 179 50.81 9.94 -64.46
C ALA T 179 49.48 9.26 -64.76
N LEU T 180 48.36 9.91 -64.41
CA LEU T 180 47.05 9.37 -64.74
C LEU T 180 46.83 9.35 -66.25
N ARG T 181 47.25 10.41 -66.94
CA ARG T 181 47.12 10.47 -68.39
C ARG T 181 47.93 9.37 -69.06
N ALA T 182 49.17 9.15 -68.60
CA ALA T 182 50.02 8.11 -69.16
C ALA T 182 49.59 6.73 -68.66
N GLY T 183 48.33 6.40 -68.92
CA GLY T 183 47.76 5.13 -68.51
C GLY T 183 46.37 4.88 -69.06
N LEU T 195 42.47 14.90 -69.49
CA LEU T 195 42.10 14.92 -68.08
C LEU T 195 41.80 16.35 -67.64
N GLY T 196 40.57 16.80 -67.91
CA GLY T 196 40.16 18.15 -67.62
C GLY T 196 39.43 18.26 -66.29
N VAL T 197 38.91 19.47 -66.05
CA VAL T 197 38.21 19.74 -64.79
C VAL T 197 36.96 18.88 -64.68
N ALA T 198 36.20 18.74 -65.77
CA ALA T 198 34.95 17.98 -65.76
C ALA T 198 35.17 16.47 -65.70
N SER T 199 36.39 15.99 -65.89
CA SER T 199 36.69 14.57 -65.85
C SER T 199 37.50 14.15 -64.63
N LEU T 200 37.68 15.04 -63.66
CA LEU T 200 38.47 14.75 -62.47
C LEU T 200 37.65 14.91 -61.20
N GLU T 201 37.98 14.07 -60.21
CA GLU T 201 37.52 14.24 -58.84
C GLU T 201 38.78 14.36 -57.98
N VAL T 202 38.94 15.51 -57.34
CA VAL T 202 40.16 15.84 -56.60
C VAL T 202 39.79 16.27 -55.19
N ALA T 203 40.50 15.72 -54.21
CA ALA T 203 40.34 16.12 -52.82
C ALA T 203 41.70 16.03 -52.15
N VAL T 204 41.80 16.64 -50.97
CA VAL T 204 43.07 16.70 -50.26
C VAL T 204 42.79 16.57 -48.77
N LEU T 205 43.66 15.83 -48.08
CA LEU T 205 43.74 15.86 -46.62
C LEU T 205 44.78 16.92 -46.26
N ASP T 206 44.27 18.08 -45.83
CA ASP T 206 45.07 19.28 -45.57
C ASP T 206 45.45 19.29 -44.10
N ALA T 207 46.70 18.93 -43.79
CA ALA T 207 47.18 18.88 -42.42
C ALA T 207 47.14 20.23 -41.72
N ASN T 208 46.87 21.32 -42.43
CA ASN T 208 46.88 22.65 -41.83
C ASN T 208 45.50 23.11 -41.37
N ARG T 209 44.44 22.27 -41.57
CA ARG T 209 43.12 22.61 -41.07
C ARG T 209 42.96 22.15 -39.62
N PRO T 210 42.17 22.86 -38.81
CA PRO T 210 42.17 22.61 -37.36
C PRO T 210 41.64 21.24 -36.95
N ARG T 211 40.47 20.85 -37.47
CA ARG T 211 39.86 19.57 -37.10
C ARG T 211 39.69 18.67 -38.32
N ARG T 212 38.71 18.94 -39.18
CA ARG T 212 38.43 18.07 -40.32
C ARG T 212 39.37 18.42 -41.47
N ALA T 213 40.28 17.50 -41.80
CA ALA T 213 41.30 17.76 -42.80
C ALA T 213 40.81 17.57 -44.23
N PHE T 214 39.73 16.82 -44.42
CA PHE T 214 39.23 16.53 -45.76
C PHE T 214 38.65 17.76 -46.42
N ARG T 215 39.08 18.05 -47.65
CA ARG T 215 38.58 19.17 -48.42
C ARG T 215 38.51 18.77 -49.89
N ARG T 216 37.49 19.27 -50.59
CA ARG T 216 37.30 19.01 -52.00
C ARG T 216 37.83 20.18 -52.83
N ILE T 217 38.32 19.87 -54.03
CA ILE T 217 38.79 20.88 -54.97
C ILE T 217 37.94 20.77 -56.23
N THR T 218 37.06 21.74 -56.44
CA THR T 218 36.04 21.66 -57.48
C THR T 218 35.98 22.97 -58.28
N GLY T 219 35.52 22.84 -59.52
CA GLY T 219 35.15 24.00 -60.33
C GLY T 219 36.29 24.97 -60.57
N SER T 220 35.99 26.26 -60.32
CA SER T 220 36.93 27.33 -60.65
C SER T 220 38.26 27.16 -59.93
N ALA T 221 38.21 26.77 -58.65
CA ALA T 221 39.45 26.56 -57.90
C ALA T 221 40.30 25.48 -58.54
N LEU T 222 39.67 24.37 -58.92
CA LEU T 222 40.41 23.28 -59.56
C LEU T 222 40.99 23.74 -60.89
N GLN T 223 40.20 24.47 -61.67
CA GLN T 223 40.67 25.05 -62.93
C GLN T 223 41.93 25.89 -62.70
N ALA T 224 41.94 26.70 -61.63
CA ALA T 224 43.12 27.47 -61.27
C ALA T 224 44.29 26.56 -60.91
N LEU T 225 44.04 25.53 -60.10
CA LEU T 225 45.11 24.62 -59.69
C LEU T 225 45.74 23.90 -60.86
N LEU T 226 45.00 23.69 -61.95
CA LEU T 226 45.58 22.97 -63.08
C LEU T 226 46.47 23.87 -63.93
N VAL T 227 46.02 25.08 -64.23
CA VAL T 227 46.79 26.02 -65.03
C VAL T 227 46.29 27.44 -64.82
N MET U 1 37.36 -36.63 -49.69
CA MET U 1 37.65 -36.37 -48.28
C MET U 1 39.15 -36.19 -48.06
N GLU U 2 39.94 -37.11 -48.61
CA GLU U 2 41.39 -36.98 -48.51
C GLU U 2 41.95 -35.98 -49.51
N GLN U 3 41.36 -35.93 -50.70
CA GLN U 3 41.83 -34.98 -51.72
C GLN U 3 41.53 -33.54 -51.32
N ALA U 4 40.34 -33.29 -50.76
CA ALA U 4 40.02 -31.94 -50.28
C ALA U 4 41.01 -31.48 -49.22
N MET U 5 41.33 -32.36 -48.27
CA MET U 5 42.29 -32.01 -47.23
C MET U 5 43.69 -31.84 -47.79
N ARG U 6 44.05 -32.61 -48.83
CA ARG U 6 45.37 -32.44 -49.45
C ARG U 6 45.46 -31.09 -50.13
N GLU U 7 44.45 -30.72 -50.93
CA GLU U 7 44.45 -29.42 -51.59
C GLU U 7 44.50 -28.29 -50.57
N ARG U 8 43.71 -28.40 -49.49
CA ARG U 8 43.75 -27.37 -48.44
C ARG U 8 45.14 -27.25 -47.84
N SER U 9 45.72 -28.37 -47.40
CA SER U 9 47.05 -28.35 -46.81
C SER U 9 48.08 -27.74 -47.75
N GLU U 10 47.96 -28.04 -49.05
CA GLU U 10 48.92 -27.50 -50.01
C GLU U 10 48.72 -26.00 -50.20
N LEU U 11 47.47 -25.54 -50.33
CA LEU U 11 47.21 -24.11 -50.46
C LEU U 11 47.80 -23.35 -49.28
N ALA U 12 47.53 -23.81 -48.06
CA ALA U 12 48.06 -23.13 -46.88
C ALA U 12 49.57 -23.18 -46.86
N ARG U 13 50.16 -24.35 -47.15
CA ARG U 13 51.62 -24.49 -47.11
C ARG U 13 52.29 -23.55 -48.11
N LYS U 14 51.75 -23.47 -49.33
CA LYS U 14 52.28 -22.52 -50.31
C LYS U 14 52.14 -21.08 -49.83
N GLY U 15 50.97 -20.75 -49.24
CA GLY U 15 50.79 -19.41 -48.71
C GLY U 15 51.85 -19.04 -47.68
N ILE U 16 52.17 -19.98 -46.78
CA ILE U 16 53.19 -19.70 -45.75
C ILE U 16 54.58 -19.63 -46.38
N ALA U 17 54.86 -20.51 -47.34
CA ALA U 17 56.18 -20.53 -47.97
C ALA U 17 56.45 -19.25 -48.74
N ARG U 18 55.40 -18.59 -49.22
CA ARG U 18 55.56 -17.35 -49.98
C ARG U 18 55.77 -16.14 -49.07
N ALA U 19 55.60 -16.28 -47.77
CA ALA U 19 55.67 -15.15 -46.84
C ALA U 19 57.07 -15.02 -46.24
N LYS U 20 57.31 -13.86 -45.62
CA LYS U 20 58.61 -13.58 -45.01
C LYS U 20 58.84 -14.50 -43.82
N SER U 21 60.11 -14.59 -43.40
CA SER U 21 60.52 -15.55 -42.38
C SER U 21 60.65 -14.89 -41.01
N VAL U 22 60.44 -15.71 -39.97
CA VAL U 22 60.47 -15.28 -38.58
C VAL U 22 61.25 -16.31 -37.77
N VAL U 23 62.01 -15.83 -36.78
CA VAL U 23 62.80 -16.68 -35.90
C VAL U 23 62.53 -16.26 -34.46
N ALA U 24 62.41 -17.26 -33.57
CA ALA U 24 62.28 -17.04 -32.14
C ALA U 24 63.22 -18.02 -31.44
N LEU U 25 64.15 -17.50 -30.64
CA LEU U 25 65.13 -18.37 -30.01
C LEU U 25 65.35 -17.96 -28.57
N ALA U 26 65.58 -18.94 -27.72
CA ALA U 26 65.76 -18.72 -26.29
C ALA U 26 67.19 -18.27 -26.00
N TYR U 27 67.34 -17.24 -25.19
CA TYR U 27 68.67 -16.76 -24.80
C TYR U 27 68.69 -16.54 -23.29
N ALA U 28 69.87 -16.14 -22.79
CA ALA U 28 70.09 -16.09 -21.35
C ALA U 28 69.08 -15.20 -20.63
N GLY U 29 68.59 -14.16 -21.29
CA GLY U 29 67.65 -13.24 -20.69
C GLY U 29 66.19 -13.50 -21.00
N GLY U 30 65.87 -14.59 -21.69
CA GLY U 30 64.48 -14.88 -22.02
C GLY U 30 64.28 -15.41 -23.42
N VAL U 31 63.42 -14.78 -24.21
CA VAL U 31 63.15 -15.24 -25.58
C VAL U 31 63.31 -14.06 -26.53
N LEU U 32 63.89 -14.34 -27.69
CA LEU U 32 64.15 -13.31 -28.69
C LEU U 32 63.33 -13.58 -29.94
N PHE U 33 62.64 -12.54 -30.42
CA PHE U 33 61.88 -12.56 -31.66
C PHE U 33 62.56 -11.65 -32.66
N VAL U 34 62.95 -12.21 -33.81
CA VAL U 34 63.49 -11.44 -34.92
C VAL U 34 62.73 -11.86 -36.17
N ALA U 35 62.13 -10.89 -36.86
CA ALA U 35 61.37 -11.19 -38.07
C ALA U 35 61.67 -10.14 -39.11
N GLU U 36 61.94 -10.58 -40.35
CA GLU U 36 62.11 -9.63 -41.43
C GLU U 36 60.78 -8.96 -41.76
N ASN U 37 60.70 -7.64 -41.53
CA ASN U 37 59.47 -6.90 -41.70
C ASN U 37 59.84 -5.49 -42.16
N PRO U 38 59.67 -5.19 -43.45
CA PRO U 38 59.97 -3.84 -43.93
C PRO U 38 58.96 -2.80 -43.49
N SER U 39 57.76 -3.21 -43.06
CA SER U 39 56.71 -2.26 -42.73
C SER U 39 57.12 -1.35 -41.57
N ARG U 40 56.37 -0.27 -41.41
CA ARG U 40 56.61 0.71 -40.37
C ARG U 40 55.59 0.63 -39.23
N SER U 41 54.34 0.29 -39.54
CA SER U 41 53.30 0.20 -38.51
C SER U 41 52.56 -1.13 -38.45
N LEU U 42 52.76 -2.01 -39.43
CA LEU U 42 52.12 -3.33 -39.44
C LEU U 42 53.12 -4.35 -38.91
N GLN U 43 52.73 -5.09 -37.88
CA GLN U 43 53.67 -5.87 -37.08
C GLN U 43 53.31 -7.35 -37.06
N LYS U 44 54.35 -8.17 -36.92
CA LYS U 44 54.23 -9.62 -36.88
C LYS U 44 54.53 -10.22 -35.51
N ILE U 45 55.08 -9.45 -34.59
CA ILE U 45 55.36 -9.89 -33.22
C ILE U 45 54.60 -8.98 -32.26
N SER U 46 54.02 -9.57 -31.23
CA SER U 46 53.16 -8.82 -30.33
C SER U 46 53.15 -9.44 -28.95
N GLU U 47 52.74 -8.64 -27.98
CA GLU U 47 52.49 -9.12 -26.63
C GLU U 47 51.14 -9.83 -26.57
N LEU U 48 51.11 -10.98 -25.90
CA LEU U 48 49.87 -11.68 -25.60
C LEU U 48 49.45 -11.46 -24.16
N TYR U 49 50.32 -11.79 -23.21
CA TYR U 49 50.04 -11.58 -21.81
C TYR U 49 51.35 -11.24 -21.11
N ASP U 50 51.25 -11.01 -19.80
CA ASP U 50 52.38 -10.56 -18.98
C ASP U 50 53.70 -11.19 -19.40
N ARG U 51 53.74 -12.52 -19.45
CA ARG U 51 54.96 -13.25 -19.77
C ARG U 51 54.82 -14.07 -21.06
N VAL U 52 53.86 -13.76 -21.90
CA VAL U 52 53.57 -14.56 -23.09
C VAL U 52 53.61 -13.66 -24.32
N GLY U 53 54.42 -14.05 -25.31
CA GLY U 53 54.55 -13.32 -26.54
C GLY U 53 54.14 -14.18 -27.74
N PHE U 54 53.94 -13.49 -28.87
CA PHE U 54 53.30 -14.06 -30.05
C PHE U 54 54.06 -13.61 -31.28
N ALA U 55 54.37 -14.55 -32.17
CA ALA U 55 54.97 -14.22 -33.44
C ALA U 55 54.33 -15.10 -34.50
N ALA U 56 54.19 -14.57 -35.71
CA ALA U 56 53.46 -15.27 -36.75
C ALA U 56 54.07 -15.01 -38.10
N ALA U 57 53.87 -15.96 -39.01
CA ALA U 57 54.28 -15.81 -40.40
C ALA U 57 53.14 -16.24 -41.30
N GLY U 58 52.94 -15.52 -42.40
CA GLY U 58 51.90 -15.86 -43.34
C GLY U 58 51.05 -14.68 -43.75
N LYS U 59 49.75 -14.91 -43.97
CA LYS U 59 48.84 -13.85 -44.38
C LYS U 59 48.52 -12.95 -43.20
N PHE U 60 48.67 -11.64 -43.39
CA PHE U 60 48.63 -10.72 -42.26
C PHE U 60 47.27 -10.71 -41.56
N ASN U 61 46.20 -10.45 -42.31
CA ASN U 61 44.89 -10.31 -41.68
C ASN U 61 44.49 -11.55 -40.89
N GLU U 62 44.95 -12.73 -41.32
CA GLU U 62 44.56 -13.96 -40.65
C GLU U 62 45.31 -14.15 -39.34
N PHE U 63 46.65 -14.04 -39.36
CA PHE U 63 47.35 -14.19 -38.09
C PHE U 63 47.11 -13.00 -37.17
N ASP U 64 46.65 -11.87 -37.70
CA ASP U 64 46.24 -10.76 -36.85
C ASP U 64 44.90 -11.07 -36.17
N ASN U 65 43.95 -11.63 -36.92
CA ASN U 65 42.75 -12.17 -36.31
C ASN U 65 43.11 -13.12 -35.17
N LEU U 66 44.02 -14.06 -35.44
CA LEU U 66 44.42 -15.01 -34.40
C LEU U 66 45.08 -14.31 -33.23
N ARG U 67 45.87 -13.27 -33.50
CA ARG U 67 46.51 -12.50 -32.43
C ARG U 67 45.45 -11.88 -31.52
N ARG U 68 44.47 -11.21 -32.11
CA ARG U 68 43.42 -10.59 -31.32
C ARG U 68 42.64 -11.63 -30.53
N GLY U 69 42.32 -12.77 -31.15
CA GLY U 69 41.65 -13.83 -30.43
C GLY U 69 42.45 -14.34 -29.24
N GLY U 70 43.77 -14.41 -29.40
CA GLY U 70 44.61 -14.82 -28.29
C GLY U 70 44.61 -13.80 -27.17
N ILE U 71 44.67 -12.50 -27.51
CA ILE U 71 44.60 -11.46 -26.49
C ILE U 71 43.26 -11.53 -25.75
N GLN U 72 42.17 -11.71 -26.49
CA GLN U 72 40.85 -11.86 -25.85
C GLN U 72 40.83 -13.05 -24.90
N PHE U 73 41.30 -14.21 -25.35
CA PHE U 73 41.32 -15.40 -24.50
C PHE U 73 42.14 -15.15 -23.24
N ALA U 74 43.34 -14.58 -23.39
CA ALA U 74 44.24 -14.39 -22.26
C ALA U 74 43.65 -13.41 -21.25
N ASP U 75 43.20 -12.24 -21.72
CA ASP U 75 42.62 -11.25 -20.80
C ASP U 75 41.38 -11.80 -20.11
N THR U 76 40.53 -12.52 -20.87
CA THR U 76 39.33 -13.09 -20.26
C THR U 76 39.69 -14.09 -19.17
N ARG U 77 40.68 -14.95 -19.42
CA ARG U 77 41.08 -15.92 -18.41
C ARG U 77 41.66 -15.22 -17.19
N GLY U 78 42.51 -14.22 -17.40
CA GLY U 78 43.11 -13.53 -16.27
C GLY U 78 42.08 -12.81 -15.43
N TYR U 79 41.03 -12.29 -16.06
CA TYR U 79 39.96 -11.66 -15.29
C TYR U 79 39.13 -12.70 -14.56
N ALA U 80 38.77 -13.79 -15.24
CA ALA U 80 37.89 -14.80 -14.65
C ALA U 80 38.56 -15.52 -13.49
N TYR U 81 39.86 -15.75 -13.58
CA TYR U 81 40.59 -16.43 -12.52
C TYR U 81 41.67 -15.52 -11.95
N ASP U 82 42.84 -15.52 -12.55
CA ASP U 82 43.94 -14.66 -12.12
C ASP U 82 45.01 -14.64 -13.19
N ARG U 83 45.83 -13.58 -13.15
CA ARG U 83 46.86 -13.38 -14.17
C ARG U 83 47.89 -14.50 -14.12
N ARG U 84 48.13 -15.09 -12.95
CA ARG U 84 49.09 -16.16 -12.80
C ARG U 84 48.57 -17.50 -13.32
N ASP U 85 47.29 -17.60 -13.66
CA ASP U 85 46.75 -18.82 -14.25
C ASP U 85 46.89 -18.85 -15.76
N VAL U 86 47.26 -17.73 -16.38
CA VAL U 86 47.46 -17.67 -17.83
C VAL U 86 48.87 -18.14 -18.15
N THR U 87 48.97 -19.19 -18.96
CA THR U 87 50.25 -19.80 -19.29
C THR U 87 50.38 -19.92 -20.80
N GLY U 88 51.63 -20.07 -21.26
CA GLY U 88 51.87 -20.28 -22.67
C GLY U 88 51.30 -21.59 -23.18
N ARG U 89 51.29 -22.62 -22.33
CA ARG U 89 50.65 -23.88 -22.70
C ARG U 89 49.18 -23.66 -23.03
N GLN U 90 48.50 -22.79 -22.26
CA GLN U 90 47.09 -22.53 -22.50
C GLN U 90 46.86 -21.86 -23.85
N LEU U 91 47.55 -20.75 -24.10
CA LEU U 91 47.37 -20.03 -25.35
C LEU U 91 47.77 -20.89 -26.56
N ALA U 92 48.90 -21.61 -26.45
CA ALA U 92 49.29 -22.50 -27.54
C ALA U 92 48.23 -23.56 -27.79
N ASN U 93 47.68 -24.13 -26.72
CA ASN U 93 46.63 -25.14 -26.86
C ASN U 93 45.40 -24.58 -27.57
N VAL U 94 44.97 -23.38 -27.16
CA VAL U 94 43.80 -22.77 -27.76
C VAL U 94 44.04 -22.42 -29.23
N TYR U 95 45.27 -22.01 -29.56
CA TYR U 95 45.58 -21.78 -30.96
C TYR U 95 45.56 -23.07 -31.77
N ALA U 96 46.03 -24.17 -31.17
CA ALA U 96 45.97 -25.47 -31.86
C ALA U 96 44.52 -25.85 -32.14
N GLN U 97 43.65 -25.77 -31.14
CA GLN U 97 42.24 -26.06 -31.34
C GLN U 97 41.64 -25.15 -32.41
N THR U 98 41.93 -23.85 -32.32
CA THR U 98 41.36 -22.88 -33.25
C THR U 98 41.78 -23.16 -34.68
N LEU U 99 43.08 -23.28 -34.91
CA LEU U 99 43.58 -23.53 -36.27
C LEU U 99 43.13 -24.87 -36.79
N GLY U 100 42.96 -25.87 -35.92
CA GLY U 100 42.35 -27.11 -36.37
C GLY U 100 40.95 -26.90 -36.89
N THR U 101 40.12 -26.19 -36.11
CA THR U 101 38.74 -25.94 -36.53
C THR U 101 38.71 -25.15 -37.85
N ILE U 102 39.53 -24.11 -37.95
CA ILE U 102 39.59 -23.33 -39.18
C ILE U 102 39.98 -24.22 -40.35
N PHE U 103 41.01 -25.03 -40.18
CA PHE U 103 41.50 -25.86 -41.27
C PHE U 103 40.44 -26.85 -41.74
N THR U 104 39.64 -27.38 -40.81
CA THR U 104 38.66 -28.39 -41.19
C THR U 104 37.34 -27.81 -41.68
N GLU U 105 36.91 -26.66 -41.17
CA GLU U 105 35.53 -26.21 -41.36
C GLU U 105 35.38 -24.85 -42.04
N GLN U 106 36.39 -24.00 -42.02
CA GLN U 106 36.23 -22.69 -42.63
C GLN U 106 36.30 -22.78 -44.15
N ALA U 107 35.80 -21.72 -44.81
CA ALA U 107 35.76 -21.70 -46.26
C ALA U 107 37.15 -21.92 -46.87
N LYS U 108 38.16 -21.26 -46.31
CA LYS U 108 39.55 -21.42 -46.74
C LYS U 108 40.43 -21.54 -45.50
N PRO U 109 41.38 -22.48 -45.49
CA PRO U 109 42.28 -22.59 -44.33
C PRO U 109 43.14 -21.35 -44.17
N TYR U 110 43.65 -21.16 -42.96
CA TYR U 110 44.49 -20.01 -42.68
C TYR U 110 45.93 -20.27 -43.13
N GLU U 111 46.45 -19.37 -43.95
CA GLU U 111 47.85 -19.45 -44.39
C GLU U 111 48.73 -18.76 -43.35
N VAL U 112 48.80 -19.38 -42.17
CA VAL U 112 49.52 -18.81 -41.03
C VAL U 112 50.30 -19.89 -40.31
N GLU U 113 51.33 -19.47 -39.60
CA GLU U 113 52.12 -20.31 -38.72
C GLU U 113 52.45 -19.49 -37.47
N LEU U 114 52.28 -20.10 -36.31
CA LEU U 114 52.27 -19.38 -35.05
C LEU U 114 53.37 -19.86 -34.11
N CYS U 115 53.86 -18.93 -33.30
CA CYS U 115 54.78 -19.21 -32.21
C CYS U 115 54.30 -18.48 -30.96
N VAL U 116 54.09 -19.24 -29.90
CA VAL U 116 53.72 -18.70 -28.58
C VAL U 116 54.90 -18.97 -27.66
N ALA U 117 55.45 -17.91 -27.07
CA ALA U 117 56.65 -18.04 -26.26
C ALA U 117 56.36 -17.55 -24.84
N GLU U 118 56.96 -18.22 -23.86
CA GLU U 118 56.77 -17.82 -22.47
C GLU U 118 58.09 -17.85 -21.73
N VAL U 119 58.36 -16.78 -20.98
CA VAL U 119 59.51 -16.74 -20.08
C VAL U 119 58.99 -16.78 -18.64
N ALA U 120 59.91 -17.02 -17.71
CA ALA U 120 59.52 -17.15 -16.31
C ALA U 120 59.09 -15.80 -15.74
N HIS U 121 58.34 -15.87 -14.65
CA HIS U 121 57.97 -14.67 -13.91
C HIS U 121 59.18 -14.13 -13.17
N TYR U 122 59.12 -12.83 -12.86
CA TYR U 122 60.24 -12.15 -12.20
C TYR U 122 60.64 -12.90 -10.93
N GLY U 123 61.92 -13.26 -10.86
CA GLY U 123 62.46 -13.99 -9.72
C GLY U 123 62.31 -15.50 -9.81
N GLU U 124 61.19 -15.95 -10.37
CA GLU U 124 61.00 -17.38 -10.59
C GLU U 124 62.05 -17.90 -11.56
N THR U 125 62.42 -19.18 -11.38
CA THR U 125 63.38 -19.85 -12.24
C THR U 125 62.64 -20.88 -13.07
N LYS U 126 62.67 -20.71 -14.39
CA LYS U 126 62.01 -21.62 -15.32
C LYS U 126 62.55 -21.37 -16.72
N ARG U 127 62.98 -22.43 -17.39
CA ARG U 127 63.50 -22.27 -18.75
C ARG U 127 62.39 -21.77 -19.67
N PRO U 128 62.71 -20.91 -20.63
CA PRO U 128 61.70 -20.44 -21.57
C PRO U 128 61.05 -21.59 -22.32
N GLU U 129 59.84 -21.33 -22.82
CA GLU U 129 59.08 -22.31 -23.57
C GLU U 129 58.76 -21.73 -24.93
N LEU U 130 58.99 -22.52 -25.99
CA LEU U 130 58.67 -22.10 -27.34
C LEU U 130 57.64 -23.05 -27.90
N TYR U 131 56.56 -22.52 -28.46
CA TYR U 131 55.51 -23.33 -29.06
C TYR U 131 55.28 -22.92 -30.51
N ARG U 132 55.09 -23.92 -31.34
CA ARG U 132 54.86 -23.78 -32.78
C ARG U 132 53.53 -24.44 -33.12
N ILE U 133 52.60 -23.67 -33.68
CA ILE U 133 51.31 -24.16 -34.11
C ILE U 133 51.21 -23.94 -35.61
N THR U 134 50.89 -25.00 -36.34
CA THR U 134 50.87 -24.93 -37.80
C THR U 134 49.45 -24.80 -38.32
N TYR U 135 49.35 -24.61 -39.64
CA TYR U 135 48.08 -24.22 -40.26
C TYR U 135 46.96 -25.24 -40.03
N ASP U 136 47.29 -26.48 -39.65
CA ASP U 136 46.28 -27.51 -39.46
C ASP U 136 46.04 -27.82 -37.98
N GLY U 137 46.56 -26.99 -37.07
CA GLY U 137 46.38 -27.21 -35.65
C GLY U 137 47.41 -28.10 -34.98
N SER U 138 48.44 -28.53 -35.72
CA SER U 138 49.52 -29.30 -35.14
C SER U 138 50.37 -28.41 -34.23
N ILE U 139 50.75 -28.94 -33.06
CA ILE U 139 51.45 -28.18 -32.04
C ILE U 139 52.71 -28.92 -31.62
N ALA U 140 53.83 -28.19 -31.49
CA ALA U 140 55.08 -28.75 -31.02
C ALA U 140 55.77 -27.74 -30.12
N ASP U 141 56.52 -28.25 -29.12
CA ASP U 141 57.15 -27.40 -28.11
C ASP U 141 58.66 -27.50 -28.17
N GLU U 142 59.30 -26.46 -28.71
CA GLU U 142 60.75 -26.38 -28.86
C GLU U 142 61.40 -25.66 -27.68
N PRO U 143 62.60 -26.15 -27.33
CA PRO U 143 63.35 -25.62 -26.18
C PRO U 143 64.38 -24.58 -26.59
N HIS U 144 64.79 -24.57 -27.85
CA HIS U 144 65.90 -23.73 -28.28
C HIS U 144 65.48 -22.69 -29.32
N PHE U 145 64.92 -23.09 -30.46
CA PHE U 145 64.53 -22.09 -31.46
C PHE U 145 63.42 -22.64 -32.34
N VAL U 146 62.70 -21.70 -32.96
CA VAL U 146 61.60 -21.96 -33.89
C VAL U 146 61.76 -21.03 -35.09
N VAL U 147 61.60 -21.58 -36.29
CA VAL U 147 61.66 -20.82 -37.53
C VAL U 147 60.35 -21.05 -38.28
N MET U 148 59.75 -19.97 -38.79
CA MET U 148 58.46 -20.06 -39.46
C MET U 148 58.46 -19.17 -40.70
N GLY U 149 57.78 -19.63 -41.75
CA GLY U 149 57.56 -18.77 -42.90
C GLY U 149 58.71 -18.74 -43.89
N GLY U 150 58.38 -18.58 -45.17
CA GLY U 150 59.42 -18.55 -46.20
C GLY U 150 60.09 -19.91 -46.35
N THR U 151 61.36 -19.85 -46.78
CA THR U 151 62.16 -21.06 -46.93
C THR U 151 62.82 -21.34 -45.59
N THR U 152 62.26 -22.32 -44.87
CA THR U 152 62.66 -22.53 -43.48
C THR U 152 63.94 -23.34 -43.36
N GLU U 153 64.11 -24.35 -44.22
CA GLU U 153 65.24 -25.28 -44.12
C GLU U 153 66.60 -24.60 -43.99
N PRO U 154 66.98 -23.65 -44.84
CA PRO U 154 68.30 -23.01 -44.68
C PRO U 154 68.45 -22.29 -43.35
N ILE U 155 67.38 -21.65 -42.87
CA ILE U 155 67.44 -20.94 -41.60
C ILE U 155 67.56 -21.91 -40.44
N ALA U 156 66.75 -22.98 -40.45
CA ALA U 156 66.80 -23.97 -39.38
C ALA U 156 68.16 -24.65 -39.29
N ASN U 157 68.70 -25.12 -40.42
CA ASN U 157 70.02 -25.75 -40.37
C ASN U 157 71.10 -24.72 -40.01
N ALA U 158 71.05 -23.55 -40.65
CA ALA U 158 71.98 -22.46 -40.31
C ALA U 158 72.02 -22.21 -38.81
N LEU U 159 70.85 -22.20 -38.16
CA LEU U 159 70.81 -22.05 -36.70
C LEU U 159 71.39 -23.28 -36.02
N LYS U 160 71.14 -24.46 -36.58
CA LYS U 160 71.52 -25.71 -35.92
C LYS U 160 73.02 -25.77 -35.65
N GLU U 161 73.83 -25.24 -36.57
CA GLU U 161 75.28 -25.25 -36.43
C GLU U 161 75.83 -23.93 -35.91
N SER U 162 74.97 -23.09 -35.31
CA SER U 162 75.44 -21.82 -34.78
C SER U 162 74.79 -21.42 -33.46
N TYR U 163 73.76 -22.12 -33.00
CA TYR U 163 73.05 -21.75 -31.77
C TYR U 163 73.66 -22.46 -30.58
N ALA U 164 73.76 -21.73 -29.45
CA ALA U 164 74.23 -22.28 -28.19
C ALA U 164 73.34 -21.77 -27.07
N GLU U 165 73.13 -22.61 -26.05
CA GLU U 165 72.23 -22.28 -24.95
C GLU U 165 72.71 -21.04 -24.20
N ASN U 166 71.73 -20.30 -23.65
CA ASN U 166 71.96 -19.16 -22.76
C ASN U 166 72.94 -18.14 -23.36
N ALA U 167 72.89 -17.97 -24.68
CA ALA U 167 73.70 -16.94 -25.31
C ALA U 167 73.24 -15.55 -24.86
N SER U 168 74.14 -14.57 -24.98
CA SER U 168 73.78 -13.20 -24.66
C SER U 168 72.81 -12.64 -25.70
N LEU U 169 72.21 -11.49 -25.36
CA LEU U 169 71.28 -10.83 -26.27
C LEU U 169 71.94 -10.50 -27.60
N THR U 170 73.12 -9.88 -27.56
CA THR U 170 73.81 -9.52 -28.79
C THR U 170 74.15 -10.75 -29.62
N ASP U 171 74.67 -11.78 -28.96
CA ASP U 171 75.04 -13.01 -29.66
C ASP U 171 73.82 -13.66 -30.29
N ALA U 172 72.73 -13.78 -29.52
CA ALA U 172 71.51 -14.39 -30.05
C ALA U 172 70.95 -13.59 -31.22
N LEU U 173 71.00 -12.26 -31.13
CA LEU U 173 70.54 -11.44 -32.24
C LEU U 173 71.39 -11.66 -33.49
N ARG U 174 72.70 -11.72 -33.33
CA ARG U 174 73.58 -11.93 -34.49
C ARG U 174 73.32 -13.29 -35.13
N ILE U 175 73.24 -14.33 -34.31
CA ILE U 175 72.91 -15.67 -34.81
C ILE U 175 71.59 -15.61 -35.58
N ALA U 176 70.62 -14.85 -35.07
CA ALA U 176 69.30 -14.78 -35.71
C ALA U 176 69.36 -14.08 -37.07
N VAL U 177 69.97 -12.90 -37.13
CA VAL U 177 70.04 -12.19 -38.42
C VAL U 177 70.87 -12.97 -39.43
N ALA U 178 71.93 -13.63 -38.96
CA ALA U 178 72.74 -14.47 -39.85
C ALA U 178 71.90 -15.58 -40.45
N ALA U 179 71.19 -16.32 -39.59
CA ALA U 179 70.34 -17.41 -40.09
C ALA U 179 69.23 -16.90 -40.99
N LEU U 180 68.72 -15.69 -40.72
CA LEU U 180 67.68 -15.11 -41.56
C LEU U 180 68.21 -14.80 -42.96
N ARG U 181 69.40 -14.21 -43.04
CA ARG U 181 69.98 -13.90 -44.35
C ARG U 181 70.20 -15.18 -45.16
N ALA U 182 70.67 -16.24 -44.51
CA ALA U 182 70.89 -17.51 -45.19
C ALA U 182 69.57 -18.15 -45.60
N GLY U 183 68.88 -17.55 -46.58
CA GLY U 183 67.62 -18.07 -47.05
C GLY U 183 66.50 -17.04 -47.07
N LEU U 195 68.43 -7.94 -42.73
CA LEU U 195 69.42 -7.10 -43.39
C LEU U 195 69.35 -5.73 -42.75
N GLY U 196 69.72 -5.67 -41.47
CA GLY U 196 69.80 -4.42 -40.72
C GLY U 196 68.47 -3.92 -40.19
N VAL U 197 68.48 -2.63 -39.84
CA VAL U 197 67.44 -2.08 -38.99
C VAL U 197 66.14 -1.83 -39.75
N ALA U 198 66.22 -1.21 -40.92
CA ALA U 198 65.02 -0.76 -41.62
C ALA U 198 64.18 -1.90 -42.17
N SER U 199 64.72 -3.12 -42.24
CA SER U 199 63.99 -4.27 -42.75
C SER U 199 63.68 -5.30 -41.67
N LEU U 200 63.94 -5.01 -40.40
CA LEU U 200 63.72 -5.96 -39.33
C LEU U 200 62.75 -5.43 -38.29
N GLU U 201 62.00 -6.36 -37.70
CA GLU U 201 61.18 -6.14 -36.52
C GLU U 201 61.69 -7.07 -35.43
N VAL U 202 62.16 -6.48 -34.34
CA VAL U 202 62.81 -7.24 -33.27
C VAL U 202 62.10 -6.91 -31.96
N ALA U 203 61.80 -7.95 -31.19
CA ALA U 203 61.21 -7.78 -29.87
C ALA U 203 61.73 -8.89 -28.98
N VAL U 204 61.53 -8.74 -27.68
CA VAL U 204 62.08 -9.67 -26.70
C VAL U 204 61.07 -9.89 -25.58
N LEU U 205 60.98 -11.14 -25.12
CA LEU U 205 60.36 -11.46 -23.83
C LEU U 205 61.49 -11.45 -22.81
N ASP U 206 61.55 -10.38 -22.03
CA ASP U 206 62.64 -10.12 -21.10
C ASP U 206 62.24 -10.67 -19.73
N ALA U 207 62.76 -11.85 -19.40
CA ALA U 207 62.43 -12.47 -18.11
C ALA U 207 62.88 -11.63 -16.93
N ASN U 208 63.72 -10.62 -17.16
CA ASN U 208 64.25 -9.78 -16.09
C ASN U 208 63.45 -8.48 -15.93
N ARG U 209 62.16 -8.52 -16.23
CA ARG U 209 61.29 -7.37 -16.00
C ARG U 209 60.17 -7.74 -15.04
N PRO U 210 59.74 -6.82 -14.18
CA PRO U 210 58.85 -7.22 -13.08
C PRO U 210 57.51 -7.78 -13.53
N ARG U 211 56.80 -7.10 -14.43
CA ARG U 211 55.50 -7.60 -14.84
C ARG U 211 55.43 -7.91 -16.33
N ARG U 212 55.33 -6.88 -17.17
CA ARG U 212 55.16 -7.07 -18.60
C ARG U 212 56.52 -7.33 -19.25
N ALA U 213 56.73 -8.57 -19.71
CA ALA U 213 58.03 -8.97 -20.23
C ALA U 213 58.28 -8.55 -21.67
N PHE U 214 57.22 -8.29 -22.44
CA PHE U 214 57.40 -7.97 -23.85
C PHE U 214 58.00 -6.58 -24.00
N ARG U 215 58.96 -6.44 -24.92
CA ARG U 215 59.67 -5.18 -25.08
C ARG U 215 60.26 -5.12 -26.49
N ARG U 216 59.98 -4.04 -27.20
CA ARG U 216 60.46 -3.89 -28.57
C ARG U 216 61.84 -3.24 -28.57
N ILE U 217 62.66 -3.63 -29.54
CA ILE U 217 64.01 -3.08 -29.72
C ILE U 217 64.05 -2.46 -31.11
N THR U 218 64.06 -1.13 -31.17
CA THR U 218 63.88 -0.41 -32.43
C THR U 218 64.93 0.67 -32.62
N GLY U 219 65.19 1.00 -33.88
CA GLY U 219 65.96 2.18 -34.24
C GLY U 219 67.38 2.17 -33.70
N SER U 220 67.75 3.30 -33.08
CA SER U 220 69.12 3.51 -32.65
C SER U 220 69.58 2.42 -31.69
N ALA U 221 68.69 2.00 -30.78
CA ALA U 221 69.04 0.92 -29.86
C ALA U 221 69.31 -0.37 -30.62
N LEU U 222 68.49 -0.69 -31.62
CA LEU U 222 68.67 -1.93 -32.37
C LEU U 222 69.96 -1.92 -33.18
N GLN U 223 70.20 -0.83 -33.91
CA GLN U 223 71.47 -0.69 -34.62
C GLN U 223 72.64 -0.79 -33.65
N ALA U 224 72.48 -0.21 -32.46
CA ALA U 224 73.49 -0.31 -31.41
C ALA U 224 73.75 -1.77 -31.05
N LEU U 225 72.69 -2.57 -30.90
CA LEU U 225 72.91 -3.99 -30.65
C LEU U 225 73.64 -4.64 -31.82
N LEU U 226 73.45 -4.13 -33.02
CA LEU U 226 74.11 -4.66 -34.21
C LEU U 226 75.53 -4.12 -34.44
N VAL U 227 76.15 -3.44 -33.47
CA VAL U 227 77.49 -2.88 -33.69
C VAL U 227 78.53 -3.99 -33.82
N THR V 1 25.01 -20.33 13.79
CA THR V 1 26.16 -20.87 13.09
C THR V 1 27.41 -20.04 13.39
N THR V 2 28.54 -20.71 13.57
CA THR V 2 29.82 -20.03 13.68
C THR V 2 30.89 -20.87 13.03
N ILE V 3 31.64 -20.27 12.10
CA ILE V 3 32.81 -20.87 11.49
C ILE V 3 34.00 -19.99 11.86
N VAL V 4 35.07 -20.63 12.36
CA VAL V 4 36.30 -19.92 12.71
C VAL V 4 37.43 -20.49 11.88
N ALA V 5 38.43 -19.64 11.63
CA ALA V 5 39.65 -20.06 10.97
C ALA V 5 40.80 -19.20 11.50
N LEU V 6 41.93 -19.84 11.79
CA LEU V 6 43.09 -19.11 12.25
C LEU V 6 44.35 -19.74 11.67
N LYS V 7 45.38 -18.91 11.49
CA LYS V 7 46.68 -19.34 11.01
C LYS V 7 47.57 -19.73 12.18
N TYR V 8 48.28 -20.83 12.03
CA TYR V 8 49.32 -21.23 12.96
C TYR V 8 50.60 -21.46 12.17
N PRO V 9 51.76 -21.53 12.85
CA PRO V 9 53.03 -21.70 12.12
C PRO V 9 53.03 -22.89 11.18
N GLY V 10 53.00 -22.60 9.87
CA GLY V 10 53.03 -23.62 8.85
C GLY V 10 51.68 -24.20 8.47
N GLY V 11 50.58 -23.61 8.90
CA GLY V 11 49.29 -24.17 8.55
C GLY V 11 48.13 -23.27 8.91
N VAL V 12 46.92 -23.81 8.68
CA VAL V 12 45.67 -23.13 8.95
C VAL V 12 44.72 -24.14 9.58
N VAL V 13 43.80 -23.64 10.40
CA VAL V 13 42.77 -24.47 11.01
C VAL V 13 41.43 -23.79 10.79
N MET V 14 40.40 -24.61 10.56
CA MET V 14 39.05 -24.12 10.40
C MET V 14 38.10 -25.05 11.13
N ALA V 15 37.18 -24.49 11.91
CA ALA V 15 36.25 -25.30 12.68
C ALA V 15 34.86 -24.68 12.60
N GLY V 16 33.86 -25.52 12.77
CA GLY V 16 32.48 -25.08 12.69
C GLY V 16 31.60 -25.88 13.62
N ASP V 17 30.53 -25.25 14.09
CA ASP V 17 29.60 -25.90 15.00
C ASP V 17 28.69 -26.85 14.22
N ARG V 18 27.80 -27.53 14.94
CA ARG V 18 27.01 -28.61 14.38
C ARG V 18 25.50 -28.36 14.42
N ARG V 19 25.07 -27.14 14.72
CA ARG V 19 23.68 -26.85 15.00
C ARG V 19 22.97 -26.35 13.76
N SER V 20 21.78 -26.89 13.51
CA SER V 20 20.88 -26.39 12.47
C SER V 20 19.58 -25.97 13.15
N THR V 21 19.14 -24.75 12.87
CA THR V 21 17.91 -24.24 13.46
C THR V 21 16.96 -23.76 12.37
N GLN V 22 15.67 -23.79 12.69
CA GLN V 22 14.64 -23.12 11.92
C GLN V 22 13.92 -22.18 12.89
N GLY V 23 14.14 -20.88 12.71
CA GLY V 23 13.79 -19.93 13.74
C GLY V 23 14.38 -20.30 15.09
N ASN V 24 13.53 -20.51 16.09
CA ASN V 24 14.02 -20.93 17.40
C ASN V 24 14.16 -22.45 17.54
N MET V 25 13.49 -23.22 16.69
CA MET V 25 13.51 -24.67 16.83
C MET V 25 14.84 -25.22 16.35
N ILE V 26 15.38 -26.16 17.12
CA ILE V 26 16.60 -26.86 16.73
C ILE V 26 16.22 -27.98 15.77
N SER V 27 16.71 -27.90 14.54
CA SER V 27 16.40 -28.87 13.50
C SER V 27 17.60 -29.74 13.14
N GLY V 28 18.71 -29.60 13.85
CA GLY V 28 19.87 -30.43 13.60
C GLY V 28 20.94 -30.31 14.66
N ARG V 29 21.55 -31.45 15.02
CA ARG V 29 22.63 -31.49 16.00
C ARG V 29 23.93 -32.02 15.44
N ASP V 30 23.91 -32.71 14.30
CA ASP V 30 25.09 -33.33 13.71
C ASP V 30 25.51 -32.69 12.40
N VAL V 31 24.95 -31.51 12.07
CA VAL V 31 25.21 -30.86 10.79
C VAL V 31 26.70 -30.59 10.62
N ARG V 32 27.19 -30.79 9.40
CA ARG V 32 28.59 -30.54 9.05
C ARG V 32 28.64 -29.34 8.12
N LYS V 33 29.36 -28.30 8.54
CA LYS V 33 29.41 -27.03 7.82
C LYS V 33 30.78 -26.72 7.24
N VAL V 34 31.79 -27.53 7.51
CA VAL V 34 33.14 -27.32 7.01
C VAL V 34 33.47 -28.46 6.06
N TYR V 35 33.91 -28.11 4.86
CA TYR V 35 34.19 -29.08 3.82
C TYR V 35 35.58 -28.84 3.26
N ILE V 36 36.24 -29.93 2.89
CA ILE V 36 37.54 -29.85 2.23
C ILE V 36 37.26 -29.70 0.74
N THR V 37 37.44 -28.49 0.22
CA THR V 37 37.10 -28.26 -1.18
C THR V 37 38.18 -28.74 -2.13
N ASP V 38 39.44 -28.72 -1.71
CA ASP V 38 40.49 -29.30 -2.54
C ASP V 38 41.66 -29.66 -1.64
N ASP V 39 42.67 -30.30 -2.26
CA ASP V 39 43.79 -30.85 -1.52
C ASP V 39 44.39 -29.84 -0.53
N TYR V 40 44.29 -28.54 -0.83
CA TYR V 40 44.84 -27.53 0.05
C TYR V 40 43.83 -26.44 0.45
N THR V 41 42.53 -26.65 0.26
CA THR V 41 41.57 -25.64 0.73
C THR V 41 40.34 -26.28 1.34
N ALA V 42 39.79 -25.59 2.34
CA ALA V 42 38.57 -25.94 3.03
C ALA V 42 37.68 -24.72 3.11
N THR V 43 36.37 -24.93 3.01
CA THR V 43 35.38 -23.86 3.03
C THR V 43 34.34 -24.15 4.10
N GLY V 44 34.06 -23.17 4.95
CA GLY V 44 32.97 -23.25 5.90
C GLY V 44 31.92 -22.21 5.53
N ILE V 45 30.65 -22.60 5.57
CA ILE V 45 29.60 -21.75 5.04
C ILE V 45 28.52 -21.56 6.09
N ALA V 46 27.99 -20.34 6.18
CA ALA V 46 26.90 -20.01 7.09
C ALA V 46 25.71 -19.48 6.30
N GLY V 47 24.51 -19.74 6.80
CA GLY V 47 23.29 -19.25 6.18
C GLY V 47 22.34 -20.37 5.83
N THR V 48 21.55 -20.14 4.78
CA THR V 48 20.58 -21.13 4.33
C THR V 48 21.27 -22.42 3.93
N ALA V 49 20.80 -23.53 4.52
CA ALA V 49 21.46 -24.83 4.34
C ALA V 49 21.58 -25.20 2.87
N ALA V 50 20.47 -25.10 2.14
CA ALA V 50 20.49 -25.45 0.71
C ALA V 50 21.60 -24.73 -0.03
N VAL V 51 21.64 -23.41 0.10
CA VAL V 51 22.64 -22.61 -0.61
C VAL V 51 24.04 -22.98 -0.14
N ALA V 52 24.19 -23.25 1.17
CA ALA V 52 25.51 -23.58 1.71
C ALA V 52 26.04 -24.88 1.12
N VAL V 53 25.25 -25.95 1.18
CA VAL V 53 25.71 -27.25 0.68
C VAL V 53 25.96 -27.18 -0.83
N GLU V 54 25.02 -26.59 -1.58
CA GLU V 54 25.21 -26.49 -3.02
C GLU V 54 26.44 -25.64 -3.35
N PHE V 55 26.69 -24.59 -2.55
CA PHE V 55 27.90 -23.80 -2.72
C PHE V 55 29.15 -24.66 -2.56
N ALA V 56 29.27 -25.37 -1.45
CA ALA V 56 30.46 -26.18 -1.20
C ALA V 56 30.66 -27.19 -2.32
N ARG V 57 29.60 -27.90 -2.68
CA ARG V 57 29.67 -28.94 -3.70
C ARG V 57 30.11 -28.35 -5.04
N LEU V 58 29.39 -27.34 -5.52
CA LEU V 58 29.70 -26.72 -6.80
C LEU V 58 31.11 -26.13 -6.82
N TYR V 59 31.54 -25.56 -5.70
CA TYR V 59 32.88 -24.94 -5.64
C TYR V 59 33.98 -25.99 -5.75
N ALA V 60 33.89 -27.06 -4.95
CA ALA V 60 34.86 -28.15 -5.05
C ALA V 60 34.91 -28.70 -6.47
N VAL V 61 33.74 -28.93 -7.06
CA VAL V 61 33.67 -29.44 -8.43
C VAL V 61 34.35 -28.47 -9.38
N GLU V 62 34.17 -27.16 -9.18
CA GLU V 62 34.77 -26.19 -10.08
C GLU V 62 36.29 -26.21 -10.00
N LEU V 63 36.84 -26.20 -8.78
CA LEU V 63 38.29 -26.20 -8.62
C LEU V 63 38.91 -27.45 -9.24
N GLU V 64 38.38 -28.63 -8.88
CA GLU V 64 38.96 -29.86 -9.44
C GLU V 64 38.74 -29.94 -10.95
N HIS V 65 37.63 -29.38 -11.44
CA HIS V 65 37.40 -29.30 -12.88
C HIS V 65 38.53 -28.54 -13.57
N TYR V 66 38.84 -27.33 -13.08
CA TYR V 66 39.96 -26.59 -13.66
C TYR V 66 41.25 -27.38 -13.55
N GLU V 67 41.47 -28.05 -12.42
CA GLU V 67 42.72 -28.80 -12.22
C GLU V 67 42.87 -29.88 -13.28
N LYS V 68 41.80 -30.63 -13.56
CA LYS V 68 41.90 -31.69 -14.55
C LYS V 68 41.97 -31.14 -15.97
N LEU V 69 41.28 -30.03 -16.24
CA LEU V 69 41.30 -29.48 -17.60
C LEU V 69 42.66 -28.92 -17.96
N GLU V 70 43.26 -28.14 -17.06
CA GLU V 70 44.49 -27.43 -17.38
C GLU V 70 45.74 -28.12 -16.84
N GLY V 71 45.60 -29.26 -16.17
CA GLY V 71 46.75 -30.01 -15.70
C GLY V 71 47.49 -29.39 -14.53
N VAL V 72 46.98 -28.29 -13.98
CA VAL V 72 47.60 -27.61 -12.85
C VAL V 72 46.47 -26.99 -12.03
N PRO V 73 46.55 -26.97 -10.71
CA PRO V 73 45.50 -26.32 -9.92
C PRO V 73 45.52 -24.82 -10.08
N LEU V 74 44.40 -24.19 -9.71
CA LEU V 74 44.31 -22.75 -9.76
C LEU V 74 45.27 -22.12 -8.75
N THR V 75 45.77 -20.94 -9.10
CA THR V 75 46.45 -20.12 -8.11
C THR V 75 45.45 -19.75 -7.01
N PHE V 76 45.97 -19.44 -5.83
CA PHE V 76 45.09 -19.14 -4.71
C PHE V 76 44.20 -17.94 -5.03
N ALA V 77 44.76 -16.92 -5.67
CA ALA V 77 43.96 -15.79 -6.11
C ALA V 77 42.80 -16.24 -7.00
N GLY V 78 43.06 -17.21 -7.88
CA GLY V 78 42.00 -17.72 -8.73
C GLY V 78 40.88 -18.37 -7.94
N LYS V 79 41.23 -19.18 -6.94
CA LYS V 79 40.22 -19.80 -6.09
C LYS V 79 39.38 -18.74 -5.38
N ILE V 80 40.05 -17.73 -4.80
CA ILE V 80 39.32 -16.63 -4.18
C ILE V 80 38.34 -16.01 -5.16
N ASN V 81 38.83 -15.68 -6.36
CA ASN V 81 37.99 -15.02 -7.35
C ASN V 81 36.77 -15.86 -7.71
N ARG V 82 36.95 -17.17 -7.88
CA ARG V 82 35.81 -18.01 -8.25
C ARG V 82 34.79 -18.08 -7.13
N LEU V 83 35.25 -18.22 -5.88
CA LEU V 83 34.30 -18.23 -4.77
C LEU V 83 33.52 -16.92 -4.71
N ALA V 84 34.23 -15.78 -4.86
CA ALA V 84 33.57 -14.49 -4.84
C ALA V 84 32.52 -14.37 -5.94
N ILE V 85 32.87 -14.80 -7.15
CA ILE V 85 31.92 -14.76 -8.26
C ILE V 85 30.69 -15.62 -7.95
N MET V 86 30.90 -16.75 -7.27
CA MET V 86 29.77 -17.59 -6.90
C MET V 86 28.83 -16.84 -5.94
N VAL V 87 29.39 -16.21 -4.91
CA VAL V 87 28.59 -15.46 -3.95
C VAL V 87 27.81 -14.34 -4.66
N ARG V 88 28.52 -13.53 -5.44
CA ARG V 88 27.85 -12.46 -6.19
C ARG V 88 26.74 -13.01 -7.07
N GLY V 89 26.97 -14.18 -7.66
CA GLY V 89 25.91 -14.82 -8.43
C GLY V 89 24.69 -15.14 -7.61
N ASN V 90 24.89 -15.50 -6.34
CA ASN V 90 23.73 -15.78 -5.48
C ASN V 90 23.12 -14.53 -4.87
N LEU V 91 23.72 -13.36 -5.04
CA LEU V 91 23.20 -12.14 -4.40
C LEU V 91 21.68 -11.98 -4.57
N ALA V 92 21.17 -12.21 -5.78
CA ALA V 92 19.75 -11.98 -6.04
C ALA V 92 18.87 -12.82 -5.12
N ALA V 93 19.10 -14.14 -5.10
CA ALA V 93 18.34 -15.00 -4.19
C ALA V 93 18.62 -14.67 -2.73
N ALA V 94 19.84 -14.22 -2.41
CA ALA V 94 20.14 -13.81 -1.04
C ALA V 94 19.23 -12.68 -0.58
N MET V 95 18.95 -11.73 -1.47
CA MET V 95 18.01 -10.66 -1.12
C MET V 95 16.62 -11.18 -0.79
N GLN V 96 16.24 -12.37 -1.27
CA GLN V 96 14.95 -12.96 -0.97
C GLN V 96 15.02 -14.04 0.11
N GLY V 97 16.15 -14.16 0.81
CA GLY V 97 16.23 -15.04 1.96
C GLY V 97 17.08 -16.28 1.81
N LEU V 98 17.69 -16.51 0.65
CA LEU V 98 18.57 -17.68 0.49
C LEU V 98 20.03 -17.25 0.57
N LEU V 99 20.36 -16.66 1.70
CA LEU V 99 21.68 -16.06 1.93
C LEU V 99 22.66 -17.10 2.46
N ALA V 100 23.91 -17.03 1.97
CA ALA V 100 24.97 -17.91 2.45
C ALA V 100 26.32 -17.23 2.26
N LEU V 101 27.06 -17.06 3.36
CA LEU V 101 28.39 -16.47 3.33
C LEU V 101 29.44 -17.52 3.58
N PRO V 102 30.47 -17.60 2.73
CA PRO V 102 31.56 -18.56 2.97
C PRO V 102 32.77 -17.93 3.65
N LEU V 103 33.58 -18.80 4.24
CA LEU V 103 34.88 -18.48 4.81
C LEU V 103 35.86 -19.51 4.27
N LEU V 104 36.95 -19.02 3.67
CA LEU V 104 37.90 -19.85 2.95
C LEU V 104 39.18 -19.95 3.75
N ALA V 105 39.69 -21.16 3.91
CA ALA V 105 40.97 -21.40 4.56
C ALA V 105 41.82 -22.26 3.64
N GLY V 106 43.06 -21.85 3.40
CA GLY V 106 43.89 -22.58 2.47
C GLY V 106 45.36 -22.51 2.82
N TYR V 107 46.13 -23.32 2.10
CA TYR V 107 47.59 -23.34 2.20
C TYR V 107 48.14 -23.08 0.80
N ASP V 108 48.81 -21.94 0.63
CA ASP V 108 49.30 -21.54 -0.68
C ASP V 108 50.64 -22.23 -0.92
N ILE V 109 50.63 -23.26 -1.77
CA ILE V 109 51.85 -24.01 -2.06
C ILE V 109 52.87 -23.17 -2.81
N HIS V 110 52.43 -22.09 -3.45
CA HIS V 110 53.34 -21.21 -4.19
C HIS V 110 53.92 -20.10 -3.33
N ALA V 111 53.66 -20.11 -2.03
CA ALA V 111 54.18 -19.03 -1.19
C ALA V 111 55.68 -19.19 -0.96
N SER V 112 56.35 -18.05 -0.79
CA SER V 112 57.81 -18.04 -0.61
C SER V 112 58.21 -18.56 0.76
N ASP V 113 57.41 -18.26 1.78
CA ASP V 113 57.80 -18.56 3.15
C ASP V 113 56.86 -19.63 3.67
N PRO V 114 57.34 -20.85 3.92
CA PRO V 114 56.45 -21.95 4.34
C PRO V 114 55.80 -21.74 5.69
N GLN V 115 56.32 -20.84 6.53
CA GLN V 115 55.70 -20.59 7.83
C GLN V 115 54.40 -19.83 7.66
N SER V 116 54.37 -18.81 6.80
CA SER V 116 53.23 -17.94 6.61
C SER V 116 52.48 -18.25 5.32
N ALA V 117 52.51 -19.50 4.86
CA ALA V 117 51.78 -19.89 3.66
C ALA V 117 50.31 -20.11 3.94
N GLY V 118 49.88 -19.98 5.20
CA GLY V 118 48.47 -20.06 5.51
C GLY V 118 47.69 -18.87 4.99
N ARG V 119 46.44 -19.13 4.61
CA ARG V 119 45.58 -18.11 4.01
C ARG V 119 44.18 -18.21 4.58
N ILE V 120 43.61 -17.05 4.90
CA ILE V 120 42.25 -16.93 5.42
C ILE V 120 41.54 -15.81 4.67
N VAL V 121 40.42 -16.14 4.03
CA VAL V 121 39.66 -15.19 3.22
C VAL V 121 38.22 -15.16 3.72
N SER V 122 37.72 -13.95 4.00
CA SER V 122 36.33 -13.74 4.39
C SER V 122 35.59 -13.02 3.28
N PHE V 123 34.26 -13.17 3.26
CA PHE V 123 33.44 -12.63 2.19
C PHE V 123 32.21 -11.92 2.78
N ASP V 124 31.61 -11.05 1.96
CA ASP V 124 30.31 -10.45 2.24
C ASP V 124 29.30 -10.90 1.20
N ALA V 125 28.04 -10.48 1.39
CA ALA V 125 26.94 -10.97 0.55
C ALA V 125 27.04 -10.51 -0.90
N ALA V 126 27.80 -9.45 -1.17
CA ALA V 126 28.01 -8.98 -2.54
C ALA V 126 29.25 -9.58 -3.19
N GLY V 127 29.90 -10.51 -2.52
CA GLY V 127 31.12 -11.19 -2.95
C GLY V 127 32.41 -10.42 -2.80
N GLY V 128 32.40 -9.32 -2.05
CA GLY V 128 33.60 -8.74 -1.47
C GLY V 128 34.48 -9.79 -0.83
N TRP V 129 35.81 -9.63 -0.86
CA TRP V 129 36.67 -10.60 -0.21
C TRP V 129 37.75 -9.88 0.59
N ASN V 130 38.29 -10.60 1.57
CA ASN V 130 39.34 -10.12 2.46
C ASN V 130 40.34 -11.23 2.73
N ILE V 131 41.61 -10.97 2.42
CA ILE V 131 42.70 -11.83 2.85
C ILE V 131 43.18 -11.29 4.19
N GLU V 132 43.03 -12.10 5.24
CA GLU V 132 43.27 -11.60 6.60
C GLU V 132 44.76 -11.53 6.90
N GLU V 133 45.24 -10.31 7.13
CA GLU V 133 46.61 -10.04 7.54
C GLU V 133 46.85 -10.29 9.02
N GLU V 134 45.79 -10.46 9.82
CA GLU V 134 45.91 -10.41 11.27
C GLU V 134 45.72 -11.75 11.97
N GLY V 135 45.55 -12.85 11.24
CA GLY V 135 45.74 -14.19 11.78
C GLY V 135 44.49 -15.03 11.95
N TYR V 136 43.33 -14.41 12.17
CA TYR V 136 42.11 -15.17 12.42
C TYR V 136 40.92 -14.47 11.79
N GLN V 137 39.81 -15.20 11.68
CA GLN V 137 38.58 -14.69 11.09
C GLN V 137 37.45 -15.66 11.40
N ALA V 138 36.22 -15.14 11.40
CA ALA V 138 35.05 -15.97 11.66
C ALA V 138 33.86 -15.44 10.85
N VAL V 139 32.87 -16.30 10.65
CA VAL V 139 31.66 -15.97 9.92
C VAL V 139 30.48 -16.67 10.57
N GLY V 140 29.31 -16.06 10.48
CA GLY V 140 28.09 -16.63 11.01
C GLY V 140 27.51 -15.76 12.11
N SER V 141 26.39 -16.24 12.66
CA SER V 141 25.66 -15.48 13.67
C SER V 141 26.46 -15.29 14.96
N GLY V 142 27.45 -16.14 15.21
CA GLY V 142 28.29 -15.99 16.38
C GLY V 142 29.68 -15.47 16.08
N SER V 143 29.86 -14.90 14.88
CA SER V 143 31.19 -14.53 14.43
C SER V 143 31.79 -13.41 15.26
N LEU V 144 30.97 -12.48 15.75
CA LEU V 144 31.50 -11.38 16.54
C LEU V 144 32.03 -11.88 17.89
N PHE V 145 31.29 -12.77 18.54
CA PHE V 145 31.77 -13.36 19.80
C PHE V 145 33.05 -14.15 19.58
N ALA V 146 33.09 -14.96 18.52
CA ALA V 146 34.27 -15.78 18.26
C ALA V 146 35.48 -14.91 17.95
N LYS V 147 35.30 -13.87 17.15
CA LYS V 147 36.42 -12.98 16.83
C LYS V 147 36.90 -12.24 18.07
N SER V 148 35.99 -11.81 18.93
CA SER V 148 36.43 -11.13 20.15
C SER V 148 37.15 -12.08 21.10
N SER V 149 36.76 -13.36 21.12
CA SER V 149 37.49 -14.34 21.92
C SER V 149 38.89 -14.58 21.37
N MET V 150 38.99 -14.81 20.05
CA MET V 150 40.29 -15.03 19.44
C MET V 150 41.19 -13.81 19.57
N LYS V 151 40.60 -12.62 19.66
CA LYS V 151 41.39 -11.40 19.88
C LYS V 151 42.20 -11.50 21.16
N LYS V 152 41.67 -12.15 22.18
CA LYS V 152 42.39 -12.32 23.44
C LYS V 152 43.23 -13.60 23.46
N LEU V 153 42.77 -14.67 22.83
CA LEU V 153 43.43 -15.96 22.94
C LEU V 153 44.47 -16.24 21.86
N TYR V 154 44.61 -15.37 20.85
CA TYR V 154 45.45 -15.73 19.71
C TYR V 154 46.93 -15.78 20.06
N SER V 155 47.38 -14.95 21.01
CA SER V 155 48.78 -14.92 21.40
C SER V 155 49.30 -16.28 21.87
N GLN V 156 48.40 -17.17 22.31
CA GLN V 156 48.78 -18.48 22.80
C GLN V 156 49.05 -19.49 21.69
N VAL V 157 48.79 -19.13 20.43
CA VAL V 157 48.90 -20.06 19.32
C VAL V 157 50.36 -20.13 18.88
N THR V 158 50.99 -21.29 19.07
CA THR V 158 52.36 -21.53 18.65
C THR V 158 52.52 -22.73 17.72
N ASP V 159 51.53 -23.63 17.67
CA ASP V 159 51.58 -24.76 16.76
C ASP V 159 50.16 -25.12 16.37
N GLY V 160 50.00 -26.26 15.69
CA GLY V 160 48.69 -26.69 15.26
C GLY V 160 47.78 -27.07 16.40
N ASP V 161 48.35 -27.60 17.49
CA ASP V 161 47.52 -28.05 18.60
C ASP V 161 46.98 -26.86 19.39
N SER V 162 47.83 -25.88 19.69
CA SER V 162 47.34 -24.68 20.37
C SER V 162 46.36 -23.93 19.49
N GLY V 163 46.60 -23.90 18.18
CA GLY V 163 45.64 -23.28 17.27
C GLY V 163 44.30 -23.97 17.27
N LEU V 164 44.30 -25.30 17.23
CA LEU V 164 43.06 -26.05 17.34
C LEU V 164 42.33 -25.74 18.64
N ARG V 165 43.08 -25.69 19.75
CA ARG V 165 42.47 -25.36 21.03
C ARG V 165 41.81 -24.00 21.00
N VAL V 166 42.52 -22.98 20.49
CA VAL V 166 41.97 -21.63 20.46
C VAL V 166 40.75 -21.57 19.56
N ALA V 167 40.75 -22.30 18.45
CA ALA V 167 39.57 -22.36 17.59
C ALA V 167 38.38 -22.93 18.34
N VAL V 168 38.56 -24.08 18.97
CA VAL V 168 37.46 -24.72 19.71
C VAL V 168 36.95 -23.80 20.81
N GLU V 169 37.85 -23.07 21.47
CA GLU V 169 37.41 -22.18 22.53
C GLU V 169 36.61 -21.01 21.96
N ALA V 170 37.05 -20.47 20.81
CA ALA V 170 36.28 -19.42 20.16
C ALA V 170 34.88 -19.88 19.81
N LEU V 171 34.76 -21.10 19.26
CA LEU V 171 33.44 -21.67 19.02
C LEU V 171 32.66 -21.83 20.32
N TYR V 172 33.35 -22.14 21.42
CA TYR V 172 32.69 -22.30 22.71
C TYR V 172 32.08 -20.99 23.17
N ASP V 173 32.81 -19.88 23.04
CA ASP V 173 32.26 -18.58 23.40
C ASP V 173 31.10 -18.20 22.49
N ALA V 174 31.26 -18.45 21.18
CA ALA V 174 30.17 -18.18 20.25
C ALA V 174 28.89 -18.89 20.66
N ALA V 175 28.97 -20.21 20.88
CA ALA V 175 27.79 -20.94 21.32
C ALA V 175 27.31 -20.49 22.69
N ASP V 176 28.23 -19.98 23.51
CA ASP V 176 27.85 -19.50 24.84
C ASP V 176 26.97 -18.26 24.75
N ASP V 177 27.21 -17.40 23.76
CA ASP V 177 26.45 -16.16 23.64
C ASP V 177 25.49 -16.12 22.46
N ASP V 178 25.50 -17.13 21.60
CA ASP V 178 24.64 -17.14 20.42
C ASP V 178 23.86 -18.46 20.40
N SER V 179 22.54 -18.35 20.45
CA SER V 179 21.70 -19.56 20.48
C SER V 179 21.66 -20.28 19.15
N ALA V 180 22.01 -19.61 18.06
CA ALA V 180 22.07 -20.26 16.75
C ALA V 180 23.34 -21.08 16.55
N THR V 181 24.32 -20.94 17.44
CA THR V 181 25.53 -21.74 17.39
C THR V 181 25.49 -22.80 18.49
N GLY V 182 25.81 -24.04 18.13
CA GLY V 182 25.78 -25.15 19.07
C GLY V 182 27.15 -25.40 19.69
N GLY V 183 27.15 -25.65 21.00
CA GLY V 183 28.36 -25.98 21.71
C GLY V 183 28.59 -27.48 21.74
N PRO V 184 29.65 -27.91 22.45
CA PRO V 184 29.94 -29.35 22.53
C PRO V 184 28.85 -30.08 23.30
N ASP V 185 28.33 -31.14 22.70
CA ASP V 185 27.27 -31.94 23.32
C ASP V 185 27.98 -33.14 23.95
N LEU V 186 28.34 -32.99 25.23
CA LEU V 186 29.05 -34.05 25.93
C LEU V 186 28.16 -35.27 26.21
N VAL V 187 26.84 -35.07 26.27
CA VAL V 187 25.94 -36.20 26.51
C VAL V 187 25.84 -37.08 25.28
N ARG V 188 25.70 -36.48 24.09
CA ARG V 188 25.59 -37.23 22.85
C ARG V 188 26.94 -37.49 22.19
N GLY V 189 28.01 -36.85 22.67
CA GLY V 189 29.30 -36.99 22.02
C GLY V 189 29.34 -36.36 20.65
N ILE V 190 28.77 -35.18 20.50
CA ILE V 190 28.78 -34.43 19.24
C ILE V 190 29.60 -33.17 19.47
N PHE V 191 30.62 -32.97 18.67
CA PHE V 191 31.58 -31.89 18.84
C PHE V 191 31.73 -31.12 17.54
N PRO V 192 32.28 -29.90 17.58
CA PRO V 192 32.51 -29.17 16.34
C PRO V 192 33.41 -29.94 15.40
N THR V 193 33.27 -29.66 14.10
CA THR V 193 34.14 -30.26 13.10
C THR V 193 35.29 -29.32 12.78
N ALA V 194 36.44 -29.91 12.48
CA ALA V 194 37.64 -29.13 12.19
C ALA V 194 38.39 -29.76 11.03
N VAL V 195 39.06 -28.90 10.26
CA VAL V 195 39.96 -29.29 9.19
C VAL V 195 41.25 -28.52 9.39
N ILE V 196 42.38 -29.21 9.26
CA ILE V 196 43.69 -28.58 9.41
C ILE V 196 44.46 -28.79 8.11
N ILE V 197 45.20 -27.76 7.70
CA ILE V 197 45.89 -27.74 6.41
C ILE V 197 47.33 -27.30 6.65
N ASP V 198 48.28 -28.12 6.21
CA ASP V 198 49.69 -27.74 6.25
C ASP V 198 50.31 -28.12 4.91
N ALA V 199 51.64 -28.20 4.88
CA ALA V 199 52.34 -28.55 3.64
C ALA V 199 51.93 -29.94 3.16
N ASP V 200 51.50 -30.81 4.06
CA ASP V 200 51.06 -32.15 3.71
C ASP V 200 49.63 -32.19 3.20
N GLY V 201 48.92 -31.08 3.18
CA GLY V 201 47.58 -31.02 2.66
C GLY V 201 46.55 -30.71 3.74
N ALA V 202 45.29 -30.94 3.37
CA ALA V 202 44.14 -30.69 4.24
C ALA V 202 43.55 -32.01 4.70
N VAL V 203 43.42 -32.18 6.01
CA VAL V 203 42.89 -33.40 6.60
C VAL V 203 41.85 -33.03 7.65
N ASP V 204 40.89 -33.94 7.84
CA ASP V 204 39.90 -33.78 8.90
C ASP V 204 40.55 -34.06 10.25
N VAL V 205 40.35 -33.16 11.20
CA VAL V 205 40.85 -33.39 12.56
C VAL V 205 40.00 -34.48 13.21
N PRO V 206 40.59 -35.50 13.82
CA PRO V 206 39.78 -36.56 14.44
C PRO V 206 38.93 -36.03 15.59
N GLU V 207 37.73 -36.62 15.72
CA GLU V 207 36.74 -36.11 16.67
C GLU V 207 37.22 -36.25 18.11
N SER V 208 37.93 -37.34 18.43
CA SER V 208 38.37 -37.55 19.80
C SER V 208 39.33 -36.45 20.27
N ARG V 209 40.14 -35.91 19.36
CA ARG V 209 41.00 -34.79 19.72
C ARG V 209 40.19 -33.57 20.11
N ILE V 210 39.17 -33.25 19.28
CA ILE V 210 38.30 -32.12 19.57
C ILE V 210 37.58 -32.33 20.89
N ALA V 211 37.16 -33.56 21.16
CA ALA V 211 36.50 -33.87 22.43
C ALA V 211 37.43 -33.62 23.61
N GLU V 212 38.69 -34.10 23.50
CA GLU V 212 39.67 -33.85 24.53
C GLU V 212 39.83 -32.36 24.79
N LEU V 213 39.96 -31.57 23.72
CA LEU V 213 40.13 -30.12 23.90
C LEU V 213 38.91 -29.48 24.54
N ALA V 214 37.71 -29.89 24.11
CA ALA V 214 36.48 -29.35 24.67
C ALA V 214 36.39 -29.65 26.17
N ARG V 215 36.69 -30.88 26.57
CA ARG V 215 36.67 -31.23 27.98
C ARG V 215 37.71 -30.42 28.76
N ALA V 216 38.87 -30.17 28.15
CA ALA V 216 39.88 -29.34 28.80
C ALA V 216 39.37 -27.91 29.01
N ILE V 217 38.72 -27.34 27.99
CA ILE V 217 38.18 -25.99 28.12
C ILE V 217 37.10 -25.94 29.20
N ILE V 218 36.15 -26.86 29.15
CA ILE V 218 35.06 -26.90 30.11
C ILE V 218 35.60 -27.01 31.54
N GLU V 219 36.49 -27.98 31.76
CA GLU V 219 37.08 -28.16 33.09
C GLU V 219 37.87 -26.92 33.51
N SER V 220 38.48 -26.22 32.54
CA SER V 220 39.19 -24.99 32.88
C SER V 220 38.23 -23.89 33.32
N ARG V 221 37.03 -23.85 32.73
CA ARG V 221 36.08 -22.80 33.09
C ARG V 221 35.25 -23.16 34.32
N SER V 222 35.23 -24.42 34.74
CA SER V 222 34.46 -24.81 35.91
C SER V 222 35.28 -24.83 37.20
N GLY V 223 36.61 -24.82 37.11
CA GLY V 223 37.45 -24.86 38.29
C GLY V 223 38.92 -24.66 37.98
N THR W 1 -1.12 -33.93 8.86
CA THR W 1 -0.27 -34.98 8.31
C THR W 1 0.92 -35.27 9.21
N THR W 2 1.28 -36.54 9.34
CA THR W 2 2.49 -36.93 10.03
C THR W 2 3.11 -38.13 9.33
N ILE W 3 4.37 -38.01 8.94
CA ILE W 3 5.17 -39.10 8.42
C ILE W 3 6.32 -39.32 9.38
N VAL W 4 6.54 -40.58 9.77
CA VAL W 4 7.59 -40.93 10.70
C VAL W 4 8.54 -41.92 10.05
N ALA W 5 9.81 -41.87 10.47
CA ALA W 5 10.80 -42.84 10.03
C ALA W 5 11.85 -43.04 11.11
N LEU W 6 12.21 -44.29 11.37
CA LEU W 6 13.24 -44.58 12.35
C LEU W 6 14.09 -45.76 11.90
N LYS W 7 15.36 -45.75 12.34
CA LYS W 7 16.30 -46.83 12.06
C LYS W 7 16.26 -47.90 13.13
N TYR W 8 16.32 -49.15 12.71
CA TYR W 8 16.53 -50.27 13.62
C TYR W 8 17.73 -51.07 13.13
N PRO W 9 18.32 -51.93 13.98
CA PRO W 9 19.49 -52.69 13.54
C PRO W 9 19.24 -53.49 12.27
N GLY W 10 19.87 -53.06 11.18
CA GLY W 10 19.76 -53.73 9.90
C GLY W 10 18.59 -53.29 9.04
N GLY W 11 17.89 -52.21 9.39
CA GLY W 11 16.78 -51.79 8.56
C GLY W 11 16.25 -50.44 8.97
N VAL W 12 15.18 -50.03 8.28
CA VAL W 12 14.51 -48.75 8.53
C VAL W 12 13.01 -48.96 8.39
N VAL W 13 12.23 -48.14 9.09
CA VAL W 13 10.77 -48.20 9.01
C VAL W 13 10.23 -46.78 8.82
N MET W 14 9.15 -46.67 8.04
CA MET W 14 8.47 -45.40 7.79
C MET W 14 6.97 -45.65 7.81
N ALA W 15 6.23 -44.78 8.50
CA ALA W 15 4.78 -44.94 8.60
C ALA W 15 4.10 -43.58 8.46
N GLY W 16 2.86 -43.60 8.00
CA GLY W 16 2.11 -42.37 7.78
C GLY W 16 0.63 -42.56 8.00
N ASP W 17 -0.04 -41.49 8.42
CA ASP W 17 -1.47 -41.51 8.67
C ASP W 17 -2.25 -41.45 7.36
N ARG W 18 -3.58 -41.49 7.47
CA ARG W 18 -4.45 -41.67 6.31
C ARG W 18 -5.43 -40.51 6.09
N ARG W 19 -5.25 -39.38 6.77
CA ARG W 19 -6.25 -38.32 6.76
C ARG W 19 -5.92 -37.25 5.72
N SER W 20 -6.95 -36.81 5.00
CA SER W 20 -6.88 -35.69 4.08
C SER W 20 -7.85 -34.61 4.53
N THR W 21 -7.38 -33.37 4.63
CA THR W 21 -8.21 -32.27 5.09
C THR W 21 -8.23 -31.13 4.07
N GLN W 22 -9.32 -30.36 4.11
CA GLN W 22 -9.39 -29.03 3.53
C GLN W 22 -9.79 -28.07 4.63
N GLY W 23 -8.84 -27.26 5.09
CA GLY W 23 -9.03 -26.50 6.30
C GLY W 23 -9.48 -27.39 7.45
N ASN W 24 -10.68 -27.14 7.96
CA ASN W 24 -11.23 -27.94 9.05
C ASN W 24 -11.94 -29.19 8.56
N MET W 25 -12.37 -29.22 7.30
CA MET W 25 -13.16 -30.34 6.79
C MET W 25 -12.27 -31.54 6.48
N ILE W 26 -12.73 -32.72 6.87
CA ILE W 26 -12.04 -33.96 6.54
C ILE W 26 -12.46 -34.38 5.14
N SER W 27 -11.50 -34.43 4.22
CA SER W 27 -11.75 -34.77 2.83
C SER W 27 -11.18 -36.13 2.44
N GLY W 28 -10.63 -36.88 3.40
CA GLY W 28 -10.12 -38.20 3.09
C GLY W 28 -9.80 -39.00 4.33
N ARG W 29 -10.12 -40.29 4.30
CA ARG W 29 -9.87 -41.18 5.43
C ARG W 29 -8.95 -42.35 5.10
N ASP W 30 -8.81 -42.71 3.82
CA ASP W 30 -8.03 -43.87 3.40
C ASP W 30 -6.77 -43.48 2.61
N VAL W 31 -6.38 -42.21 2.67
CA VAL W 31 -5.25 -41.71 1.88
C VAL W 31 -3.95 -42.46 2.21
N ARG W 32 -3.12 -42.65 1.18
CA ARG W 32 -1.80 -43.25 1.32
C ARG W 32 -0.74 -42.17 1.08
N LYS W 33 0.12 -41.95 2.08
CA LYS W 33 1.14 -40.90 2.01
C LYS W 33 2.57 -41.45 2.00
N VAL W 34 2.76 -42.76 2.16
CA VAL W 34 4.07 -43.38 2.15
C VAL W 34 4.15 -44.32 0.96
N TYR W 35 5.21 -44.19 0.16
CA TYR W 35 5.34 -44.93 -1.08
C TYR W 35 6.70 -45.63 -1.16
N ILE W 36 6.71 -46.79 -1.80
CA ILE W 36 7.95 -47.49 -2.11
C ILE W 36 8.43 -46.94 -3.44
N THR W 37 9.47 -46.11 -3.41
CA THR W 37 9.94 -45.46 -4.62
C THR W 37 10.88 -46.36 -5.44
N ASP W 38 11.63 -47.24 -4.77
CA ASP W 38 12.45 -48.23 -5.46
C ASP W 38 12.69 -49.38 -4.49
N ASP W 39 13.35 -50.43 -4.99
CA ASP W 39 13.54 -51.67 -4.24
C ASP W 39 14.07 -51.45 -2.82
N TYR W 40 14.84 -50.38 -2.62
CA TYR W 40 15.44 -50.12 -1.31
C TYR W 40 15.13 -48.72 -0.78
N THR W 41 14.10 -48.05 -1.31
CA THR W 41 13.79 -46.72 -0.83
C THR W 41 12.30 -46.52 -0.65
N ALA W 42 11.94 -45.73 0.35
CA ALA W 42 10.57 -45.31 0.60
C ALA W 42 10.57 -43.80 0.84
N THR W 43 9.54 -43.13 0.33
CA THR W 43 9.42 -41.69 0.45
C THR W 43 8.05 -41.36 1.02
N GLY W 44 8.01 -40.52 2.05
CA GLY W 44 6.77 -40.00 2.59
C GLY W 44 6.70 -38.50 2.40
N ILE W 45 5.53 -38.00 2.01
CA ILE W 45 5.42 -36.60 1.62
C ILE W 45 4.33 -35.95 2.45
N ALA W 46 4.57 -34.71 2.87
CA ALA W 46 3.58 -33.91 3.58
C ALA W 46 3.32 -32.63 2.81
N GLY W 47 2.09 -32.12 2.91
CA GLY W 47 1.74 -30.86 2.27
C GLY W 47 0.58 -31.03 1.30
N THR W 48 0.57 -30.19 0.27
CA THR W 48 -0.48 -30.23 -0.75
C THR W 48 -0.52 -31.59 -1.42
N ALA W 49 -1.69 -32.22 -1.40
CA ALA W 49 -1.84 -33.61 -1.84
C ALA W 49 -1.36 -33.79 -3.28
N ALA W 50 -1.84 -32.95 -4.19
CA ALA W 50 -1.44 -33.04 -5.60
C ALA W 50 0.08 -33.03 -5.74
N VAL W 51 0.73 -32.01 -5.16
CA VAL W 51 2.17 -31.87 -5.29
C VAL W 51 2.88 -33.04 -4.62
N ALA W 52 2.36 -33.52 -3.50
CA ALA W 52 2.98 -34.62 -2.78
C ALA W 52 2.99 -35.89 -3.63
N VAL W 53 1.83 -36.25 -4.17
CA VAL W 53 1.73 -37.46 -4.98
C VAL W 53 2.57 -37.35 -6.25
N GLU W 54 2.51 -36.20 -6.93
CA GLU W 54 3.33 -36.05 -8.12
C GLU W 54 4.82 -36.14 -7.79
N PHE W 55 5.22 -35.62 -6.62
CA PHE W 55 6.61 -35.79 -6.19
C PHE W 55 6.96 -37.27 -6.08
N ALA W 56 6.17 -38.04 -5.35
CA ALA W 56 6.49 -39.46 -5.18
C ALA W 56 6.58 -40.16 -6.52
N ARG W 57 5.57 -39.98 -7.36
CA ARG W 57 5.51 -40.67 -8.65
C ARG W 57 6.69 -40.30 -9.54
N LEU W 58 6.87 -38.99 -9.77
CA LEU W 58 7.96 -38.53 -10.63
C LEU W 58 9.33 -38.98 -10.10
N TYR W 59 9.48 -39.00 -8.78
CA TYR W 59 10.77 -39.41 -8.20
C TYR W 59 11.05 -40.88 -8.47
N ALA W 60 10.07 -41.75 -8.21
CA ALA W 60 10.23 -43.17 -8.54
C ALA W 60 10.56 -43.35 -10.01
N VAL W 61 9.83 -42.65 -10.88
CA VAL W 61 10.08 -42.75 -12.33
C VAL W 61 11.52 -42.33 -12.64
N GLU W 62 12.02 -41.29 -11.97
CA GLU W 62 13.38 -40.86 -12.23
C GLU W 62 14.39 -41.93 -11.83
N LEU W 63 14.21 -42.51 -10.63
CA LEU W 63 15.14 -43.54 -10.17
C LEU W 63 15.16 -44.73 -11.13
N GLU W 64 13.97 -45.26 -11.47
CA GLU W 64 13.96 -46.39 -12.39
C GLU W 64 14.48 -46.01 -13.77
N HIS W 65 14.26 -44.77 -14.18
CA HIS W 65 14.82 -44.28 -15.44
C HIS W 65 16.35 -44.39 -15.44
N TYR W 66 17.00 -43.84 -14.40
CA TYR W 66 18.45 -43.99 -14.31
C TYR W 66 18.86 -45.44 -14.28
N GLU W 67 18.11 -46.28 -13.55
CA GLU W 67 18.49 -47.69 -13.43
C GLU W 67 18.49 -48.36 -14.80
N LYS W 68 17.46 -48.12 -15.61
CA LYS W 68 17.40 -48.76 -16.91
C LYS W 68 18.41 -48.16 -17.88
N LEU W 69 18.69 -46.86 -17.77
CA LEU W 69 19.64 -46.25 -18.69
C LEU W 69 21.06 -46.74 -18.42
N GLU W 70 21.47 -46.77 -17.15
CA GLU W 70 22.85 -47.09 -16.81
C GLU W 70 23.05 -48.51 -16.31
N GLY W 71 22.00 -49.32 -16.24
CA GLY W 71 22.13 -50.71 -15.86
C GLY W 71 22.45 -50.94 -14.40
N VAL W 72 22.50 -49.89 -13.59
CA VAL W 72 22.81 -49.98 -12.17
C VAL W 72 22.02 -48.90 -11.47
N PRO W 73 21.50 -49.14 -10.25
CA PRO W 73 20.79 -48.07 -9.53
C PRO W 73 21.75 -46.99 -9.06
N LEU W 74 21.17 -45.83 -8.75
CA LEU W 74 21.95 -44.72 -8.22
C LEU W 74 22.50 -45.07 -6.85
N THR W 75 23.67 -44.52 -6.53
CA THR W 75 24.12 -44.54 -5.15
C THR W 75 23.13 -43.76 -4.29
N PHE W 76 23.11 -44.08 -2.99
CA PHE W 76 22.13 -43.42 -2.12
C PHE W 76 22.32 -41.90 -2.10
N ALA W 77 23.57 -41.45 -2.07
CA ALA W 77 23.85 -40.02 -2.15
C ALA W 77 23.23 -39.41 -3.42
N GLY W 78 23.31 -40.12 -4.54
CA GLY W 78 22.68 -39.63 -5.75
C GLY W 78 21.17 -39.47 -5.60
N LYS W 79 20.53 -40.45 -4.96
CA LYS W 79 19.10 -40.36 -4.70
C LYS W 79 18.78 -39.12 -3.86
N ILE W 80 19.56 -38.90 -2.79
CA ILE W 80 19.39 -37.69 -1.98
C ILE W 80 19.48 -36.45 -2.85
N ASN W 81 20.52 -36.38 -3.68
CA ASN W 81 20.73 -35.19 -4.50
C ASN W 81 19.56 -34.94 -5.45
N ARG W 82 19.03 -36.00 -6.06
CA ARG W 82 17.92 -35.81 -7.00
C ARG W 82 16.66 -35.34 -6.27
N LEU W 83 16.36 -35.95 -5.12
CA LEU W 83 15.20 -35.49 -4.36
C LEU W 83 15.33 -34.02 -3.98
N ALA W 84 16.52 -33.64 -3.50
CA ALA W 84 16.76 -32.24 -3.13
C ALA W 84 16.55 -31.31 -4.33
N ILE W 85 17.10 -31.69 -5.49
CA ILE W 85 16.93 -30.86 -6.68
C ILE W 85 15.46 -30.73 -7.04
N MET W 86 14.67 -31.79 -6.84
CA MET W 86 13.24 -31.70 -7.12
C MET W 86 12.56 -30.69 -6.20
N VAL W 87 12.82 -30.79 -4.89
CA VAL W 87 12.18 -29.87 -3.94
C VAL W 87 12.57 -28.42 -4.26
N ARG W 88 13.88 -28.17 -4.39
CA ARG W 88 14.32 -26.82 -4.75
C ARG W 88 13.67 -26.34 -6.03
N GLY W 89 13.47 -27.24 -6.99
CA GLY W 89 12.74 -26.89 -8.19
C GLY W 89 11.32 -26.46 -7.90
N ASN W 90 10.69 -27.05 -6.87
CA ASN W 90 9.34 -26.68 -6.50
C ASN W 90 9.23 -25.45 -5.60
N LEU W 91 10.36 -24.91 -5.12
CA LEU W 91 10.32 -23.82 -4.13
C LEU W 91 9.34 -22.70 -4.51
N ALA W 92 9.38 -22.23 -5.75
CA ALA W 92 8.56 -21.09 -6.16
C ALA W 92 7.08 -21.37 -5.96
N ALA W 93 6.57 -22.47 -6.53
CA ALA W 93 5.17 -22.81 -6.34
C ALA W 93 4.86 -23.08 -4.88
N ALA W 94 5.82 -23.62 -4.12
CA ALA W 94 5.62 -23.79 -2.70
C ALA W 94 5.34 -22.45 -2.01
N MET W 95 6.04 -21.40 -2.43
CA MET W 95 5.82 -20.07 -1.88
C MET W 95 4.39 -19.59 -2.09
N GLN W 96 3.69 -20.12 -3.09
CA GLN W 96 2.32 -19.73 -3.39
C GLN W 96 1.30 -20.72 -2.86
N GLY W 97 1.71 -21.66 -2.01
CA GLY W 97 0.80 -22.58 -1.35
C GLY W 97 0.85 -24.01 -1.83
N LEU W 98 1.68 -24.35 -2.82
CA LEU W 98 1.80 -25.73 -3.31
C LEU W 98 3.05 -26.39 -2.71
N LEU W 99 3.07 -26.44 -1.38
CA LEU W 99 4.22 -26.93 -0.63
C LEU W 99 4.17 -28.45 -0.49
N ALA W 100 5.34 -29.07 -0.58
CA ALA W 100 5.46 -30.52 -0.37
C ALA W 100 6.85 -30.81 0.18
N LEU W 101 6.91 -31.38 1.37
CA LEU W 101 8.15 -31.76 2.02
C LEU W 101 8.30 -33.27 2.05
N PRO W 102 9.43 -33.80 1.60
CA PRO W 102 9.64 -35.24 1.67
C PRO W 102 10.43 -35.66 2.89
N LEU W 103 10.28 -36.94 3.23
CA LEU W 103 11.07 -37.63 4.23
C LEU W 103 11.51 -38.92 3.57
N LEU W 104 12.82 -39.17 3.55
CA LEU W 104 13.39 -40.26 2.78
C LEU W 104 13.91 -41.33 3.73
N ALA W 105 13.53 -42.58 3.47
CA ALA W 105 14.03 -43.71 4.24
C ALA W 105 14.58 -44.74 3.27
N GLY W 106 15.79 -45.22 3.52
CA GLY W 106 16.40 -46.16 2.59
C GLY W 106 17.34 -47.12 3.27
N TYR W 107 17.78 -48.11 2.50
CA TYR W 107 18.77 -49.09 2.93
C TYR W 107 19.92 -49.03 1.93
N ASP W 108 21.09 -48.61 2.40
CA ASP W 108 22.25 -48.43 1.53
C ASP W 108 22.94 -49.78 1.37
N ILE W 109 22.75 -50.41 0.22
CA ILE W 109 23.37 -51.70 -0.04
C ILE W 109 24.87 -51.59 -0.19
N HIS W 110 25.39 -50.41 -0.53
CA HIS W 110 26.82 -50.19 -0.69
C HIS W 110 27.50 -49.77 0.61
N ALA W 111 26.79 -49.82 1.73
CA ALA W 111 27.39 -49.41 3.00
C ALA W 111 28.38 -50.45 3.49
N SER W 112 29.35 -50.00 4.29
CA SER W 112 30.39 -50.90 4.77
C SER W 112 29.85 -51.89 5.79
N ASP W 113 28.93 -51.45 6.65
CA ASP W 113 28.41 -52.30 7.71
C ASP W 113 26.92 -52.50 7.47
N PRO W 114 26.48 -53.72 7.13
CA PRO W 114 25.06 -53.94 6.80
C PRO W 114 24.10 -53.71 7.96
N GLN W 115 24.59 -53.60 9.18
CA GLN W 115 23.69 -53.35 10.31
C GLN W 115 23.35 -51.87 10.44
N SER W 116 24.28 -50.98 10.11
CA SER W 116 24.05 -49.55 10.13
C SER W 116 23.80 -48.98 8.73
N ALA W 117 23.28 -49.80 7.82
CA ALA W 117 22.98 -49.36 6.47
C ALA W 117 21.64 -48.63 6.36
N GLY W 118 20.89 -48.51 7.44
CA GLY W 118 19.67 -47.74 7.39
C GLY W 118 19.98 -46.25 7.24
N ARG W 119 19.13 -45.57 6.50
CA ARG W 119 19.34 -44.17 6.19
C ARG W 119 18.02 -43.42 6.29
N ILE W 120 18.06 -42.26 6.94
CA ILE W 120 16.90 -41.39 7.06
C ILE W 120 17.35 -39.97 6.74
N VAL W 121 16.72 -39.36 5.74
CA VAL W 121 17.11 -38.04 5.26
C VAL W 121 15.90 -37.13 5.34
N SER W 122 16.07 -35.97 5.98
CA SER W 122 15.01 -34.98 6.04
C SER W 122 15.38 -33.80 5.14
N PHE W 123 14.35 -33.07 4.71
CA PHE W 123 14.49 -31.97 3.77
C PHE W 123 13.67 -30.78 4.27
N ASP W 124 14.01 -29.59 3.79
CA ASP W 124 13.19 -28.41 3.97
C ASP W 124 12.69 -27.91 2.61
N ALA W 125 11.86 -26.87 2.64
CA ALA W 125 11.15 -26.42 1.43
C ALA W 125 12.05 -25.86 0.34
N ALA W 126 13.26 -25.45 0.69
CA ALA W 126 14.23 -24.92 -0.27
C ALA W 126 15.17 -25.99 -0.80
N GLY W 127 14.88 -27.26 -0.54
CA GLY W 127 15.83 -28.30 -0.86
C GLY W 127 16.86 -28.30 0.24
N GLY W 128 17.79 -29.23 0.14
CA GLY W 128 18.83 -29.22 1.13
C GLY W 128 18.37 -30.08 2.28
N TRP W 129 19.30 -30.86 2.81
CA TRP W 129 18.96 -32.13 3.41
C TRP W 129 19.87 -32.40 4.60
N ASN W 130 19.43 -33.32 5.45
CA ASN W 130 20.25 -33.76 6.56
C ASN W 130 20.06 -35.26 6.67
N ILE W 131 21.17 -36.00 6.68
CA ILE W 131 21.16 -37.43 6.94
C ILE W 131 21.15 -37.59 8.45
N GLU W 132 20.06 -38.13 8.98
CA GLU W 132 19.80 -38.12 10.41
C GLU W 132 20.59 -39.23 11.10
N GLU W 133 21.46 -38.86 12.04
CA GLU W 133 22.18 -39.84 12.84
C GLU W 133 21.50 -40.15 14.15
N GLU W 134 20.43 -39.43 14.49
CA GLU W 134 19.77 -39.62 15.78
C GLU W 134 18.99 -40.92 15.87
N GLY W 135 18.60 -41.50 14.73
CA GLY W 135 17.82 -42.72 14.70
C GLY W 135 16.40 -42.54 14.22
N TYR W 136 15.82 -41.36 14.39
CA TYR W 136 14.43 -41.11 14.03
C TYR W 136 14.26 -39.71 13.48
N GLN W 137 13.12 -39.50 12.80
CA GLN W 137 12.77 -38.23 12.19
C GLN W 137 11.31 -38.26 11.78
N ALA W 138 10.69 -37.09 11.69
CA ALA W 138 9.30 -36.97 11.30
C ALA W 138 9.09 -35.68 10.51
N VAL W 139 7.97 -35.63 9.78
CA VAL W 139 7.59 -34.46 8.99
C VAL W 139 6.08 -34.31 9.05
N GLY W 140 5.61 -33.07 8.97
CA GLY W 140 4.20 -32.75 8.95
C GLY W 140 3.77 -31.94 10.15
N SER W 141 2.47 -31.64 10.19
CA SER W 141 1.93 -30.77 11.23
C SER W 141 2.00 -31.39 12.62
N GLY W 142 2.07 -32.73 12.70
CA GLY W 142 2.25 -33.40 13.97
C GLY W 142 3.63 -33.95 14.19
N SER W 143 4.61 -33.52 13.40
CA SER W 143 5.95 -34.11 13.47
C SER W 143 6.65 -33.79 14.78
N LEU W 144 6.32 -32.66 15.41
CA LEU W 144 6.94 -32.35 16.69
C LEU W 144 6.44 -33.27 17.79
N PHE W 145 5.14 -33.59 17.77
CA PHE W 145 4.61 -34.54 18.74
C PHE W 145 5.21 -35.92 18.53
N ALA W 146 5.31 -36.36 17.27
CA ALA W 146 5.85 -37.68 16.99
C ALA W 146 7.34 -37.75 17.35
N LYS W 147 8.09 -36.70 17.03
CA LYS W 147 9.52 -36.68 17.35
C LYS W 147 9.74 -36.68 18.85
N SER W 148 8.95 -35.91 19.60
CA SER W 148 9.11 -35.91 21.05
C SER W 148 8.67 -37.23 21.66
N SER W 149 7.69 -37.90 21.07
CA SER W 149 7.32 -39.23 21.55
C SER W 149 8.45 -40.23 21.30
N MET W 150 9.03 -40.21 20.10
CA MET W 150 10.14 -41.10 19.78
C MET W 150 11.37 -40.82 20.63
N LYS W 151 11.54 -39.56 21.06
CA LYS W 151 12.66 -39.27 21.94
C LYS W 151 12.59 -40.11 23.22
N LYS W 152 11.37 -40.39 23.69
CA LYS W 152 11.19 -41.22 24.87
C LYS W 152 11.08 -42.70 24.57
N LEU W 153 10.51 -43.07 23.43
CA LEU W 153 10.27 -44.48 23.13
C LEU W 153 11.38 -45.15 22.33
N TYR W 154 12.39 -44.39 21.88
CA TYR W 154 13.35 -44.94 20.94
C TYR W 154 14.27 -45.98 21.58
N SER W 155 14.56 -45.83 22.88
CA SER W 155 15.43 -46.79 23.56
C SER W 155 14.90 -48.21 23.50
N GLN W 156 13.59 -48.38 23.25
CA GLN W 156 12.99 -49.70 23.15
C GLN W 156 13.21 -50.38 21.80
N VAL W 157 13.78 -49.67 20.83
CA VAL W 157 13.91 -50.20 19.47
C VAL W 157 15.14 -51.10 19.40
N THR W 158 14.92 -52.39 19.22
CA THR W 158 15.98 -53.37 19.08
C THR W 158 15.94 -54.16 17.79
N ASP W 159 14.81 -54.20 17.10
CA ASP W 159 14.67 -54.90 15.83
C ASP W 159 13.60 -54.20 15.01
N GLY W 160 13.19 -54.85 13.92
CA GLY W 160 12.16 -54.28 13.06
C GLY W 160 10.80 -54.19 13.72
N ASP W 161 10.45 -55.15 14.57
CA ASP W 161 9.12 -55.18 15.16
C ASP W 161 8.95 -54.09 16.21
N SER W 162 9.94 -53.94 17.10
CA SER W 162 9.90 -52.84 18.06
C SER W 162 9.95 -51.49 17.34
N GLY W 163 10.70 -51.41 16.23
CA GLY W 163 10.70 -50.18 15.45
C GLY W 163 9.34 -49.85 14.89
N LEU W 164 8.66 -50.85 14.32
CA LEU W 164 7.30 -50.65 13.82
C LEU W 164 6.36 -50.21 14.94
N ARG W 165 6.45 -50.85 16.11
CA ARG W 165 5.56 -50.51 17.21
C ARG W 165 5.79 -49.06 17.66
N VAL W 166 7.05 -48.68 17.85
CA VAL W 166 7.35 -47.31 18.27
C VAL W 166 6.89 -46.31 17.21
N ALA W 167 7.04 -46.65 15.93
CA ALA W 167 6.58 -45.77 14.87
C ALA W 167 5.07 -45.55 14.95
N VAL W 168 4.30 -46.65 14.98
CA VAL W 168 2.85 -46.54 15.02
C VAL W 168 2.40 -45.79 16.28
N GLU W 169 3.12 -45.98 17.39
CA GLU W 169 2.77 -45.26 18.61
C GLU W 169 3.03 -43.77 18.47
N ALA W 170 4.15 -43.39 17.85
CA ALA W 170 4.40 -41.98 17.60
C ALA W 170 3.31 -41.38 16.74
N LEU W 171 2.88 -42.09 15.69
CA LEU W 171 1.76 -41.63 14.90
C LEU W 171 0.50 -41.48 15.75
N TYR W 172 0.32 -42.37 16.73
CA TYR W 172 -0.83 -42.29 17.61
C TYR W 172 -0.80 -41.03 18.46
N ASP W 173 0.37 -40.69 19.01
CA ASP W 173 0.49 -39.44 19.78
C ASP W 173 0.28 -38.22 18.89
N ALA W 174 0.86 -38.24 17.68
CA ALA W 174 0.64 -37.16 16.74
C ALA W 174 -0.84 -36.93 16.51
N ALA W 175 -1.58 -38.00 16.19
CA ALA W 175 -3.03 -37.87 16.02
C ALA W 175 -3.70 -37.43 17.33
N ASP W 176 -3.10 -37.77 18.47
CA ASP W 176 -3.66 -37.39 19.75
C ASP W 176 -3.62 -35.88 19.96
N ASP W 177 -2.57 -35.22 19.45
CA ASP W 177 -2.42 -33.78 19.63
C ASP W 177 -2.63 -32.96 18.37
N ASP W 178 -2.79 -33.58 17.20
CA ASP W 178 -2.91 -32.84 15.94
C ASP W 178 -4.14 -33.34 15.20
N SER W 179 -5.11 -32.42 14.97
CA SER W 179 -6.34 -32.80 14.30
C SER W 179 -6.15 -33.02 12.80
N ALA W 180 -5.05 -32.53 12.24
CA ALA W 180 -4.74 -32.78 10.84
C ALA W 180 -4.15 -34.16 10.61
N THR W 181 -3.78 -34.86 11.67
CA THR W 181 -3.30 -36.24 11.60
C THR W 181 -4.40 -37.18 12.06
N GLY W 182 -4.63 -38.24 11.30
CA GLY W 182 -5.68 -39.18 11.61
C GLY W 182 -5.19 -40.34 12.46
N GLY W 183 -5.96 -40.69 13.47
CA GLY W 183 -5.67 -41.81 14.33
C GLY W 183 -6.29 -43.10 13.81
N PRO W 184 -6.16 -44.18 14.57
CA PRO W 184 -6.74 -45.45 14.13
C PRO W 184 -8.27 -45.37 14.12
N ASP W 185 -8.87 -45.72 12.99
CA ASP W 185 -10.32 -45.71 12.82
C ASP W 185 -10.77 -47.16 13.01
N LEU W 186 -11.11 -47.51 14.27
CA LEU W 186 -11.52 -48.87 14.55
C LEU W 186 -12.90 -49.19 13.99
N VAL W 187 -13.74 -48.18 13.78
CA VAL W 187 -15.07 -48.42 13.22
C VAL W 187 -14.98 -48.78 11.76
N ARG W 188 -14.17 -48.05 10.99
CA ARG W 188 -14.01 -48.31 9.56
C ARG W 188 -12.86 -49.27 9.26
N GLY W 189 -12.02 -49.58 10.24
CA GLY W 189 -10.86 -50.41 10.00
C GLY W 189 -9.80 -49.77 9.13
N ILE W 190 -9.51 -48.49 9.37
CA ILE W 190 -8.50 -47.76 8.62
C ILE W 190 -7.37 -47.39 9.57
N PHE W 191 -6.16 -47.81 9.23
CA PHE W 191 -4.97 -47.64 10.06
C PHE W 191 -3.85 -47.02 9.23
N PRO W 192 -2.82 -46.48 9.88
CA PRO W 192 -1.67 -45.94 9.13
C PRO W 192 -1.02 -46.99 8.23
N THR W 193 -0.36 -46.51 7.19
CA THR W 193 0.42 -47.37 6.31
C THR W 193 1.87 -47.36 6.74
N ALA W 194 2.55 -48.50 6.56
CA ALA W 194 3.94 -48.63 6.98
C ALA W 194 4.73 -49.41 5.94
N VAL W 195 6.01 -49.07 5.84
CA VAL W 195 6.98 -49.74 4.99
C VAL W 195 8.23 -50.04 5.81
N ILE W 196 8.78 -51.24 5.66
CA ILE W 196 10.03 -51.64 6.29
C ILE W 196 11.01 -52.02 5.18
N ILE W 197 12.28 -51.65 5.39
CA ILE W 197 13.32 -51.86 4.38
C ILE W 197 14.51 -52.48 5.08
N ASP W 198 14.95 -53.64 4.58
CA ASP W 198 16.17 -54.28 5.08
C ASP W 198 16.95 -54.79 3.87
N ALA W 199 17.89 -55.70 4.12
CA ALA W 199 18.72 -56.23 3.03
C ALA W 199 17.90 -56.93 1.96
N ASP W 200 16.74 -57.47 2.32
CA ASP W 200 15.88 -58.13 1.35
C ASP W 200 15.05 -57.15 0.53
N GLY W 201 15.16 -55.86 0.79
CA GLY W 201 14.42 -54.85 0.06
C GLY W 201 13.39 -54.16 0.93
N ALA W 202 12.50 -53.44 0.26
CA ALA W 202 11.44 -52.66 0.89
C ALA W 202 10.09 -53.31 0.65
N VAL W 203 9.34 -53.54 1.73
CA VAL W 203 7.99 -54.09 1.62
C VAL W 203 7.04 -53.26 2.47
N ASP W 204 5.81 -53.15 2.01
CA ASP W 204 4.75 -52.51 2.77
C ASP W 204 4.20 -53.47 3.83
N VAL W 205 4.06 -52.97 5.05
CA VAL W 205 3.53 -53.80 6.14
C VAL W 205 2.05 -54.07 5.90
N PRO W 206 1.61 -55.32 6.01
CA PRO W 206 0.19 -55.62 5.80
C PRO W 206 -0.69 -54.91 6.83
N GLU W 207 -1.94 -54.66 6.44
CA GLU W 207 -2.85 -53.89 7.28
C GLU W 207 -3.06 -54.53 8.64
N SER W 208 -3.09 -55.88 8.68
CA SER W 208 -3.43 -56.58 9.92
C SER W 208 -2.42 -56.30 11.02
N ARG W 209 -1.12 -56.33 10.68
CA ARG W 209 -0.08 -56.10 11.69
C ARG W 209 -0.19 -54.69 12.26
N ILE W 210 -0.39 -53.69 11.40
CA ILE W 210 -0.60 -52.32 11.87
C ILE W 210 -1.82 -52.24 12.76
N ALA W 211 -2.88 -52.97 12.42
CA ALA W 211 -4.09 -52.98 13.24
C ALA W 211 -3.81 -53.53 14.64
N GLU W 212 -3.18 -54.70 14.73
CA GLU W 212 -2.93 -55.28 16.04
C GLU W 212 -2.01 -54.40 16.88
N LEU W 213 -1.03 -53.74 16.24
CA LEU W 213 -0.23 -52.78 16.98
C LEU W 213 -1.08 -51.62 17.49
N ALA W 214 -1.99 -51.13 16.64
CA ALA W 214 -2.84 -50.01 17.04
C ALA W 214 -3.69 -50.35 18.26
N ARG W 215 -4.45 -51.45 18.19
CA ARG W 215 -5.32 -51.77 19.32
C ARG W 215 -4.52 -52.18 20.54
N ALA W 216 -3.29 -52.68 20.35
CA ALA W 216 -2.41 -52.87 21.51
C ALA W 216 -2.09 -51.54 22.18
N ILE W 217 -1.78 -50.52 21.38
CA ILE W 217 -1.49 -49.20 21.93
C ILE W 217 -2.71 -48.65 22.67
N ILE W 218 -3.88 -48.72 22.03
CA ILE W 218 -5.10 -48.24 22.66
C ILE W 218 -5.34 -48.95 23.97
N GLU W 219 -5.14 -50.27 23.99
CA GLU W 219 -5.29 -51.04 25.23
C GLU W 219 -4.36 -50.50 26.32
N SER W 220 -3.08 -50.31 26.00
CA SER W 220 -2.15 -49.79 26.99
C SER W 220 -2.57 -48.40 27.48
N ARG W 221 -3.20 -47.61 26.61
CA ARG W 221 -3.59 -46.26 27.01
C ARG W 221 -4.90 -46.21 27.77
N SER W 222 -5.71 -47.27 27.74
CA SER W 222 -6.98 -47.26 28.48
C SER W 222 -6.82 -47.90 29.85
N GLY W 223 -6.69 -49.22 29.89
CA GLY W 223 -6.52 -49.94 31.14
C GLY W 223 -7.20 -51.30 31.15
N THR X 1 -24.73 -25.22 -7.66
CA THR X 1 -24.47 -26.41 -8.47
C THR X 1 -24.23 -27.61 -7.55
N THR X 2 -24.74 -28.77 -7.95
CA THR X 2 -24.42 -30.01 -7.25
C THR X 2 -24.40 -31.15 -8.26
N ILE X 3 -23.29 -31.89 -8.27
CA ILE X 3 -23.16 -33.12 -9.03
C ILE X 3 -22.96 -34.26 -8.05
N VAL X 4 -23.73 -35.32 -8.21
CA VAL X 4 -23.66 -36.50 -7.35
C VAL X 4 -23.29 -37.72 -8.18
N ALA X 5 -22.62 -38.66 -7.55
CA ALA X 5 -22.32 -39.95 -8.18
C ALA X 5 -22.27 -41.01 -7.09
N LEU X 6 -22.89 -42.16 -7.37
CA LEU X 6 -22.88 -43.27 -6.42
C LEU X 6 -22.80 -44.61 -7.16
N LYS X 7 -22.21 -45.59 -6.48
CA LYS X 7 -22.11 -46.95 -7.00
C LYS X 7 -23.31 -47.79 -6.57
N TYR X 8 -23.81 -48.60 -7.48
CA TYR X 8 -24.79 -49.63 -7.19
C TYR X 8 -24.23 -50.95 -7.69
N PRO X 9 -24.81 -52.10 -7.25
CA PRO X 9 -24.26 -53.39 -7.67
C PRO X 9 -24.14 -53.54 -9.18
N GLY X 10 -22.91 -53.53 -9.68
CA GLY X 10 -22.64 -53.69 -11.09
C GLY X 10 -22.70 -52.43 -11.92
N GLY X 11 -22.76 -51.25 -11.31
CA GLY X 11 -22.81 -50.05 -12.10
C GLY X 11 -22.62 -48.81 -11.25
N VAL X 12 -22.70 -47.66 -11.93
CA VAL X 12 -22.51 -46.37 -11.29
C VAL X 12 -23.50 -45.38 -11.89
N VAL X 13 -23.88 -44.37 -11.11
CA VAL X 13 -24.81 -43.35 -11.55
C VAL X 13 -24.27 -41.97 -11.20
N MET X 14 -24.58 -40.99 -12.06
CA MET X 14 -24.21 -39.59 -11.87
C MET X 14 -25.39 -38.71 -12.25
N ALA X 15 -25.67 -37.70 -11.41
CA ALA X 15 -26.78 -36.78 -11.67
C ALA X 15 -26.36 -35.36 -11.34
N GLY X 16 -26.99 -34.41 -12.01
CA GLY X 16 -26.68 -33.00 -11.81
C GLY X 16 -27.89 -32.12 -12.02
N ASP X 17 -27.92 -30.99 -11.31
CA ASP X 17 -29.01 -30.02 -11.40
C ASP X 17 -28.87 -29.19 -12.68
N ARG X 18 -29.82 -28.27 -12.87
CA ARG X 18 -29.94 -27.56 -14.14
C ARG X 18 -29.78 -26.05 -14.02
N ARG X 19 -29.35 -25.54 -12.87
CA ARG X 19 -29.39 -24.11 -12.60
C ARG X 19 -28.06 -23.44 -12.89
N SER X 20 -28.12 -22.29 -13.56
CA SER X 20 -26.97 -21.43 -13.78
C SER X 20 -27.25 -20.06 -13.17
N THR X 21 -26.32 -19.55 -12.37
CA THR X 21 -26.47 -18.27 -11.72
C THR X 21 -25.31 -17.35 -12.06
N GLN X 22 -25.57 -16.05 -12.00
CA GLN X 22 -24.55 -15.01 -11.97
C GLN X 22 -24.79 -14.21 -10.70
N GLY X 23 -23.91 -14.36 -9.71
CA GLY X 23 -24.20 -13.90 -8.37
C GLY X 23 -25.53 -14.44 -7.87
N ASN X 24 -26.45 -13.54 -7.53
CA ASN X 24 -27.77 -13.95 -7.08
C ASN X 24 -28.75 -14.20 -8.21
N MET X 25 -28.48 -13.64 -9.40
CA MET X 25 -29.42 -13.73 -10.50
C MET X 25 -29.37 -15.10 -11.15
N ILE X 26 -30.54 -15.65 -11.48
CA ILE X 26 -30.62 -16.90 -12.21
C ILE X 26 -30.46 -16.61 -13.70
N SER X 27 -29.40 -17.16 -14.28
CA SER X 27 -29.09 -16.96 -15.69
C SER X 27 -29.28 -18.23 -16.52
N GLY X 28 -29.80 -19.30 -15.91
CA GLY X 28 -30.06 -20.53 -16.65
C GLY X 28 -30.92 -21.52 -15.89
N ARG X 29 -31.85 -22.16 -16.61
CA ARG X 29 -32.76 -23.14 -16.02
C ARG X 29 -32.66 -24.53 -16.62
N ASP X 30 -32.12 -24.69 -17.83
CA ASP X 30 -32.06 -25.97 -18.52
C ASP X 30 -30.63 -26.47 -18.68
N VAL X 31 -29.70 -25.86 -17.95
CA VAL X 31 -28.28 -26.16 -18.09
C VAL X 31 -27.99 -27.64 -17.85
N ARG X 32 -27.07 -28.20 -18.65
CA ARG X 32 -26.60 -29.57 -18.50
C ARG X 32 -25.18 -29.54 -17.92
N LYS X 33 -24.97 -30.26 -16.82
CA LYS X 33 -23.69 -30.28 -16.15
C LYS X 33 -23.05 -31.67 -16.11
N VAL X 34 -23.74 -32.70 -16.58
CA VAL X 34 -23.22 -34.07 -16.62
C VAL X 34 -23.11 -34.47 -18.07
N TYR X 35 -21.93 -34.99 -18.46
CA TYR X 35 -21.66 -35.32 -19.85
C TYR X 35 -21.10 -36.73 -19.95
N ILE X 36 -21.43 -37.40 -21.05
CA ILE X 36 -20.87 -38.70 -21.38
C ILE X 36 -19.57 -38.46 -22.14
N THR X 37 -18.44 -38.68 -21.48
CA THR X 37 -17.15 -38.40 -22.12
C THR X 37 -16.68 -39.54 -23.01
N ASP X 38 -17.01 -40.78 -22.68
CA ASP X 38 -16.67 -41.90 -23.55
C ASP X 38 -17.60 -43.06 -23.23
N ASP X 39 -17.50 -44.13 -24.02
CA ASP X 39 -18.43 -45.25 -23.93
C ASP X 39 -18.65 -45.74 -22.51
N TYR X 40 -17.63 -45.62 -21.65
CA TYR X 40 -17.74 -46.10 -20.28
C TYR X 40 -17.41 -45.04 -19.24
N THR X 41 -17.38 -43.75 -19.63
CA THR X 41 -17.06 -42.71 -18.68
C THR X 41 -17.98 -41.50 -18.87
N ALA X 42 -18.36 -40.89 -17.75
CA ALA X 42 -19.17 -39.67 -17.69
C ALA X 42 -18.53 -38.69 -16.72
N THR X 43 -18.62 -37.41 -17.04
CA THR X 43 -18.03 -36.35 -16.22
C THR X 43 -19.08 -35.29 -15.90
N GLY X 44 -19.18 -34.92 -14.63
CA GLY X 44 -19.99 -33.78 -14.21
C GLY X 44 -19.08 -32.72 -13.62
N ILE X 45 -19.33 -31.47 -13.99
CA ILE X 45 -18.40 -30.39 -13.63
C ILE X 45 -19.16 -29.26 -12.94
N ALA X 46 -18.53 -28.67 -11.92
CA ALA X 46 -19.07 -27.54 -11.18
C ALA X 46 -18.09 -26.37 -11.27
N GLY X 47 -18.62 -25.15 -11.23
CA GLY X 47 -17.80 -23.95 -11.24
C GLY X 47 -18.15 -23.04 -12.39
N THR X 48 -17.15 -22.28 -12.84
CA THR X 48 -17.35 -21.35 -13.94
C THR X 48 -17.81 -22.09 -15.20
N ALA X 49 -18.96 -21.66 -15.74
CA ALA X 49 -19.61 -22.40 -16.82
C ALA X 49 -18.69 -22.58 -18.03
N ALA X 50 -18.11 -21.49 -18.51
CA ALA X 50 -17.24 -21.57 -19.69
C ALA X 50 -16.14 -22.60 -19.49
N VAL X 51 -15.40 -22.48 -18.39
CA VAL X 51 -14.28 -23.40 -18.13
C VAL X 51 -14.79 -24.82 -17.95
N ALA X 52 -15.96 -24.99 -17.33
CA ALA X 52 -16.50 -26.32 -17.10
C ALA X 52 -16.81 -27.01 -18.43
N VAL X 53 -17.55 -26.32 -19.30
CA VAL X 53 -17.91 -26.91 -20.60
C VAL X 53 -16.67 -27.20 -21.42
N GLU X 54 -15.71 -26.27 -21.42
CA GLU X 54 -14.45 -26.52 -22.13
C GLU X 54 -13.74 -27.74 -21.57
N PHE X 55 -13.78 -27.93 -20.25
CA PHE X 55 -13.20 -29.12 -19.64
C PHE X 55 -13.86 -30.39 -20.18
N ALA X 56 -15.19 -30.47 -20.10
CA ALA X 56 -15.88 -31.68 -20.53
C ALA X 56 -15.58 -32.00 -21.99
N ARG X 57 -15.76 -31.00 -22.86
CA ARG X 57 -15.58 -31.21 -24.30
C ARG X 57 -14.13 -31.61 -24.61
N LEU X 58 -13.18 -30.79 -24.17
CA LEU X 58 -11.77 -31.04 -24.44
C LEU X 58 -11.35 -32.40 -23.90
N TYR X 59 -11.87 -32.78 -22.74
CA TYR X 59 -11.52 -34.05 -22.11
C TYR X 59 -11.98 -35.23 -22.97
N ALA X 60 -13.26 -35.22 -23.38
CA ALA X 60 -13.74 -36.26 -24.28
C ALA X 60 -12.91 -36.32 -25.55
N VAL X 61 -12.60 -35.16 -26.14
CA VAL X 61 -11.78 -35.13 -27.35
C VAL X 61 -10.43 -35.76 -27.10
N GLU X 62 -9.84 -35.51 -25.93
CA GLU X 62 -8.53 -36.08 -25.63
C GLU X 62 -8.59 -37.60 -25.55
N LEU X 63 -9.60 -38.12 -24.83
CA LEU X 63 -9.73 -39.58 -24.70
C LEU X 63 -9.90 -40.24 -26.06
N GLU X 64 -10.84 -39.74 -26.88
CA GLU X 64 -11.05 -40.33 -28.19
C GLU X 64 -9.82 -40.17 -29.08
N HIS X 65 -9.09 -39.07 -28.93
CA HIS X 65 -7.83 -38.88 -29.65
C HIS X 65 -6.84 -40.00 -29.35
N TYR X 66 -6.58 -40.25 -28.06
CA TYR X 66 -5.69 -41.36 -27.72
C TYR X 66 -6.22 -42.67 -28.27
N GLU X 67 -7.53 -42.88 -28.18
CA GLU X 67 -8.12 -44.14 -28.65
C GLU X 67 -7.85 -44.36 -30.13
N LYS X 68 -8.05 -43.33 -30.95
CA LYS X 68 -7.84 -43.49 -32.38
C LYS X 68 -6.36 -43.58 -32.74
N LEU X 69 -5.49 -42.87 -32.01
CA LEU X 69 -4.07 -42.93 -32.34
C LEU X 69 -3.48 -44.28 -31.99
N GLU X 70 -3.78 -44.79 -30.80
CA GLU X 70 -3.15 -46.01 -30.31
C GLU X 70 -4.03 -47.25 -30.43
N GLY X 71 -5.24 -47.12 -30.97
CA GLY X 71 -6.10 -48.26 -31.22
C GLY X 71 -6.72 -48.90 -30.01
N VAL X 72 -6.54 -48.33 -28.82
CA VAL X 72 -7.11 -48.88 -27.60
C VAL X 72 -7.43 -47.71 -26.68
N PRO X 73 -8.51 -47.73 -25.91
CA PRO X 73 -8.77 -46.62 -24.98
C PRO X 73 -7.77 -46.63 -23.84
N LEU X 74 -7.68 -45.49 -23.17
CA LEU X 74 -6.79 -45.36 -22.02
C LEU X 74 -7.24 -46.26 -20.89
N THR X 75 -6.28 -46.74 -20.11
CA THR X 75 -6.64 -47.34 -18.84
C THR X 75 -7.34 -46.29 -17.97
N PHE X 76 -8.15 -46.76 -17.03
CA PHE X 76 -8.91 -45.82 -16.21
C PHE X 76 -7.98 -44.89 -15.45
N ALA X 77 -6.88 -45.42 -14.92
CA ALA X 77 -5.87 -44.57 -14.28
C ALA X 77 -5.38 -43.50 -15.24
N GLY X 78 -5.19 -43.86 -16.52
CA GLY X 78 -4.77 -42.86 -17.50
C GLY X 78 -5.77 -41.74 -17.65
N LYS X 79 -7.07 -42.09 -17.72
CA LYS X 79 -8.10 -41.07 -17.79
C LYS X 79 -8.05 -40.15 -16.57
N ILE X 80 -7.95 -40.75 -15.38
CA ILE X 80 -7.82 -39.98 -14.14
C ILE X 80 -6.65 -39.00 -14.24
N ASN X 81 -5.49 -39.51 -14.66
CA ASN X 81 -4.30 -38.67 -14.73
C ASN X 81 -4.48 -37.50 -15.69
N ARG X 82 -5.08 -37.76 -16.87
CA ARG X 82 -5.23 -36.67 -17.82
C ARG X 82 -6.19 -35.61 -17.30
N LEU X 83 -7.31 -36.02 -16.70
CA LEU X 83 -8.23 -35.04 -16.12
C LEU X 83 -7.53 -34.22 -15.04
N ALA X 84 -6.78 -34.89 -14.16
CA ALA X 84 -6.04 -34.20 -13.11
C ALA X 84 -5.06 -33.19 -13.69
N ILE X 85 -4.31 -33.58 -14.71
CA ILE X 85 -3.36 -32.69 -15.35
C ILE X 85 -4.08 -31.48 -15.95
N MET X 86 -5.28 -31.69 -16.48
CA MET X 86 -6.07 -30.58 -17.01
C MET X 86 -6.42 -29.59 -15.90
N VAL X 87 -6.90 -30.10 -14.76
CA VAL X 87 -7.25 -29.23 -13.64
C VAL X 87 -6.03 -28.45 -13.17
N ARG X 88 -4.92 -29.17 -12.93
CA ARG X 88 -3.68 -28.53 -12.49
C ARG X 88 -3.25 -27.46 -13.49
N GLY X 89 -3.43 -27.72 -14.78
CA GLY X 89 -3.16 -26.70 -15.78
C GLY X 89 -4.04 -25.48 -15.66
N ASN X 90 -5.29 -25.68 -15.23
CA ASN X 90 -6.20 -24.55 -15.05
C ASN X 90 -6.00 -23.83 -13.72
N LEU X 91 -5.14 -24.35 -12.83
CA LEU X 91 -4.98 -23.75 -11.50
C LEU X 91 -4.80 -22.23 -11.56
N ALA X 92 -3.98 -21.75 -12.49
CA ALA X 92 -3.70 -20.31 -12.57
C ALA X 92 -4.97 -19.50 -12.77
N ALA X 93 -5.75 -19.83 -13.81
CA ALA X 93 -7.01 -19.13 -14.03
C ALA X 93 -7.99 -19.35 -12.89
N ALA X 94 -7.94 -20.53 -12.25
CA ALA X 94 -8.81 -20.78 -11.10
C ALA X 94 -8.52 -19.78 -9.99
N MET X 95 -7.25 -19.48 -9.75
CA MET X 95 -6.89 -18.47 -8.76
C MET X 95 -7.44 -17.09 -9.14
N GLN X 96 -7.74 -16.87 -10.42
CA GLN X 96 -8.23 -15.60 -10.91
C GLN X 96 -9.75 -15.60 -11.05
N GLY X 97 -10.43 -16.64 -10.57
CA GLY X 97 -11.88 -16.67 -10.56
C GLY X 97 -12.52 -17.60 -11.58
N LEU X 98 -11.74 -18.26 -12.43
CA LEU X 98 -12.28 -19.18 -13.43
C LEU X 98 -12.12 -20.62 -12.95
N LEU X 99 -12.69 -20.91 -11.77
CA LEU X 99 -12.49 -22.19 -11.12
C LEU X 99 -13.49 -23.21 -11.66
N ALA X 100 -13.02 -24.46 -11.81
CA ALA X 100 -13.88 -25.55 -12.27
C ALA X 100 -13.36 -26.86 -11.69
N LEU X 101 -14.22 -27.55 -10.93
CA LEU X 101 -13.93 -28.83 -10.32
C LEU X 101 -14.70 -29.93 -11.03
N PRO X 102 -14.04 -31.00 -11.45
CA PRO X 102 -14.78 -32.12 -12.05
C PRO X 102 -15.03 -33.25 -11.06
N LEU X 103 -16.03 -34.08 -11.40
CA LEU X 103 -16.33 -35.33 -10.72
C LEU X 103 -16.48 -36.38 -11.80
N LEU X 104 -15.72 -37.47 -11.70
CA LEU X 104 -15.61 -38.46 -12.74
C LEU X 104 -16.29 -39.74 -12.29
N ALA X 105 -17.15 -40.31 -13.15
CA ALA X 105 -17.81 -41.58 -12.87
C ALA X 105 -17.61 -42.52 -14.06
N GLY X 106 -17.19 -43.75 -13.79
CA GLY X 106 -16.92 -44.67 -14.87
C GLY X 106 -17.16 -46.12 -14.49
N TYR X 107 -17.10 -46.97 -15.51
CA TYR X 107 -17.18 -48.42 -15.35
C TYR X 107 -15.91 -48.98 -16.00
N ASP X 108 -15.05 -49.57 -15.19
CA ASP X 108 -13.75 -50.05 -15.66
C ASP X 108 -13.92 -51.45 -16.23
N ILE X 109 -13.86 -51.58 -17.55
CA ILE X 109 -14.00 -52.88 -18.18
C ILE X 109 -12.81 -53.79 -17.88
N HIS X 110 -11.66 -53.22 -17.52
CA HIS X 110 -10.49 -54.01 -17.14
C HIS X 110 -10.45 -54.35 -15.66
N ALA X 111 -11.51 -54.03 -14.92
CA ALA X 111 -11.57 -54.29 -13.48
C ALA X 111 -11.75 -55.79 -13.23
N SER X 112 -11.34 -56.21 -12.02
CA SER X 112 -11.35 -57.64 -11.70
C SER X 112 -12.76 -58.17 -11.55
N ASP X 113 -13.59 -57.47 -10.78
CA ASP X 113 -14.91 -57.99 -10.46
C ASP X 113 -15.93 -57.13 -11.18
N PRO X 114 -16.71 -57.71 -12.10
CA PRO X 114 -17.63 -56.89 -12.90
C PRO X 114 -18.69 -56.20 -12.07
N GLN X 115 -18.81 -56.51 -10.78
CA GLN X 115 -19.67 -55.74 -9.90
C GLN X 115 -18.90 -54.63 -9.19
N SER X 116 -17.60 -54.83 -8.90
CA SER X 116 -16.76 -53.79 -8.33
C SER X 116 -16.02 -53.00 -9.41
N ALA X 117 -16.56 -52.95 -10.62
CA ALA X 117 -15.97 -52.16 -11.70
C ALA X 117 -16.41 -50.72 -11.69
N GLY X 118 -17.32 -50.34 -10.78
CA GLY X 118 -17.70 -48.94 -10.68
C GLY X 118 -16.58 -48.09 -10.11
N ARG X 119 -16.48 -46.87 -10.62
CA ARG X 119 -15.41 -45.96 -10.23
C ARG X 119 -15.96 -44.56 -10.08
N ILE X 120 -15.59 -43.89 -8.98
CA ILE X 120 -15.96 -42.51 -8.72
C ILE X 120 -14.71 -41.79 -8.24
N VAL X 121 -14.31 -40.73 -8.95
CA VAL X 121 -13.08 -40.01 -8.66
C VAL X 121 -13.42 -38.53 -8.48
N SER X 122 -12.99 -37.96 -7.34
CA SER X 122 -13.17 -36.55 -7.05
C SER X 122 -11.83 -35.83 -7.15
N PHE X 123 -11.90 -34.52 -7.37
CA PHE X 123 -10.71 -33.72 -7.61
C PHE X 123 -10.78 -32.44 -6.79
N ASP X 124 -9.61 -31.83 -6.57
CA ASP X 124 -9.51 -30.49 -6.01
C ASP X 124 -8.93 -29.54 -7.05
N ALA X 125 -8.83 -28.27 -6.67
CA ALA X 125 -8.44 -27.23 -7.62
C ALA X 125 -7.00 -27.38 -8.10
N ALA X 126 -6.16 -28.12 -7.37
CA ALA X 126 -4.78 -28.37 -7.77
C ALA X 126 -4.62 -29.66 -8.57
N GLY X 127 -5.72 -30.32 -8.90
CA GLY X 127 -5.72 -31.58 -9.61
C GLY X 127 -5.38 -32.80 -8.78
N GLY X 128 -5.38 -32.67 -7.45
CA GLY X 128 -5.51 -33.81 -6.57
C GLY X 128 -6.65 -34.71 -7.00
N TRP X 129 -6.53 -36.02 -6.81
CA TRP X 129 -7.62 -36.91 -7.16
C TRP X 129 -7.81 -37.94 -6.06
N ASN X 130 -9.02 -38.48 -5.99
CA ASN X 130 -9.40 -39.50 -5.02
C ASN X 130 -10.33 -40.49 -5.67
N ILE X 131 -9.97 -41.77 -5.63
CA ILE X 131 -10.87 -42.85 -6.03
C ILE X 131 -11.68 -43.24 -4.80
N GLU X 132 -13.00 -43.03 -4.87
CA GLU X 132 -13.85 -43.18 -3.69
C GLU X 132 -14.15 -44.64 -3.42
N GLU X 133 -13.86 -45.08 -2.19
CA GLU X 133 -14.15 -46.43 -1.74
C GLU X 133 -15.43 -46.53 -0.92
N GLU X 134 -16.01 -45.41 -0.53
CA GLU X 134 -17.19 -45.41 0.34
C GLU X 134 -18.51 -45.30 -0.41
N GLY X 135 -18.48 -45.23 -1.74
CA GLY X 135 -19.63 -45.51 -2.57
C GLY X 135 -20.23 -44.29 -3.27
N TYR X 136 -20.07 -43.09 -2.69
CA TYR X 136 -20.70 -41.91 -3.25
C TYR X 136 -19.77 -40.72 -3.12
N GLN X 137 -20.09 -39.67 -3.87
CA GLN X 137 -19.29 -38.46 -3.85
C GLN X 137 -20.08 -37.36 -4.55
N ALA X 138 -19.77 -36.11 -4.21
CA ALA X 138 -20.47 -34.97 -4.80
C ALA X 138 -19.51 -33.80 -4.94
N VAL X 139 -19.87 -32.86 -5.81
CA VAL X 139 -19.08 -31.66 -6.06
C VAL X 139 -20.02 -30.48 -6.28
N GLY X 140 -19.59 -29.30 -5.86
CA GLY X 140 -20.36 -28.08 -6.07
C GLY X 140 -20.79 -27.45 -4.76
N SER X 141 -21.52 -26.34 -4.90
CA SER X 141 -21.94 -25.53 -3.74
C SER X 141 -22.91 -26.28 -2.83
N GLY X 142 -23.60 -27.30 -3.34
CA GLY X 142 -24.47 -28.12 -2.51
C GLY X 142 -23.93 -29.49 -2.20
N SER X 143 -22.64 -29.74 -2.43
CA SER X 143 -22.09 -31.09 -2.31
C SER X 143 -22.09 -31.60 -0.87
N LEU X 144 -22.00 -30.70 0.11
CA LEU X 144 -21.98 -31.14 1.50
C LEU X 144 -23.36 -31.61 1.94
N PHE X 145 -24.41 -30.91 1.50
CA PHE X 145 -25.77 -31.36 1.77
C PHE X 145 -26.06 -32.68 1.05
N ALA X 146 -25.64 -32.80 -0.21
CA ALA X 146 -25.90 -34.02 -0.96
C ALA X 146 -25.15 -35.21 -0.36
N LYS X 147 -23.89 -35.00 0.03
CA LYS X 147 -23.13 -36.08 0.65
C LYS X 147 -23.71 -36.47 2.00
N SER X 148 -24.14 -35.49 2.80
CA SER X 148 -24.71 -35.83 4.10
C SER X 148 -26.06 -36.52 3.95
N SER X 149 -26.81 -36.20 2.90
CA SER X 149 -28.06 -36.93 2.63
C SER X 149 -27.76 -38.37 2.18
N MET X 150 -26.83 -38.54 1.24
CA MET X 150 -26.47 -39.88 0.78
C MET X 150 -25.88 -40.73 1.90
N LYS X 151 -25.24 -40.10 2.88
CA LYS X 151 -24.74 -40.84 4.04
C LYS X 151 -25.86 -41.57 4.76
N LYS X 152 -27.07 -41.00 4.77
CA LYS X 152 -28.22 -41.64 5.39
C LYS X 152 -28.99 -42.53 4.43
N LEU X 153 -29.06 -42.16 3.15
CA LEU X 153 -29.89 -42.87 2.18
C LEU X 153 -29.17 -43.96 1.42
N TYR X 154 -27.86 -44.15 1.59
CA TYR X 154 -27.13 -45.06 0.71
C TYR X 154 -27.51 -46.51 0.97
N SER X 155 -27.86 -46.85 2.22
CA SER X 155 -28.26 -48.22 2.55
C SER X 155 -29.46 -48.70 1.74
N GLN X 156 -30.24 -47.78 1.17
CA GLN X 156 -31.39 -48.16 0.36
C GLN X 156 -31.00 -48.53 -1.07
N VAL X 157 -29.75 -48.35 -1.45
CA VAL X 157 -29.31 -48.63 -2.82
C VAL X 157 -29.04 -50.11 -2.93
N THR X 158 -29.87 -50.82 -3.71
CA THR X 158 -29.69 -52.24 -3.94
C THR X 158 -29.59 -52.62 -5.42
N ASP X 159 -30.02 -51.75 -6.34
CA ASP X 159 -29.89 -52.05 -7.76
C ASP X 159 -29.71 -50.73 -8.51
N GLY X 160 -29.75 -50.81 -9.84
CA GLY X 160 -29.58 -49.66 -10.71
C GLY X 160 -30.70 -48.65 -10.64
N ASP X 161 -31.77 -48.93 -9.90
CA ASP X 161 -32.92 -48.03 -9.80
C ASP X 161 -32.98 -47.31 -8.47
N SER X 162 -32.81 -48.04 -7.36
CA SER X 162 -32.74 -47.39 -6.05
C SER X 162 -31.60 -46.39 -5.99
N GLY X 163 -30.48 -46.69 -6.67
CA GLY X 163 -29.39 -45.73 -6.74
C GLY X 163 -29.78 -44.44 -7.42
N LEU X 164 -30.52 -44.53 -8.53
CA LEU X 164 -31.02 -43.34 -9.19
C LEU X 164 -31.88 -42.50 -8.26
N ARG X 165 -32.75 -43.16 -7.47
CA ARG X 165 -33.64 -42.41 -6.60
C ARG X 165 -32.89 -41.76 -5.44
N VAL X 166 -31.87 -42.44 -4.91
CA VAL X 166 -31.05 -41.82 -3.87
C VAL X 166 -30.28 -40.64 -4.44
N ALA X 167 -29.80 -40.76 -5.68
CA ALA X 167 -29.13 -39.63 -6.32
C ALA X 167 -30.07 -38.43 -6.46
N VAL X 168 -31.24 -38.66 -7.04
CA VAL X 168 -32.20 -37.57 -7.24
C VAL X 168 -32.63 -36.96 -5.91
N GLU X 169 -32.77 -37.79 -4.88
CA GLU X 169 -33.14 -37.25 -3.58
C GLU X 169 -32.02 -36.41 -2.99
N ALA X 170 -30.78 -36.86 -3.15
CA ALA X 170 -29.64 -36.06 -2.69
C ALA X 170 -29.60 -34.71 -3.39
N LEU X 171 -29.84 -34.68 -4.70
CA LEU X 171 -29.94 -33.41 -5.40
C LEU X 171 -31.09 -32.58 -4.85
N TYR X 172 -32.18 -33.24 -4.45
CA TYR X 172 -33.32 -32.51 -3.89
C TYR X 172 -32.95 -31.83 -2.58
N ASP X 173 -32.23 -32.53 -1.70
CA ASP X 173 -31.78 -31.93 -0.45
C ASP X 173 -30.80 -30.79 -0.71
N ALA X 174 -29.86 -31.00 -1.65
CA ALA X 174 -28.94 -29.94 -2.02
C ALA X 174 -29.69 -28.67 -2.43
N ALA X 175 -30.66 -28.80 -3.33
CA ALA X 175 -31.46 -27.64 -3.72
C ALA X 175 -32.28 -27.11 -2.55
N ASP X 176 -32.63 -27.99 -1.60
CA ASP X 176 -33.42 -27.58 -0.45
C ASP X 176 -32.63 -26.62 0.45
N ASP X 177 -31.32 -26.83 0.58
CA ASP X 177 -30.52 -25.99 1.47
C ASP X 177 -29.55 -25.08 0.74
N ASP X 178 -29.41 -25.18 -0.58
CA ASP X 178 -28.46 -24.37 -1.35
C ASP X 178 -29.21 -23.71 -2.50
N SER X 179 -29.22 -22.37 -2.51
CA SER X 179 -29.95 -21.65 -3.56
C SER X 179 -29.24 -21.68 -4.90
N ALA X 180 -27.95 -22.01 -4.94
CA ALA X 180 -27.24 -22.11 -6.21
C ALA X 180 -27.53 -23.41 -6.95
N THR X 181 -28.16 -24.38 -6.30
CA THR X 181 -28.57 -25.63 -6.93
C THR X 181 -30.07 -25.57 -7.18
N GLY X 182 -30.46 -25.94 -8.40
CA GLY X 182 -31.86 -25.88 -8.78
C GLY X 182 -32.55 -27.22 -8.57
N GLY X 183 -33.74 -27.16 -7.96
CA GLY X 183 -34.55 -28.32 -7.72
C GLY X 183 -35.51 -28.59 -8.86
N PRO X 184 -36.38 -29.58 -8.69
CA PRO X 184 -37.34 -29.92 -9.75
C PRO X 184 -38.31 -28.78 -9.99
N ASP X 185 -38.42 -28.38 -11.25
CA ASP X 185 -39.32 -27.31 -11.68
C ASP X 185 -40.56 -27.97 -12.28
N LEU X 186 -41.58 -28.20 -11.44
CA LEU X 186 -42.79 -28.85 -11.92
C LEU X 186 -43.62 -27.95 -12.83
N VAL X 187 -43.47 -26.62 -12.72
CA VAL X 187 -44.23 -25.74 -13.59
C VAL X 187 -43.71 -25.82 -15.02
N ARG X 188 -42.39 -25.80 -15.19
CA ARG X 188 -41.77 -25.88 -16.50
C ARG X 188 -41.44 -27.29 -16.93
N GLY X 189 -41.51 -28.27 -16.02
CA GLY X 189 -41.12 -29.63 -16.35
C GLY X 189 -39.63 -29.81 -16.59
N ILE X 190 -38.79 -29.20 -15.76
CA ILE X 190 -37.34 -29.31 -15.86
C ILE X 190 -36.83 -30.06 -14.63
N PHE X 191 -36.09 -31.14 -14.86
CA PHE X 191 -35.58 -32.01 -13.82
C PHE X 191 -34.09 -32.21 -14.00
N PRO X 192 -33.39 -32.68 -12.95
CA PRO X 192 -31.96 -32.95 -13.09
C PRO X 192 -31.69 -33.96 -14.20
N THR X 193 -30.48 -33.89 -14.75
CA THR X 193 -30.03 -34.86 -15.73
C THR X 193 -29.21 -35.95 -15.06
N ALA X 194 -29.32 -37.16 -15.61
CA ALA X 194 -28.62 -38.31 -15.05
C ALA X 194 -28.04 -39.18 -16.16
N VAL X 195 -26.91 -39.81 -15.84
CA VAL X 195 -26.24 -40.78 -16.70
C VAL X 195 -25.95 -42.00 -15.84
N ILE X 196 -26.25 -43.18 -16.38
CA ILE X 196 -25.98 -44.43 -15.67
C ILE X 196 -25.08 -45.29 -16.55
N ILE X 197 -24.11 -45.95 -15.92
CA ILE X 197 -23.07 -46.69 -16.63
C ILE X 197 -22.94 -48.06 -16.01
N ASP X 198 -23.06 -49.11 -16.83
CA ASP X 198 -22.83 -50.48 -16.38
C ASP X 198 -21.97 -51.18 -17.43
N ALA X 199 -21.96 -52.51 -17.39
CA ALA X 199 -21.15 -53.28 -18.33
C ALA X 199 -21.55 -53.02 -19.78
N ASP X 200 -22.81 -52.64 -20.02
CA ASP X 200 -23.27 -52.34 -21.36
C ASP X 200 -22.92 -50.94 -21.83
N GLY X 201 -22.25 -50.15 -21.00
CA GLY X 201 -21.82 -48.82 -21.39
C GLY X 201 -22.49 -47.72 -20.58
N ALA X 202 -22.37 -46.50 -21.11
CA ALA X 202 -22.92 -45.31 -20.48
C ALA X 202 -24.12 -44.84 -21.29
N VAL X 203 -25.25 -44.66 -20.60
CA VAL X 203 -26.48 -44.24 -21.26
C VAL X 203 -27.11 -43.10 -20.46
N ASP X 204 -27.80 -42.22 -21.17
CA ASP X 204 -28.55 -41.14 -20.54
C ASP X 204 -29.82 -41.69 -19.91
N VAL X 205 -30.06 -41.33 -18.65
CA VAL X 205 -31.33 -41.70 -18.03
C VAL X 205 -32.44 -40.86 -18.65
N PRO X 206 -33.52 -41.45 -19.14
CA PRO X 206 -34.59 -40.66 -19.76
C PRO X 206 -35.25 -39.72 -18.77
N GLU X 207 -35.71 -38.58 -19.27
CA GLU X 207 -36.24 -37.53 -18.41
C GLU X 207 -37.47 -38.00 -17.63
N SER X 208 -38.35 -38.75 -18.29
CA SER X 208 -39.61 -39.15 -17.66
C SER X 208 -39.39 -39.90 -16.35
N ARG X 209 -38.36 -40.75 -16.30
CA ARG X 209 -38.09 -41.52 -15.09
C ARG X 209 -37.65 -40.60 -13.95
N ILE X 210 -36.77 -39.64 -14.24
CA ILE X 210 -36.36 -38.66 -13.24
C ILE X 210 -37.55 -37.84 -12.78
N ALA X 211 -38.47 -37.53 -13.71
CA ALA X 211 -39.67 -36.79 -13.35
C ALA X 211 -40.53 -37.57 -12.35
N GLU X 212 -40.78 -38.85 -12.65
CA GLU X 212 -41.60 -39.65 -11.74
C GLU X 212 -40.92 -39.82 -10.39
N LEU X 213 -39.60 -40.03 -10.39
CA LEU X 213 -38.88 -40.16 -9.11
C LEU X 213 -38.97 -38.88 -8.30
N ALA X 214 -38.79 -37.73 -8.97
CA ALA X 214 -38.88 -36.45 -8.28
C ALA X 214 -40.27 -36.24 -7.69
N ARG X 215 -41.31 -36.54 -8.46
CA ARG X 215 -42.67 -36.39 -7.94
C ARG X 215 -42.90 -37.30 -6.74
N ALA X 216 -42.37 -38.53 -6.79
CA ALA X 216 -42.46 -39.41 -5.63
C ALA X 216 -41.81 -38.79 -4.41
N ILE X 217 -40.62 -38.19 -4.59
CA ILE X 217 -39.94 -37.56 -3.47
C ILE X 217 -40.76 -36.40 -2.92
N ILE X 218 -41.23 -35.52 -3.81
CA ILE X 218 -42.00 -34.36 -3.39
C ILE X 218 -43.24 -34.77 -2.60
N GLU X 219 -44.05 -35.67 -3.16
CA GLU X 219 -45.26 -36.10 -2.47
C GLU X 219 -44.93 -36.86 -1.19
N SER X 220 -43.75 -37.49 -1.13
CA SER X 220 -43.31 -38.10 0.12
C SER X 220 -43.00 -37.06 1.18
N ARG X 221 -42.49 -35.90 0.77
CA ARG X 221 -42.14 -34.83 1.71
C ARG X 221 -43.32 -33.96 2.10
N SER X 222 -44.47 -34.12 1.44
CA SER X 222 -45.65 -33.31 1.75
C SER X 222 -46.53 -33.99 2.80
N THR Y 1 -27.13 0.68 -22.85
CA THR Y 1 -27.25 -0.15 -24.04
C THR Y 1 -28.17 -1.33 -23.78
N THR Y 2 -28.99 -1.68 -24.76
CA THR Y 2 -29.80 -2.89 -24.70
C THR Y 2 -29.93 -3.50 -26.09
N ILE Y 3 -29.60 -4.79 -26.18
CA ILE Y 3 -29.81 -5.58 -27.39
C ILE Y 3 -30.79 -6.68 -27.05
N VAL Y 4 -31.82 -6.83 -27.88
CA VAL Y 4 -32.83 -7.87 -27.68
C VAL Y 4 -32.84 -8.78 -28.88
N ALA Y 5 -33.21 -10.04 -28.64
CA ALA Y 5 -33.39 -11.02 -29.70
C ALA Y 5 -34.48 -11.98 -29.27
N LEU Y 6 -35.39 -12.29 -30.20
CA LEU Y 6 -36.46 -13.23 -29.87
C LEU Y 6 -36.78 -14.10 -31.09
N LYS Y 7 -37.24 -15.31 -30.81
CA LYS Y 7 -37.67 -16.25 -31.85
C LYS Y 7 -39.15 -16.04 -32.14
N TYR Y 8 -39.49 -16.07 -33.42
CA TYR Y 8 -40.88 -16.11 -33.87
C TYR Y 8 -41.03 -17.29 -34.80
N PRO Y 9 -42.27 -17.72 -35.08
CA PRO Y 9 -42.46 -18.91 -35.93
C PRO Y 9 -41.74 -18.80 -37.27
N GLY Y 10 -40.67 -19.57 -37.43
CA GLY Y 10 -39.92 -19.58 -38.67
C GLY Y 10 -38.84 -18.52 -38.79
N GLY Y 11 -38.49 -17.83 -37.72
CA GLY Y 11 -37.47 -16.81 -37.85
C GLY Y 11 -37.02 -16.28 -36.50
N VAL Y 12 -36.15 -15.27 -36.56
CA VAL Y 12 -35.61 -14.63 -35.38
C VAL Y 12 -35.51 -13.13 -35.66
N VAL Y 13 -35.58 -12.33 -34.60
CA VAL Y 13 -35.48 -10.87 -34.72
C VAL Y 13 -34.49 -10.37 -33.67
N MET Y 14 -33.73 -9.33 -34.04
CA MET Y 14 -32.78 -8.71 -33.12
C MET Y 14 -32.85 -7.20 -33.29
N ALA Y 15 -32.88 -6.48 -32.17
CA ALA Y 15 -32.97 -5.02 -32.21
C ALA Y 15 -32.03 -4.43 -31.16
N GLY Y 16 -31.60 -3.21 -31.42
CA GLY Y 16 -30.67 -2.54 -30.52
C GLY Y 16 -30.90 -1.04 -30.55
N ASP Y 17 -30.59 -0.40 -29.42
CA ASP Y 17 -30.74 1.03 -29.26
C ASP Y 17 -29.58 1.75 -29.97
N ARG Y 18 -29.62 3.09 -29.93
CA ARG Y 18 -28.72 3.90 -30.73
C ARG Y 18 -27.83 4.83 -29.92
N ARG Y 19 -27.77 4.66 -28.60
CA ARG Y 19 -27.12 5.64 -27.74
C ARG Y 19 -25.68 5.25 -27.44
N SER Y 20 -24.77 6.22 -27.54
CA SER Y 20 -23.39 6.07 -27.13
C SER Y 20 -23.11 7.07 -26.01
N THR Y 21 -22.57 6.58 -24.91
CA THR Y 21 -22.30 7.43 -23.76
C THR Y 21 -20.84 7.33 -23.35
N GLN Y 22 -20.36 8.39 -22.71
CA GLN Y 22 -19.11 8.39 -21.95
C GLN Y 22 -19.46 8.87 -20.54
N GLY Y 23 -19.43 7.96 -19.58
CA GLY Y 23 -20.00 8.22 -18.28
C GLY Y 23 -21.43 8.69 -18.37
N ASN Y 24 -21.72 9.89 -17.87
CA ASN Y 24 -23.06 10.46 -17.99
C ASN Y 24 -23.30 11.20 -19.30
N MET Y 25 -22.24 11.62 -19.99
CA MET Y 25 -22.39 12.42 -21.19
C MET Y 25 -22.80 11.56 -22.37
N ILE Y 26 -23.76 12.04 -23.14
CA ILE Y 26 -24.20 11.37 -24.36
C ILE Y 26 -23.26 11.76 -25.50
N SER Y 27 -22.56 10.78 -26.05
CA SER Y 27 -21.59 11.00 -27.13
C SER Y 27 -22.05 10.44 -28.47
N GLY Y 28 -23.28 9.92 -28.55
CA GLY Y 28 -23.78 9.40 -29.80
C GLY Y 28 -25.27 9.12 -29.80
N ARG Y 29 -25.94 9.45 -30.92
CA ARG Y 29 -27.38 9.24 -31.05
C ARG Y 29 -27.79 8.30 -32.18
N ASP Y 30 -26.93 8.08 -33.17
CA ASP Y 30 -27.27 7.26 -34.34
C ASP Y 30 -26.46 5.97 -34.38
N VAL Y 31 -25.79 5.62 -33.28
CA VAL Y 31 -24.91 4.46 -33.24
C VAL Y 31 -25.66 3.19 -33.61
N ARG Y 32 -24.97 2.30 -34.33
CA ARG Y 32 -25.51 1.00 -34.71
C ARG Y 32 -24.79 -0.09 -33.91
N LYS Y 33 -25.56 -1.00 -33.35
CA LYS Y 33 -25.02 -2.07 -32.52
C LYS Y 33 -25.40 -3.47 -32.98
N VAL Y 34 -26.25 -3.59 -34.00
CA VAL Y 34 -26.65 -4.88 -34.55
C VAL Y 34 -26.14 -4.95 -35.98
N TYR Y 35 -25.43 -6.02 -36.30
CA TYR Y 35 -24.77 -6.18 -37.58
C TYR Y 35 -25.15 -7.52 -38.17
N ILE Y 36 -25.23 -7.56 -39.49
CA ILE Y 36 -25.47 -8.82 -40.20
C ILE Y 36 -24.11 -9.45 -40.41
N THR Y 37 -23.82 -10.50 -39.64
CA THR Y 37 -22.52 -11.14 -39.72
C THR Y 37 -22.43 -12.12 -40.89
N ASP Y 38 -23.54 -12.74 -41.27
CA ASP Y 38 -23.56 -13.57 -42.47
C ASP Y 38 -24.99 -13.68 -42.97
N ASP Y 39 -25.15 -14.32 -44.12
CA ASP Y 39 -26.44 -14.41 -44.80
C ASP Y 39 -27.57 -14.83 -43.86
N TYR Y 40 -27.26 -15.62 -42.83
CA TYR Y 40 -28.28 -16.08 -41.90
C TYR Y 40 -27.97 -15.76 -40.44
N THR Y 41 -27.00 -14.89 -40.13
CA THR Y 41 -26.75 -14.55 -38.73
C THR Y 41 -26.48 -13.06 -38.56
N ALA Y 42 -26.94 -12.57 -37.43
CA ALA Y 42 -26.75 -11.20 -36.99
C ALA Y 42 -26.27 -11.20 -35.54
N THR Y 43 -25.40 -10.24 -35.22
CA THR Y 43 -24.79 -10.12 -33.91
C THR Y 43 -25.00 -8.71 -33.38
N GLY Y 44 -25.47 -8.60 -32.14
CA GLY Y 44 -25.55 -7.32 -31.46
C GLY Y 44 -24.61 -7.34 -30.27
N ILE Y 45 -23.86 -6.25 -30.08
CA ILE Y 45 -22.77 -6.23 -29.11
C ILE Y 45 -22.93 -5.05 -28.16
N ALA Y 46 -22.61 -5.29 -26.89
CA ALA Y 46 -22.65 -4.28 -25.84
C ALA Y 46 -21.27 -4.15 -25.20
N GLY Y 47 -20.95 -2.95 -24.72
CA GLY Y 47 -19.71 -2.68 -24.03
C GLY Y 47 -18.92 -1.56 -24.68
N THR Y 48 -17.60 -1.63 -24.53
CA THR Y 48 -16.73 -0.61 -25.10
C THR Y 48 -16.91 -0.56 -26.61
N ALA Y 49 -17.22 0.63 -27.14
CA ALA Y 49 -17.58 0.76 -28.54
C ALA Y 49 -16.50 0.20 -29.46
N ALA Y 50 -15.24 0.61 -29.25
CA ALA Y 50 -14.14 0.12 -30.08
C ALA Y 50 -14.10 -1.41 -30.10
N VAL Y 51 -14.10 -2.02 -28.92
CA VAL Y 51 -14.00 -3.48 -28.83
C VAL Y 51 -15.23 -4.13 -29.46
N ALA Y 52 -16.41 -3.53 -29.27
CA ALA Y 52 -17.63 -4.11 -29.82
C ALA Y 52 -17.58 -4.14 -31.34
N VAL Y 53 -17.28 -2.99 -31.96
CA VAL Y 53 -17.23 -2.92 -33.41
C VAL Y 53 -16.14 -3.85 -33.95
N GLU Y 54 -14.97 -3.87 -33.31
CA GLU Y 54 -13.91 -4.77 -33.75
C GLU Y 54 -14.35 -6.23 -33.67
N PHE Y 55 -15.09 -6.58 -32.63
CA PHE Y 55 -15.65 -7.93 -32.53
C PHE Y 55 -16.54 -8.24 -33.73
N ALA Y 56 -17.52 -7.38 -34.00
CA ALA Y 56 -18.43 -7.63 -35.11
C ALA Y 56 -17.69 -7.78 -36.43
N ARG Y 57 -16.78 -6.85 -36.72
CA ARG Y 57 -16.05 -6.85 -37.98
C ARG Y 57 -15.21 -8.12 -38.13
N LEU Y 58 -14.33 -8.37 -37.15
CA LEU Y 58 -13.45 -9.53 -37.21
C LEU Y 58 -14.26 -10.82 -37.27
N TYR Y 59 -15.39 -10.87 -36.59
CA TYR Y 59 -16.22 -12.08 -36.59
C TYR Y 59 -16.81 -12.34 -37.98
N ALA Y 60 -17.40 -11.32 -38.59
CA ALA Y 60 -17.90 -11.48 -39.96
C ALA Y 60 -16.80 -11.93 -40.90
N VAL Y 61 -15.62 -11.29 -40.80
CA VAL Y 61 -14.49 -11.68 -41.65
C VAL Y 61 -14.10 -13.14 -41.41
N GLU Y 62 -14.16 -13.59 -40.16
CA GLU Y 62 -13.80 -14.96 -39.84
C GLU Y 62 -14.76 -15.95 -40.49
N LEU Y 63 -16.07 -15.70 -40.33
CA LEU Y 63 -17.07 -16.60 -40.92
C LEU Y 63 -16.91 -16.68 -42.44
N GLU Y 64 -16.85 -15.52 -43.10
CA GLU Y 64 -16.71 -15.55 -44.56
C GLU Y 64 -15.39 -16.16 -44.98
N HIS Y 65 -14.33 -15.98 -44.17
CA HIS Y 65 -13.05 -16.62 -44.44
C HIS Y 65 -13.17 -18.14 -44.47
N TYR Y 66 -13.76 -18.74 -43.42
CA TYR Y 66 -13.97 -20.18 -43.43
C TYR Y 66 -14.82 -20.61 -44.62
N GLU Y 67 -15.86 -19.83 -44.92
CA GLU Y 67 -16.75 -20.20 -46.03
C GLU Y 67 -15.99 -20.26 -47.34
N LYS Y 68 -15.15 -19.25 -47.62
CA LYS Y 68 -14.43 -19.25 -48.89
C LYS Y 68 -13.31 -20.29 -48.92
N LEU Y 69 -12.67 -20.55 -47.79
CA LEU Y 69 -11.58 -21.53 -47.79
C LEU Y 69 -12.11 -22.94 -47.98
N GLU Y 70 -13.14 -23.32 -47.24
CA GLU Y 70 -13.61 -24.70 -47.24
C GLU Y 70 -14.84 -24.92 -48.12
N GLY Y 71 -15.32 -23.88 -48.81
CA GLY Y 71 -16.42 -24.01 -49.75
C GLY Y 71 -17.80 -24.18 -49.13
N VAL Y 72 -17.93 -24.14 -47.82
CA VAL Y 72 -19.22 -24.28 -47.14
C VAL Y 72 -19.16 -23.44 -45.87
N PRO Y 73 -20.24 -22.77 -45.47
CA PRO Y 73 -20.19 -22.02 -44.21
C PRO Y 73 -20.14 -22.96 -43.02
N LEU Y 74 -19.72 -22.40 -41.89
CA LEU Y 74 -19.64 -23.17 -40.65
C LEU Y 74 -21.01 -23.64 -40.20
N THR Y 75 -21.03 -24.78 -39.51
CA THR Y 75 -22.23 -25.16 -38.78
C THR Y 75 -22.52 -24.08 -37.74
N PHE Y 76 -23.79 -24.00 -37.33
CA PHE Y 76 -24.14 -22.96 -36.37
C PHE Y 76 -23.37 -23.14 -35.07
N ALA Y 77 -23.22 -24.39 -34.62
CA ALA Y 77 -22.41 -24.67 -33.45
C ALA Y 77 -20.99 -24.14 -33.62
N GLY Y 78 -20.43 -24.29 -34.83
CA GLY Y 78 -19.10 -23.74 -35.09
C GLY Y 78 -19.05 -22.24 -34.93
N LYS Y 79 -20.05 -21.53 -35.46
CA LYS Y 79 -20.12 -20.08 -35.31
C LYS Y 79 -20.16 -19.70 -33.83
N ILE Y 80 -21.02 -20.37 -33.06
CA ILE Y 80 -21.09 -20.13 -31.62
C ILE Y 80 -19.71 -20.29 -31.00
N ASN Y 81 -19.04 -21.41 -31.31
CA ASN Y 81 -17.74 -21.71 -30.71
C ASN Y 81 -16.71 -20.62 -31.06
N ARG Y 82 -16.71 -20.15 -32.30
CA ARG Y 82 -15.74 -19.13 -32.68
C ARG Y 82 -15.99 -17.82 -31.95
N LEU Y 83 -17.25 -17.39 -31.86
CA LEU Y 83 -17.55 -16.18 -31.12
C LEU Y 83 -17.12 -16.32 -29.65
N ALA Y 84 -17.43 -17.46 -29.04
CA ALA Y 84 -17.05 -17.71 -27.66
C ALA Y 84 -15.53 -17.64 -27.48
N ILE Y 85 -14.79 -18.27 -28.38
CA ILE Y 85 -13.33 -18.22 -28.30
C ILE Y 85 -12.83 -16.79 -28.43
N MET Y 86 -13.50 -15.98 -29.26
CA MET Y 86 -13.11 -14.58 -29.40
C MET Y 86 -13.29 -13.81 -28.08
N VAL Y 87 -14.47 -13.96 -27.47
CA VAL Y 87 -14.73 -13.29 -26.19
C VAL Y 87 -13.71 -13.73 -25.14
N ARG Y 88 -13.55 -15.05 -25.01
CA ARG Y 88 -12.59 -15.61 -24.06
C ARG Y 88 -11.20 -15.03 -24.31
N GLY Y 89 -10.84 -14.85 -25.58
CA GLY Y 89 -9.59 -14.21 -25.91
C GLY Y 89 -9.52 -12.77 -25.43
N ASN Y 90 -10.65 -12.07 -25.43
CA ASN Y 90 -10.65 -10.68 -24.97
C ASN Y 90 -10.74 -10.54 -23.44
N LEU Y 91 -10.96 -11.65 -22.71
CA LEU Y 91 -11.17 -11.55 -21.27
C LEU Y 91 -10.14 -10.67 -20.56
N ALA Y 92 -8.86 -10.84 -20.91
CA ALA Y 92 -7.79 -10.10 -20.23
C ALA Y 92 -8.00 -8.60 -20.34
N ALA Y 93 -8.17 -8.10 -21.57
CA ALA Y 93 -8.43 -6.67 -21.77
C ALA Y 93 -9.76 -6.26 -21.15
N ALA Y 94 -10.74 -7.16 -21.12
CA ALA Y 94 -12.01 -6.87 -20.47
C ALA Y 94 -11.81 -6.54 -19.00
N MET Y 95 -10.91 -7.26 -18.32
CA MET Y 95 -10.61 -6.97 -16.93
C MET Y 95 -10.09 -5.55 -16.72
N GLN Y 96 -9.51 -4.93 -17.74
CA GLN Y 96 -9.00 -3.56 -17.63
C GLN Y 96 -9.94 -2.51 -18.21
N GLY Y 97 -11.18 -2.89 -18.54
CA GLY Y 97 -12.18 -1.94 -18.98
C GLY Y 97 -12.54 -2.00 -20.45
N LEU Y 98 -11.94 -2.88 -21.24
CA LEU Y 98 -12.30 -3.03 -22.64
C LEU Y 98 -13.22 -4.24 -22.84
N LEU Y 99 -14.34 -4.21 -22.12
CA LEU Y 99 -15.28 -5.31 -22.08
C LEU Y 99 -16.26 -5.23 -23.25
N ALA Y 100 -16.60 -6.39 -23.81
CA ALA Y 100 -17.60 -6.46 -24.88
C ALA Y 100 -18.30 -7.81 -24.83
N LEU Y 101 -19.62 -7.79 -24.67
CA LEU Y 101 -20.45 -8.97 -24.67
C LEU Y 101 -21.29 -9.03 -25.92
N PRO Y 102 -21.27 -10.15 -26.65
CA PRO Y 102 -22.16 -10.27 -27.81
C PRO Y 102 -23.42 -11.06 -27.53
N LEU Y 103 -24.40 -10.87 -28.39
CA LEU Y 103 -25.64 -11.64 -28.45
C LEU Y 103 -25.85 -12.05 -29.90
N LEU Y 104 -26.03 -13.35 -30.12
CA LEU Y 104 -26.07 -13.91 -31.47
C LEU Y 104 -27.48 -14.38 -31.79
N ALA Y 105 -28.01 -13.97 -32.95
CA ALA Y 105 -29.29 -14.44 -33.43
C ALA Y 105 -29.12 -14.92 -34.86
N GLY Y 106 -29.59 -16.13 -35.15
CA GLY Y 106 -29.37 -16.71 -36.46
C GLY Y 106 -30.50 -17.63 -36.89
N TYR Y 107 -30.40 -18.09 -38.14
CA TYR Y 107 -31.34 -19.05 -38.71
C TYR Y 107 -30.54 -20.26 -39.17
N ASP Y 108 -30.76 -21.41 -38.51
CA ASP Y 108 -30.01 -22.63 -38.79
C ASP Y 108 -30.67 -23.36 -39.94
N ILE Y 109 -30.04 -23.31 -41.12
CA ILE Y 109 -30.61 -23.96 -42.31
C ILE Y 109 -30.59 -25.47 -42.19
N HIS Y 110 -29.73 -26.02 -41.33
CA HIS Y 110 -29.63 -27.46 -41.14
C HIS Y 110 -30.58 -27.99 -40.07
N ALA Y 111 -31.50 -27.16 -39.58
CA ALA Y 111 -32.43 -27.61 -38.56
C ALA Y 111 -33.45 -28.57 -39.15
N SER Y 112 -33.97 -29.45 -38.29
CA SER Y 112 -34.88 -30.51 -38.70
C SER Y 112 -36.27 -30.02 -39.12
N ASP Y 113 -36.53 -28.72 -39.06
CA ASP Y 113 -37.87 -28.17 -39.31
C ASP Y 113 -37.83 -26.64 -39.26
N PRO Y 114 -38.22 -25.95 -40.34
CA PRO Y 114 -38.12 -24.48 -40.35
C PRO Y 114 -38.95 -23.80 -39.29
N GLN Y 115 -39.79 -24.54 -38.57
CA GLN Y 115 -40.36 -24.05 -37.31
C GLN Y 115 -39.35 -24.31 -36.20
N SER Y 116 -39.05 -23.25 -35.44
CA SER Y 116 -38.02 -23.27 -34.39
C SER Y 116 -36.62 -23.46 -34.97
N ALA Y 117 -36.40 -23.08 -36.22
CA ALA Y 117 -35.05 -23.10 -36.77
C ALA Y 117 -34.26 -21.85 -36.40
N GLY Y 118 -34.92 -20.89 -35.77
CA GLY Y 118 -34.23 -19.74 -35.24
C GLY Y 118 -33.42 -20.09 -34.01
N ARG Y 119 -32.32 -19.37 -33.83
CA ARG Y 119 -31.37 -19.65 -32.76
C ARG Y 119 -30.97 -18.34 -32.08
N ILE Y 120 -30.92 -18.38 -30.75
CA ILE Y 120 -30.53 -17.24 -29.92
C ILE Y 120 -29.51 -17.72 -28.90
N VAL Y 121 -28.32 -17.13 -28.94
CA VAL Y 121 -27.20 -17.52 -28.09
C VAL Y 121 -26.69 -16.29 -27.35
N SER Y 122 -26.61 -16.38 -26.02
CA SER Y 122 -26.04 -15.33 -25.19
C SER Y 122 -24.70 -15.78 -24.63
N PHE Y 123 -23.88 -14.80 -24.26
CA PHE Y 123 -22.52 -15.06 -23.80
C PHE Y 123 -22.23 -14.28 -22.53
N ASP Y 124 -21.21 -14.74 -21.79
CA ASP Y 124 -20.65 -14.00 -20.68
C ASP Y 124 -19.22 -13.58 -20.99
N ALA Y 125 -18.62 -12.83 -20.06
CA ALA Y 125 -17.31 -12.23 -20.31
C ALA Y 125 -16.21 -13.27 -20.43
N ALA Y 126 -16.43 -14.49 -19.95
CA ALA Y 126 -15.47 -15.57 -20.09
C ALA Y 126 -15.74 -16.42 -21.33
N GLY Y 127 -16.71 -16.02 -22.15
CA GLY Y 127 -17.11 -16.73 -23.34
C GLY Y 127 -17.95 -17.96 -23.11
N GLY Y 128 -18.51 -18.13 -21.91
CA GLY Y 128 -19.64 -19.01 -21.69
C GLY Y 128 -20.72 -18.75 -22.73
N TRP Y 129 -21.45 -19.76 -23.18
CA TRP Y 129 -22.52 -19.50 -24.13
C TRP Y 129 -23.75 -20.32 -23.74
N ASN Y 130 -24.90 -19.81 -24.17
CA ASN Y 130 -26.18 -20.47 -23.94
C ASN Y 130 -27.09 -20.32 -25.14
N ILE Y 131 -27.57 -21.44 -25.66
CA ILE Y 131 -28.60 -21.46 -26.69
C ILE Y 131 -29.95 -21.41 -25.97
N GLU Y 132 -30.69 -20.33 -26.19
CA GLU Y 132 -31.92 -20.08 -25.44
C GLU Y 132 -33.07 -20.91 -26.03
N GLU Y 133 -33.69 -21.71 -25.17
CA GLU Y 133 -34.86 -22.50 -25.55
C GLU Y 133 -36.17 -21.84 -25.15
N GLU Y 134 -36.12 -20.63 -24.57
CA GLU Y 134 -37.31 -19.97 -24.05
C GLU Y 134 -37.72 -18.76 -24.89
N GLY Y 135 -37.06 -18.51 -26.01
CA GLY Y 135 -37.58 -17.65 -27.04
C GLY Y 135 -36.95 -16.26 -27.14
N TYR Y 136 -36.45 -15.71 -26.04
CA TYR Y 136 -35.91 -14.35 -26.09
C TYR Y 136 -34.68 -14.25 -25.19
N GLN Y 137 -33.93 -13.16 -25.38
CA GLN Y 137 -32.72 -12.89 -24.63
C GLN Y 137 -32.32 -11.44 -24.88
N ALA Y 138 -31.56 -10.87 -23.94
CA ALA Y 138 -31.11 -9.50 -24.07
C ALA Y 138 -29.73 -9.36 -23.43
N VAL Y 139 -29.02 -8.30 -23.81
CA VAL Y 139 -27.69 -8.02 -23.27
C VAL Y 139 -27.53 -6.51 -23.14
N GLY Y 140 -26.76 -6.09 -22.16
CA GLY Y 140 -26.47 -4.68 -21.93
C GLY Y 140 -27.02 -4.19 -20.60
N SER Y 141 -26.78 -2.90 -20.35
CA SER Y 141 -27.15 -2.31 -19.06
C SER Y 141 -28.66 -2.28 -18.84
N GLY Y 142 -29.45 -2.36 -19.91
CA GLY Y 142 -30.89 -2.44 -19.82
C GLY Y 142 -31.43 -3.82 -20.12
N SER Y 143 -30.60 -4.85 -20.14
CA SER Y 143 -31.06 -6.18 -20.57
C SER Y 143 -32.06 -6.78 -19.60
N LEU Y 144 -31.96 -6.43 -18.30
CA LEU Y 144 -32.90 -6.97 -17.33
C LEU Y 144 -34.29 -6.37 -17.52
N PHE Y 145 -34.35 -5.05 -17.78
CA PHE Y 145 -35.64 -4.42 -18.05
C PHE Y 145 -36.27 -4.98 -19.32
N ALA Y 146 -35.48 -5.14 -20.38
CA ALA Y 146 -36.01 -5.66 -21.63
C ALA Y 146 -36.46 -7.10 -21.49
N LYS Y 147 -35.66 -7.92 -20.80
CA LYS Y 147 -36.03 -9.32 -20.60
C LYS Y 147 -37.28 -9.45 -19.75
N SER Y 148 -37.41 -8.59 -18.73
CA SER Y 148 -38.62 -8.63 -17.90
C SER Y 148 -39.85 -8.13 -18.66
N SER Y 149 -39.65 -7.19 -19.59
CA SER Y 149 -40.76 -6.78 -20.45
C SER Y 149 -41.18 -7.90 -21.39
N MET Y 150 -40.21 -8.53 -22.06
CA MET Y 150 -40.50 -9.64 -22.95
C MET Y 150 -41.09 -10.83 -22.18
N LYS Y 151 -40.76 -10.96 -20.90
CA LYS Y 151 -41.37 -12.02 -20.10
C LYS Y 151 -42.89 -11.92 -20.09
N LYS Y 152 -43.41 -10.70 -20.12
CA LYS Y 152 -44.84 -10.48 -20.17
C LYS Y 152 -45.38 -10.41 -21.60
N LEU Y 153 -44.60 -9.85 -22.52
CA LEU Y 153 -45.10 -9.58 -23.87
C LEU Y 153 -44.85 -10.71 -24.86
N TYR Y 154 -44.12 -11.76 -24.47
CA TYR Y 154 -43.71 -12.74 -25.46
C TYR Y 154 -44.89 -13.57 -25.97
N SER Y 155 -45.90 -13.80 -25.13
CA SER Y 155 -47.07 -14.56 -25.55
C SER Y 155 -47.77 -13.95 -26.76
N GLN Y 156 -47.55 -12.66 -27.04
CA GLN Y 156 -48.17 -11.99 -28.17
C GLN Y 156 -47.47 -12.26 -29.50
N VAL Y 157 -46.32 -12.92 -29.49
CA VAL Y 157 -45.52 -13.10 -30.71
C VAL Y 157 -46.07 -14.28 -31.49
N THR Y 158 -46.61 -14.01 -32.68
CA THR Y 158 -47.13 -15.04 -33.56
C THR Y 158 -46.50 -15.03 -34.94
N ASP Y 159 -45.89 -13.93 -35.36
CA ASP Y 159 -45.23 -13.85 -36.66
C ASP Y 159 -44.09 -12.84 -36.57
N GLY Y 160 -43.52 -12.48 -37.72
CA GLY Y 160 -42.40 -11.56 -37.72
C GLY Y 160 -42.76 -10.16 -37.25
N ASP Y 161 -43.95 -9.67 -37.61
CA ASP Y 161 -44.33 -8.30 -37.28
C ASP Y 161 -44.66 -8.13 -35.81
N SER Y 162 -45.34 -9.12 -35.22
CA SER Y 162 -45.61 -9.06 -33.78
C SER Y 162 -44.33 -9.21 -32.97
N GLY Y 163 -43.43 -10.07 -33.42
CA GLY Y 163 -42.14 -10.20 -32.76
C GLY Y 163 -41.35 -8.90 -32.83
N LEU Y 164 -41.32 -8.27 -33.99
CA LEU Y 164 -40.67 -6.96 -34.12
C LEU Y 164 -41.30 -5.94 -33.18
N ARG Y 165 -42.62 -5.96 -33.04
CA ARG Y 165 -43.27 -5.08 -32.08
C ARG Y 165 -42.76 -5.33 -30.67
N VAL Y 166 -42.81 -6.58 -30.22
CA VAL Y 166 -42.41 -6.89 -28.85
C VAL Y 166 -40.94 -6.52 -28.61
N ALA Y 167 -40.09 -6.71 -29.63
CA ALA Y 167 -38.69 -6.31 -29.51
C ALA Y 167 -38.56 -4.81 -29.31
N VAL Y 168 -39.18 -4.02 -30.19
CA VAL Y 168 -39.08 -2.56 -30.07
C VAL Y 168 -39.66 -2.09 -28.74
N GLU Y 169 -40.73 -2.75 -28.27
CA GLU Y 169 -41.33 -2.35 -27.00
C GLU Y 169 -40.42 -2.69 -25.82
N ALA Y 170 -39.77 -3.85 -25.85
CA ALA Y 170 -38.81 -4.19 -24.81
C ALA Y 170 -37.68 -3.15 -24.77
N LEU Y 171 -37.20 -2.75 -25.96
CA LEU Y 171 -36.22 -1.66 -25.99
C LEU Y 171 -36.80 -0.38 -25.40
N TYR Y 172 -38.08 -0.13 -25.62
CA TYR Y 172 -38.71 1.08 -25.07
C TYR Y 172 -38.72 1.05 -23.55
N ASP Y 173 -39.06 -0.11 -22.96
CA ASP Y 173 -39.04 -0.24 -21.51
C ASP Y 173 -37.62 -0.11 -20.96
N ALA Y 174 -36.66 -0.74 -21.63
CA ALA Y 174 -35.27 -0.60 -21.22
C ALA Y 174 -34.86 0.87 -21.16
N ALA Y 175 -35.10 1.60 -22.25
CA ALA Y 175 -34.78 3.02 -22.27
C ALA Y 175 -35.60 3.78 -21.23
N ASP Y 176 -36.78 3.27 -20.91
CA ASP Y 176 -37.62 3.90 -19.90
C ASP Y 176 -36.98 3.83 -18.53
N ASP Y 177 -36.27 2.74 -18.23
CA ASP Y 177 -35.68 2.57 -16.91
C ASP Y 177 -34.16 2.68 -16.86
N ASP Y 178 -33.48 2.79 -18.00
CA ASP Y 178 -32.02 2.84 -18.02
C ASP Y 178 -31.56 4.03 -18.86
N SER Y 179 -30.81 4.94 -18.24
CA SER Y 179 -30.38 6.14 -18.94
C SER Y 179 -29.29 5.87 -19.98
N ALA Y 180 -28.59 4.74 -19.89
CA ALA Y 180 -27.58 4.41 -20.89
C ALA Y 180 -28.18 3.84 -22.18
N THR Y 181 -29.46 3.49 -22.17
CA THR Y 181 -30.16 3.02 -23.37
C THR Y 181 -31.02 4.15 -23.91
N GLY Y 182 -30.94 4.37 -25.22
CA GLY Y 182 -31.67 5.45 -25.86
C GLY Y 182 -33.02 5.00 -26.40
N GLY Y 183 -34.02 5.83 -26.16
CA GLY Y 183 -35.35 5.59 -26.67
C GLY Y 183 -35.55 6.25 -28.03
N PRO Y 184 -36.77 6.17 -28.56
CA PRO Y 184 -37.05 6.79 -29.86
C PRO Y 184 -36.95 8.31 -29.77
N ASP Y 185 -36.18 8.90 -30.67
CA ASP Y 185 -36.02 10.35 -30.76
C ASP Y 185 -36.96 10.82 -31.87
N LEU Y 186 -38.19 11.19 -31.48
CA LEU Y 186 -39.17 11.63 -32.46
C LEU Y 186 -38.81 12.96 -33.09
N VAL Y 187 -38.02 13.79 -32.39
CA VAL Y 187 -37.62 15.07 -32.95
C VAL Y 187 -36.61 14.86 -34.08
N ARG Y 188 -35.63 13.99 -33.87
CA ARG Y 188 -34.60 13.73 -34.87
C ARG Y 188 -34.94 12.57 -35.80
N GLY Y 189 -35.96 11.79 -35.48
CA GLY Y 189 -36.26 10.62 -36.28
C GLY Y 189 -35.21 9.53 -36.22
N ILE Y 190 -34.68 9.26 -35.03
CA ILE Y 190 -33.69 8.22 -34.81
C ILE Y 190 -34.33 7.14 -33.95
N PHE Y 191 -34.37 5.92 -34.47
CA PHE Y 191 -35.07 4.81 -33.85
C PHE Y 191 -34.14 3.62 -33.72
N PRO Y 192 -34.49 2.64 -32.89
CA PRO Y 192 -33.63 1.45 -32.78
C PRO Y 192 -33.45 0.76 -34.13
N THR Y 193 -32.33 0.06 -34.28
CA THR Y 193 -32.08 -0.72 -35.47
C THR Y 193 -32.52 -2.16 -35.25
N ALA Y 194 -33.01 -2.79 -36.31
CA ALA Y 194 -33.50 -4.15 -36.21
C ALA Y 194 -33.10 -4.94 -37.46
N VAL Y 195 -32.89 -6.23 -37.24
CA VAL Y 195 -32.62 -7.20 -38.29
C VAL Y 195 -33.54 -8.39 -38.05
N ILE Y 196 -34.17 -8.88 -39.12
CA ILE Y 196 -35.03 -10.05 -39.04
C ILE Y 196 -34.47 -11.10 -39.99
N ILE Y 197 -34.49 -12.35 -39.54
CA ILE Y 197 -33.85 -13.46 -40.26
C ILE Y 197 -34.82 -14.61 -40.38
N ASP Y 198 -35.06 -15.06 -41.60
CA ASP Y 198 -35.87 -16.24 -41.85
C ASP Y 198 -35.16 -17.12 -42.89
N ALA Y 199 -35.90 -18.05 -43.48
CA ALA Y 199 -35.32 -18.96 -44.47
C ALA Y 199 -34.77 -18.22 -45.68
N ASP Y 200 -35.30 -17.03 -45.98
CA ASP Y 200 -34.81 -16.23 -47.09
C ASP Y 200 -33.57 -15.41 -46.73
N GLY Y 201 -33.08 -15.51 -45.51
CA GLY Y 201 -31.88 -14.81 -45.09
C GLY Y 201 -32.15 -13.75 -44.05
N ALA Y 202 -31.14 -12.89 -43.86
CA ALA Y 202 -31.16 -11.83 -42.88
C ALA Y 202 -31.32 -10.49 -43.60
N VAL Y 203 -32.30 -9.70 -43.16
CA VAL Y 203 -32.56 -8.40 -43.78
C VAL Y 203 -32.66 -7.33 -42.70
N ASP Y 204 -32.24 -6.12 -43.06
CA ASP Y 204 -32.39 -4.95 -42.21
C ASP Y 204 -33.83 -4.47 -42.24
N VAL Y 205 -34.42 -4.26 -41.06
CA VAL Y 205 -35.75 -3.65 -41.04
C VAL Y 205 -35.62 -2.17 -41.36
N PRO Y 206 -36.36 -1.65 -42.34
CA PRO Y 206 -36.23 -0.22 -42.68
C PRO Y 206 -36.68 0.64 -41.52
N GLU Y 207 -36.07 1.83 -41.42
CA GLU Y 207 -36.34 2.73 -40.31
C GLU Y 207 -37.82 3.06 -40.20
N SER Y 208 -38.51 3.11 -41.35
CA SER Y 208 -39.93 3.45 -41.39
C SER Y 208 -40.74 2.53 -40.48
N ARG Y 209 -40.59 1.22 -40.68
CA ARG Y 209 -41.33 0.23 -39.89
C ARG Y 209 -41.10 0.44 -38.39
N ILE Y 210 -39.84 0.60 -38.00
CA ILE Y 210 -39.52 0.77 -36.59
C ILE Y 210 -40.14 2.05 -36.04
N ALA Y 211 -40.14 3.11 -36.86
CA ALA Y 211 -40.75 4.37 -36.45
C ALA Y 211 -42.26 4.21 -36.21
N GLU Y 212 -42.97 3.64 -37.18
CA GLU Y 212 -44.39 3.38 -37.01
C GLU Y 212 -44.65 2.58 -35.74
N LEU Y 213 -43.85 1.55 -35.49
CA LEU Y 213 -44.04 0.75 -34.28
C LEU Y 213 -43.79 1.57 -33.02
N ALA Y 214 -42.75 2.41 -33.04
CA ALA Y 214 -42.44 3.24 -31.88
C ALA Y 214 -43.59 4.18 -31.56
N ARG Y 215 -44.13 4.86 -32.58
CA ARG Y 215 -45.27 5.75 -32.34
C ARG Y 215 -46.50 4.96 -31.87
N ALA Y 216 -46.66 3.73 -32.35
CA ALA Y 216 -47.73 2.88 -31.83
C ALA Y 216 -47.55 2.64 -30.34
N ILE Y 217 -46.31 2.35 -29.91
CA ILE Y 217 -46.05 2.14 -28.49
C ILE Y 217 -46.33 3.41 -27.70
N ILE Y 218 -45.80 4.53 -28.17
CA ILE Y 218 -45.97 5.81 -27.47
C ILE Y 218 -47.45 6.14 -27.31
N GLU Y 219 -48.22 6.04 -28.39
CA GLU Y 219 -49.63 6.37 -28.31
C GLU Y 219 -50.41 5.36 -27.47
N SER Y 220 -49.95 4.10 -27.45
CA SER Y 220 -50.60 3.13 -26.57
C SER Y 220 -50.36 3.47 -25.10
N ARG Y 221 -49.19 4.01 -24.78
CA ARG Y 221 -48.89 4.37 -23.39
C ARG Y 221 -49.41 5.75 -23.03
N SER Y 222 -49.80 6.55 -24.02
CA SER Y 222 -50.31 7.90 -23.80
C SER Y 222 -51.83 7.93 -23.75
N GLY Y 223 -52.49 7.57 -24.85
CA GLY Y 223 -53.95 7.58 -24.90
C GLY Y 223 -54.55 6.29 -25.42
N THR Z 1 -7.00 22.99 -25.53
CA THR Z 1 -7.10 22.70 -26.95
C THR Z 1 -8.56 22.57 -27.38
N THR Z 2 -8.87 23.09 -28.56
CA THR Z 2 -10.18 22.85 -29.17
C THR Z 2 -9.99 22.77 -30.68
N ILE Z 3 -10.45 21.66 -31.25
CA ILE Z 3 -10.52 21.48 -32.69
C ILE Z 3 -11.98 21.31 -33.07
N VAL Z 4 -12.43 22.06 -34.07
CA VAL Z 4 -13.80 21.99 -34.55
C VAL Z 4 -13.78 21.56 -36.01
N ALA Z 5 -14.85 20.89 -36.41
CA ALA Z 5 -15.05 20.54 -37.80
C ALA Z 5 -16.55 20.53 -38.06
N LEU Z 6 -16.97 21.12 -39.18
CA LEU Z 6 -18.37 21.13 -39.54
C LEU Z 6 -18.51 20.98 -41.04
N LYS Z 7 -19.64 20.39 -41.44
CA LYS Z 7 -19.96 20.22 -42.85
C LYS Z 7 -20.77 21.42 -43.35
N TYR Z 8 -20.45 21.87 -44.56
CA TYR Z 8 -21.26 22.86 -45.25
C TYR Z 8 -21.65 22.30 -46.61
N PRO Z 9 -22.66 22.89 -47.27
CA PRO Z 9 -23.08 22.35 -48.58
C PRO Z 9 -21.94 22.25 -49.58
N GLY Z 10 -21.54 21.02 -49.86
CA GLY Z 10 -20.47 20.75 -50.80
C GLY Z 10 -19.07 20.76 -50.24
N GLY Z 11 -18.90 20.77 -48.92
CA GLY Z 11 -17.55 20.78 -48.37
C GLY Z 11 -17.54 20.58 -46.88
N VAL Z 12 -16.34 20.67 -46.32
CA VAL Z 12 -16.13 20.52 -44.88
C VAL Z 12 -15.07 21.54 -44.44
N VAL Z 13 -15.15 21.95 -43.18
CA VAL Z 13 -14.18 22.91 -42.62
C VAL Z 13 -13.71 22.37 -41.28
N MET Z 14 -12.44 22.62 -40.97
CA MET Z 14 -11.83 22.24 -39.69
C MET Z 14 -10.91 23.35 -39.21
N ALA Z 15 -11.03 23.72 -37.94
CA ALA Z 15 -10.24 24.81 -37.38
C ALA Z 15 -9.75 24.44 -35.99
N GLY Z 16 -8.63 25.04 -35.59
CA GLY Z 16 -8.03 24.75 -34.29
C GLY Z 16 -7.33 25.96 -33.72
N ASP Z 17 -7.26 26.00 -32.39
CA ASP Z 17 -6.59 27.08 -31.69
C ASP Z 17 -5.07 26.91 -31.75
N ARG Z 18 -4.35 27.86 -31.15
CA ARG Z 18 -2.90 27.95 -31.29
C ARG Z 18 -2.14 27.83 -29.97
N ARG Z 19 -2.79 27.42 -28.89
CA ARG Z 19 -2.20 27.50 -27.56
C ARG Z 19 -1.53 26.19 -27.13
N SER Z 20 -0.33 26.32 -26.58
CA SER Z 20 0.38 25.22 -25.95
C SER Z 20 0.62 25.56 -24.49
N THR Z 21 0.24 24.64 -23.59
CA THR Z 21 0.39 24.85 -22.16
C THR Z 21 1.14 23.69 -21.51
N GLN Z 22 1.79 23.99 -20.39
CA GLN Z 22 2.25 23.00 -19.43
C GLN Z 22 1.62 23.35 -18.09
N GLY Z 23 0.67 22.53 -17.65
CA GLY Z 23 -0.17 22.92 -16.54
C GLY Z 23 -0.81 24.28 -16.75
N ASN Z 24 -0.52 25.23 -15.85
CA ASN Z 24 -1.05 26.56 -15.99
C ASN Z 24 -0.20 27.47 -16.88
N MET Z 25 1.07 27.15 -17.07
CA MET Z 25 1.95 28.03 -17.84
C MET Z 25 1.71 27.87 -19.33
N ILE Z 26 1.67 29.00 -20.03
CA ILE Z 26 1.54 29.01 -21.48
C ILE Z 26 2.93 28.80 -22.07
N SER Z 27 3.09 27.72 -22.83
CA SER Z 27 4.37 27.39 -23.44
C SER Z 27 4.37 27.56 -24.95
N GLY Z 28 3.28 28.06 -25.54
CA GLY Z 28 3.23 28.27 -26.97
C GLY Z 28 2.04 29.10 -27.41
N ARG Z 29 2.28 29.99 -28.38
CA ARG Z 29 1.24 30.87 -28.90
C ARG Z 29 0.97 30.70 -30.39
N ASP Z 30 1.88 30.10 -31.14
CA ASP Z 30 1.74 29.95 -32.58
C ASP Z 30 1.57 28.49 -32.98
N VAL Z 31 1.33 27.61 -32.01
CA VAL Z 31 1.21 26.18 -32.28
C VAL Z 31 0.12 25.89 -33.31
N ARG Z 32 0.36 24.90 -34.16
CA ARG Z 32 -0.64 24.46 -35.13
C ARG Z 32 -1.07 23.03 -34.81
N LYS Z 33 -2.38 22.81 -34.78
CA LYS Z 33 -2.96 21.54 -34.39
C LYS Z 33 -3.78 20.89 -35.48
N VAL Z 34 -3.98 21.55 -36.62
CA VAL Z 34 -4.73 21.02 -37.75
C VAL Z 34 -3.77 20.89 -38.92
N TYR Z 35 -3.74 19.71 -39.53
CA TYR Z 35 -2.83 19.41 -40.62
C TYR Z 35 -3.58 18.82 -41.80
N ILE Z 36 -3.10 19.13 -43.00
CA ILE Z 36 -3.63 18.52 -44.21
C ILE Z 36 -2.87 17.22 -44.42
N THR Z 37 -3.55 16.11 -44.10
CA THR Z 37 -2.95 14.78 -44.19
C THR Z 37 -3.03 14.20 -45.60
N ASP Z 38 -4.00 14.63 -46.40
CA ASP Z 38 -4.19 14.09 -47.73
C ASP Z 38 -4.76 15.17 -48.62
N ASP Z 39 -4.77 14.90 -49.93
CA ASP Z 39 -5.31 15.88 -50.87
C ASP Z 39 -6.75 16.25 -50.51
N TYR Z 40 -7.47 15.30 -49.90
CA TYR Z 40 -8.88 15.50 -49.55
C TYR Z 40 -9.14 15.24 -48.08
N THR Z 41 -8.10 15.21 -47.24
CA THR Z 41 -8.30 14.96 -45.82
C THR Z 41 -7.44 15.87 -44.96
N ALA Z 42 -8.01 16.28 -43.82
CA ALA Z 42 -7.33 17.10 -42.81
C ALA Z 42 -7.56 16.47 -41.43
N THR Z 43 -6.55 16.57 -40.58
CA THR Z 43 -6.58 15.99 -39.24
C THR Z 43 -6.21 17.02 -38.19
N GLY Z 44 -7.03 17.13 -37.15
CA GLY Z 44 -6.70 17.94 -35.98
C GLY Z 44 -6.59 17.05 -34.76
N ILE Z 45 -5.55 17.26 -33.95
CA ILE Z 45 -5.26 16.36 -32.84
C ILE Z 45 -5.12 17.16 -31.55
N ALA Z 46 -5.64 16.59 -30.46
CA ALA Z 46 -5.55 17.19 -29.13
C ALA Z 46 -4.83 16.25 -28.18
N GLY Z 47 -4.12 16.82 -27.20
CA GLY Z 47 -3.42 16.04 -26.20
C GLY Z 47 -1.94 16.38 -26.16
N THR Z 48 -1.14 15.38 -25.79
CA THR Z 48 0.30 15.55 -25.68
C THR Z 48 0.89 15.96 -27.02
N ALA Z 49 1.62 17.07 -27.02
CA ALA Z 49 2.10 17.68 -28.27
C ALA Z 49 2.93 16.70 -29.09
N ALA Z 50 3.93 16.07 -28.46
CA ALA Z 50 4.77 15.12 -29.18
C ALA Z 50 3.93 14.06 -29.87
N VAL Z 51 3.03 13.43 -29.12
CA VAL Z 51 2.21 12.35 -29.67
C VAL Z 51 1.29 12.88 -30.77
N ALA Z 52 0.75 14.10 -30.60
CA ALA Z 52 -0.15 14.66 -31.60
C ALA Z 52 0.57 14.88 -32.92
N VAL Z 53 1.72 15.57 -32.87
CA VAL Z 53 2.46 15.88 -34.09
C VAL Z 53 2.94 14.59 -34.77
N GLU Z 54 3.49 13.67 -33.97
CA GLU Z 54 3.95 12.40 -34.56
C GLU Z 54 2.77 11.63 -35.17
N PHE Z 55 1.59 11.71 -34.54
CA PHE Z 55 0.39 11.12 -35.14
C PHE Z 55 0.12 11.71 -36.51
N ALA Z 56 0.07 13.04 -36.60
CA ALA Z 56 -0.22 13.68 -37.89
C ALA Z 56 0.79 13.26 -38.96
N ARG Z 57 2.09 13.37 -38.64
CA ARG Z 57 3.14 13.06 -39.61
C ARG Z 57 3.04 11.60 -40.06
N LEU Z 58 3.08 10.68 -39.11
CA LEU Z 58 3.05 9.26 -39.43
C LEU Z 58 1.80 8.90 -40.22
N TYR Z 59 0.67 9.52 -39.90
CA TYR Z 59 -0.58 9.20 -40.60
C TYR Z 59 -0.52 9.66 -42.05
N ALA Z 60 -0.11 10.91 -42.29
CA ALA Z 60 0.04 11.38 -43.67
C ALA Z 60 0.99 10.49 -44.46
N VAL Z 61 2.13 10.14 -43.86
CA VAL Z 61 3.08 9.28 -44.53
C VAL Z 61 2.45 7.92 -44.84
N GLU Z 62 1.61 7.41 -43.93
CA GLU Z 62 0.97 6.13 -44.17
C GLU Z 62 0.02 6.19 -45.37
N LEU Z 63 -0.81 7.23 -45.42
CA LEU Z 63 -1.75 7.38 -46.54
C LEU Z 63 -1.00 7.48 -47.86
N GLU Z 64 0.00 8.38 -47.93
CA GLU Z 64 0.75 8.52 -49.18
C GLU Z 64 1.53 7.26 -49.52
N HIS Z 65 1.98 6.53 -48.51
CA HIS Z 65 2.64 5.24 -48.72
C HIS Z 65 1.72 4.27 -49.45
N TYR Z 66 0.51 4.06 -48.92
CA TYR Z 66 -0.44 3.20 -49.61
C TYR Z 66 -0.74 3.71 -51.01
N GLU Z 67 -0.87 5.03 -51.17
CA GLU Z 67 -1.19 5.59 -52.48
C GLU Z 67 -0.12 5.26 -53.50
N LYS Z 68 1.15 5.44 -53.15
CA LYS Z 68 2.23 5.16 -54.09
C LYS Z 68 2.43 3.67 -54.30
N LEU Z 69 2.21 2.85 -53.27
CA LEU Z 69 2.41 1.42 -53.43
C LEU Z 69 1.36 0.80 -54.32
N GLU Z 70 0.08 1.12 -54.10
CA GLU Z 70 -1.01 0.47 -54.81
C GLU Z 70 -1.56 1.32 -55.95
N GLY Z 71 -0.99 2.50 -56.19
CA GLY Z 71 -1.38 3.33 -57.32
C GLY Z 71 -2.72 4.01 -57.21
N VAL Z 72 -3.41 3.88 -56.08
CA VAL Z 72 -4.70 4.53 -55.88
C VAL Z 72 -4.80 4.84 -54.39
N PRO Z 73 -5.40 5.96 -53.98
CA PRO Z 73 -5.53 6.24 -52.56
C PRO Z 73 -6.53 5.33 -51.87
N LEU Z 74 -6.43 5.27 -50.55
CA LEU Z 74 -7.38 4.51 -49.76
C LEU Z 74 -8.78 5.11 -49.84
N THR Z 75 -9.79 4.24 -49.76
CA THR Z 75 -11.14 4.71 -49.53
C THR Z 75 -11.22 5.40 -48.17
N PHE Z 76 -12.24 6.26 -48.02
CA PHE Z 76 -12.35 6.99 -46.76
C PHE Z 76 -12.52 6.05 -45.58
N ALA Z 77 -13.29 4.97 -45.76
CA ALA Z 77 -13.41 3.96 -44.71
C ALA Z 77 -12.04 3.40 -44.33
N GLY Z 78 -11.18 3.17 -45.33
CA GLY Z 78 -9.84 2.70 -45.03
C GLY Z 78 -9.04 3.70 -44.22
N LYS Z 79 -9.13 4.99 -44.58
CA LYS Z 79 -8.43 6.03 -43.82
C LYS Z 79 -8.91 6.06 -42.37
N ILE Z 80 -10.23 6.01 -42.18
CA ILE Z 80 -10.79 5.93 -40.82
C ILE Z 80 -10.19 4.76 -40.08
N ASN Z 81 -10.16 3.58 -40.73
CA ASN Z 81 -9.65 2.39 -40.06
C ASN Z 81 -8.19 2.56 -39.67
N ARG Z 82 -7.37 3.14 -40.54
CA ARG Z 82 -5.96 3.28 -40.21
C ARG Z 82 -5.75 4.24 -39.04
N LEU Z 83 -6.45 5.38 -39.04
CA LEU Z 83 -6.36 6.29 -37.91
C LEU Z 83 -6.80 5.61 -36.61
N ALA Z 84 -7.91 4.87 -36.67
CA ALA Z 84 -8.40 4.16 -35.50
C ALA Z 84 -7.37 3.17 -34.98
N ILE Z 85 -6.77 2.38 -35.88
CA ILE Z 85 -5.73 1.42 -35.47
C ILE Z 85 -4.55 2.15 -34.84
N MET Z 86 -4.21 3.34 -35.35
CA MET Z 86 -3.11 4.09 -34.76
C MET Z 86 -3.42 4.49 -33.31
N VAL Z 87 -4.62 5.04 -33.09
CA VAL Z 87 -5.01 5.43 -31.73
C VAL Z 87 -5.01 4.22 -30.80
N ARG Z 88 -5.70 3.15 -31.21
CA ARG Z 88 -5.73 1.94 -30.40
C ARG Z 88 -4.32 1.44 -30.10
N GLY Z 89 -3.41 1.55 -31.07
CA GLY Z 89 -2.03 1.21 -30.82
C GLY Z 89 -1.38 2.08 -29.76
N ASN Z 90 -1.79 3.34 -29.68
CA ASN Z 90 -1.22 4.23 -28.66
C ASN Z 90 -1.89 4.10 -27.29
N LEU Z 91 -2.99 3.35 -27.17
CA LEU Z 91 -3.71 3.30 -25.89
C LEU Z 91 -2.79 3.08 -24.69
N ALA Z 92 -1.84 2.16 -24.82
CA ALA Z 92 -0.97 1.82 -23.69
C ALA Z 92 -0.21 3.04 -23.19
N ALA Z 93 0.50 3.72 -24.08
CA ALA Z 93 1.22 4.94 -23.69
C ALA Z 93 0.27 6.05 -23.26
N ALA Z 94 -0.93 6.11 -23.85
CA ALA Z 94 -1.92 7.11 -23.46
C ALA Z 94 -2.28 6.96 -21.99
N MET Z 95 -2.43 5.73 -21.51
CA MET Z 95 -2.73 5.51 -20.10
C MET Z 95 -1.65 6.06 -19.17
N GLN Z 96 -0.42 6.25 -19.65
CA GLN Z 96 0.67 6.80 -18.84
C GLN Z 96 0.89 8.28 -19.09
N GLY Z 97 -0.02 8.96 -19.80
CA GLY Z 97 0.05 10.38 -19.98
C GLY Z 97 0.40 10.85 -21.38
N LEU Z 98 0.64 9.94 -22.31
CA LEU Z 98 0.94 10.33 -23.70
C LEU Z 98 -0.31 10.16 -24.56
N LEU Z 99 -1.36 10.88 -24.16
CA LEU Z 99 -2.68 10.78 -24.76
C LEU Z 99 -2.80 11.70 -25.96
N ALA Z 100 -3.49 11.23 -27.00
CA ALA Z 100 -3.75 12.04 -28.19
C ALA Z 100 -5.03 11.56 -28.85
N LEU Z 101 -6.02 12.46 -29.00
CA LEU Z 101 -7.27 12.17 -29.68
C LEU Z 101 -7.33 12.92 -31.00
N PRO Z 102 -7.61 12.25 -32.12
CA PRO Z 102 -7.76 12.96 -33.39
C PRO Z 102 -9.21 13.23 -33.78
N LEU Z 103 -9.37 14.20 -34.67
CA LEU Z 103 -10.62 14.52 -35.33
C LEU Z 103 -10.32 14.63 -36.82
N LEU Z 104 -11.07 13.88 -37.62
CA LEU Z 104 -10.79 13.72 -39.04
C LEU Z 104 -11.88 14.42 -39.84
N ALA Z 105 -11.48 15.25 -40.81
CA ALA Z 105 -12.44 15.88 -41.71
C ALA Z 105 -11.99 15.66 -43.15
N GLY Z 106 -12.90 15.19 -44.00
CA GLY Z 106 -12.53 14.86 -45.36
C GLY Z 106 -13.66 15.05 -46.34
N TYR Z 107 -13.32 14.92 -47.62
CA TYR Z 107 -14.26 14.97 -48.73
C TYR Z 107 -14.14 13.69 -49.54
N ASP Z 108 -15.20 12.88 -49.55
CA ASP Z 108 -15.18 11.58 -50.21
C ASP Z 108 -15.51 11.75 -51.69
N ILE Z 109 -14.49 11.61 -52.55
CA ILE Z 109 -14.70 11.76 -53.99
C ILE Z 109 -15.54 10.64 -54.56
N HIS Z 110 -15.65 9.50 -53.87
CA HIS Z 110 -16.47 8.39 -54.33
C HIS Z 110 -17.91 8.47 -53.85
N ALA Z 111 -18.30 9.55 -53.19
CA ALA Z 111 -19.67 9.64 -52.69
C ALA Z 111 -20.65 9.89 -53.83
N SER Z 112 -21.89 9.44 -53.62
CA SER Z 112 -22.90 9.58 -54.67
C SER Z 112 -23.31 11.03 -54.86
N ASP Z 113 -23.40 11.79 -53.77
CA ASP Z 113 -23.91 13.15 -53.84
C ASP Z 113 -22.79 14.09 -53.43
N PRO Z 114 -22.29 14.92 -54.34
CA PRO Z 114 -21.16 15.81 -54.00
C PRO Z 114 -21.52 16.88 -52.97
N GLN Z 115 -22.80 17.14 -52.75
CA GLN Z 115 -23.20 18.14 -51.77
C GLN Z 115 -23.17 17.59 -50.35
N SER Z 116 -23.28 16.27 -50.18
CA SER Z 116 -23.19 15.63 -48.88
C SER Z 116 -21.99 14.67 -48.83
N ALA Z 117 -20.95 14.95 -49.62
CA ALA Z 117 -19.75 14.13 -49.62
C ALA Z 117 -18.79 14.49 -48.49
N GLY Z 118 -19.11 15.50 -47.69
CA GLY Z 118 -18.28 15.82 -46.55
C GLY Z 118 -18.37 14.76 -45.46
N ARG Z 119 -17.27 14.57 -44.75
CA ARG Z 119 -17.16 13.55 -43.73
C ARG Z 119 -16.47 14.11 -42.51
N ILE Z 120 -17.00 13.81 -41.33
CA ILE Z 120 -16.43 14.20 -40.05
C ILE Z 120 -16.44 12.98 -39.14
N VAL Z 121 -15.26 12.60 -38.66
CA VAL Z 121 -15.06 11.40 -37.86
C VAL Z 121 -14.40 11.80 -36.55
N SER Z 122 -14.99 11.40 -35.43
CA SER Z 122 -14.43 11.59 -34.11
C SER Z 122 -13.97 10.26 -33.54
N PHE Z 123 -13.05 10.33 -32.58
CA PHE Z 123 -12.44 9.13 -32.01
C PHE Z 123 -12.41 9.22 -30.49
N ASP Z 124 -12.28 8.06 -29.86
CA ASP Z 124 -11.98 7.96 -28.45
C ASP Z 124 -10.60 7.31 -28.26
N ALA Z 125 -10.15 7.27 -27.01
CA ALA Z 125 -8.78 6.83 -26.72
C ALA Z 125 -8.56 5.36 -27.04
N ALA Z 126 -9.62 4.57 -27.15
CA ALA Z 126 -9.53 3.16 -27.49
C ALA Z 126 -9.60 2.91 -28.99
N GLY Z 127 -9.61 3.97 -29.79
CA GLY Z 127 -9.73 3.89 -31.23
C GLY Z 127 -11.12 3.67 -31.77
N GLY Z 128 -12.13 3.58 -30.90
CA GLY Z 128 -13.52 3.76 -31.31
C GLY Z 128 -13.66 4.94 -32.24
N TRP Z 129 -14.52 4.86 -33.25
CA TRP Z 129 -14.69 5.96 -34.17
C TRP Z 129 -16.17 6.18 -34.47
N ASN Z 130 -16.49 7.39 -34.90
CA ASN Z 130 -17.85 7.76 -35.27
C ASN Z 130 -17.82 8.69 -36.48
N ILE Z 131 -18.55 8.31 -37.52
CA ILE Z 131 -18.77 9.18 -38.66
C ILE Z 131 -19.97 10.06 -38.33
N GLU Z 132 -19.75 11.37 -38.26
CA GLU Z 132 -20.78 12.28 -37.78
C GLU Z 132 -21.80 12.53 -38.89
N GLU Z 133 -23.05 12.17 -38.61
CA GLU Z 133 -24.15 12.48 -39.52
C GLU Z 133 -25.03 13.53 -38.88
N GLU Z 134 -24.41 14.59 -38.36
CA GLU Z 134 -25.12 15.66 -37.66
C GLU Z 134 -24.60 17.04 -38.01
N GLY Z 135 -23.44 17.15 -38.66
CA GLY Z 135 -22.97 18.38 -39.26
C GLY Z 135 -21.71 18.95 -38.63
N TYR Z 136 -21.50 18.73 -37.33
CA TYR Z 136 -20.35 19.29 -36.65
C TYR Z 136 -19.85 18.34 -35.57
N GLN Z 137 -18.63 18.58 -35.12
CA GLN Z 137 -17.99 17.80 -34.05
C GLN Z 137 -16.75 18.55 -33.61
N ALA Z 138 -16.32 18.29 -32.38
CA ALA Z 138 -15.14 18.96 -31.81
C ALA Z 138 -14.41 18.01 -30.87
N VAL Z 139 -13.15 18.33 -30.59
CA VAL Z 139 -12.30 17.55 -29.69
C VAL Z 139 -11.41 18.49 -28.90
N GLY Z 140 -11.08 18.09 -27.68
CA GLY Z 140 -10.19 18.86 -26.81
C GLY Z 140 -10.89 19.32 -25.55
N SER Z 141 -10.11 20.05 -24.73
CA SER Z 141 -10.60 20.47 -23.42
C SER Z 141 -11.73 21.48 -23.50
N GLY Z 142 -11.87 22.20 -24.61
CA GLY Z 142 -12.99 23.10 -24.81
C GLY Z 142 -14.04 22.62 -25.79
N SER Z 143 -14.03 21.34 -26.16
CA SER Z 143 -14.91 20.86 -27.22
C SER Z 143 -16.38 20.89 -26.84
N LEU Z 144 -16.72 20.89 -25.56
CA LEU Z 144 -18.13 20.92 -25.17
C LEU Z 144 -18.72 22.31 -25.36
N PHE Z 145 -17.95 23.33 -25.02
CA PHE Z 145 -18.37 24.71 -25.31
C PHE Z 145 -18.54 24.91 -26.81
N ALA Z 146 -17.61 24.38 -27.60
CA ALA Z 146 -17.70 24.53 -29.05
C ALA Z 146 -18.89 23.78 -29.62
N LYS Z 147 -19.15 22.57 -29.15
CA LYS Z 147 -20.30 21.82 -29.64
C LYS Z 147 -21.61 22.49 -29.26
N SER Z 148 -21.70 23.01 -28.04
CA SER Z 148 -22.93 23.68 -27.63
C SER Z 148 -23.13 25.00 -28.37
N SER Z 149 -22.05 25.69 -28.72
CA SER Z 149 -22.18 26.90 -29.53
C SER Z 149 -22.62 26.56 -30.94
N MET Z 150 -21.97 25.58 -31.57
CA MET Z 150 -22.36 25.17 -32.92
C MET Z 150 -23.77 24.62 -32.96
N LYS Z 151 -24.25 24.06 -31.85
CA LYS Z 151 -25.63 23.59 -31.81
C LYS Z 151 -26.62 24.72 -32.09
N LYS Z 152 -26.30 25.93 -31.63
CA LYS Z 152 -27.15 27.08 -31.87
C LYS Z 152 -26.84 27.79 -33.17
N LEU Z 153 -25.56 27.82 -33.57
CA LEU Z 153 -25.15 28.60 -34.73
C LEU Z 153 -25.17 27.80 -36.03
N TYR Z 154 -25.44 26.50 -35.98
CA TYR Z 154 -25.26 25.67 -37.17
C TYR Z 154 -26.31 25.94 -38.24
N SER Z 155 -27.53 26.30 -37.83
CA SER Z 155 -28.58 26.59 -38.80
C SER Z 155 -28.18 27.68 -39.79
N GLN Z 156 -27.20 28.51 -39.42
CA GLN Z 156 -26.71 29.58 -40.28
C GLN Z 156 -25.74 29.11 -41.35
N VAL Z 157 -25.32 27.85 -41.33
CA VAL Z 157 -24.30 27.38 -42.27
C VAL Z 157 -24.98 27.05 -43.60
N THR Z 158 -24.69 27.86 -44.62
CA THR Z 158 -25.25 27.66 -45.96
C THR Z 158 -24.19 27.56 -47.05
N ASP Z 159 -22.96 27.99 -46.79
CA ASP Z 159 -21.87 27.89 -47.76
C ASP Z 159 -20.56 27.75 -47.00
N GLY Z 160 -19.44 27.85 -47.73
CA GLY Z 160 -18.15 27.73 -47.08
C GLY Z 160 -17.85 28.89 -46.14
N ASP Z 161 -18.27 30.10 -46.51
CA ASP Z 161 -17.94 31.28 -45.71
C ASP Z 161 -18.71 31.29 -44.39
N SER Z 162 -20.01 30.97 -44.44
CA SER Z 162 -20.78 30.92 -43.21
C SER Z 162 -20.30 29.79 -42.31
N GLY Z 163 -19.92 28.65 -42.91
CA GLY Z 163 -19.36 27.57 -42.12
C GLY Z 163 -18.07 27.94 -41.44
N LEU Z 164 -17.16 28.60 -42.17
CA LEU Z 164 -15.93 29.07 -41.56
C LEU Z 164 -16.21 30.06 -40.42
N ARG Z 165 -17.18 30.97 -40.62
CA ARG Z 165 -17.54 31.87 -39.53
C ARG Z 165 -18.01 31.11 -38.30
N VAL Z 166 -18.94 30.17 -38.48
CA VAL Z 166 -19.47 29.42 -37.34
C VAL Z 166 -18.36 28.65 -36.64
N ALA Z 167 -17.41 28.10 -37.41
CA ALA Z 167 -16.28 27.39 -36.82
C ALA Z 167 -15.43 28.32 -35.96
N VAL Z 168 -15.01 29.45 -36.52
CA VAL Z 168 -14.16 30.38 -35.76
C VAL Z 168 -14.89 30.89 -34.53
N GLU Z 169 -16.20 31.09 -34.62
CA GLU Z 169 -16.97 31.54 -33.47
C GLU Z 169 -17.05 30.46 -32.39
N ALA Z 170 -17.22 29.20 -32.81
CA ALA Z 170 -17.18 28.11 -31.85
C ALA Z 170 -15.84 28.06 -31.12
N LEU Z 171 -14.74 28.23 -31.86
CA LEU Z 171 -13.44 28.34 -31.21
C LEU Z 171 -13.38 29.53 -30.26
N TYR Z 172 -14.07 30.63 -30.62
CA TYR Z 172 -14.10 31.81 -29.76
C TYR Z 172 -14.80 31.51 -28.43
N ASP Z 173 -15.93 30.81 -28.48
CA ASP Z 173 -16.63 30.43 -27.25
C ASP Z 173 -15.79 29.47 -26.42
N ALA Z 174 -15.18 28.47 -27.09
CA ALA Z 174 -14.30 27.53 -26.40
C ALA Z 174 -13.19 28.27 -25.65
N ALA Z 175 -12.47 29.15 -26.35
CA ALA Z 175 -11.43 29.93 -25.69
C ALA Z 175 -12.01 30.84 -24.61
N ASP Z 176 -13.26 31.25 -24.76
CA ASP Z 176 -13.90 32.11 -23.77
C ASP Z 176 -14.11 31.37 -22.45
N ASP Z 177 -14.41 30.07 -22.51
CA ASP Z 177 -14.72 29.33 -21.30
C ASP Z 177 -13.64 28.34 -20.88
N ASP Z 178 -12.61 28.13 -21.70
CA ASP Z 178 -11.54 27.18 -21.40
C ASP Z 178 -10.21 27.90 -21.50
N SER Z 179 -9.46 27.94 -20.40
CA SER Z 179 -8.19 28.64 -20.41
C SER Z 179 -7.12 27.90 -21.20
N ALA Z 180 -7.30 26.60 -21.43
CA ALA Z 180 -6.36 25.83 -22.24
C ALA Z 180 -6.55 26.05 -23.73
N THR Z 181 -7.64 26.68 -24.14
CA THR Z 181 -7.89 27.02 -25.53
C THR Z 181 -7.60 28.50 -25.73
N GLY Z 182 -6.85 28.82 -26.78
CA GLY Z 182 -6.46 30.19 -27.04
C GLY Z 182 -7.40 30.89 -28.01
N GLY Z 183 -7.75 32.13 -27.66
CA GLY Z 183 -8.57 32.95 -28.52
C GLY Z 183 -7.71 33.78 -29.46
N PRO Z 184 -8.36 34.65 -30.24
CA PRO Z 184 -7.59 35.51 -31.16
C PRO Z 184 -6.74 36.49 -30.38
N ASP Z 185 -5.45 36.54 -30.71
CA ASP Z 185 -4.51 37.45 -30.07
C ASP Z 185 -4.38 38.63 -31.01
N LEU Z 186 -5.20 39.66 -30.78
CA LEU Z 186 -5.17 40.83 -31.65
C LEU Z 186 -3.89 41.64 -31.49
N VAL Z 187 -3.23 41.53 -30.34
CA VAL Z 187 -1.97 42.25 -30.13
C VAL Z 187 -0.87 41.65 -30.98
N ARG Z 188 -0.77 40.31 -31.00
CA ARG Z 188 0.25 39.61 -31.79
C ARG Z 188 -0.23 39.24 -33.18
N GLY Z 189 -1.53 39.34 -33.46
CA GLY Z 189 -2.05 38.91 -34.75
C GLY Z 189 -1.96 37.42 -34.97
N ILE Z 190 -2.28 36.62 -33.95
CA ILE Z 190 -2.26 35.17 -34.05
C ILE Z 190 -3.70 34.68 -33.93
N PHE Z 191 -4.15 33.93 -34.92
CA PHE Z 191 -5.54 33.49 -35.04
C PHE Z 191 -5.58 31.99 -35.24
N PRO Z 192 -6.75 31.37 -35.05
CA PRO Z 192 -6.85 29.92 -35.26
C PRO Z 192 -6.45 29.55 -36.68
N THR Z 193 -6.00 28.31 -36.85
CA THR Z 193 -5.72 27.81 -38.18
C THR Z 193 -6.93 27.05 -38.70
N ALA Z 194 -7.14 27.14 -40.01
CA ALA Z 194 -8.30 26.51 -40.62
C ALA Z 194 -7.90 25.85 -41.93
N VAL Z 195 -8.62 24.77 -42.24
CA VAL Z 195 -8.50 24.03 -43.49
C VAL Z 195 -9.92 23.83 -44.00
N ILE Z 196 -10.12 24.08 -45.30
CA ILE Z 196 -11.41 23.84 -45.94
C ILE Z 196 -11.19 22.88 -47.09
N ILE Z 197 -12.13 21.95 -47.27
CA ILE Z 197 -11.99 20.85 -48.22
C ILE Z 197 -13.27 20.77 -49.06
N ASP Z 198 -13.12 20.83 -50.37
CA ASP Z 198 -14.23 20.61 -51.31
C ASP Z 198 -13.73 19.71 -52.43
N ALA Z 199 -14.45 19.70 -53.55
CA ALA Z 199 -14.07 18.86 -54.68
C ALA Z 199 -12.71 19.25 -55.24
N ASP Z 200 -12.29 20.49 -55.05
CA ASP Z 200 -10.98 20.93 -55.52
C ASP Z 200 -9.85 20.52 -54.59
N GLY Z 201 -10.17 19.84 -53.49
CA GLY Z 201 -9.16 19.37 -52.57
C GLY Z 201 -9.24 20.08 -51.23
N ALA Z 202 -8.17 19.93 -50.46
CA ALA Z 202 -8.05 20.52 -49.14
C ALA Z 202 -7.02 21.64 -49.20
N VAL Z 203 -7.41 22.83 -48.75
CA VAL Z 203 -6.50 23.98 -48.74
C VAL Z 203 -6.58 24.64 -47.37
N ASP Z 204 -5.45 25.20 -46.93
CA ASP Z 204 -5.39 25.97 -45.71
C ASP Z 204 -5.96 27.37 -45.96
N VAL Z 205 -6.87 27.79 -45.08
CA VAL Z 205 -7.46 29.13 -45.18
C VAL Z 205 -6.41 30.17 -44.79
N PRO Z 206 -6.22 31.23 -45.59
CA PRO Z 206 -5.22 32.25 -45.22
C PRO Z 206 -5.61 32.94 -43.92
N GLU Z 207 -4.58 33.37 -43.18
CA GLU Z 207 -4.81 33.95 -41.85
C GLU Z 207 -5.61 35.23 -41.92
N SER Z 208 -5.47 35.99 -43.02
CA SER Z 208 -6.16 37.27 -43.14
C SER Z 208 -7.67 37.09 -43.04
N ARG Z 209 -8.21 36.08 -43.73
CA ARG Z 209 -9.65 35.83 -43.70
C ARG Z 209 -10.11 35.46 -42.30
N ILE Z 210 -9.36 34.60 -41.62
CA ILE Z 210 -9.73 34.18 -40.27
C ILE Z 210 -9.70 35.39 -39.33
N ALA Z 211 -8.71 36.27 -39.50
CA ALA Z 211 -8.65 37.47 -38.69
C ALA Z 211 -9.86 38.36 -38.92
N GLU Z 212 -10.26 38.53 -40.18
CA GLU Z 212 -11.48 39.26 -40.50
C GLU Z 212 -12.67 38.69 -39.75
N LEU Z 213 -12.83 37.36 -39.81
CA LEU Z 213 -13.93 36.72 -39.09
C LEU Z 213 -13.85 36.97 -37.60
N ALA Z 214 -12.63 36.90 -37.03
CA ALA Z 214 -12.46 37.12 -35.61
C ALA Z 214 -12.90 38.52 -35.20
N ARG Z 215 -12.52 39.53 -35.98
CA ARG Z 215 -12.92 40.89 -35.65
C ARG Z 215 -14.42 41.09 -35.81
N ALA Z 216 -15.02 40.44 -36.82
CA ALA Z 216 -16.47 40.46 -36.94
C ALA Z 216 -17.14 39.90 -35.69
N ILE Z 217 -16.63 38.76 -35.20
CA ILE Z 217 -17.20 38.13 -34.01
C ILE Z 217 -17.05 39.05 -32.79
N ILE Z 218 -15.84 39.57 -32.58
CA ILE Z 218 -15.58 40.43 -31.42
C ILE Z 218 -16.50 41.64 -31.44
N GLU Z 219 -16.56 42.36 -32.57
CA GLU Z 219 -17.43 43.52 -32.67
C GLU Z 219 -18.89 43.13 -32.43
N SER Z 220 -19.30 41.98 -32.96
CA SER Z 220 -20.66 41.50 -32.72
C SER Z 220 -20.94 41.30 -31.23
N ARG Z 221 -19.91 40.91 -30.47
CA ARG Z 221 -20.13 40.67 -29.04
C ARG Z 221 -20.08 41.94 -28.20
N SER Z 222 -19.59 43.05 -28.72
CA SER Z 222 -19.53 44.29 -27.94
C SER Z 222 -20.77 45.16 -28.19
N THR AA 1 20.60 25.87 -13.43
CA THR AA 1 21.04 25.91 -14.82
C THR AA 1 20.20 26.91 -15.60
N THR AA 2 20.84 27.67 -16.48
CA THR AA 2 20.09 28.52 -17.40
C THR AA 2 20.83 28.58 -18.73
N ILE AA 3 20.11 28.24 -19.80
CA ILE AA 3 20.59 28.38 -21.16
C ILE AA 3 19.68 29.38 -21.87
N VAL AA 4 20.27 30.35 -22.53
CA VAL AA 4 19.53 31.36 -23.26
C VAL AA 4 19.93 31.29 -24.72
N ALA AA 5 19.00 31.65 -25.59
CA ALA AA 5 19.29 31.78 -27.01
C ALA AA 5 18.38 32.87 -27.54
N LEU AA 6 18.94 33.76 -28.35
CA LEU AA 6 18.14 34.83 -28.95
C LEU AA 6 18.64 35.08 -30.35
N LYS AA 7 17.72 35.52 -31.21
CA LYS AA 7 18.02 35.87 -32.58
C LYS AA 7 18.39 37.34 -32.68
N TYR AA 8 19.41 37.63 -33.48
CA TYR AA 8 19.77 38.99 -33.82
C TYR AA 8 19.81 39.10 -35.33
N PRO AA 9 19.79 40.33 -35.89
CA PRO AA 9 19.79 40.47 -37.35
C PRO AA 9 20.93 39.72 -38.02
N GLY AA 10 20.60 38.64 -38.71
CA GLY AA 10 21.57 37.85 -39.42
C GLY AA 10 22.27 36.77 -38.63
N GLY AA 11 21.80 36.45 -37.42
CA GLY AA 11 22.47 35.41 -36.65
C GLY AA 11 21.71 35.04 -35.41
N VAL AA 12 22.32 34.17 -34.61
CA VAL AA 12 21.74 33.69 -33.36
C VAL AA 12 22.86 33.61 -32.31
N VAL AA 13 22.47 33.74 -31.05
CA VAL AA 13 23.41 33.68 -29.92
C VAL AA 13 22.84 32.74 -28.88
N MET AA 14 23.72 31.97 -28.23
CA MET AA 14 23.34 31.06 -27.16
C MET AA 14 24.37 31.17 -26.04
N ALA AA 15 23.90 31.24 -24.80
CA ALA AA 15 24.80 31.38 -23.66
C ALA AA 15 24.32 30.50 -22.52
N GLY AA 16 25.26 30.11 -21.66
CA GLY AA 16 24.93 29.27 -20.53
C GLY AA 16 25.84 29.57 -19.36
N ASP AA 17 25.32 29.35 -18.15
CA ASP AA 17 26.09 29.56 -16.94
C ASP AA 17 27.04 28.38 -16.70
N ARG AA 18 27.82 28.47 -15.61
CA ARG AA 18 28.92 27.55 -15.38
C ARG AA 18 28.77 26.73 -14.10
N ARG AA 19 27.61 26.75 -13.45
CA ARG AA 19 27.47 26.15 -12.14
C ARG AA 19 26.92 24.74 -12.23
N SER AA 20 27.53 23.84 -11.46
CA SER AA 20 27.05 22.47 -11.28
C SER AA 20 26.71 22.28 -9.82
N THR AA 21 25.50 21.78 -9.55
CA THR AA 21 25.04 21.59 -8.19
C THR AA 21 24.63 20.14 -7.98
N GLN AA 22 24.74 19.70 -6.72
CA GLN AA 22 24.08 18.49 -6.26
C GLN AA 22 23.25 18.89 -5.05
N GLY AA 23 21.93 18.93 -5.21
CA GLY AA 23 21.06 19.57 -4.24
C GLY AA 23 21.49 21.00 -3.95
N ASN AA 24 21.81 21.28 -2.69
CA ASN AA 24 22.28 22.60 -2.29
C ASN AA 24 23.77 22.79 -2.49
N MET AA 25 24.53 21.70 -2.57
CA MET AA 25 25.98 21.77 -2.65
C MET AA 25 26.43 22.11 -4.07
N ILE AA 26 27.39 23.01 -4.17
CA ILE AA 26 27.99 23.37 -5.45
C ILE AA 26 29.09 22.37 -5.77
N SER AA 27 28.92 21.64 -6.88
CA SER AA 27 29.88 20.64 -7.30
C SER AA 27 30.64 21.05 -8.55
N GLY AA 28 30.43 22.27 -9.04
CA GLY AA 28 31.15 22.73 -10.21
C GLY AA 28 31.04 24.22 -10.44
N ARG AA 29 32.14 24.84 -10.85
CA ARG AA 29 32.19 26.28 -11.11
C ARG AA 29 32.56 26.63 -12.55
N ASP AA 30 33.18 25.73 -13.30
CA ASP AA 30 33.62 26.00 -14.65
C ASP AA 30 32.87 25.16 -15.69
N VAL AA 31 31.76 24.54 -15.29
CA VAL AA 31 31.03 23.64 -16.17
C VAL AA 31 30.60 24.34 -17.46
N ARG AA 32 30.69 23.63 -18.58
CA ARG AA 32 30.30 24.14 -19.89
C ARG AA 32 29.06 23.39 -20.37
N LYS AA 33 27.98 24.14 -20.59
CA LYS AA 33 26.69 23.56 -20.91
C LYS AA 33 26.21 23.85 -22.33
N VAL AA 34 26.94 24.67 -23.08
CA VAL AA 34 26.59 25.01 -24.46
C VAL AA 34 27.67 24.46 -25.37
N TYR AA 35 27.27 23.71 -26.40
CA TYR AA 35 28.21 23.03 -27.27
C TYR AA 35 27.91 23.34 -28.73
N ILE AA 36 28.98 23.39 -29.53
CA ILE AA 36 28.88 23.56 -30.97
C ILE AA 36 28.73 22.17 -31.56
N THR AA 37 27.50 21.82 -31.99
CA THR AA 37 27.25 20.48 -32.49
C THR AA 37 27.64 20.32 -33.95
N ASP AA 38 27.55 21.39 -34.75
CA ASP AA 38 28.06 21.34 -36.11
C ASP AA 38 28.37 22.77 -36.55
N ASP AA 39 28.98 22.88 -37.73
CA ASP AA 39 29.47 24.17 -38.21
C ASP AA 39 28.41 25.27 -38.13
N TYR AA 40 27.13 24.92 -38.23
CA TYR AA 40 26.07 25.91 -38.18
C TYR AA 40 25.02 25.67 -37.10
N THR AA 41 25.24 24.75 -36.16
CA THR AA 41 24.28 24.55 -35.08
C THR AA 41 25.00 24.32 -33.76
N ALA AA 42 24.40 24.85 -32.69
CA ALA AA 42 24.87 24.67 -31.32
C ALA AA 42 23.69 24.32 -30.42
N THR AA 43 23.94 23.48 -29.42
CA THR AA 43 22.91 23.03 -28.48
C THR AA 43 23.40 23.29 -27.06
N GLY AA 44 22.54 23.87 -26.24
CA GLY AA 44 22.78 24.00 -24.81
C GLY AA 44 21.75 23.15 -24.09
N ILE AA 45 22.19 22.39 -23.08
CA ILE AA 45 21.34 21.37 -22.47
C ILE AA 45 21.30 21.57 -20.97
N ALA AA 46 20.11 21.37 -20.38
CA ALA AA 46 19.91 21.49 -18.95
C ALA AA 46 19.41 20.17 -18.37
N GLY AA 47 19.78 19.92 -17.11
CA GLY AA 47 19.36 18.72 -16.42
C GLY AA 47 20.55 17.91 -15.92
N THR AA 48 20.36 16.60 -15.85
CA THR AA 48 21.40 15.70 -15.36
C THR AA 48 22.65 15.81 -16.23
N ALA AA 49 23.79 16.08 -15.59
CA ALA AA 49 25.03 16.37 -16.30
C ALA AA 49 25.42 15.26 -17.26
N ALA AA 50 25.45 14.02 -16.76
CA ALA AA 50 25.81 12.88 -17.60
C ALA AA 50 24.95 12.84 -18.87
N VAL AA 51 23.64 12.89 -18.70
CA VAL AA 51 22.73 12.80 -19.82
C VAL AA 51 22.90 14.00 -20.76
N ALA AA 52 23.15 15.18 -20.20
CA ALA AA 52 23.32 16.37 -21.03
C ALA AA 52 24.53 16.23 -21.94
N VAL AA 53 25.69 15.87 -21.36
CA VAL AA 53 26.90 15.72 -22.16
C VAL AA 53 26.73 14.61 -23.19
N GLU AA 54 26.14 13.48 -22.78
CA GLU AA 54 25.90 12.40 -23.74
C GLU AA 54 25.02 12.85 -24.89
N PHE AA 55 24.00 13.67 -24.60
CA PHE AA 55 23.16 14.25 -25.64
C PHE AA 55 24.00 15.07 -26.63
N ALA AA 56 24.78 16.02 -26.12
CA ALA AA 56 25.56 16.87 -27.01
C ALA AA 56 26.50 16.05 -27.88
N ARG AA 57 27.28 15.16 -27.25
CA ARG AA 57 28.27 14.37 -27.97
C ARG AA 57 27.61 13.47 -29.01
N LEU AA 58 26.64 12.66 -28.58
CA LEU AA 58 25.97 11.74 -29.49
C LEU AA 58 25.31 12.49 -30.64
N TYR AA 59 24.75 13.67 -30.35
CA TYR AA 59 24.08 14.44 -31.39
C TYR AA 59 25.06 14.94 -32.45
N ALA AA 60 26.18 15.52 -32.01
CA ALA AA 60 27.22 15.93 -32.97
C ALA AA 60 27.67 14.75 -33.81
N VAL AA 61 27.90 13.60 -33.17
CA VAL AA 61 28.32 12.41 -33.90
C VAL AA 61 27.27 12.00 -34.93
N GLU AA 62 25.98 12.10 -34.58
CA GLU AA 62 24.94 11.70 -35.51
C GLU AA 62 24.90 12.63 -36.73
N LEU AA 63 24.94 13.95 -36.49
CA LEU AA 63 24.91 14.89 -37.60
C LEU AA 63 26.09 14.68 -38.54
N GLU AA 64 27.31 14.65 -37.99
CA GLU AA 64 28.47 14.47 -38.84
C GLU AA 64 28.45 13.10 -39.52
N HIS AA 65 27.90 12.10 -38.84
CA HIS AA 65 27.72 10.78 -39.42
C HIS AA 65 26.89 10.85 -40.70
N TYR AA 66 25.70 11.47 -40.62
CA TYR AA 66 24.89 11.63 -41.82
C TYR AA 66 25.64 12.41 -42.89
N GLU AA 67 26.36 13.46 -42.49
CA GLU AA 67 27.06 14.28 -43.47
C GLU AA 67 28.08 13.47 -44.25
N LYS AA 68 28.87 12.66 -43.55
CA LYS AA 68 29.89 11.86 -44.25
C LYS AA 68 29.26 10.73 -45.05
N LEU AA 69 28.16 10.15 -44.57
CA LEU AA 69 27.55 9.04 -45.29
C LEU AA 69 26.90 9.51 -46.59
N GLU AA 70 26.12 10.59 -46.54
CA GLU AA 70 25.35 11.04 -47.69
C GLU AA 70 25.98 12.22 -48.43
N GLY AA 71 27.13 12.71 -47.98
CA GLY AA 71 27.85 13.76 -48.68
C GLY AA 71 27.23 15.15 -48.59
N VAL AA 72 26.16 15.31 -47.83
CA VAL AA 72 25.49 16.60 -47.65
C VAL AA 72 24.95 16.66 -46.23
N PRO AA 73 24.94 17.82 -45.58
CA PRO AA 73 24.37 17.89 -44.22
C PRO AA 73 22.86 17.75 -44.25
N LEU AA 74 22.30 17.41 -43.10
CA LEU AA 74 20.86 17.31 -42.98
C LEU AA 74 20.24 18.69 -43.13
N THR AA 75 19.03 18.72 -43.67
CA THR AA 75 18.23 19.93 -43.58
C THR AA 75 17.96 20.23 -42.11
N PHE AA 76 17.69 21.50 -41.81
CA PHE AA 76 17.49 21.88 -40.41
C PHE AA 76 16.34 21.10 -39.78
N ALA AA 77 15.25 20.90 -40.54
CA ALA AA 77 14.15 20.08 -40.05
C ALA AA 77 14.62 18.69 -39.68
N GLY AA 78 15.51 18.10 -40.49
CA GLY AA 78 16.04 16.79 -40.16
C GLY AA 78 16.81 16.79 -38.84
N LYS AA 79 17.65 17.81 -38.63
CA LYS AA 79 18.38 17.93 -37.37
C LYS AA 79 17.42 18.01 -36.19
N ILE AA 80 16.41 18.87 -36.30
CA ILE AA 80 15.40 18.97 -35.25
C ILE AA 80 14.77 17.62 -34.98
N ASN AA 81 14.36 16.92 -36.04
CA ASN AA 81 13.70 15.63 -35.85
C ASN AA 81 14.62 14.65 -35.12
N ARG AA 82 15.90 14.63 -35.46
CA ARG AA 82 16.81 13.69 -34.80
C ARG AA 82 16.98 14.03 -33.32
N LEU AA 83 17.18 15.32 -32.99
CA LEU AA 83 17.28 15.70 -31.59
C LEU AA 83 16.02 15.32 -30.81
N ALA AA 84 14.85 15.61 -31.39
CA ALA AA 84 13.57 15.25 -30.76
C ALA AA 84 13.47 13.75 -30.53
N ILE AA 85 13.82 12.96 -31.55
CA ILE AA 85 13.79 11.51 -31.40
C ILE AA 85 14.73 11.05 -30.28
N MET AA 86 15.86 11.74 -30.13
CA MET AA 86 16.78 11.41 -29.04
C MET AA 86 16.13 11.65 -27.68
N VAL AA 87 15.52 12.82 -27.50
CA VAL AA 87 14.86 13.12 -26.23
C VAL AA 87 13.76 12.11 -25.94
N ARG AA 88 12.87 11.88 -26.90
CA ARG AA 88 11.81 10.90 -26.73
C ARG AA 88 12.39 9.54 -26.38
N GLY AA 89 13.53 9.19 -26.97
CA GLY AA 89 14.20 7.96 -26.58
C GLY AA 89 14.64 7.95 -25.14
N ASN AA 90 15.03 9.11 -24.60
CA ASN AA 90 15.43 9.17 -23.21
C ASN AA 90 14.26 9.29 -22.23
N LEU AA 91 13.03 9.46 -22.73
CA LEU AA 91 11.87 9.67 -21.84
C LEU AA 91 11.85 8.68 -20.67
N ALA AA 92 12.08 7.40 -20.95
CA ALA AA 92 11.99 6.39 -19.89
C ALA AA 92 12.94 6.69 -18.74
N ALA AA 93 14.23 6.88 -19.04
CA ALA AA 93 15.18 7.23 -17.99
C ALA AA 93 14.88 8.59 -17.37
N ALA AA 94 14.32 9.53 -18.15
CA ALA AA 94 13.93 10.82 -17.59
C ALA AA 94 12.89 10.66 -16.49
N MET AA 95 11.92 9.77 -16.71
CA MET AA 95 10.93 9.48 -15.68
C MET AA 95 11.54 8.95 -14.40
N GLN AA 96 12.75 8.37 -14.48
CA GLN AA 96 13.42 7.80 -13.33
C GLN AA 96 14.47 8.75 -12.75
N GLY AA 97 14.52 10.00 -13.22
CA GLY AA 97 15.39 11.01 -12.67
C GLY AA 97 16.56 11.42 -13.55
N LEU AA 98 16.72 10.83 -14.73
CA LEU AA 98 17.81 11.19 -15.65
C LEU AA 98 17.30 12.10 -16.75
N LEU AA 99 16.72 13.24 -16.35
CA LEU AA 99 16.09 14.16 -17.28
C LEU AA 99 17.10 15.15 -17.84
N ALA AA 100 16.97 15.45 -19.13
CA ALA AA 100 17.81 16.46 -19.78
C ALA AA 100 17.03 17.04 -20.94
N LEU AA 101 16.82 18.36 -20.92
CA LEU AA 101 16.11 19.08 -21.96
C LEU AA 101 17.09 19.90 -22.76
N PRO AA 102 17.06 19.81 -24.09
CA PRO AA 102 17.96 20.64 -24.91
C PRO AA 102 17.29 21.89 -25.45
N LEU AA 103 18.12 22.86 -25.80
CA LEU AA 103 17.73 24.07 -26.49
C LEU AA 103 18.68 24.24 -27.66
N LEU AA 104 18.12 24.35 -28.87
CA LEU AA 104 18.90 24.33 -30.10
C LEU AA 104 18.88 25.69 -30.77
N ALA AA 105 20.06 26.16 -31.18
CA ALA AA 105 20.21 27.41 -31.92
C ALA AA 105 21.02 27.11 -33.17
N GLY AA 106 20.53 27.55 -34.32
CA GLY AA 106 21.19 27.24 -35.57
C GLY AA 106 21.00 28.35 -36.59
N TYR AA 107 21.72 28.21 -37.70
CA TYR AA 107 21.62 29.11 -38.83
C TYR AA 107 21.31 28.27 -40.06
N ASP AA 108 20.12 28.46 -40.63
CA ASP AA 108 19.67 27.64 -41.74
C ASP AA 108 20.25 28.21 -43.03
N ILE AA 109 21.24 27.51 -43.60
CA ILE AA 109 21.87 27.96 -44.84
C ILE AA 109 20.92 27.90 -46.02
N HIS AA 110 19.88 27.07 -45.95
CA HIS AA 110 18.91 26.95 -47.02
C HIS AA 110 17.72 27.89 -46.85
N ALA AA 111 17.76 28.80 -45.88
CA ALA AA 111 16.65 29.70 -45.66
C ALA AA 111 16.59 30.76 -46.75
N SER AA 112 15.38 31.27 -46.99
CA SER AA 112 15.17 32.23 -48.07
C SER AA 112 15.78 33.59 -47.76
N ASP AA 113 15.70 34.04 -46.51
CA ASP AA 113 16.15 35.38 -46.16
C ASP AA 113 17.31 35.25 -45.19
N PRO AA 114 18.53 35.62 -45.58
CA PRO AA 114 19.69 35.41 -44.71
C PRO AA 114 19.67 36.24 -43.43
N GLN AA 115 18.97 37.37 -43.41
CA GLN AA 115 18.91 38.18 -42.20
C GLN AA 115 18.05 37.54 -41.13
N SER AA 116 17.13 36.65 -41.53
CA SER AA 116 16.23 35.95 -40.61
C SER AA 116 16.43 34.45 -40.68
N ALA AA 117 17.65 34.01 -41.02
CA ALA AA 117 17.97 32.59 -41.08
C ALA AA 117 18.28 32.00 -39.71
N GLY AA 118 18.27 32.81 -38.65
CA GLY AA 118 18.46 32.28 -37.32
C GLY AA 118 17.28 31.41 -36.90
N ARG AA 119 17.60 30.38 -36.13
CA ARG AA 119 16.62 29.39 -35.71
C ARG AA 119 16.86 29.06 -34.24
N ILE AA 120 15.78 29.02 -33.46
CA ILE AA 120 15.84 28.63 -32.07
C ILE AA 120 14.69 27.66 -31.84
N VAL AA 121 14.99 26.44 -31.42
CA VAL AA 121 13.97 25.42 -31.24
C VAL AA 121 14.10 24.86 -29.83
N SER AA 122 12.97 24.79 -29.12
CA SER AA 122 12.90 24.22 -27.78
C SER AA 122 12.18 22.88 -27.80
N PHE AA 123 12.45 22.09 -26.76
CA PHE AA 123 11.92 20.74 -26.66
C PHE AA 123 11.32 20.52 -25.28
N ASP AA 124 10.43 19.54 -25.18
CA ASP AA 124 9.92 19.06 -23.90
C ASP AA 124 10.36 17.62 -23.68
N ALA AA 125 10.02 17.09 -22.51
CA ALA AA 125 10.57 15.80 -22.08
C ALA AA 125 10.12 14.63 -22.96
N ALA AA 126 9.02 14.78 -23.70
CA ALA AA 126 8.57 13.76 -24.63
C ALA AA 126 9.14 13.96 -26.02
N GLY AA 127 10.02 14.94 -26.19
CA GLY AA 127 10.59 15.30 -27.46
C GLY AA 127 9.68 16.11 -28.35
N GLY AA 128 8.55 16.59 -27.83
CA GLY AA 128 7.82 17.69 -28.44
C GLY AA 128 8.77 18.81 -28.79
N TRP AA 129 8.57 19.49 -29.91
CA TRP AA 129 9.47 20.58 -30.26
C TRP AA 129 8.66 21.76 -30.79
N ASN AA 130 9.26 22.95 -30.66
CA ASN AA 130 8.67 24.19 -31.12
C ASN AA 130 9.77 25.06 -31.70
N ILE AA 131 9.57 25.50 -32.94
CA ILE AA 131 10.45 26.48 -33.57
C ILE AA 131 9.96 27.86 -33.16
N GLU AA 132 10.78 28.58 -32.39
CA GLU AA 132 10.40 29.83 -31.78
C GLU AA 132 10.47 30.97 -32.78
N GLU AA 133 9.39 31.73 -32.89
CA GLU AA 133 9.41 32.99 -33.63
C GLU AA 133 9.35 34.20 -32.71
N GLU AA 134 9.06 33.98 -31.42
CA GLU AA 134 9.08 35.05 -30.42
C GLU AA 134 10.39 35.82 -30.45
N GLY AA 135 11.50 35.16 -30.80
CA GLY AA 135 12.79 35.79 -30.95
C GLY AA 135 13.84 35.28 -29.98
N TYR AA 136 13.42 34.80 -28.81
CA TYR AA 136 14.32 34.34 -27.77
C TYR AA 136 13.69 33.14 -27.07
N GLN AA 137 14.51 32.44 -26.29
CA GLN AA 137 14.04 31.26 -25.56
C GLN AA 137 15.10 30.91 -24.51
N ALA AA 138 14.66 30.19 -23.48
CA ALA AA 138 15.56 29.77 -22.41
C ALA AA 138 15.11 28.41 -21.90
N VAL AA 139 16.03 27.70 -21.24
CA VAL AA 139 15.77 26.40 -20.64
C VAL AA 139 16.57 26.30 -19.36
N GLY AA 140 16.05 25.55 -18.38
CA GLY AA 140 16.73 25.33 -17.13
C GLY AA 140 15.97 25.90 -15.95
N SER AA 141 16.56 25.73 -14.76
CA SER AA 141 15.93 26.12 -13.52
C SER AA 141 15.70 27.62 -13.40
N GLY AA 142 16.47 28.42 -14.14
CA GLY AA 142 16.27 29.86 -14.16
C GLY AA 142 15.64 30.38 -15.43
N SER AA 143 15.05 29.51 -16.25
CA SER AA 143 14.56 29.93 -17.57
C SER AA 143 13.41 30.91 -17.48
N LEU AA 144 12.56 30.80 -16.45
CA LEU AA 144 11.49 31.78 -16.28
C LEU AA 144 12.06 33.18 -16.14
N PHE AA 145 13.03 33.35 -15.23
CA PHE AA 145 13.59 34.67 -14.98
C PHE AA 145 14.30 35.21 -16.21
N ALA AA 146 15.07 34.36 -16.90
CA ALA AA 146 15.82 34.81 -18.07
C ALA AA 146 14.86 35.19 -19.20
N LYS AA 147 13.81 34.41 -19.42
CA LYS AA 147 12.85 34.74 -20.46
C LYS AA 147 12.11 36.03 -20.13
N SER AA 148 11.76 36.23 -18.85
CA SER AA 148 11.08 37.46 -18.48
C SER AA 148 11.99 38.67 -18.59
N SER AA 149 13.30 38.49 -18.37
CA SER AA 149 14.25 39.57 -18.60
C SER AA 149 14.38 39.89 -20.08
N MET AA 150 14.54 38.86 -20.91
CA MET AA 150 14.64 39.08 -22.35
C MET AA 150 13.37 39.68 -22.92
N LYS AA 151 12.21 39.40 -22.31
CA LYS AA 151 10.97 40.02 -22.76
C LYS AA 151 11.05 41.55 -22.68
N LYS AA 152 11.78 42.07 -21.70
CA LYS AA 152 11.95 43.51 -21.56
C LYS AA 152 13.14 44.02 -22.35
N LEU AA 153 14.22 43.23 -22.47
CA LEU AA 153 15.46 43.70 -23.07
C LEU AA 153 15.58 43.41 -24.56
N TYR AA 154 14.64 42.68 -25.16
CA TYR AA 154 14.85 42.20 -26.53
C TYR AA 154 14.82 43.32 -27.57
N SER AA 155 14.01 44.36 -27.34
CA SER AA 155 13.93 45.45 -28.30
C SER AA 155 15.29 46.12 -28.52
N GLN AA 156 16.23 45.97 -27.59
CA GLN AA 156 17.57 46.53 -27.72
C GLN AA 156 18.49 45.71 -28.60
N VAL AA 157 18.05 44.55 -29.10
CA VAL AA 157 18.92 43.70 -29.90
C VAL AA 157 18.90 44.24 -31.32
N THR AA 158 20.04 44.78 -31.77
CA THR AA 158 20.18 45.33 -33.10
C THR AA 158 21.29 44.70 -33.93
N ASP AA 159 22.26 44.05 -33.29
CA ASP AA 159 23.33 43.35 -33.99
C ASP AA 159 23.78 42.19 -33.11
N GLY AA 160 24.88 41.56 -33.49
CA GLY AA 160 25.39 40.45 -32.70
C GLY AA 160 25.87 40.88 -31.32
N ASP AA 161 26.39 42.09 -31.21
CA ASP AA 161 26.96 42.55 -29.95
C ASP AA 161 25.87 42.86 -28.93
N SER AA 162 24.85 43.62 -29.34
CA SER AA 162 23.75 43.91 -28.43
C SER AA 162 23.02 42.63 -28.03
N GLY AA 163 22.90 41.69 -28.97
CA GLY AA 163 22.33 40.39 -28.64
C GLY AA 163 23.15 39.65 -27.61
N LEU AA 164 24.48 39.65 -27.76
CA LEU AA 164 25.34 39.03 -26.76
C LEU AA 164 25.15 39.67 -25.40
N ARG AA 165 25.16 41.01 -25.34
CA ARG AA 165 24.97 41.69 -24.06
C ARG AA 165 23.63 41.32 -23.43
N VAL AA 166 22.56 41.31 -24.22
CA VAL AA 166 21.24 40.96 -23.68
C VAL AA 166 21.24 39.53 -23.17
N ALA AA 167 21.95 38.62 -23.87
CA ALA AA 167 22.05 37.24 -23.41
C ALA AA 167 22.75 37.17 -22.05
N VAL AA 168 23.92 37.78 -21.94
CA VAL AA 168 24.67 37.74 -20.68
C VAL AA 168 23.86 38.38 -19.57
N GLU AA 169 23.10 39.44 -19.87
CA GLU AA 169 22.28 40.09 -18.85
C GLU AA 169 21.15 39.18 -18.40
N ALA AA 170 20.52 38.48 -19.34
CA ALA AA 170 19.49 37.51 -18.97
C ALA AA 170 20.05 36.44 -18.06
N LEU AA 171 21.25 35.92 -18.39
CA LEU AA 171 21.91 34.97 -17.50
C LEU AA 171 22.17 35.59 -16.13
N TYR AA 172 22.51 36.89 -16.12
CA TYR AA 172 22.76 37.58 -14.85
C TYR AA 172 21.51 37.63 -13.98
N ASP AA 173 20.36 37.96 -14.58
CA ASP AA 173 19.12 37.95 -13.83
C ASP AA 173 18.75 36.55 -13.36
N ALA AA 174 18.93 35.55 -14.24
CA ALA AA 174 18.70 34.16 -13.87
C ALA AA 174 19.48 33.80 -12.63
N ALA AA 175 20.78 34.08 -12.63
CA ALA AA 175 21.60 33.83 -11.44
C ALA AA 175 21.16 34.70 -10.27
N ASP AA 176 20.58 35.87 -10.55
CA ASP AA 176 20.14 36.75 -9.48
C ASP AA 176 18.97 36.16 -8.70
N ASP AA 177 18.08 35.43 -9.38
CA ASP AA 177 16.90 34.89 -8.71
C ASP AA 177 16.92 33.38 -8.54
N ASP AA 178 17.90 32.67 -9.10
CA ASP AA 178 17.97 31.22 -9.02
C ASP AA 178 19.34 30.83 -8.50
N SER AA 179 19.38 30.15 -7.36
CA SER AA 179 20.65 29.76 -6.76
C SER AA 179 21.31 28.62 -7.55
N ALA AA 180 20.55 27.90 -8.37
CA ALA AA 180 21.12 26.85 -9.20
C ALA AA 180 21.81 27.42 -10.44
N THR AA 181 21.64 28.70 -10.71
CA THR AA 181 22.32 29.37 -11.80
C THR AA 181 23.48 30.20 -11.23
N GLY AA 182 24.65 30.07 -11.82
CA GLY AA 182 25.83 30.77 -11.35
C GLY AA 182 26.03 32.07 -12.10
N GLY AA 183 26.32 33.13 -11.36
CA GLY AA 183 26.61 34.42 -11.96
C GLY AA 183 28.09 34.58 -12.22
N PRO AA 184 28.49 35.77 -12.68
CA PRO AA 184 29.91 36.01 -12.96
C PRO AA 184 30.72 35.97 -11.66
N ASP AA 185 31.78 35.18 -11.66
CA ASP AA 185 32.67 35.03 -10.52
C ASP AA 185 33.86 35.95 -10.77
N LEU AA 186 33.76 37.18 -10.26
CA LEU AA 186 34.82 38.16 -10.49
C LEU AA 186 36.12 37.82 -9.77
N VAL AA 187 36.04 37.04 -8.68
CA VAL AA 187 37.26 36.64 -7.98
C VAL AA 187 38.03 35.60 -8.79
N ARG AA 188 37.32 34.60 -9.32
CA ARG AA 188 37.95 33.53 -10.08
C ARG AA 188 38.01 33.80 -11.56
N GLY AA 189 37.32 34.83 -12.05
CA GLY AA 189 37.29 35.09 -13.48
C GLY AA 189 36.59 34.02 -14.28
N ILE AA 190 35.45 33.52 -13.80
CA ILE AA 190 34.65 32.53 -14.50
C ILE AA 190 33.35 33.20 -14.89
N PHE AA 191 33.05 33.20 -16.19
CA PHE AA 191 31.91 33.88 -16.77
C PHE AA 191 31.12 32.89 -17.61
N PRO AA 192 29.87 33.22 -17.96
CA PRO AA 192 29.11 32.31 -18.82
C PRO AA 192 29.82 32.05 -20.13
N THR AA 193 29.53 30.89 -20.72
CA THR AA 193 30.05 30.58 -22.04
C THR AA 193 28.99 30.95 -23.07
N ALA AA 194 29.47 31.40 -24.24
CA ALA AA 194 28.56 31.83 -25.29
C ALA AA 194 29.08 31.34 -26.63
N VAL AA 195 28.14 31.09 -27.53
CA VAL AA 195 28.41 30.71 -28.91
C VAL AA 195 27.54 31.61 -29.79
N ILE AA 196 28.14 32.14 -30.86
CA ILE AA 196 27.42 32.97 -31.80
C ILE AA 196 27.51 32.32 -33.17
N ILE AA 197 26.42 32.36 -33.93
CA ILE AA 197 26.29 31.66 -35.19
C ILE AA 197 25.77 32.63 -36.24
N ASP AA 198 26.50 32.77 -37.35
CA ASP AA 198 26.06 33.57 -38.48
C ASP AA 198 26.31 32.78 -39.76
N ALA AA 199 26.25 33.48 -40.89
CA ALA AA 199 26.46 32.84 -42.19
C ALA AA 199 27.86 32.23 -42.30
N ASP AA 200 28.83 32.76 -41.57
CA ASP AA 200 30.18 32.23 -41.57
C ASP AA 200 30.36 31.05 -40.62
N GLY AA 201 29.32 30.63 -39.91
CA GLY AA 201 29.39 29.48 -39.03
C GLY AA 201 29.21 29.85 -37.57
N ALA AA 202 29.54 28.88 -36.72
CA ALA AA 202 29.40 29.00 -35.28
C ALA AA 202 30.78 29.13 -34.64
N VAL AA 203 30.95 30.16 -33.80
CA VAL AA 203 32.21 30.41 -33.13
C VAL AA 203 31.97 30.64 -31.65
N ASP AA 204 32.96 30.26 -30.84
CA ASP AA 204 32.93 30.49 -29.41
C ASP AA 204 33.24 31.95 -29.12
N VAL AA 205 32.41 32.57 -28.29
CA VAL AA 205 32.70 33.95 -27.86
C VAL AA 205 33.86 33.92 -26.86
N PRO AA 206 34.90 34.71 -27.06
CA PRO AA 206 36.04 34.69 -26.13
C PRO AA 206 35.66 35.16 -24.74
N GLU AA 207 36.45 34.70 -23.76
CA GLU AA 207 36.18 35.04 -22.36
C GLU AA 207 36.36 36.53 -22.09
N SER AA 208 37.22 37.20 -22.85
CA SER AA 208 37.43 38.63 -22.64
C SER AA 208 36.17 39.43 -23.00
N ARG AA 209 35.50 39.03 -24.08
CA ARG AA 209 34.28 39.73 -24.50
C ARG AA 209 33.19 39.59 -23.44
N ILE AA 210 32.87 38.34 -23.06
CA ILE AA 210 31.82 38.10 -22.08
C ILE AA 210 32.19 38.72 -20.74
N ALA AA 211 33.47 38.65 -20.36
CA ALA AA 211 33.91 39.27 -19.12
C ALA AA 211 33.70 40.78 -19.13
N GLU AA 212 34.04 41.44 -20.25
CA GLU AA 212 33.83 42.88 -20.34
C GLU AA 212 32.34 43.22 -20.23
N LEU AA 213 31.49 42.50 -20.98
CA LEU AA 213 30.05 42.76 -20.89
C LEU AA 213 29.54 42.52 -19.48
N ALA AA 214 30.01 41.46 -18.83
CA ALA AA 214 29.58 41.16 -17.46
C ALA AA 214 29.96 42.28 -16.51
N ARG AA 215 31.22 42.71 -16.54
CA ARG AA 215 31.64 43.80 -15.65
C ARG AA 215 30.87 45.08 -15.94
N ALA AA 216 30.53 45.34 -17.20
CA ALA AA 216 29.68 46.49 -17.52
C ALA AA 216 28.32 46.35 -16.86
N ILE AA 217 27.73 45.15 -16.91
CA ILE AA 217 26.42 44.94 -16.28
C ILE AA 217 26.51 45.14 -14.78
N ILE AA 218 27.52 44.54 -14.14
CA ILE AA 218 27.70 44.65 -12.70
C ILE AA 218 27.83 46.11 -12.28
N GLU AA 219 28.71 46.86 -12.96
CA GLU AA 219 28.87 48.27 -12.63
C GLU AA 219 27.60 49.06 -12.90
N SER AA 220 26.84 48.68 -13.93
CA SER AA 220 25.59 49.37 -14.20
C SER AA 220 24.56 49.14 -13.11
N ARG AA 221 24.55 47.94 -12.51
CA ARG AA 221 23.62 47.64 -11.44
C ARG AA 221 24.11 48.13 -10.09
N SER AA 222 25.39 48.44 -9.97
CA SER AA 222 25.99 48.89 -8.72
C SER AA 222 26.05 50.41 -8.59
N GLY AA 223 25.82 51.14 -9.68
CA GLY AA 223 25.92 52.59 -9.65
C GLY AA 223 27.34 53.08 -9.40
N THR BA 1 34.98 6.13 4.16
CA THR BA 1 35.95 6.14 3.07
C THR BA 1 36.28 7.57 2.67
N THR BA 2 37.55 7.85 2.40
CA THR BA 2 37.93 9.13 1.82
C THR BA 2 39.10 8.91 0.89
N ILE BA 3 38.96 9.38 -0.35
CA ILE BA 3 40.03 9.39 -1.33
C ILE BA 3 40.31 10.85 -1.69
N VAL BA 4 41.59 11.22 -1.65
CA VAL BA 4 42.01 12.57 -2.01
C VAL BA 4 42.97 12.46 -3.18
N ALA BA 5 42.98 13.52 -4.00
CA ALA BA 5 43.93 13.64 -5.09
C ALA BA 5 44.19 15.12 -5.32
N LEU BA 6 45.46 15.47 -5.51
CA LEU BA 6 45.81 16.86 -5.78
C LEU BA 6 46.95 16.92 -6.79
N LYS BA 7 46.98 18.01 -7.54
CA LYS BA 7 48.04 18.25 -8.51
C LYS BA 7 49.17 19.03 -7.84
N TYR BA 8 50.39 18.64 -8.12
CA TYR BA 8 51.57 19.39 -7.72
C TYR BA 8 52.39 19.65 -8.97
N PRO BA 9 53.36 20.59 -8.91
CA PRO BA 9 54.13 20.90 -10.12
C PRO BA 9 54.78 19.68 -10.74
N GLY BA 10 54.27 19.28 -11.90
CA GLY BA 10 54.81 18.16 -12.65
C GLY BA 10 54.26 16.79 -12.28
N GLY BA 11 53.20 16.72 -11.48
CA GLY BA 11 52.67 15.41 -11.13
C GLY BA 11 51.35 15.53 -10.39
N VAL BA 12 50.86 14.37 -9.96
CA VAL BA 12 49.61 14.27 -9.22
C VAL BA 12 49.80 13.23 -8.12
N VAL BA 13 49.05 13.38 -7.03
CA VAL BA 13 49.12 12.45 -5.91
C VAL BA 13 47.71 12.05 -5.51
N MET BA 14 47.55 10.78 -5.10
CA MET BA 14 46.27 10.27 -4.63
C MET BA 14 46.50 9.42 -3.40
N ALA BA 15 45.67 9.62 -2.38
CA ALA BA 15 45.81 8.87 -1.14
C ALA BA 15 44.43 8.48 -0.64
N GLY BA 16 44.39 7.39 0.12
CA GLY BA 16 43.14 6.88 0.64
C GLY BA 16 43.34 6.22 1.98
N ASP BA 17 42.29 6.25 2.79
CA ASP BA 17 42.31 5.64 4.11
C ASP BA 17 42.17 4.13 3.99
N ARG BA 18 42.20 3.44 5.12
CA ARG BA 18 42.30 1.99 5.15
C ARG BA 18 41.11 1.33 5.83
N ARG BA 19 40.05 2.07 6.12
CA ARG BA 19 38.97 1.55 6.97
C ARG BA 19 37.86 0.96 6.12
N SER BA 20 37.40 -0.22 6.51
CA SER BA 20 36.24 -0.88 5.92
C SER BA 20 35.19 -1.05 7.00
N THR BA 21 33.96 -0.61 6.72
CA THR BA 21 32.89 -0.66 7.69
C THR BA 21 31.69 -1.42 7.15
N GLN BA 22 30.92 -2.00 8.07
CA GLN BA 22 29.57 -2.46 7.80
C GLN BA 22 28.65 -1.81 8.81
N GLY BA 23 27.84 -0.85 8.37
CA GLY BA 23 27.14 0.02 9.31
C GLY BA 23 28.08 0.68 10.30
N ASN BA 24 27.86 0.43 11.59
CA ASN BA 24 28.75 0.98 12.62
C ASN BA 24 29.98 0.11 12.87
N MET BA 25 29.91 -1.17 12.51
CA MET BA 25 31.01 -2.09 12.80
C MET BA 25 32.16 -1.90 11.83
N ILE BA 26 33.37 -1.93 12.37
CA ILE BA 26 34.58 -1.87 11.56
C ILE BA 26 34.90 -3.28 11.09
N SER BA 27 34.90 -3.49 9.77
CA SER BA 27 35.17 -4.80 9.20
C SER BA 27 36.52 -4.85 8.49
N GLY BA 28 37.32 -3.78 8.57
CA GLY BA 28 38.63 -3.79 7.95
C GLY BA 28 39.54 -2.65 8.34
N ARG BA 29 40.82 -2.95 8.54
CA ARG BA 29 41.82 -1.98 8.90
C ARG BA 29 42.97 -1.84 7.90
N ASP BA 30 43.16 -2.83 7.03
CA ASP BA 30 44.27 -2.86 6.09
C ASP BA 30 43.83 -2.68 4.65
N VAL BA 31 42.58 -2.27 4.43
CA VAL BA 31 42.02 -2.18 3.09
C VAL BA 31 42.83 -1.25 2.19
N ARG BA 32 42.91 -1.61 0.91
CA ARG BA 32 43.50 -0.77 -0.14
C ARG BA 32 42.38 -0.22 -1.02
N LYS BA 33 42.31 1.11 -1.13
CA LYS BA 33 41.29 1.75 -1.94
C LYS BA 33 41.84 2.53 -3.12
N VAL BA 34 43.16 2.66 -3.24
CA VAL BA 34 43.79 3.35 -4.35
C VAL BA 34 44.62 2.33 -5.11
N TYR BA 35 44.42 2.27 -6.43
CA TYR BA 35 45.06 1.28 -7.27
C TYR BA 35 45.72 1.95 -8.47
N ILE BA 36 46.84 1.39 -8.89
CA ILE BA 36 47.53 1.84 -10.10
C ILE BA 36 46.89 1.11 -11.27
N THR BA 37 46.07 1.83 -12.05
CA THR BA 37 45.36 1.20 -13.14
C THR BA 37 46.22 1.04 -14.38
N ASP BA 38 47.14 1.98 -14.63
CA ASP BA 38 48.12 1.81 -15.70
C ASP BA 38 49.31 2.68 -15.37
N ASP BA 39 50.35 2.59 -16.20
CA ASP BA 39 51.63 3.24 -15.94
C ASP BA 39 51.47 4.71 -15.57
N TYR BA 40 50.43 5.38 -16.07
CA TYR BA 40 50.24 6.79 -15.78
C TYR BA 40 48.87 7.13 -15.18
N THR BA 41 48.11 6.15 -14.72
CA THR BA 41 46.85 6.47 -14.07
C THR BA 41 46.62 5.57 -12.87
N ALA BA 42 46.01 6.16 -11.85
CA ALA BA 42 45.60 5.48 -10.62
C ALA BA 42 44.16 5.86 -10.30
N THR BA 43 43.42 4.91 -9.74
CA THR BA 43 42.02 5.10 -9.42
C THR BA 43 41.78 4.78 -7.95
N GLY BA 44 41.10 5.69 -7.25
CA GLY BA 44 40.65 5.43 -5.89
C GLY BA 44 39.13 5.44 -5.89
N ILE BA 45 38.53 4.47 -5.22
CA ILE BA 45 37.09 4.26 -5.31
C ILE BA 45 36.49 4.20 -3.92
N ALA BA 46 35.29 4.77 -3.77
CA ALA BA 46 34.54 4.74 -2.52
C ALA BA 46 33.20 4.05 -2.74
N GLY BA 47 32.71 3.39 -1.70
CA GLY BA 47 31.41 2.74 -1.75
C GLY BA 47 31.51 1.25 -1.45
N THR BA 48 30.62 0.49 -2.08
CA THR BA 48 30.58 -0.96 -1.89
C THR BA 48 31.90 -1.59 -2.30
N ALA BA 49 32.49 -2.35 -1.38
CA ALA BA 49 33.83 -2.92 -1.59
C ALA BA 49 33.87 -3.79 -2.84
N ALA BA 50 32.95 -4.73 -2.97
CA ALA BA 50 32.91 -5.62 -4.13
C ALA BA 50 32.89 -4.83 -5.42
N VAL BA 51 31.96 -3.90 -5.55
CA VAL BA 51 31.82 -3.13 -6.78
C VAL BA 51 33.05 -2.25 -7.00
N ALA BA 52 33.60 -1.67 -5.93
CA ALA BA 52 34.75 -0.79 -6.09
C ALA BA 52 35.96 -1.55 -6.64
N VAL BA 53 36.30 -2.67 -5.99
CA VAL BA 53 37.46 -3.45 -6.44
C VAL BA 53 37.22 -3.98 -7.84
N GLU BA 54 36.01 -4.48 -8.12
CA GLU BA 54 35.73 -4.96 -9.46
C GLU BA 54 35.90 -3.85 -10.49
N PHE BA 55 35.52 -2.62 -10.13
CA PHE BA 55 35.75 -1.48 -11.01
C PHE BA 55 37.23 -1.31 -11.31
N ALA BA 56 38.07 -1.25 -10.26
CA ALA BA 56 39.51 -1.06 -10.47
C ALA BA 56 40.08 -2.16 -11.37
N ARG BA 57 39.78 -3.42 -11.03
CA ARG BA 57 40.32 -4.56 -11.77
C ARG BA 57 39.88 -4.54 -13.23
N LEU BA 58 38.57 -4.51 -13.45
CA LEU BA 58 38.03 -4.53 -14.81
C LEU BA 58 38.54 -3.36 -15.62
N TYR BA 59 38.69 -2.19 -15.00
CA TYR BA 59 39.16 -1.02 -15.71
C TYR BA 59 40.60 -1.19 -16.17
N ALA BA 60 41.49 -1.65 -15.26
CA ALA BA 60 42.85 -1.93 -15.66
C ALA BA 60 42.91 -2.93 -16.81
N VAL BA 61 42.11 -4.00 -16.71
CA VAL BA 61 42.07 -5.01 -17.77
C VAL BA 61 41.62 -4.39 -19.09
N GLU BA 62 40.63 -3.49 -19.05
CA GLU BA 62 40.14 -2.87 -20.28
C GLU BA 62 41.23 -2.02 -20.93
N LEU BA 63 41.89 -1.19 -20.14
CA LEU BA 63 42.93 -0.33 -20.69
C LEU BA 63 44.05 -1.14 -21.33
N GLU BA 64 44.58 -2.12 -20.59
CA GLU BA 64 45.66 -2.92 -21.16
C GLU BA 64 45.20 -3.73 -22.36
N HIS BA 65 43.94 -4.17 -22.35
CA HIS BA 65 43.35 -4.86 -23.50
C HIS BA 65 43.45 -3.99 -24.75
N TYR BA 66 42.96 -2.75 -24.67
CA TYR BA 66 43.07 -1.84 -25.80
C TYR BA 66 44.52 -1.64 -26.22
N GLU BA 67 45.42 -1.51 -25.24
CA GLU BA 67 46.82 -1.26 -25.57
C GLU BA 67 47.41 -2.43 -26.38
N LYS BA 68 47.14 -3.66 -25.96
CA LYS BA 68 47.70 -4.80 -26.69
C LYS BA 68 47.03 -5.01 -28.04
N LEU BA 69 45.74 -4.72 -28.15
CA LEU BA 69 45.07 -4.90 -29.44
C LEU BA 69 45.54 -3.87 -30.45
N GLU BA 70 45.58 -2.59 -30.05
CA GLU BA 70 45.87 -1.51 -30.99
C GLU BA 70 47.29 -0.98 -30.91
N GLY BA 71 48.14 -1.55 -30.05
CA GLY BA 71 49.54 -1.18 -30.00
C GLY BA 71 49.85 0.18 -29.40
N VAL BA 72 48.84 0.89 -28.91
CA VAL BA 72 49.06 2.20 -28.29
C VAL BA 72 48.02 2.36 -27.19
N PRO BA 73 48.36 2.97 -26.06
CA PRO BA 73 47.36 3.18 -25.01
C PRO BA 73 46.32 4.21 -25.42
N LEU BA 74 45.20 4.17 -24.70
CA LEU BA 74 44.14 5.14 -24.94
C LEU BA 74 44.59 6.55 -24.58
N THR BA 75 44.04 7.53 -25.31
CA THR BA 75 44.18 8.90 -24.86
C THR BA 75 43.49 9.06 -23.51
N PHE BA 76 43.91 10.08 -22.75
CA PHE BA 76 43.33 10.28 -21.44
C PHE BA 76 41.82 10.50 -21.52
N ALA BA 77 41.37 11.25 -22.53
CA ALA BA 77 39.93 11.40 -22.76
C ALA BA 77 39.27 10.04 -22.95
N GLY BA 78 39.91 9.15 -23.71
CA GLY BA 78 39.36 7.82 -23.90
C GLY BA 78 39.24 7.05 -22.60
N LYS BA 79 40.27 7.11 -21.76
CA LYS BA 79 40.24 6.45 -20.45
C LYS BA 79 39.08 6.97 -19.62
N ILE BA 80 38.93 8.30 -19.56
CA ILE BA 80 37.81 8.91 -18.85
C ILE BA 80 36.49 8.36 -19.36
N ASN BA 81 36.33 8.35 -20.69
CA ASN BA 81 35.07 7.90 -21.26
C ASN BA 81 34.76 6.46 -20.87
N ARG BA 82 35.78 5.59 -20.89
CA ARG BA 82 35.52 4.19 -20.54
C ARG BA 82 35.12 4.04 -19.07
N LEU BA 83 35.82 4.75 -18.18
CA LEU BA 83 35.43 4.70 -16.77
C LEU BA 83 33.99 5.17 -16.57
N ALA BA 84 33.64 6.29 -17.23
CA ALA BA 84 32.28 6.82 -17.14
C ALA BA 84 31.26 5.81 -17.64
N ILE BA 85 31.53 5.18 -18.78
CA ILE BA 85 30.62 4.17 -19.32
C ILE BA 85 30.45 3.03 -18.33
N MET BA 86 31.53 2.68 -17.62
CA MET BA 86 31.42 1.62 -16.60
C MET BA 86 30.47 2.04 -15.47
N VAL BA 87 30.65 3.26 -14.95
CA VAL BA 87 29.80 3.75 -13.86
C VAL BA 87 28.34 3.76 -14.30
N ARG BA 88 28.06 4.39 -15.44
CA ARG BA 88 26.69 4.43 -15.95
C ARG BA 88 26.12 3.03 -16.11
N GLY BA 89 26.95 2.08 -16.54
CA GLY BA 89 26.50 0.70 -16.62
C GLY BA 89 26.10 0.14 -15.27
N ASN BA 90 26.80 0.55 -14.20
CA ASN BA 90 26.44 0.07 -12.88
C ASN BA 90 25.30 0.84 -12.23
N LEU BA 91 24.84 1.94 -12.84
CA LEU BA 91 23.81 2.79 -12.20
C LEU BA 91 22.63 1.99 -11.64
N ALA BA 92 22.13 1.02 -12.41
CA ALA BA 92 20.94 0.29 -11.98
C ALA BA 92 21.16 -0.40 -10.63
N ALA BA 93 22.21 -1.22 -10.53
CA ALA BA 93 22.52 -1.87 -9.26
C ALA BA 93 22.89 -0.86 -8.19
N ALA BA 94 23.50 0.26 -8.58
CA ALA BA 94 23.83 1.30 -7.62
C ALA BA 94 22.57 1.83 -6.92
N MET BA 95 21.49 2.01 -7.68
CA MET BA 95 20.24 2.44 -7.07
C MET BA 95 19.72 1.46 -6.02
N GLN BA 96 20.12 0.19 -6.11
CA GLN BA 96 19.69 -0.82 -5.15
C GLN BA 96 20.74 -1.09 -4.07
N GLY BA 97 21.75 -0.24 -3.96
CA GLY BA 97 22.71 -0.31 -2.87
C GLY BA 97 24.11 -0.75 -3.22
N LEU BA 98 24.41 -1.08 -4.47
CA LEU BA 98 25.77 -1.46 -4.86
C LEU BA 98 26.49 -0.29 -5.53
N LEU BA 99 26.58 0.81 -4.79
CA LEU BA 99 27.14 2.05 -5.31
C LEU BA 99 28.66 2.08 -5.15
N ALA BA 100 29.33 2.62 -6.16
CA ALA BA 100 30.78 2.83 -6.12
C ALA BA 100 31.11 4.02 -7.00
N LEU BA 101 31.73 5.03 -6.40
CA LEU BA 101 32.15 6.25 -7.09
C LEU BA 101 33.66 6.24 -7.25
N PRO BA 102 34.17 6.45 -8.46
CA PRO BA 102 35.62 6.53 -8.62
C PRO BA 102 36.15 7.97 -8.64
N LEU BA 103 37.44 8.08 -8.36
CA LEU BA 103 38.21 9.30 -8.49
C LEU BA 103 39.47 8.92 -9.25
N LEU BA 104 39.73 9.60 -10.36
CA LEU BA 104 40.78 9.25 -11.29
C LEU BA 104 41.89 10.29 -11.21
N ALA BA 105 43.12 9.83 -11.05
CA ALA BA 105 44.28 10.71 -11.06
C ALA BA 105 45.26 10.17 -12.08
N GLY BA 106 45.73 11.02 -12.99
CA GLY BA 106 46.59 10.54 -14.04
C GLY BA 106 47.59 11.59 -14.49
N TYR BA 107 48.49 11.15 -15.35
CA TYR BA 107 49.48 12.01 -15.98
C TYR BA 107 49.34 11.85 -17.49
N ASP BA 108 48.92 12.92 -18.16
CA ASP BA 108 48.67 12.86 -19.60
C ASP BA 108 50.00 13.11 -20.30
N ILE BA 109 50.60 12.05 -20.84
CA ILE BA 109 51.88 12.16 -21.52
C ILE BA 109 51.78 12.96 -22.81
N HIS BA 110 50.59 13.08 -23.38
CA HIS BA 110 50.39 13.85 -24.61
C HIS BA 110 50.12 15.32 -24.35
N ALA BA 111 50.21 15.76 -23.11
CA ALA BA 111 49.94 17.16 -22.78
C ALA BA 111 51.07 18.06 -23.25
N SER BA 112 50.72 19.32 -23.49
CA SER BA 112 51.70 20.28 -24.01
C SER BA 112 52.74 20.65 -22.96
N ASP BA 113 52.31 20.80 -21.70
CA ASP BA 113 53.20 21.27 -20.65
C ASP BA 113 53.37 20.18 -19.60
N PRO BA 114 54.58 19.64 -19.44
CA PRO BA 114 54.77 18.54 -18.48
C PRO BA 114 54.55 18.94 -17.03
N GLN BA 115 54.74 20.22 -16.69
CA GLN BA 115 54.60 20.63 -15.30
C GLN BA 115 53.14 20.67 -14.86
N SER BA 116 52.22 20.89 -15.80
CA SER BA 116 50.79 20.91 -15.51
C SER BA 116 50.07 19.79 -16.26
N ALA BA 117 50.76 18.69 -16.53
CA ALA BA 117 50.18 17.54 -17.21
C ALA BA 117 49.40 16.63 -16.27
N GLY BA 118 49.35 16.95 -14.98
CA GLY BA 118 48.54 16.18 -14.06
C GLY BA 118 47.05 16.37 -14.33
N ARG BA 119 46.29 15.31 -14.08
CA ARG BA 119 44.86 15.30 -14.37
C ARG BA 119 44.11 14.68 -13.20
N ILE BA 120 43.01 15.31 -12.82
CA ILE BA 120 42.14 14.82 -11.75
C ILE BA 120 40.70 14.87 -12.26
N VAL BA 121 40.04 13.71 -12.28
CA VAL BA 121 38.69 13.58 -12.80
C VAL BA 121 37.82 12.93 -11.72
N SER BA 122 36.70 13.59 -11.41
CA SER BA 122 35.70 13.05 -10.48
C SER BA 122 34.44 12.65 -11.23
N PHE BA 123 33.67 11.74 -10.62
CA PHE BA 123 32.49 11.17 -11.25
C PHE BA 123 31.33 11.16 -10.27
N ASP BA 124 30.11 11.09 -10.83
CA ASP BA 124 28.90 10.85 -10.05
C ASP BA 124 28.29 9.51 -10.48
N ALA BA 125 27.20 9.14 -9.80
CA ALA BA 125 26.63 7.80 -9.96
C ALA BA 125 26.07 7.55 -11.35
N ALA BA 126 25.79 8.60 -12.13
CA ALA BA 126 25.31 8.45 -13.50
C ALA BA 126 26.45 8.43 -14.50
N GLY BA 127 27.68 8.46 -14.03
CA GLY BA 127 28.87 8.50 -14.85
C GLY BA 127 29.16 9.86 -15.45
N GLY BA 128 28.46 10.91 -15.02
CA GLY BA 128 28.91 12.28 -15.20
C GLY BA 128 30.36 12.40 -14.79
N TRP BA 129 31.15 13.22 -15.49
CA TRP BA 129 32.55 13.37 -15.10
C TRP BA 129 32.95 14.83 -15.17
N ASN BA 130 33.98 15.16 -14.40
CA ASN BA 130 34.55 16.51 -14.38
C ASN BA 130 36.06 16.42 -14.23
N ILE BA 131 36.77 17.05 -15.16
CA ILE BA 131 38.22 17.23 -15.05
C ILE BA 131 38.46 18.48 -14.21
N GLU BA 132 39.09 18.31 -13.06
CA GLU BA 132 39.21 19.39 -12.09
C GLU BA 132 40.30 20.37 -12.50
N GLU BA 133 39.98 21.66 -12.44
CA GLU BA 133 40.94 22.73 -12.67
C GLU BA 133 41.36 23.45 -11.40
N GLU BA 134 40.57 23.37 -10.32
CA GLU BA 134 40.91 24.09 -9.11
C GLU BA 134 42.06 23.46 -8.33
N GLY BA 135 42.54 22.29 -8.74
CA GLY BA 135 43.80 21.75 -8.27
C GLY BA 135 43.69 20.49 -7.43
N TYR BA 136 42.56 20.29 -6.74
CA TYR BA 136 42.41 19.17 -5.84
C TYR BA 136 40.97 18.64 -5.90
N GLN BA 137 40.78 17.44 -5.37
CA GLN BA 137 39.46 16.81 -5.37
C GLN BA 137 39.50 15.63 -4.40
N ALA BA 138 38.31 15.26 -3.91
CA ALA BA 138 38.16 14.14 -3.00
C ALA BA 138 36.81 13.48 -3.25
N VAL BA 139 36.70 12.23 -2.81
CA VAL BA 139 35.46 11.46 -2.93
C VAL BA 139 35.32 10.58 -1.69
N GLY BA 140 34.09 10.29 -1.32
CA GLY BA 140 33.80 9.41 -0.20
C GLY BA 140 33.07 10.14 0.92
N SER BA 141 32.76 9.37 1.97
CA SER BA 141 31.95 9.88 3.07
C SER BA 141 32.66 11.00 3.82
N GLY BA 142 33.98 11.10 3.72
CA GLY BA 142 34.71 12.19 4.32
C GLY BA 142 35.24 13.21 3.33
N SER BA 143 34.75 13.21 2.09
CA SER BA 143 35.32 14.08 1.07
C SER BA 143 35.05 15.54 1.35
N LEU BA 144 33.97 15.84 2.08
CA LEU BA 144 33.64 17.21 2.43
C LEU BA 144 34.72 17.84 3.30
N PHE BA 145 35.02 17.19 4.43
CA PHE BA 145 36.01 17.69 5.36
C PHE BA 145 37.39 17.77 4.71
N ALA BA 146 37.76 16.75 3.93
CA ALA BA 146 39.07 16.72 3.29
C ALA BA 146 39.20 17.83 2.25
N LYS BA 147 38.16 18.05 1.45
CA LYS BA 147 38.20 19.12 0.45
C LYS BA 147 38.29 20.48 1.12
N SER BA 148 37.55 20.66 2.21
CA SER BA 148 37.62 21.94 2.93
C SER BA 148 38.98 22.15 3.57
N SER BA 149 39.65 21.07 3.99
CA SER BA 149 41.01 21.19 4.51
C SER BA 149 41.98 21.59 3.40
N MET BA 150 41.91 20.91 2.25
CA MET BA 150 42.79 21.24 1.14
C MET BA 150 42.54 22.65 0.63
N LYS BA 151 41.32 23.17 0.80
CA LYS BA 151 41.06 24.56 0.41
C LYS BA 151 41.98 25.51 1.15
N LYS BA 152 42.34 25.20 2.39
CA LYS BA 152 43.25 26.03 3.16
C LYS BA 152 44.71 25.64 2.96
N LEU BA 153 44.99 24.34 2.77
CA LEU BA 153 46.36 23.87 2.73
C LEU BA 153 46.98 23.83 1.34
N TYR BA 154 46.21 24.13 0.28
CA TYR BA 154 46.73 23.89 -1.06
C TYR BA 154 47.85 24.86 -1.42
N SER BA 155 47.81 26.09 -0.90
CA SER BA 155 48.85 27.07 -1.18
C SER BA 155 50.22 26.58 -0.73
N GLN BA 156 50.29 25.62 0.19
CA GLN BA 156 51.55 25.07 0.67
C GLN BA 156 52.13 24.03 -0.27
N VAL BA 157 51.41 23.63 -1.31
CA VAL BA 157 51.89 22.59 -2.22
C VAL BA 157 52.83 23.25 -3.21
N THR BA 158 54.11 22.90 -3.12
CA THR BA 158 55.13 23.43 -4.02
C THR BA 158 55.91 22.36 -4.76
N ASP BA 159 55.91 21.12 -4.28
CA ASP BA 159 56.61 20.02 -4.93
C ASP BA 159 55.85 18.73 -4.62
N GLY BA 160 56.48 17.59 -4.95
CA GLY BA 160 55.84 16.31 -4.71
C GLY BA 160 55.68 15.99 -3.23
N ASP BA 161 56.78 16.10 -2.47
CA ASP BA 161 56.74 15.67 -1.07
C ASP BA 161 55.99 16.63 -0.17
N SER BA 162 55.68 17.84 -0.65
CA SER BA 162 54.75 18.70 0.09
C SER BA 162 53.31 18.40 -0.29
N GLY BA 163 53.05 18.08 -1.56
CA GLY BA 163 51.73 17.68 -1.97
C GLY BA 163 51.27 16.41 -1.26
N LEU BA 164 52.18 15.43 -1.13
CA LEU BA 164 51.87 14.25 -0.34
C LEU BA 164 51.53 14.61 1.09
N ARG BA 165 52.20 15.62 1.64
CA ARG BA 165 51.92 16.06 3.01
C ARG BA 165 50.51 16.65 3.11
N VAL BA 166 50.14 17.51 2.18
CA VAL BA 166 48.80 18.10 2.21
C VAL BA 166 47.74 17.01 2.03
N ALA BA 167 48.01 16.03 1.17
CA ALA BA 167 47.08 14.92 0.99
C ALA BA 167 46.88 14.15 2.29
N VAL BA 168 47.99 13.73 2.93
CA VAL BA 168 47.89 12.98 4.17
C VAL BA 168 47.17 13.79 5.24
N GLU BA 169 47.40 15.10 5.27
CA GLU BA 169 46.74 15.94 6.27
C GLU BA 169 45.23 16.04 6.00
N ALA BA 170 44.85 16.18 4.74
CA ALA BA 170 43.43 16.19 4.40
C ALA BA 170 42.77 14.88 4.81
N LEU BA 171 43.42 13.75 4.56
CA LEU BA 171 42.90 12.48 5.05
C LEU BA 171 42.80 12.48 6.57
N TYR BA 172 43.75 13.13 7.25
CA TYR BA 172 43.73 13.19 8.70
C TYR BA 172 42.50 13.93 9.21
N ASP BA 173 42.18 15.08 8.59
CA ASP BA 173 40.99 15.83 8.98
C ASP BA 173 39.72 15.05 8.67
N ALA BA 174 39.67 14.42 7.49
CA ALA BA 174 38.53 13.58 7.13
C ALA BA 174 38.27 12.52 8.21
N ALA BA 175 39.32 11.79 8.59
CA ALA BA 175 39.16 10.81 9.66
C ALA BA 175 38.80 11.48 10.98
N ASP BA 176 39.20 12.74 11.17
CA ASP BA 176 38.88 13.45 12.40
C ASP BA 176 37.38 13.73 12.51
N ASP BA 177 36.70 13.99 11.39
CA ASP BA 177 35.29 14.31 11.44
C ASP BA 177 34.36 13.24 10.89
N ASP BA 178 34.88 12.16 10.30
CA ASP BA 178 34.06 11.11 9.71
C ASP BA 178 34.50 9.77 10.29
N SER BA 179 33.59 9.08 10.95
CA SER BA 179 33.92 7.80 11.57
C SER BA 179 34.11 6.69 10.55
N ALA BA 180 33.58 6.85 9.34
CA ALA BA 180 33.77 5.84 8.30
C ALA BA 180 35.13 5.95 7.63
N THR BA 181 35.87 7.02 7.90
CA THR BA 181 37.24 7.20 7.41
C THR BA 181 38.20 6.95 8.56
N GLY BA 182 39.22 6.13 8.30
CA GLY BA 182 40.18 5.77 9.33
C GLY BA 182 41.41 6.66 9.32
N GLY BA 183 41.85 7.06 10.51
CA GLY BA 183 43.05 7.83 10.66
C GLY BA 183 44.26 6.94 10.86
N PRO BA 184 45.43 7.54 11.08
CA PRO BA 184 46.65 6.74 11.27
C PRO BA 184 46.58 5.91 12.54
N ASP BA 185 46.85 4.61 12.39
CA ASP BA 185 46.84 3.65 13.49
C ASP BA 185 48.28 3.46 13.93
N LEU BA 186 48.70 4.26 14.92
CA LEU BA 186 50.08 4.20 15.39
C LEU BA 186 50.40 2.92 16.15
N VAL BA 187 49.39 2.28 16.74
CA VAL BA 187 49.63 1.04 17.49
C VAL BA 187 49.95 -0.10 16.52
N ARG BA 188 49.17 -0.22 15.45
CA ARG BA 188 49.37 -1.27 14.45
C ARG BA 188 50.29 -0.84 13.32
N GLY BA 189 50.63 0.44 13.23
CA GLY BA 189 51.44 0.92 12.13
C GLY BA 189 50.74 0.85 10.79
N ILE BA 190 49.47 1.26 10.74
CA ILE BA 190 48.70 1.25 9.51
C ILE BA 190 48.39 2.71 9.17
N PHE BA 191 48.76 3.12 7.96
CA PHE BA 191 48.64 4.49 7.50
C PHE BA 191 47.94 4.51 6.15
N PRO BA 192 47.44 5.67 5.72
CA PRO BA 192 46.81 5.74 4.39
C PRO BA 192 47.78 5.33 3.30
N THR BA 193 47.24 4.81 2.21
CA THR BA 193 48.05 4.46 1.05
C THR BA 193 48.02 5.59 0.03
N ALA BA 194 49.14 5.77 -0.66
CA ALA BA 194 49.26 6.84 -1.63
C ALA BA 194 50.00 6.35 -2.87
N VAL BA 195 49.65 6.95 -3.99
CA VAL BA 195 50.30 6.73 -5.28
C VAL BA 195 50.62 8.11 -5.84
N ILE BA 196 51.83 8.27 -6.37
CA ILE BA 196 52.25 9.52 -6.96
C ILE BA 196 52.64 9.25 -8.41
N ILE BA 197 52.28 10.17 -9.29
CA ILE BA 197 52.44 10.00 -10.74
C ILE BA 197 53.11 11.23 -11.32
N ASP BA 198 54.23 11.03 -12.01
CA ASP BA 198 54.88 12.11 -12.76
C ASP BA 198 55.27 11.53 -14.12
N ALA BA 199 56.18 12.23 -14.81
CA ALA BA 199 56.60 11.78 -16.13
C ALA BA 199 57.24 10.40 -16.10
N ASP BA 200 57.81 10.00 -14.96
CA ASP BA 200 58.42 8.69 -14.83
C ASP BA 200 57.41 7.59 -14.55
N GLY BA 201 56.13 7.92 -14.45
CA GLY BA 201 55.09 6.94 -14.22
C GLY BA 201 54.42 7.09 -12.86
N ALA BA 202 53.68 6.04 -12.51
CA ALA BA 202 52.92 5.97 -11.26
C ALA BA 202 53.58 4.97 -10.32
N VAL BA 203 53.89 5.41 -9.11
CA VAL BA 203 54.55 4.54 -8.13
C VAL BA 203 53.81 4.61 -6.80
N ASP BA 204 53.87 3.50 -6.07
CA ASP BA 204 53.34 3.46 -4.71
C ASP BA 204 54.27 4.20 -3.77
N VAL BA 205 53.71 5.10 -2.98
CA VAL BA 205 54.52 5.78 -1.96
C VAL BA 205 54.85 4.80 -0.85
N PRO BA 206 56.11 4.65 -0.45
CA PRO BA 206 56.43 3.70 0.62
C PRO BA 206 55.77 4.09 1.93
N GLU BA 207 55.39 3.08 2.71
CA GLU BA 207 54.65 3.34 3.94
C GLU BA 207 55.44 4.17 4.93
N SER BA 208 56.77 4.05 4.92
CA SER BA 208 57.58 4.75 5.91
C SER BA 208 57.49 6.26 5.75
N ARG BA 209 57.45 6.74 4.50
CA ARG BA 209 57.30 8.18 4.26
C ARG BA 209 55.95 8.67 4.79
N ILE BA 210 54.89 7.92 4.51
CA ILE BA 210 53.56 8.29 5.01
C ILE BA 210 53.55 8.29 6.53
N ALA BA 211 54.23 7.33 7.15
CA ALA BA 211 54.32 7.30 8.61
C ALA BA 211 55.04 8.53 9.14
N GLU BA 212 56.14 8.93 8.50
CA GLU BA 212 56.84 10.14 8.89
C GLU BA 212 55.92 11.34 8.83
N LEU BA 213 55.21 11.51 7.71
CA LEU BA 213 54.32 12.65 7.56
C LEU BA 213 53.19 12.63 8.58
N ALA BA 214 52.63 11.43 8.82
CA ALA BA 214 51.56 11.28 9.81
C ALA BA 214 52.02 11.69 11.19
N ARG BA 215 53.18 11.17 11.62
CA ARG BA 215 53.71 11.55 12.93
C ARG BA 215 54.00 13.05 13.01
N ALA BA 216 54.43 13.65 11.90
CA ALA BA 216 54.65 15.09 11.89
C ALA BA 216 53.34 15.84 12.10
N ILE BA 217 52.27 15.41 11.43
CA ILE BA 217 50.97 16.06 11.58
C ILE BA 217 50.45 15.90 13.01
N ILE BA 218 50.47 14.65 13.51
CA ILE BA 218 49.98 14.37 14.86
C ILE BA 218 50.75 15.19 15.89
N GLU BA 219 52.07 15.26 15.74
CA GLU BA 219 52.89 16.05 16.65
C GLU BA 219 52.55 17.53 16.54
N SER BA 220 52.32 18.00 15.32
CA SER BA 220 51.99 19.41 15.12
C SER BA 220 50.66 19.78 15.76
N ARG BA 221 49.70 18.85 15.81
CA ARG BA 221 48.40 19.18 16.36
C ARG BA 221 48.35 19.10 17.88
N SER BA 222 49.28 18.38 18.51
CA SER BA 222 49.34 18.27 19.96
C SER BA 222 50.35 19.22 20.59
N GLY BA 223 50.98 20.08 19.79
CA GLY BA 223 51.99 20.99 20.30
C GLY BA 223 53.39 20.59 19.87
#